data_4BF4
#
_entry.id   4BF4
#
_cell.length_a   110.273
_cell.length_b   130.113
_cell.length_c   134.898
_cell.angle_alpha   66.48
_cell.angle_beta   70.25
_cell.angle_gamma   72.23
#
_symmetry.space_group_name_H-M   'P 1'
#
loop_
_entity.id
_entity.type
_entity.pdbx_description
1 polymer 'CYTOCHROME P450 HYDROXYLASE PIKC'
2 non-polymer 'PROTOPORPHYRIN IX CONTAINING FE'
3 non-polymer 'SULFATE ION'
4 non-polymer '1.7.6 5-cyclododecyloxy-N,N-dimethyl-pentan-1-amine'
5 water water
#
_entity_poly.entity_id   1
_entity_poly.type   'polypeptide(L)'
_entity_poly.pdbx_seq_one_letter_code
;MGSSHHHHHHSSGLVPRGSHMRRTQQGTTASPPVLDLGALGQDFAADPYPTYARLRAEGPAHRVRTPEGNEVWLVVGYDR
ARAVLADPRFSKDWRNSTTPLTEAEAALNHNMLESDPPRHTRLRKLVAREFTMRRVELLRPRVQEIVDGLVDAMLAAPDG
RADLMESLAWPLPITVISELLGVPEPDRAAFRVWTDAFVFPDDPAQAQTAMAEMSGYLSRLIDSKRGQDGEDLLSALVRT
SDEDGSRLTSEELLGMAHILLVAGHETTVNLIANGMYALLSHPDQLAALRADMTLLDGAVEEMLRYEGPVESATYRFPVE
PVDLDGTVIPAGDTVLVVLADAHRTPERFPDPHRFDIRRDTAGHLAFGHGIHFCIGAPLARLEARIAVRALLERCPDLAL
DVSPGELVWYPNPMIRGLKALPIRWRRGREAGRRTG
;
_entity_poly.pdbx_strand_id   A,B,C,D,E,F,G,H,I,J,K,L,M,N,O,P
#
loop_
_chem_comp.id
_chem_comp.type
_chem_comp.name
_chem_comp.formula
17Q non-polymer '1.7.6 5-cyclododecyloxy-N,N-dimethyl-pentan-1-amine' 'C19 H39 N O'
HEM non-polymer 'PROTOPORPHYRIN IX CONTAINING FE' 'C34 H32 Fe N4 O4'
SO4 non-polymer 'SULFATE ION' 'O4 S -2'
#
# COMPACT_ATOMS: atom_id res chain seq x y z
N SER A 31 20.11 -37.12 40.95
CA SER A 31 20.34 -38.29 40.04
C SER A 31 19.11 -38.91 39.32
N PRO A 32 17.98 -39.12 40.05
CA PRO A 32 16.89 -39.89 39.42
C PRO A 32 16.06 -38.99 38.50
N PRO A 33 15.39 -39.58 37.50
CA PRO A 33 14.57 -38.80 36.59
C PRO A 33 13.47 -37.99 37.27
N VAL A 34 13.12 -36.85 36.70
CA VAL A 34 11.98 -36.07 37.20
C VAL A 34 10.74 -36.26 36.34
N LEU A 35 10.88 -37.07 35.30
CA LEU A 35 9.85 -37.27 34.31
C LEU A 35 10.18 -38.49 33.50
N ASP A 36 9.22 -39.39 33.40
CA ASP A 36 9.34 -40.47 32.46
C ASP A 36 8.48 -40.16 31.24
N LEU A 37 9.14 -40.02 30.09
CA LEU A 37 8.48 -39.75 28.81
C LEU A 37 7.63 -40.90 28.29
N GLY A 38 8.01 -42.15 28.55
CA GLY A 38 7.23 -43.27 28.03
C GLY A 38 5.92 -43.45 28.76
N ALA A 39 5.89 -42.95 30.00
CA ALA A 39 4.65 -42.86 30.75
C ALA A 39 3.71 -41.80 30.14
N LEU A 40 4.25 -40.89 29.33
CA LEU A 40 3.42 -39.88 28.69
C LEU A 40 2.66 -40.34 27.42
N GLY A 41 2.94 -41.57 26.96
CA GLY A 41 2.19 -42.23 25.88
C GLY A 41 2.16 -41.53 24.52
N GLN A 42 1.19 -41.90 23.68
CA GLN A 42 1.12 -41.32 22.33
C GLN A 42 0.89 -39.82 22.39
N ASP A 43 0.19 -39.34 23.43
CA ASP A 43 0.06 -37.89 23.70
C ASP A 43 1.44 -37.25 23.48
N PHE A 44 2.45 -37.72 24.22
CA PHE A 44 3.81 -37.17 24.05
C PHE A 44 4.40 -37.36 22.65
N ALA A 45 4.20 -38.52 22.05
CA ALA A 45 4.75 -38.75 20.71
C ALA A 45 4.09 -37.86 19.66
N ALA A 46 2.77 -37.73 19.75
CA ALA A 46 2.06 -36.83 18.85
C ALA A 46 2.61 -35.43 19.02
N ASP A 47 2.64 -34.95 20.25
CA ASP A 47 2.92 -33.55 20.48
C ASP A 47 3.78 -33.32 21.72
N PRO A 48 5.12 -33.36 21.55
CA PRO A 48 6.05 -33.32 22.67
C PRO A 48 6.39 -31.93 23.12
N TYR A 49 5.99 -30.97 22.30
CA TYR A 49 6.45 -29.61 22.45
C TYR A 49 6.00 -28.97 23.78
N PRO A 50 4.73 -29.15 24.17
CA PRO A 50 4.35 -28.53 25.43
C PRO A 50 5.10 -29.12 26.60
N THR A 51 5.51 -30.38 26.50
CA THR A 51 6.31 -30.99 27.57
C THR A 51 7.71 -30.40 27.64
N TYR A 52 8.35 -30.23 26.47
CA TYR A 52 9.63 -29.54 26.40
C TYR A 52 9.45 -28.14 26.90
N ALA A 53 8.41 -27.48 26.40
CA ALA A 53 8.09 -26.12 26.78
C ALA A 53 7.92 -26.01 28.30
N ARG A 54 7.29 -27.00 28.91
CA ARG A 54 7.11 -27.01 30.36
C ARG A 54 8.48 -27.03 31.02
N LEU A 55 9.39 -27.82 30.45
CA LEU A 55 10.70 -27.97 31.05
C LEU A 55 11.46 -26.68 30.93
N ARG A 56 11.38 -26.05 29.76
CA ARG A 56 12.20 -24.86 29.49
C ARG A 56 11.93 -23.74 30.50
N ALA A 57 10.65 -23.58 30.84
CA ALA A 57 10.26 -22.64 31.86
C ALA A 57 11.11 -22.90 33.10
N GLU A 58 11.15 -24.15 33.54
CA GLU A 58 11.80 -24.50 34.81
C GLU A 58 13.29 -24.29 34.81
N GLY A 59 13.92 -24.50 33.65
CA GLY A 59 15.37 -24.47 33.58
C GLY A 59 15.84 -25.03 32.26
N PRO A 60 17.17 -25.01 32.01
CA PRO A 60 17.81 -25.38 30.74
C PRO A 60 18.09 -26.88 30.56
N ALA A 61 18.21 -27.63 31.64
CA ALA A 61 18.60 -29.03 31.58
C ALA A 61 17.82 -29.86 32.61
N HIS A 62 17.44 -31.08 32.19
CA HIS A 62 16.53 -31.93 32.96
C HIS A 62 16.85 -33.42 32.78
N ARG A 63 17.11 -34.14 33.86
CA ARG A 63 17.28 -35.61 33.82
C ARG A 63 15.95 -36.26 33.53
N VAL A 64 15.86 -37.08 32.49
CA VAL A 64 14.61 -37.78 32.19
C VAL A 64 14.87 -39.25 31.79
N ARG A 65 13.80 -40.02 31.62
CA ARG A 65 13.91 -41.38 31.13
C ARG A 65 13.17 -41.38 29.83
N THR A 66 13.74 -42.05 28.83
CA THR A 66 13.19 -42.05 27.48
C THR A 66 12.22 -43.20 27.40
N PRO A 67 11.28 -43.19 26.41
CA PRO A 67 10.31 -44.27 26.32
C PRO A 67 10.95 -45.63 26.38
N GLU A 68 12.13 -45.77 25.79
CA GLU A 68 12.86 -47.05 25.89
C GLU A 68 13.70 -47.19 27.18
N GLY A 69 13.53 -46.26 28.12
CA GLY A 69 14.02 -46.43 29.49
C GLY A 69 15.48 -46.12 29.83
N ASN A 70 16.18 -45.43 28.94
CA ASN A 70 17.50 -44.94 29.29
C ASN A 70 17.35 -43.59 29.94
N GLU A 71 18.15 -43.35 30.96
CA GLU A 71 18.13 -42.07 31.63
C GLU A 71 19.15 -41.15 30.98
N VAL A 72 18.67 -40.03 30.44
CA VAL A 72 19.49 -39.05 29.75
C VAL A 72 19.20 -37.63 30.24
N TRP A 73 19.95 -36.66 29.75
CA TRP A 73 19.72 -35.25 30.07
C TRP A 73 19.17 -34.56 28.86
N LEU A 74 18.26 -33.62 29.06
CA LEU A 74 17.78 -32.83 27.92
C LEU A 74 18.17 -31.38 28.09
N VAL A 75 18.87 -30.82 27.11
CA VAL A 75 19.13 -29.40 27.08
C VAL A 75 18.04 -28.71 26.23
N VAL A 76 17.32 -27.76 26.79
CA VAL A 76 16.22 -27.09 26.05
C VAL A 76 16.37 -25.57 25.91
N GLY A 77 15.72 -25.04 24.87
CA GLY A 77 15.72 -23.63 24.61
C GLY A 77 16.79 -23.25 23.62
N TYR A 78 16.38 -22.46 22.61
CA TYR A 78 17.28 -22.07 21.54
C TYR A 78 18.69 -21.70 21.96
N ASP A 79 18.87 -20.63 22.72
CA ASP A 79 20.22 -20.05 22.94
C ASP A 79 21.16 -21.07 23.54
N ARG A 80 20.62 -21.83 24.49
CA ARG A 80 21.37 -22.81 25.23
C ARG A 80 21.56 -24.04 24.39
N ALA A 81 20.52 -24.41 23.65
CA ALA A 81 20.61 -25.51 22.70
C ALA A 81 21.74 -25.26 21.69
N ARG A 82 21.83 -24.05 21.19
CA ARG A 82 22.84 -23.73 20.22
C ARG A 82 24.26 -23.84 20.78
N ALA A 83 24.48 -23.27 21.97
CA ALA A 83 25.72 -23.36 22.72
C ALA A 83 26.15 -24.79 22.82
N VAL A 84 25.30 -25.64 23.40
CA VAL A 84 25.67 -27.03 23.65
C VAL A 84 26.16 -27.79 22.38
N LEU A 85 25.41 -27.76 21.28
CA LEU A 85 25.88 -28.25 19.96
C LEU A 85 27.33 -27.88 19.56
N ALA A 86 27.74 -26.63 19.75
CA ALA A 86 29.11 -26.24 19.36
C ALA A 86 30.14 -26.32 20.54
N ASP A 87 29.64 -26.65 21.74
CA ASP A 87 30.49 -26.70 22.92
C ASP A 87 31.38 -27.96 22.93
N PRO A 88 32.72 -27.78 22.92
CA PRO A 88 33.67 -28.90 22.87
C PRO A 88 33.91 -29.54 24.23
N ARG A 89 33.40 -28.94 25.30
CA ARG A 89 33.33 -29.65 26.56
C ARG A 89 32.42 -30.88 26.42
N PHE A 90 31.54 -30.88 25.41
CA PHE A 90 30.67 -32.03 25.11
C PHE A 90 31.30 -32.84 23.98
N SER A 91 31.57 -34.11 24.27
CA SER A 91 32.29 -35.01 23.39
C SER A 91 31.32 -35.98 22.70
N LYS A 92 31.53 -36.29 21.43
CA LYS A 92 30.64 -37.25 20.78
C LYS A 92 31.26 -38.66 20.72
N ASP A 93 32.33 -38.84 21.48
CA ASP A 93 33.17 -40.02 21.45
C ASP A 93 32.83 -40.88 22.65
N TRP A 94 32.56 -42.17 22.42
CA TRP A 94 32.05 -43.02 23.49
C TRP A 94 33.06 -43.37 24.57
N ARG A 95 34.33 -43.18 24.29
CA ARG A 95 35.33 -43.38 25.34
C ARG A 95 35.04 -42.46 26.48
N ASN A 96 34.17 -41.46 26.25
CA ASN A 96 33.82 -40.50 27.29
C ASN A 96 32.43 -40.71 27.94
N SER A 97 31.69 -41.69 27.42
CA SER A 97 30.37 -42.02 27.92
C SER A 97 30.49 -43.05 29.03
N THR A 98 29.76 -42.85 30.13
CA THR A 98 29.70 -43.85 31.19
C THR A 98 28.88 -45.05 30.74
N THR A 99 28.07 -44.88 29.71
CA THR A 99 27.32 -46.01 29.17
C THR A 99 28.17 -46.83 28.22
N PRO A 100 28.35 -48.13 28.53
CA PRO A 100 29.00 -49.09 27.68
C PRO A 100 28.19 -49.36 26.40
N LEU A 101 28.91 -49.51 25.28
CA LEU A 101 28.35 -49.94 24.02
C LEU A 101 28.25 -51.46 23.90
N THR A 102 27.15 -51.94 23.32
CA THR A 102 27.01 -53.34 22.94
C THR A 102 27.96 -53.71 21.78
N GLU A 103 28.16 -55.00 21.59
CA GLU A 103 29.07 -55.48 20.56
C GLU A 103 28.66 -55.00 19.18
N ALA A 104 27.36 -55.05 18.89
CA ALA A 104 26.84 -54.61 17.59
C ALA A 104 27.13 -53.14 17.36
N GLU A 105 26.88 -52.32 18.36
CA GLU A 105 27.16 -50.89 18.29
C GLU A 105 28.67 -50.56 18.21
N ALA A 106 29.48 -51.15 19.09
CA ALA A 106 30.93 -50.92 19.03
C ALA A 106 31.46 -51.17 17.62
N ALA A 107 30.90 -52.16 16.95
CA ALA A 107 31.25 -52.44 15.55
C ALA A 107 31.12 -51.20 14.67
N LEU A 108 30.16 -50.34 14.99
CA LEU A 108 29.83 -49.23 14.10
C LEU A 108 30.15 -47.86 14.63
N ASN A 109 30.74 -47.75 15.82
CA ASN A 109 30.95 -46.41 16.37
C ASN A 109 32.19 -45.66 15.82
N HIS A 110 32.93 -46.27 14.89
CA HIS A 110 34.09 -45.59 14.28
C HIS A 110 33.73 -44.71 13.06
N ASN A 111 32.91 -43.69 13.29
CA ASN A 111 32.47 -42.77 12.23
C ASN A 111 32.60 -41.33 12.73
N MET A 112 32.56 -40.38 11.81
CA MET A 112 32.86 -39.00 12.16
C MET A 112 31.95 -38.47 13.24
N LEU A 113 30.63 -38.72 13.12
CA LEU A 113 29.60 -38.24 14.06
C LEU A 113 29.79 -38.73 15.48
N GLU A 114 30.46 -39.85 15.62
CA GLU A 114 30.79 -40.32 16.95
C GLU A 114 32.31 -40.16 17.18
N SER A 115 32.81 -38.94 16.97
CA SER A 115 34.24 -38.62 17.09
C SER A 115 34.51 -37.18 17.47
N ASP A 116 35.67 -36.94 18.09
CA ASP A 116 36.23 -35.58 18.30
C ASP A 116 37.52 -35.44 17.50
N PRO A 117 37.95 -34.19 17.21
CA PRO A 117 39.26 -33.97 16.61
C PRO A 117 40.30 -34.75 17.32
N PRO A 118 41.26 -35.34 16.57
CA PRO A 118 41.44 -35.16 15.13
C PRO A 118 40.76 -36.22 14.29
N ARG A 119 40.32 -37.31 14.93
CA ARG A 119 39.74 -38.37 14.14
C ARG A 119 38.60 -37.77 13.31
N HIS A 120 37.80 -36.92 13.95
CA HIS A 120 36.67 -36.35 13.25
C HIS A 120 37.16 -35.60 12.02
N THR A 121 38.23 -34.83 12.19
CA THR A 121 38.86 -34.08 11.11
C THR A 121 39.30 -35.04 9.97
N ARG A 122 40.21 -35.96 10.25
CA ARG A 122 40.61 -36.90 9.21
C ARG A 122 39.41 -37.50 8.47
N LEU A 123 38.38 -37.90 9.22
CA LEU A 123 37.24 -38.60 8.61
C LEU A 123 36.29 -37.77 7.75
N ARG A 124 35.92 -36.59 8.20
CA ARG A 124 35.01 -35.75 7.44
C ARG A 124 35.63 -35.35 6.12
N LYS A 125 36.94 -35.11 6.16
CA LYS A 125 37.72 -34.63 5.03
C LYS A 125 37.74 -35.65 3.89
N LEU A 126 37.51 -36.91 4.22
CA LEU A 126 37.51 -37.95 3.23
C LEU A 126 36.35 -37.85 2.23
N VAL A 127 35.27 -37.17 2.59
CA VAL A 127 34.11 -37.16 1.70
C VAL A 127 33.47 -35.80 1.51
N ALA A 128 34.03 -34.81 2.21
CA ALA A 128 33.50 -33.47 2.15
C ALA A 128 33.34 -33.04 0.70
N ARG A 129 34.41 -33.11 -0.07
CA ARG A 129 34.29 -32.77 -1.47
C ARG A 129 32.96 -33.29 -2.00
N GLU A 130 32.58 -34.51 -1.62
CA GLU A 130 31.45 -35.24 -2.24
C GLU A 130 30.09 -34.61 -2.11
N PHE A 131 29.86 -33.90 -1.01
CA PHE A 131 28.51 -33.46 -0.66
C PHE A 131 28.28 -31.94 -0.69
N THR A 132 29.17 -31.22 -1.39
CA THR A 132 29.00 -29.79 -1.59
C THR A 132 27.76 -29.52 -2.41
N MET A 133 27.28 -28.29 -2.32
CA MET A 133 26.11 -27.85 -3.04
C MET A 133 26.33 -28.06 -4.55
N ARG A 134 27.46 -27.59 -5.05
CA ARG A 134 27.73 -27.68 -6.47
C ARG A 134 27.79 -29.11 -6.94
N ARG A 135 28.51 -29.96 -6.23
CA ARG A 135 28.65 -31.33 -6.69
C ARG A 135 27.28 -32.01 -6.78
N VAL A 136 26.54 -31.97 -5.69
CA VAL A 136 25.14 -32.38 -5.63
C VAL A 136 24.26 -31.88 -6.80
N GLU A 137 24.41 -30.63 -7.21
CA GLU A 137 23.61 -30.11 -8.32
C GLU A 137 23.79 -30.97 -9.57
N LEU A 138 24.91 -31.67 -9.68
CA LEU A 138 25.10 -32.52 -10.84
C LEU A 138 24.25 -33.76 -10.72
N LEU A 139 23.45 -33.84 -9.67
CA LEU A 139 22.59 -35.01 -9.45
C LEU A 139 21.11 -34.70 -9.62
N ARG A 140 20.82 -33.43 -9.91
CA ARG A 140 19.46 -33.00 -10.09
C ARG A 140 18.76 -33.83 -11.15
N PRO A 141 19.44 -34.09 -12.30
CA PRO A 141 18.76 -34.84 -13.36
C PRO A 141 18.29 -36.23 -12.92
N ARG A 142 19.18 -37.00 -12.32
CA ARG A 142 18.86 -38.34 -11.90
C ARG A 142 17.79 -38.31 -10.82
N VAL A 143 17.96 -37.41 -9.84
CA VAL A 143 17.00 -37.28 -8.76
C VAL A 143 15.62 -37.03 -9.31
N GLN A 144 15.55 -36.08 -10.24
CA GLN A 144 14.34 -35.74 -10.97
C GLN A 144 13.77 -36.98 -11.64
N GLU A 145 14.65 -37.81 -12.16
CA GLU A 145 14.21 -38.97 -12.90
C GLU A 145 13.57 -39.91 -11.93
N ILE A 146 14.27 -40.20 -10.83
CA ILE A 146 13.71 -41.00 -9.75
C ILE A 146 12.32 -40.49 -9.29
N VAL A 147 12.21 -39.21 -8.94
CA VAL A 147 10.96 -38.64 -8.45
C VAL A 147 9.82 -38.78 -9.46
N ASP A 148 10.11 -38.62 -10.74
CA ASP A 148 9.10 -38.82 -11.78
C ASP A 148 8.56 -40.25 -11.76
N GLY A 149 9.48 -41.19 -11.55
CA GLY A 149 9.18 -42.61 -11.59
C GLY A 149 8.16 -42.96 -10.55
N LEU A 150 8.41 -42.46 -9.34
CA LEU A 150 7.63 -42.81 -8.15
C LEU A 150 6.29 -42.08 -8.09
N VAL A 151 6.22 -40.86 -8.63
CA VAL A 151 4.98 -40.10 -8.58
C VAL A 151 4.05 -40.66 -9.64
N ASP A 152 4.62 -41.00 -10.79
CA ASP A 152 3.91 -41.64 -11.89
C ASP A 152 3.23 -42.89 -11.37
N ALA A 153 4.03 -43.76 -10.76
CA ALA A 153 3.56 -44.98 -10.11
C ALA A 153 2.49 -44.69 -9.08
N MET A 154 2.67 -43.59 -8.34
CA MET A 154 1.81 -43.22 -7.25
C MET A 154 0.44 -42.74 -7.69
N LEU A 155 0.37 -42.01 -8.81
CA LEU A 155 -0.93 -41.50 -9.34
C LEU A 155 -1.78 -42.62 -9.95
N ALA A 156 -1.19 -43.80 -10.06
CA ALA A 156 -1.87 -44.96 -10.61
C ALA A 156 -2.58 -45.80 -9.55
N ALA A 157 -2.58 -45.33 -8.30
CA ALA A 157 -3.39 -45.97 -7.25
C ALA A 157 -4.86 -45.74 -7.57
N PRO A 158 -5.60 -46.84 -7.82
CA PRO A 158 -6.93 -46.79 -8.43
C PRO A 158 -7.90 -45.77 -7.85
N ASP A 159 -8.03 -45.73 -6.52
CA ASP A 159 -9.02 -44.83 -5.88
C ASP A 159 -8.41 -43.53 -5.37
N GLY A 160 -7.29 -43.12 -5.98
CA GLY A 160 -6.61 -41.87 -5.64
C GLY A 160 -6.22 -41.73 -4.17
N ARG A 161 -5.69 -42.81 -3.62
CA ARG A 161 -5.28 -42.84 -2.22
C ARG A 161 -4.03 -43.71 -2.11
N ALA A 162 -3.16 -43.37 -1.16
CA ALA A 162 -1.99 -44.18 -0.86
C ALA A 162 -1.19 -43.49 0.22
N ASP A 163 -0.16 -44.19 0.70
CA ASP A 163 0.68 -43.76 1.76
C ASP A 163 1.89 -43.07 1.15
N LEU A 164 2.03 -41.78 1.45
CA LEU A 164 3.17 -41.02 0.98
C LEU A 164 4.51 -41.61 1.44
N MET A 165 4.55 -42.07 2.68
CA MET A 165 5.78 -42.66 3.26
C MET A 165 6.30 -43.87 2.48
N GLU A 166 5.39 -44.80 2.22
CA GLU A 166 5.62 -46.05 1.52
C GLU A 166 5.98 -45.88 0.04
N SER A 167 5.38 -44.92 -0.66
CA SER A 167 5.55 -44.84 -2.09
C SER A 167 6.39 -43.68 -2.58
N LEU A 168 6.62 -42.70 -1.71
CA LEU A 168 7.55 -41.65 -2.06
C LEU A 168 8.65 -41.40 -0.99
N ALA A 169 8.26 -41.09 0.24
CA ALA A 169 9.22 -40.56 1.20
C ALA A 169 10.33 -41.58 1.54
N TRP A 170 10.03 -42.86 1.55
CA TRP A 170 11.05 -43.86 1.78
C TRP A 170 11.86 -44.18 0.50
N PRO A 171 11.17 -44.52 -0.60
CA PRO A 171 11.92 -44.95 -1.79
C PRO A 171 12.84 -43.90 -2.45
N LEU A 172 12.48 -42.62 -2.38
CA LEU A 172 13.35 -41.59 -2.97
C LEU A 172 14.76 -41.54 -2.32
N PRO A 173 14.82 -41.27 -1.01
CA PRO A 173 16.15 -41.12 -0.42
C PRO A 173 17.00 -42.38 -0.53
N ILE A 174 16.37 -43.54 -0.46
CA ILE A 174 17.14 -44.80 -0.46
C ILE A 174 17.71 -45.08 -1.85
N THR A 175 16.91 -44.86 -2.89
CA THR A 175 17.40 -44.97 -4.23
C THR A 175 18.59 -44.03 -4.41
N VAL A 176 18.43 -42.76 -4.07
CA VAL A 176 19.46 -41.77 -4.38
C VAL A 176 20.78 -42.18 -3.72
N ILE A 177 20.75 -42.39 -2.41
CA ILE A 177 21.95 -42.67 -1.66
C ILE A 177 22.60 -44.05 -1.97
N SER A 178 21.77 -45.07 -2.17
CA SER A 178 22.24 -46.35 -2.68
C SER A 178 23.05 -46.19 -3.95
N GLU A 179 22.53 -45.38 -4.88
CA GLU A 179 23.24 -45.13 -6.12
C GLU A 179 24.60 -44.47 -5.83
N LEU A 180 24.62 -43.36 -5.11
CA LEU A 180 25.86 -42.77 -4.69
C LEU A 180 26.88 -43.74 -4.09
N LEU A 181 26.40 -44.85 -3.48
CA LEU A 181 27.28 -45.74 -2.70
C LEU A 181 27.39 -47.20 -3.17
N GLY A 182 26.63 -47.56 -4.19
CA GLY A 182 26.76 -48.88 -4.81
C GLY A 182 26.04 -49.95 -4.02
N VAL A 183 24.85 -49.65 -3.53
CA VAL A 183 24.05 -50.70 -2.93
C VAL A 183 23.19 -51.17 -4.06
N PRO A 184 23.30 -52.47 -4.45
CA PRO A 184 22.48 -53.10 -5.51
C PRO A 184 20.99 -53.13 -5.18
N GLU A 185 20.14 -52.93 -6.19
CA GLU A 185 18.69 -52.76 -5.97
C GLU A 185 18.00 -53.84 -5.11
N PRO A 186 18.24 -55.13 -5.38
CA PRO A 186 17.65 -56.19 -4.55
C PRO A 186 17.89 -56.03 -3.04
N ASP A 187 19.02 -55.42 -2.66
CA ASP A 187 19.44 -55.30 -1.26
C ASP A 187 18.89 -54.08 -0.54
N ARG A 188 18.00 -53.32 -1.17
CA ARG A 188 17.56 -52.04 -0.61
C ARG A 188 16.39 -52.20 0.35
N ALA A 189 15.49 -53.12 0.00
CA ALA A 189 14.29 -53.39 0.79
C ALA A 189 14.64 -53.62 2.26
N ALA A 190 15.59 -54.51 2.51
CA ALA A 190 16.05 -54.84 3.85
C ALA A 190 16.34 -53.58 4.69
N PHE A 191 16.77 -52.52 4.03
CA PHE A 191 17.13 -51.28 4.71
C PHE A 191 15.98 -50.56 5.40
N ARG A 192 14.79 -50.62 4.83
CA ARG A 192 13.66 -50.00 5.53
C ARG A 192 13.43 -50.77 6.82
N VAL A 193 13.50 -52.10 6.72
CA VAL A 193 13.29 -52.97 7.87
C VAL A 193 14.30 -52.72 8.97
N TRP A 194 15.60 -52.78 8.64
CA TRP A 194 16.67 -52.58 9.60
C TRP A 194 16.60 -51.18 10.23
N THR A 195 16.44 -50.17 9.41
CA THR A 195 16.51 -48.82 9.94
C THR A 195 15.33 -48.51 10.87
N ASP A 196 14.16 -49.02 10.50
CA ASP A 196 13.01 -49.05 11.40
C ASP A 196 13.39 -49.64 12.76
N ALA A 197 13.97 -50.84 12.74
CA ALA A 197 14.32 -51.56 13.97
C ALA A 197 15.13 -50.74 14.99
N PHE A 198 15.97 -49.79 14.54
CA PHE A 198 16.46 -48.76 15.49
C PHE A 198 15.91 -47.31 15.39
N VAL A 199 14.64 -47.16 14.97
CA VAL A 199 13.83 -45.99 15.35
C VAL A 199 13.21 -46.44 16.66
N PHE A 200 11.88 -46.56 16.66
CA PHE A 200 11.21 -47.27 17.74
C PHE A 200 11.48 -48.73 17.46
N PRO A 201 12.19 -49.39 18.38
CA PRO A 201 12.18 -50.84 18.28
C PRO A 201 10.90 -51.28 18.94
N ASP A 202 10.34 -52.40 18.51
CA ASP A 202 9.30 -53.02 19.30
C ASP A 202 9.94 -53.25 20.67
N ASP A 203 11.12 -53.88 20.65
CA ASP A 203 11.91 -54.11 21.87
C ASP A 203 13.41 -54.01 21.63
N PRO A 204 14.20 -53.92 22.72
CA PRO A 204 15.64 -53.72 22.58
C PRO A 204 16.34 -54.91 21.95
N ALA A 205 15.62 -56.01 21.81
CA ALA A 205 16.20 -57.22 21.25
C ALA A 205 16.18 -57.16 19.74
N GLN A 206 15.19 -56.45 19.20
CA GLN A 206 14.99 -56.37 17.77
C GLN A 206 15.90 -55.31 17.18
N ALA A 207 16.08 -54.22 17.91
CA ALA A 207 17.08 -53.23 17.57
C ALA A 207 18.47 -53.87 17.38
N GLN A 208 18.90 -54.66 18.36
CA GLN A 208 20.24 -55.26 18.34
C GLN A 208 20.48 -56.16 17.13
N THR A 209 19.51 -57.02 16.84
CA THR A 209 19.55 -57.90 15.68
C THR A 209 19.72 -57.11 14.38
N ALA A 210 19.00 -55.99 14.25
CA ALA A 210 19.10 -55.17 13.05
C ALA A 210 20.55 -54.76 12.80
N MET A 211 21.12 -54.08 13.78
CA MET A 211 22.51 -53.65 13.76
C MET A 211 23.53 -54.71 13.36
N ALA A 212 23.36 -55.94 13.85
CA ALA A 212 24.28 -56.99 13.48
C ALA A 212 24.01 -57.43 12.04
N GLU A 213 22.73 -57.62 11.72
CA GLU A 213 22.30 -58.03 10.38
C GLU A 213 22.85 -57.04 9.34
N MET A 214 22.52 -55.77 9.52
CA MET A 214 23.09 -54.67 8.73
C MET A 214 24.64 -54.65 8.68
N SER A 215 25.27 -54.53 9.85
CA SER A 215 26.72 -54.50 9.94
C SER A 215 27.35 -55.67 9.23
N GLY A 216 26.72 -56.84 9.36
CA GLY A 216 27.11 -58.02 8.61
C GLY A 216 27.03 -57.78 7.12
N TYR A 217 25.91 -57.21 6.64
CA TYR A 217 25.66 -57.01 5.21
C TYR A 217 26.59 -55.95 4.61
N LEU A 218 26.81 -54.88 5.36
CA LEU A 218 27.75 -53.87 4.90
C LEU A 218 29.15 -54.44 4.71
N SER A 219 29.53 -55.42 5.50
CA SER A 219 30.89 -55.90 5.41
C SER A 219 31.11 -56.78 4.20
N ARG A 220 30.06 -57.50 3.79
CA ARG A 220 30.09 -58.28 2.59
C ARG A 220 30.10 -57.33 1.42
N LEU A 221 29.23 -56.34 1.46
CA LEU A 221 29.19 -55.36 0.41
C LEU A 221 30.56 -54.70 0.21
N ILE A 222 31.20 -54.27 1.30
CA ILE A 222 32.52 -53.67 1.18
C ILE A 222 33.50 -54.66 0.56
N ASP A 223 33.46 -55.89 1.01
CA ASP A 223 34.39 -56.84 0.47
C ASP A 223 34.16 -57.11 -1.03
N SER A 224 32.88 -57.11 -1.42
CA SER A 224 32.50 -57.47 -2.78
C SER A 224 32.99 -56.44 -3.78
N LYS A 225 33.20 -55.21 -3.31
CA LYS A 225 33.81 -54.09 -4.07
C LYS A 225 35.27 -54.36 -4.47
N ARG A 226 36.04 -54.97 -3.57
CA ARG A 226 37.46 -55.15 -3.81
C ARG A 226 37.66 -55.77 -5.16
N GLY A 227 38.50 -55.11 -5.97
CA GLY A 227 38.90 -55.62 -7.27
C GLY A 227 37.92 -55.49 -8.42
N GLN A 228 36.87 -54.69 -8.24
CA GLN A 228 35.79 -54.53 -9.25
C GLN A 228 35.74 -53.18 -10.02
N ASP A 229 36.58 -52.23 -9.63
CA ASP A 229 36.73 -51.01 -10.39
C ASP A 229 35.44 -50.24 -10.36
N GLY A 230 34.70 -50.32 -9.25
CA GLY A 230 33.52 -49.48 -9.11
C GLY A 230 33.98 -48.03 -9.17
N GLU A 231 33.06 -47.15 -9.55
CA GLU A 231 33.28 -45.71 -9.65
C GLU A 231 32.47 -45.00 -8.56
N ASP A 232 31.62 -45.75 -7.88
CA ASP A 232 30.89 -45.25 -6.73
C ASP A 232 31.80 -45.07 -5.50
N LEU A 233 31.34 -44.22 -4.58
CA LEU A 233 32.11 -43.79 -3.44
C LEU A 233 32.57 -44.90 -2.50
N LEU A 234 31.76 -45.93 -2.36
CA LEU A 234 32.18 -47.07 -1.54
C LEU A 234 33.40 -47.75 -2.16
N SER A 235 33.33 -48.10 -3.44
CA SER A 235 34.50 -48.65 -4.11
C SER A 235 35.66 -47.75 -3.81
N ALA A 236 35.44 -46.45 -4.04
CA ALA A 236 36.48 -45.45 -3.92
C ALA A 236 37.09 -45.50 -2.52
N LEU A 237 36.22 -45.52 -1.51
CA LEU A 237 36.70 -45.65 -0.15
C LEU A 237 37.49 -46.95 0.08
N VAL A 238 37.01 -48.08 -0.44
CA VAL A 238 37.68 -49.36 -0.25
C VAL A 238 39.08 -49.30 -0.82
N ARG A 239 39.21 -48.72 -2.01
CA ARG A 239 40.51 -48.47 -2.63
C ARG A 239 41.37 -47.51 -1.79
N THR A 240 40.76 -46.45 -1.25
CA THR A 240 41.50 -45.51 -0.42
C THR A 240 42.01 -46.27 0.78
N SER A 241 41.13 -47.05 1.41
CA SER A 241 41.46 -47.77 2.62
C SER A 241 42.53 -48.84 2.39
N ASP A 242 42.37 -49.63 1.33
CA ASP A 242 43.30 -50.71 1.05
C ASP A 242 44.69 -50.19 0.73
N GLU A 243 44.75 -49.02 0.09
CA GLU A 243 46.03 -48.46 -0.35
C GLU A 243 46.87 -47.98 0.82
N ASP A 244 46.20 -47.57 1.89
CA ASP A 244 46.85 -46.95 3.03
C ASP A 244 45.83 -46.92 4.18
N GLY A 245 45.94 -47.91 5.05
CA GLY A 245 44.99 -48.14 6.13
C GLY A 245 45.21 -47.18 7.29
N SER A 246 46.13 -46.25 7.15
CA SER A 246 46.29 -45.22 8.16
C SER A 246 45.36 -44.03 7.83
N ARG A 247 45.00 -43.87 6.54
CA ARG A 247 44.02 -42.86 6.06
C ARG A 247 42.58 -43.24 6.47
N LEU A 248 42.23 -44.50 6.20
CA LEU A 248 40.96 -45.08 6.59
C LEU A 248 41.20 -46.53 7.05
N THR A 249 40.91 -46.82 8.32
CA THR A 249 41.00 -48.22 8.81
C THR A 249 39.82 -49.02 8.32
N SER A 250 39.87 -50.32 8.50
CA SER A 250 38.81 -51.14 7.97
C SER A 250 37.53 -50.93 8.78
N GLU A 251 37.68 -50.62 10.06
CA GLU A 251 36.56 -50.23 10.95
C GLU A 251 35.86 -48.94 10.51
N GLU A 252 36.68 -47.93 10.19
CA GLU A 252 36.19 -46.62 9.88
C GLU A 252 35.47 -46.66 8.56
N LEU A 253 35.86 -47.61 7.74
CA LEU A 253 35.38 -47.79 6.40
C LEU A 253 33.94 -48.26 6.54
N LEU A 254 33.76 -49.20 7.45
CA LEU A 254 32.44 -49.71 7.77
C LEU A 254 31.62 -48.62 8.50
N GLY A 255 32.28 -47.87 9.37
CA GLY A 255 31.63 -46.79 10.12
C GLY A 255 31.03 -45.73 9.22
N MET A 256 31.73 -45.47 8.11
CA MET A 256 31.37 -44.48 7.08
C MET A 256 30.21 -44.93 6.21
N ALA A 257 30.26 -46.19 5.75
CA ALA A 257 29.23 -46.76 4.92
C ALA A 257 27.92 -46.67 5.68
N HIS A 258 27.99 -47.10 6.92
CA HIS A 258 26.83 -47.04 7.77
C HIS A 258 26.35 -45.56 7.89
N ILE A 259 27.11 -44.73 8.60
CA ILE A 259 26.79 -43.33 8.76
C ILE A 259 26.15 -42.71 7.53
N LEU A 260 26.85 -42.74 6.39
CA LEU A 260 26.32 -42.12 5.17
C LEU A 260 25.02 -42.73 4.69
N LEU A 261 24.72 -43.96 5.11
CA LEU A 261 23.54 -44.64 4.64
C LEU A 261 22.31 -44.36 5.49
N VAL A 262 22.46 -44.58 6.81
CA VAL A 262 21.38 -44.32 7.76
C VAL A 262 21.09 -42.85 7.69
N ALA A 263 22.06 -42.04 8.10
CA ALA A 263 21.90 -40.58 8.05
C ALA A 263 21.50 -40.09 6.66
N GLY A 264 21.50 -40.99 5.68
CA GLY A 264 21.09 -40.65 4.32
C GLY A 264 19.64 -41.03 4.13
N HIS A 265 19.27 -42.23 4.57
CA HIS A 265 17.89 -42.70 4.50
C HIS A 265 17.03 -41.89 5.49
N GLU A 266 16.98 -42.38 6.74
CA GLU A 266 16.05 -41.94 7.78
C GLU A 266 15.68 -40.43 7.91
N THR A 267 16.65 -39.52 8.03
CA THR A 267 16.30 -38.12 8.21
C THR A 267 15.62 -37.52 6.96
N THR A 268 16.16 -37.78 5.77
CA THR A 268 15.52 -37.25 4.55
C THR A 268 14.09 -37.79 4.41
N VAL A 269 13.90 -39.09 4.53
CA VAL A 269 12.56 -39.66 4.50
C VAL A 269 11.59 -38.87 5.40
N ASN A 270 12.05 -38.53 6.61
CA ASN A 270 11.13 -37.95 7.56
C ASN A 270 10.92 -36.46 7.32
N LEU A 271 11.96 -35.80 6.84
CA LEU A 271 11.75 -34.44 6.39
C LEU A 271 10.57 -34.36 5.43
N ILE A 272 10.68 -35.11 4.33
CA ILE A 272 9.71 -35.08 3.26
C ILE A 272 8.33 -35.36 3.80
N ALA A 273 8.28 -36.33 4.71
CA ALA A 273 7.03 -36.79 5.29
C ALA A 273 6.53 -35.82 6.36
N ASN A 274 7.44 -35.30 7.18
CA ASN A 274 7.01 -34.27 8.09
C ASN A 274 6.56 -33.05 7.31
N GLY A 275 7.29 -32.71 6.25
CA GLY A 275 7.03 -31.52 5.43
C GLY A 275 5.67 -31.46 4.78
N MET A 276 5.44 -32.37 3.84
CA MET A 276 4.12 -32.59 3.26
C MET A 276 3.00 -32.56 4.27
N TYR A 277 3.26 -33.11 5.45
CA TYR A 277 2.26 -33.15 6.47
C TYR A 277 1.95 -31.74 7.02
N ALA A 278 2.99 -30.95 7.26
CA ALA A 278 2.82 -29.57 7.72
C ALA A 278 2.07 -28.80 6.65
N LEU A 279 2.40 -29.11 5.42
CA LEU A 279 1.80 -28.46 4.28
C LEU A 279 0.36 -28.86 4.19
N LEU A 280 0.09 -30.16 4.13
CA LEU A 280 -1.27 -30.65 3.98
C LEU A 280 -2.18 -30.28 5.15
N SER A 281 -1.63 -30.08 6.33
CA SER A 281 -2.46 -29.72 7.46
C SER A 281 -2.66 -28.19 7.71
N HIS A 282 -1.95 -27.36 6.95
CA HIS A 282 -2.26 -25.93 6.85
C HIS A 282 -2.58 -25.59 5.39
N PRO A 283 -3.86 -25.64 5.00
CA PRO A 283 -4.20 -25.58 3.57
C PRO A 283 -3.88 -24.24 2.91
N ASP A 284 -3.76 -23.18 3.70
CA ASP A 284 -3.47 -21.85 3.17
C ASP A 284 -2.01 -21.73 2.66
N GLN A 285 -1.10 -22.34 3.39
CA GLN A 285 0.30 -22.33 3.04
C GLN A 285 0.53 -23.19 1.79
N LEU A 286 -0.29 -24.22 1.64
CA LEU A 286 -0.25 -25.12 0.50
C LEU A 286 -0.60 -24.40 -0.81
N ALA A 287 -1.72 -23.68 -0.83
CA ALA A 287 -2.14 -22.96 -2.03
C ALA A 287 -1.13 -21.85 -2.39
N ALA A 288 -0.57 -21.22 -1.34
CA ALA A 288 0.43 -20.15 -1.48
C ALA A 288 1.63 -20.60 -2.31
N LEU A 289 2.18 -21.75 -1.97
CA LEU A 289 3.28 -22.37 -2.70
C LEU A 289 2.82 -22.96 -4.02
N ARG A 290 1.59 -23.45 -4.04
CA ARG A 290 1.00 -23.94 -5.26
C ARG A 290 0.93 -22.86 -6.34
N ALA A 291 0.63 -21.61 -5.95
CA ALA A 291 0.50 -20.50 -6.90
C ALA A 291 1.84 -19.80 -7.22
N ASP A 292 2.88 -20.07 -6.41
CA ASP A 292 4.15 -19.37 -6.57
C ASP A 292 5.36 -20.23 -6.15
N MET A 293 5.94 -20.94 -7.11
CA MET A 293 7.01 -21.89 -6.79
C MET A 293 8.37 -21.26 -6.45
N THR A 294 8.43 -19.94 -6.32
CA THR A 294 9.65 -19.31 -5.82
C THR A 294 9.73 -19.53 -4.30
N LEU A 295 8.60 -19.89 -3.72
CA LEU A 295 8.52 -20.06 -2.29
C LEU A 295 9.02 -21.42 -1.81
N LEU A 296 9.46 -22.25 -2.74
CA LEU A 296 9.79 -23.64 -2.45
C LEU A 296 10.90 -23.80 -1.42
N ASP A 297 12.04 -23.16 -1.68
CA ASP A 297 13.16 -23.21 -0.74
C ASP A 297 12.75 -22.73 0.67
N GLY A 298 12.00 -21.63 0.73
CA GLY A 298 11.52 -21.11 1.99
C GLY A 298 10.65 -22.15 2.67
N ALA A 299 9.69 -22.68 1.92
CA ALA A 299 8.80 -23.72 2.43
C ALA A 299 9.61 -24.89 3.00
N VAL A 300 10.66 -25.30 2.30
CA VAL A 300 11.40 -26.43 2.78
C VAL A 300 12.17 -26.04 4.06
N GLU A 301 12.75 -24.84 4.07
CA GLU A 301 13.31 -24.28 5.32
C GLU A 301 12.29 -24.20 6.47
N GLU A 302 11.07 -23.74 6.22
CA GLU A 302 10.10 -23.78 7.32
C GLU A 302 9.66 -25.21 7.68
N MET A 303 9.71 -26.16 6.75
CA MET A 303 9.46 -27.56 7.15
C MET A 303 10.51 -28.09 8.13
N LEU A 304 11.78 -27.83 7.85
CA LEU A 304 12.87 -28.09 8.81
C LEU A 304 12.77 -27.29 10.13
N ARG A 305 12.27 -26.06 10.08
CA ARG A 305 12.16 -25.26 11.28
C ARG A 305 11.06 -25.89 12.17
N TYR A 306 9.92 -26.22 11.54
CA TYR A 306 8.67 -26.51 12.25
C TYR A 306 8.46 -27.97 12.64
N GLU A 307 8.91 -28.90 11.81
CA GLU A 307 8.65 -30.31 12.11
C GLU A 307 9.80 -31.13 11.63
N GLY A 308 11.01 -30.59 11.84
CA GLY A 308 12.22 -31.21 11.37
C GLY A 308 12.32 -32.66 11.85
N PRO A 309 13.03 -33.50 11.09
CA PRO A 309 13.04 -34.90 11.51
C PRO A 309 13.97 -35.17 12.71
N VAL A 310 14.85 -34.23 13.03
CA VAL A 310 15.76 -34.49 14.16
C VAL A 310 15.28 -33.77 15.40
N GLU A 311 14.45 -34.49 16.16
CA GLU A 311 13.84 -33.99 17.40
C GLU A 311 14.88 -33.71 18.50
N SER A 312 15.82 -34.62 18.66
CA SER A 312 16.97 -34.39 19.53
C SER A 312 18.26 -34.83 18.89
N ALA A 313 19.26 -33.96 18.95
CA ALA A 313 20.54 -34.24 18.33
C ALA A 313 21.17 -35.49 18.96
N THR A 314 22.19 -36.05 18.31
CA THR A 314 22.74 -37.32 18.79
C THR A 314 23.54 -37.17 20.09
N TYR A 315 23.86 -38.30 20.70
CA TYR A 315 24.48 -38.37 22.04
C TYR A 315 25.65 -37.45 22.32
N ARG A 316 25.62 -36.82 23.48
CA ARG A 316 26.73 -36.00 23.93
C ARG A 316 27.15 -36.28 25.37
N PHE A 317 28.47 -36.28 25.57
CA PHE A 317 29.12 -36.70 26.82
C PHE A 317 30.05 -35.63 27.30
N PRO A 318 29.63 -34.88 28.32
CA PRO A 318 30.51 -33.88 28.88
C PRO A 318 31.78 -34.57 29.36
N VAL A 319 32.91 -33.96 29.10
CA VAL A 319 34.19 -34.56 29.41
C VAL A 319 34.50 -34.31 30.88
N GLU A 320 34.11 -33.14 31.38
CA GLU A 320 34.12 -32.87 32.81
C GLU A 320 32.68 -32.44 33.14
N PRO A 321 32.32 -32.39 34.42
CA PRO A 321 31.01 -31.84 34.80
C PRO A 321 30.81 -30.45 34.20
N VAL A 322 29.57 -30.11 33.83
CA VAL A 322 29.26 -28.82 33.21
C VAL A 322 28.08 -28.10 33.90
N ASP A 323 28.36 -26.89 34.38
CA ASP A 323 27.32 -26.07 34.96
C ASP A 323 26.50 -25.36 33.88
N LEU A 324 25.25 -25.76 33.75
CA LEU A 324 24.34 -25.04 32.89
C LEU A 324 23.35 -24.30 33.79
N ASP A 325 23.68 -23.04 34.07
CA ASP A 325 22.84 -22.16 34.91
C ASP A 325 22.41 -22.85 36.22
N GLY A 326 23.40 -23.26 37.01
CA GLY A 326 23.09 -23.91 38.28
C GLY A 326 22.97 -25.43 38.22
N THR A 327 22.40 -25.94 37.13
CA THR A 327 22.21 -27.38 37.01
C THR A 327 23.52 -28.04 36.59
N VAL A 328 24.04 -28.93 37.43
CA VAL A 328 25.34 -29.55 37.18
C VAL A 328 25.23 -30.98 36.64
N ILE A 329 25.39 -31.12 35.32
CA ILE A 329 25.45 -32.41 34.61
C ILE A 329 26.82 -33.07 34.77
N PRO A 330 26.86 -34.32 35.27
CA PRO A 330 28.15 -35.00 35.54
C PRO A 330 28.83 -35.60 34.33
N ALA A 331 30.17 -35.59 34.39
CA ALA A 331 31.06 -36.13 33.37
C ALA A 331 30.62 -37.51 32.91
N GLY A 332 30.54 -37.68 31.59
CA GLY A 332 30.19 -38.97 31.01
C GLY A 332 28.73 -39.36 30.97
N ASP A 333 27.83 -38.42 31.29
CA ASP A 333 26.38 -38.65 31.11
C ASP A 333 25.93 -38.47 29.65
N THR A 334 24.78 -39.03 29.33
CA THR A 334 24.23 -38.89 28.00
C THR A 334 23.39 -37.62 27.91
N VAL A 335 23.74 -36.75 26.96
CA VAL A 335 22.99 -35.49 26.77
C VAL A 335 22.33 -35.31 25.41
N LEU A 336 21.08 -34.86 25.39
CA LEU A 336 20.42 -34.56 24.11
C LEU A 336 20.01 -33.11 24.00
N VAL A 337 20.41 -32.47 22.92
CA VAL A 337 19.94 -31.13 22.64
C VAL A 337 18.59 -31.26 21.93
N VAL A 338 17.56 -30.58 22.43
CA VAL A 338 16.22 -30.74 21.86
C VAL A 338 15.93 -29.64 20.83
N LEU A 339 16.44 -29.87 19.63
CA LEU A 339 16.27 -29.00 18.47
C LEU A 339 14.80 -28.64 18.24
N ALA A 340 13.93 -29.60 18.55
CA ALA A 340 12.49 -29.38 18.44
C ALA A 340 12.08 -28.21 19.31
N ASP A 341 12.64 -28.17 20.53
CA ASP A 341 12.32 -27.08 21.42
C ASP A 341 13.05 -25.81 21.00
N ALA A 342 14.29 -25.95 20.56
CA ALA A 342 15.01 -24.79 20.09
C ALA A 342 14.11 -24.02 19.15
N HIS A 343 13.47 -24.71 18.20
CA HIS A 343 12.64 -24.09 17.13
C HIS A 343 11.25 -23.56 17.52
N ARG A 344 10.81 -23.92 18.72
CA ARG A 344 9.54 -23.43 19.25
C ARG A 344 9.74 -22.36 20.32
N THR A 345 10.95 -21.80 20.39
CA THR A 345 11.32 -20.75 21.34
C THR A 345 10.86 -19.42 20.75
N PRO A 346 9.89 -18.75 21.39
CA PRO A 346 9.30 -17.54 20.81
C PRO A 346 10.28 -16.38 20.61
N GLU A 347 11.27 -16.27 21.51
CA GLU A 347 12.27 -15.19 21.43
C GLU A 347 13.08 -15.28 20.17
N ARG A 348 13.31 -16.51 19.69
CA ARG A 348 14.10 -16.66 18.46
C ARG A 348 13.24 -16.78 17.21
N PHE A 349 12.01 -17.25 17.40
CA PHE A 349 11.05 -17.42 16.32
C PHE A 349 9.73 -16.87 16.81
N PRO A 350 9.42 -15.63 16.41
CA PRO A 350 8.10 -15.12 16.80
C PRO A 350 7.02 -16.09 16.37
N ASP A 351 5.96 -16.17 17.15
CA ASP A 351 4.82 -17.02 16.81
C ASP A 351 5.31 -18.45 16.49
N PRO A 352 6.01 -19.09 17.44
CA PRO A 352 6.67 -20.34 17.14
C PRO A 352 5.78 -21.50 16.70
N HIS A 353 4.48 -21.46 16.97
CA HIS A 353 3.62 -22.59 16.56
C HIS A 353 2.95 -22.46 15.18
N ARG A 354 3.11 -21.32 14.52
CA ARG A 354 2.52 -21.10 13.20
C ARG A 354 3.49 -21.57 12.13
N PHE A 355 2.97 -22.34 11.19
CA PHE A 355 3.74 -22.82 10.02
C PHE A 355 3.63 -21.77 8.94
N ASP A 356 4.71 -21.05 8.70
CA ASP A 356 4.64 -19.92 7.78
C ASP A 356 5.78 -20.05 6.81
N ILE A 357 5.43 -20.38 5.56
CA ILE A 357 6.45 -20.72 4.57
C ILE A 357 7.36 -19.55 4.18
N ARG A 358 6.96 -18.35 4.63
CA ARG A 358 7.69 -17.14 4.31
C ARG A 358 8.48 -16.55 5.49
N ARG A 359 8.35 -17.14 6.67
CA ARG A 359 9.08 -16.62 7.83
C ARG A 359 10.59 -16.68 7.61
N ASP A 360 11.32 -15.78 8.28
CA ASP A 360 12.78 -15.88 8.28
C ASP A 360 13.17 -17.14 9.05
N THR A 361 13.77 -18.10 8.36
CA THR A 361 14.11 -19.39 8.96
C THR A 361 15.60 -19.51 9.31
N ALA A 362 16.39 -18.51 8.88
CA ALA A 362 17.80 -18.42 9.19
C ALA A 362 18.14 -18.73 10.65
N GLY A 363 19.16 -19.57 10.84
CA GLY A 363 19.72 -19.82 12.18
C GLY A 363 19.06 -20.99 12.88
N HIS A 364 18.22 -21.70 12.13
CA HIS A 364 17.57 -22.87 12.67
C HIS A 364 18.67 -23.87 12.86
N LEU A 365 18.45 -24.81 13.77
CA LEU A 365 19.46 -25.80 14.12
C LEU A 365 19.23 -27.17 13.50
N ALA A 366 18.23 -27.25 12.60
CA ALA A 366 17.78 -28.50 11.98
C ALA A 366 18.91 -29.40 11.46
N PHE A 367 19.96 -28.77 10.94
CA PHE A 367 21.12 -29.48 10.41
C PHE A 367 22.25 -29.46 11.42
N GLY A 368 21.92 -29.19 12.68
CA GLY A 368 22.95 -29.02 13.68
C GLY A 368 23.60 -27.67 13.64
N HIS A 369 24.67 -27.53 14.41
CA HIS A 369 25.50 -26.33 14.48
C HIS A 369 26.87 -26.72 15.08
N GLY A 370 27.95 -26.25 14.43
CA GLY A 370 29.34 -26.51 14.86
C GLY A 370 30.06 -27.55 14.03
N ILE A 371 31.12 -28.15 14.57
CA ILE A 371 31.94 -28.99 13.68
C ILE A 371 31.12 -30.13 13.05
N HIS A 372 30.17 -30.64 13.83
CA HIS A 372 29.41 -31.75 13.34
C HIS A 372 28.28 -31.33 12.40
N PHE A 373 28.33 -30.09 11.91
CA PHE A 373 27.23 -29.61 11.08
C PHE A 373 27.00 -30.55 9.87
N CYS A 374 25.75 -30.93 9.62
CA CYS A 374 25.40 -31.98 8.65
C CYS A 374 26.07 -31.80 7.32
N ILE A 375 26.65 -32.90 6.83
CA ILE A 375 27.55 -32.88 5.69
C ILE A 375 26.77 -32.96 4.40
N GLY A 376 25.50 -33.35 4.51
CA GLY A 376 24.68 -33.69 3.37
C GLY A 376 23.39 -32.89 3.29
N ALA A 377 23.37 -31.77 4.03
CA ALA A 377 22.26 -30.82 3.95
C ALA A 377 21.91 -30.51 2.50
N PRO A 378 22.94 -30.25 1.68
CA PRO A 378 22.60 -29.88 0.34
C PRO A 378 21.84 -30.98 -0.37
N LEU A 379 22.18 -32.24 -0.11
CA LEU A 379 21.53 -33.34 -0.83
C LEU A 379 20.15 -33.50 -0.27
N ALA A 380 19.99 -33.25 1.02
CA ALA A 380 18.67 -33.29 1.65
C ALA A 380 17.75 -32.24 1.02
N ARG A 381 18.21 -31.02 0.96
CA ARG A 381 17.38 -29.94 0.47
C ARG A 381 16.95 -30.29 -0.95
N LEU A 382 17.90 -30.82 -1.72
CA LEU A 382 17.67 -31.19 -3.12
C LEU A 382 16.54 -32.20 -3.29
N GLU A 383 16.66 -33.37 -2.67
CA GLU A 383 15.60 -34.39 -2.78
C GLU A 383 14.23 -33.83 -2.35
N ALA A 384 14.20 -33.12 -1.23
CA ALA A 384 12.96 -32.59 -0.67
C ALA A 384 12.33 -31.55 -1.60
N ARG A 385 13.12 -30.62 -2.10
CA ARG A 385 12.60 -29.59 -2.96
C ARG A 385 11.95 -30.23 -4.15
N ILE A 386 12.62 -31.23 -4.73
CA ILE A 386 12.16 -31.81 -5.99
C ILE A 386 10.85 -32.56 -5.78
N ALA A 387 10.82 -33.35 -4.69
CA ALA A 387 9.67 -34.12 -4.29
C ALA A 387 8.46 -33.25 -4.01
N VAL A 388 8.65 -32.22 -3.20
CA VAL A 388 7.52 -31.36 -2.78
C VAL A 388 6.90 -30.67 -3.97
N ARG A 389 7.74 -30.26 -4.90
CA ARG A 389 7.28 -29.66 -6.13
C ARG A 389 6.50 -30.70 -6.96
N ALA A 390 7.07 -31.89 -7.14
CA ALA A 390 6.44 -32.96 -7.93
C ALA A 390 5.03 -33.30 -7.48
N LEU A 391 4.79 -33.41 -6.17
CA LEU A 391 3.43 -33.72 -5.66
C LEU A 391 2.46 -32.59 -5.91
N LEU A 392 2.92 -31.36 -5.75
CA LEU A 392 2.10 -30.16 -5.93
C LEU A 392 1.77 -29.85 -7.39
N GLU A 393 2.72 -30.10 -8.28
CA GLU A 393 2.49 -29.84 -9.68
C GLU A 393 1.83 -31.01 -10.39
N ARG A 394 1.64 -32.14 -9.68
CA ARG A 394 1.18 -33.36 -10.35
C ARG A 394 -0.05 -33.98 -9.73
N CYS A 395 -0.30 -33.68 -8.46
CA CYS A 395 -1.58 -34.00 -7.80
C CYS A 395 -2.38 -32.71 -7.50
N PRO A 396 -3.28 -32.33 -8.42
CA PRO A 396 -4.22 -31.27 -8.02
C PRO A 396 -5.23 -31.83 -7.00
N ASP A 397 -5.62 -31.00 -6.04
CA ASP A 397 -6.66 -31.38 -5.05
C ASP A 397 -6.17 -32.35 -3.95
N LEU A 398 -4.85 -32.54 -3.86
CA LEU A 398 -4.20 -33.33 -2.80
C LEU A 398 -4.60 -32.93 -1.38
N ALA A 399 -4.95 -33.93 -0.59
CA ALA A 399 -5.31 -33.70 0.79
C ALA A 399 -4.85 -34.85 1.69
N LEU A 400 -4.67 -34.54 2.96
CA LEU A 400 -4.63 -35.58 3.96
C LEU A 400 -5.78 -36.52 3.72
N ASP A 401 -5.48 -37.81 3.67
CA ASP A 401 -6.51 -38.85 3.70
C ASP A 401 -6.40 -39.47 5.06
N VAL A 402 -7.28 -39.07 5.98
CA VAL A 402 -7.18 -39.42 7.42
C VAL A 402 -7.40 -38.20 8.33
N SER A 403 -8.14 -38.41 9.42
CA SER A 403 -8.42 -37.34 10.37
C SER A 403 -7.19 -37.06 11.26
N PRO A 404 -6.43 -35.96 10.99
CA PRO A 404 -5.08 -35.70 11.58
C PRO A 404 -4.72 -36.36 12.93
N GLY A 405 -5.66 -36.43 13.86
CA GLY A 405 -5.44 -37.13 15.14
C GLY A 405 -5.45 -38.65 15.02
N GLU A 406 -5.52 -39.16 13.79
CA GLU A 406 -5.45 -40.59 13.52
C GLU A 406 -4.10 -40.95 12.92
N LEU A 407 -3.22 -39.94 12.87
CA LEU A 407 -1.84 -40.20 12.52
C LEU A 407 -1.13 -40.71 13.73
N VAL A 408 -0.10 -41.50 13.50
CA VAL A 408 0.59 -42.20 14.56
C VAL A 408 2.07 -41.86 14.47
N TRP A 409 2.62 -41.39 15.58
CA TRP A 409 4.00 -40.92 15.62
C TRP A 409 4.85 -41.86 16.43
N TYR A 410 6.06 -42.09 15.96
CA TYR A 410 7.02 -42.83 16.74
C TYR A 410 7.34 -42.05 18.02
N PRO A 411 7.42 -42.76 19.16
CA PRO A 411 7.67 -42.07 20.44
C PRO A 411 9.14 -41.75 20.72
N ASN A 412 10.05 -42.32 19.96
CA ASN A 412 11.46 -41.97 20.08
C ASN A 412 11.67 -40.45 20.07
N PRO A 413 12.39 -39.93 21.09
CA PRO A 413 12.66 -38.52 21.30
C PRO A 413 13.85 -37.98 20.51
N MET A 414 14.45 -38.82 19.68
CA MET A 414 15.57 -38.39 18.84
C MET A 414 15.09 -38.00 17.46
N ILE A 415 14.25 -38.85 16.89
CA ILE A 415 13.74 -38.69 15.56
C ILE A 415 12.25 -38.38 15.59
N ARG A 416 11.84 -37.30 14.93
CA ARG A 416 10.40 -37.04 14.72
C ARG A 416 9.83 -37.73 13.46
N GLY A 417 8.95 -38.73 13.63
CA GLY A 417 8.53 -39.57 12.52
C GLY A 417 7.17 -40.25 12.52
N LEU A 418 6.51 -40.25 11.35
CA LEU A 418 5.20 -40.91 11.18
C LEU A 418 5.29 -42.41 10.89
N LYS A 419 4.30 -43.18 11.33
CA LYS A 419 4.23 -44.59 10.98
C LYS A 419 3.83 -44.68 9.54
N ALA A 420 2.83 -43.89 9.18
CA ALA A 420 2.30 -43.84 7.84
C ALA A 420 1.79 -42.42 7.59
N LEU A 421 1.59 -42.08 6.32
CA LEU A 421 0.97 -40.79 5.94
C LEU A 421 0.07 -40.95 4.71
N PRO A 422 -1.20 -41.34 4.92
CA PRO A 422 -2.15 -41.50 3.85
C PRO A 422 -2.56 -40.17 3.24
N ILE A 423 -2.67 -40.14 1.92
CA ILE A 423 -3.02 -38.93 1.18
C ILE A 423 -4.04 -39.28 0.12
N ARG A 424 -4.70 -38.26 -0.45
CA ARG A 424 -5.61 -38.49 -1.58
C ARG A 424 -5.55 -37.39 -2.63
N TRP A 425 -6.20 -37.64 -3.78
CA TRP A 425 -6.36 -36.65 -4.85
C TRP A 425 -7.72 -36.78 -5.60
N ARG A 426 -7.98 -35.91 -6.59
CA ARG A 426 -9.33 -35.79 -7.17
C ARG A 426 -9.88 -37.07 -7.83
N ALA B 30 8.14 14.45 74.26
CA ALA B 30 7.69 14.33 72.83
C ALA B 30 8.01 12.94 72.22
N SER B 31 7.91 11.91 73.07
CA SER B 31 7.84 10.50 72.61
C SER B 31 6.41 10.11 72.16
N PRO B 32 5.37 10.76 72.75
CA PRO B 32 4.03 10.25 72.49
C PRO B 32 3.33 10.99 71.37
N PRO B 33 2.73 10.26 70.42
CA PRO B 33 2.01 10.91 69.35
C PRO B 33 0.77 11.56 69.91
N VAL B 34 0.51 12.79 69.49
CA VAL B 34 -0.60 13.54 70.06
C VAL B 34 -1.86 13.26 69.29
N LEU B 35 -1.70 12.66 68.10
CA LEU B 35 -2.77 12.51 67.14
C LEU B 35 -2.46 11.33 66.23
N ASP B 36 -3.41 10.39 66.12
CA ASP B 36 -3.29 9.31 65.15
C ASP B 36 -4.04 9.65 63.86
N LEU B 37 -3.29 9.93 62.79
CA LEU B 37 -3.91 10.28 61.52
C LEU B 37 -4.81 9.15 60.96
N GLY B 38 -4.39 7.92 61.20
CA GLY B 38 -5.20 6.78 60.86
C GLY B 38 -6.59 6.93 61.43
N ALA B 39 -6.69 7.22 62.72
CA ALA B 39 -7.99 7.30 63.37
C ALA B 39 -8.87 8.46 62.89
N LEU B 40 -8.25 9.45 62.21
CA LEU B 40 -9.03 10.59 61.74
C LEU B 40 -9.90 10.25 60.51
N GLY B 41 -9.53 9.14 59.86
CA GLY B 41 -10.29 8.54 58.75
C GLY B 41 -10.44 9.40 57.51
N GLN B 42 -11.63 9.29 56.93
CA GLN B 42 -11.95 9.89 55.65
C GLN B 42 -12.14 11.42 55.71
N ASP B 43 -12.87 11.92 56.72
CA ASP B 43 -12.98 13.38 56.94
C ASP B 43 -11.58 14.02 56.83
N PHE B 44 -10.54 13.30 57.28
CA PHE B 44 -9.15 13.78 57.20
C PHE B 44 -8.47 13.63 55.83
N ALA B 45 -8.64 12.49 55.18
CA ALA B 45 -8.14 12.34 53.84
C ALA B 45 -8.77 13.44 53.00
N ALA B 46 -10.09 13.57 53.07
CA ALA B 46 -10.81 14.56 52.29
C ALA B 46 -10.39 16.03 52.55
N ASP B 47 -10.21 16.41 53.82
CA ASP B 47 -9.93 17.81 54.15
C ASP B 47 -8.96 17.91 55.33
N PRO B 48 -7.66 17.77 55.07
CA PRO B 48 -6.78 17.68 56.21
C PRO B 48 -6.42 19.04 56.82
N TYR B 49 -6.62 20.11 56.07
CA TYR B 49 -6.00 21.40 56.41
C TYR B 49 -6.39 22.03 57.78
N PRO B 50 -7.65 21.87 58.23
CA PRO B 50 -8.01 22.35 59.57
C PRO B 50 -7.12 21.74 60.65
N THR B 51 -6.97 20.43 60.59
CA THR B 51 -6.04 19.70 61.44
C THR B 51 -4.65 20.33 61.46
N TYR B 52 -4.07 20.48 60.30
CA TYR B 52 -2.75 21.06 60.18
C TYR B 52 -2.71 22.48 60.77
N ALA B 53 -3.81 23.20 60.63
CA ALA B 53 -3.91 24.55 61.19
C ALA B 53 -4.02 24.57 62.73
N ARG B 54 -4.78 23.64 63.30
CA ARG B 54 -4.80 23.52 64.75
C ARG B 54 -3.40 23.19 65.24
N LEU B 55 -2.63 22.46 64.45
CA LEU B 55 -1.27 22.12 64.87
C LEU B 55 -0.34 23.32 64.84
N ARG B 56 -0.40 24.08 63.76
CA ARG B 56 0.43 25.26 63.56
C ARG B 56 0.22 26.34 64.63
N ALA B 57 -1.03 26.56 65.00
CA ALA B 57 -1.35 27.44 66.12
C ALA B 57 -0.58 27.01 67.37
N GLU B 58 -0.65 25.72 67.73
CA GLU B 58 0.10 25.19 68.86
C GLU B 58 1.63 25.09 68.63
N GLY B 59 2.10 25.37 67.41
CA GLY B 59 3.53 25.35 67.17
C GLY B 59 4.00 24.60 65.93
N PRO B 60 5.33 24.57 65.74
CA PRO B 60 6.00 24.15 64.50
C PRO B 60 6.18 22.64 64.21
N ALA B 61 6.23 21.80 65.25
CA ALA B 61 6.65 20.39 65.15
C ALA B 61 5.85 19.46 66.08
N HIS B 62 5.24 18.41 65.51
CA HIS B 62 4.35 17.52 66.28
C HIS B 62 4.50 16.03 65.95
N ARG B 63 4.78 15.22 66.98
CA ARG B 63 4.76 13.76 66.85
C ARG B 63 3.38 13.33 66.45
N VAL B 64 3.27 12.52 65.41
CA VAL B 64 1.99 11.90 65.05
C VAL B 64 2.22 10.46 64.64
N ARG B 65 1.17 9.65 64.64
CA ARG B 65 1.20 8.31 64.05
C ARG B 65 0.48 8.33 62.70
N THR B 66 1.14 7.76 61.68
CA THR B 66 0.64 7.76 60.29
C THR B 66 -0.38 6.67 60.12
N PRO B 67 -1.30 6.85 59.16
CA PRO B 67 -2.34 5.86 58.87
C PRO B 67 -1.80 4.46 58.76
N GLU B 68 -0.64 4.32 58.13
CA GLU B 68 0.02 3.03 58.02
C GLU B 68 0.82 2.67 59.26
N GLY B 69 0.58 3.40 60.36
CA GLY B 69 1.16 3.04 61.65
C GLY B 69 2.52 3.59 62.04
N ASN B 70 3.22 4.26 61.11
CA ASN B 70 4.53 4.81 61.44
C ASN B 70 4.40 6.06 62.28
N GLU B 71 5.28 6.20 63.25
CA GLU B 71 5.39 7.44 63.96
C GLU B 71 6.43 8.34 63.32
N VAL B 72 6.07 9.62 63.23
CA VAL B 72 6.86 10.65 62.55
C VAL B 72 6.58 12.05 63.15
N TRP B 73 7.34 13.06 62.71
CA TRP B 73 7.08 14.45 63.06
C TRP B 73 6.54 15.22 61.86
N LEU B 74 5.61 16.14 62.09
CA LEU B 74 5.19 17.05 61.05
C LEU B 74 5.77 18.41 61.31
N VAL B 75 6.33 19.02 60.27
CA VAL B 75 6.74 20.41 60.35
C VAL B 75 5.69 21.25 59.60
N VAL B 76 5.10 22.21 60.31
CA VAL B 76 3.98 22.95 59.77
C VAL B 76 4.21 24.45 59.84
N GLY B 77 3.62 25.18 58.92
CA GLY B 77 3.80 26.63 58.89
C GLY B 77 4.83 26.88 57.83
N TYR B 78 4.49 27.78 56.91
CA TYR B 78 5.29 28.02 55.71
C TYR B 78 6.74 28.33 56.02
N ASP B 79 7.00 29.47 56.68
CA ASP B 79 8.37 29.96 56.83
C ASP B 79 9.27 28.88 57.35
N ARG B 80 8.75 28.15 58.34
CA ARG B 80 9.50 27.10 58.97
C ARG B 80 9.70 25.94 58.01
N ALA B 81 8.64 25.60 57.29
CA ALA B 81 8.64 24.57 56.26
C ALA B 81 9.72 24.84 55.22
N ARG B 82 9.80 26.08 54.74
CA ARG B 82 10.81 26.45 53.74
C ARG B 82 12.21 26.23 54.27
N ALA B 83 12.48 26.75 55.47
CA ALA B 83 13.79 26.71 56.11
C ALA B 83 14.27 25.29 56.30
N VAL B 84 13.39 24.43 56.80
CA VAL B 84 13.72 23.01 57.01
C VAL B 84 14.14 22.29 55.70
N LEU B 85 13.29 22.37 54.69
CA LEU B 85 13.49 21.74 53.38
C LEU B 85 14.88 21.93 52.85
N ALA B 86 15.53 23.04 53.21
CA ALA B 86 16.86 23.40 52.69
C ALA B 86 17.91 23.39 53.78
N ASP B 87 17.56 22.93 54.98
CA ASP B 87 18.48 22.92 56.11
C ASP B 87 19.30 21.62 56.13
N PRO B 88 20.64 21.73 55.99
CA PRO B 88 21.55 20.55 55.96
C PRO B 88 21.60 19.70 57.24
N ARG B 89 21.13 20.25 58.35
CA ARG B 89 20.96 19.49 59.58
C ARG B 89 19.94 18.37 59.38
N PHE B 90 19.10 18.52 58.37
CA PHE B 90 18.12 17.48 58.03
C PHE B 90 18.59 16.69 56.82
N SER B 91 19.11 15.49 57.08
CA SER B 91 19.62 14.61 56.03
C SER B 91 18.53 13.85 55.26
N LYS B 92 18.85 13.35 54.09
CA LYS B 92 17.90 12.48 53.40
C LYS B 92 18.42 11.06 53.28
N ASP B 93 19.56 10.80 53.92
CA ASP B 93 20.26 9.53 53.84
C ASP B 93 19.74 8.58 54.90
N TRP B 94 19.32 7.38 54.51
CA TRP B 94 18.78 6.42 55.48
C TRP B 94 19.69 6.02 56.64
N ARG B 95 21.00 6.13 56.45
CA ARG B 95 22.02 5.84 57.48
C ARG B 95 21.92 6.76 58.68
N ASN B 96 21.22 7.86 58.52
CA ASN B 96 20.97 8.77 59.62
C ASN B 96 19.62 8.53 60.24
N SER B 97 18.85 7.60 59.68
CA SER B 97 17.57 7.26 60.28
C SER B 97 17.75 6.17 61.34
N THR B 98 17.08 6.31 62.48
CA THR B 98 17.08 5.26 63.50
C THR B 98 16.10 4.19 63.06
N THR B 99 15.30 4.52 62.05
CA THR B 99 14.38 3.57 61.43
C THR B 99 15.14 2.77 60.37
N PRO B 100 15.19 1.44 60.50
CA PRO B 100 15.87 0.68 59.45
C PRO B 100 14.97 0.47 58.24
N LEU B 101 15.56 0.37 57.06
CA LEU B 101 14.83 0.04 55.83
C LEU B 101 14.43 -1.43 55.87
N THR B 102 13.34 -1.80 55.22
CA THR B 102 13.08 -3.21 54.94
C THR B 102 14.03 -3.60 53.81
N GLU B 103 14.37 -4.87 53.66
CA GLU B 103 15.43 -5.23 52.70
C GLU B 103 15.06 -4.99 51.22
N ALA B 104 13.78 -4.74 50.95
CA ALA B 104 13.29 -4.43 49.61
C ALA B 104 13.18 -2.94 49.34
N GLU B 105 13.09 -2.14 50.39
CA GLU B 105 13.34 -0.71 50.28
C GLU B 105 14.84 -0.47 50.13
N ALA B 106 15.64 -1.13 50.96
CA ALA B 106 17.10 -1.01 50.91
C ALA B 106 17.64 -1.15 49.49
N ALA B 107 16.96 -1.96 48.69
CA ALA B 107 17.39 -2.26 47.33
C ALA B 107 17.18 -1.10 46.38
N LEU B 108 16.43 -0.09 46.83
CA LEU B 108 15.98 0.98 45.93
C LEU B 108 16.54 2.33 46.34
N ASN B 109 17.17 2.37 47.52
CA ASN B 109 17.52 3.68 48.06
C ASN B 109 18.87 4.23 47.56
N HIS B 110 19.37 3.70 46.44
CA HIS B 110 20.51 4.34 45.85
C HIS B 110 20.06 5.28 44.72
N ASN B 111 19.39 6.35 45.11
CA ASN B 111 18.91 7.38 44.20
C ASN B 111 19.11 8.70 44.88
N MET B 112 19.03 9.76 44.09
CA MET B 112 19.38 11.11 44.55
C MET B 112 18.50 11.63 45.66
N LEU B 113 17.23 11.22 45.65
CA LEU B 113 16.27 11.78 46.58
C LEU B 113 16.59 11.36 47.99
N GLU B 114 17.18 10.18 48.15
CA GLU B 114 17.51 9.65 49.46
C GLU B 114 19.05 9.64 49.68
N SER B 115 19.67 10.75 49.30
CA SER B 115 21.12 10.96 49.47
C SER B 115 21.39 12.41 49.84
N ASP B 116 22.50 12.65 50.52
CA ASP B 116 23.01 14.01 50.63
C ASP B 116 24.27 14.07 49.75
N PRO B 117 24.97 15.23 49.73
CA PRO B 117 26.30 15.37 49.11
C PRO B 117 27.32 14.48 49.79
N PRO B 118 28.34 14.01 49.05
CA PRO B 118 28.55 14.25 47.62
C PRO B 118 27.75 13.29 46.75
N ARG B 119 27.32 12.16 47.30
CA ARG B 119 26.49 11.26 46.50
C ARG B 119 25.49 12.09 45.66
N HIS B 120 24.53 12.75 46.32
CA HIS B 120 23.41 13.43 45.62
C HIS B 120 23.87 14.29 44.45
N THR B 121 24.92 15.08 44.71
CA THR B 121 25.63 15.85 43.71
C THR B 121 26.03 15.01 42.49
N ARG B 122 26.60 13.85 42.74
CA ARG B 122 27.15 13.09 41.67
C ARG B 122 26.02 12.51 40.83
N LEU B 123 24.97 12.03 41.48
CA LEU B 123 23.90 11.35 40.77
C LEU B 123 22.98 12.30 40.00
N ARG B 124 22.78 13.49 40.59
CA ARG B 124 21.89 14.45 39.97
C ARG B 124 22.46 14.98 38.64
N LYS B 125 23.80 15.15 38.56
CA LYS B 125 24.42 15.70 37.35
C LYS B 125 24.20 14.78 36.18
N LEU B 126 24.21 13.48 36.45
CA LEU B 126 24.01 12.52 35.38
C LEU B 126 22.80 12.87 34.52
N VAL B 127 21.76 13.43 35.13
CA VAL B 127 20.50 13.60 34.41
C VAL B 127 20.02 15.06 34.26
N ALA B 128 20.53 15.96 35.12
CA ALA B 128 20.13 17.38 35.11
C ALA B 128 19.98 17.96 33.71
N ARG B 129 20.73 17.46 32.75
CA ARG B 129 20.67 18.01 31.39
C ARG B 129 19.34 17.66 30.73
N GLU B 130 18.83 16.48 31.09
CA GLU B 130 17.69 15.85 30.43
C GLU B 130 16.39 16.61 30.60
N PHE B 131 16.26 17.33 31.71
CA PHE B 131 14.97 17.87 32.08
C PHE B 131 14.85 19.41 32.06
N THR B 132 15.83 20.12 31.51
CA THR B 132 15.75 21.59 31.46
C THR B 132 14.50 22.02 30.71
N MET B 133 14.11 23.26 30.93
CA MET B 133 13.00 23.85 30.19
C MET B 133 13.18 23.80 28.66
N ARG B 134 14.41 24.00 28.17
CA ARG B 134 14.62 23.94 26.73
C ARG B 134 14.60 22.53 26.14
N ARG B 135 15.13 21.56 26.86
CA ARG B 135 15.10 20.21 26.36
C ARG B 135 13.67 19.67 26.44
N VAL B 136 12.98 19.97 27.54
CA VAL B 136 11.60 19.51 27.75
C VAL B 136 10.65 20.10 26.70
N GLU B 137 11.06 21.22 26.12
CA GLU B 137 10.24 21.91 25.15
C GLU B 137 10.17 21.18 23.81
N LEU B 138 11.16 20.33 23.57
CA LEU B 138 11.24 19.47 22.39
C LEU B 138 10.17 18.37 22.37
N LEU B 139 9.59 18.08 23.53
CA LEU B 139 8.59 17.03 23.66
C LEU B 139 7.12 17.48 23.45
N ARG B 140 6.90 18.77 23.28
CA ARG B 140 5.52 19.26 23.21
C ARG B 140 4.73 18.56 22.09
N PRO B 141 5.28 18.50 20.85
CA PRO B 141 4.51 17.83 19.80
C PRO B 141 4.00 16.45 20.24
N ARG B 142 4.86 15.67 20.89
CA ARG B 142 4.51 14.32 21.31
C ARG B 142 3.56 14.29 22.53
N VAL B 143 3.84 15.10 23.54
CA VAL B 143 2.93 15.29 24.65
C VAL B 143 1.52 15.74 24.18
N GLN B 144 1.48 16.62 23.17
CA GLN B 144 0.25 17.08 22.61
C GLN B 144 -0.44 15.95 21.85
N GLU B 145 0.35 15.14 21.15
CA GLU B 145 -0.15 13.99 20.41
C GLU B 145 -0.85 13.06 21.38
N ILE B 146 -0.21 12.78 22.52
CA ILE B 146 -0.77 11.88 23.55
C ILE B 146 -2.07 12.38 24.20
N VAL B 147 -2.05 13.60 24.76
CA VAL B 147 -3.26 14.22 25.32
C VAL B 147 -4.42 14.17 24.32
N ASP B 148 -4.21 14.70 23.12
CA ASP B 148 -5.16 14.58 22.03
C ASP B 148 -5.80 13.17 21.90
N GLY B 149 -4.97 12.12 21.88
CA GLY B 149 -5.43 10.74 21.67
C GLY B 149 -6.36 10.29 22.77
N LEU B 150 -5.97 10.63 24.01
CA LEU B 150 -6.71 10.31 25.23
C LEU B 150 -8.00 11.14 25.38
N VAL B 151 -7.99 12.37 24.89
CA VAL B 151 -9.21 13.17 24.89
C VAL B 151 -10.16 12.68 23.79
N ASP B 152 -9.64 12.37 22.60
CA ASP B 152 -10.51 11.81 21.55
C ASP B 152 -11.23 10.61 22.15
N ALA B 153 -10.50 9.77 22.88
CA ALA B 153 -11.08 8.54 23.39
C ALA B 153 -12.15 8.85 24.40
N MET B 154 -11.78 9.55 25.47
CA MET B 154 -12.71 9.94 26.54
C MET B 154 -14.02 10.49 25.96
N LEU B 155 -13.91 11.48 25.08
CA LEU B 155 -15.07 12.11 24.47
C LEU B 155 -16.01 11.19 23.68
N ALA B 156 -15.61 9.95 23.44
CA ALA B 156 -16.51 9.02 22.74
C ALA B 156 -17.50 8.27 23.65
N ALA B 157 -17.29 8.32 24.98
CA ALA B 157 -18.19 7.73 25.98
C ALA B 157 -19.61 8.20 25.70
N PRO B 158 -20.49 7.28 25.22
CA PRO B 158 -21.78 7.63 24.64
C PRO B 158 -22.75 8.31 25.61
N ASP B 159 -22.37 8.39 26.88
CA ASP B 159 -23.19 9.03 27.93
C ASP B 159 -22.65 10.37 28.48
N GLY B 160 -21.61 10.92 27.85
CA GLY B 160 -21.09 12.26 28.17
C GLY B 160 -20.40 12.36 29.52
N ARG B 161 -20.23 11.19 30.15
CA ARG B 161 -19.62 11.05 31.47
C ARG B 161 -18.37 10.18 31.34
N ALA B 162 -17.38 10.46 32.17
CA ALA B 162 -16.18 9.63 32.30
C ALA B 162 -15.51 9.86 33.65
N ASP B 163 -14.51 9.02 33.94
CA ASP B 163 -13.60 9.25 35.06
C ASP B 163 -12.27 9.75 34.50
N LEU B 164 -11.89 10.94 34.95
CA LEU B 164 -10.70 11.65 34.45
C LEU B 164 -9.45 10.96 34.92
N MET B 165 -9.56 10.25 36.04
CA MET B 165 -8.43 9.54 36.56
C MET B 165 -8.03 8.51 35.55
N GLU B 166 -8.99 7.67 35.18
CA GLU B 166 -8.77 6.52 34.33
C GLU B 166 -8.48 6.90 32.86
N SER B 167 -9.14 7.96 32.39
CA SER B 167 -9.14 8.31 30.97
C SER B 167 -7.97 9.18 30.55
N LEU B 168 -7.48 10.02 31.47
CA LEU B 168 -6.50 11.02 31.14
C LEU B 168 -5.32 11.10 32.11
N ALA B 169 -5.60 11.42 33.38
CA ALA B 169 -4.59 11.82 34.36
C ALA B 169 -3.68 10.69 34.76
N TRP B 170 -4.12 9.46 34.59
CA TRP B 170 -3.19 8.37 34.78
C TRP B 170 -2.39 8.09 33.50
N PRO B 171 -3.07 7.90 32.34
CA PRO B 171 -2.33 7.38 31.18
C PRO B 171 -1.42 8.38 30.50
N LEU B 172 -1.67 9.67 30.63
CA LEU B 172 -0.74 10.63 30.02
C LEU B 172 0.65 10.59 30.66
N PRO B 173 0.74 10.77 31.99
CA PRO B 173 2.08 10.88 32.59
C PRO B 173 2.92 9.60 32.50
N ILE B 174 2.25 8.45 32.48
CA ILE B 174 2.98 7.20 32.40
C ILE B 174 3.53 7.00 30.99
N THR B 175 2.70 7.23 29.97
CA THR B 175 3.13 7.23 28.56
C THR B 175 4.34 8.12 28.24
N VAL B 176 4.25 9.41 28.57
CA VAL B 176 5.38 10.33 28.36
C VAL B 176 6.66 9.76 28.97
N ILE B 177 6.67 9.50 30.28
CA ILE B 177 7.90 9.01 30.92
C ILE B 177 8.34 7.64 30.43
N SER B 178 7.39 6.79 30.06
CA SER B 178 7.72 5.47 29.54
C SER B 178 8.49 5.52 28.24
N GLU B 179 8.06 6.38 27.32
CA GLU B 179 8.77 6.60 26.06
C GLU B 179 10.19 7.16 26.22
N LEU B 180 10.39 7.91 27.30
CA LEU B 180 11.66 8.51 27.63
C LEU B 180 12.63 7.52 28.26
N LEU B 181 12.11 6.48 28.90
CA LEU B 181 12.95 5.49 29.53
C LEU B 181 12.91 4.14 28.78
N GLY B 182 12.24 4.11 27.63
CA GLY B 182 12.12 2.90 26.86
C GLY B 182 11.45 1.81 27.68
N VAL B 183 10.34 2.13 28.32
CA VAL B 183 9.55 1.08 28.93
C VAL B 183 8.58 0.64 27.85
N PRO B 184 8.65 -0.62 27.45
CA PRO B 184 7.71 -1.16 26.46
C PRO B 184 6.24 -0.95 26.86
N GLU B 185 5.43 -0.53 25.89
CA GLU B 185 3.99 -0.35 26.08
C GLU B 185 3.27 -1.50 26.83
N PRO B 186 3.45 -2.76 26.38
CA PRO B 186 2.92 -3.87 27.20
C PRO B 186 3.14 -3.80 28.74
N ASP B 187 4.29 -3.30 29.19
CA ASP B 187 4.67 -3.43 30.61
C ASP B 187 4.14 -2.29 31.47
N ARG B 188 3.42 -1.35 30.85
CA ARG B 188 3.08 -0.09 31.50
C ARG B 188 1.92 -0.15 32.52
N ALA B 189 0.81 -0.81 32.14
CA ALA B 189 -0.34 -0.96 33.06
C ALA B 189 0.05 -1.54 34.43
N ALA B 190 0.93 -2.55 34.42
CA ALA B 190 1.58 -3.05 35.63
C ALA B 190 1.96 -1.93 36.64
N PHE B 191 2.59 -0.87 36.16
CA PHE B 191 3.08 0.18 37.05
C PHE B 191 2.03 0.78 37.95
N ARG B 192 0.84 1.04 37.42
CA ARG B 192 -0.23 1.66 38.22
C ARG B 192 -0.65 0.81 39.42
N VAL B 193 -0.74 -0.51 39.24
CA VAL B 193 -1.03 -1.37 40.37
C VAL B 193 0.11 -1.25 41.37
N TRP B 194 1.32 -1.58 40.91
CA TRP B 194 2.54 -1.48 41.73
C TRP B 194 2.60 -0.14 42.47
N THR B 195 2.68 0.96 41.74
CA THR B 195 2.86 2.28 42.34
C THR B 195 1.71 2.73 43.28
N ASP B 196 0.45 2.54 42.89
CA ASP B 196 -0.69 2.86 43.77
C ASP B 196 -0.64 2.03 45.05
N ALA B 197 -0.15 0.80 44.92
CA ALA B 197 -0.02 -0.10 46.07
C ALA B 197 1.07 0.31 47.08
N PHE B 198 2.09 1.08 46.65
CA PHE B 198 2.90 1.78 47.68
C PHE B 198 2.47 3.23 48.01
N VAL B 199 1.40 3.71 47.35
CA VAL B 199 0.62 4.88 47.78
C VAL B 199 -0.34 4.42 48.88
N PHE B 200 -1.60 4.18 48.53
CA PHE B 200 -2.45 3.49 49.49
C PHE B 200 -2.05 2.02 49.42
N PRO B 201 -1.32 1.55 50.46
CA PRO B 201 -1.09 0.12 50.48
C PRO B 201 -2.28 -0.57 51.15
N ASP B 202 -2.85 -1.58 50.49
CA ASP B 202 -3.88 -2.39 51.14
C ASP B 202 -3.44 -2.73 52.58
N ASP B 203 -2.27 -3.39 52.69
CA ASP B 203 -1.61 -3.58 53.98
C ASP B 203 -0.09 -3.46 53.81
N PRO B 204 0.67 -3.42 54.92
CA PRO B 204 2.12 -3.20 54.80
C PRO B 204 2.87 -4.33 54.12
N ALA B 205 2.28 -5.52 54.06
CA ALA B 205 2.90 -6.65 53.40
C ALA B 205 2.69 -6.61 51.88
N GLN B 206 1.67 -5.86 51.46
CA GLN B 206 1.39 -5.70 50.04
C GLN B 206 2.37 -4.78 49.34
N ALA B 207 2.71 -3.68 49.99
CA ALA B 207 3.68 -2.74 49.45
C ALA B 207 5.08 -3.32 49.26
N GLN B 208 5.49 -4.22 50.17
CA GLN B 208 6.81 -4.84 50.04
C GLN B 208 6.79 -5.77 48.85
N THR B 209 5.68 -6.47 48.67
CA THR B 209 5.42 -7.25 47.46
C THR B 209 5.66 -6.37 46.24
N ALA B 210 4.83 -5.34 46.08
CA ALA B 210 4.93 -4.43 44.94
C ALA B 210 6.38 -4.05 44.60
N MET B 211 7.13 -3.59 45.61
CA MET B 211 8.50 -3.09 45.45
C MET B 211 9.48 -4.11 44.94
N ALA B 212 9.44 -5.32 45.49
CA ALA B 212 10.33 -6.41 45.07
C ALA B 212 10.04 -6.78 43.62
N GLU B 213 8.75 -6.81 43.28
CA GLU B 213 8.27 -7.14 41.94
C GLU B 213 8.70 -6.07 40.94
N MET B 214 8.64 -4.82 41.37
CA MET B 214 8.93 -3.69 40.52
C MET B 214 10.44 -3.57 40.36
N SER B 215 11.17 -3.80 41.44
CA SER B 215 12.63 -3.76 41.40
C SER B 215 13.15 -4.95 40.62
N GLY B 216 12.41 -6.07 40.65
CA GLY B 216 12.71 -7.21 39.79
C GLY B 216 12.51 -6.88 38.32
N TYR B 217 11.38 -6.25 38.00
CA TYR B 217 11.08 -5.87 36.62
C TYR B 217 12.12 -4.94 36.02
N LEU B 218 12.42 -3.84 36.74
CA LEU B 218 13.42 -2.86 36.30
C LEU B 218 14.81 -3.46 36.02
N SER B 219 15.29 -4.29 36.95
CA SER B 219 16.56 -4.98 36.80
C SER B 219 16.62 -5.62 35.44
N ARG B 220 15.59 -6.39 35.13
CA ARG B 220 15.46 -7.12 33.87
C ARG B 220 15.34 -6.18 32.66
N LEU B 221 14.47 -5.18 32.77
CA LEU B 221 14.42 -4.16 31.73
C LEU B 221 15.81 -3.50 31.54
N ILE B 222 16.56 -3.38 32.64
CA ILE B 222 17.92 -2.86 32.51
C ILE B 222 18.81 -3.76 31.66
N ASP B 223 18.98 -5.01 32.08
CA ASP B 223 19.94 -5.89 31.41
C ASP B 223 19.60 -6.17 29.95
N SER B 224 18.42 -5.76 29.49
CA SER B 224 18.00 -6.08 28.15
C SER B 224 18.23 -4.89 27.22
N LYS B 225 18.83 -3.83 27.74
CA LYS B 225 19.30 -2.71 26.92
C LYS B 225 20.77 -2.89 26.53
N ARG B 226 21.51 -3.73 27.28
CA ARG B 226 22.93 -3.97 27.03
C ARG B 226 23.08 -4.60 25.66
N GLY B 227 23.99 -4.04 24.88
CA GLY B 227 24.21 -4.48 23.52
C GLY B 227 23.25 -3.93 22.48
N GLN B 228 22.13 -3.33 22.89
CA GLN B 228 21.06 -2.97 21.95
C GLN B 228 21.22 -1.58 21.33
N ASP B 229 22.17 -0.81 21.86
CA ASP B 229 22.43 0.54 21.34
C ASP B 229 21.19 1.43 21.36
N GLY B 230 20.42 1.36 22.44
CA GLY B 230 19.28 2.26 22.58
C GLY B 230 19.76 3.69 22.68
N GLU B 231 18.85 4.62 22.41
CA GLU B 231 19.15 6.04 22.51
C GLU B 231 18.24 6.69 23.50
N ASP B 232 17.40 5.90 24.14
CA ASP B 232 16.59 6.37 25.25
C ASP B 232 17.47 6.66 26.47
N LEU B 233 16.90 7.35 27.47
CA LEU B 233 17.65 7.73 28.67
C LEU B 233 18.16 6.51 29.45
N LEU B 234 17.30 5.51 29.61
CA LEU B 234 17.69 4.34 30.40
C LEU B 234 18.88 3.61 29.76
N SER B 235 18.89 3.53 28.42
CA SER B 235 20.01 2.94 27.66
C SER B 235 21.28 3.69 27.90
N ALA B 236 21.15 4.98 28.14
CA ALA B 236 22.30 5.82 28.28
C ALA B 236 22.89 5.55 29.65
N LEU B 237 22.03 5.50 30.64
CA LEU B 237 22.49 5.20 31.97
C LEU B 237 23.12 3.81 32.03
N VAL B 238 22.48 2.82 31.38
CA VAL B 238 23.05 1.46 31.32
C VAL B 238 24.49 1.45 30.82
N ARG B 239 24.75 2.21 29.76
CA ARG B 239 26.10 2.35 29.23
C ARG B 239 27.02 3.14 30.17
N THR B 240 26.50 4.22 30.74
CA THR B 240 27.27 5.03 31.68
C THR B 240 27.74 4.21 32.86
N SER B 241 26.89 3.28 33.33
CA SER B 241 27.16 2.49 34.50
C SER B 241 28.11 1.37 34.17
N ASP B 242 27.88 0.74 33.02
CA ASP B 242 28.73 -0.34 32.57
C ASP B 242 30.13 0.20 32.29
N GLU B 243 30.21 1.46 31.89
CA GLU B 243 31.50 1.99 31.46
C GLU B 243 32.35 2.26 32.65
N ASP B 244 31.76 2.83 33.70
CA ASP B 244 32.53 3.14 34.90
C ASP B 244 31.65 3.02 36.17
N GLY B 245 31.75 1.86 36.81
CA GLY B 245 30.95 1.52 37.98
C GLY B 245 31.05 2.48 39.14
N SER B 246 32.14 3.24 39.20
CA SER B 246 32.29 4.27 40.24
C SER B 246 31.39 5.47 39.94
N ARG B 247 31.30 5.86 38.66
CA ARG B 247 30.45 6.98 38.25
C ARG B 247 28.94 6.68 38.45
N LEU B 248 28.58 5.39 38.41
CA LEU B 248 27.21 4.97 38.61
C LEU B 248 27.14 3.46 38.88
N THR B 249 26.87 3.08 40.15
CA THR B 249 26.76 1.66 40.58
C THR B 249 25.48 1.09 40.06
N SER B 250 25.44 -0.21 39.82
CA SER B 250 24.19 -0.81 39.34
C SER B 250 23.04 -0.61 40.34
N GLU B 251 23.32 -0.66 41.65
CA GLU B 251 22.31 -0.27 42.64
C GLU B 251 21.73 1.14 42.37
N GLU B 252 22.61 2.07 42.02
CA GLU B 252 22.21 3.43 41.67
C GLU B 252 21.47 3.49 40.34
N LEU B 253 21.91 2.67 39.39
CA LEU B 253 21.22 2.53 38.11
C LEU B 253 19.72 2.12 38.28
N LEU B 254 19.47 0.99 38.95
CA LEU B 254 18.12 0.68 39.43
C LEU B 254 17.48 1.91 40.15
N GLY B 255 18.11 2.34 41.23
CA GLY B 255 17.62 3.43 42.03
C GLY B 255 17.16 4.57 41.15
N MET B 256 17.91 4.81 40.07
CA MET B 256 17.57 5.91 39.15
C MET B 256 16.31 5.61 38.32
N ALA B 257 16.34 4.47 37.64
CA ALA B 257 15.23 4.02 36.84
C ALA B 257 13.96 4.13 37.63
N HIS B 258 14.01 3.65 38.86
CA HIS B 258 12.87 3.66 39.72
C HIS B 258 12.43 5.09 40.01
N ILE B 259 13.32 5.86 40.61
CA ILE B 259 12.96 7.22 41.03
C ILE B 259 12.34 8.00 39.90
N LEU B 260 12.93 7.94 38.71
CA LEU B 260 12.42 8.73 37.59
C LEU B 260 11.06 8.25 37.13
N LEU B 261 10.79 6.97 37.31
CA LEU B 261 9.53 6.44 36.84
C LEU B 261 8.43 6.79 37.83
N VAL B 262 8.63 6.38 39.06
CA VAL B 262 7.61 6.52 40.07
C VAL B 262 7.30 8.00 40.35
N ALA B 263 8.35 8.80 40.50
CA ALA B 263 8.16 10.20 40.84
C ALA B 263 7.80 11.01 39.62
N GLY B 264 7.44 10.34 38.53
CA GLY B 264 7.13 10.96 37.23
C GLY B 264 5.79 10.50 36.70
N HIS B 265 5.26 9.40 37.29
N HIS B 265 5.27 9.44 37.31
CA HIS B 265 3.84 9.10 37.18
CA HIS B 265 3.89 9.08 37.12
C HIS B 265 3.17 9.90 38.26
C HIS B 265 3.08 9.81 38.21
N GLU B 266 3.04 9.22 39.41
CA GLU B 266 2.22 9.65 40.56
C GLU B 266 2.09 11.12 40.90
N THR B 267 3.20 11.85 40.88
CA THR B 267 3.07 13.22 41.29
C THR B 267 2.28 13.95 40.23
N THR B 268 2.64 13.79 38.97
CA THR B 268 2.01 14.55 37.91
C THR B 268 0.53 14.18 37.78
N VAL B 269 0.28 12.88 37.73
CA VAL B 269 -1.08 12.34 37.74
C VAL B 269 -1.98 13.07 38.71
N ASN B 270 -1.47 13.38 39.89
CA ASN B 270 -2.29 13.98 40.91
C ASN B 270 -2.34 15.46 40.83
N LEU B 271 -1.38 16.05 40.12
CA LEU B 271 -1.50 17.45 39.71
C LEU B 271 -2.68 17.64 38.75
N ILE B 272 -2.75 16.80 37.73
CA ILE B 272 -3.83 16.85 36.75
C ILE B 272 -5.20 16.60 37.38
N ALA B 273 -5.31 15.57 38.22
CA ALA B 273 -6.58 15.31 38.94
C ALA B 273 -6.91 16.39 39.98
N ASN B 274 -5.99 16.72 40.89
CA ASN B 274 -6.29 17.75 41.90
C ASN B 274 -6.63 19.07 41.26
N GLY B 275 -5.75 19.48 40.33
CA GLY B 275 -5.87 20.72 39.59
C GLY B 275 -7.17 20.86 38.83
N MET B 276 -7.56 19.82 38.12
CA MET B 276 -8.85 19.88 37.46
C MET B 276 -10.04 19.83 38.40
N TYR B 277 -9.92 19.16 39.54
CA TYR B 277 -10.98 19.13 40.51
C TYR B 277 -11.18 20.51 41.12
N ALA B 278 -10.09 21.16 41.52
CA ALA B 278 -10.16 22.51 42.07
C ALA B 278 -10.89 23.40 41.11
N LEU B 279 -10.60 23.18 39.84
CA LEU B 279 -11.10 24.06 38.79
C LEU B 279 -12.53 23.80 38.45
N LEU B 280 -12.97 22.54 38.60
CA LEU B 280 -14.36 22.17 38.33
C LEU B 280 -15.30 22.45 39.50
N SER B 281 -14.72 22.55 40.70
CA SER B 281 -15.48 22.87 41.90
C SER B 281 -15.40 24.35 42.25
N HIS B 282 -14.99 25.17 41.28
CA HIS B 282 -14.95 26.63 41.39
C HIS B 282 -15.27 27.21 40.03
N PRO B 283 -16.56 27.19 39.64
CA PRO B 283 -17.09 27.69 38.36
C PRO B 283 -16.50 29.01 37.89
N ASP B 284 -16.29 29.94 38.83
CA ASP B 284 -15.75 31.29 38.56
C ASP B 284 -14.37 31.24 37.90
N GLN B 285 -13.49 30.41 38.44
CA GLN B 285 -12.16 30.24 37.88
C GLN B 285 -12.22 29.55 36.53
N LEU B 286 -12.95 28.44 36.45
CA LEU B 286 -13.12 27.71 35.20
C LEU B 286 -13.56 28.63 34.07
N ALA B 287 -14.65 29.37 34.28
CA ALA B 287 -15.12 30.31 33.27
C ALA B 287 -13.99 31.25 32.81
N ALA B 288 -13.38 31.96 33.77
CA ALA B 288 -12.29 32.90 33.49
C ALA B 288 -11.29 32.31 32.52
N LEU B 289 -10.86 31.08 32.82
CA LEU B 289 -9.87 30.37 32.00
C LEU B 289 -10.37 29.92 30.64
N ARG B 290 -11.62 29.46 30.58
CA ARG B 290 -12.26 29.11 29.30
C ARG B 290 -12.17 30.33 28.39
N ALA B 291 -12.43 31.50 28.97
CA ALA B 291 -12.42 32.75 28.21
C ALA B 291 -10.99 33.17 27.82
N ASP B 292 -10.05 33.05 28.77
CA ASP B 292 -8.74 33.67 28.63
C ASP B 292 -7.58 32.67 28.80
N MET B 293 -7.21 32.00 27.72
CA MET B 293 -6.23 30.92 27.82
C MET B 293 -4.84 31.36 28.25
N THR B 294 -4.59 32.67 28.21
CA THR B 294 -3.32 33.22 28.70
C THR B 294 -3.21 33.07 30.24
N LEU B 295 -4.34 32.84 30.91
CA LEU B 295 -4.32 32.59 32.35
C LEU B 295 -3.81 31.21 32.71
N LEU B 296 -3.53 30.37 31.71
CA LEU B 296 -3.19 28.99 31.98
C LEU B 296 -2.01 28.73 32.97
N ASP B 297 -0.79 29.23 32.65
CA ASP B 297 0.39 29.13 33.50
C ASP B 297 0.04 29.55 34.91
N GLY B 298 -0.53 30.74 35.01
CA GLY B 298 -1.11 31.23 36.24
C GLY B 298 -1.89 30.12 36.91
N ALA B 299 -2.88 29.57 36.21
CA ALA B 299 -3.76 28.58 36.80
C ALA B 299 -3.08 27.26 37.15
N VAL B 300 -2.02 26.88 36.45
CA VAL B 300 -1.31 25.66 36.88
C VAL B 300 -0.48 25.91 38.15
N GLU B 301 0.08 27.11 38.28
CA GLU B 301 0.71 27.48 39.54
C GLU B 301 -0.25 27.44 40.73
N GLU B 302 -1.43 28.04 40.60
CA GLU B 302 -2.37 28.00 41.73
C GLU B 302 -2.93 26.60 42.03
N MET B 303 -3.00 25.73 41.03
CA MET B 303 -3.38 24.36 41.28
C MET B 303 -2.32 23.73 42.13
N LEU B 304 -1.05 24.05 41.88
CA LEU B 304 0.04 23.51 42.67
C LEU B 304 0.10 24.10 44.07
N ARG B 305 -0.30 25.37 44.21
CA ARG B 305 -0.32 26.09 45.49
C ARG B 305 -1.53 25.60 46.35
N TYR B 306 -2.70 25.53 45.72
CA TYR B 306 -3.96 25.25 46.41
C TYR B 306 -4.24 23.76 46.59
N GLU B 307 -3.96 22.94 45.56
CA GLU B 307 -4.21 21.51 45.68
C GLU B 307 -3.11 20.66 45.07
N GLY B 308 -1.85 20.96 45.38
CA GLY B 308 -0.70 20.24 44.79
C GLY B 308 -0.78 18.77 45.18
N PRO B 309 -0.13 17.87 44.41
CA PRO B 309 -0.09 16.45 44.74
C PRO B 309 0.75 16.09 45.95
N VAL B 310 1.74 16.90 46.32
CA VAL B 310 2.64 16.52 47.41
C VAL B 310 2.17 17.17 48.69
N GLU B 311 1.50 16.38 49.51
CA GLU B 311 1.01 16.88 50.78
C GLU B 311 2.20 17.07 51.77
N SER B 312 3.07 16.06 51.85
CA SER B 312 4.27 16.11 52.68
C SER B 312 5.53 15.61 51.99
N ALA B 313 6.59 16.39 52.13
CA ALA B 313 7.87 16.09 51.53
C ALA B 313 8.44 14.76 52.03
N THR B 314 9.46 14.26 51.32
CA THR B 314 9.99 12.94 51.62
C THR B 314 10.78 12.96 52.92
N TYR B 315 11.04 11.76 53.45
CA TYR B 315 11.58 11.59 54.78
C TYR B 315 12.87 12.36 55.00
N ARG B 316 12.95 13.05 56.14
CA ARG B 316 14.14 13.76 56.55
C ARG B 316 14.56 13.42 57.98
N PHE B 317 15.88 13.34 58.17
CA PHE B 317 16.44 12.89 59.43
C PHE B 317 17.42 13.91 59.98
N PRO B 318 17.15 14.41 61.17
CA PRO B 318 18.12 15.23 61.90
C PRO B 318 19.34 14.40 62.25
N VAL B 319 20.51 14.84 61.79
CA VAL B 319 21.78 14.14 62.04
C VAL B 319 22.15 14.29 63.50
N GLU B 320 22.13 15.53 63.98
CA GLU B 320 22.18 15.88 65.38
C GLU B 320 20.79 16.37 65.80
N PRO B 321 20.48 16.29 67.10
CA PRO B 321 19.20 16.82 67.61
C PRO B 321 18.90 18.26 67.14
N VAL B 322 17.64 18.55 66.83
CA VAL B 322 17.25 19.89 66.34
C VAL B 322 16.08 20.52 67.09
N ASP B 323 16.25 21.78 67.45
CA ASP B 323 15.28 22.53 68.24
C ASP B 323 14.65 23.63 67.39
N LEU B 324 13.34 23.52 67.20
CA LEU B 324 12.52 24.49 66.49
C LEU B 324 11.56 25.13 67.49
N ASP B 325 11.75 26.42 67.73
CA ASP B 325 10.88 27.19 68.64
C ASP B 325 10.45 26.33 69.84
N GLY B 326 11.40 25.68 70.49
CA GLY B 326 11.13 24.98 71.75
C GLY B 326 10.90 23.47 71.69
N THR B 327 10.57 23.00 70.48
CA THR B 327 10.33 21.58 70.27
C THR B 327 11.65 21.00 69.78
N VAL B 328 12.22 20.09 70.58
CA VAL B 328 13.51 19.44 70.26
C VAL B 328 13.25 18.10 69.55
N ILE B 329 13.58 18.01 68.26
CA ILE B 329 13.38 16.75 67.53
C ILE B 329 14.64 15.89 67.58
N PRO B 330 14.54 14.68 68.17
CA PRO B 330 15.70 13.82 68.40
C PRO B 330 16.38 13.41 67.11
N ALA B 331 17.66 13.10 67.17
CA ALA B 331 18.38 12.66 66.00
C ALA B 331 17.82 11.31 65.53
N GLY B 332 17.78 11.10 64.21
CA GLY B 332 17.37 9.81 63.64
C GLY B 332 15.89 9.71 63.36
N ASP B 333 15.12 10.60 63.99
CA ASP B 333 13.69 10.69 63.76
C ASP B 333 13.37 11.08 62.33
N THR B 334 12.22 10.59 61.90
CA THR B 334 11.62 10.92 60.62
C THR B 334 10.85 12.26 60.71
N VAL B 335 11.05 13.11 59.71
CA VAL B 335 10.43 14.42 59.71
C VAL B 335 9.75 14.63 58.37
N LEU B 336 8.51 15.09 58.42
N LEU B 336 8.51 15.07 58.40
CA LEU B 336 7.77 15.46 57.23
CA LEU B 336 7.79 15.44 57.19
C LEU B 336 7.53 16.97 57.18
C LEU B 336 7.50 16.95 57.17
N VAL B 337 7.83 17.59 56.06
CA VAL B 337 7.47 18.98 55.87
C VAL B 337 6.15 18.92 55.12
N VAL B 338 5.11 19.32 55.83
CA VAL B 338 3.75 19.34 55.37
C VAL B 338 3.64 20.56 54.46
N LEU B 339 3.90 20.33 53.18
CA LEU B 339 3.78 21.37 52.15
C LEU B 339 2.38 21.94 52.13
N ALA B 340 1.38 21.05 52.21
CA ALA B 340 -0.03 21.40 52.25
C ALA B 340 -0.31 22.60 53.15
N ASP B 341 0.22 22.55 54.38
CA ASP B 341 0.03 23.61 55.39
C ASP B 341 0.89 24.84 55.11
N ALA B 342 2.09 24.64 54.61
CA ALA B 342 2.87 25.77 54.17
C ALA B 342 2.07 26.60 53.17
N HIS B 343 1.28 25.95 52.33
CA HIS B 343 0.53 26.66 51.29
C HIS B 343 -0.78 27.25 51.76
N ARG B 344 -1.08 27.14 53.04
CA ARG B 344 -2.26 27.78 53.54
C ARG B 344 -1.92 28.72 54.68
N THR B 345 -0.66 29.14 54.77
CA THR B 345 -0.26 30.09 55.80
C THR B 345 -0.73 31.47 55.36
N PRO B 346 -1.67 32.06 56.11
CA PRO B 346 -2.28 33.32 55.65
C PRO B 346 -1.25 34.45 55.57
N GLU B 347 -0.18 34.32 56.34
CA GLU B 347 0.91 35.29 56.34
C GLU B 347 1.61 35.30 55.00
N ARG B 348 1.53 34.19 54.28
CA ARG B 348 2.29 34.02 53.05
C ARG B 348 1.42 34.01 51.76
N PHE B 349 0.21 33.50 51.92
CA PHE B 349 -0.76 33.46 50.85
C PHE B 349 -2.04 33.98 51.50
N PRO B 350 -2.32 35.28 51.31
CA PRO B 350 -3.50 35.86 51.98
C PRO B 350 -4.80 35.29 51.40
N ASP B 351 -5.79 35.09 52.27
CA ASP B 351 -7.02 34.35 51.96
C ASP B 351 -6.63 33.01 51.33
N PRO B 352 -5.88 32.17 52.09
CA PRO B 352 -5.24 30.95 51.51
C PRO B 352 -6.23 29.89 51.02
N HIS B 353 -7.44 29.88 51.59
CA HIS B 353 -8.44 28.87 51.22
C HIS B 353 -9.19 29.24 49.96
N ARG B 354 -8.95 30.45 49.45
CA ARG B 354 -9.50 30.82 48.16
C ARG B 354 -8.64 30.22 47.05
N PHE B 355 -9.28 29.68 46.03
CA PHE B 355 -8.63 29.23 44.82
C PHE B 355 -8.71 30.32 43.73
N ASP B 356 -7.56 30.92 43.39
CA ASP B 356 -7.55 32.13 42.56
C ASP B 356 -6.46 32.09 41.48
N ILE B 357 -6.89 31.86 40.24
CA ILE B 357 -5.93 31.58 39.17
C ILE B 357 -5.02 32.74 38.81
N ARG B 358 -5.30 33.90 39.39
CA ARG B 358 -4.57 35.14 39.09
C ARG B 358 -3.59 35.56 40.19
N ARG B 359 -3.63 34.86 41.33
CA ARG B 359 -2.84 35.27 42.47
C ARG B 359 -1.34 35.03 42.26
N ASP B 360 -0.53 35.70 43.06
CA ASP B 360 0.89 35.55 42.92
C ASP B 360 1.28 34.24 43.55
N THR B 361 1.64 33.24 42.74
CA THR B 361 2.05 31.93 43.28
C THR B 361 3.57 31.79 43.58
N ALA B 362 4.36 32.75 43.11
CA ALA B 362 5.80 32.73 43.25
C ALA B 362 6.35 32.47 44.68
N GLY B 363 7.19 31.44 44.79
CA GLY B 363 7.80 31.06 46.06
C GLY B 363 7.03 29.98 46.78
N HIS B 364 6.11 29.31 46.06
CA HIS B 364 5.41 28.16 46.64
C HIS B 364 6.38 27.02 46.76
N LEU B 365 5.98 26.02 47.54
CA LEU B 365 6.85 24.90 47.88
C LEU B 365 6.37 23.59 47.27
N ALA B 366 5.43 23.64 46.31
CA ALA B 366 4.94 22.43 45.63
C ALA B 366 6.01 21.51 45.01
N PHE B 367 7.13 22.10 44.61
CA PHE B 367 8.23 21.35 44.08
C PHE B 367 9.42 21.31 45.05
N GLY B 368 9.19 21.78 46.27
CA GLY B 368 10.23 21.79 47.28
C GLY B 368 11.17 22.97 47.11
N HIS B 369 12.36 22.85 47.68
CA HIS B 369 13.24 23.97 47.89
C HIS B 369 14.54 23.49 48.46
N GLY B 370 15.67 23.98 47.90
CA GLY B 370 17.01 23.56 48.34
C GLY B 370 17.53 22.53 47.37
N ILE B 371 18.56 21.80 47.76
CA ILE B 371 19.24 20.95 46.76
C ILE B 371 18.37 19.91 46.03
N HIS B 372 17.24 19.50 46.62
CA HIS B 372 16.38 18.48 45.98
C HIS B 372 15.23 19.08 45.17
N PHE B 373 15.30 20.38 44.88
CA PHE B 373 14.29 20.98 44.02
C PHE B 373 13.95 20.11 42.80
N CYS B 374 12.67 19.81 42.63
CA CYS B 374 12.24 18.94 41.52
C CYS B 374 12.99 19.12 40.22
N ILE B 375 13.53 18.01 39.74
CA ILE B 375 14.22 17.96 38.47
C ILE B 375 13.23 17.96 37.30
N GLY B 376 11.98 17.60 37.58
CA GLY B 376 10.97 17.37 36.56
C GLY B 376 9.97 18.50 36.40
N ALA B 377 10.20 19.59 37.15
CA ALA B 377 9.27 20.69 37.21
C ALA B 377 8.81 21.09 35.83
N PRO B 378 9.78 21.37 34.94
CA PRO B 378 9.41 21.75 33.58
C PRO B 378 8.57 20.69 32.85
N LEU B 379 8.84 19.41 33.07
CA LEU B 379 8.13 18.34 32.41
C LEU B 379 6.71 18.29 32.94
N ALA B 380 6.60 18.33 34.25
CA ALA B 380 5.30 18.40 34.88
C ALA B 380 4.51 19.57 34.35
N ARG B 381 5.14 20.73 34.26
CA ARG B 381 4.35 21.88 33.89
C ARG B 381 3.87 21.70 32.47
N LEU B 382 4.76 21.24 31.62
CA LEU B 382 4.40 21.01 30.23
C LEU B 382 3.22 20.03 30.13
N GLU B 383 3.26 18.95 30.90
CA GLU B 383 2.17 17.99 30.82
C GLU B 383 0.87 18.58 31.32
N ALA B 384 0.92 19.17 32.50
CA ALA B 384 -0.30 19.68 33.11
C ALA B 384 -0.92 20.89 32.37
N ARG B 385 -0.14 21.65 31.59
CA ARG B 385 -0.68 22.80 30.86
C ARG B 385 -1.39 22.38 29.59
N ILE B 386 -0.73 21.49 28.86
CA ILE B 386 -1.36 20.78 27.75
C ILE B 386 -2.65 20.02 28.20
N ALA B 387 -2.54 19.16 29.20
CA ALA B 387 -3.71 18.46 29.75
C ALA B 387 -4.88 19.40 30.00
N VAL B 388 -4.65 20.38 30.87
CA VAL B 388 -5.71 21.25 31.31
C VAL B 388 -6.32 21.93 30.11
N ARG B 389 -5.51 22.59 29.30
CA ARG B 389 -6.02 23.29 28.13
C ARG B 389 -6.88 22.42 27.23
N ALA B 390 -6.38 21.24 26.85
CA ALA B 390 -7.09 20.39 25.92
C ALA B 390 -8.47 19.92 26.41
N LEU B 391 -8.63 19.84 27.73
CA LEU B 391 -9.94 19.48 28.30
C LEU B 391 -10.89 20.63 28.28
N LEU B 392 -10.37 21.84 28.47
CA LEU B 392 -11.24 23.01 28.39
C LEU B 392 -11.68 23.34 26.95
N GLU B 393 -10.76 23.25 26.01
CA GLU B 393 -11.08 23.61 24.62
C GLU B 393 -12.07 22.62 23.96
N ARG B 394 -12.15 21.39 24.49
CA ARG B 394 -12.80 20.28 23.77
C ARG B 394 -14.05 19.64 24.44
N CYS B 395 -14.22 19.90 25.74
CA CYS B 395 -15.36 19.41 26.48
C CYS B 395 -16.25 20.60 26.78
N PRO B 396 -17.25 20.84 25.91
CA PRO B 396 -18.10 22.00 26.11
C PRO B 396 -18.86 21.80 27.40
N ASP B 397 -19.06 22.89 28.15
CA ASP B 397 -19.82 22.86 29.42
C ASP B 397 -19.42 21.74 30.44
N LEU B 398 -18.14 21.34 30.40
CA LEU B 398 -17.59 20.36 31.35
C LEU B 398 -17.85 20.71 32.80
N ALA B 399 -18.19 19.70 33.60
CA ALA B 399 -18.39 19.88 35.03
C ALA B 399 -18.23 18.56 35.76
N LEU B 400 -18.12 18.63 37.08
CA LEU B 400 -18.11 17.46 37.96
C LEU B 400 -19.40 16.71 37.78
N ASP B 401 -19.34 15.38 37.73
CA ASP B 401 -20.57 14.57 37.65
C ASP B 401 -21.25 14.41 39.00
N VAL B 402 -20.44 14.12 40.01
CA VAL B 402 -20.96 13.91 41.34
C VAL B 402 -20.65 15.13 42.24
N SER B 403 -21.30 15.18 43.41
CA SER B 403 -21.03 16.18 44.48
C SER B 403 -19.53 16.27 44.86
N PRO B 404 -19.06 17.44 45.39
CA PRO B 404 -17.62 17.53 45.74
C PRO B 404 -17.20 16.70 46.97
N GLY B 405 -18.17 16.11 47.66
CA GLY B 405 -17.92 15.26 48.84
C GLY B 405 -18.57 13.88 48.76
N GLU B 406 -18.79 13.40 47.53
CA GLU B 406 -19.03 11.98 47.30
C GLU B 406 -17.73 11.47 46.71
N LEU B 407 -16.69 12.30 46.81
CA LEU B 407 -15.38 11.98 46.27
C LEU B 407 -14.53 11.31 47.33
N VAL B 408 -13.54 10.55 46.88
CA VAL B 408 -12.79 9.71 47.78
C VAL B 408 -11.28 9.95 47.63
N TRP B 409 -10.67 10.51 48.66
CA TRP B 409 -9.22 10.74 48.70
C TRP B 409 -8.50 9.57 49.36
N TYR B 410 -7.23 9.38 49.04
CA TYR B 410 -6.39 8.39 49.72
C TYR B 410 -6.01 8.84 51.12
N PRO B 411 -5.93 7.88 52.07
CA PRO B 411 -5.68 8.18 53.50
C PRO B 411 -4.34 8.86 53.70
N ASN B 412 -3.38 8.45 52.88
CA ASN B 412 -2.03 8.96 52.94
C ASN B 412 -1.80 10.46 53.25
N PRO B 413 -0.84 10.73 54.15
CA PRO B 413 -0.47 12.09 54.55
C PRO B 413 0.55 12.71 53.62
N MET B 414 1.22 11.89 52.81
CA MET B 414 2.35 12.36 52.02
C MET B 414 1.99 12.79 50.63
N ILE B 415 0.94 12.17 50.11
CA ILE B 415 0.50 12.35 48.74
C ILE B 415 -1.00 12.57 48.76
N ARG B 416 -1.45 13.60 48.05
CA ARG B 416 -2.86 13.96 48.07
C ARG B 416 -3.42 13.70 46.68
N GLY B 417 -4.23 12.67 46.57
CA GLY B 417 -4.85 12.35 45.30
C GLY B 417 -6.18 11.64 45.42
N LEU B 418 -6.90 11.55 44.32
CA LEU B 418 -8.26 11.04 44.30
C LEU B 418 -8.33 9.61 43.78
N LYS B 419 -9.28 8.84 44.31
CA LYS B 419 -9.58 7.52 43.78
C LYS B 419 -10.11 7.63 42.33
N ALA B 420 -11.01 8.58 42.11
CA ALA B 420 -11.53 8.85 40.77
C ALA B 420 -12.04 10.28 40.68
N LEU B 421 -12.12 10.82 39.47
CA LEU B 421 -12.79 12.10 39.26
C LEU B 421 -13.90 11.99 38.20
N PRO B 422 -15.16 11.69 38.63
CA PRO B 422 -16.24 11.57 37.66
C PRO B 422 -16.63 12.94 37.14
N ILE B 423 -16.48 13.13 35.84
CA ILE B 423 -16.83 14.39 35.22
C ILE B 423 -17.85 14.12 34.12
N ARG B 424 -18.42 15.18 33.57
CA ARG B 424 -19.25 15.06 32.34
C ARG B 424 -19.30 16.35 31.53
N TRP B 425 -19.78 16.22 30.29
CA TRP B 425 -19.83 17.34 29.37
C TRP B 425 -21.15 17.35 28.55
N ARG B 426 -21.47 18.48 27.90
CA ARG B 426 -22.60 18.57 26.96
C ARG B 426 -22.55 17.59 25.76
N SER C 31 48.29 -26.87 -28.01
CA SER C 31 49.17 -26.64 -29.20
C SER C 31 50.66 -27.00 -28.92
N PRO C 32 51.60 -26.03 -29.10
CA PRO C 32 53.01 -26.38 -29.26
C PRO C 32 53.74 -26.44 -27.92
N PRO C 33 54.83 -27.25 -27.82
CA PRO C 33 55.54 -27.47 -26.57
C PRO C 33 56.44 -26.31 -26.16
N VAL C 34 56.63 -26.20 -24.87
CA VAL C 34 57.17 -25.01 -24.23
C VAL C 34 58.55 -25.33 -23.69
N LEU C 35 58.91 -26.59 -23.83
CA LEU C 35 60.14 -27.09 -23.33
C LEU C 35 60.38 -28.43 -23.97
N ASP C 36 61.60 -28.61 -24.44
CA ASP C 36 62.06 -29.86 -24.99
C ASP C 36 63.00 -30.44 -23.94
N LEU C 37 62.55 -31.50 -23.31
CA LEU C 37 63.30 -32.10 -22.22
C LEU C 37 64.65 -32.61 -22.70
N GLY C 38 64.67 -33.15 -23.92
CA GLY C 38 65.90 -33.63 -24.53
C GLY C 38 66.98 -32.57 -24.65
N ALA C 39 66.60 -31.33 -24.99
CA ALA C 39 67.56 -30.24 -25.03
C ALA C 39 68.16 -29.86 -23.66
N LEU C 40 67.53 -30.29 -22.56
CA LEU C 40 68.05 -29.99 -21.22
C LEU C 40 69.23 -30.88 -20.82
N GLY C 41 69.37 -32.01 -21.51
CA GLY C 41 70.50 -32.90 -21.33
C GLY C 41 70.59 -33.69 -20.04
N GLN C 42 71.81 -33.91 -19.58
CA GLN C 42 72.09 -34.75 -18.42
C GLN C 42 71.74 -34.05 -17.11
N ASP C 43 71.82 -32.71 -17.06
CA ASP C 43 71.39 -31.96 -15.86
C ASP C 43 69.93 -32.29 -15.53
N PHE C 44 69.07 -32.30 -16.54
CA PHE C 44 67.70 -32.69 -16.28
C PHE C 44 67.67 -34.12 -15.75
N ALA C 45 68.12 -35.09 -16.55
CA ALA C 45 68.21 -36.48 -16.10
C ALA C 45 68.57 -36.60 -14.62
N ALA C 46 69.56 -35.87 -14.14
CA ALA C 46 70.04 -36.07 -12.77
C ALA C 46 69.29 -35.27 -11.69
N ASP C 47 68.86 -34.06 -12.03
CA ASP C 47 68.01 -33.34 -11.10
C ASP C 47 66.81 -32.75 -11.83
N PRO C 48 65.79 -33.57 -12.10
CA PRO C 48 64.65 -33.01 -12.82
C PRO C 48 63.77 -32.07 -11.95
N TYR C 49 63.83 -32.25 -10.63
CA TYR C 49 62.89 -31.64 -9.65
C TYR C 49 62.64 -30.11 -9.77
N PRO C 50 63.72 -29.30 -9.82
CA PRO C 50 63.62 -27.85 -10.06
C PRO C 50 62.86 -27.40 -11.33
N THR C 51 62.72 -28.28 -12.32
CA THR C 51 62.06 -27.95 -13.57
C THR C 51 60.57 -28.12 -13.41
N TYR C 52 60.16 -29.28 -12.89
CA TYR C 52 58.75 -29.52 -12.50
C TYR C 52 58.21 -28.46 -11.54
N ALA C 53 59.03 -28.12 -10.53
CA ALA C 53 58.73 -27.04 -9.58
C ALA C 53 58.42 -25.75 -10.35
N ARG C 54 59.35 -25.38 -11.22
CA ARG C 54 59.16 -24.19 -12.06
C ARG C 54 57.82 -24.27 -12.77
N LEU C 55 57.52 -25.41 -13.39
CA LEU C 55 56.24 -25.59 -14.09
C LEU C 55 55.08 -25.54 -13.13
N ARG C 56 55.17 -26.23 -11.99
CA ARG C 56 54.07 -26.28 -11.02
C ARG C 56 53.75 -24.88 -10.49
N ALA C 57 54.78 -24.05 -10.39
CA ALA C 57 54.55 -22.70 -9.94
C ALA C 57 53.65 -21.95 -10.91
N GLU C 58 53.77 -22.25 -12.21
CA GLU C 58 53.03 -21.53 -13.26
C GLU C 58 51.68 -22.16 -13.58
N GLY C 59 51.40 -23.32 -12.99
CA GLY C 59 50.20 -24.05 -13.32
C GLY C 59 50.30 -25.56 -13.18
N PRO C 60 49.15 -26.23 -13.33
CA PRO C 60 48.99 -27.66 -13.10
C PRO C 60 49.44 -28.57 -14.26
N ALA C 61 49.31 -28.12 -15.50
CA ALA C 61 49.59 -28.97 -16.65
C ALA C 61 50.37 -28.20 -17.71
N HIS C 62 51.18 -28.92 -18.50
CA HIS C 62 52.20 -28.30 -19.37
C HIS C 62 52.56 -29.12 -20.59
N ARG C 63 52.68 -28.46 -21.74
CA ARG C 63 53.00 -29.13 -23.00
C ARG C 63 54.51 -29.29 -23.18
N VAL C 64 55.02 -30.50 -22.96
CA VAL C 64 56.43 -30.73 -23.25
C VAL C 64 56.70 -31.84 -24.26
N ARG C 65 57.96 -31.87 -24.70
CA ARG C 65 58.44 -32.94 -25.53
C ARG C 65 59.49 -33.74 -24.79
N THR C 66 59.30 -35.06 -24.80
CA THR C 66 60.22 -36.00 -24.14
C THR C 66 61.62 -36.03 -24.79
N PRO C 67 62.63 -36.55 -24.07
CA PRO C 67 63.94 -36.72 -24.70
C PRO C 67 63.95 -37.71 -25.85
N GLU C 68 62.91 -38.54 -25.98
CA GLU C 68 62.76 -39.42 -27.14
C GLU C 68 62.03 -38.78 -28.33
N GLY C 69 61.43 -37.62 -28.13
CA GLY C 69 60.78 -36.92 -29.24
C GLY C 69 59.27 -36.93 -29.26
N ASN C 70 58.59 -37.45 -28.24
CA ASN C 70 57.12 -37.37 -28.23
C ASN C 70 56.60 -36.07 -27.63
N GLU C 71 55.38 -35.67 -27.99
CA GLU C 71 54.76 -34.56 -27.32
C GLU C 71 53.68 -35.03 -26.38
N VAL C 72 53.79 -34.58 -25.13
CA VAL C 72 52.94 -35.05 -24.03
C VAL C 72 52.61 -33.91 -23.07
N TRP C 73 51.68 -34.18 -22.16
CA TRP C 73 51.39 -33.21 -21.11
C TRP C 73 51.90 -33.73 -19.78
N LEU C 74 52.69 -32.90 -19.09
CA LEU C 74 53.02 -33.15 -17.69
C LEU C 74 51.94 -32.60 -16.75
N VAL C 75 51.52 -33.41 -15.77
CA VAL C 75 50.66 -32.96 -14.67
C VAL C 75 51.48 -32.98 -13.40
N VAL C 76 51.61 -31.81 -12.79
CA VAL C 76 52.56 -31.56 -11.70
C VAL C 76 51.84 -31.18 -10.42
N GLY C 77 52.51 -31.30 -9.28
CA GLY C 77 51.92 -30.95 -7.99
C GLY C 77 51.12 -32.08 -7.38
N TYR C 78 51.31 -32.30 -6.08
CA TYR C 78 50.72 -33.46 -5.44
C TYR C 78 49.22 -33.72 -5.68
N ASP C 79 48.37 -32.75 -5.31
CA ASP C 79 46.91 -32.93 -5.32
C ASP C 79 46.31 -33.24 -6.69
N ARG C 80 46.80 -32.56 -7.71
CA ARG C 80 46.29 -32.76 -9.05
C ARG C 80 46.72 -34.15 -9.55
N ALA C 81 47.91 -34.56 -9.16
CA ALA C 81 48.48 -35.81 -9.57
C ALA C 81 47.65 -36.94 -8.97
N ARG C 82 47.33 -36.84 -7.69
CA ARG C 82 46.55 -37.89 -7.08
C ARG C 82 45.15 -37.93 -7.71
N ALA C 83 44.61 -36.77 -8.01
CA ALA C 83 43.33 -36.64 -8.68
C ALA C 83 43.33 -37.38 -10.03
N VAL C 84 44.23 -36.96 -10.93
CA VAL C 84 44.28 -37.52 -12.28
C VAL C 84 44.56 -39.02 -12.34
N LEU C 85 45.49 -39.51 -11.50
CA LEU C 85 45.78 -40.96 -11.38
C LEU C 85 44.54 -41.84 -11.19
N ALA C 86 43.49 -41.28 -10.62
CA ALA C 86 42.31 -42.02 -10.30
C ALA C 86 41.09 -41.46 -10.99
N ASP C 87 41.26 -40.43 -11.84
CA ASP C 87 40.12 -39.88 -12.56
C ASP C 87 39.77 -40.76 -13.74
N PRO C 88 38.57 -41.34 -13.73
CA PRO C 88 38.13 -42.19 -14.84
C PRO C 88 37.95 -41.43 -16.15
N ARG C 89 38.03 -40.09 -16.12
CA ARG C 89 37.99 -39.30 -17.35
C ARG C 89 39.34 -39.38 -18.04
N PHE C 90 40.28 -40.06 -17.37
CA PHE C 90 41.61 -40.31 -17.92
C PHE C 90 41.79 -41.81 -18.21
N SER C 91 41.54 -42.19 -19.47
CA SER C 91 41.58 -43.58 -19.94
C SER C 91 43.03 -44.06 -20.14
N LYS C 92 43.24 -45.38 -20.19
CA LYS C 92 44.57 -45.91 -20.54
C LYS C 92 44.57 -46.80 -21.80
N ASP C 93 43.38 -47.00 -22.36
CA ASP C 93 43.18 -47.72 -23.61
C ASP C 93 43.70 -46.80 -24.70
N TRP C 94 44.52 -47.31 -25.62
CA TRP C 94 45.02 -46.50 -26.75
C TRP C 94 43.99 -46.26 -27.85
N ARG C 95 42.81 -46.87 -27.75
CA ARG C 95 41.68 -46.56 -28.65
C ARG C 95 41.16 -45.15 -28.35
N ASN C 96 41.35 -44.74 -27.11
CA ASN C 96 41.10 -43.39 -26.67
C ASN C 96 42.26 -42.43 -26.89
N SER C 97 43.22 -42.80 -27.75
CA SER C 97 44.33 -41.91 -28.08
C SER C 97 44.43 -41.52 -29.55
N THR C 98 44.75 -40.25 -29.80
CA THR C 98 44.86 -39.73 -31.16
C THR C 98 46.18 -40.06 -31.84
N THR C 99 47.09 -40.69 -31.08
CA THR C 99 48.38 -41.14 -31.59
C THR C 99 48.31 -42.66 -31.81
N PRO C 100 48.78 -43.15 -32.97
CA PRO C 100 48.66 -44.60 -33.21
C PRO C 100 49.94 -45.39 -32.91
N LEU C 101 49.78 -46.59 -32.35
CA LEU C 101 50.86 -47.54 -32.09
C LEU C 101 51.53 -48.10 -33.36
N THR C 102 52.83 -48.34 -33.28
CA THR C 102 53.54 -49.04 -34.35
C THR C 102 53.28 -50.54 -34.21
N GLU C 103 53.49 -51.30 -35.28
CA GLU C 103 53.32 -52.77 -35.25
C GLU C 103 53.84 -53.42 -33.97
N ALA C 104 55.03 -53.00 -33.53
CA ALA C 104 55.70 -53.57 -32.34
C ALA C 104 55.00 -53.21 -31.04
N GLU C 105 54.65 -51.94 -30.91
CA GLU C 105 53.83 -51.47 -29.81
C GLU C 105 52.41 -52.06 -29.80
N ALA C 106 51.77 -52.12 -30.98
CA ALA C 106 50.41 -52.70 -31.10
C ALA C 106 50.36 -54.15 -30.64
N ALA C 107 51.42 -54.89 -30.85
CA ALA C 107 51.45 -56.30 -30.44
C ALA C 107 51.33 -56.46 -28.91
N LEU C 108 51.96 -55.55 -28.17
CA LEU C 108 52.12 -55.65 -26.72
C LEU C 108 51.08 -54.93 -25.87
N ASN C 109 50.35 -53.99 -26.45
CA ASN C 109 49.47 -53.18 -25.62
C ASN C 109 48.31 -53.92 -24.94
N HIS C 110 48.16 -55.22 -25.17
CA HIS C 110 47.02 -55.92 -24.57
C HIS C 110 47.24 -56.37 -23.13
N ASN C 111 47.75 -55.48 -22.32
CA ASN C 111 47.90 -55.78 -20.90
C ASN C 111 47.01 -54.82 -20.08
N MET C 112 46.86 -55.16 -18.80
CA MET C 112 45.89 -54.50 -17.89
C MET C 112 46.17 -53.03 -17.61
N LEU C 113 47.42 -52.60 -17.78
CA LEU C 113 47.85 -51.24 -17.49
C LEU C 113 47.49 -50.28 -18.62
N GLU C 114 47.14 -50.85 -19.77
CA GLU C 114 46.80 -50.05 -20.93
C GLU C 114 45.41 -50.48 -21.30
N SER C 115 44.65 -50.78 -20.24
CA SER C 115 43.26 -51.15 -20.29
C SER C 115 42.44 -50.28 -19.36
N ASP C 116 41.15 -50.10 -19.75
CA ASP C 116 40.07 -49.61 -18.87
C ASP C 116 39.17 -50.77 -18.41
N PRO C 117 38.34 -50.55 -17.37
CA PRO C 117 37.28 -51.54 -17.07
C PRO C 117 36.27 -51.58 -18.21
N PRO C 118 35.70 -52.76 -18.50
CA PRO C 118 35.78 -54.02 -17.75
C PRO C 118 37.02 -54.86 -18.01
N ARG C 119 37.70 -54.60 -19.13
CA ARG C 119 38.85 -55.39 -19.53
C ARG C 119 39.90 -55.45 -18.45
N HIS C 120 40.17 -54.31 -17.83
CA HIS C 120 41.18 -54.22 -16.78
C HIS C 120 40.80 -55.15 -15.64
N THR C 121 39.51 -55.10 -15.29
CA THR C 121 38.91 -55.95 -14.26
C THR C 121 39.16 -57.42 -14.53
N ARG C 122 38.81 -57.85 -15.75
CA ARG C 122 39.02 -59.22 -16.19
C ARG C 122 40.47 -59.61 -15.96
N LEU C 123 41.35 -58.81 -16.56
CA LEU C 123 42.76 -59.15 -16.64
C LEU C 123 43.48 -59.23 -15.30
N ARG C 124 43.22 -58.28 -14.40
CA ARG C 124 43.84 -58.30 -13.09
C ARG C 124 43.32 -59.48 -12.25
N LYS C 125 42.08 -59.90 -12.50
CA LYS C 125 41.47 -60.93 -11.63
C LYS C 125 42.24 -62.23 -11.73
N LEU C 126 42.77 -62.48 -12.93
CA LEU C 126 43.50 -63.68 -13.21
C LEU C 126 44.82 -63.78 -12.44
N VAL C 127 45.36 -62.65 -11.97
CA VAL C 127 46.67 -62.69 -11.32
C VAL C 127 46.74 -62.18 -9.88
N ALA C 128 45.70 -61.49 -9.45
CA ALA C 128 45.60 -60.96 -8.08
C ALA C 128 46.02 -62.01 -7.06
N ARG C 129 45.42 -63.19 -7.05
CA ARG C 129 45.75 -64.23 -6.05
C ARG C 129 47.25 -64.42 -5.88
N GLU C 130 47.99 -64.30 -6.99
CA GLU C 130 49.42 -64.62 -7.03
C GLU C 130 50.27 -63.60 -6.30
N PHE C 131 49.73 -62.41 -6.07
CA PHE C 131 50.57 -61.27 -5.76
C PHE C 131 50.24 -60.63 -4.44
N THR C 132 49.37 -61.30 -3.70
CA THR C 132 49.00 -60.87 -2.36
C THR C 132 50.16 -60.98 -1.38
N MET C 133 50.19 -60.04 -0.44
CA MET C 133 51.17 -60.01 0.63
C MET C 133 51.46 -61.38 1.20
N ARG C 134 50.43 -62.16 1.50
CA ARG C 134 50.68 -63.45 2.12
C ARG C 134 51.15 -64.52 1.14
N ARG C 135 50.84 -64.41 -0.15
CA ARG C 135 51.41 -65.39 -1.08
C ARG C 135 52.86 -65.11 -1.45
N VAL C 136 53.11 -63.87 -1.78
CA VAL C 136 54.47 -63.34 -1.82
C VAL C 136 55.30 -63.82 -0.61
N GLU C 137 54.74 -63.80 0.60
CA GLU C 137 55.54 -64.13 1.78
C GLU C 137 56.13 -65.51 1.63
N LEU C 138 55.41 -66.41 0.95
CA LEU C 138 55.93 -67.72 0.64
C LEU C 138 57.30 -67.71 -0.09
N LEU C 139 57.67 -66.57 -0.67
CA LEU C 139 58.93 -66.44 -1.41
C LEU C 139 60.12 -66.04 -0.56
N ARG C 140 59.84 -65.53 0.63
CA ARG C 140 60.90 -65.04 1.48
C ARG C 140 62.12 -65.97 1.52
N PRO C 141 61.92 -67.27 1.81
CA PRO C 141 63.16 -68.08 1.89
C PRO C 141 63.98 -68.01 0.59
N ARG C 142 63.29 -68.07 -0.55
CA ARG C 142 63.95 -68.12 -1.85
C ARG C 142 64.61 -66.80 -2.19
N VAL C 143 63.91 -65.71 -1.86
CA VAL C 143 64.42 -64.37 -2.07
C VAL C 143 65.62 -64.06 -1.17
N GLN C 144 65.57 -64.49 0.10
CA GLN C 144 66.68 -64.35 1.02
C GLN C 144 67.91 -64.98 0.39
N GLU C 145 67.66 -66.08 -0.33
CA GLU C 145 68.71 -66.99 -0.80
C GLU C 145 69.42 -66.40 -2.00
N ILE C 146 68.63 -65.85 -2.93
CA ILE C 146 69.18 -65.16 -4.08
C ILE C 146 70.05 -64.01 -3.60
N VAL C 147 69.53 -63.13 -2.74
CA VAL C 147 70.28 -61.97 -2.21
C VAL C 147 71.57 -62.34 -1.49
N ASP C 148 71.55 -63.42 -0.72
CA ASP C 148 72.78 -63.83 -0.08
C ASP C 148 73.84 -64.27 -1.11
N GLY C 149 73.41 -64.95 -2.18
CA GLY C 149 74.33 -65.41 -3.20
C GLY C 149 75.01 -64.22 -3.84
N LEU C 150 74.20 -63.23 -4.16
CA LEU C 150 74.69 -62.06 -4.84
C LEU C 150 75.58 -61.24 -3.92
N VAL C 151 75.20 -61.17 -2.64
CA VAL C 151 76.03 -60.51 -1.61
C VAL C 151 77.33 -61.26 -1.28
N ASP C 152 77.27 -62.59 -1.19
CA ASP C 152 78.48 -63.42 -1.00
C ASP C 152 79.45 -63.09 -2.11
N ALA C 153 78.92 -63.03 -3.35
CA ALA C 153 79.71 -62.79 -4.55
C ALA C 153 80.27 -61.38 -4.63
N MET C 154 79.42 -60.38 -4.42
CA MET C 154 79.87 -58.99 -4.40
C MET C 154 81.07 -58.80 -3.47
N LEU C 155 81.00 -59.38 -2.28
CA LEU C 155 82.00 -59.09 -1.24
C LEU C 155 83.39 -59.67 -1.50
N ALA C 156 83.46 -60.70 -2.35
CA ALA C 156 84.73 -61.38 -2.69
C ALA C 156 85.74 -60.42 -3.33
N ALA C 157 85.27 -59.29 -3.84
CA ALA C 157 86.17 -58.26 -4.32
C ALA C 157 87.26 -58.01 -3.27
N PRO C 158 88.53 -58.28 -3.63
CA PRO C 158 89.66 -57.99 -2.70
C PRO C 158 89.87 -56.49 -2.60
N ASP C 159 89.41 -55.80 -3.63
CA ASP C 159 89.45 -54.34 -3.76
C ASP C 159 88.57 -53.61 -2.73
N GLY C 160 87.55 -54.30 -2.23
CA GLY C 160 86.50 -53.66 -1.44
C GLY C 160 85.58 -52.80 -2.30
N ARG C 161 85.76 -52.85 -3.61
CA ARG C 161 85.12 -51.88 -4.51
C ARG C 161 84.31 -52.58 -5.61
N ALA C 162 83.01 -52.26 -5.64
CA ALA C 162 82.05 -52.93 -6.51
C ALA C 162 81.00 -51.96 -7.08
N ASP C 163 80.20 -52.45 -8.02
CA ASP C 163 79.10 -51.68 -8.61
C ASP C 163 77.72 -52.31 -8.29
N LEU C 164 77.05 -51.70 -7.33
CA LEU C 164 75.88 -52.28 -6.76
C LEU C 164 74.78 -52.62 -7.79
N MET C 165 74.84 -51.97 -8.96
CA MET C 165 73.87 -52.22 -10.00
C MET C 165 74.11 -53.60 -10.65
N GLU C 166 75.32 -53.76 -11.20
CA GLU C 166 75.72 -54.99 -11.83
C GLU C 166 75.59 -56.12 -10.84
N SER C 167 75.98 -55.87 -9.59
CA SER C 167 76.13 -56.92 -8.57
C SER C 167 74.87 -57.41 -7.87
N LEU C 168 73.86 -56.54 -7.72
CA LEU C 168 72.68 -56.88 -6.92
C LEU C 168 71.41 -56.29 -7.50
N ALA C 169 71.41 -54.99 -7.70
CA ALA C 169 70.18 -54.28 -8.07
C ALA C 169 69.48 -54.84 -9.35
N TRP C 170 70.25 -55.22 -10.36
CA TRP C 170 69.65 -55.83 -11.56
C TRP C 170 69.43 -57.38 -11.48
N PRO C 171 70.43 -58.12 -10.92
CA PRO C 171 70.35 -59.59 -10.88
C PRO C 171 69.18 -60.14 -10.07
N LEU C 172 68.76 -59.37 -9.09
CA LEU C 172 67.80 -59.84 -8.11
C LEU C 172 66.36 -59.90 -8.65
N PRO C 173 65.78 -58.75 -9.01
CA PRO C 173 64.38 -58.84 -9.46
C PRO C 173 64.14 -59.76 -10.66
N ILE C 174 65.07 -59.73 -11.61
CA ILE C 174 64.99 -60.64 -12.76
C ILE C 174 65.04 -62.12 -12.36
N THR C 175 65.71 -62.46 -11.27
CA THR C 175 65.80 -63.86 -10.91
C THR C 175 64.50 -64.20 -10.23
N VAL C 176 64.06 -63.32 -9.34
CA VAL C 176 62.84 -63.56 -8.59
C VAL C 176 61.69 -63.70 -9.59
N ILE C 177 61.44 -62.66 -10.38
CA ILE C 177 60.33 -62.72 -11.32
C ILE C 177 60.44 -63.86 -12.35
N SER C 178 61.64 -64.07 -12.90
CA SER C 178 61.81 -65.10 -13.91
C SER C 178 61.35 -66.45 -13.44
N GLU C 179 61.63 -66.76 -12.18
CA GLU C 179 61.31 -68.08 -11.60
C GLU C 179 59.79 -68.32 -11.52
N LEU C 180 59.07 -67.25 -11.15
CA LEU C 180 57.62 -67.22 -11.15
C LEU C 180 57.05 -67.49 -12.53
N LEU C 181 57.64 -66.89 -13.56
CA LEU C 181 57.05 -67.03 -14.88
C LEU C 181 57.63 -68.19 -15.68
N GLY C 182 58.68 -68.81 -15.15
CA GLY C 182 59.30 -69.94 -15.80
C GLY C 182 60.19 -69.53 -16.94
N VAL C 183 60.83 -68.38 -16.84
CA VAL C 183 61.87 -68.00 -17.81
C VAL C 183 63.15 -68.84 -17.59
N PRO C 184 63.43 -69.81 -18.48
CA PRO C 184 64.67 -70.56 -18.21
C PRO C 184 65.84 -69.61 -18.03
N GLU C 185 66.68 -69.88 -17.03
CA GLU C 185 67.82 -69.02 -16.71
C GLU C 185 68.62 -68.49 -17.92
N PRO C 186 68.95 -69.35 -18.90
CA PRO C 186 69.84 -68.81 -19.94
C PRO C 186 69.27 -67.69 -20.80
N ASP C 187 67.96 -67.44 -20.74
CA ASP C 187 67.33 -66.42 -21.60
C ASP C 187 67.16 -65.08 -20.90
N ARG C 188 67.67 -64.99 -19.66
CA ARG C 188 67.44 -63.82 -18.79
C ARG C 188 68.31 -62.61 -19.09
N ALA C 189 69.58 -62.82 -19.47
CA ALA C 189 70.49 -61.71 -19.85
C ALA C 189 69.88 -60.79 -20.93
N ALA C 190 69.30 -61.41 -21.96
CA ALA C 190 68.58 -60.74 -23.07
C ALA C 190 67.63 -59.58 -22.65
N PHE C 191 66.96 -59.76 -21.51
CA PHE C 191 66.06 -58.76 -21.00
C PHE C 191 66.75 -57.49 -20.53
N ARG C 192 67.98 -57.59 -20.03
CA ARG C 192 68.68 -56.36 -19.66
C ARG C 192 69.02 -55.58 -20.92
N VAL C 193 69.40 -56.30 -21.97
CA VAL C 193 69.63 -55.71 -23.29
C VAL C 193 68.32 -55.08 -23.83
N TRP C 194 67.23 -55.86 -23.79
CA TRP C 194 65.93 -55.41 -24.32
C TRP C 194 65.26 -54.28 -23.55
N THR C 195 65.05 -54.52 -22.26
CA THR C 195 64.34 -53.56 -21.42
C THR C 195 64.99 -52.19 -21.60
N ASP C 196 66.31 -52.17 -21.44
CA ASP C 196 67.11 -50.95 -21.52
C ASP C 196 67.02 -50.24 -22.87
N ALA C 197 66.56 -50.96 -23.90
CA ALA C 197 66.33 -50.30 -25.17
C ALA C 197 64.98 -49.57 -25.18
N PHE C 198 64.18 -49.71 -24.12
CA PHE C 198 63.16 -48.67 -23.87
C PHE C 198 63.35 -47.77 -22.63
N VAL C 199 64.35 -48.06 -21.79
CA VAL C 199 64.78 -47.10 -20.77
C VAL C 199 65.62 -45.98 -21.40
N PHE C 200 66.44 -46.39 -22.37
CA PHE C 200 67.39 -45.50 -23.03
C PHE C 200 67.65 -46.07 -24.43
N PRO C 201 66.80 -45.69 -25.41
CA PRO C 201 67.15 -46.01 -26.78
C PRO C 201 68.28 -45.13 -27.30
N ASP C 202 69.17 -45.72 -28.09
CA ASP C 202 70.15 -44.97 -28.89
C ASP C 202 69.41 -44.28 -30.03
N ASP C 203 68.32 -44.89 -30.48
CA ASP C 203 67.42 -44.31 -31.47
C ASP C 203 66.02 -44.87 -31.32
N PRO C 204 65.01 -44.10 -31.77
CA PRO C 204 63.63 -44.58 -31.84
C PRO C 204 63.48 -45.99 -32.43
N ALA C 205 64.27 -46.29 -33.48
CA ALA C 205 64.24 -47.58 -34.16
C ALA C 205 64.81 -48.75 -33.36
N GLN C 206 65.89 -48.54 -32.61
CA GLN C 206 66.42 -49.58 -31.71
C GLN C 206 65.35 -50.11 -30.77
N ALA C 207 64.49 -49.22 -30.27
CA ALA C 207 63.43 -49.59 -29.33
C ALA C 207 62.33 -50.45 -29.96
N GLN C 208 61.86 -50.06 -31.15
CA GLN C 208 60.94 -50.87 -31.94
C GLN C 208 61.45 -52.29 -32.16
N THR C 209 62.75 -52.40 -32.44
CA THR C 209 63.44 -53.68 -32.60
C THR C 209 63.40 -54.49 -31.29
N ALA C 210 63.78 -53.89 -30.17
CA ALA C 210 63.72 -54.62 -28.90
C ALA C 210 62.30 -55.11 -28.56
N MET C 211 61.30 -54.30 -28.84
CA MET C 211 59.93 -54.71 -28.66
C MET C 211 59.60 -55.89 -29.56
N ALA C 212 60.09 -55.86 -30.80
CA ALA C 212 59.79 -56.93 -31.73
C ALA C 212 60.41 -58.24 -31.29
N GLU C 213 61.64 -58.15 -30.75
CA GLU C 213 62.41 -59.34 -30.40
C GLU C 213 61.92 -59.97 -29.11
N MET C 214 61.35 -59.13 -28.24
CA MET C 214 60.78 -59.59 -26.99
C MET C 214 59.40 -60.21 -27.22
N SER C 215 58.54 -59.48 -27.92
CA SER C 215 57.37 -60.04 -28.56
C SER C 215 57.64 -61.47 -29.10
N GLY C 216 58.63 -61.61 -29.98
CA GLY C 216 58.96 -62.92 -30.56
C GLY C 216 59.43 -63.93 -29.53
N TYR C 217 60.43 -63.56 -28.72
CA TYR C 217 60.93 -64.45 -27.66
C TYR C 217 59.79 -65.04 -26.81
N LEU C 218 58.96 -64.16 -26.28
CA LEU C 218 57.82 -64.56 -25.48
C LEU C 218 56.81 -65.54 -26.15
N SER C 219 56.48 -65.31 -27.42
CA SER C 219 55.63 -66.26 -28.13
C SER C 219 56.30 -67.63 -28.28
N ARG C 220 57.61 -67.63 -28.46
CA ARG C 220 58.42 -68.84 -28.44
C ARG C 220 58.41 -69.45 -27.04
N LEU C 221 58.47 -68.63 -26.01
CA LEU C 221 58.42 -69.17 -24.68
C LEU C 221 57.03 -69.80 -24.38
N ILE C 222 55.98 -69.01 -24.56
CA ILE C 222 54.61 -69.45 -24.40
C ILE C 222 54.34 -70.83 -25.02
N ASP C 223 54.75 -70.96 -26.27
CA ASP C 223 54.53 -72.15 -27.06
C ASP C 223 55.22 -73.36 -26.51
N SER C 224 56.47 -73.18 -26.08
CA SER C 224 57.23 -74.25 -25.48
C SER C 224 56.63 -74.72 -24.14
N LYS C 225 55.64 -73.98 -23.60
CA LYS C 225 54.89 -74.45 -22.43
C LYS C 225 53.76 -75.40 -22.82
N ARG C 226 53.13 -75.16 -23.96
CA ARG C 226 52.01 -75.96 -24.45
C ARG C 226 52.23 -77.47 -24.42
N GLY C 227 51.34 -78.17 -23.70
CA GLY C 227 51.33 -79.61 -23.67
C GLY C 227 52.42 -80.19 -22.79
N GLN C 228 53.12 -79.32 -22.05
CA GLN C 228 54.20 -79.78 -21.18
C GLN C 228 53.79 -79.95 -19.73
N ASP C 229 52.55 -79.63 -19.40
CA ASP C 229 52.00 -79.93 -18.08
C ASP C 229 52.69 -79.23 -16.92
N GLY C 230 53.26 -78.06 -17.17
CA GLY C 230 53.99 -77.30 -16.16
C GLY C 230 53.05 -76.65 -15.15
N GLU C 231 53.61 -76.32 -13.97
CA GLU C 231 52.84 -75.81 -12.83
C GLU C 231 53.25 -74.38 -12.50
N ASP C 232 54.26 -73.87 -13.21
CA ASP C 232 54.60 -72.45 -13.13
C ASP C 232 53.45 -71.53 -13.64
N LEU C 233 53.53 -70.25 -13.28
CA LEU C 233 52.49 -69.29 -13.54
C LEU C 233 52.18 -69.16 -15.01
N LEU C 234 53.23 -69.05 -15.82
CA LEU C 234 53.08 -68.85 -17.25
C LEU C 234 52.38 -70.02 -17.92
N SER C 235 52.71 -71.24 -17.51
CA SER C 235 52.08 -72.42 -18.07
C SER C 235 50.59 -72.36 -17.79
N ALA C 236 50.25 -71.93 -16.58
CA ALA C 236 48.86 -71.85 -16.14
C ALA C 236 48.12 -70.84 -16.99
N LEU C 237 48.72 -69.68 -17.22
CA LEU C 237 48.07 -68.68 -18.07
C LEU C 237 47.79 -69.19 -19.49
N VAL C 238 48.76 -69.89 -20.05
CA VAL C 238 48.63 -70.53 -21.36
C VAL C 238 47.48 -71.55 -21.45
N ARG C 239 47.28 -72.33 -20.40
CA ARG C 239 46.14 -73.22 -20.35
C ARG C 239 44.82 -72.44 -20.30
N THR C 240 44.81 -71.35 -19.50
CA THR C 240 43.63 -70.51 -19.36
C THR C 240 43.14 -70.10 -20.72
N SER C 241 44.10 -69.60 -21.48
CA SER C 241 43.90 -68.94 -22.72
C SER C 241 43.66 -69.94 -23.83
N ASP C 242 44.31 -71.09 -23.76
CA ASP C 242 43.99 -72.16 -24.69
C ASP C 242 42.57 -72.64 -24.52
N GLU C 243 42.17 -72.82 -23.27
CA GLU C 243 40.86 -73.27 -22.90
C GLU C 243 39.68 -72.40 -23.34
N ASP C 244 39.83 -71.10 -23.16
CA ASP C 244 38.81 -70.12 -23.44
C ASP C 244 39.51 -68.83 -23.88
N GLY C 245 39.46 -68.54 -25.18
CA GLY C 245 40.11 -67.37 -25.74
C GLY C 245 39.44 -66.09 -25.27
N SER C 246 38.15 -66.19 -24.95
CA SER C 246 37.40 -65.01 -24.50
C SER C 246 37.77 -64.59 -23.06
N ARG C 247 38.30 -65.50 -22.23
CA ARG C 247 38.79 -65.11 -20.89
C ARG C 247 40.19 -64.51 -20.88
N LEU C 248 41.11 -65.12 -21.64
CA LEU C 248 42.40 -64.51 -21.95
C LEU C 248 42.77 -64.78 -23.40
N THR C 249 42.77 -63.74 -24.25
CA THR C 249 43.20 -63.88 -25.67
C THR C 249 44.71 -64.05 -25.79
N SER C 250 45.13 -64.57 -26.93
CA SER C 250 46.55 -64.89 -27.12
C SER C 250 47.43 -63.63 -27.09
N GLU C 251 46.88 -62.51 -27.56
CA GLU C 251 47.50 -61.18 -27.41
C GLU C 251 47.57 -60.81 -25.93
N GLU C 252 46.41 -60.91 -25.29
CA GLU C 252 46.31 -60.72 -23.88
C GLU C 252 47.32 -61.63 -23.16
N LEU C 253 47.46 -62.84 -23.65
CA LEU C 253 48.40 -63.76 -23.01
C LEU C 253 49.82 -63.21 -23.13
N LEU C 254 50.22 -62.79 -24.33
CA LEU C 254 51.55 -62.25 -24.56
C LEU C 254 51.70 -60.99 -23.70
N GLY C 255 50.66 -60.18 -23.71
CA GLY C 255 50.61 -58.94 -22.97
C GLY C 255 50.90 -59.16 -21.51
N MET C 256 50.23 -60.15 -20.92
CA MET C 256 50.46 -60.48 -19.51
C MET C 256 51.94 -60.80 -19.21
N ALA C 257 52.48 -61.77 -19.95
CA ALA C 257 53.86 -62.19 -19.78
C ALA C 257 54.78 -60.99 -19.87
N HIS C 258 54.55 -60.16 -20.88
CA HIS C 258 55.33 -58.96 -21.04
C HIS C 258 55.28 -58.05 -19.79
N ILE C 259 54.10 -57.56 -19.48
CA ILE C 259 53.89 -56.67 -18.36
C ILE C 259 54.43 -57.24 -17.03
N LEU C 260 54.28 -58.53 -16.76
CA LEU C 260 54.76 -59.01 -15.48
C LEU C 260 56.28 -59.08 -15.50
N LEU C 261 56.83 -59.62 -16.57
CA LEU C 261 58.29 -59.69 -16.73
C LEU C 261 58.93 -58.33 -16.63
N VAL C 262 58.39 -57.36 -17.37
CA VAL C 262 59.06 -56.10 -17.45
C VAL C 262 58.72 -55.25 -16.23
N ALA C 263 57.44 -55.14 -15.92
CA ALA C 263 57.01 -54.28 -14.84
C ALA C 263 57.69 -54.67 -13.57
N GLY C 264 57.87 -55.97 -13.38
CA GLY C 264 58.62 -56.50 -12.24
C GLY C 264 59.94 -55.77 -12.19
N HIS C 265 60.95 -56.45 -12.69
CA HIS C 265 62.10 -55.82 -13.30
C HIS C 265 62.43 -54.31 -13.03
N GLU C 266 62.38 -53.49 -14.10
CA GLU C 266 62.87 -52.10 -14.09
C GLU C 266 62.53 -51.24 -12.88
N THR C 267 61.33 -51.37 -12.38
CA THR C 267 60.98 -50.59 -11.22
C THR C 267 61.78 -51.04 -10.01
N THR C 268 61.74 -52.34 -9.69
CA THR C 268 62.40 -52.83 -8.49
C THR C 268 63.91 -52.62 -8.54
N VAL C 269 64.48 -52.85 -9.70
CA VAL C 269 65.89 -52.68 -9.89
C VAL C 269 66.33 -51.29 -9.39
N ASN C 270 65.55 -50.29 -9.79
CA ASN C 270 65.89 -48.91 -9.56
C ASN C 270 65.55 -48.44 -8.17
N LEU C 271 64.66 -49.15 -7.49
CA LEU C 271 64.32 -48.83 -6.12
C LEU C 271 65.47 -49.19 -5.21
N ILE C 272 65.94 -50.42 -5.34
CA ILE C 272 67.18 -50.85 -4.70
C ILE C 272 68.36 -49.90 -4.96
N ALA C 273 68.61 -49.54 -6.21
CA ALA C 273 69.72 -48.63 -6.54
C ALA C 273 69.54 -47.23 -5.95
N ASN C 274 68.47 -46.57 -6.37
CA ASN C 274 68.24 -45.20 -5.95
C ASN C 274 68.14 -45.16 -4.41
N GLY C 275 67.37 -46.11 -3.85
CA GLY C 275 67.20 -46.25 -2.42
C GLY C 275 68.54 -46.24 -1.72
N MET C 276 69.40 -47.21 -2.05
CA MET C 276 70.72 -47.26 -1.47
C MET C 276 71.44 -45.93 -1.67
N TYR C 277 71.34 -45.39 -2.89
CA TYR C 277 71.97 -44.09 -3.18
C TYR C 277 71.56 -42.99 -2.18
N ALA C 278 70.25 -42.78 -2.01
CA ALA C 278 69.70 -41.89 -0.98
C ALA C 278 70.37 -42.14 0.37
N LEU C 279 70.47 -43.41 0.76
CA LEU C 279 70.91 -43.80 2.07
C LEU C 279 72.37 -43.47 2.26
N LEU C 280 73.23 -43.93 1.36
CA LEU C 280 74.68 -43.74 1.47
C LEU C 280 75.12 -42.29 1.27
N SER C 281 74.34 -41.51 0.53
CA SER C 281 74.58 -40.06 0.42
C SER C 281 74.00 -39.26 1.61
N HIS C 282 73.29 -39.94 2.52
CA HIS C 282 72.77 -39.34 3.76
C HIS C 282 73.30 -40.09 5.01
N PRO C 283 74.55 -39.78 5.42
CA PRO C 283 75.37 -40.47 6.44
C PRO C 283 74.74 -40.67 7.83
N ASP C 284 73.74 -39.88 8.16
CA ASP C 284 73.13 -39.92 9.48
C ASP C 284 71.77 -40.63 9.42
N GLN C 285 71.22 -40.72 8.22
CA GLN C 285 70.11 -41.65 7.98
C GLN C 285 70.62 -43.10 7.94
N LEU C 286 71.82 -43.30 7.39
CA LEU C 286 72.50 -44.58 7.38
C LEU C 286 72.97 -44.96 8.80
N ALA C 287 73.50 -43.97 9.53
CA ALA C 287 73.71 -44.11 10.99
C ALA C 287 72.49 -44.71 11.69
N ALA C 288 71.40 -43.93 11.76
CA ALA C 288 70.12 -44.31 12.40
C ALA C 288 69.61 -45.72 12.06
N LEU C 289 69.66 -46.04 10.76
CA LEU C 289 69.28 -47.37 10.30
C LEU C 289 70.23 -48.48 10.77
N ARG C 290 71.52 -48.16 10.84
CA ARG C 290 72.56 -49.11 11.24
C ARG C 290 72.40 -49.58 12.69
N ALA C 291 71.96 -48.66 13.55
CA ALA C 291 71.72 -48.97 14.95
C ALA C 291 70.33 -49.57 15.22
N ASP C 292 69.37 -49.32 14.31
CA ASP C 292 67.97 -49.63 14.57
C ASP C 292 67.25 -50.25 13.35
N MET C 293 67.55 -51.52 13.08
CA MET C 293 67.02 -52.14 11.88
C MET C 293 65.51 -52.18 11.77
N THR C 294 64.80 -51.83 12.84
CA THR C 294 63.33 -51.83 12.77
C THR C 294 62.88 -50.55 12.07
N LEU C 295 63.84 -49.66 11.77
CA LEU C 295 63.57 -48.50 10.91
C LEU C 295 63.65 -48.87 9.44
N LEU C 296 63.91 -50.14 9.15
CA LEU C 296 64.08 -50.60 7.78
C LEU C 296 62.88 -50.32 6.86
N ASP C 297 61.70 -50.76 7.28
CA ASP C 297 60.42 -50.54 6.57
C ASP C 297 60.11 -49.09 6.20
N GLY C 298 60.04 -48.22 7.23
CA GLY C 298 59.87 -46.78 7.07
C GLY C 298 60.95 -46.22 6.16
N ALA C 299 62.21 -46.61 6.39
CA ALA C 299 63.30 -46.27 5.47
C ALA C 299 62.96 -46.58 4.01
N VAL C 300 62.46 -47.81 3.75
CA VAL C 300 62.06 -48.20 2.41
C VAL C 300 60.95 -47.31 1.92
N GLU C 301 59.93 -47.13 2.75
CA GLU C 301 58.86 -46.19 2.37
C GLU C 301 59.43 -44.81 2.04
N GLU C 302 60.32 -44.28 2.88
CA GLU C 302 60.97 -43.00 2.52
C GLU C 302 61.81 -43.07 1.23
N MET C 303 62.33 -44.24 0.87
CA MET C 303 63.04 -44.38 -0.41
C MET C 303 62.07 -44.26 -1.58
N LEU C 304 60.86 -44.79 -1.40
CA LEU C 304 59.85 -44.65 -2.42
C LEU C 304 59.42 -43.22 -2.58
N ARG C 305 59.12 -42.53 -1.47
CA ARG C 305 58.76 -41.10 -1.53
C ARG C 305 59.88 -40.23 -2.12
N TYR C 306 61.10 -40.37 -1.57
CA TYR C 306 62.24 -39.52 -1.91
C TYR C 306 62.79 -39.67 -3.32
N GLU C 307 63.14 -40.88 -3.69
CA GLU C 307 63.73 -41.09 -5.02
C GLU C 307 63.23 -42.42 -5.58
N GLY C 308 61.92 -42.53 -5.66
CA GLY C 308 61.25 -43.72 -6.18
C GLY C 308 61.49 -43.94 -7.65
N PRO C 309 61.35 -45.18 -8.11
CA PRO C 309 61.82 -45.46 -9.45
C PRO C 309 60.91 -44.90 -10.59
N VAL C 310 59.62 -44.68 -10.30
CA VAL C 310 58.71 -44.10 -11.28
C VAL C 310 58.64 -42.57 -11.16
N GLU C 311 59.11 -41.89 -12.19
CA GLU C 311 59.26 -40.43 -12.21
C GLU C 311 57.94 -39.81 -12.68
N SER C 312 57.24 -40.54 -13.55
CA SER C 312 56.01 -40.12 -14.18
C SER C 312 55.27 -41.37 -14.51
N ALA C 313 53.96 -41.35 -14.36
CA ALA C 313 53.21 -42.57 -14.52
C ALA C 313 53.01 -42.83 -15.99
N THR C 314 52.51 -44.01 -16.31
CA THR C 314 52.36 -44.46 -17.68
C THR C 314 51.31 -43.63 -18.42
N TYR C 315 51.23 -43.82 -19.73
CA TYR C 315 50.47 -42.94 -20.60
C TYR C 315 49.01 -42.88 -20.22
N ARG C 316 48.46 -41.66 -20.25
CA ARG C 316 47.03 -41.46 -20.09
C ARG C 316 46.41 -40.57 -21.17
N PHE C 317 45.16 -40.86 -21.50
CA PHE C 317 44.44 -40.13 -22.57
C PHE C 317 43.05 -39.66 -22.13
N PRO C 318 42.79 -38.35 -22.21
CA PRO C 318 41.43 -37.89 -21.85
C PRO C 318 40.40 -38.44 -22.86
N VAL C 319 39.19 -38.79 -22.38
CA VAL C 319 38.13 -39.21 -23.32
C VAL C 319 37.30 -38.06 -23.85
N GLU C 320 37.20 -36.99 -23.06
CA GLU C 320 36.58 -35.73 -23.44
C GLU C 320 37.66 -34.72 -23.12
N PRO C 321 37.56 -33.46 -23.62
CA PRO C 321 38.52 -32.44 -23.19
C PRO C 321 38.40 -32.22 -21.68
N VAL C 322 39.53 -32.07 -20.99
CA VAL C 322 39.49 -31.87 -19.55
C VAL C 322 40.19 -30.57 -19.17
N ASP C 323 39.59 -29.84 -18.23
CA ASP C 323 40.17 -28.58 -17.78
C ASP C 323 40.78 -28.71 -16.38
N LEU C 324 42.08 -28.53 -16.29
CA LEU C 324 42.75 -28.44 -15.01
C LEU C 324 43.11 -26.98 -14.72
N ASP C 325 42.44 -26.42 -13.72
CA ASP C 325 42.73 -25.07 -13.25
C ASP C 325 43.02 -24.10 -14.43
N GLY C 326 42.07 -24.05 -15.37
CA GLY C 326 42.16 -23.12 -16.52
C GLY C 326 42.85 -23.62 -17.79
N THR C 327 43.78 -24.56 -17.62
CA THR C 327 44.54 -25.12 -18.74
C THR C 327 43.83 -26.35 -19.28
N VAL C 328 43.36 -26.28 -20.52
CA VAL C 328 42.45 -27.28 -21.11
C VAL C 328 43.15 -28.31 -22.00
N ILE C 329 43.23 -29.55 -21.51
CA ILE C 329 43.87 -30.63 -22.27
C ILE C 329 42.93 -31.29 -23.26
N PRO C 330 43.26 -31.21 -24.56
CA PRO C 330 42.50 -31.84 -25.64
C PRO C 330 42.22 -33.33 -25.41
N ALA C 331 41.15 -33.84 -26.01
CA ALA C 331 40.81 -35.25 -25.92
C ALA C 331 41.81 -36.06 -26.76
N GLY C 332 42.23 -37.21 -26.23
CA GLY C 332 43.15 -38.12 -26.92
C GLY C 332 44.62 -37.73 -26.95
N ASP C 333 44.98 -36.72 -26.15
CA ASP C 333 46.38 -36.29 -25.98
C ASP C 333 47.03 -37.16 -24.94
N THR C 334 48.36 -37.10 -24.88
CA THR C 334 49.08 -37.94 -23.96
C THR C 334 49.42 -37.17 -22.68
N VAL C 335 48.98 -37.75 -21.55
CA VAL C 335 49.20 -37.12 -20.26
C VAL C 335 50.11 -37.96 -19.40
N LEU C 336 51.13 -37.31 -18.83
N LEU C 336 51.15 -37.32 -18.85
CA LEU C 336 52.03 -37.91 -17.85
CA LEU C 336 52.02 -37.93 -17.85
C LEU C 336 51.89 -37.26 -16.49
C LEU C 336 51.89 -37.26 -16.49
N VAL C 337 51.63 -38.07 -15.47
CA VAL C 337 51.45 -37.60 -14.11
C VAL C 337 52.79 -37.71 -13.41
N VAL C 338 53.34 -36.58 -12.99
CA VAL C 338 54.72 -36.58 -12.61
C VAL C 338 54.82 -36.82 -11.13
N LEU C 339 54.94 -38.09 -10.76
CA LEU C 339 55.03 -38.48 -9.35
C LEU C 339 56.24 -37.86 -8.66
N ALA C 340 57.37 -37.77 -9.36
CA ALA C 340 58.56 -37.20 -8.75
C ALA C 340 58.20 -35.84 -8.12
N ASP C 341 57.39 -35.05 -8.82
CA ASP C 341 56.98 -33.77 -8.30
C ASP C 341 55.96 -33.91 -7.19
N ALA C 342 55.05 -34.86 -7.33
CA ALA C 342 54.04 -35.04 -6.31
C ALA C 342 54.75 -35.17 -4.97
N HIS C 343 55.79 -35.99 -4.96
CA HIS C 343 56.52 -36.30 -3.76
C HIS C 343 57.43 -35.17 -3.25
N ARG C 344 57.49 -34.08 -4.00
CA ARG C 344 58.26 -32.91 -3.56
C ARG C 344 57.37 -31.69 -3.28
N THR C 345 56.06 -31.92 -3.24
CA THR C 345 55.12 -30.86 -2.89
C THR C 345 55.14 -30.63 -1.37
N PRO C 346 55.60 -29.44 -0.97
CA PRO C 346 55.83 -29.13 0.44
C PRO C 346 54.53 -29.22 1.25
N GLU C 347 53.43 -28.78 0.65
CA GLU C 347 52.11 -28.86 1.26
C GLU C 347 51.81 -30.27 1.80
N ARG C 348 52.08 -31.29 0.98
CA ARG C 348 51.86 -32.67 1.35
C ARG C 348 53.02 -33.33 2.12
N PHE C 349 54.23 -32.87 1.88
CA PHE C 349 55.39 -33.46 2.50
C PHE C 349 56.36 -32.38 2.99
N PRO C 350 56.19 -31.94 4.25
CA PRO C 350 57.01 -30.87 4.78
C PRO C 350 58.48 -31.13 4.57
N ASP C 351 59.21 -30.07 4.26
CA ASP C 351 60.60 -30.15 3.90
C ASP C 351 60.84 -31.33 2.96
N PRO C 352 60.41 -31.20 1.68
CA PRO C 352 60.35 -32.32 0.69
C PRO C 352 61.66 -32.87 0.17
N HIS C 353 62.73 -32.08 0.25
CA HIS C 353 64.08 -32.47 -0.18
C HIS C 353 64.93 -33.08 0.96
N ARG C 354 64.35 -33.18 2.15
CA ARG C 354 65.07 -33.82 3.23
C ARG C 354 64.69 -35.28 3.14
N PHE C 355 65.71 -36.12 2.92
CA PHE C 355 65.58 -37.56 3.03
C PHE C 355 65.59 -37.89 4.51
N ASP C 356 64.44 -38.33 5.02
CA ASP C 356 64.23 -38.63 6.46
C ASP C 356 63.54 -39.99 6.67
N ILE C 357 64.31 -40.99 7.11
CA ILE C 357 63.84 -42.38 7.11
C ILE C 357 62.69 -42.62 8.08
N ARG C 358 62.35 -41.58 8.84
CA ARG C 358 61.28 -41.58 9.85
C ARG C 358 60.09 -40.68 9.51
N ARG C 359 60.04 -40.13 8.30
CA ARG C 359 58.91 -39.28 7.94
C ARG C 359 57.63 -40.10 7.73
N ASP C 360 56.52 -39.52 8.16
CA ASP C 360 55.20 -39.97 7.80
C ASP C 360 55.23 -40.09 6.32
N THR C 361 55.19 -41.32 5.83
CA THR C 361 55.27 -41.53 4.41
C THR C 361 53.92 -41.93 3.90
N ALA C 362 52.89 -41.81 4.73
CA ALA C 362 51.56 -42.25 4.32
C ALA C 362 51.12 -41.53 3.05
N GLY C 363 50.51 -42.24 2.11
CA GLY C 363 49.84 -41.56 1.00
C GLY C 363 50.73 -41.08 -0.14
N HIS C 364 51.97 -41.55 -0.16
CA HIS C 364 52.82 -41.34 -1.31
C HIS C 364 52.21 -42.04 -2.53
N LEU C 365 52.74 -41.70 -3.71
CA LEU C 365 52.18 -42.17 -4.95
C LEU C 365 53.03 -43.19 -5.69
N ALA C 366 54.16 -43.59 -5.11
CA ALA C 366 55.11 -44.42 -5.81
C ALA C 366 54.49 -45.70 -6.40
N PHE C 367 53.26 -46.04 -6.04
CA PHE C 367 52.65 -47.29 -6.54
C PHE C 367 51.48 -46.99 -7.43
N GLY C 368 51.29 -45.70 -7.67
CA GLY C 368 50.11 -45.22 -8.38
C GLY C 368 49.02 -45.01 -7.36
N HIS C 369 47.80 -44.82 -7.83
CA HIS C 369 46.65 -44.69 -6.94
C HIS C 369 45.34 -44.92 -7.70
N GLY C 370 44.40 -45.65 -7.12
CA GLY C 370 43.14 -45.94 -7.83
C GLY C 370 43.18 -47.34 -8.43
N ILE C 371 42.48 -47.56 -9.54
CA ILE C 371 42.26 -48.93 -10.01
C ILE C 371 43.51 -49.63 -10.56
N HIS C 372 44.47 -48.86 -11.00
CA HIS C 372 45.76 -49.42 -11.46
C HIS C 372 46.78 -49.55 -10.37
N PHE C 373 46.42 -49.28 -9.12
CA PHE C 373 47.39 -49.42 -8.04
C PHE C 373 48.31 -50.65 -8.23
N CYS C 374 49.63 -50.44 -8.20
CA CYS C 374 50.62 -51.52 -8.46
C CYS C 374 50.24 -52.85 -7.84
N ILE C 375 50.05 -53.87 -8.68
CA ILE C 375 49.75 -55.21 -8.21
C ILE C 375 51.03 -55.82 -7.59
N GLY C 376 52.15 -55.12 -7.70
CA GLY C 376 53.47 -55.66 -7.35
C GLY C 376 54.04 -55.24 -6.00
N ALA C 377 53.39 -54.29 -5.35
CA ALA C 377 53.90 -53.68 -4.13
C ALA C 377 54.41 -54.66 -3.09
N PRO C 378 53.63 -55.70 -2.76
CA PRO C 378 54.19 -56.58 -1.70
C PRO C 378 55.47 -57.32 -2.13
N LEU C 379 55.58 -57.67 -3.41
CA LEU C 379 56.75 -58.43 -3.84
C LEU C 379 57.97 -57.52 -3.94
N ALA C 380 57.71 -56.29 -4.36
CA ALA C 380 58.69 -55.19 -4.39
C ALA C 380 59.31 -54.98 -3.02
N ARG C 381 58.43 -54.64 -2.08
CA ARG C 381 58.82 -54.33 -0.73
C ARG C 381 59.57 -55.52 -0.11
N LEU C 382 59.15 -56.74 -0.47
CA LEU C 382 59.81 -57.92 0.08
C LEU C 382 61.24 -57.94 -0.36
N GLU C 383 61.46 -57.82 -1.67
CA GLU C 383 62.80 -57.83 -2.28
C GLU C 383 63.71 -56.72 -1.78
N ALA C 384 63.15 -55.51 -1.75
CA ALA C 384 63.89 -54.33 -1.33
C ALA C 384 64.25 -54.40 0.15
N ARG C 385 63.28 -54.69 1.00
CA ARG C 385 63.55 -54.84 2.42
C ARG C 385 64.67 -55.86 2.61
N ILE C 386 64.60 -56.98 1.91
CA ILE C 386 65.63 -58.00 2.06
C ILE C 386 67.02 -57.49 1.60
N ALA C 387 67.06 -56.87 0.44
CA ALA C 387 68.34 -56.41 -0.10
C ALA C 387 68.99 -55.31 0.76
N VAL C 388 68.22 -54.28 1.13
CA VAL C 388 68.71 -53.19 1.98
C VAL C 388 69.26 -53.71 3.30
N ARG C 389 68.61 -54.72 3.86
CA ARG C 389 69.04 -55.27 5.12
C ARG C 389 70.40 -55.94 5.01
N ALA C 390 70.58 -56.74 3.96
CA ALA C 390 71.79 -57.56 3.84
C ALA C 390 73.04 -56.71 3.56
N LEU C 391 72.80 -55.57 2.92
CA LEU C 391 73.86 -54.65 2.58
C LEU C 391 74.40 -53.98 3.81
N LEU C 392 73.50 -53.45 4.64
CA LEU C 392 73.89 -52.77 5.89
C LEU C 392 74.53 -53.74 6.85
N GLU C 393 73.93 -54.92 6.96
CA GLU C 393 74.37 -55.89 7.93
C GLU C 393 75.75 -56.47 7.62
N ARG C 394 76.01 -56.79 6.36
CA ARG C 394 77.23 -57.50 5.99
C ARG C 394 78.33 -56.62 5.44
N CYS C 395 78.01 -55.41 4.98
CA CYS C 395 79.05 -54.49 4.51
C CYS C 395 79.36 -53.48 5.58
N PRO C 396 80.45 -53.74 6.34
CA PRO C 396 80.81 -52.78 7.37
C PRO C 396 81.52 -51.59 6.70
N ASP C 397 81.08 -50.38 7.03
CA ASP C 397 81.68 -49.14 6.52
C ASP C 397 81.28 -48.80 5.08
N LEU C 398 80.30 -49.53 4.55
CA LEU C 398 79.83 -49.31 3.18
C LEU C 398 79.60 -47.81 2.91
N ALA C 399 80.04 -47.35 1.75
CA ALA C 399 79.93 -45.95 1.35
C ALA C 399 79.92 -45.82 -0.16
N LEU C 400 79.43 -44.68 -0.66
CA LEU C 400 79.60 -44.32 -2.07
C LEU C 400 81.08 -44.30 -2.48
N ASP C 401 81.36 -44.84 -3.66
CA ASP C 401 82.72 -44.87 -4.15
C ASP C 401 82.81 -43.88 -5.32
N VAL C 402 82.06 -42.78 -5.22
CA VAL C 402 82.29 -41.65 -6.14
C VAL C 402 81.72 -40.30 -5.63
N SER C 403 82.27 -39.21 -6.19
CA SER C 403 81.61 -37.91 -6.24
C SER C 403 80.23 -38.09 -6.93
N PRO C 404 79.11 -37.76 -6.24
CA PRO C 404 77.80 -38.00 -6.90
C PRO C 404 77.64 -37.44 -8.34
N GLY C 405 78.26 -36.30 -8.63
CA GLY C 405 78.24 -35.71 -9.99
C GLY C 405 79.06 -36.41 -11.07
N GLU C 406 79.37 -37.70 -10.84
CA GLU C 406 80.01 -38.56 -11.85
C GLU C 406 79.14 -39.79 -12.10
N LEU C 407 78.01 -39.84 -11.40
CA LEU C 407 76.97 -40.81 -11.67
C LEU C 407 76.27 -40.50 -12.99
N VAL C 408 75.70 -41.50 -13.63
CA VAL C 408 75.02 -41.24 -14.90
C VAL C 408 73.57 -41.70 -14.84
N TRP C 409 72.66 -40.75 -15.03
CA TRP C 409 71.22 -40.98 -14.94
C TRP C 409 70.58 -41.07 -16.31
N TYR C 410 69.47 -41.80 -16.36
CA TYR C 410 68.74 -41.97 -17.60
C TYR C 410 67.87 -40.78 -17.95
N PRO C 411 67.97 -40.29 -19.21
CA PRO C 411 67.25 -39.12 -19.72
C PRO C 411 65.74 -39.25 -19.56
N ASN C 412 65.24 -40.47 -19.76
CA ASN C 412 63.82 -40.81 -19.64
C ASN C 412 63.03 -40.06 -18.54
N PRO C 413 61.94 -39.38 -18.94
CA PRO C 413 61.15 -38.70 -17.91
C PRO C 413 60.18 -39.64 -17.17
N MET C 414 60.21 -40.92 -17.53
CA MET C 414 59.28 -41.89 -16.94
C MET C 414 59.93 -42.79 -15.90
N ILE C 415 61.23 -43.02 -16.05
CA ILE C 415 61.94 -43.87 -15.12
C ILE C 415 63.20 -43.23 -14.56
N ARG C 416 63.22 -43.04 -13.25
CA ARG C 416 64.42 -42.54 -12.58
C ARG C 416 65.43 -43.68 -12.25
N GLY C 417 66.57 -43.71 -12.92
CA GLY C 417 67.47 -44.84 -12.83
C GLY C 417 68.92 -44.51 -13.05
N LEU C 418 69.78 -45.14 -12.24
CA LEU C 418 71.22 -45.08 -12.47
C LEU C 418 71.75 -46.13 -13.47
N LYS C 419 72.74 -45.71 -14.25
CA LYS C 419 73.46 -46.60 -15.14
C LYS C 419 74.34 -47.53 -14.32
N ALA C 420 74.89 -47.01 -13.22
CA ALA C 420 75.76 -47.80 -12.33
C ALA C 420 75.90 -47.12 -10.97
N LEU C 421 76.09 -47.89 -9.91
CA LEU C 421 76.27 -47.32 -8.57
C LEU C 421 77.52 -47.87 -7.80
N PRO C 422 78.69 -47.23 -8.01
CA PRO C 422 79.94 -47.66 -7.36
C PRO C 422 79.87 -47.52 -5.86
N ILE C 423 80.22 -48.59 -5.14
CA ILE C 423 80.26 -48.57 -3.69
C ILE C 423 81.56 -49.22 -3.27
N ARG C 424 81.94 -48.94 -2.01
CA ARG C 424 83.18 -49.39 -1.39
C ARG C 424 82.85 -49.77 0.05
N TRP C 425 83.76 -50.53 0.68
CA TRP C 425 83.60 -51.03 2.07
C TRP C 425 84.98 -51.54 2.57
N ARG C 426 85.05 -52.00 3.83
CA ARG C 426 86.32 -52.47 4.45
C ARG C 426 86.41 -53.98 4.61
N ALA D 30 -29.85 27.15 -18.05
CA ALA D 30 -28.47 27.64 -18.38
C ALA D 30 -27.71 26.69 -19.32
N SER D 31 -27.28 27.24 -20.46
CA SER D 31 -26.39 26.52 -21.35
C SER D 31 -24.92 26.57 -20.89
N PRO D 32 -24.39 27.77 -20.57
CA PRO D 32 -22.94 27.84 -20.57
C PRO D 32 -22.32 27.28 -19.28
N PRO D 33 -21.31 26.40 -19.44
CA PRO D 33 -20.55 25.95 -18.27
C PRO D 33 -19.68 27.09 -17.79
N VAL D 34 -19.58 27.18 -16.48
CA VAL D 34 -18.85 28.25 -15.84
C VAL D 34 -17.54 27.66 -15.34
N LEU D 35 -17.32 26.39 -15.69
CA LEU D 35 -16.16 25.65 -15.24
C LEU D 35 -15.95 24.32 -15.96
N ASP D 36 -14.79 24.19 -16.56
CA ASP D 36 -14.39 22.97 -17.24
C ASP D 36 -13.46 22.20 -16.31
N LEU D 37 -13.99 21.16 -15.70
CA LEU D 37 -13.22 20.34 -14.74
C LEU D 37 -11.94 19.73 -15.36
N GLY D 38 -11.97 19.53 -16.66
CA GLY D 38 -10.82 19.06 -17.39
C GLY D 38 -9.69 20.04 -17.28
N ALA D 39 -9.98 21.33 -17.40
CA ALA D 39 -8.94 22.36 -17.35
C ALA D 39 -8.23 22.53 -15.97
N LEU D 40 -8.87 22.09 -14.89
CA LEU D 40 -8.31 22.26 -13.56
C LEU D 40 -7.26 21.20 -13.26
N GLY D 41 -7.28 20.13 -14.04
CA GLY D 41 -6.23 19.11 -13.99
C GLY D 41 -6.07 18.33 -12.69
N GLN D 42 -4.81 17.96 -12.42
CA GLN D 42 -4.44 17.09 -11.31
C GLN D 42 -4.81 17.68 -9.94
N ASP D 43 -4.57 18.99 -9.77
CA ASP D 43 -4.97 19.74 -8.57
C ASP D 43 -6.40 19.45 -8.19
N PHE D 44 -7.31 19.72 -9.13
CA PHE D 44 -8.71 19.47 -8.89
C PHE D 44 -8.91 17.97 -8.65
N ALA D 45 -8.21 17.14 -9.40
CA ALA D 45 -8.34 15.69 -9.24
C ALA D 45 -7.91 15.23 -7.86
N ALA D 46 -6.77 15.69 -7.37
CA ALA D 46 -6.34 15.34 -6.00
C ALA D 46 -7.24 15.97 -4.94
N ASP D 47 -7.56 17.27 -5.11
CA ASP D 47 -8.25 18.07 -4.09
C ASP D 47 -9.37 18.91 -4.69
N PRO D 48 -10.54 18.29 -4.95
CA PRO D 48 -11.63 18.99 -5.59
C PRO D 48 -12.51 19.78 -4.64
N TYR D 49 -12.35 19.57 -3.34
CA TYR D 49 -13.25 20.19 -2.36
C TYR D 49 -13.22 21.74 -2.43
N PRO D 50 -12.07 22.38 -2.20
CA PRO D 50 -12.08 23.84 -2.38
C PRO D 50 -12.95 24.37 -3.54
N THR D 51 -12.91 23.76 -4.72
CA THR D 51 -13.77 24.19 -5.81
C THR D 51 -15.26 23.93 -5.54
N TYR D 52 -15.63 22.72 -5.10
CA TYR D 52 -17.03 22.46 -4.81
C TYR D 52 -17.50 23.37 -3.70
N ALA D 53 -16.62 23.69 -2.76
CA ALA D 53 -17.01 24.58 -1.66
C ALA D 53 -17.25 26.01 -2.20
N ARG D 54 -16.35 26.47 -3.07
CA ARG D 54 -16.48 27.77 -3.73
C ARG D 54 -17.84 27.84 -4.42
N LEU D 55 -18.10 26.86 -5.29
CA LEU D 55 -19.38 26.74 -6.01
C LEU D 55 -20.58 26.67 -5.11
N ARG D 56 -20.47 25.94 -4.00
CA ARG D 56 -21.55 25.83 -2.99
C ARG D 56 -21.93 27.16 -2.33
N ALA D 57 -20.94 28.04 -2.14
CA ALA D 57 -21.21 29.32 -1.53
C ALA D 57 -22.10 30.19 -2.40
N GLU D 58 -22.10 29.96 -3.70
CA GLU D 58 -22.89 30.76 -4.65
C GLU D 58 -24.31 30.20 -4.88
N GLY D 59 -24.52 28.95 -4.53
CA GLY D 59 -25.81 28.31 -4.77
C GLY D 59 -25.70 26.81 -5.00
N PRO D 60 -26.85 26.12 -5.04
CA PRO D 60 -27.01 24.67 -5.05
C PRO D 60 -26.61 23.89 -6.32
N ALA D 61 -26.62 24.55 -7.48
CA ALA D 61 -26.48 23.85 -8.75
C ALA D 61 -25.70 24.64 -9.82
N HIS D 62 -24.80 23.96 -10.52
CA HIS D 62 -23.96 24.64 -11.50
C HIS D 62 -23.67 23.83 -12.75
N ARG D 63 -23.76 24.48 -13.93
CA ARG D 63 -23.29 23.94 -15.19
C ARG D 63 -21.79 23.85 -15.15
N VAL D 64 -21.28 22.69 -15.53
CA VAL D 64 -19.85 22.51 -15.73
C VAL D 64 -19.64 21.55 -16.90
N ARG D 65 -18.39 21.41 -17.29
CA ARG D 65 -18.01 20.54 -18.35
C ARG D 65 -17.15 19.45 -17.75
N THR D 66 -17.60 18.20 -17.87
CA THR D 66 -16.82 17.03 -17.45
C THR D 66 -15.55 16.94 -18.28
N PRO D 67 -14.48 16.31 -17.72
CA PRO D 67 -13.21 16.14 -18.43
C PRO D 67 -13.43 15.50 -19.79
N GLU D 68 -14.25 14.45 -19.83
CA GLU D 68 -14.55 13.73 -21.09
C GLU D 68 -15.37 14.59 -22.03
N GLY D 69 -15.48 15.87 -21.68
CA GLY D 69 -16.01 16.89 -22.60
C GLY D 69 -17.48 17.23 -22.49
N ASN D 70 -18.23 16.40 -21.76
N ASN D 70 -18.23 16.43 -21.75
CA ASN D 70 -19.69 16.56 -21.67
CA ASN D 70 -19.67 16.60 -21.73
C ASN D 70 -20.12 17.73 -20.81
C ASN D 70 -20.13 17.70 -20.78
N GLU D 71 -21.34 18.20 -21.05
CA GLU D 71 -21.97 19.18 -20.19
C GLU D 71 -23.00 18.56 -19.26
N VAL D 72 -22.96 18.99 -18.00
CA VAL D 72 -23.83 18.46 -16.97
C VAL D 72 -24.05 19.50 -15.87
N TRP D 73 -24.98 19.17 -14.97
CA TRP D 73 -25.29 20.01 -13.82
C TRP D 73 -24.75 19.42 -12.53
N LEU D 74 -24.03 20.25 -11.78
CA LEU D 74 -23.53 19.86 -10.48
C LEU D 74 -24.43 20.35 -9.36
N VAL D 75 -24.88 19.43 -8.50
CA VAL D 75 -25.63 19.72 -7.26
C VAL D 75 -24.77 19.56 -5.98
N VAL D 76 -24.70 20.62 -5.18
CA VAL D 76 -23.75 20.75 -4.07
C VAL D 76 -24.41 21.18 -2.76
N GLY D 77 -23.73 20.91 -1.66
CA GLY D 77 -24.26 21.17 -0.32
C GLY D 77 -25.04 19.96 0.15
N TYR D 78 -24.85 19.60 1.42
CA TYR D 78 -25.52 18.45 1.98
C TYR D 78 -27.03 18.41 1.82
N ASP D 79 -27.77 19.31 2.48
CA ASP D 79 -29.24 19.15 2.60
C ASP D 79 -29.88 18.98 1.23
N ARG D 80 -29.40 19.75 0.26
CA ARG D 80 -29.97 19.80 -1.08
C ARG D 80 -29.68 18.51 -1.85
N ALA D 81 -28.45 18.04 -1.73
CA ALA D 81 -27.99 16.83 -2.34
C ALA D 81 -28.86 15.64 -1.92
N ARG D 82 -29.04 15.52 -0.60
CA ARG D 82 -29.83 14.46 -0.03
C ARG D 82 -31.17 14.50 -0.71
N ALA D 83 -31.70 15.71 -0.82
CA ALA D 83 -33.03 15.95 -1.34
C ALA D 83 -33.14 15.46 -2.77
N VAL D 84 -32.20 15.93 -3.61
CA VAL D 84 -32.17 15.59 -5.04
C VAL D 84 -32.04 14.08 -5.28
N LEU D 85 -31.16 13.42 -4.53
CA LEU D 85 -31.03 11.97 -4.66
C LEU D 85 -32.39 11.26 -4.46
N ALA D 86 -33.32 11.90 -3.75
CA ALA D 86 -34.55 11.24 -3.36
C ALA D 86 -35.75 11.80 -4.11
N ASP D 87 -35.52 12.82 -4.94
CA ASP D 87 -36.61 13.48 -5.70
C ASP D 87 -37.14 12.70 -6.93
N PRO D 88 -38.39 12.22 -6.85
CA PRO D 88 -39.02 11.52 -8.00
C PRO D 88 -39.04 12.36 -9.29
N ARG D 89 -38.96 13.68 -9.14
CA ARG D 89 -38.75 14.58 -10.27
C ARG D 89 -37.47 14.28 -11.07
N PHE D 90 -36.49 13.63 -10.43
CA PHE D 90 -35.22 13.26 -11.10
C PHE D 90 -35.18 11.79 -11.55
N SER D 91 -35.52 11.53 -12.82
CA SER D 91 -35.52 10.19 -13.38
C SER D 91 -34.12 9.60 -13.54
N LYS D 92 -33.97 8.28 -13.46
CA LYS D 92 -32.72 7.67 -13.91
C LYS D 92 -32.91 6.95 -15.23
N ASP D 93 -34.11 7.03 -15.80
CA ASP D 93 -34.35 6.33 -17.03
C ASP D 93 -33.94 7.18 -18.22
N TRP D 94 -32.99 6.71 -19.03
CA TRP D 94 -32.45 7.49 -20.14
C TRP D 94 -33.45 7.91 -21.21
N ARG D 95 -34.67 7.41 -21.15
CA ARG D 95 -35.68 7.89 -22.08
C ARG D 95 -36.11 9.29 -21.71
N ASN D 96 -35.73 9.71 -20.50
CA ASN D 96 -35.98 11.06 -20.04
C ASN D 96 -34.80 12.01 -20.29
N SER D 97 -33.79 11.55 -21.05
CA SER D 97 -32.54 12.28 -21.22
C SER D 97 -32.33 12.74 -22.64
N THR D 98 -31.97 14.01 -22.83
CA THR D 98 -31.87 14.57 -24.19
C THR D 98 -30.63 14.09 -24.93
N THR D 99 -29.71 13.48 -24.18
CA THR D 99 -28.55 12.87 -24.81
C THR D 99 -28.91 11.44 -25.21
N PRO D 100 -28.84 11.14 -26.52
CA PRO D 100 -29.14 9.76 -26.93
C PRO D 100 -28.00 8.83 -26.53
N LEU D 101 -28.32 7.57 -26.29
CA LEU D 101 -27.30 6.58 -25.98
C LEU D 101 -26.64 6.04 -27.24
N THR D 102 -25.34 5.74 -27.16
CA THR D 102 -24.70 5.00 -28.25
C THR D 102 -25.02 3.49 -28.16
N GLU D 103 -25.34 2.88 -29.31
CA GLU D 103 -25.54 1.43 -29.43
C GLU D 103 -24.83 0.61 -28.35
N ALA D 104 -23.52 0.85 -28.23
CA ALA D 104 -22.67 0.09 -27.31
C ALA D 104 -23.09 0.20 -25.85
N GLU D 105 -23.69 1.33 -25.48
CA GLU D 105 -24.17 1.49 -24.10
C GLU D 105 -25.65 1.20 -23.99
N ALA D 106 -26.42 1.43 -25.05
CA ALA D 106 -27.80 0.97 -25.08
C ALA D 106 -27.91 -0.53 -24.71
N ALA D 107 -26.86 -1.29 -25.01
CA ALA D 107 -26.75 -2.70 -24.63
C ALA D 107 -26.79 -2.94 -23.10
N LEU D 108 -26.22 -2.02 -22.34
CA LEU D 108 -26.04 -2.23 -20.91
C LEU D 108 -26.99 -1.42 -20.03
N ASN D 109 -27.73 -0.49 -20.63
CA ASN D 109 -28.64 0.33 -19.82
C ASN D 109 -29.98 -0.38 -19.46
N HIS D 110 -29.93 -1.69 -19.21
CA HIS D 110 -31.11 -2.43 -18.79
C HIS D 110 -30.89 -3.03 -17.41
N ASN D 111 -30.55 -2.14 -16.48
CA ASN D 111 -30.31 -2.51 -15.09
C ASN D 111 -31.14 -1.61 -14.21
N MET D 112 -31.08 -1.86 -12.90
CA MET D 112 -31.94 -1.18 -11.94
C MET D 112 -31.56 0.30 -11.66
N LEU D 113 -30.26 0.59 -11.72
CA LEU D 113 -29.75 1.90 -11.36
C LEU D 113 -30.18 2.91 -12.41
N GLU D 114 -30.39 2.40 -13.62
CA GLU D 114 -30.83 3.19 -14.76
C GLU D 114 -32.29 2.91 -15.05
N SER D 115 -33.11 3.10 -14.02
CA SER D 115 -34.47 2.65 -14.05
C SER D 115 -35.32 3.37 -13.00
N ASP D 116 -36.51 3.81 -13.42
CA ASP D 116 -37.54 4.24 -12.49
C ASP D 116 -38.46 3.05 -12.12
N PRO D 117 -39.21 3.18 -11.02
CA PRO D 117 -40.35 2.29 -10.83
C PRO D 117 -41.29 2.48 -12.02
N PRO D 118 -41.98 1.41 -12.48
CA PRO D 118 -42.01 0.09 -11.86
C PRO D 118 -40.87 -0.86 -12.24
N ARG D 119 -40.14 -0.56 -13.32
CA ARG D 119 -39.02 -1.44 -13.70
C ARG D 119 -38.01 -1.70 -12.57
N HIS D 120 -37.71 -0.65 -11.82
CA HIS D 120 -36.73 -0.70 -10.75
C HIS D 120 -37.17 -1.62 -9.63
N THR D 121 -38.44 -1.52 -9.26
CA THR D 121 -38.99 -2.34 -8.19
C THR D 121 -38.86 -3.81 -8.61
N ARG D 122 -39.19 -4.09 -9.87
CA ARG D 122 -39.17 -5.42 -10.41
C ARG D 122 -37.74 -5.95 -10.34
N LEU D 123 -36.81 -5.19 -10.92
CA LEU D 123 -35.40 -5.66 -10.98
C LEU D 123 -34.71 -5.83 -9.60
N ARG D 124 -34.80 -4.82 -8.73
CA ARG D 124 -34.14 -4.92 -7.43
C ARG D 124 -34.66 -6.10 -6.58
N LYS D 125 -35.94 -6.43 -6.78
CA LYS D 125 -36.61 -7.40 -5.97
C LYS D 125 -35.94 -8.73 -6.18
N LEU D 126 -35.49 -8.96 -7.40
CA LEU D 126 -34.91 -10.25 -7.75
C LEU D 126 -33.71 -10.66 -6.90
N VAL D 127 -32.99 -9.69 -6.30
CA VAL D 127 -31.67 -9.97 -5.73
C VAL D 127 -31.42 -9.26 -4.43
N ALA D 128 -32.43 -8.55 -3.94
CA ALA D 128 -32.40 -7.97 -2.60
C ALA D 128 -31.99 -9.01 -1.58
N ARG D 129 -32.52 -10.23 -1.73
CA ARG D 129 -32.35 -11.26 -0.71
C ARG D 129 -30.85 -11.59 -0.53
N GLU D 130 -30.10 -11.35 -1.61
CA GLU D 130 -28.76 -11.89 -1.84
C GLU D 130 -27.64 -11.07 -1.22
N PHE D 131 -27.95 -9.83 -0.82
CA PHE D 131 -26.95 -8.90 -0.32
C PHE D 131 -27.40 -8.25 0.99
N THR D 132 -28.34 -8.90 1.68
CA THR D 132 -28.69 -8.54 3.07
C THR D 132 -27.55 -8.82 4.02
N MET D 133 -27.54 -8.12 5.14
CA MET D 133 -26.51 -8.31 6.18
C MET D 133 -26.29 -9.75 6.53
N ARG D 134 -27.37 -10.44 6.87
CA ARG D 134 -27.23 -11.80 7.31
C ARG D 134 -26.73 -12.70 6.19
N ARG D 135 -27.27 -12.57 5.00
CA ARG D 135 -26.85 -13.43 3.94
C ARG D 135 -25.40 -13.24 3.61
N VAL D 136 -24.99 -11.99 3.47
CA VAL D 136 -23.57 -11.62 3.33
C VAL D 136 -22.69 -12.25 4.40
N GLU D 137 -23.15 -12.31 5.63
CA GLU D 137 -22.32 -12.81 6.71
C GLU D 137 -21.73 -14.21 6.44
N LEU D 138 -22.48 -15.04 5.73
CA LEU D 138 -21.98 -16.36 5.28
C LEU D 138 -20.65 -16.34 4.54
N LEU D 139 -20.38 -15.25 3.81
CA LEU D 139 -19.12 -15.10 3.11
C LEU D 139 -17.91 -14.82 4.00
N ARG D 140 -18.14 -14.41 5.25
CA ARG D 140 -17.05 -13.92 6.06
C ARG D 140 -15.78 -14.78 5.92
N PRO D 141 -15.85 -16.09 6.25
CA PRO D 141 -14.67 -16.97 6.19
C PRO D 141 -14.00 -16.99 4.83
N ARG D 142 -14.80 -17.00 3.76
CA ARG D 142 -14.21 -17.01 2.41
C ARG D 142 -13.42 -15.74 2.14
N VAL D 143 -14.07 -14.61 2.45
CA VAL D 143 -13.46 -13.31 2.36
C VAL D 143 -12.24 -13.19 3.27
N GLN D 144 -12.32 -13.76 4.47
CA GLN D 144 -11.18 -13.83 5.39
C GLN D 144 -9.98 -14.64 4.82
N GLU D 145 -10.26 -15.80 4.23
CA GLU D 145 -9.20 -16.61 3.63
C GLU D 145 -8.52 -15.82 2.48
N ILE D 146 -9.34 -15.26 1.58
CA ILE D 146 -8.84 -14.40 0.50
C ILE D 146 -8.01 -13.22 0.99
N VAL D 147 -8.57 -12.37 1.84
CA VAL D 147 -7.77 -11.24 2.36
C VAL D 147 -6.44 -11.73 2.97
N ASP D 148 -6.50 -12.77 3.79
CA ASP D 148 -5.30 -13.22 4.46
C ASP D 148 -4.22 -13.62 3.45
N GLY D 149 -4.56 -14.43 2.45
CA GLY D 149 -3.61 -14.84 1.39
C GLY D 149 -2.95 -13.65 0.70
N LEU D 150 -3.75 -12.65 0.35
CA LEU D 150 -3.22 -11.45 -0.26
C LEU D 150 -2.29 -10.65 0.67
N VAL D 151 -2.63 -10.50 1.95
CA VAL D 151 -1.67 -9.90 2.91
C VAL D 151 -0.37 -10.74 3.10
N ASP D 152 -0.47 -12.06 3.14
CA ASP D 152 0.73 -12.88 3.31
C ASP D 152 1.73 -12.77 2.15
N ALA D 153 1.22 -12.79 0.92
CA ALA D 153 2.00 -12.55 -0.29
C ALA D 153 2.61 -11.13 -0.30
N MET D 154 1.80 -10.13 0.05
CA MET D 154 2.30 -8.77 0.15
C MET D 154 3.46 -8.64 1.18
N LEU D 155 3.35 -9.35 2.30
CA LEU D 155 4.39 -9.28 3.31
C LEU D 155 5.70 -9.95 2.90
N ALA D 156 5.65 -10.76 1.85
CA ALA D 156 6.83 -11.43 1.28
C ALA D 156 7.86 -10.46 0.69
N ALA D 157 7.39 -9.25 0.37
CA ALA D 157 8.25 -8.19 -0.14
C ALA D 157 9.56 -8.08 0.66
N PRO D 158 10.71 -8.02 -0.03
CA PRO D 158 11.94 -7.98 0.77
C PRO D 158 12.29 -6.56 1.26
N ASP D 159 11.64 -5.55 0.70
CA ASP D 159 11.78 -4.15 1.07
C ASP D 159 10.97 -3.73 2.28
N GLY D 160 9.98 -4.56 2.64
CA GLY D 160 8.86 -4.09 3.44
C GLY D 160 8.16 -2.98 2.69
N ARG D 161 8.03 -3.14 1.36
CA ARG D 161 7.42 -2.14 0.45
C ARG D 161 6.45 -2.75 -0.56
N ALA D 162 5.29 -2.13 -0.74
CA ALA D 162 4.35 -2.55 -1.80
C ALA D 162 3.29 -1.51 -2.20
N ASP D 163 2.67 -1.75 -3.33
CA ASP D 163 1.55 -0.97 -3.73
C ASP D 163 0.32 -1.68 -3.21
N LEU D 164 -0.42 -1.01 -2.33
CA LEU D 164 -1.66 -1.52 -1.74
C LEU D 164 -2.77 -1.79 -2.76
N MET D 165 -2.83 -0.94 -3.78
CA MET D 165 -3.80 -1.04 -4.86
C MET D 165 -3.66 -2.32 -5.67
N GLU D 166 -2.42 -2.60 -6.04
CA GLU D 166 -2.13 -3.80 -6.81
C GLU D 166 -2.15 -5.07 -5.93
N SER D 167 -1.75 -4.93 -4.65
CA SER D 167 -1.61 -6.07 -3.72
C SER D 167 -2.87 -6.50 -2.96
N LEU D 168 -3.77 -5.55 -2.67
CA LEU D 168 -4.98 -5.88 -1.93
C LEU D 168 -6.23 -5.25 -2.55
N ALA D 169 -6.11 -3.97 -2.90
CA ALA D 169 -7.27 -3.17 -3.26
C ALA D 169 -7.98 -3.69 -4.49
N TRP D 170 -7.24 -4.11 -5.50
CA TRP D 170 -7.87 -4.55 -6.72
C TRP D 170 -8.29 -6.03 -6.66
N PRO D 171 -7.36 -6.95 -6.25
CA PRO D 171 -7.67 -8.37 -6.37
C PRO D 171 -8.70 -8.89 -5.37
N LEU D 172 -8.88 -8.21 -4.23
CA LEU D 172 -9.89 -8.71 -3.30
C LEU D 172 -11.32 -8.60 -3.88
N PRO D 173 -11.79 -7.38 -4.22
CA PRO D 173 -13.21 -7.30 -4.57
C PRO D 173 -13.52 -8.21 -5.76
N ILE D 174 -12.69 -8.12 -6.79
CA ILE D 174 -12.83 -8.90 -8.01
C ILE D 174 -12.87 -10.39 -7.66
N THR D 175 -11.94 -10.86 -6.81
CA THR D 175 -12.04 -12.26 -6.40
C THR D 175 -13.42 -12.58 -5.78
N VAL D 176 -13.94 -11.70 -4.92
CA VAL D 176 -15.10 -12.03 -4.13
C VAL D 176 -16.38 -12.05 -4.98
N ILE D 177 -16.60 -10.94 -5.68
CA ILE D 177 -17.73 -10.79 -6.53
C ILE D 177 -17.74 -11.88 -7.61
N SER D 178 -16.53 -12.30 -8.02
CA SER D 178 -16.39 -13.31 -9.07
C SER D 178 -16.68 -14.70 -8.64
N GLU D 179 -16.65 -14.98 -7.34
CA GLU D 179 -17.06 -16.30 -6.84
C GLU D 179 -18.58 -16.35 -6.61
N LEU D 180 -19.17 -15.21 -6.27
CA LEU D 180 -20.59 -15.03 -6.22
C LEU D 180 -21.28 -15.37 -7.53
N LEU D 181 -20.80 -14.77 -8.60
CA LEU D 181 -21.54 -14.74 -9.85
C LEU D 181 -21.02 -15.74 -10.82
N GLY D 182 -19.99 -16.50 -10.42
CA GLY D 182 -19.35 -17.48 -11.29
C GLY D 182 -18.57 -16.94 -12.49
N VAL D 183 -17.75 -15.92 -12.29
CA VAL D 183 -16.74 -15.58 -13.29
C VAL D 183 -15.53 -16.46 -13.06
N PRO D 184 -15.20 -17.31 -14.04
CA PRO D 184 -14.01 -18.16 -13.95
C PRO D 184 -12.72 -17.36 -13.69
N GLU D 185 -11.69 -18.04 -13.18
CA GLU D 185 -10.43 -17.38 -12.85
C GLU D 185 -9.68 -16.80 -14.08
N PRO D 186 -9.47 -17.62 -15.15
CA PRO D 186 -8.77 -17.06 -16.33
C PRO D 186 -9.42 -15.80 -16.90
N ASP D 187 -10.73 -15.67 -16.78
CA ASP D 187 -11.51 -14.55 -17.35
C ASP D 187 -11.45 -13.22 -16.56
N ARG D 188 -10.87 -13.25 -15.36
CA ARG D 188 -10.91 -12.08 -14.46
C ARG D 188 -9.96 -10.92 -14.81
N ALA D 189 -8.82 -11.23 -15.44
CA ALA D 189 -7.85 -10.21 -15.85
C ALA D 189 -8.47 -9.27 -16.88
N ALA D 190 -9.10 -9.83 -17.91
CA ALA D 190 -9.85 -9.06 -18.91
C ALA D 190 -10.71 -7.99 -18.25
N PHE D 191 -11.24 -8.31 -17.07
CA PHE D 191 -12.08 -7.40 -16.32
C PHE D 191 -11.42 -6.14 -15.82
N ARG D 192 -10.22 -6.25 -15.26
CA ARG D 192 -9.49 -5.03 -14.94
C ARG D 192 -9.32 -4.20 -16.20
N VAL D 193 -8.59 -4.71 -17.18
CA VAL D 193 -8.40 -3.99 -18.44
C VAL D 193 -9.64 -3.12 -18.73
N TRP D 194 -10.82 -3.74 -18.83
CA TRP D 194 -12.03 -3.03 -19.22
C TRP D 194 -12.37 -1.89 -18.28
N THR D 195 -12.15 -2.09 -17.00
CA THR D 195 -12.50 -1.09 -16.01
C THR D 195 -11.58 0.16 -16.12
N ASP D 196 -10.27 -0.02 -15.93
CA ASP D 196 -9.28 1.02 -16.25
C ASP D 196 -9.60 1.75 -17.56
N ALA D 197 -10.40 1.11 -18.41
CA ALA D 197 -10.68 1.62 -19.74
C ALA D 197 -11.89 2.54 -19.75
N PHE D 198 -13.00 2.12 -19.15
CA PHE D 198 -14.19 2.97 -19.13
C PHE D 198 -14.43 3.69 -17.80
N VAL D 199 -13.46 3.56 -16.88
CA VAL D 199 -13.38 4.41 -15.70
C VAL D 199 -12.27 5.47 -15.88
N PHE D 200 -11.27 5.18 -16.70
CA PHE D 200 -10.36 6.24 -17.24
C PHE D 200 -10.14 6.20 -18.77
N PRO D 201 -11.18 6.59 -19.54
CA PRO D 201 -10.98 6.63 -20.99
C PRO D 201 -9.94 7.68 -21.41
N ASP D 202 -9.28 7.39 -22.52
CA ASP D 202 -8.38 8.33 -23.17
C ASP D 202 -9.19 8.94 -24.29
N ASP D 203 -9.44 8.16 -25.33
CA ASP D 203 -10.48 8.49 -26.30
C ASP D 203 -11.77 7.74 -25.95
N PRO D 204 -12.88 8.11 -26.61
CA PRO D 204 -14.12 7.39 -26.41
C PRO D 204 -14.07 5.96 -26.96
N ALA D 205 -13.43 5.76 -28.11
CA ALA D 205 -13.32 4.43 -28.73
C ALA D 205 -12.85 3.41 -27.71
N GLN D 206 -11.90 3.81 -26.86
CA GLN D 206 -11.45 2.98 -25.75
C GLN D 206 -12.66 2.53 -24.95
N ALA D 207 -13.39 3.51 -24.41
CA ALA D 207 -14.58 3.29 -23.56
C ALA D 207 -15.69 2.48 -24.26
N GLN D 208 -15.90 2.79 -25.53
CA GLN D 208 -16.97 2.17 -26.30
C GLN D 208 -16.68 0.71 -26.63
N THR D 209 -15.46 0.42 -27.08
CA THR D 209 -15.09 -0.94 -27.43
C THR D 209 -14.93 -1.80 -26.18
N ALA D 210 -14.52 -1.18 -25.09
CA ALA D 210 -14.47 -1.83 -23.78
C ALA D 210 -15.85 -2.28 -23.33
N MET D 211 -16.89 -1.62 -23.84
CA MET D 211 -18.27 -1.98 -23.53
C MET D 211 -18.77 -3.14 -24.36
N ALA D 212 -18.39 -3.16 -25.62
CA ALA D 212 -18.84 -4.20 -26.52
C ALA D 212 -18.18 -5.50 -26.11
N GLU D 213 -16.89 -5.40 -25.82
CA GLU D 213 -16.09 -6.58 -25.51
C GLU D 213 -16.62 -7.24 -24.25
N MET D 214 -16.74 -6.46 -23.20
CA MET D 214 -17.35 -6.92 -21.96
C MET D 214 -18.79 -7.44 -22.18
N SER D 215 -19.56 -6.71 -22.98
CA SER D 215 -20.95 -7.07 -23.25
C SER D 215 -21.03 -8.44 -23.88
N GLY D 216 -20.19 -8.70 -24.86
CA GLY D 216 -20.18 -9.97 -25.55
C GLY D 216 -19.53 -11.06 -24.71
N TYR D 217 -18.70 -10.66 -23.74
CA TYR D 217 -18.15 -11.63 -22.80
C TYR D 217 -19.22 -12.11 -21.83
N LEU D 218 -19.94 -11.18 -21.19
CA LEU D 218 -21.05 -11.57 -20.32
C LEU D 218 -22.16 -12.35 -21.04
N SER D 219 -22.39 -12.06 -22.31
CA SER D 219 -23.37 -12.84 -23.07
C SER D 219 -22.96 -14.30 -23.16
N ARG D 220 -21.69 -14.53 -23.50
CA ARG D 220 -21.14 -15.85 -23.61
C ARG D 220 -20.93 -16.56 -22.26
N LEU D 221 -20.51 -15.82 -21.24
CA LEU D 221 -20.54 -16.41 -19.90
C LEU D 221 -21.98 -16.82 -19.51
N ILE D 222 -22.99 -16.07 -19.99
CA ILE D 222 -24.40 -16.42 -19.74
C ILE D 222 -24.77 -17.76 -20.42
N ASP D 223 -24.48 -17.88 -21.71
N ASP D 223 -24.48 -17.86 -21.71
CA ASP D 223 -24.82 -19.07 -22.49
CA ASP D 223 -24.80 -19.06 -22.50
C ASP D 223 -24.18 -20.35 -21.95
C ASP D 223 -24.17 -20.34 -21.97
N SER D 224 -22.99 -20.20 -21.35
CA SER D 224 -22.25 -21.36 -20.85
C SER D 224 -22.86 -21.87 -19.56
N LYS D 225 -23.45 -20.98 -18.74
CA LYS D 225 -24.19 -21.38 -17.55
C LYS D 225 -25.43 -22.21 -17.89
N ARG D 226 -26.02 -21.96 -19.05
CA ARG D 226 -27.33 -22.51 -19.39
C ARG D 226 -27.29 -24.04 -19.46
N GLY D 227 -28.28 -24.68 -18.86
CA GLY D 227 -28.37 -26.13 -18.82
C GLY D 227 -27.33 -26.86 -17.97
N GLN D 228 -26.43 -26.13 -17.30
CA GLN D 228 -25.36 -26.78 -16.49
C GLN D 228 -25.74 -27.05 -15.03
N ASP D 229 -26.95 -26.65 -14.61
CA ASP D 229 -27.42 -26.86 -13.22
C ASP D 229 -26.53 -26.23 -12.10
N GLY D 230 -25.77 -25.20 -12.45
CA GLY D 230 -24.97 -24.46 -11.49
C GLY D 230 -25.74 -23.73 -10.41
N GLU D 231 -25.05 -23.42 -9.31
CA GLU D 231 -25.66 -22.84 -8.11
C GLU D 231 -25.16 -21.46 -7.75
N ASP D 232 -24.33 -20.85 -8.59
CA ASP D 232 -23.96 -19.46 -8.38
C ASP D 232 -25.12 -18.52 -8.73
N LEU D 233 -25.01 -17.29 -8.25
CA LEU D 233 -26.04 -16.28 -8.41
C LEU D 233 -26.44 -16.12 -9.87
N LEU D 234 -25.44 -16.17 -10.75
CA LEU D 234 -25.60 -16.00 -12.19
C LEU D 234 -26.36 -17.16 -12.86
N SER D 235 -26.08 -18.38 -12.40
CA SER D 235 -26.85 -19.53 -12.82
C SER D 235 -28.32 -19.38 -12.37
N ALA D 236 -28.51 -18.84 -11.17
CA ALA D 236 -29.86 -18.64 -10.67
C ALA D 236 -30.60 -17.59 -11.52
N LEU D 237 -29.95 -16.46 -11.77
CA LEU D 237 -30.53 -15.46 -12.68
C LEU D 237 -30.82 -16.04 -14.03
N VAL D 238 -29.95 -16.92 -14.53
CA VAL D 238 -30.13 -17.45 -15.87
C VAL D 238 -31.38 -18.33 -15.94
N ARG D 239 -31.55 -19.18 -14.94
CA ARG D 239 -32.79 -19.94 -14.87
C ARG D 239 -34.04 -19.04 -14.73
N THR D 240 -33.96 -18.03 -13.86
CA THR D 240 -35.06 -17.12 -13.60
C THR D 240 -35.49 -16.49 -14.91
N SER D 241 -34.51 -15.98 -15.65
CA SER D 241 -34.80 -15.29 -16.88
C SER D 241 -35.40 -16.21 -17.93
N ASP D 242 -34.85 -17.40 -18.08
CA ASP D 242 -35.41 -18.36 -19.04
C ASP D 242 -36.81 -18.82 -18.65
N GLU D 243 -37.10 -18.86 -17.36
CA GLU D 243 -38.38 -19.37 -16.87
C GLU D 243 -39.48 -18.39 -17.15
N ASP D 244 -39.18 -17.13 -17.00
CA ASP D 244 -40.11 -16.06 -17.26
C ASP D 244 -39.29 -14.86 -17.78
N GLY D 245 -39.26 -14.73 -19.11
CA GLY D 245 -38.62 -13.63 -19.80
C GLY D 245 -39.28 -12.31 -19.50
N SER D 246 -40.46 -12.37 -18.89
CA SER D 246 -41.11 -11.12 -18.51
C SER D 246 -40.76 -10.75 -17.05
N ARG D 247 -40.22 -11.69 -16.28
CA ARG D 247 -39.69 -11.35 -14.96
C ARG D 247 -38.32 -10.70 -15.11
N LEU D 248 -37.49 -11.28 -15.96
CA LEU D 248 -36.19 -10.74 -16.31
C LEU D 248 -36.00 -11.04 -17.81
N THR D 249 -35.99 -9.99 -18.65
CA THR D 249 -35.74 -10.12 -20.11
C THR D 249 -34.30 -10.41 -20.31
N SER D 250 -33.97 -11.00 -21.46
CA SER D 250 -32.57 -11.39 -21.70
C SER D 250 -31.62 -10.17 -21.77
N GLU D 251 -32.13 -8.99 -22.13
CA GLU D 251 -31.34 -7.74 -21.95
C GLU D 251 -31.14 -7.36 -20.48
N GLU D 252 -32.15 -7.63 -19.66
CA GLU D 252 -32.06 -7.30 -18.26
C GLU D 252 -31.15 -8.31 -17.58
N LEU D 253 -31.17 -9.56 -18.02
CA LEU D 253 -30.26 -10.57 -17.51
C LEU D 253 -28.80 -10.15 -17.67
N LEU D 254 -28.42 -9.76 -18.88
CA LEU D 254 -27.12 -9.11 -19.12
C LEU D 254 -26.90 -7.84 -18.29
N GLY D 255 -27.88 -6.93 -18.26
CA GLY D 255 -27.69 -5.68 -17.53
C GLY D 255 -27.39 -5.95 -16.05
N MET D 256 -28.16 -6.88 -15.51
CA MET D 256 -28.00 -7.28 -14.13
C MET D 256 -26.59 -7.80 -13.82
N ALA D 257 -26.02 -8.62 -14.71
CA ALA D 257 -24.67 -9.20 -14.53
C ALA D 257 -23.56 -8.16 -14.64
N HIS D 258 -23.66 -7.30 -15.65
CA HIS D 258 -22.74 -6.18 -15.78
C HIS D 258 -22.83 -5.39 -14.46
N ILE D 259 -24.05 -5.00 -14.06
CA ILE D 259 -24.21 -4.13 -12.93
C ILE D 259 -23.51 -4.71 -11.72
N LEU D 260 -23.81 -5.95 -11.37
CA LEU D 260 -23.35 -6.46 -10.09
C LEU D 260 -21.85 -6.70 -10.11
N LEU D 261 -21.30 -6.85 -11.32
CA LEU D 261 -19.88 -7.13 -11.47
C LEU D 261 -19.03 -5.88 -11.35
N VAL D 262 -19.51 -4.80 -11.97
CA VAL D 262 -18.78 -3.54 -11.98
C VAL D 262 -18.91 -2.80 -10.64
N ALA D 263 -20.13 -2.44 -10.27
CA ALA D 263 -20.33 -1.78 -8.99
C ALA D 263 -19.59 -2.63 -7.99
N GLY D 264 -20.00 -3.90 -7.97
CA GLY D 264 -19.51 -4.93 -7.05
C GLY D 264 -18.02 -5.17 -7.02
N HIS D 265 -17.31 -4.45 -7.89
CA HIS D 265 -15.88 -4.28 -7.66
C HIS D 265 -15.38 -2.80 -7.61
N GLU D 266 -15.49 -2.06 -8.71
CA GLU D 266 -14.82 -0.76 -8.87
C GLU D 266 -14.99 0.34 -7.80
N THR D 267 -16.10 0.34 -7.07
CA THR D 267 -16.26 1.16 -5.86
C THR D 267 -15.49 0.66 -4.61
N THR D 268 -15.38 -0.65 -4.42
CA THR D 268 -14.84 -1.20 -3.19
C THR D 268 -13.31 -1.11 -3.18
N VAL D 269 -12.75 -1.43 -4.34
CA VAL D 269 -11.34 -1.26 -4.65
C VAL D 269 -10.91 0.15 -4.17
N ASN D 270 -11.67 1.16 -4.59
CA ASN D 270 -11.32 2.55 -4.24
C ASN D 270 -11.62 2.95 -2.80
N LEU D 271 -12.64 2.31 -2.21
CA LEU D 271 -12.86 2.40 -0.79
C LEU D 271 -11.63 1.88 -0.01
N ILE D 272 -11.22 0.64 -0.24
CA ILE D 272 -10.06 0.11 0.45
C ILE D 272 -8.82 1.06 0.40
N ALA D 273 -8.44 1.55 -0.79
CA ALA D 273 -7.23 2.36 -0.94
C ALA D 273 -7.36 3.80 -0.40
N ASN D 274 -8.46 4.47 -0.75
CA ASN D 274 -8.71 5.78 -0.19
C ASN D 274 -8.76 5.64 1.31
N GLY D 275 -9.62 4.73 1.78
CA GLY D 275 -9.79 4.47 3.21
C GLY D 275 -8.47 4.31 3.92
N MET D 276 -7.56 3.57 3.31
CA MET D 276 -6.27 3.31 3.91
C MET D 276 -5.38 4.52 3.77
N TYR D 277 -5.55 5.23 2.65
CA TYR D 277 -4.78 6.44 2.44
C TYR D 277 -5.07 7.44 3.56
N ALA D 278 -6.35 7.68 3.84
CA ALA D 278 -6.76 8.62 4.91
C ALA D 278 -6.27 8.15 6.25
N LEU D 279 -6.21 6.83 6.42
CA LEU D 279 -5.76 6.29 7.67
C LEU D 279 -4.24 6.48 7.85
N LEU D 280 -3.47 6.20 6.81
CA LEU D 280 -2.03 6.31 6.92
C LEU D 280 -1.54 7.76 6.92
N SER D 281 -2.37 8.69 6.49
CA SER D 281 -1.97 10.09 6.43
C SER D 281 -2.42 10.89 7.65
N HIS D 282 -2.94 10.15 8.63
CA HIS D 282 -3.49 10.68 9.85
C HIS D 282 -3.07 9.65 10.90
N PRO D 283 -1.79 9.66 11.27
CA PRO D 283 -1.34 8.48 12.01
C PRO D 283 -1.81 8.47 13.50
N ASP D 284 -2.39 9.60 13.94
CA ASP D 284 -3.11 9.72 15.21
C ASP D 284 -4.35 8.80 15.27
N GLN D 285 -5.07 8.75 14.16
CA GLN D 285 -6.25 7.90 14.01
C GLN D 285 -5.83 6.47 13.61
N LEU D 286 -4.58 6.30 13.21
CA LEU D 286 -3.99 4.99 12.98
C LEU D 286 -3.78 4.27 14.32
N ALA D 287 -3.11 4.96 15.23
CA ALA D 287 -2.82 4.40 16.56
C ALA D 287 -4.12 4.03 17.27
N ALA D 288 -5.14 4.88 17.14
CA ALA D 288 -6.43 4.63 17.75
C ALA D 288 -7.00 3.26 17.32
N LEU D 289 -7.09 3.03 16.01
CA LEU D 289 -7.60 1.76 15.50
C LEU D 289 -6.73 0.55 15.87
N ARG D 290 -5.40 0.66 15.80
CA ARG D 290 -4.51 -0.43 16.23
C ARG D 290 -4.81 -0.85 17.66
N ALA D 291 -4.96 0.17 18.52
CA ALA D 291 -5.13 0.04 19.96
C ALA D 291 -6.54 -0.37 20.41
N ASP D 292 -7.48 -0.45 19.47
CA ASP D 292 -8.85 -0.65 19.85
C ASP D 292 -9.68 -0.97 18.60
N MET D 293 -9.63 -2.22 18.14
CA MET D 293 -10.34 -2.63 16.92
C MET D 293 -11.87 -2.68 17.02
N THR D 294 -12.39 -2.26 18.17
CA THR D 294 -13.84 -2.08 18.36
C THR D 294 -14.26 -0.76 17.69
N LEU D 295 -13.28 -0.03 17.15
CA LEU D 295 -13.57 1.21 16.43
C LEU D 295 -13.68 1.03 14.91
N LEU D 296 -13.33 -0.15 14.41
CA LEU D 296 -13.23 -0.44 12.95
C LEU D 296 -14.47 -0.15 12.11
N ASP D 297 -15.63 -0.66 12.52
CA ASP D 297 -16.88 -0.26 11.89
C ASP D 297 -16.94 1.25 11.73
N GLY D 298 -16.73 2.01 12.81
CA GLY D 298 -16.78 3.47 12.78
C GLY D 298 -15.68 4.06 11.91
N ALA D 299 -14.51 3.45 11.97
CA ALA D 299 -13.38 3.94 11.19
C ALA D 299 -13.73 3.81 9.73
N VAL D 300 -14.45 2.75 9.38
CA VAL D 300 -14.84 2.53 7.98
C VAL D 300 -15.92 3.49 7.50
N GLU D 301 -16.98 3.64 8.29
CA GLU D 301 -17.96 4.69 8.03
C GLU D 301 -17.31 6.08 7.84
N GLU D 302 -16.30 6.43 8.63
CA GLU D 302 -15.64 7.72 8.41
C GLU D 302 -14.87 7.78 7.09
N MET D 303 -14.22 6.67 6.68
CA MET D 303 -13.56 6.59 5.34
C MET D 303 -14.58 6.82 4.25
N LEU D 304 -15.78 6.24 4.43
CA LEU D 304 -16.89 6.48 3.52
C LEU D 304 -17.32 7.96 3.56
N ARG D 305 -17.44 8.51 4.75
CA ARG D 305 -17.79 9.92 4.90
C ARG D 305 -16.72 10.88 4.35
N TYR D 306 -15.45 10.49 4.40
CA TYR D 306 -14.35 11.44 4.19
C TYR D 306 -13.55 11.31 2.89
N GLU D 307 -13.45 10.09 2.37
CA GLU D 307 -12.75 9.85 1.13
C GLU D 307 -13.50 8.76 0.37
N GLY D 308 -14.83 8.72 0.56
CA GLY D 308 -15.68 7.76 -0.12
C GLY D 308 -15.38 7.67 -1.59
N PRO D 309 -15.51 6.46 -2.17
CA PRO D 309 -15.10 6.27 -3.56
C PRO D 309 -15.99 6.99 -4.57
N VAL D 310 -17.28 7.15 -4.26
CA VAL D 310 -18.23 7.76 -5.20
C VAL D 310 -18.28 9.27 -5.07
N GLU D 311 -17.55 9.98 -5.94
CA GLU D 311 -17.48 11.45 -5.90
C GLU D 311 -18.84 12.11 -6.17
N SER D 312 -19.45 11.79 -7.31
CA SER D 312 -20.77 12.28 -7.70
C SER D 312 -21.62 11.09 -8.09
N ALA D 313 -22.88 11.09 -7.66
CA ALA D 313 -23.74 10.00 -7.98
C ALA D 313 -23.99 9.94 -9.48
N THR D 314 -24.70 8.91 -9.92
CA THR D 314 -24.87 8.63 -11.32
C THR D 314 -25.90 9.57 -11.91
N TYR D 315 -26.00 9.52 -13.23
CA TYR D 315 -26.82 10.49 -13.94
C TYR D 315 -28.29 10.57 -13.46
N ARG D 316 -28.70 11.79 -13.16
CA ARG D 316 -30.12 12.09 -13.00
C ARG D 316 -30.64 13.05 -14.10
N PHE D 317 -31.93 12.89 -14.45
CA PHE D 317 -32.56 13.75 -15.46
C PHE D 317 -33.89 14.30 -15.01
N PRO D 318 -34.03 15.63 -14.99
CA PRO D 318 -35.33 16.10 -14.54
C PRO D 318 -36.40 15.85 -15.61
N VAL D 319 -37.52 15.28 -15.18
CA VAL D 319 -38.59 14.94 -16.10
C VAL D 319 -39.33 16.22 -16.50
N GLU D 320 -39.40 17.17 -15.57
CA GLU D 320 -39.89 18.53 -15.80
C GLU D 320 -38.80 19.45 -15.27
N PRO D 321 -38.72 20.72 -15.73
CA PRO D 321 -37.63 21.52 -15.21
C PRO D 321 -37.84 21.82 -13.70
N VAL D 322 -36.75 21.95 -12.97
CA VAL D 322 -36.82 22.01 -11.52
C VAL D 322 -36.05 23.23 -11.05
N ASP D 323 -36.72 24.12 -10.32
CA ASP D 323 -36.04 25.29 -9.82
C ASP D 323 -35.36 24.89 -8.53
N LEU D 324 -34.04 24.96 -8.50
CA LEU D 324 -33.31 24.81 -7.24
C LEU D 324 -32.89 26.19 -6.77
N ASP D 325 -33.54 26.63 -5.69
CA ASP D 325 -33.37 27.95 -5.11
C ASP D 325 -32.99 29.01 -6.16
N GLY D 326 -33.75 29.06 -7.23
CA GLY D 326 -33.60 30.14 -8.20
C GLY D 326 -32.86 29.80 -9.48
N THR D 327 -32.14 28.69 -9.48
CA THR D 327 -31.54 28.18 -10.70
C THR D 327 -32.41 27.07 -11.26
N VAL D 328 -32.97 27.31 -12.43
CA VAL D 328 -33.86 26.32 -13.06
C VAL D 328 -33.08 25.32 -13.94
N ILE D 329 -33.08 24.05 -13.54
CA ILE D 329 -32.52 22.98 -14.39
C ILE D 329 -33.56 22.48 -15.40
N PRO D 330 -33.28 22.61 -16.70
CA PRO D 330 -34.18 22.20 -17.79
C PRO D 330 -34.42 20.69 -17.87
N ALA D 331 -35.60 20.30 -18.32
CA ALA D 331 -35.89 18.88 -18.54
C ALA D 331 -34.86 18.22 -19.49
N GLY D 332 -34.47 16.98 -19.14
CA GLY D 332 -33.57 16.21 -20.00
C GLY D 332 -32.08 16.36 -19.73
N ASP D 333 -31.70 17.48 -19.12
CA ASP D 333 -30.31 17.74 -18.75
C ASP D 333 -29.81 16.80 -17.68
N THR D 334 -28.51 16.50 -17.75
CA THR D 334 -27.81 15.60 -16.79
C THR D 334 -27.41 16.28 -15.46
N VAL D 335 -27.71 15.59 -14.36
CA VAL D 335 -27.46 16.15 -13.03
C VAL D 335 -26.59 15.19 -12.21
N LEU D 336 -25.53 15.71 -11.61
CA LEU D 336 -24.68 14.89 -10.74
C LEU D 336 -24.70 15.41 -9.31
N VAL D 337 -25.25 14.64 -8.40
CA VAL D 337 -25.28 15.07 -7.02
C VAL D 337 -23.88 14.90 -6.45
N VAL D 338 -23.31 15.98 -5.93
CA VAL D 338 -21.91 15.91 -5.50
C VAL D 338 -21.79 15.56 -4.04
N LEU D 339 -21.66 14.25 -3.82
CA LEU D 339 -21.66 13.65 -2.51
C LEU D 339 -20.41 14.07 -1.77
N ALA D 340 -19.29 14.12 -2.50
CA ALA D 340 -17.99 14.47 -1.93
C ALA D 340 -18.15 15.78 -1.20
N ASP D 341 -18.97 16.65 -1.75
CA ASP D 341 -19.23 17.90 -1.09
C ASP D 341 -20.31 17.79 0.00
N ALA D 342 -21.31 16.96 -0.19
CA ALA D 342 -22.30 16.84 0.87
C ALA D 342 -21.59 16.47 2.18
N HIS D 343 -20.42 15.85 2.05
CA HIS D 343 -19.67 15.32 3.17
C HIS D 343 -18.68 16.30 3.78
N ARG D 344 -18.58 17.49 3.18
CA ARG D 344 -17.77 18.54 3.76
C ARG D 344 -18.59 19.80 4.13
N THR D 345 -19.92 19.64 4.14
CA THR D 345 -20.82 20.71 4.58
C THR D 345 -20.78 20.78 6.13
N PRO D 346 -20.25 21.89 6.67
CA PRO D 346 -19.82 21.94 8.08
C PRO D 346 -20.99 21.90 9.04
N GLU D 347 -22.13 22.44 8.59
CA GLU D 347 -23.40 22.40 9.32
C GLU D 347 -23.77 20.97 9.65
N ARG D 348 -23.59 20.08 8.67
CA ARG D 348 -23.98 18.70 8.83
C ARG D 348 -22.86 17.88 9.47
N PHE D 349 -21.61 18.22 9.16
CA PHE D 349 -20.48 17.50 9.70
C PHE D 349 -19.48 18.50 10.24
N PRO D 350 -19.61 18.86 11.53
CA PRO D 350 -18.67 19.82 12.16
C PRO D 350 -17.22 19.36 11.95
N ASP D 351 -16.33 20.34 11.76
CA ASP D 351 -14.93 20.10 11.36
C ASP D 351 -14.86 19.10 10.15
N PRO D 352 -15.51 19.45 9.02
CA PRO D 352 -15.62 18.45 7.95
C PRO D 352 -14.29 17.93 7.37
N HIS D 353 -13.20 18.70 7.50
CA HIS D 353 -11.88 18.28 6.95
C HIS D 353 -11.00 17.46 7.92
N ARG D 354 -11.50 17.19 9.12
CA ARG D 354 -10.81 16.29 10.02
C ARG D 354 -11.29 14.91 9.72
N PHE D 355 -10.34 14.02 9.48
CA PHE D 355 -10.62 12.61 9.48
C PHE D 355 -10.68 12.14 10.91
N ASP D 356 -11.88 11.86 11.41
CA ASP D 356 -12.03 11.42 12.80
C ASP D 356 -12.87 10.16 12.94
N ILE D 357 -12.22 9.06 13.30
CA ILE D 357 -12.82 7.73 13.18
C ILE D 357 -13.91 7.51 14.19
N ARG D 358 -13.97 8.44 15.14
CA ARG D 358 -14.95 8.42 16.21
C ARG D 358 -16.18 9.24 15.87
N ARG D 359 -16.10 10.02 14.80
CA ARG D 359 -17.16 10.98 14.57
C ARG D 359 -18.46 10.30 14.25
N ASP D 360 -19.52 11.01 14.58
CA ASP D 360 -20.85 10.63 14.25
C ASP D 360 -20.93 10.66 12.72
N THR D 361 -21.05 9.48 12.10
CA THR D 361 -21.12 9.41 10.65
C THR D 361 -22.51 9.01 10.10
N ALA D 362 -23.43 8.71 11.01
CA ALA D 362 -24.83 8.47 10.65
C ALA D 362 -25.43 9.62 9.81
N GLY D 363 -26.03 9.26 8.67
CA GLY D 363 -26.64 10.25 7.76
C GLY D 363 -25.90 10.42 6.44
N HIS D 364 -24.70 9.87 6.34
CA HIS D 364 -23.84 10.13 5.19
C HIS D 364 -24.43 9.51 3.92
N LEU D 365 -23.88 9.86 2.76
CA LEU D 365 -24.54 9.56 1.51
C LEU D 365 -23.71 8.67 0.61
N ALA D 366 -22.60 8.18 1.14
CA ALA D 366 -21.62 7.39 0.38
C ALA D 366 -22.25 6.26 -0.47
N PHE D 367 -23.47 5.85 -0.07
CA PHE D 367 -24.18 4.69 -0.61
C PHE D 367 -25.47 5.19 -1.23
N GLY D 368 -25.52 6.49 -1.45
CA GLY D 368 -26.73 7.14 -1.93
C GLY D 368 -27.73 7.30 -0.82
N HIS D 369 -28.96 7.56 -1.25
CA HIS D 369 -30.12 7.76 -0.37
C HIS D 369 -31.35 7.68 -1.29
N GLY D 370 -32.45 7.15 -0.78
CA GLY D 370 -33.68 6.97 -1.58
C GLY D 370 -33.89 5.56 -2.13
N ILE D 371 -34.71 5.46 -3.17
CA ILE D 371 -35.05 4.15 -3.71
C ILE D 371 -33.87 3.38 -4.27
N HIS D 372 -32.80 4.06 -4.63
CA HIS D 372 -31.65 3.41 -5.25
C HIS D 372 -30.49 3.20 -4.32
N PHE D 373 -30.73 3.26 -3.00
CA PHE D 373 -29.67 3.06 -2.00
C PHE D 373 -28.91 1.78 -2.27
N CYS D 374 -27.59 1.83 -2.09
CA CYS D 374 -26.73 0.69 -2.43
C CYS D 374 -27.29 -0.59 -1.89
N ILE D 375 -27.42 -1.57 -2.78
CA ILE D 375 -27.93 -2.85 -2.42
C ILE D 375 -26.77 -3.74 -1.95
N GLY D 376 -25.53 -3.33 -2.23
CA GLY D 376 -24.40 -4.13 -1.81
C GLY D 376 -23.66 -3.59 -0.59
N ALA D 377 -24.24 -2.59 0.09
CA ALA D 377 -23.51 -1.94 1.17
C ALA D 377 -22.95 -2.93 2.18
N PRO D 378 -23.75 -3.97 2.57
CA PRO D 378 -23.20 -4.87 3.60
C PRO D 378 -22.04 -5.69 3.09
N LEU D 379 -22.05 -6.04 1.80
CA LEU D 379 -20.94 -6.81 1.20
C LEU D 379 -19.70 -5.96 1.19
N ALA D 380 -19.86 -4.69 0.83
CA ALA D 380 -18.75 -3.75 0.82
C ALA D 380 -18.18 -3.47 2.21
N ARG D 381 -19.07 -3.23 3.15
CA ARG D 381 -18.67 -2.98 4.51
C ARG D 381 -17.89 -4.16 4.93
N LEU D 382 -18.35 -5.34 4.52
CA LEU D 382 -17.71 -6.55 5.03
C LEU D 382 -16.26 -6.64 4.57
N GLU D 383 -16.07 -6.54 3.24
CA GLU D 383 -14.76 -6.53 2.60
C GLU D 383 -13.83 -5.45 3.14
N ALA D 384 -14.31 -4.21 3.21
CA ALA D 384 -13.48 -3.11 3.69
C ALA D 384 -13.00 -3.31 5.15
N ARG D 385 -13.87 -3.84 5.99
CA ARG D 385 -13.53 -4.08 7.39
C ARG D 385 -12.54 -5.22 7.56
N ILE D 386 -12.69 -6.30 6.78
CA ILE D 386 -11.76 -7.45 6.92
C ILE D 386 -10.40 -7.01 6.38
N ALA D 387 -10.42 -6.35 5.21
CA ALA D 387 -9.23 -5.76 4.55
C ALA D 387 -8.43 -4.92 5.53
N VAL D 388 -9.10 -3.91 6.08
CA VAL D 388 -8.52 -2.94 6.99
C VAL D 388 -8.09 -3.58 8.28
N ARG D 389 -8.88 -4.51 8.79
CA ARG D 389 -8.38 -5.22 9.95
C ARG D 389 -7.09 -5.99 9.67
N ALA D 390 -6.97 -6.66 8.51
CA ALA D 390 -5.75 -7.44 8.19
C ALA D 390 -4.47 -6.55 8.13
N LEU D 391 -4.51 -5.55 7.26
CA LEU D 391 -3.42 -4.61 7.13
C LEU D 391 -2.89 -4.10 8.46
N LEU D 392 -3.77 -3.88 9.43
CA LEU D 392 -3.34 -3.32 10.70
C LEU D 392 -2.72 -4.30 11.69
N GLU D 393 -3.17 -5.55 11.68
CA GLU D 393 -2.65 -6.56 12.61
C GLU D 393 -1.36 -7.27 12.15
N ARG D 394 -1.24 -7.53 10.85
CA ARG D 394 -0.13 -8.36 10.34
C ARG D 394 1.09 -7.56 9.88
N CYS D 395 0.85 -6.32 9.48
CA CYS D 395 1.92 -5.42 9.09
C CYS D 395 2.27 -4.52 10.27
N PRO D 396 3.49 -4.66 10.79
CA PRO D 396 3.86 -3.79 11.90
C PRO D 396 4.34 -2.43 11.41
N ASP D 397 3.97 -1.37 12.14
CA ASP D 397 4.30 0.01 11.75
C ASP D 397 4.12 0.21 10.26
N LEU D 398 2.91 -0.04 9.77
CA LEU D 398 2.56 0.33 8.43
C LEU D 398 2.56 1.87 8.41
N ALA D 399 2.59 2.46 7.22
CA ALA D 399 2.79 3.91 7.07
C ALA D 399 2.95 4.21 5.61
N LEU D 400 2.64 5.43 5.21
CA LEU D 400 2.77 5.83 3.81
C LEU D 400 4.21 5.81 3.40
N ASP D 401 4.50 5.12 2.30
CA ASP D 401 5.84 5.08 1.71
C ASP D 401 5.94 6.07 0.52
N VAL D 402 5.46 7.29 0.74
CA VAL D 402 5.61 8.42 -0.18
C VAL D 402 5.01 9.65 0.46
N SER D 403 5.42 10.82 -0.02
CA SER D 403 4.74 12.09 0.27
C SER D 403 3.22 11.98 -0.06
N PRO D 404 2.34 12.68 0.69
CA PRO D 404 1.03 12.88 0.02
C PRO D 404 1.23 13.67 -1.30
N GLY D 405 2.14 14.65 -1.26
CA GLY D 405 2.53 15.43 -2.44
C GLY D 405 2.57 14.64 -3.74
N GLU D 406 3.34 13.54 -3.76
CA GLU D 406 3.53 12.72 -4.97
C GLU D 406 2.43 11.66 -5.29
N LEU D 407 1.23 11.81 -4.74
CA LEU D 407 0.15 10.87 -5.09
C LEU D 407 -0.65 11.31 -6.30
N VAL D 408 -1.06 10.34 -7.11
CA VAL D 408 -1.66 10.66 -8.39
C VAL D 408 -3.07 10.05 -8.44
N TRP D 409 -4.05 10.93 -8.67
CA TRP D 409 -5.47 10.57 -8.65
C TRP D 409 -6.08 10.64 -10.03
N TYR D 410 -7.09 9.78 -10.26
CA TYR D 410 -7.82 9.78 -11.53
C TYR D 410 -8.73 10.98 -11.67
N PRO D 411 -8.61 11.69 -12.81
CA PRO D 411 -9.35 12.88 -13.22
C PRO D 411 -10.86 12.72 -13.29
N ASN D 412 -11.38 11.54 -13.58
CA ASN D 412 -12.85 11.37 -13.50
C ASN D 412 -13.48 12.13 -12.31
N PRO D 413 -14.56 12.88 -12.59
CA PRO D 413 -15.32 13.64 -11.59
C PRO D 413 -16.47 12.86 -10.99
N MET D 414 -16.62 11.61 -11.39
CA MET D 414 -17.68 10.78 -10.82
C MET D 414 -17.16 9.83 -9.72
N ILE D 415 -15.83 9.73 -9.59
CA ILE D 415 -15.19 8.64 -8.86
C ILE D 415 -13.88 9.10 -8.26
N ARG D 416 -13.68 8.81 -6.98
CA ARG D 416 -12.46 9.22 -6.31
C ARG D 416 -11.56 8.02 -6.17
N GLY D 417 -10.36 8.10 -6.74
CA GLY D 417 -9.49 6.95 -6.82
C GLY D 417 -8.04 7.20 -7.18
N LEU D 418 -7.17 6.41 -6.57
CA LEU D 418 -5.74 6.56 -6.76
C LEU D 418 -5.24 5.78 -7.97
N LYS D 419 -4.03 6.11 -8.43
CA LYS D 419 -3.28 5.26 -9.35
C LYS D 419 -2.69 4.10 -8.56
N ALA D 420 -2.12 4.44 -7.41
CA ALA D 420 -1.28 3.52 -6.66
C ALA D 420 -1.24 3.99 -5.21
N LEU D 421 -0.92 3.10 -4.29
CA LEU D 421 -0.73 3.53 -2.94
C LEU D 421 0.54 2.89 -2.33
N PRO D 422 1.70 3.59 -2.47
CA PRO D 422 2.97 3.11 -1.90
C PRO D 422 2.94 3.02 -0.37
N ILE D 423 3.12 1.82 0.15
CA ILE D 423 3.12 1.61 1.60
C ILE D 423 4.39 0.92 2.05
N ARG D 424 4.78 1.17 3.29
CA ARG D 424 5.91 0.48 3.90
C ARG D 424 5.62 -0.02 5.32
N TRP D 425 6.30 -1.08 5.73
CA TRP D 425 6.19 -1.65 7.08
C TRP D 425 7.56 -2.21 7.55
N ARG D 426 7.74 -2.39 8.86
CA ARG D 426 9.05 -2.80 9.44
C ARG D 426 9.48 -4.22 9.04
N ALA E 30 37.29 29.01 7.37
CA ALA E 30 38.01 27.79 7.84
C ALA E 30 37.84 26.56 6.90
N SER E 31 37.83 26.83 5.58
CA SER E 31 38.07 25.78 4.57
C SER E 31 39.53 25.24 4.69
N PRO E 32 40.54 26.16 4.78
CA PRO E 32 41.96 25.84 4.97
C PRO E 32 42.38 25.57 6.42
N PRO E 33 43.41 24.70 6.63
CA PRO E 33 43.94 24.44 7.97
C PRO E 33 44.51 25.67 8.61
N VAL E 34 44.41 25.71 9.93
CA VAL E 34 44.97 26.78 10.72
C VAL E 34 46.35 26.33 11.16
N LEU E 35 46.67 25.08 10.84
CA LEU E 35 47.86 24.44 11.35
C LEU E 35 48.26 23.20 10.52
N ASP E 36 49.56 23.07 10.32
CA ASP E 36 50.14 21.91 9.62
C ASP E 36 50.93 21.11 10.66
N LEU E 37 50.39 19.98 11.09
CA LEU E 37 51.01 19.29 12.20
C LEU E 37 52.42 18.82 11.80
N GLY E 38 52.52 18.21 10.62
CA GLY E 38 53.77 17.71 10.10
C GLY E 38 54.82 18.79 10.10
N ALA E 39 54.46 20.00 9.70
CA ALA E 39 55.44 21.11 9.66
C ALA E 39 56.11 21.35 11.01
N LEU E 40 55.43 20.94 12.08
CA LEU E 40 55.90 21.25 13.43
C LEU E 40 57.10 20.42 13.94
N GLY E 41 57.24 19.18 13.46
CA GLY E 41 58.47 18.40 13.65
C GLY E 41 58.30 17.36 14.73
N GLN E 42 59.41 16.75 15.20
CA GLN E 42 59.29 15.69 16.24
C GLN E 42 58.89 16.30 17.58
N ASP E 43 59.28 17.55 17.78
CA ASP E 43 58.78 18.36 18.86
C ASP E 43 57.27 18.16 19.07
N PHE E 44 56.47 18.28 18.01
CA PHE E 44 55.04 17.94 18.15
C PHE E 44 54.83 16.47 18.55
N ALA E 45 55.43 15.56 17.80
CA ALA E 45 55.36 14.12 18.09
C ALA E 45 55.68 13.81 19.56
N ALA E 46 56.81 14.33 20.03
CA ALA E 46 57.24 14.23 21.45
C ALA E 46 56.27 14.83 22.50
N ASP E 47 55.76 16.03 22.25
CA ASP E 47 54.91 16.73 23.23
C ASP E 47 53.78 17.47 22.53
N PRO E 48 52.65 16.78 22.23
CA PRO E 48 51.57 17.43 21.49
C PRO E 48 50.77 18.36 22.37
N TYR E 49 50.82 18.14 23.67
CA TYR E 49 49.91 18.80 24.61
C TYR E 49 49.79 20.35 24.52
N PRO E 50 50.94 21.08 24.43
CA PRO E 50 50.90 22.54 24.22
C PRO E 50 50.07 23.01 23.01
N THR E 51 50.24 22.36 21.86
CA THR E 51 49.40 22.63 20.67
C THR E 51 47.93 22.42 20.96
N TYR E 52 47.57 21.24 21.43
CA TYR E 52 46.18 20.94 21.65
C TYR E 52 45.58 21.94 22.62
N ALA E 53 46.28 22.19 23.73
CA ALA E 53 45.83 23.15 24.75
C ALA E 53 45.70 24.58 24.23
N ARG E 54 46.56 24.96 23.29
CA ARG E 54 46.43 26.26 22.62
C ARG E 54 45.17 26.29 21.75
N LEU E 55 44.93 25.23 20.99
CA LEU E 55 43.71 25.17 20.18
C LEU E 55 42.44 25.23 21.01
N ARG E 56 42.42 24.51 22.14
CA ARG E 56 41.28 24.50 23.07
C ARG E 56 40.88 25.91 23.49
N ALA E 57 41.88 26.77 23.71
CA ALA E 57 41.66 28.18 24.05
C ALA E 57 40.97 28.88 22.90
N GLU E 58 41.59 28.95 21.72
CA GLU E 58 40.96 29.60 20.54
C GLU E 58 39.59 28.98 20.22
N GLY E 59 39.28 27.79 20.76
CA GLY E 59 37.95 27.22 20.57
C GLY E 59 37.81 25.72 20.58
N PRO E 60 36.63 25.21 20.18
CA PRO E 60 36.23 23.80 20.31
C PRO E 60 36.60 22.84 19.18
N ALA E 61 36.83 23.37 17.98
CA ALA E 61 37.05 22.52 16.79
C ALA E 61 37.88 23.25 15.77
N HIS E 62 38.88 22.57 15.23
CA HIS E 62 39.86 23.19 14.36
C HIS E 62 40.21 22.32 13.15
N ARG E 63 40.28 22.97 11.98
CA ARG E 63 40.63 22.32 10.72
C ARG E 63 42.14 22.24 10.55
N VAL E 64 42.70 21.04 10.43
CA VAL E 64 44.17 20.91 10.34
C VAL E 64 44.70 19.90 9.31
N ARG E 65 45.98 20.08 8.98
CA ARG E 65 46.80 19.15 8.20
C ARG E 65 47.60 18.20 9.11
N THR E 66 47.48 16.91 8.85
CA THR E 66 48.21 15.89 9.59
C THR E 66 49.62 15.64 8.99
N PRO E 67 50.54 15.02 9.75
CA PRO E 67 51.87 14.67 9.24
C PRO E 67 51.84 13.77 8.01
N GLU E 68 50.80 12.94 7.88
CA GLU E 68 50.57 12.14 6.66
C GLU E 68 49.83 12.90 5.58
N GLY E 69 49.31 14.08 5.91
CA GLY E 69 48.83 15.01 4.88
C GLY E 69 47.33 15.15 4.68
N ASN E 70 46.55 14.49 5.54
CA ASN E 70 45.12 14.55 5.42
C ASN E 70 44.60 15.73 6.21
N GLU E 71 43.66 16.45 5.60
CA GLU E 71 43.02 17.55 6.32
C GLU E 71 41.80 17.08 7.11
N VAL E 72 41.86 17.31 8.41
CA VAL E 72 40.84 16.82 9.32
C VAL E 72 40.38 17.95 10.23
N TRP E 73 39.33 17.70 10.99
CA TRP E 73 38.95 18.54 12.11
C TRP E 73 39.48 17.94 13.42
N LEU E 74 39.92 18.76 14.37
CA LEU E 74 40.20 18.29 15.74
C LEU E 74 39.10 18.80 16.68
N VAL E 75 38.58 17.95 17.55
CA VAL E 75 37.73 18.40 18.65
C VAL E 75 38.51 18.31 19.96
N VAL E 76 38.59 19.41 20.70
CA VAL E 76 39.45 19.47 21.90
C VAL E 76 38.66 19.90 23.14
N GLY E 77 39.18 19.57 24.32
CA GLY E 77 38.53 19.90 25.58
C GLY E 77 37.62 18.81 26.07
N TYR E 78 37.74 18.46 27.34
CA TYR E 78 37.09 17.28 27.86
C TYR E 78 35.58 17.17 27.60
N ASP E 79 34.79 18.18 27.98
CA ASP E 79 33.31 18.05 27.93
C ASP E 79 32.74 17.85 26.52
N ARG E 80 33.44 18.45 25.55
CA ARG E 80 33.14 18.35 24.13
C ARG E 80 33.64 17.01 23.57
N ALA E 81 34.87 16.65 23.93
CA ALA E 81 35.39 15.38 23.51
C ALA E 81 34.36 14.27 23.83
N ARG E 82 33.98 14.19 25.10
CA ARG E 82 33.04 13.20 25.60
C ARG E 82 31.77 13.17 24.81
N ALA E 83 31.18 14.35 24.61
CA ALA E 83 29.86 14.51 23.98
C ALA E 83 29.82 13.88 22.58
N VAL E 84 30.77 14.35 21.77
CA VAL E 84 31.02 13.90 20.42
C VAL E 84 31.19 12.40 20.37
N LEU E 85 32.09 11.85 21.17
CA LEU E 85 32.35 10.42 21.13
C LEU E 85 31.00 9.66 21.03
N ALA E 86 30.05 10.05 21.89
CA ALA E 86 28.79 9.35 21.96
C ALA E 86 27.72 9.86 20.98
N ASP E 87 27.89 11.09 20.47
CA ASP E 87 26.86 11.80 19.66
C ASP E 87 26.43 11.09 18.36
N PRO E 88 25.18 10.59 18.30
CA PRO E 88 24.77 9.74 17.17
C PRO E 88 24.77 10.51 15.85
N ARG E 89 24.73 11.84 15.94
CA ARG E 89 24.98 12.74 14.82
C ARG E 89 26.35 12.59 14.18
N PHE E 90 27.30 12.08 14.95
CA PHE E 90 28.64 11.77 14.43
C PHE E 90 28.82 10.30 14.00
N SER E 91 28.37 9.97 12.78
CA SER E 91 28.53 8.61 12.22
C SER E 91 29.97 8.09 12.23
N LYS E 92 30.12 6.76 12.27
CA LYS E 92 31.42 6.14 12.08
C LYS E 92 31.46 5.27 10.82
N ASP E 93 30.43 5.41 10.00
CA ASP E 93 30.28 4.66 8.75
C ASP E 93 30.81 5.50 7.59
N TRP E 94 31.72 4.96 6.79
CA TRP E 94 32.23 5.71 5.64
C TRP E 94 31.20 6.04 4.57
N ARG E 95 30.06 5.37 4.59
CA ARG E 95 29.01 5.78 3.64
C ARG E 95 28.62 7.23 3.91
N ASN E 96 29.11 7.76 5.04
CA ASN E 96 28.82 9.15 5.43
C ASN E 96 30.02 10.10 5.41
N SER E 97 31.20 9.56 5.08
CA SER E 97 32.34 10.38 4.74
C SER E 97 32.10 10.98 3.35
N THR E 98 32.89 11.96 2.96
CA THR E 98 32.85 12.44 1.57
C THR E 98 34.14 11.98 0.88
N THR E 99 35.09 11.56 1.72
CA THR E 99 36.41 11.15 1.32
C THR E 99 36.35 9.68 0.86
N PRO E 100 37.13 9.32 -0.17
CA PRO E 100 37.11 7.96 -0.73
C PRO E 100 37.89 6.94 0.09
N LEU E 101 37.47 5.69 0.03
CA LEU E 101 38.23 4.57 0.60
C LEU E 101 39.05 3.90 -0.51
N THR E 102 40.35 3.77 -0.27
CA THR E 102 41.29 3.16 -1.23
C THR E 102 41.04 1.66 -1.31
N GLU E 103 41.40 1.05 -2.43
CA GLU E 103 41.12 -0.38 -2.72
C GLU E 103 41.40 -1.27 -1.51
N ALA E 104 42.59 -1.12 -0.94
CA ALA E 104 43.02 -1.87 0.25
C ALA E 104 42.11 -1.60 1.44
N GLU E 105 41.84 -0.32 1.67
CA GLU E 105 41.11 0.14 2.86
C GLU E 105 39.65 -0.28 2.88
N ALA E 106 39.06 -0.52 1.71
CA ALA E 106 37.64 -0.90 1.67
C ALA E 106 37.42 -2.39 1.87
N ALA E 107 38.44 -3.18 1.54
CA ALA E 107 38.43 -4.62 1.79
C ALA E 107 38.16 -4.89 3.28
N LEU E 108 38.49 -3.90 4.10
CA LEU E 108 38.67 -4.06 5.55
C LEU E 108 37.69 -3.27 6.44
N ASN E 109 36.96 -2.32 5.86
CA ASN E 109 36.14 -1.40 6.66
C ASN E 109 34.88 -2.03 7.19
N HIS E 110 34.73 -3.34 7.02
CA HIS E 110 33.48 -3.97 7.44
C HIS E 110 33.51 -4.43 8.89
N ASN E 111 33.80 -3.52 9.81
CA ASN E 111 33.92 -3.89 11.21
C ASN E 111 33.07 -3.02 12.11
N MET E 112 32.91 -3.46 13.33
CA MET E 112 32.09 -2.73 14.25
C MET E 112 32.56 -1.31 14.49
N LEU E 113 33.87 -1.05 14.43
CA LEU E 113 34.37 0.29 14.73
C LEU E 113 33.89 1.25 13.66
N GLU E 114 33.70 0.76 12.44
CA GLU E 114 33.38 1.65 11.31
C GLU E 114 31.94 1.43 10.87
N SER E 115 31.07 1.38 11.88
CA SER E 115 29.69 0.93 11.76
C SER E 115 28.79 1.67 12.72
N ASP E 116 27.62 2.09 12.23
CA ASP E 116 26.54 2.63 13.06
C ASP E 116 25.54 1.52 13.35
N PRO E 117 24.60 1.76 14.29
CA PRO E 117 23.49 0.83 14.45
C PRO E 117 22.61 0.89 13.21
N PRO E 118 22.00 -0.24 12.79
CA PRO E 118 22.01 -1.53 13.47
C PRO E 118 23.18 -2.48 13.10
N ARG E 119 23.97 -2.14 12.08
CA ARG E 119 25.11 -3.00 11.77
C ARG E 119 26.04 -3.17 12.97
N HIS E 120 26.38 -2.05 13.62
CA HIS E 120 27.24 -2.08 14.78
C HIS E 120 26.66 -3.06 15.78
N THR E 121 25.35 -2.93 16.01
CA THR E 121 24.67 -3.69 17.06
C THR E 121 24.93 -5.15 16.80
N ARG E 122 24.63 -5.57 15.57
CA ARG E 122 24.87 -6.93 15.09
C ARG E 122 26.31 -7.45 15.21
N LEU E 123 27.29 -6.67 14.75
CA LEU E 123 28.68 -7.15 14.67
C LEU E 123 29.24 -7.38 16.07
N ARG E 124 29.39 -6.32 16.85
CA ARG E 124 29.65 -6.46 18.27
C ARG E 124 28.89 -7.66 18.87
N LYS E 125 27.59 -7.80 18.63
CA LYS E 125 26.86 -8.91 19.26
C LYS E 125 27.48 -10.28 19.04
N LEU E 126 28.15 -10.46 17.91
CA LEU E 126 28.73 -11.76 17.61
C LEU E 126 29.87 -12.17 18.54
N VAL E 127 30.61 -11.20 19.11
CA VAL E 127 31.77 -11.53 19.96
C VAL E 127 31.71 -10.96 21.37
N ALA E 128 30.61 -10.30 21.70
CA ALA E 128 30.38 -9.84 23.08
C ALA E 128 30.68 -10.90 24.17
N ARG E 129 29.98 -12.05 24.11
CA ARG E 129 30.27 -13.20 25.02
C ARG E 129 31.78 -13.36 25.21
N GLU E 130 32.54 -13.28 24.12
CA GLU E 130 34.00 -13.50 24.15
C GLU E 130 34.81 -12.66 25.11
N PHE E 131 34.44 -11.40 25.29
CA PHE E 131 35.33 -10.46 25.95
C PHE E 131 34.79 -9.86 27.24
N THR E 132 33.86 -10.56 27.89
CA THR E 132 33.32 -10.10 29.17
C THR E 132 34.34 -10.27 30.30
N MET E 133 34.06 -9.64 31.42
CA MET E 133 34.95 -9.69 32.57
C MET E 133 35.12 -11.11 33.11
N ARG E 134 34.02 -11.80 33.41
CA ARG E 134 34.09 -13.21 33.85
C ARG E 134 34.92 -14.07 32.88
N ARG E 135 34.81 -13.80 31.58
CA ARG E 135 35.54 -14.52 30.56
C ARG E 135 37.01 -14.14 30.50
N VAL E 136 37.30 -12.85 30.49
CA VAL E 136 38.68 -12.40 30.64
C VAL E 136 39.32 -12.93 31.91
N GLU E 137 38.55 -13.04 32.98
CA GLU E 137 39.10 -13.60 34.21
C GLU E 137 39.65 -15.01 34.01
N LEU E 138 38.89 -15.86 33.31
CA LEU E 138 39.36 -17.20 32.93
C LEU E 138 40.74 -17.18 32.26
N LEU E 139 41.07 -16.04 31.64
CA LEU E 139 42.36 -15.97 30.98
C LEU E 139 43.48 -15.59 31.91
N ARG E 140 43.16 -15.33 33.19
CA ARG E 140 44.17 -14.86 34.13
C ARG E 140 45.37 -15.78 34.18
N PRO E 141 45.17 -17.07 34.47
CA PRO E 141 46.37 -17.90 34.58
C PRO E 141 47.18 -17.95 33.28
N ARG E 142 46.53 -18.10 32.13
CA ARG E 142 47.26 -18.09 30.86
C ARG E 142 48.08 -16.80 30.62
N VAL E 143 47.42 -15.66 30.73
CA VAL E 143 48.15 -14.41 30.67
C VAL E 143 49.28 -14.29 31.73
N GLN E 144 49.00 -14.58 32.99
CA GLN E 144 50.07 -14.64 33.98
C GLN E 144 51.27 -15.48 33.48
N GLU E 145 50.99 -16.64 32.90
CA GLU E 145 52.02 -17.54 32.48
C GLU E 145 52.95 -16.93 31.39
N ILE E 146 52.37 -16.17 30.47
CA ILE E 146 53.08 -15.59 29.35
C ILE E 146 54.04 -14.49 29.80
N VAL E 147 53.55 -13.63 30.69
CA VAL E 147 54.36 -12.56 31.27
C VAL E 147 55.50 -13.17 32.08
N ASP E 148 55.16 -14.11 32.95
CA ASP E 148 56.17 -14.78 33.71
C ASP E 148 57.29 -15.37 32.80
N GLY E 149 56.91 -16.01 31.69
CA GLY E 149 57.88 -16.46 30.71
C GLY E 149 58.67 -15.33 30.05
N LEU E 150 57.96 -14.30 29.61
CA LEU E 150 58.61 -13.16 28.94
C LEU E 150 59.59 -12.42 29.85
N VAL E 151 59.14 -12.14 31.07
CA VAL E 151 59.99 -11.49 32.06
C VAL E 151 61.18 -12.38 32.40
N ASP E 152 60.97 -13.70 32.43
CA ASP E 152 62.08 -14.66 32.70
C ASP E 152 63.23 -14.49 31.70
N ALA E 153 62.92 -14.60 30.42
CA ALA E 153 63.90 -14.43 29.35
C ALA E 153 64.56 -13.05 29.36
N MET E 154 63.79 -12.00 29.64
CA MET E 154 64.34 -10.62 29.77
C MET E 154 65.35 -10.50 30.90
N LEU E 155 65.04 -11.15 32.02
CA LEU E 155 65.87 -11.07 33.19
C LEU E 155 67.15 -11.86 33.01
N ALA E 156 67.32 -12.48 31.85
CA ALA E 156 68.57 -13.21 31.57
C ALA E 156 69.47 -12.49 30.57
N ALA E 157 69.16 -11.22 30.30
CA ALA E 157 70.00 -10.39 29.43
C ALA E 157 71.36 -10.16 30.09
N PRO E 158 72.43 -10.47 29.38
CA PRO E 158 73.78 -10.44 29.99
C PRO E 158 74.21 -9.12 30.70
N ASP E 159 73.46 -8.04 30.53
CA ASP E 159 73.84 -6.78 31.16
C ASP E 159 72.83 -6.21 32.16
N GLY E 160 71.68 -6.85 32.25
CA GLY E 160 70.60 -6.29 33.03
C GLY E 160 69.91 -5.10 32.35
N ARG E 161 70.08 -4.99 31.03
CA ARG E 161 69.44 -3.97 30.16
C ARG E 161 68.62 -4.64 29.05
N ALA E 162 67.57 -3.98 28.59
CA ALA E 162 66.69 -4.51 27.54
C ALA E 162 65.77 -3.46 26.93
N ASP E 163 65.41 -3.68 25.67
CA ASP E 163 64.32 -2.92 25.10
C ASP E 163 63.07 -3.58 25.64
N LEU E 164 62.31 -2.82 26.42
CA LEU E 164 61.06 -3.27 27.05
C LEU E 164 59.97 -3.49 26.03
N MET E 165 60.02 -2.68 24.98
CA MET E 165 59.04 -2.74 23.91
C MET E 165 59.15 -4.14 23.31
N GLU E 166 60.38 -4.48 22.90
CA GLU E 166 60.77 -5.77 22.34
C GLU E 166 60.51 -6.93 23.29
N SER E 167 60.96 -6.73 24.53
CA SER E 167 61.04 -7.82 25.48
C SER E 167 59.71 -8.22 26.06
N LEU E 168 58.86 -7.23 26.37
CA LEU E 168 57.56 -7.46 27.00
C LEU E 168 56.41 -6.83 26.25
N ALA E 169 56.48 -5.52 25.97
CA ALA E 169 55.29 -4.75 25.58
C ALA E 169 54.69 -5.16 24.24
N TRP E 170 55.53 -5.48 23.27
CA TRP E 170 54.99 -6.04 22.03
C TRP E 170 54.65 -7.57 22.18
N PRO E 171 55.56 -8.39 22.74
CA PRO E 171 55.22 -9.80 22.63
C PRO E 171 54.03 -10.20 23.44
N LEU E 172 53.85 -9.61 24.61
CA LEU E 172 52.71 -9.95 25.46
C LEU E 172 51.31 -9.97 24.78
N PRO E 173 50.84 -8.80 24.24
CA PRO E 173 49.48 -8.69 23.71
C PRO E 173 49.24 -9.36 22.34
N ILE E 174 50.30 -9.54 21.54
CA ILE E 174 50.18 -10.20 20.24
C ILE E 174 50.03 -11.69 20.47
N THR E 175 50.54 -12.13 21.61
CA THR E 175 50.56 -13.54 21.99
C THR E 175 49.19 -13.90 22.49
N VAL E 176 48.66 -13.06 23.36
CA VAL E 176 47.36 -13.31 23.92
C VAL E 176 46.29 -13.33 22.83
N ILE E 177 46.22 -12.26 22.03
CA ILE E 177 45.18 -12.13 20.97
C ILE E 177 45.30 -13.18 19.84
N SER E 178 46.54 -13.56 19.49
CA SER E 178 46.74 -14.60 18.49
C SER E 178 46.20 -15.94 18.95
N GLU E 179 46.37 -16.25 20.24
CA GLU E 179 45.84 -17.51 20.77
C GLU E 179 44.31 -17.55 20.64
N LEU E 180 43.65 -16.48 21.06
CA LEU E 180 42.21 -16.35 20.88
C LEU E 180 41.72 -16.50 19.44
N LEU E 181 42.43 -15.93 18.48
CA LEU E 181 41.97 -15.97 17.08
C LEU E 181 42.75 -16.96 16.23
N GLY E 182 43.39 -17.92 16.90
CA GLY E 182 44.23 -18.92 16.23
C GLY E 182 45.22 -18.43 15.17
N VAL E 183 46.08 -17.46 15.48
CA VAL E 183 47.18 -17.11 14.57
C VAL E 183 48.48 -17.90 14.91
N PRO E 184 48.97 -18.75 13.99
CA PRO E 184 50.22 -19.53 14.27
C PRO E 184 51.38 -18.64 14.73
N GLU E 185 52.14 -19.14 15.70
CA GLU E 185 53.42 -18.53 16.09
C GLU E 185 54.35 -18.10 14.90
N PRO E 186 54.43 -18.87 13.81
CA PRO E 186 55.22 -18.38 12.67
C PRO E 186 54.68 -17.16 11.90
N ASP E 187 53.43 -16.75 12.16
CA ASP E 187 52.77 -15.65 11.40
C ASP E 187 52.68 -14.32 12.17
N ARG E 188 53.07 -14.35 13.42
CA ARG E 188 52.93 -13.20 14.32
C ARG E 188 53.98 -12.12 14.09
N ALA E 189 55.19 -12.49 13.72
CA ALA E 189 56.23 -11.47 13.51
C ALA E 189 55.86 -10.55 12.32
N ALA E 190 55.26 -11.11 11.28
CA ALA E 190 54.73 -10.29 10.17
C ALA E 190 54.06 -9.02 10.66
N PHE E 191 53.18 -9.16 11.64
CA PHE E 191 52.31 -8.06 12.14
C PHE E 191 53.02 -6.85 12.71
N ARG E 192 54.23 -7.03 13.24
CA ARG E 192 54.98 -5.90 13.75
C ARG E 192 55.49 -5.18 12.52
N VAL E 193 55.87 -5.95 11.50
CA VAL E 193 56.35 -5.35 10.27
C VAL E 193 55.24 -4.46 9.68
N TRP E 194 54.00 -4.96 9.74
CA TRP E 194 52.85 -4.22 9.22
C TRP E 194 52.45 -3.05 10.13
N THR E 195 52.42 -3.28 11.44
CA THR E 195 52.11 -2.22 12.41
C THR E 195 52.99 -0.98 12.21
N ASP E 196 54.30 -1.17 12.27
CA ASP E 196 55.18 -0.04 12.02
C ASP E 196 54.77 0.55 10.66
N ALA E 197 54.77 -0.29 9.63
CA ALA E 197 54.38 0.16 8.30
C ALA E 197 53.24 1.20 8.36
N PHE E 198 52.12 0.91 9.00
CA PHE E 198 51.10 1.96 9.06
C PHE E 198 50.99 2.68 10.37
N VAL E 199 51.97 3.56 10.59
CA VAL E 199 52.22 4.32 11.83
C VAL E 199 53.44 5.25 11.60
N PHE E 200 54.56 4.71 11.11
CA PHE E 200 55.57 5.52 10.36
C PHE E 200 55.92 4.88 9.01
N PRO E 201 55.00 4.99 8.03
CA PRO E 201 55.50 4.64 6.71
C PRO E 201 56.48 5.72 6.28
N ASP E 202 57.62 5.29 5.75
CA ASP E 202 58.60 6.21 5.19
C ASP E 202 57.86 7.00 4.11
N ASP E 203 57.57 6.31 3.01
CA ASP E 203 56.67 6.75 1.96
C ASP E 203 55.23 6.40 2.36
N PRO E 204 54.23 7.03 1.71
CA PRO E 204 52.87 6.53 1.99
C PRO E 204 52.61 5.21 1.26
N ALA E 205 53.54 4.79 0.41
CA ALA E 205 53.40 3.56 -0.37
C ALA E 205 53.57 2.33 0.50
N GLN E 206 54.45 2.43 1.49
CA GLN E 206 54.68 1.38 2.48
C GLN E 206 53.37 1.09 3.22
N ALA E 207 52.68 2.15 3.64
CA ALA E 207 51.37 2.02 4.28
C ALA E 207 50.40 1.12 3.50
N GLN E 208 50.14 1.45 2.24
CA GLN E 208 49.19 0.70 1.42
C GLN E 208 49.67 -0.73 1.18
N THR E 209 50.96 -0.87 0.94
CA THR E 209 51.57 -2.16 0.68
C THR E 209 51.29 -3.11 1.84
N ALA E 210 51.37 -2.59 3.07
CA ALA E 210 51.14 -3.40 4.27
C ALA E 210 49.74 -3.94 4.28
N MET E 211 48.77 -3.04 4.07
CA MET E 211 47.35 -3.35 4.21
C MET E 211 46.90 -4.45 3.29
N ALA E 212 47.44 -4.44 2.08
CA ALA E 212 47.14 -5.44 1.09
C ALA E 212 47.74 -6.76 1.51
N GLU E 213 48.87 -6.71 2.18
CA GLU E 213 49.57 -7.92 2.51
C GLU E 213 48.93 -8.56 3.73
N MET E 214 48.44 -7.71 4.62
CA MET E 214 47.71 -8.13 5.79
C MET E 214 46.36 -8.67 5.33
N SER E 215 45.60 -7.81 4.67
CA SER E 215 44.32 -8.18 4.11
C SER E 215 44.41 -9.46 3.30
N GLY E 216 45.55 -9.66 2.64
CA GLY E 216 45.78 -10.89 1.90
C GLY E 216 45.95 -12.05 2.84
N TYR E 217 46.86 -11.89 3.81
CA TYR E 217 47.14 -12.96 4.76
C TYR E 217 45.86 -13.38 5.53
N LEU E 218 45.21 -12.42 6.19
CA LEU E 218 43.89 -12.66 6.80
C LEU E 218 42.89 -13.51 5.99
N SER E 219 42.74 -13.24 4.69
CA SER E 219 41.86 -14.03 3.88
C SER E 219 42.32 -15.48 3.77
N ARG E 220 43.62 -15.68 3.62
CA ARG E 220 44.18 -17.02 3.61
C ARG E 220 43.98 -17.69 4.98
N LEU E 221 44.24 -16.93 6.06
CA LEU E 221 44.14 -17.50 7.40
C LEU E 221 42.71 -18.05 7.59
N ILE E 222 41.74 -17.16 7.40
CA ILE E 222 40.34 -17.53 7.35
C ILE E 222 40.07 -18.84 6.57
N ASP E 223 40.52 -18.87 5.32
N ASP E 223 40.49 -18.95 5.30
CA ASP E 223 40.35 -20.04 4.46
CA ASP E 223 40.18 -20.18 4.53
C ASP E 223 40.91 -21.29 5.14
C ASP E 223 41.08 -21.39 4.84
N SER E 224 42.15 -21.21 5.60
CA SER E 224 42.88 -22.35 6.15
C SER E 224 42.14 -23.01 7.33
N LYS E 225 41.17 -22.29 7.91
CA LYS E 225 40.43 -22.76 9.07
C LYS E 225 39.28 -23.71 8.74
N ARG E 226 38.80 -23.67 7.49
CA ARG E 226 37.65 -24.46 7.03
C ARG E 226 37.94 -25.93 7.06
N GLY E 227 36.97 -26.69 7.59
CA GLY E 227 37.10 -28.13 7.88
C GLY E 227 38.32 -28.52 8.71
N GLN E 228 38.81 -27.62 9.57
CA GLN E 228 39.94 -27.98 10.43
C GLN E 228 39.59 -28.15 11.92
N ASP E 229 38.34 -27.88 12.29
CA ASP E 229 37.81 -28.17 13.65
C ASP E 229 38.59 -27.42 14.72
N GLY E 230 39.22 -26.30 14.35
CA GLY E 230 39.94 -25.47 15.32
C GLY E 230 38.95 -24.93 16.32
N GLU E 231 39.39 -24.79 17.57
CA GLU E 231 38.51 -24.23 18.61
C GLU E 231 38.65 -22.72 18.91
N ASP E 232 39.47 -22.00 18.15
CA ASP E 232 39.69 -20.56 18.37
C ASP E 232 38.50 -19.73 17.87
N LEU E 233 38.47 -18.49 18.32
CA LEU E 233 37.36 -17.62 17.96
C LEU E 233 37.16 -17.48 16.45
N LEU E 234 38.24 -17.45 15.70
CA LEU E 234 38.13 -17.20 14.30
C LEU E 234 37.42 -18.40 13.67
N SER E 235 37.97 -19.59 13.85
CA SER E 235 37.36 -20.84 13.39
C SER E 235 35.84 -20.86 13.59
N ALA E 236 35.43 -20.62 14.83
CA ALA E 236 34.04 -20.61 15.24
C ALA E 236 33.24 -19.62 14.41
N LEU E 237 33.84 -18.45 14.20
CA LEU E 237 33.26 -17.43 13.36
C LEU E 237 33.10 -17.88 11.90
N VAL E 238 34.09 -18.57 11.36
CA VAL E 238 33.95 -19.12 10.02
C VAL E 238 32.74 -20.05 9.99
N ARG E 239 32.61 -20.87 11.01
CA ARG E 239 31.51 -21.81 11.06
C ARG E 239 30.12 -21.11 11.15
N THR E 240 29.98 -20.18 12.10
CA THR E 240 28.81 -19.30 12.11
C THR E 240 28.46 -18.84 10.69
N SER E 241 29.40 -18.16 10.03
CA SER E 241 29.21 -17.48 8.75
C SER E 241 28.97 -18.43 7.57
N ASP E 242 29.74 -19.50 7.53
CA ASP E 242 29.55 -20.57 6.57
C ASP E 242 28.17 -21.18 6.69
N GLU E 243 27.66 -21.28 7.91
CA GLU E 243 26.37 -21.90 8.16
C GLU E 243 25.14 -21.06 7.81
N ASP E 244 25.23 -19.75 8.04
CA ASP E 244 24.13 -18.79 7.81
C ASP E 244 24.76 -17.43 7.39
N GLY E 245 24.83 -17.22 6.06
CA GLY E 245 25.52 -16.09 5.43
C GLY E 245 24.87 -14.75 5.72
N SER E 246 23.57 -14.79 5.99
CA SER E 246 22.83 -13.60 6.41
C SER E 246 23.31 -13.11 7.77
N ARG E 247 24.06 -13.95 8.50
CA ARG E 247 24.49 -13.60 9.86
C ARG E 247 25.86 -12.93 9.93
N LEU E 248 26.82 -13.47 9.21
CA LEU E 248 28.09 -12.79 8.98
C LEU E 248 28.45 -12.94 7.50
N THR E 249 28.61 -11.82 6.79
CA THR E 249 29.13 -11.85 5.42
C THR E 249 30.64 -12.13 5.49
N SER E 250 31.24 -12.39 4.34
CA SER E 250 32.64 -12.72 4.26
C SER E 250 33.47 -11.50 4.52
N GLU E 251 33.11 -10.41 3.85
CA GLU E 251 33.62 -9.06 4.13
C GLU E 251 33.68 -8.81 5.64
N GLU E 252 32.55 -9.09 6.31
CA GLU E 252 32.39 -8.90 7.75
C GLU E 252 33.24 -9.88 8.55
N LEU E 253 33.29 -11.12 8.10
CA LEU E 253 34.20 -12.09 8.68
C LEU E 253 35.62 -11.53 8.60
N LEU E 254 35.99 -11.08 7.40
CA LEU E 254 37.28 -10.43 7.19
C LEU E 254 37.40 -9.18 8.09
N GLY E 255 36.32 -8.41 8.15
CA GLY E 255 36.30 -7.23 8.99
C GLY E 255 36.69 -7.55 10.42
N MET E 256 36.01 -8.55 10.97
CA MET E 256 36.13 -8.91 12.38
C MET E 256 37.55 -9.39 12.68
N ALA E 257 38.07 -10.22 11.77
CA ALA E 257 39.38 -10.80 11.94
C ALA E 257 40.33 -9.64 12.13
N HIS E 258 40.36 -8.80 11.12
CA HIS E 258 41.24 -7.66 11.09
C HIS E 258 41.16 -6.84 12.37
N ILE E 259 39.98 -6.30 12.66
CA ILE E 259 39.77 -5.40 13.79
C ILE E 259 40.15 -6.03 15.13
N LEU E 260 39.78 -7.28 15.38
CA LEU E 260 40.17 -7.91 16.64
C LEU E 260 41.67 -8.22 16.65
N LEU E 261 42.28 -8.27 15.48
CA LEU E 261 43.72 -8.54 15.46
C LEU E 261 44.55 -7.33 15.74
N VAL E 262 44.27 -6.26 15.02
CA VAL E 262 45.07 -5.06 15.05
C VAL E 262 44.71 -4.27 16.31
N ALA E 263 43.42 -3.98 16.49
CA ALA E 263 42.94 -3.24 17.64
C ALA E 263 42.96 -4.05 18.94
N GLY E 264 43.41 -5.30 18.89
CA GLY E 264 43.85 -6.01 20.09
C GLY E 264 45.14 -5.32 20.52
N HIS E 265 46.23 -6.10 20.49
CA HIS E 265 47.47 -5.63 19.87
C HIS E 265 47.96 -4.18 20.15
N GLU E 266 47.94 -3.33 19.11
CA GLU E 266 48.73 -2.07 19.03
C GLU E 266 48.55 -1.10 20.20
N THR E 267 47.32 -1.06 20.74
CA THR E 267 46.97 -0.13 21.79
C THR E 267 47.54 -0.60 23.15
N THR E 268 47.32 -1.86 23.51
CA THR E 268 47.90 -2.44 24.73
C THR E 268 49.42 -2.33 24.77
N VAL E 269 50.06 -2.68 23.67
CA VAL E 269 51.52 -2.57 23.60
C VAL E 269 51.92 -1.20 24.09
N ASN E 270 51.33 -0.19 23.46
CA ASN E 270 51.68 1.19 23.76
C ASN E 270 51.21 1.65 25.14
N LEU E 271 50.17 1.01 25.69
CA LEU E 271 49.74 1.31 27.05
C LEU E 271 50.83 0.91 28.05
N ILE E 272 51.39 -0.28 27.82
CA ILE E 272 52.40 -0.84 28.71
C ILE E 272 53.67 -0.02 28.62
N ALA E 273 54.07 0.35 27.41
CA ALA E 273 55.36 1.05 27.25
C ALA E 273 55.22 2.52 27.68
N ASN E 274 54.11 3.18 27.34
CA ASN E 274 53.89 4.56 27.81
C ASN E 274 53.73 4.47 29.34
N GLY E 275 53.07 3.40 29.76
CA GLY E 275 52.66 3.23 31.15
C GLY E 275 53.88 3.24 32.03
N MET E 276 54.87 2.46 31.63
CA MET E 276 56.13 2.30 32.38
C MET E 276 57.09 3.46 32.20
N TYR E 277 56.97 4.21 31.08
CA TYR E 277 57.76 5.43 30.88
C TYR E 277 57.37 6.41 31.96
N ALA E 278 56.07 6.66 32.02
CA ALA E 278 55.49 7.51 33.03
C ALA E 278 55.92 7.07 34.43
N LEU E 279 55.71 5.80 34.75
CA LEU E 279 56.10 5.32 36.06
C LEU E 279 57.58 5.59 36.28
N LEU E 280 58.44 5.13 35.36
CA LEU E 280 59.90 5.29 35.49
C LEU E 280 60.44 6.71 35.36
N SER E 281 59.66 7.64 34.82
CA SER E 281 60.12 9.02 34.82
C SER E 281 59.60 9.78 36.05
N HIS E 282 58.97 9.05 36.97
CA HIS E 282 58.40 9.65 38.18
C HIS E 282 58.67 8.81 39.44
N PRO E 283 59.91 8.86 39.96
CA PRO E 283 60.33 8.12 41.15
C PRO E 283 59.34 8.16 42.33
N ASP E 284 58.95 9.35 42.79
CA ASP E 284 57.93 9.49 43.84
C ASP E 284 56.69 8.51 43.63
N GLN E 285 56.16 8.46 42.41
CA GLN E 285 55.02 7.57 42.11
C GLN E 285 55.38 6.07 42.11
N LEU E 286 56.47 5.72 41.41
CA LEU E 286 57.08 4.40 41.50
C LEU E 286 57.28 3.96 42.94
N ALA E 287 57.81 4.86 43.77
CA ALA E 287 58.05 4.56 45.18
C ALA E 287 56.74 4.23 45.89
N ALA E 288 55.75 5.09 45.71
CA ALA E 288 54.46 4.89 46.35
C ALA E 288 53.83 3.51 46.01
N LEU E 289 53.80 3.14 44.72
CA LEU E 289 53.28 1.84 44.29
C LEU E 289 54.03 0.61 44.87
N ARG E 290 55.35 0.67 44.82
CA ARG E 290 56.20 -0.36 45.43
C ARG E 290 55.85 -0.53 46.90
N ALA E 291 55.68 0.59 47.61
CA ALA E 291 55.38 0.56 49.04
C ALA E 291 53.98 0.02 49.32
N ASP E 292 53.10 0.03 48.31
CA ASP E 292 51.70 -0.36 48.48
C ASP E 292 51.13 -0.86 47.14
N MET E 293 51.16 -2.17 46.94
CA MET E 293 50.72 -2.70 45.64
C MET E 293 49.23 -2.58 45.42
N THR E 294 48.47 -2.29 46.49
CA THR E 294 47.02 -2.18 46.36
C THR E 294 46.71 -1.02 45.45
N LEU E 295 47.66 -0.10 45.36
CA LEU E 295 47.53 1.05 44.50
C LEU E 295 47.63 0.77 43.00
N LEU E 296 47.79 -0.50 42.61
CA LEU E 296 48.08 -0.85 41.22
C LEU E 296 47.02 -0.43 40.18
N ASP E 297 45.78 -0.77 40.48
CA ASP E 297 44.68 -0.50 39.59
C ASP E 297 44.52 1.00 39.35
N GLY E 298 44.56 1.79 40.43
CA GLY E 298 44.61 3.23 40.29
C GLY E 298 45.74 3.61 39.34
N ALA E 299 46.94 3.10 39.65
CA ALA E 299 48.13 3.38 38.87
C ALA E 299 47.97 3.11 37.39
N VAL E 300 47.36 1.99 37.03
CA VAL E 300 47.12 1.65 35.62
C VAL E 300 46.07 2.56 34.94
N GLU E 301 45.01 2.92 35.67
CA GLU E 301 44.07 3.92 35.15
C GLU E 301 44.76 5.27 34.94
N GLU E 302 45.74 5.60 35.77
CA GLU E 302 46.42 6.87 35.58
C GLU E 302 47.51 6.81 34.51
N MET E 303 47.99 5.62 34.17
CA MET E 303 48.82 5.51 32.97
C MET E 303 47.93 5.86 31.78
N LEU E 304 46.69 5.35 31.82
CA LEU E 304 45.68 5.56 30.79
C LEU E 304 45.30 7.04 30.66
N ARG E 305 45.10 7.70 31.79
CA ARG E 305 44.73 9.10 31.79
C ARG E 305 45.91 9.92 31.30
N TYR E 306 47.08 9.63 31.88
CA TYR E 306 48.25 10.46 31.66
C TYR E 306 48.80 10.38 30.27
N GLU E 307 49.15 9.17 29.82
CA GLU E 307 49.75 8.93 28.50
C GLU E 307 49.15 7.67 27.82
N GLY E 308 47.83 7.72 27.62
CA GLY E 308 47.10 6.67 26.94
C GLY E 308 47.59 6.43 25.52
N PRO E 309 47.47 5.18 25.04
CA PRO E 309 47.96 4.90 23.69
C PRO E 309 47.23 5.66 22.58
N VAL E 310 45.97 6.01 22.82
CA VAL E 310 45.16 6.68 21.81
C VAL E 310 45.10 8.20 22.02
N GLU E 311 45.97 8.93 21.30
CA GLU E 311 45.94 10.39 21.23
C GLU E 311 44.58 10.95 20.77
N SER E 312 44.06 10.39 19.66
CA SER E 312 42.77 10.78 19.10
C SER E 312 42.01 9.57 18.63
N ALA E 313 40.70 9.64 18.79
CA ALA E 313 39.81 8.60 18.36
C ALA E 313 39.77 8.47 16.85
N THR E 314 39.18 7.37 16.40
CA THR E 314 39.05 7.06 14.98
C THR E 314 38.04 7.94 14.23
N TYR E 315 38.22 8.02 12.92
CA TYR E 315 37.44 8.87 12.04
C TYR E 315 35.93 8.89 12.33
N ARG E 316 35.41 10.09 12.61
CA ARG E 316 33.98 10.38 12.73
C ARG E 316 33.56 11.38 11.63
N PHE E 317 32.36 11.18 11.11
CA PHE E 317 31.79 12.05 10.08
C PHE E 317 30.42 12.53 10.57
N PRO E 318 30.22 13.85 10.54
CA PRO E 318 28.92 14.34 10.92
C PRO E 318 27.95 14.14 9.74
N VAL E 319 26.73 13.71 10.03
CA VAL E 319 25.72 13.42 9.00
C VAL E 319 25.09 14.68 8.42
N GLU E 320 24.65 15.59 9.27
CA GLU E 320 24.24 16.92 8.87
C GLU E 320 25.24 17.85 9.52
N PRO E 321 25.33 19.11 9.06
CA PRO E 321 26.33 19.99 9.69
C PRO E 321 26.18 20.11 11.22
N VAL E 322 27.30 20.06 11.94
CA VAL E 322 27.23 20.23 13.38
C VAL E 322 27.73 21.61 13.78
N ASP E 323 27.00 22.24 14.69
CA ASP E 323 27.44 23.46 15.32
C ASP E 323 28.10 23.02 16.58
N LEU E 324 29.41 23.27 16.67
CA LEU E 324 30.17 23.08 17.89
C LEU E 324 30.55 24.47 18.37
N ASP E 325 29.93 24.88 19.49
CA ASP E 325 29.86 26.29 19.95
C ASP E 325 30.43 27.36 18.99
N GLY E 326 29.74 27.61 17.89
CA GLY E 326 30.13 28.68 16.98
C GLY E 326 30.76 28.16 15.72
N THR E 327 31.64 27.16 15.87
CA THR E 327 32.31 26.50 14.75
C THR E 327 31.42 25.43 14.12
N VAL E 328 31.12 25.60 12.84
CA VAL E 328 30.29 24.65 12.13
C VAL E 328 31.16 23.66 11.31
N ILE E 329 31.11 22.39 11.68
CA ILE E 329 31.65 21.30 10.85
C ILE E 329 30.60 20.78 9.87
N PRO E 330 30.91 20.82 8.55
CA PRO E 330 29.97 20.44 7.49
C PRO E 330 29.88 18.93 7.31
N ALA E 331 28.89 18.48 6.55
CA ALA E 331 28.64 17.05 6.45
C ALA E 331 29.82 16.34 5.80
N GLY E 332 30.10 15.12 6.25
CA GLY E 332 31.07 14.26 5.56
C GLY E 332 32.53 14.45 5.90
N ASP E 333 32.85 15.54 6.61
CA ASP E 333 34.22 15.84 7.04
C ASP E 333 34.79 14.84 8.07
N THR E 334 36.10 14.62 8.01
CA THR E 334 36.77 13.80 9.02
C THR E 334 36.95 14.52 10.35
N VAL E 335 36.50 13.87 11.42
CA VAL E 335 36.61 14.44 12.75
C VAL E 335 37.39 13.51 13.65
N LEU E 336 38.36 14.07 14.37
CA LEU E 336 39.19 13.34 15.31
C LEU E 336 38.94 13.93 16.65
N VAL E 337 38.57 13.11 17.61
CA VAL E 337 38.37 13.59 18.98
C VAL E 337 39.65 13.36 19.73
N VAL E 338 40.34 14.44 20.06
CA VAL E 338 41.65 14.38 20.69
C VAL E 338 41.48 14.02 22.15
N LEU E 339 41.49 12.73 22.44
CA LEU E 339 41.38 12.22 23.82
C LEU E 339 42.53 12.75 24.67
N ALA E 340 43.74 12.75 24.08
CA ALA E 340 44.92 13.29 24.74
C ALA E 340 44.71 14.70 25.33
N ASP E 341 43.84 15.52 24.73
CA ASP E 341 43.65 16.89 25.21
C ASP E 341 42.53 16.91 26.22
N ALA E 342 41.51 16.07 25.96
CA ALA E 342 40.47 15.81 26.90
C ALA E 342 41.14 15.54 28.26
N HIS E 343 42.16 14.68 28.28
CA HIS E 343 42.78 14.30 29.54
C HIS E 343 43.73 15.33 30.15
N ARG E 344 43.85 16.50 29.51
CA ARG E 344 44.66 17.58 30.06
C ARG E 344 43.83 18.85 30.30
N THR E 345 42.50 18.71 30.39
CA THR E 345 41.64 19.83 30.74
C THR E 345 41.58 19.94 32.27
N PRO E 346 42.20 21.01 32.82
CA PRO E 346 42.37 21.16 34.25
C PRO E 346 40.99 21.14 34.94
N GLU E 347 40.03 21.83 34.33
CA GLU E 347 38.61 21.80 34.70
C GLU E 347 38.17 20.42 35.14
N ARG E 348 38.55 19.41 34.36
CA ARG E 348 38.15 18.05 34.64
C ARG E 348 39.22 17.24 35.41
N PHE E 349 40.49 17.44 35.11
CA PHE E 349 41.55 16.77 35.83
C PHE E 349 42.60 17.77 36.38
N PRO E 350 42.44 18.18 37.65
CA PRO E 350 43.29 19.23 38.21
C PRO E 350 44.75 18.86 38.15
N ASP E 351 45.61 19.88 38.01
CA ASP E 351 47.05 19.72 37.89
C ASP E 351 47.30 18.54 36.92
N PRO E 352 46.88 18.69 35.65
CA PRO E 352 46.70 17.61 34.67
C PRO E 352 47.98 17.11 34.05
N HIS E 353 49.06 17.84 34.27
CA HIS E 353 50.36 17.43 33.80
C HIS E 353 51.13 16.63 34.84
N ARG E 354 50.60 16.55 36.06
CA ARG E 354 51.23 15.75 37.11
C ARG E 354 50.71 14.31 37.07
N PHE E 355 51.63 13.35 36.93
CA PHE E 355 51.26 11.94 36.98
C PHE E 355 51.15 11.52 38.43
N ASP E 356 49.96 11.12 38.80
CA ASP E 356 49.66 10.84 40.17
C ASP E 356 48.77 9.60 40.22
N ILE E 357 49.33 8.51 40.74
CA ILE E 357 48.68 7.21 40.73
C ILE E 357 47.56 7.12 41.74
N ARG E 358 47.27 8.22 42.43
CA ARG E 358 46.19 8.32 43.43
C ARG E 358 45.05 9.28 43.04
N ARG E 359 45.06 9.83 41.82
CA ARG E 359 44.04 10.81 41.48
C ARG E 359 42.78 10.08 41.10
N ASP E 360 41.65 10.77 41.22
CA ASP E 360 40.36 10.30 40.72
C ASP E 360 40.57 10.32 39.21
N THR E 361 40.40 9.16 38.59
CA THR E 361 40.66 9.04 37.18
C THR E 361 39.38 8.73 36.42
N ALA E 362 38.24 8.82 37.12
CA ALA E 362 36.92 8.47 36.55
C ALA E 362 36.42 9.41 35.47
N GLY E 363 35.84 8.80 34.44
CA GLY E 363 35.34 9.54 33.29
C GLY E 363 36.45 9.88 32.33
N HIS E 364 37.56 9.13 32.38
CA HIS E 364 38.57 9.30 31.36
C HIS E 364 38.04 8.63 30.09
N LEU E 365 38.56 9.07 28.95
CA LEU E 365 38.06 8.66 27.65
C LEU E 365 39.02 7.73 26.89
N ALA E 366 39.93 7.04 27.59
CA ALA E 366 40.97 6.25 26.92
C ALA E 366 40.39 5.02 26.25
N PHE E 367 39.17 4.66 26.58
CA PHE E 367 38.55 3.53 25.92
C PHE E 367 37.35 4.02 25.14
N GLY E 368 37.17 5.33 25.21
CA GLY E 368 36.07 5.95 24.52
C GLY E 368 34.89 5.97 25.43
N HIS E 369 33.73 6.05 24.81
CA HIS E 369 32.50 6.42 25.45
C HIS E 369 31.30 6.24 24.50
N GLY E 370 30.24 5.66 25.00
CA GLY E 370 29.11 5.37 24.15
C GLY E 370 29.19 4.00 23.51
N ILE E 371 28.41 3.79 22.46
CA ILE E 371 28.29 2.44 21.88
C ILE E 371 29.58 1.77 21.44
N HIS E 372 30.61 2.53 21.05
CA HIS E 372 31.88 1.93 20.54
C HIS E 372 32.90 1.72 21.62
N PHE E 373 32.47 1.92 22.88
CA PHE E 373 33.38 1.91 24.00
C PHE E 373 34.12 0.60 23.93
N CYS E 374 35.44 0.65 24.06
CA CYS E 374 36.33 -0.47 23.81
C CYS E 374 35.87 -1.79 24.36
N ILE E 375 35.54 -2.70 23.46
CA ILE E 375 35.17 -4.05 23.85
C ILE E 375 36.30 -4.76 24.61
N GLY E 376 37.54 -4.32 24.37
CA GLY E 376 38.74 -5.03 24.84
C GLY E 376 39.20 -4.58 26.21
N ALA E 377 38.50 -3.59 26.76
CA ALA E 377 38.94 -2.95 27.99
C ALA E 377 39.21 -3.94 29.14
N PRO E 378 38.35 -4.94 29.36
CA PRO E 378 38.75 -5.85 30.44
C PRO E 378 40.07 -6.58 30.12
N LEU E 379 40.22 -7.07 28.90
CA LEU E 379 41.48 -7.64 28.42
C LEU E 379 42.69 -6.72 28.58
N ALA E 380 42.60 -5.47 28.13
CA ALA E 380 43.77 -4.60 28.25
C ALA E 380 44.18 -4.40 29.69
N ARG E 381 43.21 -4.19 30.56
CA ARG E 381 43.47 -3.92 31.98
C ARG E 381 44.11 -5.13 32.65
N LEU E 382 43.58 -6.30 32.33
CA LEU E 382 44.14 -7.54 32.79
C LEU E 382 45.61 -7.54 32.47
N GLU E 383 45.91 -7.34 31.20
CA GLU E 383 47.27 -7.44 30.68
C GLU E 383 48.20 -6.41 31.27
N ALA E 384 47.76 -5.17 31.31
CA ALA E 384 48.57 -4.12 31.87
C ALA E 384 48.77 -4.37 33.36
N ARG E 385 47.71 -4.76 34.06
CA ARG E 385 47.80 -4.97 35.50
C ARG E 385 48.80 -6.06 35.85
N ILE E 386 48.85 -7.11 35.02
CA ILE E 386 49.78 -8.20 35.26
C ILE E 386 51.19 -7.76 34.93
N ALA E 387 51.37 -7.17 33.75
CA ALA E 387 52.70 -6.76 33.25
C ALA E 387 53.42 -5.83 34.24
N VAL E 388 52.82 -4.69 34.56
CA VAL E 388 53.40 -3.72 35.48
C VAL E 388 53.83 -4.39 36.79
N ARG E 389 52.88 -5.10 37.39
CA ARG E 389 53.10 -5.79 38.64
C ARG E 389 54.29 -6.72 38.56
N ALA E 390 54.41 -7.46 37.48
CA ALA E 390 55.47 -8.43 37.35
C ALA E 390 56.83 -7.76 37.17
N LEU E 391 56.84 -6.61 36.52
CA LEU E 391 58.08 -5.86 36.37
C LEU E 391 58.59 -5.34 37.70
N LEU E 392 57.70 -4.75 38.49
CA LEU E 392 58.06 -4.08 39.73
C LEU E 392 58.62 -5.03 40.76
N GLU E 393 58.09 -6.25 40.76
CA GLU E 393 58.44 -7.22 41.78
C GLU E 393 59.63 -8.07 41.39
N ARG E 394 59.88 -8.20 40.10
CA ARG E 394 60.99 -9.03 39.66
C ARG E 394 62.24 -8.20 39.33
N CYS E 395 62.05 -6.89 39.20
CA CYS E 395 63.16 -5.95 39.03
C CYS E 395 63.02 -4.84 40.04
N PRO E 396 63.62 -5.03 41.23
CA PRO E 396 63.76 -3.92 42.16
C PRO E 396 64.94 -3.10 41.66
N ASP E 397 64.86 -1.78 41.84
CA ASP E 397 65.88 -0.86 41.32
C ASP E 397 65.77 -0.73 39.80
N LEU E 398 64.72 -1.32 39.25
CA LEU E 398 64.31 -1.08 37.87
C LEU E 398 64.31 0.41 37.59
N ALA E 399 64.98 0.75 36.47
CA ALA E 399 65.20 2.13 36.03
C ALA E 399 65.23 2.24 34.51
N LEU E 400 64.91 3.45 34.02
CA LEU E 400 65.15 3.84 32.63
C LEU E 400 66.63 3.77 32.25
N ASP E 401 66.93 3.35 31.02
CA ASP E 401 68.33 3.26 30.55
C ASP E 401 68.64 4.23 29.40
N VAL E 402 67.93 5.34 29.39
CA VAL E 402 68.12 6.36 28.37
C VAL E 402 67.67 7.67 29.01
N SER E 403 68.19 8.81 28.54
CA SER E 403 67.60 10.10 28.91
C SER E 403 66.20 10.25 28.27
N PRO E 404 65.30 11.04 28.88
CA PRO E 404 64.03 11.31 28.18
C PRO E 404 64.21 11.84 26.74
N GLY E 405 65.34 12.52 26.49
CA GLY E 405 65.69 13.12 25.19
C GLY E 405 66.11 12.25 23.99
N GLU E 406 66.64 11.04 24.23
CA GLU E 406 67.00 10.16 23.12
C GLU E 406 65.83 9.27 22.63
N LEU E 407 64.60 9.59 23.10
CA LEU E 407 63.36 8.83 22.79
C LEU E 407 62.63 9.24 21.52
N VAL E 408 62.21 8.26 20.74
CA VAL E 408 61.52 8.57 19.51
C VAL E 408 60.04 8.27 19.67
N TRP E 409 59.24 9.33 19.53
CA TRP E 409 57.79 9.22 19.54
C TRP E 409 57.23 9.12 18.13
N TYR E 410 56.10 8.44 18.01
CA TYR E 410 55.48 8.21 16.73
C TYR E 410 54.79 9.46 16.21
N PRO E 411 55.19 9.91 15.01
CA PRO E 411 54.76 11.22 14.47
C PRO E 411 53.23 11.32 14.46
N ASN E 412 52.59 10.25 14.00
CA ASN E 412 51.12 10.12 13.91
C ASN E 412 50.30 10.68 15.11
N PRO E 413 49.21 11.44 14.80
CA PRO E 413 48.37 12.12 15.80
C PRO E 413 47.26 11.27 16.44
N MET E 414 47.04 10.06 15.91
CA MET E 414 46.09 9.11 16.54
C MET E 414 46.72 8.20 17.59
N ILE E 415 48.00 7.86 17.43
CA ILE E 415 48.62 6.97 18.38
C ILE E 415 49.68 7.65 19.26
N ARG E 416 49.63 7.46 20.57
CA ARG E 416 50.74 7.87 21.39
C ARG E 416 51.60 6.66 21.78
N GLY E 417 52.75 6.52 21.11
CA GLY E 417 53.74 5.48 21.38
C GLY E 417 55.20 5.77 21.07
N LEU E 418 56.07 4.86 21.53
CA LEU E 418 57.52 4.94 21.42
C LEU E 418 58.06 3.88 20.49
N LYS E 419 59.20 4.19 19.86
CA LYS E 419 59.92 3.27 19.01
C LYS E 419 60.64 2.23 19.87
N ALA E 420 61.10 2.68 21.03
CA ALA E 420 61.74 1.80 22.01
C ALA E 420 61.70 2.41 23.41
N LEU E 421 61.73 1.53 24.43
CA LEU E 421 61.95 1.88 25.86
C LEU E 421 63.12 1.09 26.54
N PRO E 422 64.40 1.47 26.25
CA PRO E 422 65.59 1.02 26.99
C PRO E 422 65.47 1.17 28.51
N ILE E 423 65.64 0.07 29.23
CA ILE E 423 65.54 0.05 30.68
C ILE E 423 66.70 -0.79 31.21
N ARG E 424 66.96 -0.71 32.51
CA ARG E 424 68.01 -1.49 33.18
C ARG E 424 67.53 -1.91 34.57
N TRP E 425 68.12 -2.96 35.17
CA TRP E 425 67.75 -3.37 36.56
C TRP E 425 68.96 -3.68 37.45
N ARG E 426 68.70 -4.21 38.66
CA ARG E 426 69.74 -4.28 39.72
C ARG E 426 71.17 -4.65 39.27
N SER F 31 -7.29 -15.20 16.21
CA SER F 31 -7.27 -13.71 16.12
C SER F 31 -8.67 -13.13 15.76
N PRO F 32 -8.96 -12.95 14.44
CA PRO F 32 -10.18 -12.22 14.09
C PRO F 32 -11.42 -13.12 14.09
N PRO F 33 -12.58 -12.60 14.59
CA PRO F 33 -13.79 -13.40 14.64
C PRO F 33 -14.15 -13.99 13.29
N VAL F 34 -14.64 -15.23 13.37
CA VAL F 34 -15.05 -16.03 12.21
C VAL F 34 -16.50 -15.77 11.90
N LEU F 35 -17.20 -15.17 12.87
CA LEU F 35 -18.65 -15.03 12.83
C LEU F 35 -19.05 -13.82 13.67
N ASP F 36 -20.01 -13.05 13.16
CA ASP F 36 -20.54 -11.85 13.84
C ASP F 36 -21.99 -12.06 14.20
N LEU F 37 -22.24 -12.55 15.41
CA LEU F 37 -23.62 -12.85 15.80
C LEU F 37 -24.57 -11.67 15.48
N GLY F 38 -24.14 -10.47 15.86
CA GLY F 38 -24.86 -9.26 15.53
C GLY F 38 -25.37 -9.22 14.11
N ALA F 39 -24.52 -9.54 13.14
CA ALA F 39 -24.94 -9.58 11.72
C ALA F 39 -26.06 -10.58 11.38
N LEU F 40 -26.19 -11.65 12.16
CA LEU F 40 -27.19 -12.70 11.87
C LEU F 40 -28.60 -12.24 12.16
N GLY F 41 -28.75 -11.47 13.22
CA GLY F 41 -29.95 -10.72 13.44
C GLY F 41 -30.96 -11.48 14.24
N GLN F 42 -32.23 -11.19 13.94
CA GLN F 42 -33.35 -11.71 14.71
C GLN F 42 -33.52 -13.22 14.54
N ASP F 43 -33.12 -13.75 13.38
CA ASP F 43 -33.15 -15.20 13.14
C ASP F 43 -32.21 -16.00 14.05
N PHE F 44 -30.98 -15.52 14.24
CA PHE F 44 -30.07 -16.12 15.23
C PHE F 44 -30.53 -15.85 16.68
N ALA F 45 -31.10 -14.68 16.90
CA ALA F 45 -31.65 -14.29 18.19
C ALA F 45 -32.73 -15.30 18.63
N ALA F 46 -33.65 -15.58 17.70
CA ALA F 46 -34.78 -16.45 17.98
C ALA F 46 -34.42 -17.93 18.02
N ASP F 47 -33.47 -18.35 17.20
CA ASP F 47 -33.18 -19.76 17.05
C ASP F 47 -31.68 -19.94 16.80
N PRO F 48 -30.87 -19.74 17.83
CA PRO F 48 -29.43 -19.76 17.65
C PRO F 48 -28.85 -21.16 17.53
N TYR F 49 -29.65 -22.18 17.83
CA TYR F 49 -29.11 -23.53 18.04
C TYR F 49 -28.40 -24.07 16.80
N PRO F 50 -29.01 -23.88 15.60
CA PRO F 50 -28.37 -24.33 14.36
C PRO F 50 -26.94 -23.81 14.25
N THR F 51 -26.75 -22.53 14.59
CA THR F 51 -25.45 -21.88 14.59
C THR F 51 -24.46 -22.52 15.58
N TYR F 52 -24.87 -22.66 16.84
CA TYR F 52 -23.99 -23.32 17.81
C TYR F 52 -23.60 -24.73 17.32
N ALA F 53 -24.54 -25.39 16.67
CA ALA F 53 -24.37 -26.76 16.19
C ALA F 53 -23.45 -26.84 14.99
N ARG F 54 -23.59 -25.92 14.04
CA ARG F 54 -22.65 -25.84 12.92
C ARG F 54 -21.25 -25.63 13.50
N LEU F 55 -21.15 -24.75 14.49
CA LEU F 55 -19.88 -24.52 15.15
C LEU F 55 -19.29 -25.76 15.83
N ARG F 56 -20.15 -26.51 16.53
CA ARG F 56 -19.74 -27.71 17.28
C ARG F 56 -19.15 -28.82 16.40
N ALA F 57 -19.74 -29.03 15.22
CA ALA F 57 -19.23 -30.01 14.25
C ALA F 57 -17.80 -29.69 13.85
N GLU F 58 -17.51 -28.43 13.51
CA GLU F 58 -16.16 -27.99 13.10
C GLU F 58 -15.15 -28.02 14.26
N GLY F 59 -15.66 -27.94 15.49
CA GLY F 59 -14.80 -28.03 16.65
C GLY F 59 -15.40 -27.57 17.97
N PRO F 60 -14.56 -27.54 19.01
CA PRO F 60 -15.01 -27.34 20.36
C PRO F 60 -15.04 -25.88 20.80
N ALA F 61 -14.19 -25.03 20.19
CA ALA F 61 -14.13 -23.60 20.56
C ALA F 61 -13.99 -22.65 19.36
N HIS F 62 -14.53 -21.45 19.50
CA HIS F 62 -14.67 -20.58 18.34
C HIS F 62 -14.67 -19.11 18.71
N ARG F 63 -14.09 -18.32 17.81
CA ARG F 63 -13.84 -16.89 18.00
C ARG F 63 -14.93 -16.11 17.28
N VAL F 64 -15.69 -15.33 18.05
CA VAL F 64 -16.87 -14.67 17.52
C VAL F 64 -17.00 -13.22 18.00
N ARG F 65 -17.78 -12.43 17.27
CA ARG F 65 -18.18 -11.09 17.72
C ARG F 65 -19.61 -11.16 18.21
N THR F 66 -19.84 -10.76 19.46
CA THR F 66 -21.20 -10.67 20.06
C THR F 66 -21.94 -9.47 19.46
N PRO F 67 -23.29 -9.49 19.47
CA PRO F 67 -24.07 -8.40 18.89
C PRO F 67 -23.85 -6.99 19.49
N GLU F 68 -23.37 -6.88 20.72
CA GLU F 68 -22.94 -5.57 21.25
C GLU F 68 -21.54 -5.13 20.75
N GLY F 69 -20.80 -6.05 20.14
CA GLY F 69 -19.51 -5.72 19.53
C GLY F 69 -18.29 -6.18 20.29
N ASN F 70 -18.52 -7.02 21.31
N ASN F 70 -18.50 -7.01 21.31
CA ASN F 70 -17.44 -7.62 22.09
CA ASN F 70 -17.39 -7.58 22.06
C ASN F 70 -16.92 -8.86 21.38
C ASN F 70 -16.92 -8.86 21.39
N GLU F 71 -15.60 -9.00 21.27
CA GLU F 71 -15.00 -10.24 20.76
C GLU F 71 -14.78 -11.26 21.87
N VAL F 72 -15.23 -12.50 21.64
CA VAL F 72 -15.11 -13.58 22.66
C VAL F 72 -15.00 -14.98 22.05
N TRP F 73 -14.57 -15.94 22.87
CA TRP F 73 -14.61 -17.35 22.51
C TRP F 73 -15.99 -17.97 22.83
N LEU F 74 -16.39 -18.98 22.08
CA LEU F 74 -17.49 -19.85 22.49
C LEU F 74 -17.01 -21.29 22.69
N VAL F 75 -17.27 -21.87 23.87
CA VAL F 75 -17.11 -23.32 24.04
C VAL F 75 -18.46 -23.99 23.83
N VAL F 76 -18.48 -25.05 23.03
CA VAL F 76 -19.70 -25.80 22.77
C VAL F 76 -19.53 -27.31 22.92
N GLY F 77 -20.64 -28.03 22.86
CA GLY F 77 -20.65 -29.47 23.12
C GLY F 77 -20.66 -29.81 24.60
N TYR F 78 -21.70 -30.51 25.05
CA TYR F 78 -21.83 -30.86 26.46
C TYR F 78 -20.51 -31.07 27.23
N ASP F 79 -19.73 -32.09 26.87
CA ASP F 79 -18.60 -32.54 27.67
C ASP F 79 -17.65 -31.39 27.92
N ARG F 80 -17.32 -30.69 26.82
CA ARG F 80 -16.34 -29.62 26.82
C ARG F 80 -16.87 -28.41 27.63
N ALA F 81 -18.15 -28.10 27.44
CA ALA F 81 -18.88 -27.18 28.28
C ALA F 81 -18.68 -27.57 29.73
N ARG F 82 -19.07 -28.80 30.06
CA ARG F 82 -19.01 -29.23 31.44
C ARG F 82 -17.60 -29.13 31.99
N ALA F 83 -16.60 -29.55 31.23
CA ALA F 83 -15.23 -29.62 31.73
C ALA F 83 -14.75 -28.25 32.17
N VAL F 84 -14.97 -27.27 31.28
CA VAL F 84 -14.52 -25.87 31.44
C VAL F 84 -15.13 -25.12 32.64
N LEU F 85 -16.46 -25.20 32.79
CA LEU F 85 -17.14 -24.58 33.93
C LEU F 85 -16.42 -24.89 35.24
N ALA F 86 -16.06 -26.17 35.40
CA ALA F 86 -15.39 -26.71 36.56
C ALA F 86 -13.88 -26.46 36.56
N ASP F 87 -13.32 -26.06 35.41
CA ASP F 87 -11.88 -26.08 35.21
C ASP F 87 -11.10 -24.86 35.79
N PRO F 88 -10.41 -25.05 36.94
CA PRO F 88 -9.64 -23.99 37.63
C PRO F 88 -8.62 -23.25 36.75
N ARG F 89 -8.33 -23.76 35.56
CA ARG F 89 -7.50 -23.05 34.59
C ARG F 89 -8.27 -21.93 33.97
N PHE F 90 -9.59 -21.95 34.12
CA PHE F 90 -10.47 -20.88 33.69
C PHE F 90 -10.93 -20.01 34.88
N SER F 91 -10.23 -18.89 35.08
CA SER F 91 -10.50 -17.96 36.17
C SER F 91 -11.74 -17.14 35.90
N LYS F 92 -12.29 -16.51 36.93
CA LYS F 92 -13.46 -15.61 36.75
C LYS F 92 -13.19 -14.16 37.13
N ASP F 93 -11.91 -13.88 37.44
CA ASP F 93 -11.41 -12.67 38.10
C ASP F 93 -10.77 -11.70 37.09
N TRP F 94 -11.34 -10.51 36.97
CA TRP F 94 -10.94 -9.57 35.92
C TRP F 94 -9.55 -9.08 36.06
N ARG F 95 -8.82 -9.57 37.07
CA ARG F 95 -7.35 -9.43 37.05
C ARG F 95 -6.69 -10.36 36.02
N ASN F 96 -7.43 -11.35 35.54
CA ASN F 96 -6.87 -12.33 34.63
C ASN F 96 -7.33 -12.12 33.19
N SER F 97 -8.07 -11.03 32.98
CA SER F 97 -8.52 -10.63 31.65
C SER F 97 -7.63 -9.58 31.01
N THR F 98 -7.53 -9.61 29.69
CA THR F 98 -6.71 -8.65 28.96
C THR F 98 -7.49 -7.35 28.72
N THR F 99 -8.81 -7.45 28.53
CA THR F 99 -9.70 -6.30 28.55
C THR F 99 -9.77 -5.77 29.97
N PRO F 100 -9.41 -4.47 30.19
CA PRO F 100 -9.69 -3.94 31.51
C PRO F 100 -11.18 -3.58 31.67
N LEU F 101 -11.56 -3.03 32.82
CA LEU F 101 -12.95 -2.61 33.03
C LEU F 101 -13.14 -1.09 33.00
N THR F 102 -14.35 -0.70 32.64
CA THR F 102 -14.80 0.70 32.65
C THR F 102 -14.89 1.23 34.09
N GLU F 103 -15.43 2.44 34.21
CA GLU F 103 -15.71 3.07 35.50
C GLU F 103 -16.87 2.35 36.25
N ALA F 104 -18.01 2.21 35.59
CA ALA F 104 -19.19 1.55 36.19
C ALA F 104 -18.87 0.11 36.57
N GLU F 105 -18.50 -0.68 35.56
CA GLU F 105 -18.24 -2.12 35.72
C GLU F 105 -17.30 -2.48 36.86
N ALA F 106 -16.38 -1.57 37.21
CA ALA F 106 -15.41 -1.85 38.28
C ALA F 106 -15.98 -1.61 39.68
N ALA F 107 -16.98 -0.74 39.80
CA ALA F 107 -17.63 -0.47 41.10
C ALA F 107 -18.34 -1.71 41.64
N LEU F 108 -18.69 -2.59 40.69
CA LEU F 108 -19.55 -3.73 40.97
C LEU F 108 -18.89 -5.12 40.84
N ASN F 109 -17.68 -5.19 40.26
CA ASN F 109 -17.09 -6.50 40.00
C ASN F 109 -16.47 -7.17 41.23
N HIS F 110 -16.69 -6.59 42.42
CA HIS F 110 -16.20 -7.19 43.66
C HIS F 110 -17.21 -8.13 44.31
N ASN F 111 -17.66 -9.14 43.57
CA ASN F 111 -18.72 -10.03 44.01
C ASN F 111 -18.32 -11.47 43.70
N MET F 112 -19.00 -12.45 44.28
CA MET F 112 -18.48 -13.83 44.21
C MET F 112 -18.32 -14.38 42.78
N LEU F 113 -19.21 -13.96 41.88
CA LEU F 113 -19.28 -14.54 40.56
C LEU F 113 -18.08 -14.16 39.72
N GLU F 114 -17.40 -13.10 40.15
CA GLU F 114 -16.25 -12.61 39.48
C GLU F 114 -15.08 -12.69 40.47
N SER F 115 -15.00 -13.83 41.16
CA SER F 115 -13.96 -14.10 42.13
C SER F 115 -13.49 -15.52 42.01
N ASP F 116 -12.20 -15.70 42.20
CA ASP F 116 -11.68 -17.02 42.42
C ASP F 116 -11.47 -17.22 43.93
N PRO F 117 -11.15 -18.45 44.32
CA PRO F 117 -10.81 -18.64 45.74
C PRO F 117 -9.48 -17.94 46.04
N PRO F 118 -9.26 -17.51 47.31
CA PRO F 118 -10.15 -17.59 48.49
C PRO F 118 -11.28 -16.54 48.50
N ARG F 119 -11.11 -15.43 47.80
CA ARG F 119 -12.15 -14.39 47.80
C ARG F 119 -13.56 -14.97 47.53
N HIS F 120 -13.69 -15.86 46.55
CA HIS F 120 -14.99 -16.50 46.29
C HIS F 120 -15.45 -17.33 47.49
N THR F 121 -14.48 -17.94 48.17
CA THR F 121 -14.79 -18.80 49.27
C THR F 121 -15.45 -17.99 50.39
N ARG F 122 -14.83 -16.84 50.72
CA ARG F 122 -15.30 -16.03 51.85
C ARG F 122 -16.62 -15.35 51.54
N LEU F 123 -16.73 -14.84 50.32
CA LEU F 123 -17.90 -14.07 49.92
C LEU F 123 -19.15 -14.94 49.95
N ARG F 124 -19.01 -16.23 49.59
CA ARG F 124 -20.19 -17.06 49.51
C ARG F 124 -20.63 -17.46 50.92
N LYS F 125 -19.66 -17.77 51.80
CA LYS F 125 -19.99 -18.28 53.12
C LYS F 125 -20.88 -17.28 53.82
N LEU F 126 -20.82 -16.02 53.40
CA LEU F 126 -21.58 -14.98 54.08
C LEU F 126 -23.04 -15.18 53.91
N VAL F 127 -23.49 -15.84 52.85
CA VAL F 127 -24.94 -15.87 52.54
C VAL F 127 -25.46 -17.23 52.13
N ALA F 128 -24.54 -18.20 52.05
CA ALA F 128 -24.92 -19.61 51.82
C ALA F 128 -26.17 -19.96 52.61
N ARG F 129 -26.12 -19.73 53.92
CA ARG F 129 -27.14 -20.15 54.83
C ARG F 129 -28.50 -19.63 54.40
N GLU F 130 -28.53 -18.44 53.81
CA GLU F 130 -29.81 -17.82 53.44
C GLU F 130 -30.51 -18.53 52.28
N PHE F 131 -29.83 -19.41 51.55
CA PHE F 131 -30.37 -19.96 50.31
C PHE F 131 -30.42 -21.49 50.21
N THR F 132 -30.25 -22.17 51.32
CA THR F 132 -30.41 -23.62 51.37
C THR F 132 -31.87 -23.98 51.11
N MET F 133 -32.09 -25.22 50.65
CA MET F 133 -33.42 -25.71 50.34
C MET F 133 -34.36 -25.47 51.51
N ARG F 134 -33.90 -25.82 52.71
CA ARG F 134 -34.73 -25.71 53.91
C ARG F 134 -35.05 -24.28 54.37
N ARG F 135 -34.06 -23.38 54.40
CA ARG F 135 -34.35 -22.00 54.73
C ARG F 135 -35.33 -21.42 53.70
N VAL F 136 -35.07 -21.68 52.42
CA VAL F 136 -35.93 -21.20 51.33
C VAL F 136 -37.31 -21.83 51.34
N GLU F 137 -37.48 -22.94 52.06
CA GLU F 137 -38.83 -23.55 52.13
C GLU F 137 -39.82 -22.71 52.96
N LEU F 138 -39.29 -21.95 53.90
CA LEU F 138 -40.06 -21.08 54.77
C LEU F 138 -40.69 -19.89 54.02
N LEU F 139 -40.27 -19.66 52.80
CA LEU F 139 -40.77 -18.55 52.01
C LEU F 139 -41.96 -19.00 51.15
N ARG F 140 -42.24 -20.30 51.16
CA ARG F 140 -43.28 -20.85 50.31
C ARG F 140 -44.63 -20.15 50.52
N PRO F 141 -45.04 -19.90 51.78
CA PRO F 141 -46.32 -19.22 51.85
C PRO F 141 -46.26 -17.84 51.20
N ARG F 142 -45.30 -17.03 51.61
CA ARG F 142 -45.12 -15.71 51.03
C ARG F 142 -45.07 -15.69 49.51
N VAL F 143 -44.33 -16.65 48.95
CA VAL F 143 -44.22 -16.79 47.51
C VAL F 143 -45.55 -17.13 46.84
N GLN F 144 -46.33 -18.01 47.48
CA GLN F 144 -47.64 -18.45 46.96
C GLN F 144 -48.66 -17.32 46.95
N GLU F 145 -48.61 -16.48 47.98
CA GLU F 145 -49.47 -15.32 48.13
C GLU F 145 -49.26 -14.34 46.99
N ILE F 146 -47.99 -14.19 46.61
CA ILE F 146 -47.53 -13.28 45.59
C ILE F 146 -48.06 -13.80 44.29
N VAL F 147 -47.75 -15.04 43.94
CA VAL F 147 -48.25 -15.65 42.69
C VAL F 147 -49.79 -15.48 42.57
N ASP F 148 -50.53 -15.97 43.56
CA ASP F 148 -51.98 -15.74 43.65
C ASP F 148 -52.37 -14.27 43.44
N GLY F 149 -51.58 -13.34 44.00
CA GLY F 149 -51.84 -11.90 43.89
C GLY F 149 -51.86 -11.48 42.43
N LEU F 150 -50.82 -11.90 41.72
CA LEU F 150 -50.60 -11.53 40.33
C LEU F 150 -51.53 -12.26 39.38
N VAL F 151 -51.85 -13.51 39.68
CA VAL F 151 -52.76 -14.27 38.83
C VAL F 151 -54.19 -13.75 38.94
N ASP F 152 -54.62 -13.32 40.13
CA ASP F 152 -55.94 -12.67 40.28
C ASP F 152 -55.97 -11.42 39.41
N ALA F 153 -54.98 -10.56 39.60
CA ALA F 153 -54.72 -9.38 38.77
C ALA F 153 -54.80 -9.69 37.26
N MET F 154 -54.06 -10.71 36.85
CA MET F 154 -53.99 -11.08 35.44
C MET F 154 -55.30 -11.57 34.82
N LEU F 155 -56.10 -12.29 35.61
CA LEU F 155 -57.36 -12.87 35.14
C LEU F 155 -58.46 -11.82 35.08
N ALA F 156 -58.21 -10.65 35.65
CA ALA F 156 -59.17 -9.54 35.55
C ALA F 156 -59.24 -8.95 34.13
N ALA F 157 -58.18 -9.13 33.35
CA ALA F 157 -58.14 -8.69 31.96
C ALA F 157 -59.42 -9.16 31.28
N PRO F 158 -60.20 -8.21 30.73
CA PRO F 158 -61.42 -8.53 30.00
C PRO F 158 -61.12 -8.96 28.56
N ASP F 159 -60.05 -8.42 27.98
CA ASP F 159 -59.45 -8.98 26.78
C ASP F 159 -59.50 -10.52 26.74
N GLY F 160 -59.44 -11.13 27.92
CA GLY F 160 -59.08 -12.54 28.05
C GLY F 160 -57.60 -12.67 27.73
N ARG F 161 -56.94 -11.51 27.61
CA ARG F 161 -55.60 -11.46 27.06
C ARG F 161 -54.56 -10.74 27.96
N ALA F 162 -53.40 -11.34 28.10
CA ALA F 162 -52.30 -10.69 28.80
C ALA F 162 -50.90 -11.05 28.31
N ASP F 163 -49.98 -10.13 28.55
CA ASP F 163 -48.58 -10.41 28.36
C ASP F 163 -48.07 -10.97 29.68
N LEU F 164 -47.88 -12.28 29.66
CA LEU F 164 -47.35 -13.08 30.77
C LEU F 164 -46.05 -12.56 31.37
N MET F 165 -45.23 -11.91 30.57
CA MET F 165 -44.00 -11.34 31.06
C MET F 165 -44.29 -10.20 32.05
N GLU F 166 -45.32 -9.43 31.77
CA GLU F 166 -45.66 -8.24 32.54
C GLU F 166 -46.41 -8.59 33.83
N SER F 167 -47.37 -9.50 33.70
CA SER F 167 -48.26 -9.85 34.80
C SER F 167 -47.66 -10.76 35.89
N LEU F 168 -46.65 -11.57 35.53
CA LEU F 168 -46.15 -12.60 36.42
C LEU F 168 -44.63 -12.78 36.38
N ALA F 169 -44.12 -13.09 35.18
CA ALA F 169 -42.70 -13.40 35.03
C ALA F 169 -41.80 -12.29 35.57
N TRP F 170 -42.09 -11.03 35.25
CA TRP F 170 -41.32 -9.94 35.79
C TRP F 170 -41.64 -9.68 37.27
N PRO F 171 -42.93 -9.48 37.64
CA PRO F 171 -43.19 -9.01 39.00
C PRO F 171 -42.84 -10.01 40.07
N LEU F 172 -43.20 -11.27 39.90
CA LEU F 172 -42.86 -12.27 40.92
C LEU F 172 -41.42 -12.22 41.51
N PRO F 173 -40.37 -12.47 40.68
CA PRO F 173 -39.01 -12.63 41.22
C PRO F 173 -38.46 -11.38 41.85
N ILE F 174 -38.80 -10.23 41.29
CA ILE F 174 -38.33 -8.96 41.81
C ILE F 174 -38.94 -8.72 43.19
N THR F 175 -40.19 -9.12 43.38
CA THR F 175 -40.86 -8.97 44.67
C THR F 175 -40.18 -9.84 45.71
N VAL F 176 -39.98 -11.11 45.34
CA VAL F 176 -39.43 -12.08 46.27
C VAL F 176 -38.08 -11.54 46.65
N ILE F 177 -37.23 -11.25 45.67
CA ILE F 177 -35.85 -10.96 46.02
C ILE F 177 -35.73 -9.65 46.81
N SER F 178 -36.50 -8.65 46.39
CA SER F 178 -36.59 -7.36 47.06
C SER F 178 -36.87 -7.53 48.53
N GLU F 179 -37.95 -8.22 48.88
CA GLU F 179 -38.24 -8.45 50.31
C GLU F 179 -37.03 -9.02 51.05
N LEU F 180 -36.37 -10.02 50.47
CA LEU F 180 -35.23 -10.64 51.09
C LEU F 180 -34.15 -9.64 51.46
N LEU F 181 -33.87 -8.71 50.55
CA LEU F 181 -32.75 -7.81 50.72
C LEU F 181 -33.14 -6.43 51.25
N GLY F 182 -34.41 -6.31 51.61
CA GLY F 182 -34.98 -5.07 52.10
C GLY F 182 -34.94 -3.91 51.12
N VAL F 183 -35.39 -4.15 49.89
CA VAL F 183 -35.58 -3.05 48.92
C VAL F 183 -37.04 -2.56 49.01
N PRO F 184 -37.26 -1.25 49.32
CA PRO F 184 -38.65 -0.73 49.50
C PRO F 184 -39.54 -0.92 48.25
N GLU F 185 -40.84 -1.18 48.43
CA GLU F 185 -41.75 -1.41 47.27
C GLU F 185 -41.78 -0.25 46.26
N PRO F 186 -41.87 1.01 46.74
CA PRO F 186 -41.64 2.15 45.84
C PRO F 186 -40.38 2.10 44.93
N ASP F 187 -39.35 1.33 45.28
CA ASP F 187 -38.11 1.38 44.50
C ASP F 187 -38.05 0.40 43.33
N ARG F 188 -38.60 -0.80 43.55
CA ARG F 188 -38.41 -1.98 42.70
C ARG F 188 -38.71 -1.77 41.21
N ALA F 189 -39.64 -0.87 40.88
CA ALA F 189 -39.94 -0.56 39.48
C ALA F 189 -38.67 -0.27 38.68
N ALA F 190 -37.89 0.72 39.12
CA ALA F 190 -36.72 1.21 38.38
C ALA F 190 -35.83 0.07 37.92
N PHE F 191 -35.92 -1.03 38.65
CA PHE F 191 -35.07 -2.17 38.44
C PHE F 191 -35.33 -2.88 37.15
N ARG F 192 -36.53 -2.73 36.60
CA ARG F 192 -36.76 -3.34 35.29
C ARG F 192 -36.09 -2.47 34.25
N VAL F 193 -36.36 -1.17 34.30
CA VAL F 193 -35.68 -0.21 33.45
C VAL F 193 -34.20 -0.55 33.42
N TRP F 194 -33.52 -0.44 34.56
CA TRP F 194 -32.07 -0.59 34.57
C TRP F 194 -31.69 -1.93 33.96
N THR F 195 -32.21 -3.00 34.55
CA THR F 195 -31.92 -4.37 34.11
C THR F 195 -32.28 -4.67 32.65
N ASP F 196 -33.31 -4.03 32.11
CA ASP F 196 -33.53 -4.08 30.67
C ASP F 196 -32.27 -3.63 29.91
N ALA F 197 -31.77 -2.44 30.26
CA ALA F 197 -30.71 -1.78 29.50
C ALA F 197 -29.46 -2.62 29.29
N PHE F 198 -28.99 -3.30 30.33
CA PHE F 198 -27.87 -4.24 30.16
C PHE F 198 -28.27 -5.74 30.10
N VAL F 199 -29.40 -5.97 29.44
CA VAL F 199 -29.87 -7.30 29.00
C VAL F 199 -30.18 -7.11 27.54
N PHE F 200 -30.21 -5.83 27.14
CA PHE F 200 -30.27 -5.43 25.74
C PHE F 200 -29.65 -4.03 25.49
N PRO F 201 -28.32 -3.96 25.33
CA PRO F 201 -27.72 -2.71 24.85
C PRO F 201 -28.38 -2.16 23.56
N ASP F 202 -29.16 -1.09 23.69
CA ASP F 202 -29.55 -0.27 22.53
C ASP F 202 -28.24 0.33 22.01
N ASP F 203 -27.81 1.46 22.57
CA ASP F 203 -26.42 1.90 22.40
C ASP F 203 -25.60 1.12 23.43
N PRO F 204 -24.29 0.94 23.16
CA PRO F 204 -23.50 0.24 24.17
C PRO F 204 -23.20 1.10 25.42
N ALA F 205 -24.04 2.10 25.70
CA ALA F 205 -23.88 2.93 26.90
C ALA F 205 -25.15 3.45 27.56
N GLN F 206 -26.30 3.10 26.98
CA GLN F 206 -27.56 3.11 27.73
C GLN F 206 -27.41 2.07 28.85
N ALA F 207 -26.63 1.02 28.54
CA ALA F 207 -26.23 -0.01 29.49
C ALA F 207 -25.19 0.51 30.50
N GLN F 208 -24.51 1.61 30.16
CA GLN F 208 -23.59 2.26 31.06
C GLN F 208 -24.33 3.24 31.98
N THR F 209 -25.39 3.86 31.46
CA THR F 209 -26.17 4.87 32.19
C THR F 209 -27.01 4.23 33.29
N ALA F 210 -27.55 3.06 32.99
CA ALA F 210 -28.32 2.27 33.95
C ALA F 210 -27.40 1.57 34.95
N MET F 211 -26.17 1.29 34.53
CA MET F 211 -25.16 0.79 35.46
C MET F 211 -24.70 1.85 36.46
N ALA F 212 -24.57 3.11 36.06
CA ALA F 212 -24.22 4.15 37.02
C ALA F 212 -25.33 4.40 38.05
N GLU F 213 -26.57 4.48 37.57
CA GLU F 213 -27.73 4.81 38.39
C GLU F 213 -28.01 3.75 39.44
N MET F 214 -27.96 2.50 39.02
CA MET F 214 -28.12 1.37 39.92
C MET F 214 -27.04 1.40 40.99
N SER F 215 -25.79 1.41 40.57
CA SER F 215 -24.64 1.49 41.47
C SER F 215 -24.78 2.67 42.43
N GLY F 216 -25.39 3.75 41.95
CA GLY F 216 -25.64 4.93 42.77
C GLY F 216 -26.80 4.72 43.73
N TYR F 217 -27.82 4.01 43.26
CA TYR F 217 -28.97 3.71 44.11
C TYR F 217 -28.58 2.78 45.25
N LEU F 218 -27.96 1.65 44.93
CA LEU F 218 -27.54 0.67 45.92
C LEU F 218 -26.64 1.26 47.02
N SER F 219 -25.69 2.13 46.65
CA SER F 219 -24.90 2.81 47.67
C SER F 219 -25.80 3.53 48.66
N ARG F 220 -26.70 4.36 48.14
CA ARG F 220 -27.61 5.17 48.95
C ARG F 220 -28.47 4.27 49.84
N LEU F 221 -28.94 3.15 49.26
CA LEU F 221 -29.78 2.22 49.99
C LEU F 221 -28.99 1.59 51.14
N ILE F 222 -27.79 1.10 50.81
CA ILE F 222 -26.84 0.59 51.79
C ILE F 222 -26.64 1.59 52.91
N ASP F 223 -26.42 2.84 52.54
N ASP F 223 -26.43 2.85 52.55
CA ASP F 223 -26.22 3.94 53.48
CA ASP F 223 -26.21 3.92 53.53
C ASP F 223 -27.42 4.19 54.42
C ASP F 223 -27.43 4.15 54.45
N SER F 224 -28.64 3.90 53.96
CA SER F 224 -29.86 4.17 54.74
C SER F 224 -30.20 3.08 55.78
N LYS F 225 -29.60 1.91 55.64
CA LYS F 225 -29.86 0.86 56.60
C LYS F 225 -29.05 1.08 57.89
N ARG F 226 -27.95 1.86 57.79
CA ARG F 226 -27.01 2.05 58.90
C ARG F 226 -27.70 2.59 60.12
N GLY F 227 -27.44 1.93 61.24
CA GLY F 227 -28.05 2.31 62.50
C GLY F 227 -29.56 2.31 62.43
N GLN F 228 -30.17 1.57 61.51
CA GLN F 228 -31.63 1.54 61.49
C GLN F 228 -32.23 0.27 62.09
N ASP F 229 -31.37 -0.69 62.45
CA ASP F 229 -31.75 -1.94 63.15
C ASP F 229 -32.61 -2.88 62.32
N GLY F 230 -32.57 -2.72 61.00
CA GLY F 230 -33.28 -3.62 60.10
C GLY F 230 -32.88 -5.08 60.17
N GLU F 231 -33.82 -5.93 59.77
CA GLU F 231 -33.65 -7.37 59.85
C GLU F 231 -33.61 -8.02 58.47
N ASP F 232 -33.74 -7.21 57.42
CA ASP F 232 -33.54 -7.70 56.06
C ASP F 232 -32.08 -8.18 55.90
N LEU F 233 -31.86 -9.10 54.97
CA LEU F 233 -30.48 -9.56 54.67
C LEU F 233 -29.46 -8.41 54.41
N LEU F 234 -29.87 -7.38 53.68
CA LEU F 234 -28.95 -6.28 53.41
C LEU F 234 -28.37 -5.63 54.68
N SER F 235 -29.19 -5.50 55.72
CA SER F 235 -28.76 -4.84 56.94
C SER F 235 -27.77 -5.73 57.70
N ALA F 236 -28.09 -7.03 57.82
CA ALA F 236 -27.13 -8.00 58.35
C ALA F 236 -25.76 -7.79 57.71
N LEU F 237 -25.77 -7.58 56.39
CA LEU F 237 -24.52 -7.30 55.67
C LEU F 237 -23.84 -6.03 56.08
N VAL F 238 -24.58 -4.92 56.06
CA VAL F 238 -24.09 -3.61 56.47
C VAL F 238 -23.44 -3.70 57.86
N ARG F 239 -24.12 -4.36 58.80
CA ARG F 239 -23.58 -4.51 60.13
C ARG F 239 -22.28 -5.34 60.11
N THR F 240 -22.32 -6.46 59.41
CA THR F 240 -21.16 -7.30 59.30
C THR F 240 -19.96 -6.57 58.80
N SER F 241 -20.15 -5.79 57.74
CA SER F 241 -19.09 -5.04 57.09
C SER F 241 -18.62 -3.85 57.95
N ASP F 242 -19.56 -3.13 58.54
CA ASP F 242 -19.25 -2.08 59.49
C ASP F 242 -18.40 -2.65 60.61
N GLU F 243 -18.78 -3.82 61.14
CA GLU F 243 -18.07 -4.42 62.28
C GLU F 243 -16.66 -4.88 62.01
N ASP F 244 -16.43 -5.34 60.78
CA ASP F 244 -15.08 -5.72 60.38
C ASP F 244 -14.74 -5.55 58.89
N GLY F 245 -14.09 -4.43 58.61
CA GLY F 245 -13.64 -4.07 57.26
C GLY F 245 -12.96 -5.15 56.43
N SER F 246 -12.49 -6.21 57.10
CA SER F 246 -11.75 -7.28 56.41
C SER F 246 -12.61 -8.50 56.14
N ARG F 247 -13.69 -8.65 56.89
CA ARG F 247 -14.62 -9.72 56.59
C ARG F 247 -15.44 -9.39 55.34
N LEU F 248 -15.73 -8.11 55.10
CA LEU F 248 -16.47 -7.65 53.91
C LEU F 248 -16.23 -6.15 53.60
N THR F 249 -15.26 -5.85 52.75
CA THR F 249 -15.03 -4.48 52.29
C THR F 249 -16.30 -3.92 51.69
N SER F 250 -16.56 -2.65 51.97
CA SER F 250 -17.76 -1.96 51.50
C SER F 250 -17.91 -1.95 49.99
N GLU F 251 -16.82 -2.26 49.26
CA GLU F 251 -16.91 -2.65 47.85
C GLU F 251 -17.71 -3.93 47.66
N GLU F 252 -17.46 -4.91 48.53
CA GLU F 252 -18.06 -6.20 48.37
C GLU F 252 -19.53 -6.05 48.69
N LEU F 253 -19.78 -5.31 49.77
CA LEU F 253 -21.14 -5.04 50.24
C LEU F 253 -21.97 -4.61 49.05
N LEU F 254 -21.45 -3.65 48.29
CA LEU F 254 -22.15 -3.21 47.11
C LEU F 254 -22.14 -4.28 46.06
N GLY F 255 -21.07 -5.06 45.96
CA GLY F 255 -21.00 -6.14 44.96
C GLY F 255 -22.05 -7.18 45.28
N MET F 256 -22.14 -7.57 46.54
CA MET F 256 -23.15 -8.51 46.99
C MET F 256 -24.57 -8.00 46.75
N ALA F 257 -24.79 -6.72 46.99
CA ALA F 257 -26.14 -6.16 46.83
C ALA F 257 -26.56 -6.36 45.39
N HIS F 258 -25.75 -5.79 44.50
CA HIS F 258 -25.85 -5.98 43.07
C HIS F 258 -26.09 -7.43 42.61
N ILE F 259 -25.11 -8.29 42.86
CA ILE F 259 -25.20 -9.66 42.39
C ILE F 259 -26.50 -10.32 42.87
N LEU F 260 -26.86 -10.12 44.12
CA LEU F 260 -28.05 -10.80 44.61
C LEU F 260 -29.36 -10.25 44.05
N LEU F 261 -29.42 -8.94 43.80
CA LEU F 261 -30.60 -8.37 43.19
C LEU F 261 -30.72 -8.73 41.76
N VAL F 262 -29.62 -8.67 41.03
CA VAL F 262 -29.73 -8.88 39.61
C VAL F 262 -29.99 -10.34 39.33
N ALA F 263 -29.13 -11.24 39.82
CA ALA F 263 -29.29 -12.67 39.49
C ALA F 263 -30.69 -13.11 39.81
N GLY F 264 -31.27 -12.52 40.87
CA GLY F 264 -32.64 -12.80 41.32
C GLY F 264 -33.61 -12.63 40.15
N HIS F 265 -33.80 -11.35 39.77
N HIS F 265 -33.80 -11.38 39.70
CA HIS F 265 -34.59 -10.90 38.63
CA HIS F 265 -34.69 -11.12 38.56
C HIS F 265 -34.32 -11.70 37.34
C HIS F 265 -34.23 -11.85 37.32
N GLU F 266 -33.46 -11.14 36.49
CA GLU F 266 -33.22 -11.58 35.11
C GLU F 266 -33.36 -13.07 34.81
N THR F 267 -32.56 -13.93 35.43
CA THR F 267 -32.64 -15.35 35.08
C THR F 267 -33.97 -16.04 35.38
N THR F 268 -34.58 -15.75 36.52
CA THR F 268 -35.81 -16.41 36.89
C THR F 268 -36.96 -15.96 36.02
N VAL F 269 -37.07 -14.65 35.90
CA VAL F 269 -38.06 -14.03 35.04
C VAL F 269 -38.11 -14.85 33.74
N ASN F 270 -36.93 -15.08 33.17
CA ASN F 270 -36.81 -15.78 31.91
C ASN F 270 -36.98 -17.29 31.94
N LEU F 271 -36.69 -17.95 33.05
CA LEU F 271 -37.10 -19.34 33.15
C LEU F 271 -38.63 -19.43 32.99
N ILE F 272 -39.36 -18.66 33.79
CA ILE F 272 -40.82 -18.75 33.80
C ILE F 272 -41.40 -18.51 32.43
N ALA F 273 -41.06 -17.34 31.86
CA ALA F 273 -41.48 -17.01 30.52
C ALA F 273 -41.09 -18.14 29.59
N ASN F 274 -39.81 -18.53 29.65
CA ASN F 274 -39.28 -19.46 28.66
C ASN F 274 -39.96 -20.81 28.70
N GLY F 275 -40.22 -21.29 29.92
CA GLY F 275 -40.82 -22.58 30.11
C GLY F 275 -42.29 -22.58 29.82
N MET F 276 -42.95 -21.47 30.07
CA MET F 276 -44.34 -21.36 29.76
C MET F 276 -44.56 -21.27 28.28
N TYR F 277 -43.61 -20.68 27.57
CA TYR F 277 -43.66 -20.70 26.12
C TYR F 277 -43.41 -22.14 25.68
N ALA F 278 -42.39 -22.77 26.24
CA ALA F 278 -42.04 -24.13 25.84
C ALA F 278 -43.28 -25.01 26.00
N LEU F 279 -43.98 -24.81 27.11
CA LEU F 279 -45.12 -25.63 27.47
C LEU F 279 -46.32 -25.27 26.60
N LEU F 280 -46.57 -23.98 26.38
CA LEU F 280 -47.72 -23.56 25.59
C LEU F 280 -47.58 -23.91 24.12
N SER F 281 -46.35 -24.19 23.68
CA SER F 281 -46.08 -24.45 22.27
C SER F 281 -45.94 -25.94 21.96
N HIS F 282 -46.19 -26.76 22.96
CA HIS F 282 -46.23 -28.20 22.83
C HIS F 282 -47.51 -28.65 23.53
N PRO F 283 -48.62 -28.72 22.78
CA PRO F 283 -49.98 -28.88 23.35
C PRO F 283 -50.18 -30.20 24.07
N ASP F 284 -49.43 -31.21 23.66
CA ASP F 284 -49.52 -32.55 24.24
C ASP F 284 -48.87 -32.58 25.62
N GLN F 285 -47.61 -32.18 25.69
CA GLN F 285 -46.86 -32.02 26.97
C GLN F 285 -47.64 -31.27 28.03
N LEU F 286 -48.25 -30.14 27.62
CA LEU F 286 -49.11 -29.36 28.49
C LEU F 286 -50.29 -30.21 29.01
N ALA F 287 -51.07 -30.79 28.09
CA ALA F 287 -52.16 -31.70 28.48
C ALA F 287 -51.70 -32.75 29.48
N ALA F 288 -50.55 -33.38 29.18
CA ALA F 288 -49.91 -34.35 30.07
C ALA F 288 -49.85 -33.81 31.49
N LEU F 289 -49.18 -32.66 31.65
CA LEU F 289 -48.99 -32.05 32.95
C LEU F 289 -50.32 -31.58 33.57
N ARG F 290 -51.25 -31.15 32.73
CA ARG F 290 -52.57 -30.70 33.21
C ARG F 290 -53.38 -31.81 33.86
N ALA F 291 -53.29 -33.02 33.28
CA ALA F 291 -53.89 -34.20 33.89
C ALA F 291 -53.20 -34.52 35.22
N ASP F 292 -51.86 -34.58 35.20
CA ASP F 292 -51.08 -35.07 36.33
C ASP F 292 -50.07 -34.04 36.81
N MET F 293 -50.41 -33.39 37.92
CA MET F 293 -49.58 -32.33 38.47
C MET F 293 -48.36 -32.79 39.31
N THR F 294 -48.20 -34.10 39.45
CA THR F 294 -47.02 -34.68 40.10
C THR F 294 -45.81 -34.70 39.14
N LEU F 295 -46.07 -34.40 37.87
CA LEU F 295 -45.06 -34.32 36.81
C LEU F 295 -44.38 -32.96 36.77
N LEU F 296 -44.95 -32.05 37.55
CA LEU F 296 -44.55 -30.66 37.61
C LEU F 296 -43.06 -30.44 37.78
N ASP F 297 -42.45 -31.09 38.77
CA ASP F 297 -41.03 -30.92 39.05
C ASP F 297 -40.17 -31.23 37.84
N GLY F 298 -40.39 -32.42 37.29
CA GLY F 298 -39.65 -32.87 36.12
C GLY F 298 -39.83 -31.97 34.91
N ALA F 299 -41.02 -31.38 34.78
CA ALA F 299 -41.27 -30.41 33.71
C ALA F 299 -40.32 -29.23 33.83
N VAL F 300 -40.19 -28.69 35.03
CA VAL F 300 -39.35 -27.50 35.23
C VAL F 300 -37.87 -27.82 34.97
N GLU F 301 -37.45 -29.02 35.37
CA GLU F 301 -36.12 -29.47 35.02
C GLU F 301 -35.96 -29.52 33.48
N GLU F 302 -36.99 -29.97 32.76
CA GLU F 302 -36.92 -29.97 31.30
C GLU F 302 -37.06 -28.59 30.64
N MET F 303 -37.66 -27.62 31.33
CA MET F 303 -37.69 -26.26 30.80
C MET F 303 -36.28 -25.63 30.87
N LEU F 304 -35.60 -25.84 32.01
CA LEU F 304 -34.18 -25.53 32.16
C LEU F 304 -33.24 -26.23 31.15
N ARG F 305 -33.49 -27.52 30.88
CA ARG F 305 -32.78 -28.27 29.85
C ARG F 305 -33.07 -27.73 28.46
N TYR F 306 -34.35 -27.66 28.09
CA TYR F 306 -34.79 -27.29 26.73
C TYR F 306 -34.59 -25.84 26.32
N GLU F 307 -35.09 -24.91 27.14
CA GLU F 307 -34.96 -23.46 26.89
C GLU F 307 -34.57 -22.65 28.14
N GLY F 308 -33.60 -23.16 28.90
CA GLY F 308 -33.04 -22.47 30.06
C GLY F 308 -32.61 -21.05 29.72
N PRO F 309 -32.71 -20.14 30.71
CA PRO F 309 -32.51 -18.71 30.45
C PRO F 309 -31.02 -18.27 30.27
N VAL F 310 -30.11 -19.06 30.81
CA VAL F 310 -28.70 -18.77 30.68
C VAL F 310 -28.19 -19.48 29.44
N GLU F 311 -28.23 -18.74 28.34
CA GLU F 311 -27.73 -19.19 27.02
C GLU F 311 -26.21 -19.44 27.05
N SER F 312 -25.46 -18.53 27.67
CA SER F 312 -24.03 -18.69 27.89
C SER F 312 -23.64 -18.36 29.32
N ALA F 313 -22.74 -19.15 29.89
CA ALA F 313 -22.31 -18.93 31.26
C ALA F 313 -21.49 -17.66 31.30
N THR F 314 -21.21 -17.15 32.49
CA THR F 314 -20.55 -15.86 32.60
C THR F 314 -19.06 -15.88 32.17
N TYR F 315 -18.45 -14.70 32.13
CA TYR F 315 -17.13 -14.55 31.56
C TYR F 315 -16.12 -15.44 32.26
N ARG F 316 -15.34 -16.19 31.49
CA ARG F 316 -14.23 -16.93 32.05
C ARG F 316 -12.95 -16.55 31.32
N PHE F 317 -11.83 -16.48 32.06
CA PHE F 317 -10.55 -16.14 31.42
C PHE F 317 -9.43 -17.10 31.78
N PRO F 318 -8.90 -17.84 30.79
CA PRO F 318 -7.80 -18.77 31.04
C PRO F 318 -6.55 -18.04 31.59
N VAL F 319 -6.16 -18.43 32.79
CA VAL F 319 -4.99 -17.85 33.44
C VAL F 319 -3.73 -18.20 32.66
N GLU F 320 -3.74 -19.36 32.01
CA GLU F 320 -2.61 -19.89 31.22
C GLU F 320 -3.16 -20.42 29.91
N PRO F 321 -2.34 -20.42 28.83
CA PRO F 321 -2.88 -20.94 27.57
C PRO F 321 -3.52 -22.35 27.67
N VAL F 322 -4.57 -22.57 26.88
CA VAL F 322 -5.31 -23.83 26.94
C VAL F 322 -5.60 -24.47 25.59
N ASP F 323 -4.99 -25.63 25.36
CA ASP F 323 -5.31 -26.43 24.19
C ASP F 323 -6.63 -27.15 24.44
N LEU F 324 -7.72 -26.56 23.94
CA LEU F 324 -8.98 -27.29 23.88
C LEU F 324 -9.03 -28.02 22.56
N ASP F 325 -8.60 -29.28 22.62
CA ASP F 325 -8.52 -30.17 21.47
C ASP F 325 -8.22 -29.40 20.20
N GLY F 326 -6.93 -29.25 19.88
CA GLY F 326 -6.51 -28.57 18.65
C GLY F 326 -6.43 -27.06 18.80
N THR F 327 -7.51 -26.47 19.27
CA THR F 327 -7.65 -25.02 19.34
C THR F 327 -7.20 -24.47 20.69
N VAL F 328 -6.26 -23.53 20.61
CA VAL F 328 -5.61 -22.93 21.79
C VAL F 328 -6.22 -21.55 22.10
N ILE F 329 -6.74 -21.39 23.31
CA ILE F 329 -7.23 -20.07 23.73
C ILE F 329 -6.16 -19.32 24.52
N PRO F 330 -5.83 -18.10 24.08
CA PRO F 330 -4.78 -17.29 24.71
C PRO F 330 -5.16 -16.86 26.12
N ALA F 331 -4.15 -16.77 26.99
CA ALA F 331 -4.31 -16.26 28.34
C ALA F 331 -5.07 -14.92 28.34
N GLY F 332 -6.07 -14.82 29.21
CA GLY F 332 -6.83 -13.58 29.43
C GLY F 332 -7.85 -13.22 28.38
N ASP F 333 -8.06 -14.09 27.40
CA ASP F 333 -9.18 -13.91 26.49
C ASP F 333 -10.49 -14.26 27.18
N THR F 334 -11.58 -13.81 26.58
CA THR F 334 -12.92 -14.02 27.11
C THR F 334 -13.52 -15.32 26.52
N VAL F 335 -14.09 -16.16 27.40
CA VAL F 335 -14.56 -17.52 27.08
C VAL F 335 -15.98 -17.73 27.63
N LEU F 336 -16.95 -17.78 26.71
N LEU F 336 -16.95 -17.78 26.71
CA LEU F 336 -18.33 -18.02 27.03
CA LEU F 336 -18.33 -18.02 27.06
C LEU F 336 -18.64 -19.48 26.81
C LEU F 336 -18.68 -19.47 26.80
N VAL F 337 -19.26 -20.10 27.81
CA VAL F 337 -19.64 -21.49 27.74
C VAL F 337 -21.10 -21.55 27.39
N VAL F 338 -21.40 -22.11 26.22
CA VAL F 338 -22.75 -22.13 25.70
C VAL F 338 -23.41 -23.38 26.27
N LEU F 339 -24.18 -23.15 27.35
CA LEU F 339 -25.01 -24.16 28.00
C LEU F 339 -26.18 -24.59 27.12
N ALA F 340 -26.69 -23.62 26.36
CA ALA F 340 -27.81 -23.92 25.46
C ALA F 340 -27.38 -24.97 24.47
N ASP F 341 -26.16 -24.87 23.93
CA ASP F 341 -25.68 -25.91 23.01
C ASP F 341 -25.42 -27.22 23.70
N ALA F 342 -24.84 -27.14 24.89
CA ALA F 342 -24.58 -28.31 25.70
C ALA F 342 -25.86 -29.13 25.77
N HIS F 343 -26.95 -28.47 26.20
CA HIS F 343 -28.27 -29.06 26.36
C HIS F 343 -28.93 -29.54 25.07
N ARG F 344 -28.24 -29.38 23.95
CA ARG F 344 -28.69 -29.92 22.68
C ARG F 344 -27.71 -30.94 22.10
N THR F 345 -26.72 -31.34 22.89
CA THR F 345 -25.83 -32.45 22.48
C THR F 345 -26.58 -33.79 22.52
N PRO F 346 -26.88 -34.34 21.33
CA PRO F 346 -27.71 -35.53 21.20
C PRO F 346 -27.11 -36.69 21.97
N GLU F 347 -25.79 -36.80 21.93
CA GLU F 347 -25.04 -37.76 22.73
C GLU F 347 -25.41 -37.75 24.24
N ARG F 348 -25.49 -36.56 24.85
CA ARG F 348 -25.86 -36.46 26.28
C ARG F 348 -27.37 -36.38 26.55
N PHE F 349 -28.13 -35.80 25.64
CA PHE F 349 -29.58 -35.77 25.80
C PHE F 349 -30.21 -36.18 24.47
N PRO F 350 -30.70 -37.44 24.37
CA PRO F 350 -31.18 -38.01 23.10
C PRO F 350 -32.41 -37.28 22.59
N ASP F 351 -32.51 -37.11 21.27
CA ASP F 351 -33.59 -36.36 20.59
C ASP F 351 -33.73 -34.96 21.20
N PRO F 352 -32.61 -34.22 21.29
CA PRO F 352 -32.50 -33.06 22.19
C PRO F 352 -33.47 -31.95 21.86
N HIS F 353 -33.95 -31.92 20.63
CA HIS F 353 -34.93 -30.95 20.18
C HIS F 353 -36.33 -31.28 20.63
N ARG F 354 -36.47 -32.43 21.28
CA ARG F 354 -37.75 -32.84 21.86
C ARG F 354 -37.86 -32.33 23.28
N PHE F 355 -38.78 -31.36 23.44
CA PHE F 355 -39.22 -30.92 24.74
C PHE F 355 -40.14 -32.01 25.30
N ASP F 356 -39.67 -32.66 26.36
CA ASP F 356 -40.29 -33.85 26.89
C ASP F 356 -40.23 -33.78 28.44
N ILE F 357 -41.30 -33.32 29.07
CA ILE F 357 -41.28 -33.08 30.52
C ILE F 357 -41.03 -34.36 31.31
N ARG F 358 -40.88 -35.46 30.58
CA ARG F 358 -40.81 -36.81 31.14
C ARG F 358 -39.39 -37.39 31.09
N ARG F 359 -38.51 -36.71 30.36
CA ARG F 359 -37.14 -37.22 30.14
C ARG F 359 -36.25 -37.05 31.37
N ASP F 360 -35.19 -37.85 31.39
CA ASP F 360 -34.20 -37.81 32.45
C ASP F 360 -33.39 -36.58 32.15
N THR F 361 -33.51 -35.60 33.02
CA THR F 361 -32.88 -34.28 32.81
C THR F 361 -31.69 -34.11 33.74
N ALA F 362 -31.54 -35.05 34.67
CA ALA F 362 -30.44 -35.03 35.63
C ALA F 362 -29.09 -34.73 34.93
N GLY F 363 -28.30 -33.81 35.50
CA GLY F 363 -26.99 -33.49 34.95
C GLY F 363 -26.90 -32.32 33.98
N HIS F 364 -28.03 -31.62 33.75
CA HIS F 364 -28.00 -30.42 32.92
C HIS F 364 -27.09 -29.37 33.56
N LEU F 365 -26.84 -28.30 32.82
CA LEU F 365 -25.88 -27.30 33.22
C LEU F 365 -26.57 -25.97 33.42
N ALA F 366 -27.88 -26.01 33.58
CA ALA F 366 -28.67 -24.79 33.56
C ALA F 366 -28.28 -23.89 34.71
N PHE F 367 -27.79 -24.51 35.78
CA PHE F 367 -27.39 -23.78 36.97
C PHE F 367 -25.86 -23.72 37.12
N GLY F 368 -25.15 -24.05 36.04
CA GLY F 368 -23.69 -24.09 36.07
C GLY F 368 -23.20 -25.40 36.61
N HIS F 369 -21.91 -25.42 37.02
CA HIS F 369 -21.22 -26.62 37.52
C HIS F 369 -19.93 -26.22 38.28
N GLY F 370 -19.55 -27.00 39.30
CA GLY F 370 -18.37 -26.64 40.10
C GLY F 370 -18.60 -25.52 41.13
N ILE F 371 -17.55 -24.80 41.48
CA ILE F 371 -17.61 -23.84 42.61
C ILE F 371 -18.44 -22.58 42.39
N HIS F 372 -18.90 -22.29 41.17
CA HIS F 372 -19.85 -21.17 40.98
C HIS F 372 -21.30 -21.62 40.80
N PHE F 373 -21.59 -22.88 41.08
CA PHE F 373 -22.95 -23.42 40.94
C PHE F 373 -24.01 -22.57 41.67
N CYS F 374 -25.08 -22.23 40.95
CA CYS F 374 -26.11 -21.27 41.43
C CYS F 374 -26.44 -21.40 42.88
N ILE F 375 -26.24 -20.31 43.64
CA ILE F 375 -26.61 -20.24 45.07
C ILE F 375 -28.13 -20.17 45.21
N GLY F 376 -28.76 -19.67 44.14
CA GLY F 376 -30.22 -19.47 44.05
C GLY F 376 -31.07 -20.65 43.57
N ALA F 377 -30.43 -21.72 43.11
CA ALA F 377 -31.19 -22.91 42.63
C ALA F 377 -32.49 -23.16 43.44
N PRO F 378 -32.38 -23.44 44.76
CA PRO F 378 -33.59 -23.82 45.46
C PRO F 378 -34.68 -22.76 45.43
N LEU F 379 -34.31 -21.49 45.49
CA LEU F 379 -35.27 -20.38 45.36
C LEU F 379 -35.92 -20.26 43.96
N ALA F 380 -35.12 -20.34 42.90
CA ALA F 380 -35.74 -20.27 41.56
C ALA F 380 -36.69 -21.43 41.30
N ARG F 381 -36.28 -22.63 41.68
CA ARG F 381 -37.18 -23.76 41.56
C ARG F 381 -38.47 -23.53 42.33
N LEU F 382 -38.39 -22.94 43.51
CA LEU F 382 -39.58 -22.75 44.30
C LEU F 382 -40.54 -21.88 43.53
N GLU F 383 -39.98 -20.77 43.05
CA GLU F 383 -40.69 -19.77 42.25
C GLU F 383 -41.26 -20.25 40.92
N ALA F 384 -40.44 -20.96 40.13
CA ALA F 384 -40.91 -21.53 38.85
C ALA F 384 -42.05 -22.51 39.07
N ARG F 385 -41.83 -23.46 39.98
CA ARG F 385 -42.82 -24.49 40.38
C ARG F 385 -44.18 -23.91 40.78
N ILE F 386 -44.18 -23.02 41.77
CA ILE F 386 -45.42 -22.38 42.24
C ILE F 386 -46.13 -21.60 41.11
N ALA F 387 -45.36 -20.84 40.34
CA ALA F 387 -45.90 -20.06 39.21
C ALA F 387 -46.57 -20.94 38.14
N VAL F 388 -45.85 -21.91 37.61
CA VAL F 388 -46.40 -22.83 36.60
C VAL F 388 -47.62 -23.56 37.15
N ARG F 389 -47.50 -24.18 38.32
CA ARG F 389 -48.66 -24.83 38.89
C ARG F 389 -49.84 -23.84 38.86
N ALA F 390 -49.60 -22.60 39.32
CA ALA F 390 -50.68 -21.63 39.48
C ALA F 390 -51.38 -21.36 38.16
N LEU F 391 -50.60 -20.95 37.17
CA LEU F 391 -51.09 -20.68 35.83
C LEU F 391 -51.90 -21.84 35.30
N LEU F 392 -51.34 -23.05 35.43
CA LEU F 392 -52.00 -24.23 34.93
C LEU F 392 -53.35 -24.47 35.59
N GLU F 393 -53.36 -24.41 36.91
CA GLU F 393 -54.56 -24.71 37.66
C GLU F 393 -55.61 -23.59 37.76
N ARG F 394 -55.37 -22.46 37.08
CA ARG F 394 -56.30 -21.34 37.21
C ARG F 394 -56.74 -20.74 35.88
N CYS F 395 -56.27 -21.30 34.78
CA CYS F 395 -56.56 -20.76 33.46
C CYS F 395 -57.05 -21.83 32.50
N PRO F 396 -58.37 -22.12 32.52
CA PRO F 396 -58.92 -23.07 31.56
C PRO F 396 -58.47 -22.75 30.14
N ASP F 397 -58.07 -23.78 29.40
CA ASP F 397 -57.79 -23.68 27.96
C ASP F 397 -56.54 -22.86 27.60
N LEU F 398 -55.85 -22.36 28.64
CA LEU F 398 -54.65 -21.52 28.51
C LEU F 398 -53.85 -21.80 27.23
N ALA F 399 -53.69 -20.76 26.41
CA ALA F 399 -53.12 -20.89 25.08
C ALA F 399 -52.27 -19.69 24.70
N LEU F 400 -51.36 -19.89 23.76
CA LEU F 400 -50.57 -18.78 23.23
C LEU F 400 -51.44 -17.85 22.42
N ASP F 401 -51.28 -16.54 22.66
CA ASP F 401 -52.08 -15.54 21.96
C ASP F 401 -51.42 -15.05 20.68
N VAL F 402 -50.38 -15.75 20.27
CA VAL F 402 -49.79 -15.53 18.98
C VAL F 402 -49.04 -16.78 18.55
N SER F 403 -48.59 -16.78 17.29
CA SER F 403 -47.82 -17.88 16.71
C SER F 403 -46.35 -17.86 17.15
N PRO F 404 -45.74 -19.05 17.26
CA PRO F 404 -44.35 -19.15 17.74
C PRO F 404 -43.34 -18.43 16.83
N GLY F 405 -43.86 -17.60 15.93
CA GLY F 405 -43.06 -16.86 14.95
C GLY F 405 -43.19 -15.35 15.07
N GLU F 406 -44.24 -14.88 15.75
CA GLU F 406 -44.44 -13.44 15.97
C GLU F 406 -43.81 -12.96 17.30
N LEU F 407 -43.23 -13.90 18.03
CA LEU F 407 -42.52 -13.56 19.26
C LEU F 407 -41.17 -12.95 18.96
N VAL F 408 -40.65 -12.20 19.92
CA VAL F 408 -39.45 -11.42 19.71
C VAL F 408 -38.46 -11.67 20.83
N TRP F 409 -37.26 -12.13 20.48
CA TRP F 409 -36.24 -12.53 21.47
C TRP F 409 -35.12 -11.50 21.62
N TYR F 410 -34.38 -11.60 22.71
CA TYR F 410 -33.25 -10.70 22.89
C TYR F 410 -32.01 -11.26 22.23
N PRO F 411 -31.35 -10.45 21.37
CA PRO F 411 -30.19 -10.86 20.56
C PRO F 411 -29.08 -11.47 21.42
N ASN F 412 -28.80 -10.80 22.54
CA ASN F 412 -27.82 -11.25 23.54
C ASN F 412 -27.65 -12.78 23.69
N PRO F 413 -26.42 -13.28 23.42
CA PRO F 413 -26.12 -14.73 23.45
C PRO F 413 -25.94 -15.30 24.85
N MET F 414 -25.87 -14.44 25.85
CA MET F 414 -25.75 -14.91 27.23
C MET F 414 -27.08 -15.28 27.86
N ILE F 415 -28.11 -14.53 27.52
CA ILE F 415 -29.43 -14.68 28.06
C ILE F 415 -30.41 -15.01 26.94
N ARG F 416 -31.25 -16.00 27.18
CA ARG F 416 -32.24 -16.40 26.21
C ARG F 416 -33.52 -15.84 26.77
N GLY F 417 -34.10 -14.84 26.12
CA GLY F 417 -35.26 -14.17 26.71
C GLY F 417 -36.15 -13.42 25.78
N LEU F 418 -37.45 -13.44 26.07
CA LEU F 418 -38.48 -12.83 25.22
C LEU F 418 -38.77 -11.41 25.63
N LYS F 419 -39.07 -10.56 24.65
CA LYS F 419 -39.46 -9.19 24.92
C LYS F 419 -40.80 -9.24 25.65
N ALA F 420 -41.75 -9.95 25.05
CA ALA F 420 -43.05 -10.23 25.63
C ALA F 420 -43.51 -11.65 25.30
N LEU F 421 -44.45 -12.15 26.10
CA LEU F 421 -45.13 -13.40 25.83
C LEU F 421 -46.61 -13.17 26.05
N PRO F 422 -47.37 -12.97 24.96
CA PRO F 422 -48.84 -12.76 25.06
C PRO F 422 -49.60 -14.09 25.15
N ILE F 423 -50.68 -14.11 25.94
CA ILE F 423 -51.48 -15.33 26.13
C ILE F 423 -52.99 -15.07 26.13
N ARG F 424 -53.75 -16.16 26.06
CA ARG F 424 -55.21 -16.11 26.25
C ARG F 424 -55.70 -17.30 27.08
N TRP F 425 -56.94 -17.18 27.55
CA TRP F 425 -57.64 -18.22 28.29
C TRP F 425 -59.14 -17.99 27.98
N ARG F 426 -60.02 -18.88 28.46
CA ARG F 426 -61.46 -18.72 28.22
C ARG F 426 -62.05 -17.68 29.18
N SER G 31 8.76 -28.43 -17.23
CA SER G 31 8.04 -27.61 -16.21
C SER G 31 9.00 -27.23 -15.08
N PRO G 32 9.73 -28.22 -14.49
CA PRO G 32 10.75 -27.89 -13.47
C PRO G 32 12.11 -27.60 -14.11
N PRO G 33 12.90 -26.69 -13.53
CA PRO G 33 14.18 -26.35 -14.17
C PRO G 33 15.12 -27.54 -14.09
N VAL G 34 16.11 -27.57 -14.98
CA VAL G 34 17.00 -28.72 -15.07
C VAL G 34 18.36 -28.41 -14.48
N LEU G 35 18.53 -27.17 -14.01
CA LEU G 35 19.78 -26.66 -13.45
C LEU G 35 19.42 -25.44 -12.62
N ASP G 36 20.08 -25.29 -11.48
CA ASP G 36 19.88 -24.14 -10.61
C ASP G 36 21.19 -23.40 -10.61
N LEU G 37 21.35 -22.44 -11.50
CA LEU G 37 22.63 -21.72 -11.67
C LEU G 37 23.24 -21.21 -10.36
N GLY G 38 22.42 -21.01 -9.33
CA GLY G 38 22.89 -20.54 -8.04
C GLY G 38 23.54 -21.61 -7.21
N ALA G 39 23.19 -22.86 -7.48
CA ALA G 39 23.84 -23.98 -6.82
C ALA G 39 25.30 -24.07 -7.31
N LEU G 40 25.50 -23.71 -8.56
CA LEU G 40 26.83 -23.80 -9.17
C LEU G 40 27.89 -22.88 -8.55
N GLY G 41 27.44 -21.89 -7.78
CA GLY G 41 28.33 -20.98 -7.02
C GLY G 41 29.25 -20.11 -7.86
N GLN G 42 30.30 -19.59 -7.22
CA GLN G 42 31.29 -18.72 -7.90
C GLN G 42 31.96 -19.39 -9.12
N ASP G 43 32.06 -20.72 -9.14
CA ASP G 43 32.55 -21.46 -10.31
C ASP G 43 31.82 -21.03 -11.59
N PHE G 44 30.48 -21.04 -11.55
CA PHE G 44 29.67 -20.60 -12.67
C PHE G 44 29.75 -19.07 -12.94
N ALA G 45 30.03 -18.30 -11.89
CA ALA G 45 30.07 -16.86 -11.97
C ALA G 45 31.35 -16.45 -12.65
N ALA G 46 32.41 -17.18 -12.32
CA ALA G 46 33.74 -16.95 -12.87
C ALA G 46 33.87 -17.41 -14.33
N ASP G 47 33.13 -18.46 -14.72
CA ASP G 47 33.29 -19.05 -16.04
C ASP G 47 32.07 -19.82 -16.50
N PRO G 48 31.02 -19.12 -16.99
CA PRO G 48 29.76 -19.85 -17.22
C PRO G 48 29.81 -20.76 -18.46
N TYR G 49 30.76 -20.48 -19.36
CA TYR G 49 30.76 -21.05 -20.73
C TYR G 49 30.71 -22.57 -20.90
N PRO G 50 31.45 -23.37 -20.10
CA PRO G 50 31.33 -24.84 -20.26
C PRO G 50 29.92 -25.36 -19.97
N THR G 51 29.26 -24.73 -19.01
CA THR G 51 27.90 -25.06 -18.65
C THR G 51 26.92 -24.69 -19.77
N TYR G 52 27.21 -23.59 -20.45
CA TYR G 52 26.38 -23.16 -21.56
C TYR G 52 26.49 -24.14 -22.74
N ALA G 53 27.70 -24.55 -23.06
CA ALA G 53 27.93 -25.45 -24.18
C ALA G 53 27.40 -26.83 -23.86
N ARG G 54 27.43 -27.19 -22.58
CA ARG G 54 26.84 -28.47 -22.17
C ARG G 54 25.34 -28.40 -22.52
N LEU G 55 24.65 -27.32 -22.16
CA LEU G 55 23.25 -27.16 -22.60
C LEU G 55 23.13 -27.18 -24.14
N ARG G 56 24.02 -26.43 -24.81
CA ARG G 56 23.95 -26.26 -26.27
C ARG G 56 23.88 -27.62 -26.94
N ALA G 57 24.74 -28.51 -26.47
CA ALA G 57 24.89 -29.83 -27.04
C ALA G 57 23.64 -30.68 -26.88
N GLU G 58 22.91 -30.47 -25.78
CA GLU G 58 21.66 -31.21 -25.55
C GLU G 58 20.54 -30.65 -26.43
N GLY G 59 20.44 -29.33 -26.53
CA GLY G 59 19.36 -28.75 -27.30
C GLY G 59 19.44 -27.26 -27.37
N PRO G 60 18.39 -26.65 -27.93
CA PRO G 60 18.39 -25.20 -28.05
C PRO G 60 17.75 -24.44 -26.86
N ALA G 61 17.03 -25.12 -25.97
CA ALA G 61 16.31 -24.39 -24.92
C ALA G 61 16.18 -25.16 -23.61
N HIS G 62 16.27 -24.45 -22.49
CA HIS G 62 16.41 -25.08 -21.17
C HIS G 62 15.85 -24.24 -20.02
N ARG G 63 14.88 -24.82 -19.30
CA ARG G 63 14.27 -24.19 -18.13
C ARG G 63 15.32 -24.23 -17.02
N VAL G 64 15.54 -23.10 -16.36
CA VAL G 64 16.57 -23.05 -15.31
C VAL G 64 16.15 -22.13 -14.20
N ARG G 65 16.72 -22.36 -13.02
N ARG G 65 16.69 -22.37 -13.00
CA ARG G 65 16.63 -21.44 -11.88
CA ARG G 65 16.62 -21.41 -11.91
C ARG G 65 17.86 -20.53 -11.93
C ARG G 65 17.86 -20.52 -12.00
N THR G 66 17.65 -19.21 -11.89
CA THR G 66 18.75 -18.22 -11.83
C THR G 66 19.34 -18.08 -10.40
N PRO G 67 20.56 -17.54 -10.27
CA PRO G 67 21.11 -17.32 -8.91
C PRO G 67 20.21 -16.51 -7.95
N GLU G 68 19.39 -15.58 -8.48
CA GLU G 68 18.49 -14.78 -7.63
C GLU G 68 17.16 -15.48 -7.32
N GLY G 69 16.93 -16.65 -7.94
CA GLY G 69 15.79 -17.52 -7.63
C GLY G 69 14.77 -17.61 -8.76
N ASN G 70 14.94 -16.76 -9.77
N ASN G 70 14.98 -16.79 -9.79
CA ASN G 70 13.97 -16.59 -10.85
CA ASN G 70 14.02 -16.62 -10.89
C ASN G 70 13.98 -17.80 -11.81
C ASN G 70 13.97 -17.86 -11.78
N GLU G 71 12.79 -18.16 -12.32
CA GLU G 71 12.65 -19.35 -13.20
C GLU G 71 12.50 -19.00 -14.68
N VAL G 72 13.55 -19.28 -15.47
CA VAL G 72 13.58 -18.81 -16.86
C VAL G 72 14.00 -19.87 -17.88
N TRP G 73 13.87 -19.49 -19.14
CA TRP G 73 14.32 -20.27 -20.28
C TRP G 73 15.60 -19.66 -20.88
N LEU G 74 16.68 -20.43 -20.94
CA LEU G 74 17.85 -19.97 -21.64
C LEU G 74 17.83 -20.45 -23.08
N VAL G 75 18.11 -19.54 -24.01
CA VAL G 75 18.27 -19.88 -25.43
C VAL G 75 19.76 -19.82 -25.77
N VAL G 76 20.29 -20.96 -26.21
CA VAL G 76 21.71 -21.13 -26.44
C VAL G 76 22.03 -21.46 -27.90
N GLY G 77 23.28 -21.18 -28.30
CA GLY G 77 23.77 -21.40 -29.68
C GLY G 77 23.50 -20.27 -30.64
N TYR G 78 24.50 -19.93 -31.45
CA TYR G 78 24.49 -18.71 -32.26
C TYR G 78 23.27 -18.51 -33.17
N ASP G 79 23.09 -19.44 -34.10
CA ASP G 79 21.96 -19.35 -35.02
C ASP G 79 20.63 -19.10 -34.32
N ARG G 80 20.30 -19.97 -33.36
CA ARG G 80 19.00 -19.86 -32.69
C ARG G 80 18.86 -18.59 -31.86
N ALA G 81 19.96 -18.16 -31.24
CA ALA G 81 19.98 -16.96 -30.43
C ALA G 81 19.72 -15.77 -31.32
N ARG G 82 20.50 -15.67 -32.40
CA ARG G 82 20.27 -14.60 -33.37
C ARG G 82 18.85 -14.61 -33.95
N ALA G 83 18.28 -15.77 -34.24
CA ALA G 83 16.89 -15.85 -34.72
C ALA G 83 15.89 -15.17 -33.75
N VAL G 84 15.94 -15.60 -32.49
CA VAL G 84 15.03 -15.16 -31.43
C VAL G 84 15.07 -13.65 -31.16
N LEU G 85 16.26 -13.03 -31.22
CA LEU G 85 16.41 -11.59 -31.00
C LEU G 85 15.57 -10.78 -31.99
N ALA G 86 15.25 -11.35 -33.15
CA ALA G 86 14.58 -10.59 -34.16
C ALA G 86 13.17 -11.07 -34.31
N ASP G 87 12.85 -12.14 -33.60
CA ASP G 87 11.58 -12.82 -33.79
C ASP G 87 10.41 -12.04 -33.18
N PRO G 88 9.45 -11.64 -34.02
CA PRO G 88 8.36 -10.79 -33.50
C PRO G 88 7.38 -11.55 -32.61
N ARG G 89 7.37 -12.89 -32.71
CA ARG G 89 6.67 -13.74 -31.76
C ARG G 89 7.20 -13.58 -30.30
N PHE G 90 8.40 -13.03 -30.13
CA PHE G 90 8.90 -12.70 -28.79
C PHE G 90 8.67 -11.23 -28.35
N SER G 91 7.60 -11.00 -27.59
CA SER G 91 7.27 -9.67 -27.05
C SER G 91 8.30 -9.21 -26.03
N LYS G 92 8.45 -7.90 -25.84
CA LYS G 92 9.29 -7.39 -24.76
C LYS G 92 8.43 -6.62 -23.79
N ASP G 93 7.18 -6.42 -24.20
CA ASP G 93 6.15 -5.85 -23.36
C ASP G 93 5.70 -6.84 -22.31
N TRP G 94 5.77 -6.38 -21.07
CA TRP G 94 5.48 -7.18 -19.91
C TRP G 94 4.00 -7.53 -19.85
N ARG G 95 3.17 -6.81 -20.60
CA ARG G 95 1.76 -7.17 -20.66
C ARG G 95 1.64 -8.65 -21.03
N ASN G 96 2.63 -9.13 -21.77
CA ASN G 96 2.66 -10.51 -22.27
C ASN G 96 3.37 -11.53 -21.38
N SER G 97 3.75 -11.10 -20.16
CA SER G 97 4.46 -11.95 -19.21
C SER G 97 3.53 -12.48 -18.14
N THR G 98 3.78 -13.70 -17.70
CA THR G 98 3.02 -14.24 -16.59
C THR G 98 3.73 -13.92 -15.27
N THR G 99 4.94 -13.40 -15.32
CA THR G 99 5.54 -12.82 -14.12
C THR G 99 4.93 -11.43 -13.82
N PRO G 100 4.46 -11.22 -12.60
CA PRO G 100 4.23 -9.82 -12.26
C PRO G 100 5.52 -9.07 -11.90
N LEU G 101 5.67 -7.87 -12.45
CA LEU G 101 6.65 -6.87 -11.96
C LEU G 101 6.37 -6.52 -10.47
N THR G 102 7.40 -6.07 -9.75
CA THR G 102 7.20 -5.47 -8.41
C THR G 102 6.79 -4.03 -8.56
N GLU G 103 6.67 -3.35 -7.43
CA GLU G 103 6.14 -2.00 -7.38
C GLU G 103 7.10 -1.04 -8.04
N ALA G 104 8.36 -1.16 -7.61
CA ALA G 104 9.44 -0.31 -8.08
C ALA G 104 9.78 -0.60 -9.53
N GLU G 105 9.60 -1.86 -9.92
CA GLU G 105 9.77 -2.29 -11.32
C GLU G 105 8.64 -1.81 -12.27
N ALA G 106 7.43 -1.66 -11.75
CA ALA G 106 6.30 -1.23 -12.57
C ALA G 106 6.40 0.27 -12.84
N ALA G 107 7.03 0.97 -11.91
CA ALA G 107 7.23 2.41 -12.05
C ALA G 107 8.07 2.66 -13.29
N LEU G 108 8.91 1.68 -13.64
CA LEU G 108 9.88 1.83 -14.74
C LEU G 108 9.65 1.04 -16.04
N ASN G 109 8.61 0.22 -16.15
CA ASN G 109 8.52 -0.55 -17.38
C ASN G 109 8.06 0.23 -18.63
N HIS G 110 8.24 1.55 -18.60
CA HIS G 110 7.78 2.40 -19.68
C HIS G 110 8.94 2.97 -20.49
N ASN G 111 9.72 2.06 -21.02
CA ASN G 111 10.92 2.41 -21.75
C ASN G 111 10.93 1.65 -23.07
N MET G 112 11.57 2.22 -24.08
CA MET G 112 11.62 1.53 -25.37
C MET G 112 12.00 0.03 -25.29
N LEU G 113 13.01 -0.31 -24.47
CA LEU G 113 13.54 -1.68 -24.43
C LEU G 113 12.50 -2.72 -23.96
N GLU G 114 11.59 -2.26 -23.10
CA GLU G 114 10.46 -3.09 -22.66
C GLU G 114 9.17 -2.73 -23.41
N SER G 115 9.28 -2.60 -24.74
CA SER G 115 8.17 -2.25 -25.62
C SER G 115 8.16 -3.08 -26.90
N ASP G 116 6.99 -3.24 -27.51
CA ASP G 116 6.91 -3.70 -28.89
C ASP G 116 6.46 -2.51 -29.73
N PRO G 117 6.43 -2.67 -31.07
CA PRO G 117 5.66 -1.70 -31.84
C PRO G 117 4.17 -1.62 -31.42
N PRO G 118 3.50 -0.48 -31.69
CA PRO G 118 4.11 0.74 -32.23
C PRO G 118 4.85 1.55 -31.14
N ARG G 119 4.56 1.26 -29.87
CA ARG G 119 5.13 2.03 -28.77
C ARG G 119 6.67 2.10 -28.76
N HIS G 120 7.33 0.97 -28.99
CA HIS G 120 8.76 0.96 -29.11
C HIS G 120 9.18 2.00 -30.15
N THR G 121 8.55 1.92 -31.33
CA THR G 121 8.80 2.80 -32.44
C THR G 121 8.72 4.25 -31.98
N ARG G 122 7.68 4.62 -31.26
CA ARG G 122 7.55 6.01 -30.80
C ARG G 122 8.68 6.47 -29.86
N LEU G 123 9.00 5.67 -28.85
CA LEU G 123 9.96 6.04 -27.84
C LEU G 123 11.35 6.30 -28.45
N ARG G 124 11.82 5.37 -29.30
CA ARG G 124 13.16 5.44 -29.85
C ARG G 124 13.31 6.63 -30.82
N LYS G 125 12.24 6.97 -31.56
CA LYS G 125 12.32 8.05 -32.51
C LYS G 125 12.77 9.33 -31.87
N LEU G 126 12.40 9.49 -30.60
CA LEU G 126 12.72 10.67 -29.80
C LEU G 126 14.21 10.87 -29.51
N VAL G 127 15.00 9.79 -29.52
CA VAL G 127 16.39 9.91 -29.14
C VAL G 127 17.36 9.30 -30.16
N ALA G 128 16.82 8.77 -31.25
CA ALA G 128 17.68 8.24 -32.31
C ALA G 128 18.76 9.25 -32.67
N ARG G 129 18.36 10.50 -32.93
CA ARG G 129 19.25 11.48 -33.55
C ARG G 129 20.45 11.69 -32.64
N GLU G 130 20.28 11.30 -31.38
CA GLU G 130 21.23 11.69 -30.33
C GLU G 130 22.52 10.86 -30.26
N PHE G 131 22.49 9.61 -30.69
CA PHE G 131 23.64 8.71 -30.48
C PHE G 131 24.17 8.10 -31.77
N THR G 132 24.01 8.86 -32.87
CA THR G 132 24.52 8.48 -34.18
C THR G 132 26.00 8.70 -34.19
N MET G 133 26.72 7.89 -34.95
CA MET G 133 28.18 7.91 -35.00
C MET G 133 28.73 9.33 -35.10
N ARG G 134 28.31 10.07 -36.13
CA ARG G 134 28.76 11.43 -36.37
C ARG G 134 28.44 12.35 -35.19
N ARG G 135 27.29 12.13 -34.56
CA ARG G 135 26.96 12.94 -33.44
C ARG G 135 27.88 12.62 -32.25
N VAL G 136 28.11 11.32 -32.03
CA VAL G 136 29.00 10.83 -30.99
C VAL G 136 30.38 11.45 -31.18
N GLU G 137 30.86 11.54 -32.43
CA GLU G 137 32.19 12.11 -32.69
C GLU G 137 32.44 13.52 -32.09
N LEU G 138 31.46 14.40 -32.15
CA LEU G 138 31.53 15.67 -31.42
C LEU G 138 31.92 15.53 -29.94
N LEU G 139 31.73 14.35 -29.37
CA LEU G 139 31.96 14.13 -27.94
C LEU G 139 33.37 13.70 -27.61
N ARG G 140 34.18 13.49 -28.66
CA ARG G 140 35.55 12.98 -28.49
C ARG G 140 36.40 13.86 -27.58
N PRO G 141 36.45 15.18 -27.82
CA PRO G 141 37.34 15.96 -26.96
C PRO G 141 36.92 15.94 -25.50
N ARG G 142 35.63 15.79 -25.22
CA ARG G 142 35.21 15.74 -23.84
C ARG G 142 35.64 14.41 -23.20
N VAL G 143 35.33 13.30 -23.89
CA VAL G 143 35.69 11.95 -23.43
C VAL G 143 37.17 11.78 -23.19
N GLN G 144 37.99 12.15 -24.18
CA GLN G 144 39.45 12.25 -24.04
C GLN G 144 39.89 13.06 -22.81
N GLU G 145 39.35 14.25 -22.67
CA GLU G 145 39.64 15.07 -21.50
C GLU G 145 39.37 14.25 -20.23
N ILE G 146 38.15 13.73 -20.13
CA ILE G 146 37.73 12.96 -18.98
C ILE G 146 38.67 11.80 -18.71
N VAL G 147 38.96 11.02 -19.75
CA VAL G 147 39.81 9.85 -19.60
C VAL G 147 41.20 10.27 -19.13
N ASP G 148 41.77 11.28 -19.81
CA ASP G 148 43.08 11.81 -19.45
C ASP G 148 43.10 12.21 -17.99
N GLY G 149 42.03 12.90 -17.54
CA GLY G 149 41.89 13.30 -16.14
C GLY G 149 42.08 12.16 -15.14
N LEU G 150 41.44 11.03 -15.41
CA LEU G 150 41.31 9.90 -14.49
C LEU G 150 42.55 9.01 -14.46
N VAL G 151 43.19 8.87 -15.61
CA VAL G 151 44.44 8.12 -15.67
C VAL G 151 45.48 8.90 -14.87
N ASP G 152 45.56 10.21 -15.08
CA ASP G 152 46.49 11.05 -14.34
C ASP G 152 46.39 10.88 -12.84
N ALA G 153 45.18 11.03 -12.30
CA ALA G 153 44.92 10.75 -10.88
C ALA G 153 45.41 9.35 -10.48
N MET G 154 45.00 8.35 -11.26
CA MET G 154 45.39 6.96 -11.00
C MET G 154 46.89 6.77 -10.95
N LEU G 155 47.61 7.36 -11.91
CA LEU G 155 49.06 7.16 -12.00
C LEU G 155 49.82 7.67 -10.77
N ALA G 156 49.20 8.58 -10.02
CA ALA G 156 49.81 9.20 -8.86
C ALA G 156 49.79 8.24 -7.68
N ALA G 157 49.02 7.14 -7.82
CA ALA G 157 48.94 6.11 -6.78
C ALA G 157 50.38 5.83 -6.37
N PRO G 158 50.72 6.11 -5.10
CA PRO G 158 52.14 6.08 -4.69
C PRO G 158 52.82 4.72 -4.83
N ASP G 159 52.04 3.63 -4.87
CA ASP G 159 52.62 2.27 -5.00
C ASP G 159 52.45 1.60 -6.38
N GLY G 160 52.06 2.37 -7.40
CA GLY G 160 51.85 1.84 -8.77
C GLY G 160 50.72 0.82 -8.86
N ARG G 161 49.71 0.98 -8.02
CA ARG G 161 48.64 0.03 -7.91
C ARG G 161 47.32 0.77 -7.92
N ALA G 162 46.31 0.15 -8.53
CA ALA G 162 44.96 0.68 -8.49
C ALA G 162 43.89 -0.39 -8.77
N ASP G 163 42.65 -0.03 -8.51
CA ASP G 163 41.57 -0.82 -9.04
C ASP G 163 40.98 -0.07 -10.21
N LEU G 164 41.23 -0.62 -11.39
CA LEU G 164 40.71 -0.08 -12.64
C LEU G 164 39.22 0.19 -12.55
N MET G 165 38.49 -0.72 -11.92
CA MET G 165 37.07 -0.52 -11.75
C MET G 165 36.81 0.83 -11.07
N GLU G 166 37.42 1.05 -9.91
CA GLU G 166 37.20 2.25 -9.11
C GLU G 166 37.72 3.49 -9.81
N SER G 167 38.89 3.36 -10.44
CA SER G 167 39.69 4.49 -10.92
C SER G 167 39.48 4.94 -12.35
N LEU G 168 38.74 4.16 -13.13
CA LEU G 168 38.47 4.54 -14.51
C LEU G 168 37.18 3.95 -15.04
N ALA G 169 37.04 2.64 -14.93
CA ALA G 169 35.88 1.94 -15.49
C ALA G 169 34.56 2.48 -14.97
N TRP G 170 34.43 2.69 -13.66
CA TRP G 170 33.19 3.29 -13.18
C TRP G 170 33.16 4.81 -13.44
N PRO G 171 34.25 5.56 -13.13
CA PRO G 171 34.11 7.01 -13.28
C PRO G 171 33.79 7.50 -14.67
N LEU G 172 34.33 6.88 -15.71
CA LEU G 172 34.26 7.51 -17.03
C LEU G 172 32.85 7.60 -17.64
N PRO G 173 32.15 6.46 -17.85
CA PRO G 173 30.80 6.48 -18.40
C PRO G 173 29.80 7.31 -17.58
N ILE G 174 29.89 7.20 -16.25
CA ILE G 174 29.01 7.97 -15.40
C ILE G 174 29.14 9.47 -15.72
N THR G 175 30.35 10.00 -15.84
CA THR G 175 30.45 11.38 -16.29
C THR G 175 29.80 11.59 -17.70
N VAL G 176 30.29 10.87 -18.72
CA VAL G 176 29.79 11.09 -20.08
C VAL G 176 28.27 11.08 -20.11
N ILE G 177 27.62 10.05 -19.60
CA ILE G 177 26.16 9.97 -19.74
C ILE G 177 25.44 10.99 -18.87
N SER G 178 26.00 11.32 -17.70
CA SER G 178 25.39 12.33 -16.83
C SER G 178 25.46 13.70 -17.43
N GLU G 179 26.62 14.05 -17.98
CA GLU G 179 26.72 15.30 -18.70
C GLU G 179 25.79 15.39 -19.91
N LEU G 180 25.50 14.30 -20.60
CA LEU G 180 24.57 14.37 -21.72
C LEU G 180 23.14 14.55 -21.22
N LEU G 181 22.89 14.00 -20.04
CA LEU G 181 21.57 14.04 -19.46
C LEU G 181 21.42 15.10 -18.39
N GLY G 182 22.51 15.76 -18.06
CA GLY G 182 22.42 16.87 -17.12
C GLY G 182 22.04 16.42 -15.73
N VAL G 183 22.71 15.37 -15.26
CA VAL G 183 22.70 15.01 -13.85
C VAL G 183 23.83 15.78 -13.15
N PRO G 184 23.49 16.67 -12.19
CA PRO G 184 24.50 17.46 -11.53
C PRO G 184 25.59 16.59 -10.95
N GLU G 185 26.82 17.09 -10.93
CA GLU G 185 27.98 16.30 -10.54
C GLU G 185 27.90 15.69 -9.10
N PRO G 186 27.44 16.48 -8.09
CA PRO G 186 27.14 15.89 -6.77
C PRO G 186 26.32 14.56 -6.77
N ASP G 187 25.27 14.45 -7.59
CA ASP G 187 24.36 13.29 -7.52
C ASP G 187 24.84 12.02 -8.20
N ARG G 188 26.07 12.00 -8.70
CA ARG G 188 26.51 10.89 -9.53
C ARG G 188 27.05 9.68 -8.77
N ALA G 189 27.63 9.89 -7.60
CA ALA G 189 28.12 8.79 -6.75
C ALA G 189 27.03 7.77 -6.52
N ALA G 190 25.90 8.25 -5.97
CA ALA G 190 24.75 7.43 -5.65
C ALA G 190 24.39 6.52 -6.83
N PHE G 191 24.74 6.96 -8.03
CA PHE G 191 24.40 6.19 -9.22
C PHE G 191 25.09 4.86 -9.30
N ARG G 192 26.37 4.83 -9.01
CA ARG G 192 27.11 3.58 -9.06
C ARG G 192 26.54 2.59 -8.03
N VAL G 193 26.20 3.10 -6.85
CA VAL G 193 25.67 2.29 -5.76
C VAL G 193 24.24 1.84 -6.05
N TRP G 194 23.44 2.72 -6.66
CA TRP G 194 22.06 2.33 -6.96
C TRP G 194 22.02 1.24 -7.98
N THR G 195 22.57 1.54 -9.15
CA THR G 195 22.53 0.63 -10.28
C THR G 195 23.35 -0.64 -10.04
N ASP G 196 24.36 -0.56 -9.18
CA ASP G 196 25.11 -1.76 -8.83
C ASP G 196 24.19 -2.77 -8.18
N ALA G 197 23.46 -2.32 -7.16
CA ALA G 197 22.62 -3.17 -6.34
C ALA G 197 21.39 -3.81 -7.02
N PHE G 198 20.84 -3.20 -8.07
CA PHE G 198 19.72 -3.88 -8.77
C PHE G 198 20.13 -4.64 -10.01
N VAL G 199 21.42 -4.54 -10.31
CA VAL G 199 22.08 -5.44 -11.24
C VAL G 199 22.81 -6.56 -10.42
N PHE G 200 23.21 -6.26 -9.17
CA PHE G 200 23.72 -7.27 -8.19
C PHE G 200 22.72 -7.53 -7.06
N PRO G 201 21.94 -8.61 -7.16
CA PRO G 201 21.31 -9.03 -5.89
C PRO G 201 22.34 -9.22 -4.74
N ASP G 202 22.74 -8.11 -4.08
CA ASP G 202 23.49 -8.20 -2.82
C ASP G 202 22.57 -8.99 -1.89
N ASP G 203 21.40 -8.45 -1.63
CA ASP G 203 20.24 -9.23 -1.21
C ASP G 203 19.04 -8.67 -2.00
N PRO G 204 17.92 -9.43 -2.06
CA PRO G 204 16.78 -8.93 -2.85
C PRO G 204 16.26 -7.56 -2.37
N ALA G 205 16.08 -7.41 -1.05
CA ALA G 205 15.70 -6.13 -0.41
C ALA G 205 16.41 -4.92 -1.01
N GLN G 206 17.65 -5.13 -1.43
CA GLN G 206 18.47 -4.06 -1.94
C GLN G 206 18.21 -3.73 -3.40
N ALA G 207 18.03 -4.73 -4.25
CA ALA G 207 17.62 -4.40 -5.61
C ALA G 207 16.39 -3.49 -5.54
N GLN G 208 15.35 -3.92 -4.84
CA GLN G 208 14.12 -3.14 -4.73
C GLN G 208 14.27 -1.74 -4.14
N THR G 209 15.04 -1.60 -3.05
CA THR G 209 15.31 -0.30 -2.42
C THR G 209 16.00 0.63 -3.42
N ALA G 210 16.94 0.07 -4.17
CA ALA G 210 17.76 0.82 -5.15
C ALA G 210 16.91 1.41 -6.26
N MET G 211 16.21 0.57 -7.02
CA MET G 211 15.18 1.06 -7.95
C MET G 211 14.33 2.19 -7.34
N ALA G 212 13.63 1.91 -6.23
CA ALA G 212 12.74 2.91 -5.64
C ALA G 212 13.42 4.29 -5.56
N GLU G 213 14.59 4.29 -4.93
CA GLU G 213 15.31 5.50 -4.61
C GLU G 213 15.84 6.21 -5.85
N MET G 214 16.46 5.45 -6.75
CA MET G 214 16.86 5.94 -8.07
C MET G 214 15.70 6.60 -8.82
N SER G 215 14.56 5.94 -8.90
CA SER G 215 13.42 6.47 -9.66
C SER G 215 12.79 7.68 -8.96
N GLY G 216 12.81 7.65 -7.62
CA GLY G 216 12.35 8.76 -6.79
C GLY G 216 13.25 9.96 -6.98
N TYR G 217 14.55 9.72 -7.16
CA TYR G 217 15.47 10.82 -7.40
C TYR G 217 15.33 11.35 -8.83
N LEU G 218 15.16 10.45 -9.79
CA LEU G 218 14.94 10.86 -11.19
C LEU G 218 13.69 11.73 -11.40
N SER G 219 12.60 11.38 -10.73
CA SER G 219 11.43 12.23 -10.73
C SER G 219 11.74 13.65 -10.22
N ARG G 220 12.39 13.76 -9.05
CA ARG G 220 12.79 15.06 -8.51
C ARG G 220 13.71 15.76 -9.49
N LEU G 221 14.60 14.99 -10.13
CA LEU G 221 15.45 15.56 -11.18
C LEU G 221 14.68 16.11 -12.36
N ILE G 222 13.81 15.28 -12.95
CA ILE G 222 12.99 15.65 -14.11
C ILE G 222 12.25 16.91 -13.80
N ASP G 223 11.56 16.89 -12.66
CA ASP G 223 10.76 18.03 -12.28
C ASP G 223 11.56 19.32 -12.19
N SER G 224 12.85 19.24 -11.92
CA SER G 224 13.62 20.44 -11.63
C SER G 224 14.19 21.06 -12.90
N LYS G 225 13.87 20.44 -14.05
CA LYS G 225 14.28 20.97 -15.35
C LYS G 225 13.18 21.85 -15.93
N ARG G 226 11.97 21.70 -15.40
CA ARG G 226 10.86 22.49 -15.89
C ARG G 226 11.14 23.97 -15.77
N GLY G 227 10.90 24.67 -16.87
CA GLY G 227 10.98 26.13 -16.96
C GLY G 227 12.38 26.66 -16.76
N GLN G 228 13.36 25.75 -16.85
CA GLN G 228 14.78 26.08 -16.58
C GLN G 228 15.64 26.33 -17.82
N ASP G 229 15.12 25.96 -18.99
CA ASP G 229 15.76 26.26 -20.28
C ASP G 229 17.05 25.50 -20.51
N GLY G 230 17.28 24.42 -19.75
CA GLY G 230 18.48 23.62 -19.93
C GLY G 230 18.48 23.12 -21.36
N GLU G 231 19.67 22.79 -21.88
CA GLU G 231 19.78 22.30 -23.25
C GLU G 231 20.32 20.86 -23.30
N ASP G 232 20.39 20.20 -22.16
CA ASP G 232 20.66 18.80 -22.12
C ASP G 232 19.40 18.08 -22.61
N LEU G 233 19.52 16.77 -22.80
CA LEU G 233 18.50 15.99 -23.45
C LEU G 233 17.31 15.81 -22.53
N LEU G 234 17.61 15.74 -21.24
CA LEU G 234 16.58 15.58 -20.23
C LEU G 234 15.67 16.80 -20.12
N SER G 235 16.21 17.99 -20.42
CA SER G 235 15.38 19.17 -20.56
C SER G 235 14.61 19.09 -21.89
N ALA G 236 15.28 18.62 -22.94
CA ALA G 236 14.67 18.64 -24.28
C ALA G 236 13.40 17.81 -24.23
N LEU G 237 13.51 16.70 -23.51
CA LEU G 237 12.44 15.73 -23.42
C LEU G 237 11.34 16.25 -22.51
N VAL G 238 11.71 16.87 -21.39
CA VAL G 238 10.67 17.40 -20.50
C VAL G 238 9.82 18.39 -21.26
N ARG G 239 10.47 19.20 -22.10
CA ARG G 239 9.75 20.16 -22.90
C ARG G 239 8.79 19.47 -23.85
N THR G 240 9.29 18.42 -24.51
CA THR G 240 8.50 17.65 -25.45
C THR G 240 7.30 16.99 -24.79
N SER G 241 7.48 16.45 -23.59
CA SER G 241 6.37 15.82 -22.89
C SER G 241 5.28 16.78 -22.39
N ASP G 242 5.70 17.87 -21.75
CA ASP G 242 4.80 18.95 -21.34
C ASP G 242 4.03 19.57 -22.48
N GLU G 243 4.65 19.63 -23.65
CA GLU G 243 3.99 20.16 -24.82
C GLU G 243 2.89 19.23 -25.29
N ASP G 244 3.12 17.93 -25.27
CA ASP G 244 2.12 16.97 -25.76
C ASP G 244 2.23 15.61 -25.06
N GLY G 245 1.30 15.38 -24.14
CA GLY G 245 1.32 14.20 -23.26
C GLY G 245 1.23 12.85 -23.95
N SER G 246 0.82 12.84 -25.21
CA SER G 246 0.69 11.59 -25.96
C SER G 246 1.99 11.25 -26.70
N ARG G 247 2.80 12.26 -27.00
CA ARG G 247 4.06 12.03 -27.71
C ARG G 247 5.03 11.40 -26.76
N LEU G 248 4.92 11.75 -25.48
CA LEU G 248 5.73 11.15 -24.42
C LEU G 248 5.08 11.41 -23.06
N THR G 249 4.52 10.37 -22.47
CA THR G 249 3.86 10.50 -21.15
C THR G 249 4.90 10.73 -20.06
N SER G 250 4.42 11.05 -18.87
CA SER G 250 5.33 11.31 -17.75
C SER G 250 5.90 10.06 -17.08
N GLU G 251 5.28 8.90 -17.29
CA GLU G 251 5.92 7.64 -16.92
C GLU G 251 6.95 7.25 -17.98
N GLU G 252 6.67 7.58 -19.24
CA GLU G 252 7.64 7.32 -20.32
C GLU G 252 8.89 8.20 -20.14
N LEU G 253 8.66 9.41 -19.65
CA LEU G 253 9.71 10.32 -19.24
C LEU G 253 10.70 9.64 -18.29
N LEU G 254 10.19 9.07 -17.20
CA LEU G 254 11.03 8.40 -16.22
C LEU G 254 11.80 7.26 -16.84
N GLY G 255 11.07 6.35 -17.52
CA GLY G 255 11.66 5.15 -18.11
C GLY G 255 12.79 5.49 -19.06
N MET G 256 12.59 6.55 -19.85
CA MET G 256 13.58 6.99 -20.80
C MET G 256 14.89 7.37 -20.08
N ALA G 257 14.78 8.29 -19.15
CA ALA G 257 15.95 8.80 -18.49
C ALA G 257 16.66 7.66 -17.77
N HIS G 258 15.88 6.81 -17.08
CA HIS G 258 16.39 5.67 -16.32
C HIS G 258 17.17 4.68 -17.18
N ILE G 259 16.61 4.38 -18.35
CA ILE G 259 17.16 3.40 -19.26
C ILE G 259 18.40 4.01 -19.90
N LEU G 260 18.29 5.23 -20.39
CA LEU G 260 19.45 5.89 -20.93
C LEU G 260 20.61 5.88 -19.95
N LEU G 261 20.37 6.29 -18.71
CA LEU G 261 21.43 6.35 -17.70
C LEU G 261 22.07 4.99 -17.45
N VAL G 262 21.29 4.06 -16.91
CA VAL G 262 21.76 2.73 -16.56
C VAL G 262 22.45 2.04 -17.72
N ALA G 263 21.83 2.04 -18.91
CA ALA G 263 22.44 1.41 -20.08
C ALA G 263 23.83 1.98 -20.23
N GLY G 264 23.92 3.31 -20.37
CA GLY G 264 25.18 4.06 -20.34
C GLY G 264 26.14 3.53 -19.27
N HIS G 265 26.13 4.14 -18.11
CA HIS G 265 26.85 3.62 -16.94
C HIS G 265 27.18 2.06 -16.94
N GLU G 266 26.33 1.24 -16.35
CA GLU G 266 26.65 -0.16 -16.10
C GLU G 266 27.09 -1.07 -17.28
N THR G 267 26.59 -0.89 -18.50
CA THR G 267 27.07 -1.77 -19.58
C THR G 267 28.43 -1.35 -20.07
N THR G 268 28.62 -0.05 -20.25
CA THR G 268 29.90 0.49 -20.65
C THR G 268 30.98 0.22 -19.60
N VAL G 269 30.63 0.36 -18.32
CA VAL G 269 31.58 0.11 -17.23
C VAL G 269 32.17 -1.30 -17.40
N ASN G 270 31.30 -2.26 -17.66
CA ASN G 270 31.72 -3.64 -17.78
C ASN G 270 32.46 -4.00 -19.07
N LEU G 271 32.13 -3.36 -20.19
CA LEU G 271 32.90 -3.59 -21.41
C LEU G 271 34.36 -3.23 -21.12
N ILE G 272 34.58 -2.06 -20.54
CA ILE G 272 35.92 -1.59 -20.25
C ILE G 272 36.72 -2.54 -19.34
N ALA G 273 36.05 -2.98 -18.28
CA ALA G 273 36.72 -3.79 -17.30
C ALA G 273 36.94 -5.18 -17.89
N ASN G 274 35.89 -5.79 -18.41
CA ASN G 274 36.05 -7.08 -19.07
C ASN G 274 37.09 -6.97 -20.18
N GLY G 275 37.05 -5.88 -20.94
CA GLY G 275 38.01 -5.65 -22.01
C GLY G 275 39.43 -5.68 -21.52
N MET G 276 39.73 -4.90 -20.49
CA MET G 276 41.08 -4.84 -20.04
C MET G 276 41.48 -6.16 -19.41
N TYR G 277 40.55 -6.83 -18.76
CA TYR G 277 40.88 -8.12 -18.18
C TYR G 277 41.14 -9.16 -19.26
N ALA G 278 40.42 -9.09 -20.37
CA ALA G 278 40.70 -9.98 -21.49
C ALA G 278 42.09 -9.69 -21.97
N LEU G 279 42.39 -8.40 -22.15
CA LEU G 279 43.65 -7.99 -22.72
C LEU G 279 44.80 -8.35 -21.74
N LEU G 280 44.69 -7.89 -20.50
CA LEU G 280 45.72 -8.12 -19.49
C LEU G 280 45.94 -9.60 -19.15
N SER G 281 44.99 -10.45 -19.50
CA SER G 281 45.14 -11.88 -19.26
C SER G 281 45.51 -12.69 -20.52
N HIS G 282 45.91 -11.97 -21.58
CA HIS G 282 46.49 -12.59 -22.77
C HIS G 282 47.61 -11.68 -23.23
N PRO G 283 48.82 -11.82 -22.62
CA PRO G 283 49.91 -10.85 -22.74
C PRO G 283 50.38 -10.63 -24.17
N ASP G 284 50.23 -11.65 -25.02
CA ASP G 284 50.58 -11.55 -26.45
C ASP G 284 49.69 -10.58 -27.20
N GLN G 285 48.38 -10.76 -27.09
CA GLN G 285 47.42 -9.78 -27.63
C GLN G 285 47.64 -8.35 -27.10
N LEU G 286 48.00 -8.22 -25.82
CA LEU G 286 48.36 -6.94 -25.20
C LEU G 286 49.58 -6.29 -25.85
N ALA G 287 50.64 -7.07 -26.05
CA ALA G 287 51.85 -6.58 -26.74
C ALA G 287 51.52 -6.15 -28.17
N ALA G 288 50.65 -6.95 -28.81
CA ALA G 288 50.22 -6.71 -30.19
C ALA G 288 49.63 -5.32 -30.34
N LEU G 289 48.57 -5.05 -29.58
CA LEU G 289 47.91 -3.77 -29.66
C LEU G 289 48.85 -2.67 -29.21
N ARG G 290 49.68 -2.96 -28.22
CA ARG G 290 50.56 -1.97 -27.64
C ARG G 290 51.55 -1.44 -28.67
N ALA G 291 51.82 -2.26 -29.70
CA ALA G 291 52.78 -1.94 -30.78
C ALA G 291 52.16 -1.38 -32.08
N ASP G 292 50.85 -1.55 -32.26
CA ASP G 292 50.13 -1.05 -33.43
C ASP G 292 48.67 -0.69 -33.04
N MET G 293 48.50 0.54 -32.55
CA MET G 293 47.21 1.03 -32.09
C MET G 293 46.15 1.02 -33.18
N THR G 294 46.55 0.75 -34.41
CA THR G 294 45.56 0.72 -35.50
C THR G 294 44.69 -0.54 -35.41
N LEU G 295 45.09 -1.45 -34.52
CA LEU G 295 44.36 -2.67 -34.24
C LEU G 295 43.32 -2.48 -33.16
N LEU G 296 43.22 -1.25 -32.63
CA LEU G 296 42.30 -0.93 -31.55
C LEU G 296 40.83 -1.33 -31.82
N ASP G 297 40.30 -0.85 -32.94
CA ASP G 297 38.91 -1.09 -33.34
C ASP G 297 38.59 -2.57 -33.34
N GLY G 298 39.52 -3.37 -33.86
CA GLY G 298 39.36 -4.80 -33.86
C GLY G 298 39.32 -5.29 -32.43
N ALA G 299 40.31 -4.85 -31.65
CA ALA G 299 40.54 -5.31 -30.27
C ALA G 299 39.33 -5.07 -29.39
N VAL G 300 38.78 -3.85 -29.47
CA VAL G 300 37.51 -3.56 -28.83
C VAL G 300 36.37 -4.46 -29.36
N GLU G 301 36.38 -4.80 -30.65
CA GLU G 301 35.29 -5.65 -31.18
C GLU G 301 35.37 -7.05 -30.64
N GLU G 302 36.59 -7.57 -30.46
CA GLU G 302 36.74 -8.94 -29.96
C GLU G 302 36.56 -9.00 -28.45
N MET G 303 36.68 -7.85 -27.79
CA MET G 303 36.42 -7.76 -26.37
C MET G 303 34.95 -7.93 -26.11
N LEU G 304 34.13 -7.45 -27.04
CA LEU G 304 32.70 -7.63 -26.93
C LEU G 304 32.35 -9.05 -27.30
N ARG G 305 33.13 -9.61 -28.22
CA ARG G 305 32.87 -10.96 -28.70
C ARG G 305 33.20 -11.94 -27.61
N TYR G 306 34.35 -11.72 -26.96
CA TYR G 306 34.92 -12.68 -26.01
C TYR G 306 34.41 -12.52 -24.56
N GLU G 307 34.22 -11.26 -24.13
CA GLU G 307 33.83 -10.98 -22.75
C GLU G 307 32.94 -9.77 -22.71
N GLY G 308 31.94 -9.74 -23.59
CA GLY G 308 30.97 -8.63 -23.67
C GLY G 308 30.22 -8.46 -22.37
N PRO G 309 29.78 -7.24 -22.04
CA PRO G 309 29.15 -7.13 -20.72
C PRO G 309 27.76 -7.81 -20.66
N VAL G 310 27.06 -7.93 -21.79
CA VAL G 310 25.77 -8.61 -21.75
C VAL G 310 25.90 -10.14 -21.93
N GLU G 311 25.98 -10.85 -20.80
CA GLU G 311 25.96 -12.33 -20.75
C GLU G 311 24.69 -12.88 -21.40
N SER G 312 23.53 -12.31 -21.04
CA SER G 312 22.22 -12.68 -21.63
C SER G 312 21.36 -11.49 -21.95
N ALA G 313 20.69 -11.55 -23.10
CA ALA G 313 19.78 -10.51 -23.57
C ALA G 313 18.72 -10.23 -22.53
N THR G 314 18.02 -9.11 -22.65
CA THR G 314 16.96 -8.79 -21.69
C THR G 314 15.71 -9.68 -21.85
N TYR G 315 14.75 -9.52 -20.95
CA TYR G 315 13.66 -10.48 -20.87
C TYR G 315 12.81 -10.52 -22.14
N ARG G 316 12.63 -11.72 -22.71
CA ARG G 316 11.67 -11.93 -23.81
C ARG G 316 10.44 -12.76 -23.39
N PHE G 317 9.31 -12.55 -24.07
CA PHE G 317 8.03 -13.24 -23.76
C PHE G 317 7.25 -13.76 -24.98
N PRO G 318 7.14 -15.08 -25.11
CA PRO G 318 6.41 -15.65 -26.23
C PRO G 318 4.93 -15.31 -26.12
N VAL G 319 4.40 -14.71 -27.18
CA VAL G 319 3.01 -14.28 -27.20
C VAL G 319 2.09 -15.48 -27.49
N GLU G 320 2.60 -16.41 -28.28
CA GLU G 320 1.96 -17.70 -28.56
C GLU G 320 3.03 -18.77 -28.37
N PRO G 321 2.65 -19.93 -27.82
CA PRO G 321 3.59 -21.00 -27.50
C PRO G 321 4.59 -21.27 -28.64
N VAL G 322 5.88 -21.23 -28.36
CA VAL G 322 6.88 -21.35 -29.41
C VAL G 322 7.60 -22.68 -29.35
N ASP G 323 7.54 -23.44 -30.43
CA ASP G 323 8.39 -24.60 -30.51
C ASP G 323 9.73 -24.19 -31.09
N LEU G 324 10.79 -24.50 -30.36
CA LEU G 324 12.11 -24.26 -30.86
C LEU G 324 12.75 -25.60 -31.01
N ASP G 325 12.71 -26.11 -32.24
CA ASP G 325 13.44 -27.30 -32.62
C ASP G 325 13.07 -28.47 -31.73
N GLY G 326 11.79 -28.66 -31.46
CA GLY G 326 11.39 -29.72 -30.55
C GLY G 326 11.03 -29.25 -29.14
N THR G 327 11.88 -28.43 -28.52
CA THR G 327 11.56 -27.91 -27.18
C THR G 327 10.57 -26.75 -27.30
N VAL G 328 9.51 -26.82 -26.50
CA VAL G 328 8.34 -25.96 -26.68
C VAL G 328 8.24 -25.03 -25.49
N ILE G 329 8.40 -23.72 -25.72
CA ILE G 329 8.27 -22.70 -24.66
C ILE G 329 6.84 -22.15 -24.61
N PRO G 330 6.17 -22.27 -23.45
CA PRO G 330 4.79 -21.80 -23.19
C PRO G 330 4.62 -20.28 -23.35
N ALA G 331 3.39 -19.86 -23.70
CA ALA G 331 3.08 -18.44 -23.85
C ALA G 331 3.42 -17.70 -22.56
N GLY G 332 4.15 -16.60 -22.70
CA GLY G 332 4.45 -15.71 -21.58
C GLY G 332 5.47 -16.13 -20.54
N ASP G 333 6.19 -17.23 -20.79
CA ASP G 333 7.31 -17.62 -19.94
C ASP G 333 8.46 -16.66 -20.22
N THR G 334 9.28 -16.44 -19.22
CA THR G 334 10.43 -15.54 -19.34
C THR G 334 11.54 -16.25 -20.10
N VAL G 335 12.09 -15.59 -21.11
CA VAL G 335 13.12 -16.17 -21.98
C VAL G 335 14.39 -15.32 -22.14
N LEU G 336 15.53 -15.87 -21.70
N LEU G 336 15.53 -15.87 -21.70
CA LEU G 336 16.84 -15.23 -21.85
CA LEU G 336 16.84 -15.21 -21.83
C LEU G 336 17.55 -15.74 -23.07
C LEU G 336 17.62 -15.72 -23.02
N VAL G 337 18.02 -14.82 -23.91
CA VAL G 337 18.87 -15.17 -25.04
C VAL G 337 20.31 -15.03 -24.54
N VAL G 338 21.08 -16.13 -24.60
CA VAL G 338 22.38 -16.21 -23.97
C VAL G 338 23.48 -15.83 -24.95
N LEU G 339 23.70 -14.54 -25.11
CA LEU G 339 24.72 -14.07 -26.05
C LEU G 339 26.12 -14.62 -25.77
N ALA G 340 26.49 -14.76 -24.50
CA ALA G 340 27.79 -15.33 -24.16
C ALA G 340 27.99 -16.64 -24.90
N ASP G 341 26.95 -17.49 -24.94
CA ASP G 341 27.07 -18.77 -25.63
C ASP G 341 27.06 -18.54 -27.14
N ALA G 342 26.13 -17.73 -27.62
CA ALA G 342 26.12 -17.33 -29.01
C ALA G 342 27.55 -17.14 -29.52
N HIS G 343 28.34 -16.34 -28.80
CA HIS G 343 29.73 -16.02 -29.17
C HIS G 343 30.79 -17.10 -29.00
N ARG G 344 30.46 -18.15 -28.28
CA ARG G 344 31.40 -19.26 -28.23
C ARG G 344 30.91 -20.44 -29.08
N THR G 345 30.10 -20.15 -30.10
CA THR G 345 29.70 -21.17 -31.06
C THR G 345 30.78 -21.27 -32.11
N PRO G 346 31.52 -22.37 -32.10
CA PRO G 346 32.69 -22.51 -32.97
C PRO G 346 32.32 -22.54 -34.47
N GLU G 347 31.17 -23.14 -34.81
CA GLU G 347 30.62 -23.07 -36.18
C GLU G 347 30.65 -21.64 -36.74
N ARG G 348 30.42 -20.68 -35.86
CA ARG G 348 30.35 -19.29 -36.22
C ARG G 348 31.63 -18.53 -35.84
N PHE G 349 32.24 -18.89 -34.72
CA PHE G 349 33.47 -18.25 -34.30
C PHE G 349 34.52 -19.30 -34.07
N PRO G 350 35.27 -19.65 -35.14
CA PRO G 350 36.20 -20.76 -35.05
C PRO G 350 37.20 -20.47 -33.95
N ASP G 351 37.78 -21.54 -33.38
CA ASP G 351 38.61 -21.46 -32.18
C ASP G 351 37.98 -20.47 -31.19
N PRO G 352 36.77 -20.80 -30.69
CA PRO G 352 35.91 -19.88 -29.95
C PRO G 352 36.49 -19.30 -28.66
N HIS G 353 37.19 -20.11 -27.86
CA HIS G 353 37.71 -19.67 -26.56
C HIS G 353 39.04 -18.94 -26.66
N ARG G 354 39.48 -18.65 -27.89
CA ARG G 354 40.70 -17.90 -28.10
C ARG G 354 40.36 -16.44 -28.30
N PHE G 355 40.93 -15.60 -27.45
CA PHE G 355 40.78 -14.17 -27.53
C PHE G 355 41.81 -13.63 -28.52
N ASP G 356 41.30 -13.16 -29.65
CA ASP G 356 42.12 -12.74 -30.78
C ASP G 356 41.69 -11.40 -31.36
N ILE G 357 42.56 -10.39 -31.21
CA ILE G 357 42.24 -9.00 -31.54
C ILE G 357 42.16 -8.78 -33.06
N ARG G 358 42.50 -9.82 -33.81
CA ARG G 358 42.54 -9.75 -35.25
C ARG G 358 41.39 -10.52 -35.93
N ARG G 359 40.60 -11.26 -35.14
CA ARG G 359 39.52 -12.05 -35.72
C ARG G 359 38.42 -11.21 -36.39
N ASP G 360 37.70 -11.86 -37.32
CA ASP G 360 36.50 -11.29 -37.88
C ASP G 360 35.47 -11.47 -36.80
N THR G 361 34.88 -10.37 -36.38
CA THR G 361 33.91 -10.36 -35.30
C THR G 361 32.57 -9.95 -35.88
N ALA G 362 32.53 -9.71 -37.19
CA ALA G 362 31.32 -9.26 -37.86
C ALA G 362 30.20 -10.24 -37.61
N GLY G 363 29.07 -9.77 -37.08
CA GLY G 363 27.92 -10.63 -36.80
C GLY G 363 27.75 -10.98 -35.33
N HIS G 364 28.60 -10.42 -34.47
CA HIS G 364 28.43 -10.68 -33.06
C HIS G 364 27.13 -10.04 -32.59
N LEU G 365 26.62 -10.53 -31.48
CA LEU G 365 25.33 -10.09 -30.99
C LEU G 365 25.48 -9.29 -29.69
N ALA G 366 26.70 -8.84 -29.39
CA ALA G 366 26.97 -8.06 -28.16
C ALA G 366 26.09 -6.80 -27.98
N PHE G 367 25.71 -6.18 -29.10
CA PHE G 367 24.80 -5.03 -29.15
C PHE G 367 23.39 -5.48 -29.55
N GLY G 368 23.14 -6.79 -29.51
CA GLY G 368 21.87 -7.37 -29.93
C GLY G 368 21.72 -7.33 -31.42
N HIS G 369 20.50 -7.46 -31.88
CA HIS G 369 20.19 -7.56 -33.30
C HIS G 369 18.70 -7.35 -33.52
N GLY G 370 18.34 -6.67 -34.58
CA GLY G 370 16.91 -6.44 -34.88
C GLY G 370 16.39 -5.07 -34.49
N ILE G 371 15.09 -4.97 -34.16
CA ILE G 371 14.55 -3.65 -33.83
C ILE G 371 15.07 -3.02 -32.55
N HIS G 372 15.53 -3.86 -31.61
CA HIS G 372 16.04 -3.36 -30.33
C HIS G 372 17.54 -3.19 -30.32
N PHE G 373 18.21 -3.38 -31.44
CA PHE G 373 19.66 -3.13 -31.52
C PHE G 373 20.08 -1.89 -30.69
N CYS G 374 21.14 -2.02 -29.89
CA CYS G 374 21.63 -0.93 -29.04
C CYS G 374 21.72 0.41 -29.77
N ILE G 375 21.19 1.43 -29.13
CA ILE G 375 21.09 2.75 -29.73
C ILE G 375 22.35 3.57 -29.39
N GLY G 376 23.12 3.06 -28.42
CA GLY G 376 24.33 3.73 -27.94
C GLY G 376 25.64 3.06 -28.35
N ALA G 377 25.59 2.13 -29.28
CA ALA G 377 26.82 1.45 -29.75
C ALA G 377 27.96 2.42 -30.08
N PRO G 378 27.68 3.48 -30.87
CA PRO G 378 28.81 4.34 -31.24
C PRO G 378 29.40 5.05 -30.03
N LEU G 379 28.58 5.38 -29.03
CA LEU G 379 29.05 6.04 -27.82
C LEU G 379 29.94 5.09 -27.00
N ALA G 380 29.43 3.87 -26.80
CA ALA G 380 30.15 2.86 -26.06
C ALA G 380 31.45 2.52 -26.75
N ARG G 381 31.46 2.49 -28.08
CA ARG G 381 32.72 2.25 -28.79
C ARG G 381 33.70 3.36 -28.58
N LEU G 382 33.23 4.56 -28.79
CA LEU G 382 34.07 5.71 -28.55
C LEU G 382 34.71 5.63 -27.18
N GLU G 383 33.93 5.31 -26.16
CA GLU G 383 34.43 5.40 -24.79
C GLU G 383 35.46 4.34 -24.49
N ALA G 384 35.12 3.09 -24.83
CA ALA G 384 36.03 1.97 -24.65
C ALA G 384 37.32 2.18 -25.43
N ARG G 385 37.20 2.65 -26.69
CA ARG G 385 38.37 2.89 -27.51
C ARG G 385 39.27 3.97 -26.94
N ILE G 386 38.69 5.04 -26.44
CA ILE G 386 39.54 6.09 -25.88
C ILE G 386 40.33 5.59 -24.66
N ALA G 387 39.63 5.00 -23.71
CA ALA G 387 40.19 4.51 -22.46
C ALA G 387 41.24 3.43 -22.62
N VAL G 388 41.00 2.46 -23.50
CA VAL G 388 41.93 1.36 -23.67
C VAL G 388 43.19 1.93 -24.25
N ARG G 389 43.06 2.82 -25.22
CA ARG G 389 44.22 3.48 -25.73
C ARG G 389 45.00 4.12 -24.58
N ALA G 390 44.40 5.10 -23.90
CA ALA G 390 45.06 5.82 -22.81
C ALA G 390 45.87 4.91 -21.88
N LEU G 391 45.23 3.84 -21.45
CA LEU G 391 45.87 2.88 -20.56
C LEU G 391 47.04 2.19 -21.22
N LEU G 392 46.90 1.81 -22.48
CA LEU G 392 48.02 1.15 -23.15
C LEU G 392 49.18 2.11 -23.30
N GLU G 393 48.86 3.35 -23.63
CA GLU G 393 49.86 4.37 -23.93
C GLU G 393 50.57 4.99 -22.71
N ARG G 394 49.97 4.88 -21.52
CA ARG G 394 50.46 5.67 -20.37
C ARG G 394 50.92 4.89 -19.14
N CYS G 395 50.62 3.60 -19.09
CA CYS G 395 50.98 2.75 -17.97
C CYS G 395 51.94 1.65 -18.43
N PRO G 396 53.26 1.90 -18.32
CA PRO G 396 54.26 0.91 -18.75
C PRO G 396 54.02 -0.43 -18.05
N ASP G 397 54.37 -1.53 -18.73
CA ASP G 397 54.32 -2.88 -18.15
C ASP G 397 53.03 -3.10 -17.35
N LEU G 398 51.94 -2.51 -17.83
CA LEU G 398 50.64 -2.75 -17.25
C LEU G 398 50.42 -4.26 -17.17
N ALA G 399 49.80 -4.69 -16.07
CA ALA G 399 49.73 -6.09 -15.70
C ALA G 399 48.63 -6.29 -14.66
N LEU G 400 48.13 -7.52 -14.57
CA LEU G 400 47.27 -7.91 -13.46
C LEU G 400 48.06 -7.80 -12.18
N ASP G 401 47.45 -7.21 -11.16
CA ASP G 401 48.05 -7.16 -9.82
C ASP G 401 47.47 -8.30 -8.98
N VAL G 402 47.22 -9.42 -9.63
CA VAL G 402 46.58 -10.56 -8.98
C VAL G 402 46.54 -11.80 -9.89
N SER G 403 46.63 -12.98 -9.25
CA SER G 403 46.24 -14.28 -9.84
C SER G 403 44.82 -14.21 -10.49
N PRO G 404 44.69 -14.53 -11.81
CA PRO G 404 43.34 -14.40 -12.41
C PRO G 404 42.30 -15.31 -11.75
N GLY G 405 42.76 -16.31 -10.99
CA GLY G 405 41.89 -17.15 -10.16
C GLY G 405 41.34 -16.47 -8.91
N GLU G 406 41.89 -15.30 -8.56
CA GLU G 406 41.46 -14.53 -7.39
C GLU G 406 40.47 -13.40 -7.73
N LEU G 407 40.07 -13.28 -8.99
CA LEU G 407 39.07 -12.25 -9.38
C LEU G 407 37.69 -12.68 -8.96
N VAL G 408 36.81 -11.71 -8.71
CA VAL G 408 35.47 -12.08 -8.31
C VAL G 408 34.42 -11.50 -9.24
N TRP G 409 33.64 -12.41 -9.82
CA TRP G 409 32.54 -12.09 -10.73
C TRP G 409 31.19 -12.18 -10.04
N TYR G 410 30.31 -11.24 -10.34
CA TYR G 410 28.92 -11.34 -9.94
C TYR G 410 28.25 -12.57 -10.59
N PRO G 411 27.42 -13.30 -9.83
CA PRO G 411 26.85 -14.57 -10.30
C PRO G 411 25.75 -14.44 -11.34
N ASN G 412 25.28 -13.20 -11.54
N ASN G 412 25.31 -13.20 -11.59
CA ASN G 412 24.21 -12.89 -12.48
CA ASN G 412 24.14 -12.91 -12.41
C ASN G 412 24.48 -13.37 -13.90
C ASN G 412 24.31 -13.12 -13.93
N PRO G 413 23.47 -13.99 -14.54
CA PRO G 413 23.66 -14.48 -15.90
C PRO G 413 23.26 -13.47 -16.98
N MET G 414 22.77 -12.29 -16.59
CA MET G 414 22.35 -11.25 -17.54
C MET G 414 23.52 -10.33 -17.91
N ILE G 415 24.24 -9.86 -16.89
CA ILE G 415 25.40 -9.03 -17.09
C ILE G 415 26.65 -9.73 -16.55
N ARG G 416 27.73 -9.71 -17.33
CA ARG G 416 28.95 -10.35 -16.91
C ARG G 416 29.85 -9.28 -16.37
N GLY G 417 30.07 -9.28 -15.07
CA GLY G 417 30.83 -8.19 -14.45
C GLY G 417 31.76 -8.54 -13.30
N LEU G 418 32.90 -7.87 -13.28
CA LEU G 418 33.89 -8.04 -12.23
C LEU G 418 33.51 -7.20 -11.00
N LYS G 419 33.94 -7.62 -9.81
CA LYS G 419 33.79 -6.81 -8.59
C LYS G 419 34.92 -5.77 -8.47
N ALA G 420 36.15 -6.21 -8.64
CA ALA G 420 37.28 -5.30 -8.79
C ALA G 420 38.26 -5.87 -9.81
N LEU G 421 39.14 -5.00 -10.30
CA LEU G 421 40.20 -5.39 -11.23
C LEU G 421 41.55 -4.71 -10.84
N PRO G 422 42.26 -5.31 -9.87
CA PRO G 422 43.55 -4.78 -9.41
C PRO G 422 44.60 -4.81 -10.51
N ILE G 423 45.26 -3.67 -10.72
CA ILE G 423 46.28 -3.56 -11.77
C ILE G 423 47.54 -2.87 -11.28
N ARG G 424 48.66 -3.20 -11.90
CA ARG G 424 49.91 -2.57 -11.55
C ARG G 424 50.62 -2.01 -12.78
N TRP G 425 51.52 -1.05 -12.57
CA TRP G 425 52.42 -0.55 -13.61
C TRP G 425 53.79 -0.28 -12.97
N ARG G 426 54.72 0.30 -13.75
CA ARG G 426 56.09 0.52 -13.30
C ARG G 426 56.18 1.33 -12.00
N SER H 31 -55.82 14.01 47.17
CA SER H 31 -55.64 12.53 47.15
C SER H 31 -56.93 11.79 46.68
N PRO H 32 -57.98 11.71 47.56
CA PRO H 32 -59.24 11.14 47.06
C PRO H 32 -59.99 12.15 46.18
N PRO H 33 -60.63 11.68 45.09
CA PRO H 33 -61.29 12.58 44.16
C PRO H 33 -62.46 13.27 44.80
N VAL H 34 -62.68 14.51 44.38
CA VAL H 34 -63.72 15.36 44.94
C VAL H 34 -65.00 15.18 44.11
N LEU H 35 -64.87 14.58 42.93
CA LEU H 35 -66.01 14.40 42.08
C LEU H 35 -65.87 13.24 41.13
N ASP H 36 -66.95 12.45 41.00
CA ASP H 36 -67.09 11.38 40.00
C ASP H 36 -67.89 11.85 38.81
N LEU H 37 -67.20 12.14 37.71
CA LEU H 37 -67.90 12.52 36.48
C LEU H 37 -68.80 11.40 35.91
N GLY H 38 -68.49 10.14 36.24
CA GLY H 38 -69.29 9.01 35.82
C GLY H 38 -70.70 9.17 36.32
N ALA H 39 -70.82 9.62 37.57
CA ALA H 39 -72.12 9.76 38.19
C ALA H 39 -72.90 10.97 37.71
N LEU H 40 -72.33 11.76 36.81
CA LEU H 40 -73.02 12.96 36.32
C LEU H 40 -73.96 12.75 35.12
N GLY H 41 -74.05 11.52 34.61
CA GLY H 41 -75.00 11.16 33.55
C GLY H 41 -74.67 11.71 32.18
N GLN H 42 -75.64 11.61 31.25
CA GLN H 42 -75.44 12.19 29.90
C GLN H 42 -75.48 13.70 30.02
N ASP H 43 -76.18 14.21 31.04
CA ASP H 43 -76.06 15.62 31.39
C ASP H 43 -74.60 16.12 31.21
N PHE H 44 -73.63 15.44 31.83
CA PHE H 44 -72.22 15.82 31.67
C PHE H 44 -71.64 15.69 30.25
N ALA H 45 -72.01 14.63 29.53
CA ALA H 45 -71.63 14.50 28.11
C ALA H 45 -72.32 15.57 27.29
N ALA H 46 -73.54 15.93 27.67
CA ALA H 46 -74.26 16.97 26.95
C ALA H 46 -73.68 18.39 27.14
N ASP H 47 -73.43 18.79 28.39
CA ASP H 47 -73.10 20.17 28.68
C ASP H 47 -72.06 20.23 29.83
N PRO H 48 -70.79 19.91 29.51
CA PRO H 48 -69.78 19.81 30.54
C PRO H 48 -69.48 21.13 31.23
N TYR H 49 -69.91 22.25 30.66
CA TYR H 49 -69.34 23.53 31.02
C TYR H 49 -69.69 24.09 32.41
N PRO H 50 -70.92 23.87 32.92
CA PRO H 50 -71.20 24.39 34.26
C PRO H 50 -70.39 23.67 35.37
N THR H 51 -70.14 22.39 35.15
CA THR H 51 -69.32 21.59 36.04
C THR H 51 -67.92 22.20 36.14
N TYR H 52 -67.26 22.39 34.99
CA TYR H 52 -65.97 23.05 34.97
C TYR H 52 -66.04 24.43 35.62
N ALA H 53 -67.10 25.18 35.32
CA ALA H 53 -67.32 26.50 35.89
C ALA H 53 -67.34 26.45 37.41
N ARG H 54 -68.07 25.50 37.97
CA ARG H 54 -68.08 25.35 39.42
C ARG H 54 -66.67 25.04 39.92
N LEU H 55 -65.97 24.15 39.21
CA LEU H 55 -64.60 23.80 39.61
C LEU H 55 -63.68 25.01 39.57
N ARG H 56 -63.84 25.84 38.53
CA ARG H 56 -62.99 27.02 38.35
C ARG H 56 -63.21 28.01 39.49
N ALA H 57 -64.48 28.20 39.82
CA ALA H 57 -64.85 29.11 40.89
C ALA H 57 -64.13 28.79 42.22
N GLU H 58 -63.75 27.53 42.41
CA GLU H 58 -63.14 27.12 43.68
C GLU H 58 -61.62 27.16 43.63
N GLY H 59 -61.06 27.07 42.43
CA GLY H 59 -59.62 27.01 42.31
C GLY H 59 -59.20 26.56 40.93
N PRO H 60 -57.88 26.37 40.72
CA PRO H 60 -57.36 26.03 39.40
C PRO H 60 -57.17 24.54 39.12
N ALA H 61 -57.13 23.70 40.15
CA ALA H 61 -56.84 22.27 39.94
C ALA H 61 -57.69 21.36 40.82
N HIS H 62 -58.14 20.23 40.27
CA HIS H 62 -59.09 19.33 40.95
C HIS H 62 -58.96 17.82 40.64
N ARG H 63 -58.79 17.01 41.68
CA ARG H 63 -58.81 15.55 41.52
C ARG H 63 -60.23 15.12 41.16
N VAL H 64 -60.36 14.32 40.12
CA VAL H 64 -61.67 13.82 39.72
C VAL H 64 -61.53 12.39 39.23
N ARG H 65 -62.66 11.71 39.09
CA ARG H 65 -62.73 10.40 38.48
C ARG H 65 -63.42 10.56 37.13
N THR H 66 -62.75 10.16 36.06
CA THR H 66 -63.32 10.21 34.70
C THR H 66 -64.37 9.10 34.51
N PRO H 67 -65.33 9.31 33.58
CA PRO H 67 -66.37 8.30 33.43
C PRO H 67 -65.84 6.94 32.96
N GLU H 68 -64.52 6.81 32.74
CA GLU H 68 -63.94 5.53 32.37
C GLU H 68 -63.25 4.88 33.55
N GLY H 69 -63.22 5.56 34.69
CA GLY H 69 -62.66 4.95 35.88
C GLY H 69 -61.36 5.51 36.42
N ASN H 70 -60.56 6.19 35.58
CA ASN H 70 -59.29 6.79 36.04
C ASN H 70 -59.47 8.03 36.88
N GLU H 71 -58.58 8.15 37.87
CA GLU H 71 -58.42 9.38 38.64
C GLU H 71 -57.31 10.23 38.05
N VAL H 72 -57.65 11.48 37.74
CA VAL H 72 -56.74 12.47 37.17
C VAL H 72 -56.97 13.84 37.78
N TRP H 73 -56.04 14.75 37.53
CA TRP H 73 -56.17 16.14 37.90
C TRP H 73 -56.70 16.97 36.75
N LEU H 74 -57.67 17.85 37.03
CA LEU H 74 -58.15 18.76 36.02
C LEU H 74 -57.64 20.15 36.28
N VAL H 75 -57.11 20.77 35.23
CA VAL H 75 -56.63 22.14 35.27
C VAL H 75 -57.63 23.04 34.54
N VAL H 76 -58.17 23.99 35.29
CA VAL H 76 -59.28 24.82 34.81
C VAL H 76 -58.93 26.32 34.86
N GLY H 77 -59.64 27.10 34.04
CA GLY H 77 -59.37 28.51 33.91
C GLY H 77 -58.32 28.75 32.83
N TYR H 78 -58.65 29.65 31.90
CA TYR H 78 -57.77 29.99 30.81
C TYR H 78 -56.32 30.19 31.24
N ASP H 79 -56.04 31.15 32.11
CA ASP H 79 -54.63 31.56 32.37
C ASP H 79 -53.73 30.44 32.85
N ARG H 80 -54.25 29.67 33.80
CA ARG H 80 -53.62 28.48 34.30
C ARG H 80 -53.46 27.47 33.15
N ALA H 81 -54.53 27.30 32.36
CA ALA H 81 -54.52 26.34 31.25
C ALA H 81 -53.45 26.71 30.24
N ARG H 82 -53.35 28.00 29.91
CA ARG H 82 -52.33 28.44 28.99
C ARG H 82 -50.93 28.18 29.57
N ALA H 83 -50.71 28.58 30.81
CA ALA H 83 -49.45 28.37 31.51
C ALA H 83 -48.98 26.89 31.55
N VAL H 84 -49.86 26.01 32.03
CA VAL H 84 -49.58 24.58 32.11
C VAL H 84 -49.29 23.95 30.74
N LEU H 85 -50.09 24.26 29.72
CA LEU H 85 -49.88 23.69 28.39
C LEU H 85 -48.45 23.76 27.90
N ALA H 86 -47.72 24.80 28.35
CA ALA H 86 -46.33 25.00 27.96
C ALA H 86 -45.37 24.79 29.09
N ASP H 87 -45.83 24.84 30.33
CA ASP H 87 -44.89 24.71 31.47
C ASP H 87 -44.03 23.41 31.44
N PRO H 88 -42.71 23.55 31.24
CA PRO H 88 -41.79 22.41 31.12
C PRO H 88 -41.76 21.49 32.35
N ARG H 89 -42.26 21.96 33.51
CA ARG H 89 -42.43 21.12 34.71
C ARG H 89 -43.40 19.97 34.47
N PHE H 90 -44.26 20.11 33.46
CA PHE H 90 -45.30 19.13 33.15
C PHE H 90 -44.88 18.32 31.94
N SER H 91 -44.33 17.14 32.23
CA SER H 91 -43.73 16.30 31.19
C SER H 91 -44.83 15.51 30.44
N LYS H 92 -44.56 15.17 29.18
CA LYS H 92 -45.44 14.30 28.40
C LYS H 92 -44.89 12.88 28.24
N ASP H 93 -43.62 12.69 28.62
CA ASP H 93 -42.94 11.38 28.63
C ASP H 93 -43.51 10.50 29.75
N TRP H 94 -44.17 9.42 29.35
CA TRP H 94 -44.68 8.45 30.30
C TRP H 94 -43.67 7.97 31.33
N ARG H 95 -42.37 8.07 31.03
CA ARG H 95 -41.35 7.72 32.03
C ARG H 95 -41.59 8.46 33.31
N ASN H 96 -42.13 9.67 33.22
CA ASN H 96 -42.44 10.44 34.43
C ASN H 96 -43.79 10.15 35.07
N SER H 97 -44.52 9.17 34.55
CA SER H 97 -45.85 8.84 35.06
C SER H 97 -45.76 7.77 36.14
N THR H 98 -46.61 7.87 37.17
CA THR H 98 -46.57 6.87 38.23
C THR H 98 -47.41 5.67 37.85
N THR H 99 -48.33 5.88 36.90
CA THR H 99 -49.04 4.77 36.29
C THR H 99 -48.14 4.11 35.27
N PRO H 100 -48.12 2.78 35.25
CA PRO H 100 -47.47 2.10 34.14
C PRO H 100 -48.40 2.14 32.94
N LEU H 101 -47.88 1.85 31.76
CA LEU H 101 -48.72 1.62 30.59
C LEU H 101 -48.95 0.12 30.49
N THR H 102 -50.05 -0.30 29.85
CA THR H 102 -50.16 -1.68 29.39
C THR H 102 -49.12 -1.81 28.29
N GLU H 103 -48.61 -3.02 28.05
CA GLU H 103 -47.70 -3.25 26.92
C GLU H 103 -48.43 -2.90 25.60
N ALA H 104 -49.76 -3.09 25.62
CA ALA H 104 -50.66 -2.74 24.52
C ALA H 104 -50.63 -1.25 24.16
N GLU H 105 -50.31 -0.42 25.16
CA GLU H 105 -50.16 1.03 24.97
C GLU H 105 -48.70 1.40 24.65
N ALA H 106 -47.76 0.65 25.22
CA ALA H 106 -46.33 0.95 25.10
C ALA H 106 -45.75 0.63 23.73
N ALA H 107 -46.53 -0.05 22.89
CA ALA H 107 -46.17 -0.21 21.48
C ALA H 107 -46.36 1.11 20.71
N LEU H 108 -47.33 1.88 21.15
CA LEU H 108 -47.73 3.08 20.45
C LEU H 108 -47.20 4.38 21.04
N ASN H 109 -46.57 4.30 22.22
CA ASN H 109 -46.27 5.51 22.97
C ASN H 109 -44.98 6.18 22.56
N HIS H 110 -44.26 5.60 21.60
CA HIS H 110 -43.00 6.18 21.18
C HIS H 110 -43.15 7.27 20.10
N ASN H 111 -43.95 8.31 20.41
CA ASN H 111 -44.28 9.42 19.48
C ASN H 111 -44.08 10.84 20.08
N MET H 112 -43.86 11.84 19.22
CA MET H 112 -43.50 13.21 19.66
C MET H 112 -44.41 13.83 20.73
N LEU H 113 -45.71 13.56 20.69
CA LEU H 113 -46.65 14.11 21.68
C LEU H 113 -46.52 13.47 23.08
N GLU H 114 -45.92 12.28 23.13
CA GLU H 114 -45.63 11.60 24.39
C GLU H 114 -44.10 11.59 24.60
N SER H 115 -43.51 12.77 24.41
CA SER H 115 -42.09 12.96 24.30
C SER H 115 -41.72 14.34 24.76
N ASP H 116 -40.63 14.42 25.53
CA ASP H 116 -40.04 15.69 25.86
C ASP H 116 -38.84 15.89 24.97
N PRO H 117 -38.28 17.13 24.97
CA PRO H 117 -36.92 17.35 24.39
C PRO H 117 -35.84 16.56 25.15
N PRO H 118 -34.77 16.11 24.46
CA PRO H 118 -34.45 16.18 23.03
C PRO H 118 -35.32 15.32 22.10
N ARG H 119 -35.86 14.20 22.58
CA ARG H 119 -36.65 13.30 21.73
C ARG H 119 -37.83 13.98 20.97
N HIS H 120 -38.50 14.93 21.63
CA HIS H 120 -39.57 15.64 20.95
C HIS H 120 -39.01 16.32 19.71
N THR H 121 -38.00 17.13 19.97
CA THR H 121 -37.27 17.87 18.98
C THR H 121 -36.98 17.00 17.76
N ARG H 122 -36.23 15.91 17.96
CA ARG H 122 -35.82 15.04 16.86
C ARG H 122 -36.96 14.46 16.01
N LEU H 123 -38.07 14.13 16.66
CA LEU H 123 -39.20 13.53 15.97
C LEU H 123 -40.12 14.53 15.25
N ARG H 124 -40.31 15.72 15.82
CA ARG H 124 -41.04 16.76 15.12
C ARG H 124 -40.31 17.18 13.82
N LYS H 125 -38.98 17.28 13.89
CA LYS H 125 -38.16 17.64 12.72
C LYS H 125 -38.33 16.70 11.54
N LEU H 126 -38.44 15.40 11.80
CA LEU H 126 -38.59 14.44 10.71
C LEU H 126 -39.76 14.70 9.76
N VAL H 127 -40.74 15.52 10.12
CA VAL H 127 -42.01 15.61 9.36
C VAL H 127 -42.56 17.02 9.24
N ALA H 128 -42.12 17.91 10.14
CA ALA H 128 -42.47 19.34 10.06
C ALA H 128 -42.59 19.91 8.62
N ARG H 129 -41.64 19.57 7.75
CA ARG H 129 -41.63 20.11 6.40
C ARG H 129 -42.92 19.70 5.67
N GLU H 130 -43.49 18.55 6.05
CA GLU H 130 -44.69 18.02 5.41
C GLU H 130 -45.94 18.85 5.72
N PHE H 131 -45.82 19.68 6.74
CA PHE H 131 -46.99 20.28 7.32
C PHE H 131 -46.85 21.78 7.43
N THR H 132 -45.92 22.37 6.70
CA THR H 132 -45.84 23.82 6.66
C THR H 132 -47.07 24.36 5.96
N MET H 133 -47.25 25.67 6.03
CA MET H 133 -48.31 26.38 5.34
C MET H 133 -48.20 26.18 3.83
N ARG H 134 -47.05 26.57 3.27
CA ARG H 134 -46.91 26.54 1.82
C ARG H 134 -47.03 25.11 1.29
N ARG H 135 -46.48 24.16 2.02
CA ARG H 135 -46.61 22.73 1.67
C ARG H 135 -48.06 22.24 1.73
N VAL H 136 -48.80 22.74 2.70
CA VAL H 136 -50.21 22.45 2.78
C VAL H 136 -50.98 23.23 1.72
N GLU H 137 -50.50 24.40 1.32
CA GLU H 137 -51.23 25.12 0.27
C GLU H 137 -51.25 24.36 -1.05
N LEU H 138 -50.21 23.55 -1.29
CA LEU H 138 -50.16 22.67 -2.45
C LEU H 138 -51.17 21.50 -2.39
N LEU H 139 -51.79 21.27 -1.26
CA LEU H 139 -52.79 20.24 -1.17
C LEU H 139 -54.20 20.78 -1.43
N ARG H 140 -54.35 22.11 -1.47
CA ARG H 140 -55.64 22.74 -1.85
C ARG H 140 -56.44 22.02 -2.97
N PRO H 141 -55.91 21.96 -4.21
CA PRO H 141 -56.75 21.37 -5.29
C PRO H 141 -57.30 19.98 -4.95
N ARG H 142 -56.43 19.05 -4.56
CA ARG H 142 -56.88 17.73 -4.08
C ARG H 142 -57.95 17.81 -2.99
N VAL H 143 -57.71 18.63 -1.97
CA VAL H 143 -58.71 18.83 -0.91
C VAL H 143 -60.07 19.30 -1.50
N GLN H 144 -60.02 20.20 -2.46
CA GLN H 144 -61.21 20.76 -3.06
C GLN H 144 -62.00 19.68 -3.78
N GLU H 145 -61.29 18.98 -4.65
CA GLU H 145 -61.82 17.90 -5.44
C GLU H 145 -62.52 16.91 -4.53
N ILE H 146 -61.83 16.47 -3.49
CA ILE H 146 -62.43 15.56 -2.52
C ILE H 146 -63.77 16.10 -2.02
N VAL H 147 -63.76 17.38 -1.62
CA VAL H 147 -64.95 17.98 -1.02
C VAL H 147 -66.07 18.10 -2.01
N ASP H 148 -65.76 18.48 -3.26
CA ASP H 148 -66.68 18.52 -4.37
C ASP H 148 -67.38 17.16 -4.58
N GLY H 149 -66.61 16.08 -4.70
CA GLY H 149 -67.15 14.74 -4.87
C GLY H 149 -68.05 14.29 -3.72
N LEU H 150 -67.59 14.51 -2.49
CA LEU H 150 -68.41 14.22 -1.34
C LEU H 150 -69.74 14.98 -1.37
N VAL H 151 -69.72 16.23 -1.83
CA VAL H 151 -70.92 17.06 -1.83
C VAL H 151 -71.84 16.72 -2.99
N ASP H 152 -71.25 16.40 -4.13
CA ASP H 152 -71.99 15.81 -5.25
C ASP H 152 -72.75 14.60 -4.77
N ALA H 153 -72.04 13.64 -4.19
CA ALA H 153 -72.62 12.42 -3.61
C ALA H 153 -73.79 12.78 -2.70
N MET H 154 -73.55 13.70 -1.79
CA MET H 154 -74.50 14.02 -0.72
C MET H 154 -75.75 14.69 -1.26
N LEU H 155 -75.62 15.54 -2.27
CA LEU H 155 -76.77 16.31 -2.79
C LEU H 155 -77.67 15.54 -3.73
N ALA H 156 -77.36 14.26 -3.94
CA ALA H 156 -78.20 13.40 -4.77
C ALA H 156 -79.20 12.59 -3.92
N ALA H 157 -79.23 12.89 -2.63
CA ALA H 157 -80.06 12.20 -1.66
C ALA H 157 -81.53 12.48 -1.96
N PRO H 158 -82.31 11.40 -2.12
CA PRO H 158 -83.69 11.53 -2.60
C PRO H 158 -84.57 12.39 -1.68
N ASP H 159 -83.99 12.87 -0.58
CA ASP H 159 -84.72 13.58 0.45
C ASP H 159 -84.22 15.01 0.68
N GLY H 160 -83.05 15.31 0.15
CA GLY H 160 -82.38 16.51 0.57
C GLY H 160 -82.12 16.49 2.07
N ARG H 161 -81.95 15.27 2.61
CA ARG H 161 -81.52 15.03 3.99
C ARG H 161 -80.16 14.29 3.98
N ALA H 162 -79.41 14.36 5.07
CA ALA H 162 -78.27 13.48 5.27
C ALA H 162 -77.63 13.66 6.63
N ASP H 163 -76.81 12.69 6.99
CA ASP H 163 -75.90 12.84 8.10
C ASP H 163 -74.64 13.48 7.51
N LEU H 164 -74.21 14.59 8.12
CA LEU H 164 -73.01 15.31 7.75
C LEU H 164 -71.73 14.55 8.14
N MET H 165 -71.78 13.89 9.31
CA MET H 165 -70.69 13.09 9.87
C MET H 165 -70.20 12.05 8.87
N GLU H 166 -71.17 11.41 8.22
CA GLU H 166 -70.98 10.26 7.37
C GLU H 166 -70.82 10.69 5.93
N SER H 167 -71.47 11.79 5.58
CA SER H 167 -71.41 12.27 4.22
C SER H 167 -70.14 13.05 3.95
N LEU H 168 -69.59 13.74 4.95
CA LEU H 168 -68.41 14.58 4.74
C LEU H 168 -67.42 14.67 5.90
N ALA H 169 -67.94 14.96 7.09
CA ALA H 169 -67.11 15.28 8.29
C ALA H 169 -66.08 14.21 8.57
N TRP H 170 -66.45 12.96 8.31
CA TRP H 170 -65.54 11.84 8.52
C TRP H 170 -64.77 11.33 7.26
N PRO H 171 -65.43 11.25 6.07
CA PRO H 171 -64.70 10.85 4.85
C PRO H 171 -63.59 11.81 4.40
N LEU H 172 -63.77 13.10 4.57
CA LEU H 172 -62.77 14.03 4.07
C LEU H 172 -61.42 13.91 4.76
N PRO H 173 -61.40 14.02 6.10
CA PRO H 173 -60.08 13.98 6.76
C PRO H 173 -59.34 12.64 6.62
N ILE H 174 -60.11 11.55 6.61
CA ILE H 174 -59.56 10.22 6.33
C ILE H 174 -59.07 10.07 4.88
N THR H 175 -59.81 10.61 3.91
CA THR H 175 -59.25 10.59 2.57
C THR H 175 -57.94 11.37 2.54
N VAL H 176 -57.92 12.61 3.02
CA VAL H 176 -56.69 13.40 2.95
C VAL H 176 -55.49 12.70 3.59
N ILE H 177 -55.58 12.39 4.89
CA ILE H 177 -54.47 11.78 5.59
C ILE H 177 -54.04 10.41 5.01
N SER H 178 -55.00 9.57 4.66
CA SER H 178 -54.72 8.24 4.13
C SER H 178 -53.92 8.29 2.82
N GLU H 179 -54.04 9.38 2.08
CA GLU H 179 -53.35 9.54 0.81
C GLU H 179 -51.93 10.01 1.06
N LEU H 180 -51.78 11.00 1.93
CA LEU H 180 -50.49 11.45 2.47
C LEU H 180 -49.59 10.35 2.99
N LEU H 181 -50.18 9.38 3.69
CA LEU H 181 -49.42 8.33 4.34
C LEU H 181 -49.44 6.98 3.62
N GLY H 182 -50.09 6.89 2.46
CA GLY H 182 -50.14 5.64 1.71
C GLY H 182 -50.87 4.50 2.43
N VAL H 183 -51.97 4.84 3.10
CA VAL H 183 -52.94 3.83 3.59
C VAL H 183 -53.99 3.51 2.51
N PRO H 184 -54.04 2.25 2.02
CA PRO H 184 -54.97 1.90 0.94
C PRO H 184 -56.46 2.10 1.23
N GLU H 185 -57.19 2.58 0.23
CA GLU H 185 -58.64 2.80 0.28
C GLU H 185 -59.46 1.62 0.87
N PRO H 186 -59.16 0.36 0.47
CA PRO H 186 -59.83 -0.81 1.10
C PRO H 186 -59.65 -0.95 2.63
N ASP H 187 -58.57 -0.40 3.20
CA ASP H 187 -58.22 -0.56 4.62
C ASP H 187 -58.77 0.57 5.50
N ARG H 188 -59.30 1.63 4.88
CA ARG H 188 -59.61 2.87 5.61
C ARG H 188 -60.82 2.80 6.55
N ALA H 189 -61.83 2.03 6.16
CA ALA H 189 -63.04 1.93 6.96
C ALA H 189 -62.85 1.14 8.28
N ALA H 190 -61.81 0.30 8.37
CA ALA H 190 -61.43 -0.29 9.66
C ALA H 190 -61.12 0.80 10.72
N PHE H 191 -60.65 1.95 10.26
CA PHE H 191 -60.19 2.98 11.17
C PHE H 191 -61.31 3.67 11.94
N ARG H 192 -62.51 3.72 11.34
CA ARG H 192 -63.66 4.27 12.03
C ARG H 192 -63.99 3.30 13.15
N VAL H 193 -63.99 2.02 12.80
CA VAL H 193 -64.20 0.96 13.77
C VAL H 193 -63.23 1.17 14.94
N TRP H 194 -61.93 1.26 14.61
CA TRP H 194 -60.86 1.31 15.61
C TRP H 194 -60.79 2.62 16.37
N THR H 195 -61.45 3.67 15.86
CA THR H 195 -61.50 4.97 16.56
C THR H 195 -62.62 4.97 17.61
N ASP H 196 -63.87 4.80 17.18
CA ASP H 196 -65.02 4.58 18.07
C ASP H 196 -64.73 3.69 19.29
N ALA H 197 -63.80 2.76 19.11
CA ALA H 197 -63.45 1.80 20.14
C ALA H 197 -62.63 2.43 21.27
N PHE H 198 -61.77 3.41 20.93
CA PHE H 198 -61.27 4.31 21.99
C PHE H 198 -61.76 5.78 21.93
N VAL H 199 -63.05 5.93 21.62
CA VAL H 199 -63.79 7.17 21.83
C VAL H 199 -64.76 6.85 22.97
N PHE H 200 -65.89 6.21 22.63
CA PHE H 200 -66.77 5.57 23.63
C PHE H 200 -66.53 4.06 23.61
N PRO H 201 -65.69 3.57 24.55
CA PRO H 201 -65.53 2.14 24.80
C PRO H 201 -66.79 1.57 25.45
N ASP H 202 -67.55 0.79 24.68
CA ASP H 202 -68.63 -0.02 25.22
C ASP H 202 -68.09 -0.78 26.45
N ASP H 203 -66.76 -0.88 26.50
CA ASP H 203 -65.98 -1.35 27.65
C ASP H 203 -64.51 -1.16 27.30
N PRO H 204 -63.61 -1.20 28.32
CA PRO H 204 -62.18 -1.15 28.01
C PRO H 204 -61.75 -2.39 27.24
N ALA H 205 -62.55 -3.45 27.32
CA ALA H 205 -62.31 -4.71 26.60
C ALA H 205 -62.11 -4.49 25.11
N GLN H 206 -63.16 -4.04 24.43
CA GLN H 206 -63.11 -3.65 23.02
C GLN H 206 -62.03 -2.58 22.71
N ALA H 207 -61.88 -1.62 23.62
CA ALA H 207 -60.90 -0.55 23.47
C ALA H 207 -59.47 -1.07 23.41
N GLN H 208 -59.18 -2.12 24.18
CA GLN H 208 -57.82 -2.67 24.20
C GLN H 208 -57.55 -3.52 22.96
N THR H 209 -58.59 -4.22 22.50
CA THR H 209 -58.62 -4.85 21.19
C THR H 209 -58.41 -3.84 20.04
N ALA H 210 -58.99 -2.65 20.13
CA ALA H 210 -58.82 -1.66 19.08
C ALA H 210 -57.34 -1.27 18.89
N MET H 211 -56.58 -1.28 19.98
CA MET H 211 -55.15 -0.89 19.94
C MET H 211 -54.27 -2.06 19.51
N ALA H 212 -54.65 -3.26 19.93
CA ALA H 212 -54.03 -4.46 19.41
C ALA H 212 -54.21 -4.49 17.89
N GLU H 213 -55.45 -4.36 17.46
CA GLU H 213 -55.77 -4.50 16.05
C GLU H 213 -55.03 -3.48 15.17
N MET H 214 -55.10 -2.22 15.59
CA MET H 214 -54.50 -1.11 14.88
C MET H 214 -52.98 -1.22 14.83
N SER H 215 -52.37 -1.48 15.98
CA SER H 215 -50.94 -1.72 16.06
C SER H 215 -50.54 -2.75 15.03
N GLY H 216 -51.10 -3.95 15.11
CA GLY H 216 -50.88 -4.96 14.06
C GLY H 216 -51.07 -4.46 12.63
N TYR H 217 -52.09 -3.65 12.38
CA TYR H 217 -52.31 -3.19 11.03
C TYR H 217 -51.13 -2.31 10.58
N LEU H 218 -50.67 -1.46 11.49
CA LEU H 218 -49.62 -0.53 11.19
C LEU H 218 -48.25 -1.18 10.95
N SER H 219 -47.83 -2.12 11.79
CA SER H 219 -46.55 -2.78 11.56
C SER H 219 -46.55 -3.44 10.18
N ARG H 220 -47.58 -4.24 9.95
CA ARG H 220 -47.84 -4.87 8.67
C ARG H 220 -47.83 -3.87 7.52
N LEU H 221 -48.37 -2.68 7.75
CA LEU H 221 -48.43 -1.67 6.70
C LEU H 221 -47.05 -1.10 6.43
N ILE H 222 -46.32 -0.84 7.51
CA ILE H 222 -44.94 -0.39 7.45
C ILE H 222 -44.07 -1.36 6.61
N ASP H 223 -44.18 -2.67 6.85
CA ASP H 223 -43.47 -3.64 6.04
C ASP H 223 -44.00 -3.76 4.62
N SER H 224 -45.32 -3.73 4.42
CA SER H 224 -45.90 -3.90 3.10
C SER H 224 -45.28 -2.94 2.10
N LYS H 225 -44.58 -1.93 2.63
CA LYS H 225 -43.99 -0.82 1.88
C LYS H 225 -42.51 -0.97 1.52
N ARG H 226 -41.81 -1.84 2.24
CA ARG H 226 -40.36 -2.05 2.08
C ARG H 226 -40.05 -2.64 0.71
N GLY H 227 -39.06 -2.03 0.05
CA GLY H 227 -38.77 -2.28 -1.36
C GLY H 227 -39.93 -2.09 -2.34
N GLN H 228 -40.98 -1.38 -1.95
CA GLN H 228 -42.11 -1.16 -2.86
C GLN H 228 -41.99 0.11 -3.68
N ASP H 229 -40.96 0.91 -3.38
CA ASP H 229 -40.71 2.19 -4.08
C ASP H 229 -41.79 3.26 -3.95
N GLY H 230 -42.63 3.20 -2.93
CA GLY H 230 -43.76 4.14 -2.82
C GLY H 230 -43.35 5.60 -2.77
N GLU H 231 -44.25 6.51 -3.17
CA GLU H 231 -43.91 7.91 -3.04
C GLU H 231 -44.51 8.59 -1.79
N ASP H 232 -45.41 7.92 -1.10
CA ASP H 232 -46.05 8.47 0.08
C ASP H 232 -45.12 8.65 1.26
N LEU H 233 -45.58 9.45 2.21
CA LEU H 233 -44.79 9.82 3.37
C LEU H 233 -44.21 8.60 4.08
N LEU H 234 -45.06 7.60 4.35
CA LEU H 234 -44.62 6.44 5.11
C LEU H 234 -43.52 5.63 4.39
N SER H 235 -43.55 5.61 3.07
CA SER H 235 -42.50 4.95 2.36
C SER H 235 -41.21 5.74 2.55
N ALA H 236 -41.33 7.05 2.65
CA ALA H 236 -40.17 7.91 2.83
C ALA H 236 -39.63 7.58 4.19
N LEU H 237 -40.51 7.53 5.19
CA LEU H 237 -40.07 7.20 6.56
C LEU H 237 -39.49 5.79 6.71
N VAL H 238 -39.98 4.84 5.91
CA VAL H 238 -39.37 3.53 5.89
C VAL H 238 -37.93 3.60 5.38
N ARG H 239 -37.70 4.22 4.23
CA ARG H 239 -36.36 4.27 3.64
C ARG H 239 -35.38 5.00 4.54
N THR H 240 -35.82 6.13 5.10
CA THR H 240 -35.02 6.89 6.06
C THR H 240 -34.60 6.05 7.25
N SER H 241 -35.55 5.37 7.89
CA SER H 241 -35.31 4.54 9.04
C SER H 241 -34.42 3.33 8.72
N ASP H 242 -34.66 2.68 7.59
CA ASP H 242 -33.82 1.54 7.22
C ASP H 242 -32.37 1.95 6.91
N GLU H 243 -32.18 3.01 6.14
CA GLU H 243 -30.85 3.58 5.92
C GLU H 243 -30.18 4.08 7.20
N ASP H 244 -30.95 4.63 8.13
CA ASP H 244 -30.35 5.16 9.37
C ASP H 244 -31.19 4.98 10.64
N GLY H 245 -30.85 3.91 11.37
CA GLY H 245 -31.56 3.50 12.57
C GLY H 245 -31.32 4.44 13.74
N SER H 246 -30.44 5.42 13.56
CA SER H 246 -30.29 6.45 14.58
C SER H 246 -31.15 7.68 14.31
N ARG H 247 -31.87 7.71 13.19
CA ARG H 247 -32.77 8.84 12.92
C ARG H 247 -34.13 8.58 13.50
N LEU H 248 -34.66 7.43 13.10
CA LEU H 248 -35.98 7.00 13.40
C LEU H 248 -35.92 5.51 13.69
N THR H 249 -36.09 5.09 14.95
CA THR H 249 -36.16 3.67 15.32
C THR H 249 -37.50 3.07 14.90
N SER H 250 -37.57 1.74 14.77
CA SER H 250 -38.84 1.14 14.33
C SER H 250 -40.04 1.42 15.24
N GLU H 251 -39.85 1.45 16.55
CA GLU H 251 -40.94 1.85 17.47
C GLU H 251 -41.50 3.23 17.11
N GLU H 252 -40.57 4.16 16.88
CA GLU H 252 -40.90 5.54 16.52
C GLU H 252 -41.41 5.63 15.09
N LEU H 253 -40.97 4.72 14.23
CA LEU H 253 -41.56 4.60 12.91
C LEU H 253 -43.06 4.30 13.06
N LEU H 254 -43.38 3.39 13.97
CA LEU H 254 -44.73 2.96 14.29
C LEU H 254 -45.55 4.01 15.04
N GLY H 255 -44.93 4.61 16.06
CA GLY H 255 -45.54 5.72 16.78
C GLY H 255 -45.98 6.82 15.83
N MET H 256 -45.08 7.17 14.91
CA MET H 256 -45.31 8.21 13.92
C MET H 256 -46.51 7.89 13.01
N ALA H 257 -46.54 6.70 12.42
CA ALA H 257 -47.68 6.30 11.60
C ALA H 257 -48.96 6.49 12.41
N HIS H 258 -49.02 5.89 13.58
CA HIS H 258 -50.14 6.03 14.49
C HIS H 258 -50.56 7.49 14.75
N ILE H 259 -49.68 8.22 15.44
CA ILE H 259 -49.97 9.60 15.83
C ILE H 259 -50.51 10.39 14.64
N LEU H 260 -49.92 10.24 13.45
CA LEU H 260 -50.31 11.02 12.26
C LEU H 260 -51.65 10.63 11.66
N LEU H 261 -52.02 9.37 11.84
CA LEU H 261 -53.26 8.85 11.29
C LEU H 261 -54.41 9.02 12.24
N VAL H 262 -54.13 8.98 13.52
CA VAL H 262 -55.26 9.01 14.42
C VAL H 262 -55.57 10.46 14.72
N ALA H 263 -54.53 11.23 15.07
CA ALA H 263 -54.68 12.63 15.38
C ALA H 263 -54.95 13.43 14.12
N GLY H 264 -54.46 12.90 13.00
CA GLY H 264 -54.64 13.51 11.68
C GLY H 264 -56.01 13.33 11.09
N HIS H 265 -56.95 12.87 11.90
CA HIS H 265 -58.28 12.60 11.39
C HIS H 265 -59.39 12.84 12.40
N GLU H 266 -59.40 12.11 13.52
CA GLU H 266 -60.45 12.24 14.58
C GLU H 266 -60.80 13.67 15.09
N THR H 267 -59.86 14.61 15.03
CA THR H 267 -60.15 15.99 15.45
C THR H 267 -60.81 16.81 14.32
N THR H 268 -60.18 16.92 13.16
CA THR H 268 -60.82 17.54 12.01
C THR H 268 -62.27 17.06 11.80
N VAL H 269 -62.50 15.79 12.06
CA VAL H 269 -63.81 15.21 11.84
C VAL H 269 -64.78 15.91 12.76
N ASN H 270 -64.37 16.10 14.00
CA ASN H 270 -65.25 16.74 14.94
C ASN H 270 -65.29 18.24 14.80
N LEU H 271 -64.24 18.85 14.27
CA LEU H 271 -64.32 20.26 13.99
C LEU H 271 -65.39 20.54 12.92
N ILE H 272 -65.33 19.82 11.80
CA ILE H 272 -66.32 20.07 10.76
C ILE H 272 -67.70 19.85 11.31
N ALA H 273 -67.86 18.78 12.07
CA ALA H 273 -69.15 18.47 12.67
C ALA H 273 -69.58 19.42 13.83
N ASN H 274 -68.75 19.65 14.85
CA ASN H 274 -69.11 20.62 15.92
C ASN H 274 -69.35 21.99 15.32
N GLY H 275 -68.59 22.27 14.26
CA GLY H 275 -68.50 23.57 13.62
C GLY H 275 -69.81 23.91 12.96
N MET H 276 -70.23 23.00 12.09
CA MET H 276 -71.52 23.07 11.40
C MET H 276 -72.74 22.96 12.30
N TYR H 277 -72.62 22.24 13.42
CA TYR H 277 -73.70 22.19 14.40
C TYR H 277 -73.90 23.57 15.02
N ALA H 278 -72.84 24.18 15.55
CA ALA H 278 -72.95 25.51 16.17
C ALA H 278 -73.54 26.54 15.18
N LEU H 279 -73.05 26.50 13.94
CA LEU H 279 -73.47 27.41 12.87
C LEU H 279 -74.96 27.24 12.53
N LEU H 280 -75.37 25.98 12.33
CA LEU H 280 -76.78 25.69 12.06
C LEU H 280 -77.74 26.01 13.20
N SER H 281 -77.28 25.94 14.45
CA SER H 281 -78.12 26.24 15.61
C SER H 281 -78.09 27.71 16.01
N HIS H 282 -77.26 28.51 15.34
CA HIS H 282 -77.28 29.96 15.51
C HIS H 282 -77.57 30.67 14.16
N PRO H 283 -78.88 30.80 13.81
CA PRO H 283 -79.31 31.30 12.52
C PRO H 283 -78.73 32.66 12.18
N ASP H 284 -78.80 33.57 13.15
CA ASP H 284 -78.16 34.90 13.09
C ASP H 284 -76.70 34.89 12.53
N GLN H 285 -75.86 33.99 13.05
CA GLN H 285 -74.46 33.81 12.57
C GLN H 285 -74.38 33.20 11.16
N LEU H 286 -75.24 32.21 10.89
CA LEU H 286 -75.29 31.56 9.57
C LEU H 286 -75.59 32.59 8.51
N ALA H 287 -76.65 33.35 8.73
CA ALA H 287 -77.09 34.35 7.78
C ALA H 287 -76.01 35.41 7.58
N ALA H 288 -75.29 35.73 8.66
CA ALA H 288 -74.24 36.74 8.60
C ALA H 288 -73.07 36.28 7.71
N LEU H 289 -72.57 35.08 7.97
CA LEU H 289 -71.53 34.46 7.13
C LEU H 289 -71.95 34.33 5.66
N ARG H 290 -73.21 33.98 5.45
CA ARG H 290 -73.78 33.86 4.12
C ARG H 290 -73.66 35.18 3.35
N ALA H 291 -73.93 36.30 4.02
CA ALA H 291 -73.82 37.63 3.40
C ALA H 291 -72.38 38.13 3.18
N ASP H 292 -71.44 37.57 3.95
CA ASP H 292 -70.04 38.01 3.95
C ASP H 292 -69.12 36.79 4.10
N MET H 293 -68.97 36.04 3.04
CA MET H 293 -68.19 34.81 3.12
C MET H 293 -66.73 35.05 3.53
N THR H 294 -66.31 36.31 3.51
CA THR H 294 -64.94 36.69 3.87
C THR H 294 -64.80 36.59 5.38
N LEU H 295 -65.93 36.48 6.06
CA LEU H 295 -65.98 36.17 7.47
C LEU H 295 -65.72 34.70 7.80
N LEU H 296 -65.48 33.85 6.80
CA LEU H 296 -65.29 32.40 7.01
C LEU H 296 -64.08 32.01 7.89
N ASP H 297 -62.93 32.59 7.65
CA ASP H 297 -61.78 32.29 8.49
C ASP H 297 -62.11 32.45 9.95
N GLY H 298 -62.57 33.67 10.31
CA GLY H 298 -63.05 33.96 11.65
C GLY H 298 -64.13 33.01 12.12
N ALA H 299 -65.04 32.64 11.24
CA ALA H 299 -66.04 31.62 11.56
C ALA H 299 -65.37 30.34 12.00
N VAL H 300 -64.36 29.88 11.26
CA VAL H 300 -63.74 28.60 11.61
C VAL H 300 -62.97 28.70 12.94
N GLU H 301 -62.37 29.86 13.18
CA GLU H 301 -61.69 30.12 14.46
C GLU H 301 -62.67 30.13 15.66
N GLU H 302 -63.84 30.73 15.48
CA GLU H 302 -64.86 30.66 16.53
C GLU H 302 -65.48 29.26 16.74
N MET H 303 -65.62 28.50 15.66
CA MET H 303 -65.96 27.10 15.83
C MET H 303 -64.96 26.41 16.74
N LEU H 304 -63.65 26.71 16.61
CA LEU H 304 -62.58 26.21 17.52
C LEU H 304 -62.67 26.72 18.96
N ARG H 305 -62.94 28.02 19.15
CA ARG H 305 -63.07 28.58 20.48
C ARG H 305 -64.34 28.07 21.16
N TYR H 306 -65.46 28.08 20.44
CA TYR H 306 -66.74 27.75 21.06
C TYR H 306 -66.95 26.25 21.31
N GLU H 307 -66.48 25.41 20.38
CA GLU H 307 -66.76 23.97 20.38
C GLU H 307 -65.61 23.12 19.82
N GLY H 308 -64.38 23.48 20.13
CA GLY H 308 -63.27 22.67 19.63
C GLY H 308 -63.32 21.19 20.00
N PRO H 309 -62.81 20.34 19.12
CA PRO H 309 -62.89 18.90 19.28
C PRO H 309 -62.17 18.33 20.51
N VAL H 310 -61.18 19.05 21.02
CA VAL H 310 -60.39 18.60 22.19
C VAL H 310 -60.97 19.24 23.47
N GLU H 311 -61.76 18.48 24.21
CA GLU H 311 -62.29 18.95 25.49
C GLU H 311 -61.17 19.19 26.51
N SER H 312 -60.23 18.25 26.55
CA SER H 312 -59.02 18.34 27.39
C SER H 312 -57.81 17.79 26.67
N ALA H 313 -56.68 18.45 26.86
CA ALA H 313 -55.45 18.09 26.17
C ALA H 313 -54.96 16.75 26.66
N THR H 314 -53.88 16.27 26.07
CA THR H 314 -53.40 14.93 26.35
C THR H 314 -52.64 14.89 27.65
N TYR H 315 -52.52 13.70 28.20
CA TYR H 315 -51.98 13.44 29.53
C TYR H 315 -50.66 14.16 29.82
N ARG H 316 -50.61 14.90 30.94
CA ARG H 316 -49.39 15.53 31.42
C ARG H 316 -48.99 14.96 32.79
N PHE H 317 -47.68 14.98 33.09
CA PHE H 317 -47.17 14.49 34.38
C PHE H 317 -46.05 15.37 35.02
N PRO H 318 -46.36 16.09 36.13
CA PRO H 318 -45.30 16.91 36.75
C PRO H 318 -44.07 16.08 37.17
N VAL H 319 -42.86 16.62 36.95
CA VAL H 319 -41.59 15.94 37.33
C VAL H 319 -41.27 16.10 38.82
N GLU H 320 -41.57 17.28 39.35
CA GLU H 320 -41.51 17.52 40.79
C GLU H 320 -42.97 17.84 41.20
N PRO H 321 -43.26 17.87 42.52
CA PRO H 321 -44.61 18.35 42.86
C PRO H 321 -44.79 19.77 42.31
N VAL H 322 -45.99 20.11 41.85
CA VAL H 322 -46.27 21.47 41.44
C VAL H 322 -47.37 22.00 42.30
N ASP H 323 -47.19 23.21 42.81
CA ASP H 323 -48.20 23.87 43.63
C ASP H 323 -48.79 25.00 42.82
N LEU H 324 -50.04 24.82 42.40
CA LEU H 324 -50.76 25.84 41.68
C LEU H 324 -51.72 26.51 42.62
N ASP H 325 -51.43 27.75 42.96
CA ASP H 325 -52.39 28.59 43.68
C ASP H 325 -52.91 27.85 44.94
N GLY H 326 -52.07 27.00 45.52
CA GLY H 326 -52.44 26.34 46.76
C GLY H 326 -52.76 24.86 46.67
N THR H 327 -52.85 24.35 45.45
CA THR H 327 -53.04 22.93 45.26
C THR H 327 -51.72 22.28 44.80
N VAL H 328 -51.25 21.29 45.57
CA VAL H 328 -50.02 20.57 45.23
C VAL H 328 -50.38 19.34 44.42
N ILE H 329 -49.78 19.18 43.24
CA ILE H 329 -50.05 18.00 42.41
C ILE H 329 -48.83 17.12 42.51
N PRO H 330 -48.97 15.96 43.17
CA PRO H 330 -47.93 14.95 43.34
C PRO H 330 -47.20 14.65 42.04
N ALA H 331 -45.87 14.67 42.07
CA ALA H 331 -45.09 14.28 40.90
C ALA H 331 -45.62 12.98 40.31
N GLY H 332 -45.78 12.97 38.98
CA GLY H 332 -46.12 11.74 38.26
C GLY H 332 -47.60 11.48 38.08
N ASP H 333 -48.42 12.20 38.83
CA ASP H 333 -49.86 12.17 38.63
C ASP H 333 -50.29 12.64 37.23
N THR H 334 -51.52 12.32 36.85
CA THR H 334 -52.02 12.69 35.55
C THR H 334 -52.72 14.03 35.61
N VAL H 335 -52.35 14.91 34.68
CA VAL H 335 -52.92 16.24 34.66
C VAL H 335 -53.60 16.47 33.34
N LEU H 336 -54.86 16.90 33.39
N LEU H 336 -54.85 16.93 33.38
CA LEU H 336 -55.58 17.31 32.20
CA LEU H 336 -55.63 17.28 32.20
C LEU H 336 -55.73 18.82 32.17
C LEU H 336 -55.91 18.79 32.12
N VAL H 337 -55.59 19.40 30.98
CA VAL H 337 -55.86 20.79 30.79
C VAL H 337 -57.15 20.86 30.03
N VAL H 338 -58.19 21.33 30.72
CA VAL H 338 -59.54 21.35 30.19
C VAL H 338 -59.67 22.57 29.30
N LEU H 339 -59.15 22.51 28.08
CA LEU H 339 -59.27 23.63 27.13
C LEU H 339 -60.70 24.13 26.96
N ALA H 340 -61.67 23.23 27.11
CA ALA H 340 -63.06 23.61 26.98
C ALA H 340 -63.36 24.75 27.96
N ASP H 341 -62.84 24.63 29.19
CA ASP H 341 -63.00 25.69 30.23
C ASP H 341 -62.20 26.96 29.95
N ALA H 342 -60.97 26.80 29.49
CA ALA H 342 -60.19 27.96 29.05
C ALA H 342 -61.10 28.85 28.22
N HIS H 343 -61.83 28.21 27.30
CA HIS H 343 -62.56 28.90 26.25
C HIS H 343 -63.89 29.44 26.67
N ARG H 344 -64.27 29.16 27.90
CA ARG H 344 -65.50 29.69 28.41
C ARG H 344 -65.21 30.68 29.54
N THR H 345 -63.94 30.98 29.77
CA THR H 345 -63.56 31.94 30.81
C THR H 345 -63.90 33.40 30.42
N PRO H 346 -64.87 34.01 31.11
CA PRO H 346 -65.31 35.37 30.72
C PRO H 346 -64.16 36.40 30.69
N GLU H 347 -63.22 36.29 31.63
CA GLU H 347 -62.01 37.13 31.66
C GLU H 347 -61.36 37.27 30.29
N ARG H 348 -61.10 36.14 29.63
CA ARG H 348 -60.38 36.19 28.37
C ARG H 348 -61.30 36.05 27.17
N PHE H 349 -62.46 35.44 27.34
CA PHE H 349 -63.44 35.51 26.25
C PHE H 349 -64.76 36.04 26.79
N PRO H 350 -64.97 37.35 26.66
CA PRO H 350 -66.20 37.87 27.23
C PRO H 350 -67.43 37.41 26.42
N ASP H 351 -68.58 37.34 27.10
CA ASP H 351 -69.84 36.78 26.58
C ASP H 351 -69.55 35.35 26.06
N PRO H 352 -68.88 34.54 26.90
CA PRO H 352 -68.21 33.34 26.42
C PRO H 352 -69.13 32.23 25.94
N HIS H 353 -70.39 32.26 26.36
CA HIS H 353 -71.36 31.26 25.91
C HIS H 353 -71.95 31.56 24.55
N ARG H 354 -71.67 32.75 24.04
CA ARG H 354 -72.13 33.19 22.74
C ARG H 354 -71.16 32.81 21.61
N PHE H 355 -71.68 32.09 20.64
CA PHE H 355 -70.94 31.76 19.45
C PHE H 355 -71.11 32.97 18.54
N ASP H 356 -70.01 33.64 18.25
CA ASP H 356 -70.05 34.86 17.46
C ASP H 356 -68.87 34.87 16.48
N ILE H 357 -69.16 34.83 15.19
CA ILE H 357 -68.11 34.56 14.24
C ILE H 357 -67.16 35.73 14.02
N ARG H 358 -67.55 36.87 14.55
CA ARG H 358 -66.79 38.11 14.44
C ARG H 358 -66.01 38.45 15.69
N ARG H 359 -66.13 37.63 16.74
CA ARG H 359 -65.44 37.90 18.01
C ARG H 359 -63.92 37.74 17.87
N ASP H 360 -63.15 38.42 18.71
CA ASP H 360 -61.71 38.22 18.68
C ASP H 360 -61.41 36.82 19.23
N THR H 361 -60.78 35.98 18.42
CA THR H 361 -60.51 34.59 18.80
C THR H 361 -59.06 34.35 19.11
N ALA H 362 -58.29 35.42 19.27
CA ALA H 362 -56.83 35.29 19.44
C ALA H 362 -56.43 34.72 20.79
N GLY H 363 -55.47 33.79 20.73
CA GLY H 363 -54.99 33.11 21.90
C GLY H 363 -55.88 32.00 22.41
N HIS H 364 -56.77 31.46 21.56
CA HIS H 364 -57.53 30.28 21.97
C HIS H 364 -56.54 29.15 22.05
N LEU H 365 -56.92 28.10 22.78
CA LEU H 365 -56.02 26.97 22.97
C LEU H 365 -56.45 25.68 22.26
N ALA H 366 -57.30 25.78 21.22
CA ALA H 366 -57.84 24.60 20.50
C ALA H 366 -56.78 23.74 19.82
N PHE H 367 -55.66 24.35 19.44
CA PHE H 367 -54.52 23.60 18.92
C PHE H 367 -53.41 23.44 19.95
N GLY H 368 -53.74 23.69 21.21
CA GLY H 368 -52.75 23.69 22.30
C GLY H 368 -51.89 24.94 22.36
N HIS H 369 -50.74 24.84 23.05
CA HIS H 369 -49.82 25.96 23.28
C HIS H 369 -48.47 25.48 23.76
N GLY H 370 -47.40 26.04 23.16
CA GLY H 370 -46.03 25.64 23.50
C GLY H 370 -45.42 24.69 22.48
N ILE H 371 -44.33 24.05 22.87
CA ILE H 371 -43.64 23.08 21.98
C ILE H 371 -44.59 22.05 21.27
N HIS H 372 -45.58 21.52 21.99
CA HIS H 372 -46.53 20.51 21.44
C HIS H 372 -47.69 21.06 20.56
N PHE H 373 -47.61 22.34 20.15
CA PHE H 373 -48.66 22.99 19.41
C PHE H 373 -48.87 22.23 18.13
N CYS H 374 -50.13 21.89 17.84
CA CYS H 374 -50.49 21.00 16.73
C CYS H 374 -49.69 21.28 15.47
N ILE H 375 -49.09 20.24 14.93
CA ILE H 375 -48.29 20.35 13.72
C ILE H 375 -49.24 20.40 12.54
N GLY H 376 -50.50 19.99 12.76
CA GLY H 376 -51.44 19.81 11.66
C GLY H 376 -52.40 20.96 11.49
N ALA H 377 -52.21 21.98 12.32
CA ALA H 377 -53.13 23.10 12.34
C ALA H 377 -53.32 23.74 10.97
N PRO H 378 -52.24 23.85 10.15
CA PRO H 378 -52.53 24.43 8.83
C PRO H 378 -53.44 23.50 8.01
N LEU H 379 -53.19 22.18 8.09
CA LEU H 379 -53.92 21.17 7.34
C LEU H 379 -55.38 21.12 7.82
N ALA H 380 -55.61 21.03 9.13
CA ALA H 380 -56.99 21.06 9.59
C ALA H 380 -57.63 22.33 9.11
N ARG H 381 -57.10 23.49 9.46
CA ARG H 381 -57.75 24.73 9.03
C ARG H 381 -58.12 24.67 7.56
N LEU H 382 -57.23 24.16 6.71
CA LEU H 382 -57.50 24.12 5.29
C LEU H 382 -58.66 23.19 4.96
N GLU H 383 -58.78 22.09 5.70
CA GLU H 383 -59.84 21.13 5.48
C GLU H 383 -61.18 21.66 5.87
N ALA H 384 -61.19 22.37 6.99
CA ALA H 384 -62.43 22.89 7.55
C ALA H 384 -62.90 24.13 6.77
N ARG H 385 -62.00 25.06 6.49
CA ARG H 385 -62.31 26.22 5.68
C ARG H 385 -63.02 25.83 4.38
N ILE H 386 -62.46 24.87 3.66
CA ILE H 386 -63.08 24.36 2.42
C ILE H 386 -64.43 23.63 2.67
N ALA H 387 -64.48 22.87 3.77
CA ALA H 387 -65.64 22.06 4.14
C ALA H 387 -66.85 22.92 4.41
N VAL H 388 -66.73 23.85 5.35
CA VAL H 388 -67.77 24.82 5.61
C VAL H 388 -68.10 25.59 4.35
N ARG H 389 -67.10 26.18 3.71
CA ARG H 389 -67.38 27.02 2.57
C ARG H 389 -68.24 26.29 1.55
N ALA H 390 -67.84 25.08 1.18
CA ALA H 390 -68.58 24.27 0.22
C ALA H 390 -70.03 24.01 0.63
N LEU H 391 -70.26 23.58 1.87
CA LEU H 391 -71.62 23.26 2.31
C LEU H 391 -72.54 24.46 2.18
N LEU H 392 -72.04 25.63 2.54
CA LEU H 392 -72.83 26.85 2.53
C LEU H 392 -73.25 27.29 1.16
N GLU H 393 -72.37 27.15 0.18
CA GLU H 393 -72.66 27.66 -1.14
C GLU H 393 -73.52 26.73 -1.98
N ARG H 394 -73.53 25.45 -1.63
CA ARG H 394 -74.23 24.43 -2.42
C ARG H 394 -75.48 23.85 -1.74
N CYS H 395 -75.65 24.15 -0.46
CA CYS H 395 -76.89 23.78 0.23
C CYS H 395 -77.75 25.01 0.50
N PRO H 396 -78.76 25.20 -0.36
CA PRO H 396 -79.76 26.24 -0.27
C PRO H 396 -80.59 26.04 1.00
N ASP H 397 -80.55 27.03 1.89
CA ASP H 397 -81.25 26.94 3.17
C ASP H 397 -80.96 25.63 3.89
N LEU H 398 -79.66 25.43 4.13
CA LEU H 398 -79.17 24.40 5.00
C LEU H 398 -79.72 24.63 6.39
N ALA H 399 -80.16 23.55 7.04
CA ALA H 399 -80.55 23.60 8.45
C ALA H 399 -80.38 22.23 9.07
N LEU H 400 -80.41 22.18 10.39
CA LEU H 400 -80.40 20.91 11.11
C LEU H 400 -81.67 20.15 10.79
N ASP H 401 -81.68 18.85 11.05
CA ASP H 401 -82.88 18.08 10.86
C ASP H 401 -83.20 17.40 12.17
N VAL H 402 -82.78 18.04 13.25
CA VAL H 402 -82.90 17.47 14.60
C VAL H 402 -82.87 18.53 15.71
N SER H 403 -83.88 18.47 16.58
CA SER H 403 -83.92 19.15 17.89
C SER H 403 -82.56 19.02 18.64
N PRO H 404 -82.00 20.16 19.10
CA PRO H 404 -80.66 20.21 19.70
C PRO H 404 -80.39 19.19 20.84
N GLY H 405 -81.46 18.65 21.44
CA GLY H 405 -81.35 17.63 22.49
C GLY H 405 -81.61 16.17 22.13
N GLU H 406 -81.92 15.88 20.86
CA GLU H 406 -81.99 14.47 20.40
C GLU H 406 -80.63 14.06 19.82
N LEU H 407 -79.63 14.93 20.04
CA LEU H 407 -78.25 14.76 19.59
C LEU H 407 -77.44 14.11 20.68
N VAL H 408 -76.68 13.10 20.31
CA VAL H 408 -75.89 12.35 21.26
C VAL H 408 -74.45 12.84 21.24
N TRP H 409 -73.93 13.25 22.39
CA TRP H 409 -72.50 13.58 22.52
C TRP H 409 -71.73 12.38 23.08
N TYR H 410 -70.42 12.52 23.16
CA TYR H 410 -69.52 11.45 23.57
C TYR H 410 -69.02 11.65 25.00
N PRO H 411 -69.14 10.60 25.83
CA PRO H 411 -69.02 10.68 27.29
C PRO H 411 -67.64 11.17 27.74
N ASN H 412 -66.67 11.03 26.85
CA ASN H 412 -65.29 11.34 27.16
C ASN H 412 -65.05 12.83 27.46
N PRO H 413 -64.24 13.11 28.50
CA PRO H 413 -63.67 14.43 28.79
C PRO H 413 -62.50 14.86 27.90
N MET H 414 -62.06 14.01 26.98
CA MET H 414 -60.96 14.42 26.09
C MET H 414 -61.48 14.96 24.76
N ILE H 415 -62.67 14.53 24.39
CA ILE H 415 -63.24 14.80 23.08
C ILE H 415 -64.66 15.34 23.18
N ARG H 416 -64.88 16.44 22.50
CA ARG H 416 -66.19 16.98 22.26
C ARG H 416 -66.53 16.45 20.88
N GLY H 417 -67.56 15.62 20.78
CA GLY H 417 -67.93 15.01 19.50
C GLY H 417 -69.31 14.39 19.46
N LEU H 418 -69.93 14.34 18.29
CA LEU H 418 -71.29 13.80 18.15
C LEU H 418 -71.32 12.49 17.38
N LYS H 419 -72.28 11.63 17.75
CA LYS H 419 -72.48 10.35 17.09
C LYS H 419 -73.02 10.52 15.66
N ALA H 420 -74.02 11.39 15.49
CA ALA H 420 -74.44 11.80 14.15
C ALA H 420 -74.87 13.26 14.18
N LEU H 421 -75.03 13.84 12.99
CA LEU H 421 -75.59 15.18 12.81
C LEU H 421 -76.51 15.24 11.60
N PRO H 422 -77.83 14.92 11.76
CA PRO H 422 -78.77 14.99 10.62
C PRO H 422 -78.99 16.42 10.15
N ILE H 423 -78.84 16.63 8.85
CA ILE H 423 -79.12 17.90 8.18
C ILE H 423 -80.19 17.76 7.08
N ARG H 424 -80.98 18.80 6.86
CA ARG H 424 -81.86 18.90 5.68
C ARG H 424 -81.48 20.14 4.85
N TRP H 425 -81.71 20.10 3.53
CA TRP H 425 -81.61 21.29 2.65
C TRP H 425 -82.80 21.30 1.69
N ARG H 426 -83.10 22.46 1.10
CA ARG H 426 -84.37 22.64 0.37
C ARG H 426 -84.32 22.00 -1.01
N SER I 31 85.89 35.17 -25.82
CA SER I 31 85.79 36.62 -25.40
C SER I 31 84.61 37.42 -26.00
N PRO I 32 84.38 37.32 -27.34
CA PRO I 32 83.32 38.12 -27.98
C PRO I 32 81.95 37.40 -27.95
N PRO I 33 80.84 38.16 -27.79
CA PRO I 33 79.51 37.55 -27.71
C PRO I 33 78.98 36.86 -28.98
N VAL I 34 78.52 35.63 -28.84
CA VAL I 34 77.87 34.92 -29.95
C VAL I 34 76.40 35.36 -30.13
N LEU I 35 75.79 35.83 -29.05
CA LEU I 35 74.43 36.31 -29.11
C LEU I 35 74.22 37.57 -28.28
N ASP I 36 73.36 38.47 -28.78
CA ASP I 36 72.88 39.62 -28.02
C ASP I 36 71.41 39.38 -27.76
N LEU I 37 71.04 39.18 -26.50
CA LEU I 37 69.68 38.79 -26.13
C LEU I 37 68.73 39.95 -26.26
N GLY I 38 69.29 41.15 -26.23
CA GLY I 38 68.51 42.36 -26.40
C GLY I 38 67.91 42.36 -27.78
N ALA I 39 68.71 41.91 -28.74
CA ALA I 39 68.31 41.85 -30.13
C ALA I 39 67.19 40.83 -30.40
N LEU I 40 67.04 39.86 -29.51
CA LEU I 40 65.95 38.92 -29.67
C LEU I 40 64.61 39.56 -29.29
N GLY I 41 64.68 40.64 -28.51
CA GLY I 41 63.49 41.40 -28.09
C GLY I 41 62.58 40.69 -27.10
N GLN I 42 61.27 40.88 -27.31
CA GLN I 42 60.23 40.31 -26.46
C GLN I 42 59.95 38.85 -26.81
N ASP I 43 60.36 38.42 -28.01
CA ASP I 43 60.25 36.99 -28.35
C ASP I 43 61.09 36.16 -27.40
N PHE I 44 62.34 36.53 -27.21
CA PHE I 44 63.16 35.81 -26.25
C PHE I 44 62.69 36.13 -24.85
N ALA I 45 62.40 37.39 -24.62
CA ALA I 45 61.87 37.82 -23.34
C ALA I 45 60.71 36.92 -22.90
N ALA I 46 59.67 36.82 -23.72
CA ALA I 46 58.54 35.92 -23.45
C ALA I 46 58.93 34.44 -23.38
N ASP I 47 59.77 33.98 -24.30
CA ASP I 47 60.01 32.57 -24.46
C ASP I 47 61.51 32.31 -24.74
N PRO I 48 62.29 32.11 -23.65
CA PRO I 48 63.75 31.96 -23.74
C PRO I 48 64.20 30.51 -23.95
N TYR I 49 63.37 29.57 -23.53
CA TYR I 49 63.65 28.15 -23.61
C TYR I 49 64.20 27.70 -24.98
N PRO I 50 63.50 28.03 -26.09
CA PRO I 50 64.02 27.62 -27.39
C PRO I 50 65.46 28.07 -27.61
N THR I 51 65.78 29.32 -27.30
CA THR I 51 67.18 29.81 -27.35
C THR I 51 68.11 28.96 -26.49
N TYR I 52 67.77 28.74 -25.21
CA TYR I 52 68.69 28.03 -24.34
C TYR I 52 68.90 26.60 -24.83
N ALA I 53 67.87 26.00 -25.40
CA ALA I 53 67.96 24.63 -25.95
C ALA I 53 68.95 24.57 -27.10
N ARG I 54 68.82 25.51 -28.03
CA ARG I 54 69.78 25.61 -29.11
C ARG I 54 71.21 25.76 -28.58
N LEU I 55 71.43 26.61 -27.58
CA LEU I 55 72.79 26.71 -27.07
C LEU I 55 73.26 25.38 -26.47
N ARG I 56 72.41 24.75 -25.67
CA ARG I 56 72.78 23.52 -25.00
C ARG I 56 73.18 22.44 -26.00
N ALA I 57 72.48 22.36 -27.12
CA ALA I 57 72.86 21.39 -28.15
C ALA I 57 74.32 21.63 -28.51
N GLU I 58 74.65 22.86 -28.88
CA GLU I 58 76.03 23.18 -29.24
C GLU I 58 77.00 22.99 -28.09
N GLY I 59 76.51 22.91 -26.85
CA GLY I 59 77.41 22.72 -25.72
C GLY I 59 77.12 23.44 -24.40
N PRO I 60 78.00 23.23 -23.40
CA PRO I 60 77.72 23.54 -22.01
C PRO I 60 77.81 25.00 -21.58
N ALA I 61 78.62 25.82 -22.25
CA ALA I 61 78.87 27.22 -21.81
C ALA I 61 79.01 28.19 -22.99
N HIS I 62 78.40 29.38 -22.86
CA HIS I 62 78.30 30.31 -23.98
C HIS I 62 78.41 31.77 -23.56
N ARG I 63 79.18 32.53 -24.31
CA ARG I 63 79.33 33.94 -24.04
C ARG I 63 78.17 34.75 -24.69
N VAL I 64 77.36 35.43 -23.89
CA VAL I 64 76.27 36.27 -24.47
C VAL I 64 76.33 37.74 -24.01
N ARG I 65 75.61 38.59 -24.73
CA ARG I 65 75.35 39.94 -24.26
C ARG I 65 73.91 40.00 -23.71
N THR I 66 73.77 40.32 -22.43
CA THR I 66 72.45 40.45 -21.80
C THR I 66 71.68 41.68 -22.35
N PRO I 67 70.36 41.70 -22.20
CA PRO I 67 69.60 42.78 -22.81
C PRO I 67 69.81 44.15 -22.15
N GLU I 68 70.42 44.17 -20.98
CA GLU I 68 70.80 45.44 -20.37
C GLU I 68 72.30 45.76 -20.61
N GLY I 69 72.92 44.99 -21.49
CA GLY I 69 74.25 45.28 -22.08
C GLY I 69 75.46 44.56 -21.51
N ASN I 70 75.23 43.72 -20.50
CA ASN I 70 76.32 43.05 -19.82
C ASN I 70 76.81 41.84 -20.61
N GLU I 71 78.13 41.66 -20.63
CA GLU I 71 78.68 40.45 -21.20
C GLU I 71 78.98 39.38 -20.17
N VAL I 72 78.38 38.20 -20.38
CA VAL I 72 78.45 37.10 -19.43
C VAL I 72 78.46 35.74 -20.12
N TRP I 73 78.54 34.69 -19.29
CA TRP I 73 78.61 33.31 -19.72
C TRP I 73 77.38 32.63 -19.24
N LEU I 74 76.73 31.85 -20.08
CA LEU I 74 75.58 31.05 -19.68
C LEU I 74 75.93 29.59 -19.61
N VAL I 75 75.63 28.97 -18.46
CA VAL I 75 75.73 27.52 -18.32
C VAL I 75 74.38 26.86 -18.55
N VAL I 76 74.31 26.04 -19.57
CA VAL I 76 73.08 25.35 -19.94
C VAL I 76 73.20 23.85 -19.65
N GLY I 77 72.04 23.19 -19.54
CA GLY I 77 71.95 21.74 -19.34
C GLY I 77 71.92 21.39 -17.87
N TYR I 78 71.09 20.41 -17.53
CA TYR I 78 70.87 20.03 -16.14
C TYR I 78 72.15 19.61 -15.36
N ASP I 79 72.79 18.52 -15.76
CA ASP I 79 73.92 17.97 -14.98
C ASP I 79 75.01 18.98 -14.71
N ARG I 80 75.38 19.70 -15.77
CA ARG I 80 76.43 20.70 -15.76
C ARG I 80 75.97 21.90 -14.92
N ALA I 81 74.70 22.28 -15.07
CA ALA I 81 74.19 23.38 -14.31
C ALA I 81 74.26 23.03 -12.86
N ARG I 82 73.93 21.79 -12.50
CA ARG I 82 73.97 21.35 -11.09
C ARG I 82 75.39 21.33 -10.50
N ALA I 83 76.33 20.73 -11.24
CA ALA I 83 77.72 20.65 -10.83
C ALA I 83 78.28 22.05 -10.62
N VAL I 84 77.97 22.96 -11.54
CA VAL I 84 78.47 24.31 -11.40
C VAL I 84 78.02 24.91 -10.06
N LEU I 85 76.73 24.84 -9.75
CA LEU I 85 76.23 25.52 -8.56
C LEU I 85 77.03 25.10 -7.33
N ALA I 86 77.50 23.86 -7.30
CA ALA I 86 78.09 23.36 -6.07
C ALA I 86 79.61 23.30 -6.12
N ASP I 87 80.17 23.51 -7.30
CA ASP I 87 81.60 23.50 -7.54
C ASP I 87 82.24 24.70 -6.87
N PRO I 88 83.10 24.47 -5.86
CA PRO I 88 83.78 25.58 -5.17
C PRO I 88 84.81 26.37 -6.03
N ARG I 89 85.08 25.92 -7.24
CA ARG I 89 85.91 26.70 -8.16
C ARG I 89 85.21 27.93 -8.68
N PHE I 90 83.88 27.98 -8.59
CA PHE I 90 83.12 29.15 -9.01
C PHE I 90 82.77 30.01 -7.79
N SER I 91 83.44 31.13 -7.63
CA SER I 91 83.21 32.00 -6.48
C SER I 91 81.97 32.85 -6.61
N LYS I 92 81.54 33.39 -5.48
CA LYS I 92 80.51 34.39 -5.48
C LYS I 92 80.98 35.73 -4.87
N ASP I 93 82.22 35.72 -4.38
CA ASP I 93 82.91 36.89 -3.82
C ASP I 93 83.48 37.72 -4.97
N TRP I 94 83.12 39.00 -4.99
CA TRP I 94 83.54 39.90 -6.07
C TRP I 94 85.04 40.21 -6.11
N ARG I 95 85.76 39.93 -5.03
CA ARG I 95 87.21 40.05 -5.04
C ARG I 95 87.82 39.17 -6.13
N ASN I 96 87.08 38.13 -6.55
CA ASN I 96 87.51 37.25 -7.64
C ASN I 96 86.97 37.62 -8.99
N SER I 97 86.14 38.65 -9.02
CA SER I 97 85.60 39.16 -10.27
C SER I 97 86.58 40.12 -10.96
N THR I 98 86.69 40.03 -12.27
CA THR I 98 87.46 41.02 -13.02
C THR I 98 86.60 42.24 -13.34
N THR I 99 85.29 42.15 -13.08
CA THR I 99 84.44 43.34 -13.12
C THR I 99 84.75 44.20 -11.90
N PRO I 100 84.97 45.50 -12.12
CA PRO I 100 85.08 46.38 -10.97
C PRO I 100 83.68 46.69 -10.40
N LEU I 101 83.50 46.53 -9.08
CA LEU I 101 82.24 46.94 -8.41
C LEU I 101 82.11 48.49 -8.45
N THR I 102 80.88 49.02 -8.40
CA THR I 102 80.69 50.48 -8.24
C THR I 102 80.58 50.84 -6.77
N GLU I 103 80.72 52.14 -6.47
CA GLU I 103 80.69 52.65 -5.09
C GLU I 103 79.40 52.23 -4.37
N ALA I 104 78.30 52.30 -5.12
CA ALA I 104 76.98 52.03 -4.59
C ALA I 104 76.74 50.56 -4.37
N GLU I 105 77.29 49.72 -5.26
CA GLU I 105 77.16 48.25 -5.19
C GLU I 105 78.09 47.64 -4.16
N ALA I 106 79.20 48.33 -3.91
CA ALA I 106 80.14 47.86 -2.91
C ALA I 106 79.51 47.96 -1.51
N ALA I 107 78.73 49.01 -1.27
CA ALA I 107 78.05 49.17 0.01
C ALA I 107 77.12 47.99 0.32
N LEU I 108 76.72 47.24 -0.70
CA LEU I 108 75.74 46.18 -0.50
C LEU I 108 76.25 44.77 -0.75
N ASN I 109 77.50 44.64 -1.17
CA ASN I 109 77.99 43.31 -1.55
C ASN I 109 78.43 42.46 -0.36
N HIS I 110 78.40 43.05 0.83
CA HIS I 110 78.78 42.37 2.07
C HIS I 110 77.68 41.47 2.69
N ASN I 111 77.07 40.60 1.89
CA ASN I 111 76.02 39.66 2.34
C ASN I 111 76.37 38.21 2.02
N MET I 112 75.66 37.27 2.61
CA MET I 112 76.00 35.89 2.42
C MET I 112 76.03 35.45 0.94
N LEU I 113 75.05 35.88 0.15
CA LEU I 113 74.92 35.43 -1.23
C LEU I 113 76.15 35.75 -2.08
N GLU I 114 76.84 36.84 -1.75
CA GLU I 114 78.04 37.22 -2.49
C GLU I 114 79.29 37.00 -1.64
N SER I 115 79.33 35.82 -1.01
CA SER I 115 80.38 35.41 -0.07
C SER I 115 80.72 33.95 -0.29
N ASP I 116 82.00 33.63 -0.12
CA ASP I 116 82.44 32.27 -0.02
C ASP I 116 82.61 32.03 1.48
N PRO I 117 82.82 30.77 1.88
CA PRO I 117 83.25 30.51 3.27
C PRO I 117 84.64 31.12 3.50
N PRO I 118 85.00 31.49 4.75
CA PRO I 118 84.35 31.35 6.07
C PRO I 118 83.29 32.40 6.35
N ARG I 119 83.29 33.44 5.52
CA ARG I 119 82.37 34.56 5.62
C ARG I 119 80.92 34.11 5.46
N HIS I 120 80.64 33.31 4.44
CA HIS I 120 79.27 32.92 4.19
C HIS I 120 78.80 32.00 5.30
N THR I 121 79.74 31.27 5.90
CA THR I 121 79.43 30.38 7.02
C THR I 121 79.06 31.20 8.26
N ARG I 122 79.88 32.20 8.56
CA ARG I 122 79.58 33.14 9.62
C ARG I 122 78.23 33.83 9.37
N LEU I 123 78.05 34.40 8.19
CA LEU I 123 76.86 35.18 7.90
C LEU I 123 75.52 34.38 7.99
N ARG I 124 75.48 33.16 7.45
CA ARG I 124 74.23 32.39 7.39
C ARG I 124 73.79 31.83 8.77
N LYS I 125 74.77 31.58 9.65
CA LYS I 125 74.50 31.02 10.98
C LYS I 125 73.68 31.93 11.89
N LEU I 126 73.90 33.23 11.73
CA LEU I 126 73.19 34.22 12.51
C LEU I 126 71.71 34.21 12.24
N VAL I 127 71.29 33.64 11.11
CA VAL I 127 69.87 33.71 10.71
C VAL I 127 69.24 32.41 10.20
N ALA I 128 70.02 31.33 10.11
CA ALA I 128 69.49 30.01 9.78
C ALA I 128 68.28 29.70 10.66
N ARG I 129 68.41 30.04 11.96
CA ARG I 129 67.42 29.74 12.99
C ARG I 129 66.04 30.26 12.63
N GLU I 130 65.98 31.52 12.18
CA GLU I 130 64.72 32.19 11.84
C GLU I 130 63.90 31.57 10.69
N PHE I 131 64.56 30.87 9.77
CA PHE I 131 63.84 30.43 8.57
C PHE I 131 63.59 28.95 8.47
N THR I 132 63.65 28.24 9.60
CA THR I 132 63.41 26.81 9.58
C THR I 132 61.98 26.55 9.20
N MET I 133 61.66 25.30 8.92
CA MET I 133 60.29 24.91 8.64
C MET I 133 59.45 25.17 9.90
N ARG I 134 59.85 24.61 11.04
CA ARG I 134 59.05 24.76 12.25
C ARG I 134 58.76 26.24 12.62
N ARG I 135 59.80 27.06 12.60
CA ARG I 135 59.67 28.46 12.94
C ARG I 135 58.81 29.17 11.91
N VAL I 136 58.95 28.76 10.65
CA VAL I 136 58.13 29.35 9.60
C VAL I 136 56.67 28.97 9.80
N GLU I 137 56.41 27.84 10.44
CA GLU I 137 55.03 27.44 10.66
C GLU I 137 54.29 28.32 11.66
N LEU I 138 55.05 29.07 12.47
CA LEU I 138 54.45 29.96 13.47
C LEU I 138 53.95 31.26 12.85
N LEU I 139 54.26 31.44 11.56
CA LEU I 139 53.79 32.59 10.79
C LEU I 139 52.51 32.32 10.02
N ARG I 140 52.19 31.04 9.85
CA ARG I 140 51.01 30.66 9.11
C ARG I 140 49.79 31.49 9.53
N PRO I 141 49.59 31.71 10.85
CA PRO I 141 48.38 32.50 11.20
C PRO I 141 48.44 33.93 10.62
N ARG I 142 49.57 34.61 10.83
CA ARG I 142 49.71 35.99 10.33
C ARG I 142 49.64 36.11 8.80
N VAL I 143 50.24 35.14 8.11
CA VAL I 143 50.25 35.05 6.66
C VAL I 143 48.85 34.81 6.11
N GLN I 144 48.16 33.80 6.66
CA GLN I 144 46.79 33.53 6.30
C GLN I 144 45.93 34.78 6.40
N GLU I 145 46.25 35.62 7.39
CA GLU I 145 45.48 36.84 7.68
C GLU I 145 45.72 37.90 6.60
N ILE I 146 47.00 38.08 6.25
CA ILE I 146 47.41 38.90 5.11
C ILE I 146 46.74 38.40 3.80
N VAL I 147 46.88 37.12 3.45
CA VAL I 147 46.32 36.62 2.18
C VAL I 147 44.80 36.80 2.05
N ASP I 148 44.08 36.49 3.12
CA ASP I 148 42.66 36.68 3.16
C ASP I 148 42.35 38.14 2.92
N GLY I 149 43.18 39.02 3.50
CA GLY I 149 43.04 40.48 3.36
C GLY I 149 43.14 41.03 1.94
N LEU I 150 44.18 40.62 1.22
CA LEU I 150 44.36 41.02 -0.18
C LEU I 150 43.27 40.44 -1.06
N VAL I 151 42.95 39.17 -0.84
CA VAL I 151 41.92 38.55 -1.62
C VAL I 151 40.57 39.13 -1.23
N ASP I 152 40.40 39.50 0.04
CA ASP I 152 39.19 40.21 0.47
C ASP I 152 39.06 41.54 -0.26
N ALA I 153 40.17 42.28 -0.34
CA ALA I 153 40.15 43.61 -0.94
C ALA I 153 40.07 43.53 -2.45
N MET I 154 40.70 42.51 -3.01
CA MET I 154 40.71 42.31 -4.45
C MET I 154 39.33 41.97 -4.99
N LEU I 155 38.54 41.23 -4.21
CA LEU I 155 37.22 40.80 -4.67
C LEU I 155 36.20 41.94 -4.70
N ALA I 156 36.60 43.10 -4.17
CA ALA I 156 35.75 44.29 -4.15
C ALA I 156 35.41 44.75 -5.57
N ALA I 157 36.42 45.13 -6.35
CA ALA I 157 36.28 45.46 -7.77
C ALA I 157 34.90 45.17 -8.38
N PRO I 158 34.14 46.23 -8.73
CA PRO I 158 32.77 45.99 -9.24
C PRO I 158 32.79 45.28 -10.60
N ASP I 159 33.92 45.37 -11.28
CA ASP I 159 34.13 44.78 -12.59
C ASP I 159 34.51 43.29 -12.53
N GLY I 160 34.98 42.84 -11.37
CA GLY I 160 35.42 41.46 -11.23
C GLY I 160 36.72 41.21 -11.97
N ARG I 161 37.46 42.29 -12.21
CA ARG I 161 38.78 42.20 -12.80
C ARG I 161 39.79 42.91 -11.92
N ALA I 162 40.99 42.36 -11.89
CA ALA I 162 42.10 43.03 -11.26
C ALA I 162 43.36 42.61 -11.99
N ASP I 163 44.48 43.18 -11.56
CA ASP I 163 45.80 42.69 -11.94
C ASP I 163 46.27 41.94 -10.74
N LEU I 164 46.47 40.64 -10.93
CA LEU I 164 46.90 39.78 -9.86
C LEU I 164 48.24 40.19 -9.27
N MET I 165 49.08 40.86 -10.03
CA MET I 165 50.38 41.28 -9.50
C MET I 165 50.21 42.32 -8.40
N GLU I 166 49.42 43.34 -8.76
CA GLU I 166 49.11 44.47 -7.89
C GLU I 166 48.22 44.09 -6.69
N SER I 167 47.24 43.22 -6.93
CA SER I 167 46.29 42.80 -5.91
C SER I 167 46.88 41.92 -4.81
N LEU I 168 47.86 41.08 -5.16
CA LEU I 168 48.33 40.06 -4.23
C LEU I 168 49.79 39.70 -4.38
N ALA I 169 50.26 39.56 -5.61
CA ALA I 169 51.61 39.01 -5.84
C ALA I 169 52.72 39.90 -5.30
N TRP I 170 52.59 41.21 -5.51
CA TRP I 170 53.54 42.17 -4.94
C TRP I 170 53.33 42.43 -3.44
N PRO I 171 52.11 42.81 -3.01
CA PRO I 171 51.95 43.19 -1.60
C PRO I 171 52.16 42.08 -0.57
N LEU I 172 51.78 40.84 -0.89
CA LEU I 172 51.83 39.75 0.10
C LEU I 172 53.24 39.52 0.62
N PRO I 173 54.20 39.31 -0.28
CA PRO I 173 55.51 38.94 0.22
C PRO I 173 56.28 40.11 0.84
N ILE I 174 55.90 41.34 0.50
CA ILE I 174 56.54 42.53 1.06
C ILE I 174 55.96 42.87 2.44
N THR I 175 54.74 42.42 2.68
CA THR I 175 54.15 42.58 4.01
C THR I 175 54.84 41.60 4.94
N VAL I 176 54.83 40.32 4.59
CA VAL I 176 55.48 39.30 5.40
C VAL I 176 56.90 39.70 5.79
N ILE I 177 57.78 39.82 4.80
CA ILE I 177 59.18 40.06 5.10
C ILE I 177 59.42 41.34 5.95
N SER I 178 58.68 42.41 5.63
CA SER I 178 58.74 43.70 6.34
C SER I 178 58.35 43.54 7.79
N GLU I 179 57.19 42.91 8.02
CA GLU I 179 56.75 42.58 9.37
C GLU I 179 57.85 41.84 10.08
N LEU I 180 58.46 40.89 9.38
CA LEU I 180 59.51 40.06 9.94
C LEU I 180 60.76 40.88 10.26
N LEU I 181 61.10 41.81 9.38
CA LEU I 181 62.33 42.59 9.48
C LEU I 181 62.20 44.01 10.04
N GLY I 182 60.97 44.49 10.23
CA GLY I 182 60.76 45.77 10.93
C GLY I 182 60.65 47.01 10.07
N VAL I 183 60.51 46.85 8.76
CA VAL I 183 60.30 47.98 7.85
C VAL I 183 58.91 48.56 8.07
N PRO I 184 58.81 49.78 8.64
CA PRO I 184 57.50 50.43 8.87
C PRO I 184 56.62 50.49 7.60
N GLU I 185 55.31 50.35 7.80
CA GLU I 185 54.34 50.29 6.72
C GLU I 185 54.33 51.54 5.83
N PRO I 186 54.41 52.74 6.42
CA PRO I 186 54.56 53.91 5.54
C PRO I 186 55.80 53.87 4.60
N ASP I 187 56.86 53.17 5.00
CA ASP I 187 58.13 53.06 4.26
C ASP I 187 58.13 52.01 3.14
N ARG I 188 57.10 51.16 3.12
CA ARG I 188 57.16 49.97 2.26
C ARG I 188 57.00 50.28 0.77
N ALA I 189 56.12 51.21 0.44
CA ALA I 189 55.87 51.59 -0.95
C ALA I 189 57.15 51.86 -1.75
N ALA I 190 57.99 52.77 -1.24
CA ALA I 190 59.28 53.14 -1.86
C ALA I 190 60.17 51.96 -2.31
N PHE I 191 59.87 50.77 -1.80
CA PHE I 191 60.62 49.56 -2.13
C PHE I 191 60.23 48.90 -3.44
N ARG I 192 58.95 48.97 -3.83
CA ARG I 192 58.58 48.48 -5.16
C ARG I 192 59.43 49.20 -6.19
N VAL I 193 59.43 50.54 -6.10
CA VAL I 193 60.24 51.40 -6.97
C VAL I 193 61.68 50.90 -7.03
N TRP I 194 62.40 50.97 -5.91
CA TRP I 194 63.80 50.51 -5.89
C TRP I 194 63.98 49.11 -6.48
N THR I 195 63.05 48.19 -6.17
CA THR I 195 63.00 46.84 -6.80
C THR I 195 62.71 46.93 -8.31
N ASP I 196 61.60 47.57 -8.68
CA ASP I 196 61.25 47.84 -10.08
C ASP I 196 62.46 48.37 -10.86
N ALA I 197 63.35 49.07 -10.16
CA ALA I 197 64.48 49.76 -10.77
C ALA I 197 65.72 48.88 -10.99
N PHE I 198 65.71 47.64 -10.50
CA PHE I 198 66.75 46.68 -10.93
C PHE I 198 66.26 45.27 -11.28
N VAL I 199 65.15 45.21 -12.01
CA VAL I 199 64.62 43.96 -12.58
C VAL I 199 64.31 44.28 -14.03
N PHE I 200 63.76 45.47 -14.26
CA PHE I 200 64.06 46.19 -15.48
C PHE I 200 64.62 47.54 -15.06
N PRO I 201 65.93 47.77 -15.29
CA PRO I 201 66.46 49.11 -15.27
C PRO I 201 66.57 49.62 -16.69
N ASP I 202 65.65 50.49 -17.09
CA ASP I 202 65.64 51.04 -18.45
C ASP I 202 67.08 51.27 -18.93
N ASP I 203 67.84 52.03 -18.13
CA ASP I 203 69.27 52.21 -18.34
C ASP I 203 70.01 51.97 -17.02
N PRO I 204 71.27 51.49 -17.10
CA PRO I 204 72.07 51.15 -15.92
C PRO I 204 72.31 52.28 -14.90
N ALA I 205 72.10 53.54 -15.28
CA ALA I 205 72.27 54.66 -14.33
C ALA I 205 71.14 54.73 -13.28
N GLN I 206 69.92 54.42 -13.73
CA GLN I 206 68.71 54.38 -12.91
C GLN I 206 68.82 53.33 -11.78
N ALA I 207 69.48 52.22 -12.10
CA ALA I 207 69.79 51.16 -11.14
C ALA I 207 70.82 51.59 -10.10
N GLN I 208 71.83 52.31 -10.56
CA GLN I 208 72.83 52.90 -9.68
C GLN I 208 72.22 53.89 -8.71
N THR I 209 71.29 54.72 -9.19
CA THR I 209 70.57 55.69 -8.35
C THR I 209 69.69 54.98 -7.31
N ALA I 210 69.04 53.89 -7.73
CA ALA I 210 68.25 53.07 -6.82
C ALA I 210 69.08 52.46 -5.68
N MET I 211 70.16 51.75 -6.01
CA MET I 211 71.01 51.12 -5.00
C MET I 211 71.49 52.12 -3.96
N ALA I 212 71.90 53.30 -4.41
CA ALA I 212 72.39 54.35 -3.52
C ALA I 212 71.34 54.86 -2.52
N GLU I 213 70.08 54.87 -2.93
CA GLU I 213 69.00 55.36 -2.05
C GLU I 213 68.59 54.31 -1.01
N MET I 214 68.53 53.07 -1.46
CA MET I 214 68.16 51.92 -0.67
C MET I 214 69.17 51.73 0.43
N SER I 215 70.41 51.58 0.03
CA SER I 215 71.53 51.51 0.93
C SER I 215 71.46 52.67 1.94
N GLY I 216 71.10 53.87 1.47
CA GLY I 216 70.91 55.03 2.34
C GLY I 216 69.70 54.98 3.26
N TYR I 217 68.67 54.23 2.87
CA TYR I 217 67.50 54.08 3.72
C TYR I 217 67.76 53.05 4.82
N LEU I 218 68.22 51.88 4.38
CA LEU I 218 68.59 50.79 5.28
C LEU I 218 69.54 51.29 6.37
N SER I 219 70.46 52.17 6.01
CA SER I 219 71.40 52.75 6.96
C SER I 219 70.67 53.57 8.02
N ARG I 220 69.79 54.45 7.58
CA ARG I 220 68.96 55.21 8.52
C ARG I 220 68.00 54.33 9.30
N LEU I 221 67.42 53.33 8.63
CA LEU I 221 66.54 52.40 9.31
C LEU I 221 67.31 51.66 10.38
N ILE I 222 68.51 51.23 10.03
CA ILE I 222 69.36 50.54 10.97
C ILE I 222 69.62 51.41 12.22
N ASP I 223 70.05 52.65 11.99
N ASP I 223 70.00 52.66 12.00
CA ASP I 223 70.27 53.59 13.07
CA ASP I 223 70.31 53.58 13.11
C ASP I 223 69.03 53.75 13.92
C ASP I 223 69.06 54.07 13.87
N SER I 224 67.88 53.93 13.27
CA SER I 224 66.59 54.23 13.93
C SER I 224 66.21 53.19 14.98
N LYS I 225 66.70 51.97 14.80
CA LYS I 225 66.44 50.83 15.67
C LYS I 225 67.20 50.89 16.98
N ARG I 226 68.36 51.57 16.99
CA ARG I 226 69.20 51.58 18.17
C ARG I 226 68.44 52.14 19.35
N GLY I 227 68.49 51.41 20.46
CA GLY I 227 67.95 51.88 21.73
C GLY I 227 66.45 51.74 21.87
N GLN I 228 65.80 51.09 20.92
CA GLN I 228 64.35 51.02 20.92
C GLN I 228 63.82 49.72 21.52
N ASP I 229 64.73 48.78 21.78
CA ASP I 229 64.41 47.50 22.37
C ASP I 229 63.41 46.77 21.49
N GLY I 230 63.46 47.00 20.18
CA GLY I 230 62.63 46.24 19.25
C GLY I 230 62.92 44.74 19.22
N GLU I 231 61.95 43.97 18.72
CA GLU I 231 61.99 42.50 18.84
C GLU I 231 62.13 41.84 17.50
N ASP I 232 61.68 42.54 16.46
CA ASP I 232 61.87 42.17 15.04
C ASP I 232 63.31 41.78 14.67
N LEU I 233 63.47 41.07 13.56
CA LEU I 233 64.79 40.54 13.18
C LEU I 233 65.86 41.62 13.05
N LEU I 234 65.51 42.78 12.52
CA LEU I 234 66.55 43.79 12.37
C LEU I 234 67.09 44.36 13.71
N SER I 235 66.21 44.64 14.66
CA SER I 235 66.65 45.14 15.96
C SER I 235 67.57 44.13 16.62
N ALA I 236 67.23 42.86 16.52
CA ALA I 236 68.02 41.78 17.08
C ALA I 236 69.40 41.87 16.48
N LEU I 237 69.45 41.97 15.15
CA LEU I 237 70.74 42.05 14.45
C LEU I 237 71.56 43.28 14.85
N VAL I 238 70.91 44.40 15.14
CA VAL I 238 71.64 45.61 15.42
C VAL I 238 72.22 45.55 16.83
N ARG I 239 71.52 44.86 17.71
CA ARG I 239 72.06 44.56 19.02
C ARG I 239 73.22 43.55 18.91
N THR I 240 73.04 42.49 18.12
CA THR I 240 74.15 41.53 17.90
C THR I 240 75.40 42.27 17.46
N SER I 241 75.25 43.13 16.46
CA SER I 241 76.36 43.81 15.87
C SER I 241 76.99 44.73 16.89
N ASP I 242 76.15 45.53 17.56
CA ASP I 242 76.62 46.55 18.52
C ASP I 242 77.46 46.00 19.69
N GLU I 243 77.09 44.82 20.17
CA GLU I 243 77.82 44.16 21.26
C GLU I 243 79.20 43.64 20.83
N ASP I 244 79.35 43.34 19.55
CA ASP I 244 80.56 42.72 19.03
C ASP I 244 80.69 42.91 17.51
N GLY I 245 81.51 43.88 17.13
CA GLY I 245 81.70 44.23 15.73
C GLY I 245 82.27 43.10 14.91
N SER I 246 82.88 42.12 15.57
CA SER I 246 83.55 41.06 14.83
C SER I 246 82.59 39.96 14.41
N ARG I 247 81.47 39.80 15.13
CA ARG I 247 80.47 38.76 14.79
C ARG I 247 79.66 39.18 13.56
N LEU I 248 79.31 40.46 13.52
CA LEU I 248 78.63 41.12 12.42
C LEU I 248 79.17 42.54 12.41
N THR I 249 79.85 42.92 11.33
CA THR I 249 80.29 44.30 11.12
C THR I 249 79.08 45.13 10.75
N SER I 250 79.20 46.45 10.80
CA SER I 250 78.07 47.28 10.41
C SER I 250 77.89 47.30 8.87
N GLU I 251 78.96 47.02 8.14
CA GLU I 251 78.87 46.75 6.71
C GLU I 251 78.01 45.50 6.43
N GLU I 252 78.19 44.45 7.24
CA GLU I 252 77.52 43.19 6.99
C GLU I 252 76.07 43.26 7.37
N LEU I 253 75.81 44.10 8.37
CA LEU I 253 74.49 44.33 8.88
C LEU I 253 73.58 44.88 7.79
N LEU I 254 74.08 45.89 7.10
CA LEU I 254 73.40 46.49 5.97
C LEU I 254 73.17 45.43 4.91
N GLY I 255 74.24 44.69 4.62
CA GLY I 255 74.21 43.69 3.57
C GLY I 255 73.21 42.64 3.93
N MET I 256 73.17 42.27 5.19
CA MET I 256 72.23 41.28 5.66
C MET I 256 70.79 41.80 5.47
N ALA I 257 70.57 43.01 5.94
CA ALA I 257 69.25 43.59 5.91
C ALA I 257 68.84 43.80 4.44
N HIS I 258 69.79 44.23 3.61
CA HIS I 258 69.54 44.34 2.19
C HIS I 258 69.15 42.98 1.56
N ILE I 259 70.01 41.97 1.69
CA ILE I 259 69.75 40.70 1.02
C ILE I 259 68.39 40.08 1.38
N LEU I 260 68.06 40.12 2.67
CA LEU I 260 66.85 39.50 3.19
C LEU I 260 65.56 40.23 2.77
N LEU I 261 65.67 41.52 2.49
CA LEU I 261 64.52 42.28 2.04
C LEU I 261 64.24 42.12 0.54
N VAL I 262 65.30 42.23 -0.24
CA VAL I 262 65.21 42.07 -1.69
C VAL I 262 64.94 40.59 -1.99
N ALA I 263 65.83 39.73 -1.52
CA ALA I 263 65.73 38.32 -1.84
C ALA I 263 64.36 37.82 -1.40
N GLY I 264 64.12 37.93 -0.09
CA GLY I 264 62.84 37.56 0.55
C GLY I 264 61.61 38.26 0.03
N HIS I 265 61.67 38.71 -1.22
CA HIS I 265 60.60 39.52 -1.76
C HIS I 265 60.38 39.37 -3.27
N GLU I 266 61.29 39.88 -4.11
CA GLU I 266 61.11 39.85 -5.58
C GLU I 266 61.10 38.44 -6.25
N THR I 267 61.29 37.39 -5.48
CA THR I 267 61.23 36.04 -6.03
C THR I 267 59.86 35.41 -5.82
N THR I 268 59.26 35.65 -4.66
CA THR I 268 57.93 35.11 -4.38
C THR I 268 56.87 35.82 -5.25
N VAL I 269 56.93 37.14 -5.31
CA VAL I 269 56.02 37.88 -6.14
C VAL I 269 55.94 37.13 -7.47
N ASN I 270 57.08 36.89 -8.09
CA ASN I 270 57.10 36.17 -9.36
C ASN I 270 56.65 34.71 -9.28
N LEU I 271 57.13 33.98 -8.28
CA LEU I 271 56.72 32.59 -8.18
C LEU I 271 55.19 32.47 -8.22
N ILE I 272 54.53 33.22 -7.34
CA ILE I 272 53.06 33.28 -7.26
C ILE I 272 52.46 33.67 -8.61
N ALA I 273 53.02 34.70 -9.25
CA ALA I 273 52.47 35.18 -10.54
C ALA I 273 52.71 34.16 -11.66
N ASN I 274 53.94 33.64 -11.72
CA ASN I 274 54.31 32.62 -12.67
C ASN I 274 53.50 31.35 -12.52
N GLY I 275 53.41 30.89 -11.27
CA GLY I 275 52.66 29.70 -10.91
C GLY I 275 51.18 29.81 -11.16
N MET I 276 50.57 30.88 -10.69
CA MET I 276 49.18 31.10 -11.00
C MET I 276 48.98 31.21 -12.50
N TYR I 277 49.90 31.85 -13.19
CA TYR I 277 49.82 31.95 -14.65
C TYR I 277 49.78 30.55 -15.26
N ALA I 278 50.89 29.83 -15.08
CA ALA I 278 51.05 28.49 -15.61
C ALA I 278 49.77 27.69 -15.44
N LEU I 279 49.14 27.88 -14.28
CA LEU I 279 48.01 27.07 -13.86
C LEU I 279 46.74 27.46 -14.56
N LEU I 280 46.54 28.76 -14.77
CA LEU I 280 45.35 29.25 -15.46
C LEU I 280 45.42 28.92 -16.94
N SER I 281 46.61 28.81 -17.48
CA SER I 281 46.75 28.46 -18.89
C SER I 281 46.62 26.96 -19.17
N HIS I 282 46.75 26.11 -18.16
CA HIS I 282 46.52 24.69 -18.36
C HIS I 282 45.28 24.36 -17.56
N PRO I 283 44.13 24.29 -18.23
CA PRO I 283 42.87 24.11 -17.52
C PRO I 283 42.65 22.69 -17.02
N ASP I 284 43.37 21.71 -17.59
CA ASP I 284 43.39 20.33 -17.07
C ASP I 284 43.98 20.26 -15.63
N GLN I 285 45.12 20.93 -15.45
CA GLN I 285 45.82 20.96 -14.16
C GLN I 285 45.06 21.77 -13.12
N LEU I 286 44.55 22.94 -13.52
CA LEU I 286 43.68 23.72 -12.64
C LEU I 286 42.45 22.91 -12.15
N ALA I 287 41.87 22.09 -13.00
CA ALA I 287 40.70 21.32 -12.58
C ALA I 287 41.05 20.32 -11.49
N ALA I 288 42.12 19.53 -11.71
CA ALA I 288 42.55 18.53 -10.75
C ALA I 288 42.61 19.13 -9.38
N LEU I 289 43.34 20.22 -9.30
CA LEU I 289 43.69 20.88 -8.05
C LEU I 289 42.49 21.46 -7.37
N ARG I 290 41.55 22.00 -8.15
CA ARG I 290 40.30 22.44 -7.56
C ARG I 290 39.55 21.27 -6.88
N ALA I 291 39.57 20.09 -7.51
CA ALA I 291 38.93 18.90 -6.94
C ALA I 291 39.70 18.23 -5.78
N ASP I 292 41.02 18.41 -5.73
CA ASP I 292 41.87 17.66 -4.82
C ASP I 292 42.99 18.55 -4.27
N MET I 293 42.63 19.42 -3.33
CA MET I 293 43.56 20.38 -2.71
C MET I 293 44.82 19.79 -2.05
N THR I 294 44.96 18.47 -2.00
CA THR I 294 46.18 17.89 -1.45
C THR I 294 47.26 17.85 -2.52
N LEU I 295 46.94 18.23 -3.75
CA LEU I 295 47.95 18.32 -4.80
C LEU I 295 48.64 19.66 -4.80
N LEU I 296 48.25 20.53 -3.88
CA LEU I 296 48.77 21.89 -3.80
C LEU I 296 50.31 21.88 -3.68
N ASP I 297 50.81 21.12 -2.71
CA ASP I 297 52.24 20.92 -2.52
C ASP I 297 52.98 20.67 -3.83
N GLY I 298 52.53 19.65 -4.56
CA GLY I 298 53.13 19.27 -5.85
C GLY I 298 52.96 20.37 -6.88
N ALA I 299 51.74 20.92 -6.94
CA ALA I 299 51.43 22.00 -7.88
C ALA I 299 52.43 23.15 -7.71
N VAL I 300 52.73 23.51 -6.46
CA VAL I 300 53.71 24.58 -6.19
C VAL I 300 55.15 24.17 -6.54
N GLU I 301 55.47 22.89 -6.34
CA GLU I 301 56.78 22.42 -6.79
C GLU I 301 56.83 22.39 -8.31
N GLU I 302 55.74 22.01 -8.97
CA GLU I 302 55.77 22.00 -10.44
C GLU I 302 55.80 23.39 -11.04
N MET I 303 55.15 24.35 -10.37
CA MET I 303 55.26 25.79 -10.71
C MET I 303 56.69 26.34 -10.64
N LEU I 304 57.40 25.96 -9.57
CA LEU I 304 58.82 26.21 -9.49
C LEU I 304 59.59 25.47 -10.58
N ARG I 305 59.19 24.24 -10.89
CA ARG I 305 59.98 23.45 -11.84
C ARG I 305 59.92 24.03 -13.25
N TYR I 306 58.78 24.63 -13.57
CA TYR I 306 58.30 24.90 -14.93
C TYR I 306 58.42 26.38 -15.38
N GLU I 307 57.93 27.28 -14.56
CA GLU I 307 58.07 28.70 -14.82
C GLU I 307 58.54 29.29 -13.50
N GLY I 308 59.64 28.74 -12.99
CA GLY I 308 60.25 29.22 -11.75
C GLY I 308 60.72 30.65 -11.85
N PRO I 309 60.73 31.35 -10.73
CA PRO I 309 61.03 32.74 -10.92
C PRO I 309 62.50 33.07 -11.16
N VAL I 310 63.42 32.15 -10.87
CA VAL I 310 64.85 32.45 -11.17
C VAL I 310 65.33 31.84 -12.50
N GLU I 311 65.40 32.68 -13.56
CA GLU I 311 65.79 32.23 -14.92
C GLU I 311 67.24 31.77 -14.89
N SER I 312 68.09 32.55 -14.23
CA SER I 312 69.50 32.20 -14.08
C SER I 312 70.01 32.58 -12.69
N ALA I 313 70.95 31.80 -12.19
CA ALA I 313 71.42 31.99 -10.81
C ALA I 313 72.28 33.24 -10.72
N THR I 314 72.52 33.71 -9.49
CA THR I 314 73.30 34.92 -9.30
C THR I 314 74.75 34.72 -9.71
N TYR I 315 75.47 35.84 -9.84
CA TYR I 315 76.77 35.89 -10.50
C TYR I 315 77.76 34.94 -9.87
N ARG I 316 78.56 34.33 -10.75
CA ARG I 316 79.56 33.35 -10.36
C ARG I 316 80.87 33.64 -11.11
N PHE I 317 81.98 33.63 -10.38
CA PHE I 317 83.26 33.98 -10.95
C PHE I 317 84.19 32.84 -10.71
N PRO I 318 84.78 32.30 -11.78
CA PRO I 318 85.75 31.22 -11.57
C PRO I 318 87.07 31.75 -10.96
N VAL I 319 87.56 31.08 -9.93
CA VAL I 319 88.76 31.57 -9.22
C VAL I 319 90.03 31.28 -9.98
N GLU I 320 89.94 30.39 -10.97
CA GLU I 320 91.02 30.10 -11.89
C GLU I 320 90.32 29.54 -13.11
N PRO I 321 90.91 29.70 -14.31
CA PRO I 321 90.29 29.20 -15.56
C PRO I 321 89.71 27.79 -15.47
N VAL I 322 88.50 27.58 -15.99
CA VAL I 322 87.81 26.29 -15.87
C VAL I 322 87.40 25.68 -17.21
N ASP I 323 87.88 24.45 -17.43
CA ASP I 323 87.48 23.63 -18.55
C ASP I 323 86.03 23.06 -18.40
N LEU I 324 85.08 23.55 -19.19
CA LEU I 324 83.79 22.87 -19.34
C LEU I 324 83.67 22.24 -20.73
N ASP I 325 83.78 20.91 -20.79
CA ASP I 325 83.52 20.17 -22.03
C ASP I 325 84.46 20.59 -23.19
N GLY I 326 85.61 21.15 -22.86
CA GLY I 326 86.48 21.76 -23.87
C GLY I 326 86.26 23.25 -24.12
N THR I 327 85.36 23.87 -23.34
CA THR I 327 85.16 25.31 -23.37
C THR I 327 85.72 25.92 -22.09
N VAL I 328 86.60 26.88 -22.23
CA VAL I 328 87.37 27.34 -21.10
C VAL I 328 86.88 28.72 -20.65
N ILE I 329 86.36 28.81 -19.44
CA ILE I 329 85.96 30.11 -18.94
C ILE I 329 87.11 30.74 -18.14
N PRO I 330 87.60 31.91 -18.59
CA PRO I 330 88.69 32.61 -17.91
C PRO I 330 88.38 32.89 -16.45
N ALA I 331 89.45 33.06 -15.66
CA ALA I 331 89.33 33.43 -14.24
C ALA I 331 88.68 34.81 -14.07
N GLY I 332 87.55 34.87 -13.38
CA GLY I 332 86.93 36.16 -13.07
C GLY I 332 85.83 36.64 -14.00
N ASP I 333 85.49 35.85 -15.01
CA ASP I 333 84.38 36.20 -15.87
C ASP I 333 83.09 35.99 -15.07
N THR I 334 81.97 36.51 -15.57
CA THR I 334 80.70 36.41 -14.87
C THR I 334 79.97 35.22 -15.45
N VAL I 335 79.57 34.30 -14.57
CA VAL I 335 78.92 33.08 -15.02
C VAL I 335 77.52 32.96 -14.46
N LEU I 336 76.55 32.84 -15.36
N LEU I 336 76.55 32.84 -15.36
CA LEU I 336 75.16 32.66 -15.01
CA LEU I 336 75.16 32.66 -15.01
C LEU I 336 74.72 31.23 -15.29
C LEU I 336 74.73 31.23 -15.30
N VAL I 337 74.33 30.53 -14.24
CA VAL I 337 73.77 29.20 -14.37
C VAL I 337 72.29 29.39 -14.71
N VAL I 338 71.89 28.89 -15.88
CA VAL I 338 70.53 29.05 -16.36
C VAL I 338 69.67 27.91 -15.84
N LEU I 339 69.09 28.11 -14.65
CA LEU I 339 68.26 27.11 -14.01
C LEU I 339 67.05 26.78 -14.86
N ALA I 340 66.58 27.75 -15.64
CA ALA I 340 65.36 27.55 -16.41
C ALA I 340 65.61 26.52 -17.48
N ASP I 341 66.83 26.46 -18.01
CA ASP I 341 67.15 25.44 -19.01
C ASP I 341 67.43 24.07 -18.37
N ALA I 342 68.09 24.09 -17.21
CA ALA I 342 68.20 22.92 -16.38
C ALA I 342 66.80 22.26 -16.27
N HIS I 343 65.78 23.03 -15.94
CA HIS I 343 64.44 22.47 -15.80
C HIS I 343 63.74 21.99 -17.10
N ARG I 344 64.39 22.13 -18.26
CA ARG I 344 63.76 21.68 -19.50
C ARG I 344 64.57 20.61 -20.27
N THR I 345 65.47 19.97 -19.53
CA THR I 345 66.41 18.98 -20.04
C THR I 345 65.69 17.62 -19.99
N PRO I 346 65.27 17.08 -21.15
CA PRO I 346 64.37 15.91 -21.07
C PRO I 346 64.97 14.72 -20.36
N GLU I 347 66.28 14.55 -20.46
CA GLU I 347 67.07 13.54 -19.75
C GLU I 347 66.78 13.49 -18.23
N ARG I 348 66.21 14.57 -17.69
CA ARG I 348 65.99 14.76 -16.24
C ARG I 348 64.53 15.05 -15.89
N PHE I 349 63.80 15.61 -16.83
CA PHE I 349 62.43 15.91 -16.60
C PHE I 349 61.77 15.57 -17.93
N PRO I 350 61.37 14.30 -18.08
CA PRO I 350 60.62 13.78 -19.24
C PRO I 350 59.46 14.69 -19.61
N ASP I 351 59.29 14.92 -20.92
CA ASP I 351 58.26 15.79 -21.43
C ASP I 351 58.34 17.15 -20.73
N PRO I 352 59.52 17.81 -20.81
CA PRO I 352 59.82 18.94 -19.93
C PRO I 352 58.83 20.09 -20.03
N HIS I 353 58.37 20.42 -21.23
CA HIS I 353 57.43 21.52 -21.38
C HIS I 353 56.00 21.23 -20.91
N ARG I 354 55.74 20.03 -20.41
CA ARG I 354 54.41 19.78 -19.84
C ARG I 354 54.37 20.12 -18.36
N PHE I 355 53.33 20.88 -18.02
CA PHE I 355 53.04 21.31 -16.68
C PHE I 355 52.06 20.30 -16.13
N ASP I 356 52.59 19.39 -15.33
CA ASP I 356 51.79 18.33 -14.73
C ASP I 356 52.07 18.46 -13.27
N ILE I 357 51.03 18.83 -12.54
CA ILE I 357 51.16 19.26 -11.17
C ILE I 357 51.45 18.07 -10.30
N ARG I 358 51.40 16.89 -10.90
CA ARG I 358 51.71 15.67 -10.18
C ARG I 358 53.07 15.06 -10.49
N ARG I 359 53.89 15.69 -11.33
CA ARG I 359 55.16 15.05 -11.76
C ARG I 359 56.18 14.96 -10.66
N ASP I 360 57.17 14.09 -10.84
CA ASP I 360 58.25 14.02 -9.86
C ASP I 360 59.17 15.23 -10.04
N THR I 361 59.09 16.19 -9.12
CA THR I 361 59.85 17.45 -9.17
C THR I 361 61.13 17.40 -8.31
N ALA I 362 61.25 16.39 -7.47
CA ALA I 362 62.50 16.18 -6.72
C ALA I 362 63.72 16.28 -7.65
N GLY I 363 64.70 17.10 -7.25
CA GLY I 363 65.91 17.28 -8.05
C GLY I 363 65.96 18.67 -8.68
N HIS I 364 64.82 19.37 -8.68
CA HIS I 364 64.78 20.71 -9.25
C HIS I 364 65.78 21.68 -8.56
N LEU I 365 66.24 22.66 -9.33
CA LEU I 365 67.31 23.57 -8.94
C LEU I 365 66.82 24.98 -8.59
N ALA I 366 65.51 25.14 -8.38
CA ALA I 366 64.89 26.46 -8.32
C ALA I 366 65.28 27.27 -7.07
N PHE I 367 65.78 26.59 -6.06
CA PHE I 367 66.23 27.18 -4.83
C PHE I 367 67.74 27.05 -4.79
N GLY I 368 68.30 26.73 -5.95
CA GLY I 368 69.72 26.50 -6.10
C GLY I 368 70.09 25.10 -5.66
N HIS I 369 71.40 24.93 -5.40
CA HIS I 369 72.01 23.69 -4.93
C HIS I 369 73.38 24.04 -4.36
N GLY I 370 73.82 23.27 -3.36
CA GLY I 370 75.10 23.55 -2.67
C GLY I 370 74.98 24.53 -1.50
N ILE I 371 76.07 25.21 -1.15
CA ILE I 371 76.11 25.92 0.14
C ILE I 371 75.30 27.22 0.16
N HIS I 372 74.68 27.54 -0.96
CA HIS I 372 73.94 28.78 -1.09
C HIS I 372 72.47 28.51 -1.29
N PHE I 373 72.07 27.26 -1.05
CA PHE I 373 70.70 26.84 -1.26
C PHE I 373 69.77 27.80 -0.49
N CYS I 374 68.72 28.29 -1.15
CA CYS I 374 67.86 29.33 -0.58
C CYS I 374 67.40 29.09 0.84
N ILE I 375 67.68 30.05 1.71
CA ILE I 375 67.39 29.93 3.11
C ILE I 375 65.92 30.20 3.32
N GLY I 376 65.29 30.78 2.30
CA GLY I 376 63.91 31.21 2.40
C GLY I 376 62.89 30.16 1.96
N ALA I 377 63.36 29.05 1.37
CA ALA I 377 62.42 28.10 0.79
C ALA I 377 61.20 27.83 1.70
N PRO I 378 61.43 27.51 3.00
CA PRO I 378 60.25 27.18 3.76
C PRO I 378 59.24 28.35 3.81
N LEU I 379 59.75 29.59 3.89
CA LEU I 379 58.89 30.77 3.98
C LEU I 379 58.22 30.98 2.62
N ALA I 380 59.01 30.85 1.57
CA ALA I 380 58.56 31.04 0.20
C ALA I 380 57.45 30.07 -0.15
N ARG I 381 57.59 28.82 0.27
CA ARG I 381 56.55 27.85 0.03
C ARG I 381 55.27 28.08 0.84
N LEU I 382 55.40 28.59 2.05
CA LEU I 382 54.23 28.88 2.87
C LEU I 382 53.44 29.97 2.16
N GLU I 383 54.12 31.07 1.85
CA GLU I 383 53.53 32.15 1.10
C GLU I 383 52.88 31.60 -0.19
N ALA I 384 53.64 30.89 -0.99
CA ALA I 384 53.13 30.34 -2.24
C ALA I 384 51.84 29.52 -2.04
N ARG I 385 51.79 28.71 -1.00
CA ARG I 385 50.69 27.78 -0.82
C ARG I 385 49.45 28.38 -0.23
N ILE I 386 49.59 29.35 0.67
CA ILE I 386 48.41 29.99 1.28
C ILE I 386 47.72 30.86 0.22
N ALA I 387 48.54 31.48 -0.62
CA ALA I 387 48.08 32.33 -1.70
C ALA I 387 47.31 31.57 -2.79
N VAL I 388 47.97 30.62 -3.43
CA VAL I 388 47.38 29.82 -4.49
C VAL I 388 46.09 29.15 -4.04
N ARG I 389 46.10 28.67 -2.81
CA ARG I 389 44.93 28.08 -2.21
C ARG I 389 43.81 29.09 -2.11
N ALA I 390 44.11 30.26 -1.55
CA ALA I 390 43.07 31.26 -1.31
C ALA I 390 42.43 31.69 -2.62
N LEU I 391 43.23 31.99 -3.64
CA LEU I 391 42.66 32.38 -4.93
C LEU I 391 41.70 31.28 -5.39
N LEU I 392 42.16 30.03 -5.46
CA LEU I 392 41.31 28.95 -5.93
C LEU I 392 40.04 28.81 -5.13
N GLU I 393 40.14 28.92 -3.81
CA GLU I 393 39.00 28.68 -2.93
C GLU I 393 37.94 29.78 -2.87
N ARG I 394 38.36 30.99 -3.20
CA ARG I 394 37.49 32.17 -3.10
C ARG I 394 37.09 32.83 -4.41
N CYS I 395 37.70 32.42 -5.51
CA CYS I 395 37.40 33.04 -6.82
C CYS I 395 36.70 32.07 -7.79
N PRO I 396 35.37 32.06 -7.77
CA PRO I 396 34.58 31.17 -8.63
C PRO I 396 34.83 31.41 -10.13
N ASP I 397 35.02 30.32 -10.87
CA ASP I 397 35.24 30.37 -12.33
C ASP I 397 36.55 31.08 -12.72
N LEU I 398 37.31 31.57 -11.73
CA LEU I 398 38.53 32.35 -11.97
C LEU I 398 39.31 31.91 -13.20
N ALA I 399 39.58 32.86 -14.10
CA ALA I 399 40.39 32.59 -15.30
C ALA I 399 41.15 33.82 -15.79
N LEU I 400 41.97 33.57 -16.80
CA LEU I 400 42.89 34.56 -17.32
C LEU I 400 42.13 35.54 -18.20
N ASP I 401 42.16 36.79 -17.77
CA ASP I 401 41.49 37.88 -18.45
C ASP I 401 42.42 38.40 -19.54
N VAL I 402 42.80 37.52 -20.48
CA VAL I 402 43.78 37.86 -21.53
C VAL I 402 44.41 36.67 -22.26
N SER I 403 44.75 36.92 -23.52
CA SER I 403 45.61 36.04 -24.33
C SER I 403 47.08 35.92 -23.80
N PRO I 404 47.57 34.67 -23.55
CA PRO I 404 48.99 34.47 -23.18
C PRO I 404 50.00 35.10 -24.16
N GLY I 405 49.56 35.37 -25.39
CA GLY I 405 50.39 36.08 -26.35
C GLY I 405 50.40 37.59 -26.13
N GLU I 406 49.58 38.07 -25.20
CA GLU I 406 49.42 39.51 -24.96
C GLU I 406 50.06 39.95 -23.64
N LEU I 407 50.62 38.99 -22.92
CA LEU I 407 51.33 39.21 -21.65
C LEU I 407 52.74 39.75 -21.86
N VAL I 408 53.19 40.59 -20.95
CA VAL I 408 54.45 41.28 -21.14
C VAL I 408 55.44 40.88 -20.05
N TRP I 409 56.52 40.23 -20.49
CA TRP I 409 57.56 39.71 -19.59
C TRP I 409 58.74 40.62 -19.50
N TYR I 410 59.49 40.53 -18.41
CA TYR I 410 60.77 41.21 -18.31
C TYR I 410 61.86 40.47 -19.10
N PRO I 411 62.77 41.22 -19.80
CA PRO I 411 63.78 40.60 -20.66
C PRO I 411 64.99 40.09 -19.89
N ASN I 412 65.22 40.68 -18.72
CA ASN I 412 66.27 40.24 -17.79
C ASN I 412 66.35 38.71 -17.71
N PRO I 413 67.51 38.13 -18.12
CA PRO I 413 67.66 36.67 -18.16
C PRO I 413 67.95 36.02 -16.80
N MET I 414 68.06 36.83 -15.75
CA MET I 414 68.21 36.30 -14.42
C MET I 414 66.87 36.00 -13.75
N ILE I 415 65.86 36.82 -14.06
CA ILE I 415 64.57 36.68 -13.38
C ILE I 415 63.41 36.53 -14.35
N ARG I 416 62.54 35.59 -14.04
CA ARG I 416 61.39 35.38 -14.86
C ARG I 416 60.12 35.95 -14.19
N GLY I 417 59.56 36.96 -14.83
CA GLY I 417 58.41 37.69 -14.28
C GLY I 417 57.66 38.54 -15.26
N LEU I 418 56.34 38.63 -15.05
CA LEU I 418 55.44 39.39 -15.89
C LEU I 418 55.35 40.82 -15.38
N LYS I 419 54.87 41.73 -16.22
CA LYS I 419 54.58 43.07 -15.72
C LYS I 419 53.29 43.06 -14.89
N ALA I 420 52.21 42.54 -15.48
CA ALA I 420 50.95 42.41 -14.79
C ALA I 420 50.33 41.08 -15.17
N LEU I 421 49.39 40.60 -14.35
CA LEU I 421 48.67 39.36 -14.62
C LEU I 421 47.17 39.61 -14.59
N PRO I 422 46.62 39.98 -15.76
CA PRO I 422 45.20 40.33 -15.85
C PRO I 422 44.34 39.11 -15.64
N ILE I 423 43.51 39.19 -14.61
CA ILE I 423 42.59 38.11 -14.22
C ILE I 423 41.14 38.61 -14.10
N ARG I 424 40.22 37.65 -14.03
CA ARG I 424 38.81 37.93 -13.77
C ARG I 424 38.15 36.80 -12.94
N TRP I 425 37.05 37.12 -12.27
CA TRP I 425 36.22 36.11 -11.59
C TRP I 425 34.73 36.32 -11.87
N ARG I 426 33.95 35.23 -11.91
CA ARG I 426 32.51 35.29 -12.28
C ARG I 426 31.63 36.12 -11.31
N ALA J 30 -45.11 -37.80 14.31
CA ALA J 30 -45.09 -37.29 12.91
C ALA J 30 -45.37 -38.39 11.87
N SER J 31 -45.16 -39.65 12.25
CA SER J 31 -45.40 -40.78 11.33
C SER J 31 -46.87 -40.81 10.89
N PRO J 32 -47.86 -40.84 11.84
CA PRO J 32 -49.27 -40.93 11.46
C PRO J 32 -49.85 -39.64 10.84
N PRO J 33 -50.49 -39.76 9.65
CA PRO J 33 -51.09 -38.65 8.91
C PRO J 33 -52.12 -37.90 9.73
N VAL J 34 -52.40 -36.64 9.39
CA VAL J 34 -53.43 -35.90 10.11
C VAL J 34 -54.78 -35.90 9.38
N LEU J 35 -54.77 -36.28 8.11
CA LEU J 35 -55.96 -36.32 7.29
C LEU J 35 -55.89 -37.36 6.20
N ASP J 36 -56.99 -38.09 5.99
CA ASP J 36 -57.02 -39.12 4.96
C ASP J 36 -57.82 -38.67 3.75
N LEU J 37 -57.11 -38.24 2.72
CA LEU J 37 -57.73 -37.65 1.54
C LEU J 37 -58.88 -38.53 0.95
N GLY J 38 -58.64 -39.83 0.87
CA GLY J 38 -59.58 -40.77 0.28
C GLY J 38 -60.87 -40.93 1.06
N ALA J 39 -60.83 -40.62 2.35
CA ALA J 39 -62.04 -40.58 3.18
C ALA J 39 -62.95 -39.41 2.79
N LEU J 40 -62.35 -38.30 2.36
CA LEU J 40 -63.12 -37.13 1.98
C LEU J 40 -63.95 -37.31 0.70
N GLY J 41 -63.80 -38.47 0.04
CA GLY J 41 -64.61 -38.87 -1.10
C GLY J 41 -64.50 -37.99 -2.33
N GLN J 42 -65.56 -38.01 -3.16
CA GLN J 42 -65.58 -37.22 -4.41
C GLN J 42 -65.55 -35.69 -4.19
N ASP J 43 -66.15 -35.21 -3.09
CA ASP J 43 -66.03 -33.80 -2.72
C ASP J 43 -64.58 -33.31 -2.84
N PHE J 44 -63.62 -34.07 -2.29
CA PHE J 44 -62.23 -33.60 -2.32
C PHE J 44 -61.72 -33.56 -3.74
N ALA J 45 -62.06 -34.58 -4.51
CA ALA J 45 -61.64 -34.67 -5.89
C ALA J 45 -62.19 -33.46 -6.64
N ALA J 46 -63.50 -33.27 -6.56
CA ALA J 46 -64.13 -32.13 -7.24
C ALA J 46 -63.45 -30.79 -6.91
N ASP J 47 -63.30 -30.47 -5.63
CA ASP J 47 -62.89 -29.14 -5.18
C ASP J 47 -61.97 -29.28 -3.96
N PRO J 48 -60.66 -29.37 -4.20
CA PRO J 48 -59.71 -29.68 -3.14
C PRO J 48 -59.10 -28.44 -2.45
N TYR J 49 -59.33 -27.25 -3.00
CA TYR J 49 -58.65 -26.06 -2.50
C TYR J 49 -58.92 -25.76 -1.00
N PRO J 50 -60.19 -25.81 -0.54
CA PRO J 50 -60.56 -25.61 0.89
C PRO J 50 -59.72 -26.38 1.89
N THR J 51 -59.56 -27.67 1.64
CA THR J 51 -58.69 -28.54 2.43
C THR J 51 -57.26 -28.01 2.51
N TYR J 52 -56.66 -27.71 1.36
CA TYR J 52 -55.31 -27.16 1.30
C TYR J 52 -55.22 -25.84 2.07
N ALA J 53 -56.19 -24.97 1.82
CA ALA J 53 -56.28 -23.67 2.47
C ALA J 53 -56.25 -23.84 3.98
N ARG J 54 -57.01 -24.83 4.46
CA ARG J 54 -57.18 -25.05 5.89
C ARG J 54 -55.90 -25.60 6.49
N LEU J 55 -55.22 -26.45 5.72
CA LEU J 55 -53.91 -26.92 6.13
C LEU J 55 -52.93 -25.76 6.11
N ARG J 56 -53.11 -24.82 5.18
CA ARG J 56 -52.17 -23.71 5.04
C ARG J 56 -52.21 -22.82 6.23
N ALA J 57 -53.42 -22.60 6.76
CA ALA J 57 -53.66 -21.74 7.91
C ALA J 57 -52.91 -22.23 9.16
N GLU J 58 -52.72 -23.55 9.25
CA GLU J 58 -52.11 -24.16 10.41
C GLU J 58 -50.58 -24.36 10.28
N GLY J 59 -50.00 -23.88 9.19
CA GLY J 59 -48.56 -24.13 8.94
C GLY J 59 -48.26 -24.66 7.54
N PRO J 60 -46.96 -24.84 7.24
CA PRO J 60 -46.54 -25.08 5.86
C PRO J 60 -46.31 -26.56 5.42
N ALA J 61 -46.55 -27.54 6.28
CA ALA J 61 -46.27 -28.96 5.95
C ALA J 61 -47.09 -29.94 6.79
N HIS J 62 -47.62 -30.98 6.15
CA HIS J 62 -48.60 -31.86 6.80
C HIS J 62 -48.52 -33.29 6.28
N ARG J 63 -48.47 -34.25 7.22
CA ARG J 63 -48.40 -35.66 6.90
C ARG J 63 -49.81 -36.11 6.56
N VAL J 64 -50.04 -36.58 5.35
CA VAL J 64 -51.38 -37.07 4.96
C VAL J 64 -51.33 -38.40 4.25
N ARG J 65 -52.50 -39.02 4.12
CA ARG J 65 -52.64 -40.16 3.24
C ARG J 65 -53.35 -39.75 1.98
N THR J 66 -52.82 -40.16 0.82
CA THR J 66 -53.54 -39.99 -0.46
C THR J 66 -54.62 -41.08 -0.59
N PRO J 67 -55.56 -40.91 -1.55
CA PRO J 67 -56.57 -41.92 -1.86
C PRO J 67 -56.01 -43.27 -2.31
N GLU J 68 -54.87 -43.25 -3.01
CA GLU J 68 -54.19 -44.50 -3.39
C GLU J 68 -53.61 -45.23 -2.19
N GLY J 69 -53.50 -44.52 -1.07
CA GLY J 69 -53.12 -45.14 0.21
C GLY J 69 -51.73 -44.79 0.66
N ASN J 70 -51.03 -43.99 -0.15
N ASN J 70 -51.02 -44.01 -0.15
CA ASN J 70 -49.67 -43.58 0.13
CA ASN J 70 -49.65 -43.59 0.14
C ASN J 70 -49.61 -42.45 1.16
C ASN J 70 -49.61 -42.46 1.16
N GLU J 71 -48.72 -42.58 2.13
CA GLU J 71 -48.59 -41.60 3.18
C GLU J 71 -47.43 -40.70 2.85
N VAL J 72 -47.72 -39.39 2.82
CA VAL J 72 -46.82 -38.39 2.26
C VAL J 72 -46.93 -37.05 2.99
N TRP J 73 -45.99 -36.15 2.70
CA TRP J 73 -45.94 -34.80 3.26
C TRP J 73 -46.32 -33.75 2.21
N LEU J 74 -47.31 -32.91 2.53
CA LEU J 74 -47.70 -31.81 1.64
C LEU J 74 -46.99 -30.51 1.98
N VAL J 75 -46.69 -29.74 0.94
CA VAL J 75 -46.11 -28.40 1.09
C VAL J 75 -47.14 -27.44 0.52
N VAL J 76 -47.70 -26.63 1.40
CA VAL J 76 -48.81 -25.76 1.03
C VAL J 76 -48.37 -24.30 1.13
N GLY J 77 -48.99 -23.41 0.36
CA GLY J 77 -48.64 -21.99 0.36
C GLY J 77 -47.46 -21.61 -0.52
N TYR J 78 -47.53 -20.43 -1.13
CA TYR J 78 -46.73 -20.10 -2.31
C TYR J 78 -45.25 -20.03 -2.08
N ASP J 79 -44.80 -19.11 -1.23
CA ASP J 79 -43.37 -18.83 -1.08
C ASP J 79 -42.58 -20.06 -0.65
N ARG J 80 -43.20 -20.83 0.24
CA ARG J 80 -42.67 -22.06 0.73
C ARG J 80 -42.56 -23.06 -0.40
N ALA J 81 -43.60 -23.13 -1.24
CA ALA J 81 -43.69 -24.10 -2.32
C ALA J 81 -42.71 -23.74 -3.44
N ARG J 82 -42.57 -22.45 -3.73
CA ARG J 82 -41.57 -22.00 -4.70
C ARG J 82 -40.16 -22.41 -4.27
N ALA J 83 -39.82 -22.14 -3.01
CA ALA J 83 -38.48 -22.44 -2.47
C ALA J 83 -38.07 -23.95 -2.52
N VAL J 84 -38.93 -24.78 -1.91
CA VAL J 84 -38.73 -26.22 -1.81
C VAL J 84 -38.69 -26.89 -3.18
N LEU J 85 -39.42 -26.35 -4.16
CA LEU J 85 -39.32 -26.84 -5.54
C LEU J 85 -37.90 -26.82 -6.05
N ALA J 86 -37.12 -25.85 -5.60
CA ALA J 86 -35.81 -25.64 -6.14
C ALA J 86 -34.71 -25.81 -5.09
N ASP J 87 -35.11 -26.17 -3.87
CA ASP J 87 -34.12 -26.43 -2.82
C ASP J 87 -33.35 -27.72 -3.12
N PRO J 88 -32.02 -27.62 -3.27
CA PRO J 88 -31.23 -28.80 -3.55
C PRO J 88 -31.17 -29.74 -2.36
N ARG J 89 -31.77 -29.36 -1.24
CA ARG J 89 -31.89 -30.26 -0.08
C ARG J 89 -32.93 -31.30 -0.38
N PHE J 90 -33.74 -31.04 -1.39
CA PHE J 90 -34.82 -31.94 -1.78
C PHE J 90 -34.47 -32.70 -3.06
N SER J 91 -33.85 -33.87 -2.90
CA SER J 91 -33.44 -34.75 -4.02
C SER J 91 -34.65 -35.41 -4.65
N LYS J 92 -34.61 -35.62 -5.97
CA LYS J 92 -35.66 -36.36 -6.66
C LYS J 92 -35.24 -37.80 -7.01
N ASP J 93 -34.05 -38.17 -6.53
CA ASP J 93 -33.44 -39.48 -6.75
C ASP J 93 -33.98 -40.46 -5.70
N TRP J 94 -34.46 -41.60 -6.17
CA TRP J 94 -35.06 -42.61 -5.27
C TRP J 94 -34.05 -43.33 -4.37
N ARG J 95 -32.77 -43.07 -4.61
CA ARG J 95 -31.75 -43.50 -3.69
C ARG J 95 -31.67 -42.60 -2.44
N ASN J 96 -32.65 -41.71 -2.25
CA ASN J 96 -32.76 -40.94 -1.01
C ASN J 96 -34.12 -41.16 -0.36
N SER J 97 -34.90 -42.04 -0.99
CA SER J 97 -36.25 -42.37 -0.58
C SER J 97 -36.27 -43.66 0.22
N THR J 98 -36.89 -43.62 1.39
CA THR J 98 -37.03 -44.83 2.20
C THR J 98 -38.06 -45.76 1.58
N THR J 99 -38.91 -45.22 0.72
CA THR J 99 -39.94 -46.02 0.08
C THR J 99 -39.34 -46.78 -1.11
N PRO J 100 -39.49 -48.12 -1.10
CA PRO J 100 -38.87 -48.92 -2.15
C PRO J 100 -39.55 -48.70 -3.51
N LEU J 101 -38.82 -48.92 -4.59
CA LEU J 101 -39.47 -48.95 -5.88
C LEU J 101 -39.92 -50.39 -6.16
N THR J 102 -41.20 -50.56 -6.50
CA THR J 102 -41.69 -51.84 -6.99
C THR J 102 -41.06 -52.11 -8.37
N GLU J 103 -41.04 -53.37 -8.81
CA GLU J 103 -40.29 -53.75 -10.02
C GLU J 103 -40.74 -53.08 -11.33
N ALA J 104 -42.03 -52.75 -11.46
CA ALA J 104 -42.53 -52.08 -12.68
C ALA J 104 -42.10 -50.62 -12.78
N GLU J 105 -42.07 -49.90 -11.66
CA GLU J 105 -41.57 -48.50 -11.62
C GLU J 105 -40.04 -48.43 -11.64
N ALA J 106 -39.39 -49.54 -11.28
CA ALA J 106 -37.92 -49.65 -11.33
C ALA J 106 -37.34 -49.45 -12.74
N ALA J 107 -37.90 -50.19 -13.70
CA ALA J 107 -37.55 -50.10 -15.12
C ALA J 107 -37.62 -48.67 -15.68
N LEU J 108 -38.34 -47.80 -14.98
CA LEU J 108 -38.72 -46.50 -15.53
C LEU J 108 -38.06 -45.28 -14.90
N ASN J 109 -37.65 -45.39 -13.63
CA ASN J 109 -37.15 -44.23 -12.90
C ASN J 109 -35.72 -43.78 -13.22
N HIS J 110 -35.19 -44.19 -14.36
CA HIS J 110 -33.86 -43.74 -14.80
C HIS J 110 -33.98 -42.58 -15.79
N ASN J 111 -34.61 -41.49 -15.38
CA ASN J 111 -34.90 -40.38 -16.27
C ASN J 111 -34.73 -39.04 -15.58
N MET J 112 -34.64 -37.96 -16.37
CA MET J 112 -34.25 -36.66 -15.82
C MET J 112 -35.10 -36.19 -14.66
N LEU J 113 -36.40 -36.44 -14.70
CA LEU J 113 -37.27 -35.93 -13.65
C LEU J 113 -37.01 -36.60 -12.27
N GLU J 114 -36.54 -37.83 -12.29
CA GLU J 114 -36.29 -38.54 -11.04
C GLU J 114 -34.77 -38.59 -10.84
N SER J 115 -34.12 -37.45 -11.09
CA SER J 115 -32.65 -37.30 -11.00
C SER J 115 -32.22 -36.03 -10.35
N ASP J 116 -31.02 -36.05 -9.79
CA ASP J 116 -30.29 -34.85 -9.39
C ASP J 116 -29.06 -34.69 -10.28
N PRO J 117 -28.47 -33.46 -10.34
CA PRO J 117 -27.16 -33.32 -11.00
C PRO J 117 -26.15 -34.25 -10.31
N PRO J 118 -25.17 -34.77 -11.08
CA PRO J 118 -24.86 -34.46 -12.47
C PRO J 118 -25.66 -35.26 -13.49
N ARG J 119 -26.32 -36.32 -13.04
CA ARG J 119 -27.10 -37.16 -13.92
C ARG J 119 -28.19 -36.32 -14.58
N HIS J 120 -28.82 -35.42 -13.82
CA HIS J 120 -29.84 -34.54 -14.39
C HIS J 120 -29.31 -33.76 -15.61
N THR J 121 -28.17 -33.09 -15.41
CA THR J 121 -27.48 -32.36 -16.47
C THR J 121 -27.20 -33.18 -17.73
N ARG J 122 -26.69 -34.39 -17.54
CA ARG J 122 -26.34 -35.25 -18.66
C ARG J 122 -27.56 -35.58 -19.47
N LEU J 123 -28.65 -35.93 -18.78
CA LEU J 123 -29.89 -36.35 -19.44
C LEU J 123 -30.66 -35.23 -20.14
N ARG J 124 -30.92 -34.13 -19.44
CA ARG J 124 -31.67 -33.03 -20.06
C ARG J 124 -30.90 -32.42 -21.25
N LYS J 125 -29.58 -32.36 -21.15
CA LYS J 125 -28.71 -31.89 -22.24
C LYS J 125 -29.00 -32.64 -23.52
N LEU J 126 -29.18 -33.96 -23.40
CA LEU J 126 -29.40 -34.82 -24.56
C LEU J 126 -30.61 -34.43 -25.39
N VAL J 127 -31.65 -33.84 -24.78
CA VAL J 127 -32.83 -33.41 -25.56
C VAL J 127 -33.20 -31.92 -25.50
N ALA J 128 -32.54 -31.17 -24.63
CA ALA J 128 -32.69 -29.71 -24.60
C ALA J 128 -32.93 -29.12 -25.99
N ARG J 129 -31.96 -29.25 -26.89
CA ARG J 129 -32.10 -28.68 -28.24
C ARG J 129 -33.43 -29.00 -28.93
N GLU J 130 -34.00 -30.16 -28.62
CA GLU J 130 -35.27 -30.56 -29.24
C GLU J 130 -36.48 -29.73 -28.81
N PHE J 131 -36.37 -29.00 -27.70
CA PHE J 131 -37.54 -28.34 -27.11
C PHE J 131 -37.39 -26.86 -26.87
N THR J 132 -36.34 -26.25 -27.41
CA THR J 132 -36.19 -24.79 -27.30
C THR J 132 -37.21 -24.06 -28.15
N MET J 133 -37.38 -22.78 -27.83
CA MET J 133 -38.32 -21.88 -28.45
C MET J 133 -38.19 -21.86 -29.96
N ARG J 134 -36.97 -21.61 -30.44
CA ARG J 134 -36.74 -21.45 -31.87
C ARG J 134 -37.00 -22.75 -32.65
N ARG J 135 -36.86 -23.89 -31.97
CA ARG J 135 -37.10 -25.19 -32.59
C ARG J 135 -38.58 -25.58 -32.55
N VAL J 136 -39.28 -25.09 -31.55
CA VAL J 136 -40.70 -25.38 -31.40
C VAL J 136 -41.52 -24.51 -32.35
N GLU J 137 -41.05 -23.29 -32.57
CA GLU J 137 -41.61 -22.42 -33.62
C GLU J 137 -41.73 -23.14 -34.96
N LEU J 138 -40.75 -23.98 -35.30
CA LEU J 138 -40.72 -24.66 -36.59
C LEU J 138 -41.93 -25.56 -36.76
N LEU J 139 -42.56 -25.93 -35.64
CA LEU J 139 -43.62 -26.93 -35.60
C LEU J 139 -44.98 -26.30 -35.70
N ARG J 140 -45.02 -24.98 -35.45
CA ARG J 140 -46.25 -24.20 -35.55
C ARG J 140 -47.09 -24.46 -36.80
N PRO J 141 -46.48 -24.60 -37.99
CA PRO J 141 -47.40 -24.92 -39.10
C PRO J 141 -48.07 -26.30 -38.99
N ARG J 142 -47.32 -27.34 -38.66
CA ARG J 142 -47.90 -28.66 -38.45
C ARG J 142 -48.95 -28.65 -37.33
N VAL J 143 -48.62 -27.98 -36.23
CA VAL J 143 -49.49 -27.90 -35.05
C VAL J 143 -50.81 -27.23 -35.41
N GLN J 144 -50.70 -26.23 -36.29
CA GLN J 144 -51.81 -25.42 -36.73
C GLN J 144 -52.70 -26.26 -37.63
N GLU J 145 -52.06 -27.08 -38.46
CA GLU J 145 -52.77 -27.99 -39.34
C GLU J 145 -53.58 -29.01 -38.55
N ILE J 146 -53.04 -29.51 -37.45
CA ILE J 146 -53.73 -30.56 -36.71
C ILE J 146 -55.03 -30.07 -36.10
N VAL J 147 -54.95 -29.04 -35.24
CA VAL J 147 -56.13 -28.42 -34.63
C VAL J 147 -57.20 -28.11 -35.72
N ASP J 148 -56.78 -27.47 -36.81
CA ASP J 148 -57.68 -27.08 -37.89
C ASP J 148 -58.59 -28.23 -38.32
N GLY J 149 -57.99 -29.40 -38.52
CA GLY J 149 -58.70 -30.61 -38.95
C GLY J 149 -59.55 -31.18 -37.82
N LEU J 150 -58.96 -31.23 -36.62
CA LEU J 150 -59.68 -31.67 -35.43
C LEU J 150 -60.95 -30.84 -35.17
N VAL J 151 -60.81 -29.54 -35.31
CA VAL J 151 -61.93 -28.63 -35.08
C VAL J 151 -63.00 -28.85 -36.17
N ASP J 152 -62.54 -29.17 -37.37
CA ASP J 152 -63.44 -29.43 -38.48
C ASP J 152 -64.22 -30.72 -38.35
N ALA J 153 -63.53 -31.80 -37.96
CA ALA J 153 -64.20 -33.07 -37.74
C ALA J 153 -65.29 -32.90 -36.66
N MET J 154 -64.92 -32.20 -35.58
CA MET J 154 -65.80 -31.88 -34.46
C MET J 154 -67.02 -31.08 -34.86
N LEU J 155 -66.79 -29.91 -35.48
CA LEU J 155 -67.85 -28.97 -35.88
C LEU J 155 -68.87 -29.55 -36.86
N ALA J 156 -68.50 -30.66 -37.48
CA ALA J 156 -69.33 -31.31 -38.50
C ALA J 156 -70.37 -32.27 -37.89
N ALA J 157 -70.37 -32.36 -36.55
CA ALA J 157 -71.38 -33.15 -35.82
C ALA J 157 -72.75 -32.49 -35.89
N PRO J 158 -73.73 -33.16 -36.53
CA PRO J 158 -75.05 -32.55 -36.75
C PRO J 158 -75.75 -32.17 -35.43
N ASP J 159 -75.40 -32.91 -34.38
CA ASP J 159 -75.82 -32.61 -33.01
C ASP J 159 -75.60 -31.15 -32.64
N GLY J 160 -74.37 -30.69 -32.83
CA GLY J 160 -73.89 -29.45 -32.24
C GLY J 160 -73.37 -29.73 -30.84
N ARG J 161 -73.01 -30.99 -30.59
CA ARG J 161 -72.50 -31.42 -29.29
C ARG J 161 -71.30 -32.31 -29.50
N ALA J 162 -70.27 -32.07 -28.71
CA ALA J 162 -69.12 -32.96 -28.65
C ALA J 162 -68.59 -33.06 -27.23
N ASP J 163 -67.73 -34.06 -27.01
CA ASP J 163 -66.87 -34.08 -25.85
C ASP J 163 -65.57 -33.39 -26.29
N LEU J 164 -65.19 -32.30 -25.63
CA LEU J 164 -64.02 -31.54 -26.01
C LEU J 164 -62.76 -32.35 -25.74
N MET J 165 -62.82 -33.17 -24.70
CA MET J 165 -61.72 -34.05 -24.36
C MET J 165 -61.43 -35.07 -25.47
N GLU J 166 -62.49 -35.60 -26.08
CA GLU J 166 -62.38 -36.56 -27.18
C GLU J 166 -62.00 -35.96 -28.54
N SER J 167 -62.63 -34.85 -28.92
CA SER J 167 -62.45 -34.27 -30.25
C SER J 167 -61.21 -33.40 -30.43
N LEU J 168 -60.62 -32.94 -29.32
CA LEU J 168 -59.47 -32.02 -29.41
C LEU J 168 -58.41 -32.17 -28.34
N ALA J 169 -58.82 -32.07 -27.06
CA ALA J 169 -57.90 -32.03 -25.93
C ALA J 169 -57.08 -33.29 -25.79
N TRP J 170 -57.68 -34.44 -26.06
CA TRP J 170 -56.92 -35.68 -26.12
C TRP J 170 -56.08 -35.86 -27.42
N PRO J 171 -56.71 -35.74 -28.60
CA PRO J 171 -55.95 -36.07 -29.83
C PRO J 171 -54.84 -35.09 -30.25
N LEU J 172 -54.94 -33.82 -29.90
CA LEU J 172 -53.90 -32.85 -30.30
C LEU J 172 -52.48 -33.16 -29.75
N PRO J 173 -52.32 -33.23 -28.40
CA PRO J 173 -51.02 -33.45 -27.74
C PRO J 173 -50.42 -34.78 -28.10
N ILE J 174 -51.22 -35.85 -28.04
CA ILE J 174 -50.72 -37.18 -28.37
C ILE J 174 -50.24 -37.25 -29.83
N THR J 175 -51.08 -36.81 -30.75
CA THR J 175 -50.72 -36.79 -32.17
C THR J 175 -49.35 -36.09 -32.35
N VAL J 176 -49.18 -34.92 -31.75
CA VAL J 176 -47.96 -34.10 -31.92
C VAL J 176 -46.72 -34.82 -31.37
N ILE J 177 -46.85 -35.34 -30.15
CA ILE J 177 -45.74 -35.99 -29.45
C ILE J 177 -45.46 -37.33 -30.09
N SER J 178 -46.48 -37.99 -30.63
CA SER J 178 -46.26 -39.21 -31.37
C SER J 178 -45.51 -38.91 -32.66
N GLU J 179 -45.70 -37.72 -33.19
CA GLU J 179 -45.05 -37.40 -34.46
C GLU J 179 -43.53 -37.22 -34.32
N LEU J 180 -43.10 -36.46 -33.30
CA LEU J 180 -41.67 -36.28 -33.03
C LEU J 180 -41.00 -37.57 -32.61
N LEU J 181 -41.68 -38.33 -31.76
CA LEU J 181 -41.05 -39.50 -31.15
C LEU J 181 -41.15 -40.77 -31.96
N GLY J 182 -41.66 -40.67 -33.19
CA GLY J 182 -41.76 -41.82 -34.10
C GLY J 182 -42.68 -42.94 -33.62
N VAL J 183 -43.82 -42.56 -33.03
CA VAL J 183 -44.83 -43.54 -32.58
C VAL J 183 -45.91 -43.67 -33.65
N PRO J 184 -46.04 -44.87 -34.25
CA PRO J 184 -46.98 -45.11 -35.35
C PRO J 184 -48.43 -44.88 -34.93
N GLU J 185 -49.25 -44.45 -35.87
CA GLU J 185 -50.62 -44.05 -35.59
C GLU J 185 -51.44 -45.18 -34.93
N PRO J 186 -51.32 -46.43 -35.43
CA PRO J 186 -52.13 -47.52 -34.86
C PRO J 186 -51.76 -47.84 -33.42
N ASP J 187 -50.52 -47.54 -33.05
CA ASP J 187 -50.00 -47.83 -31.71
C ASP J 187 -50.38 -46.74 -30.70
N ARG J 188 -51.03 -45.68 -31.19
CA ARG J 188 -51.38 -44.50 -30.36
C ARG J 188 -52.57 -44.73 -29.43
N ALA J 189 -53.59 -45.45 -29.92
CA ALA J 189 -54.83 -45.70 -29.15
C ALA J 189 -54.55 -46.30 -27.78
N ALA J 190 -53.67 -47.31 -27.78
CA ALA J 190 -53.21 -48.00 -26.58
C ALA J 190 -52.94 -47.04 -25.41
N PHE J 191 -52.30 -45.92 -25.71
CA PHE J 191 -51.79 -44.98 -24.70
C PHE J 191 -52.80 -44.27 -23.78
N ARG J 192 -54.04 -44.16 -24.20
CA ARG J 192 -55.08 -43.61 -23.31
C ARG J 192 -55.59 -44.69 -22.34
N VAL J 193 -55.45 -45.96 -22.72
CA VAL J 193 -55.78 -47.05 -21.82
C VAL J 193 -54.72 -47.16 -20.71
N TRP J 194 -53.49 -46.72 -20.99
CA TRP J 194 -52.43 -46.69 -19.97
C TRP J 194 -52.32 -45.36 -19.21
N THR J 195 -52.85 -44.29 -19.80
CA THR J 195 -52.90 -42.99 -19.12
C THR J 195 -54.11 -42.91 -18.17
N ASP J 196 -55.20 -43.59 -18.53
CA ASP J 196 -56.35 -43.73 -17.63
C ASP J 196 -55.97 -44.66 -16.50
N ALA J 197 -54.92 -45.44 -16.71
CA ALA J 197 -54.49 -46.47 -15.78
C ALA J 197 -53.81 -45.92 -14.54
N PHE J 198 -52.67 -45.25 -14.69
CA PHE J 198 -52.00 -44.68 -13.50
C PHE J 198 -52.36 -43.23 -13.14
N VAL J 199 -53.56 -42.83 -13.55
CA VAL J 199 -54.22 -41.62 -13.05
C VAL J 199 -55.41 -42.08 -12.21
N PHE J 200 -56.36 -42.77 -12.85
CA PHE J 200 -57.49 -43.42 -12.17
C PHE J 200 -57.18 -44.91 -11.97
N PRO J 201 -56.36 -45.25 -10.95
CA PRO J 201 -56.30 -46.66 -10.62
C PRO J 201 -57.54 -47.10 -9.84
N ASP J 202 -57.83 -48.40 -9.86
CA ASP J 202 -58.91 -48.96 -9.05
C ASP J 202 -58.32 -49.70 -7.85
N ASP J 203 -57.00 -49.84 -7.86
CA ASP J 203 -56.25 -50.44 -6.76
C ASP J 203 -54.78 -50.02 -6.92
N PRO J 204 -53.81 -50.81 -6.40
CA PRO J 204 -52.44 -50.58 -6.88
C PRO J 204 -52.12 -51.40 -8.14
N ALA J 205 -52.46 -52.70 -8.09
CA ALA J 205 -52.16 -53.67 -9.13
C ALA J 205 -52.53 -53.23 -10.53
N GLN J 206 -53.73 -52.67 -10.69
CA GLN J 206 -54.21 -52.29 -12.01
C GLN J 206 -53.32 -51.21 -12.66
N ALA J 207 -52.83 -50.27 -11.86
CA ALA J 207 -51.81 -49.30 -12.30
C ALA J 207 -50.37 -49.88 -12.40
N GLN J 208 -50.04 -50.86 -11.55
CA GLN J 208 -48.79 -51.60 -11.70
C GLN J 208 -48.68 -52.29 -13.06
N THR J 209 -49.82 -52.81 -13.54
CA THR J 209 -49.89 -53.44 -14.84
C THR J 209 -49.57 -52.51 -16.00
N ALA J 210 -50.18 -51.34 -16.03
CA ALA J 210 -49.94 -50.39 -17.12
C ALA J 210 -48.45 -50.14 -17.31
N MET J 211 -47.75 -49.89 -16.19
CA MET J 211 -46.31 -49.69 -16.22
C MET J 211 -45.59 -50.86 -16.89
N ALA J 212 -45.88 -52.08 -16.46
CA ALA J 212 -45.27 -53.27 -17.07
C ALA J 212 -45.57 -53.34 -18.56
N GLU J 213 -46.83 -53.12 -18.94
CA GLU J 213 -47.24 -53.18 -20.34
C GLU J 213 -46.61 -52.10 -21.18
N MET J 214 -46.50 -50.93 -20.59
CA MET J 214 -45.94 -49.81 -21.27
C MET J 214 -44.42 -49.94 -21.40
N SER J 215 -43.77 -50.30 -20.28
CA SER J 215 -42.35 -50.59 -20.26
C SER J 215 -41.99 -51.53 -21.42
N GLY J 216 -42.77 -52.60 -21.54
CA GLY J 216 -42.61 -53.62 -22.56
C GLY J 216 -42.89 -53.14 -23.97
N TYR J 217 -43.94 -52.36 -24.15
CA TYR J 217 -44.22 -51.84 -25.50
C TYR J 217 -43.12 -50.87 -25.95
N LEU J 218 -42.71 -49.97 -25.06
CA LEU J 218 -41.67 -49.00 -25.42
C LEU J 218 -40.32 -49.66 -25.73
N SER J 219 -39.98 -50.71 -25.00
CA SER J 219 -38.80 -51.50 -25.33
C SER J 219 -38.90 -52.17 -26.70
N ARG J 220 -40.11 -52.54 -27.11
CA ARG J 220 -40.36 -53.18 -28.41
C ARG J 220 -40.29 -52.15 -29.52
N LEU J 221 -40.85 -50.96 -29.25
CA LEU J 221 -40.84 -49.85 -30.19
C LEU J 221 -39.41 -49.40 -30.44
N ILE J 222 -38.66 -49.23 -29.36
CA ILE J 222 -37.24 -48.92 -29.46
C ILE J 222 -36.47 -49.92 -30.34
N ASP J 223 -36.61 -51.22 -30.05
CA ASP J 223 -35.85 -52.22 -30.79
C ASP J 223 -36.26 -52.25 -32.28
N SER J 224 -37.52 -51.97 -32.57
CA SER J 224 -37.96 -51.93 -33.97
C SER J 224 -37.51 -50.66 -34.70
N LYS J 225 -36.80 -49.80 -33.98
CA LYS J 225 -36.16 -48.63 -34.57
C LYS J 225 -34.75 -49.01 -34.99
N ARG J 226 -34.13 -49.90 -34.24
CA ARG J 226 -32.72 -50.24 -34.43
C ARG J 226 -32.38 -50.65 -35.86
N GLY J 227 -31.53 -49.83 -36.47
CA GLY J 227 -30.94 -50.11 -37.78
C GLY J 227 -31.89 -49.82 -38.92
N GLN J 228 -32.90 -49.00 -38.68
CA GLN J 228 -33.89 -48.71 -39.71
C GLN J 228 -33.74 -47.33 -40.26
N ASP J 229 -32.69 -46.62 -39.84
CA ASP J 229 -32.33 -45.30 -40.39
C ASP J 229 -33.39 -44.18 -40.20
N GLY J 230 -34.30 -44.35 -39.24
CA GLY J 230 -35.33 -43.35 -38.96
C GLY J 230 -34.69 -42.01 -38.62
N GLU J 231 -35.25 -40.92 -39.15
CA GLU J 231 -34.73 -39.55 -38.91
C GLU J 231 -35.32 -38.88 -37.65
N ASP J 232 -36.45 -39.41 -37.16
CA ASP J 232 -37.14 -38.97 -35.91
C ASP J 232 -36.32 -38.98 -34.60
N LEU J 233 -36.91 -38.41 -33.54
CA LEU J 233 -36.25 -38.27 -32.24
C LEU J 233 -35.90 -39.60 -31.57
N LEU J 234 -36.86 -40.50 -31.41
CA LEU J 234 -36.59 -41.77 -30.75
C LEU J 234 -35.49 -42.55 -31.47
N SER J 235 -35.46 -42.44 -32.79
CA SER J 235 -34.44 -43.11 -33.58
C SER J 235 -33.06 -42.61 -33.20
N ALA J 236 -32.92 -41.30 -33.11
CA ALA J 236 -31.65 -40.69 -32.78
C ALA J 236 -31.24 -41.04 -31.34
N LEU J 237 -32.20 -41.06 -30.42
CA LEU J 237 -31.91 -41.55 -29.09
C LEU J 237 -31.37 -42.99 -29.13
N VAL J 238 -32.07 -43.86 -29.87
CA VAL J 238 -31.68 -45.26 -30.01
C VAL J 238 -30.22 -45.38 -30.41
N ARG J 239 -29.84 -44.66 -31.46
CA ARG J 239 -28.47 -44.63 -31.95
C ARG J 239 -27.51 -43.90 -31.02
N THR J 240 -27.98 -42.93 -30.25
CA THR J 240 -27.11 -42.24 -29.29
C THR J 240 -26.60 -43.24 -28.26
N SER J 241 -27.52 -44.07 -27.79
CA SER J 241 -27.26 -45.07 -26.80
C SER J 241 -26.38 -46.22 -27.32
N ASP J 242 -26.71 -46.75 -28.49
CA ASP J 242 -25.90 -47.78 -29.06
C ASP J 242 -24.54 -47.26 -29.47
N GLU J 243 -24.41 -45.96 -29.73
CA GLU J 243 -23.11 -45.42 -30.10
C GLU J 243 -22.16 -45.32 -28.91
N ASP J 244 -22.71 -45.06 -27.73
CA ASP J 244 -21.91 -44.99 -26.52
C ASP J 244 -22.86 -45.09 -25.33
N GLY J 245 -22.75 -46.20 -24.62
CA GLY J 245 -23.69 -46.54 -23.58
C GLY J 245 -23.40 -45.84 -22.27
N SER J 246 -22.29 -45.08 -22.22
CA SER J 246 -22.01 -44.23 -21.04
C SER J 246 -22.73 -42.87 -21.14
N ARG J 247 -23.00 -42.41 -22.37
CA ARG J 247 -23.73 -41.17 -22.60
C ARG J 247 -25.21 -41.32 -22.33
N LEU J 248 -25.80 -42.41 -22.88
CA LEU J 248 -27.17 -42.82 -22.63
C LEU J 248 -27.28 -44.33 -22.38
N THR J 249 -27.54 -44.76 -21.14
CA THR J 249 -27.71 -46.22 -20.87
C THR J 249 -29.08 -46.70 -21.36
N SER J 250 -29.21 -48.01 -21.54
CA SER J 250 -30.42 -48.59 -22.12
C SER J 250 -31.63 -48.51 -21.18
N GLU J 251 -31.41 -48.50 -19.86
CA GLU J 251 -32.52 -48.19 -18.97
C GLU J 251 -32.89 -46.71 -19.07
N GLU J 252 -31.87 -45.85 -19.10
CA GLU J 252 -32.02 -44.40 -19.26
C GLU J 252 -32.67 -44.06 -20.58
N LEU J 253 -32.50 -44.91 -21.59
CA LEU J 253 -33.17 -44.75 -22.89
C LEU J 253 -34.68 -45.00 -22.80
N LEU J 254 -35.08 -46.16 -22.29
CA LEU J 254 -36.48 -46.41 -21.94
C LEU J 254 -37.10 -45.21 -21.18
N GLY J 255 -36.48 -44.87 -20.05
CA GLY J 255 -36.82 -43.70 -19.26
C GLY J 255 -37.12 -42.51 -20.13
N MET J 256 -36.23 -42.22 -21.07
CA MET J 256 -36.35 -41.01 -21.89
C MET J 256 -37.65 -41.00 -22.68
N ALA J 257 -37.97 -42.15 -23.28
CA ALA J 257 -39.17 -42.32 -24.12
C ALA J 257 -40.43 -42.36 -23.28
N HIS J 258 -40.34 -43.02 -22.14
CA HIS J 258 -41.40 -42.94 -21.18
C HIS J 258 -41.67 -41.45 -20.88
N ILE J 259 -40.72 -40.80 -20.24
CA ILE J 259 -40.92 -39.45 -19.72
C ILE J 259 -41.42 -38.48 -20.79
N LEU J 260 -40.96 -38.63 -22.04
CA LEU J 260 -41.31 -37.68 -23.08
C LEU J 260 -42.72 -37.90 -23.60
N LEU J 261 -43.15 -39.15 -23.71
CA LEU J 261 -44.52 -39.47 -24.14
C LEU J 261 -45.58 -39.34 -23.04
N VAL J 262 -45.22 -39.79 -21.85
CA VAL J 262 -46.13 -39.75 -20.74
C VAL J 262 -46.26 -38.30 -20.25
N ALA J 263 -45.17 -37.75 -19.70
CA ALA J 263 -45.19 -36.38 -19.15
C ALA J 263 -45.30 -35.35 -20.23
N GLY J 264 -45.41 -35.82 -21.47
CA GLY J 264 -45.65 -34.96 -22.61
C GLY J 264 -47.10 -34.58 -22.61
N HIS J 265 -47.94 -35.60 -22.84
CA HIS J 265 -49.35 -35.40 -23.21
C HIS J 265 -50.38 -35.24 -22.07
N GLU J 266 -50.39 -36.16 -21.09
CA GLU J 266 -51.34 -36.15 -19.95
C GLU J 266 -51.57 -34.76 -19.35
N THR J 267 -50.52 -33.95 -19.23
CA THR J 267 -50.67 -32.59 -18.71
C THR J 267 -51.31 -31.62 -19.71
N THR J 268 -50.79 -31.56 -20.92
CA THR J 268 -51.32 -30.68 -21.96
C THR J 268 -52.81 -30.93 -22.24
N VAL J 269 -53.19 -32.20 -22.29
CA VAL J 269 -54.59 -32.57 -22.45
C VAL J 269 -55.41 -31.87 -21.38
N ASN J 270 -54.92 -31.91 -20.15
CA ASN J 270 -55.70 -31.32 -19.08
C ASN J 270 -55.71 -29.80 -19.06
N LEU J 271 -54.57 -29.18 -19.33
CA LEU J 271 -54.55 -27.73 -19.51
C LEU J 271 -55.69 -27.30 -20.42
N ILE J 272 -55.82 -27.92 -21.60
CA ILE J 272 -56.89 -27.52 -22.51
C ILE J 272 -58.29 -27.68 -21.92
N ALA J 273 -58.61 -28.88 -21.43
CA ALA J 273 -59.89 -29.13 -20.79
C ALA J 273 -60.13 -28.20 -19.59
N ASN J 274 -59.20 -28.19 -18.62
CA ASN J 274 -59.31 -27.34 -17.43
C ASN J 274 -59.56 -25.87 -17.75
N GLY J 275 -58.76 -25.35 -18.69
CA GLY J 275 -58.73 -23.93 -19.03
C GLY J 275 -59.83 -23.48 -19.97
N MET J 276 -60.31 -24.39 -20.82
CA MET J 276 -61.52 -24.13 -21.60
C MET J 276 -62.74 -24.13 -20.70
N TYR J 277 -62.91 -25.20 -19.93
CA TYR J 277 -63.89 -25.23 -18.86
C TYR J 277 -63.89 -23.90 -18.12
N ALA J 278 -62.72 -23.44 -17.72
CA ALA J 278 -62.66 -22.24 -16.90
C ALA J 278 -63.04 -21.01 -17.72
N LEU J 279 -62.62 -21.00 -18.97
CA LEU J 279 -63.04 -19.92 -19.86
C LEU J 279 -64.56 -19.95 -19.98
N LEU J 280 -65.10 -21.13 -20.28
CA LEU J 280 -66.52 -21.32 -20.58
C LEU J 280 -67.50 -21.11 -19.44
N SER J 281 -67.02 -21.19 -18.20
CA SER J 281 -67.89 -20.98 -17.05
C SER J 281 -67.77 -19.57 -16.45
N HIS J 282 -66.90 -18.74 -17.05
CA HIS J 282 -66.80 -17.27 -16.81
C HIS J 282 -67.05 -16.45 -18.10
N PRO J 283 -68.29 -16.42 -18.60
CA PRO J 283 -68.51 -15.80 -19.92
C PRO J 283 -68.01 -14.35 -20.09
N ASP J 284 -67.75 -13.64 -19.00
CA ASP J 284 -67.16 -12.30 -19.12
C ASP J 284 -65.72 -12.35 -19.66
N GLN J 285 -64.95 -13.37 -19.23
CA GLN J 285 -63.55 -13.56 -19.70
C GLN J 285 -63.55 -14.10 -21.14
N LEU J 286 -64.55 -14.91 -21.46
CA LEU J 286 -64.71 -15.39 -22.81
C LEU J 286 -65.03 -14.21 -23.74
N ALA J 287 -65.97 -13.37 -23.32
CA ALA J 287 -66.27 -12.10 -24.00
C ALA J 287 -64.99 -11.27 -24.24
N ALA J 288 -64.13 -11.16 -23.21
CA ALA J 288 -62.91 -10.34 -23.27
C ALA J 288 -61.93 -10.86 -24.30
N LEU J 289 -61.70 -12.17 -24.29
CA LEU J 289 -60.77 -12.77 -25.24
C LEU J 289 -61.26 -12.73 -26.70
N ARG J 290 -62.57 -12.81 -26.89
CA ARG J 290 -63.16 -12.77 -28.23
C ARG J 290 -62.86 -11.43 -28.89
N ALA J 291 -63.12 -10.37 -28.13
CA ALA J 291 -62.93 -9.00 -28.56
C ALA J 291 -61.46 -8.66 -28.73
N ASP J 292 -60.59 -9.43 -28.07
CA ASP J 292 -59.19 -9.06 -27.97
C ASP J 292 -58.31 -10.30 -27.93
N MET J 293 -57.97 -10.82 -29.10
CA MET J 293 -57.13 -12.00 -29.16
C MET J 293 -55.69 -11.73 -28.74
N THR J 294 -55.28 -10.46 -28.73
CA THR J 294 -54.00 -10.08 -28.12
C THR J 294 -53.91 -10.48 -26.62
N LEU J 295 -55.07 -10.69 -25.98
CA LEU J 295 -55.16 -11.21 -24.62
C LEU J 295 -54.90 -12.73 -24.52
N LEU J 296 -54.63 -13.39 -25.66
CA LEU J 296 -54.60 -14.87 -25.71
C LEU J 296 -53.56 -15.53 -24.83
N ASP J 297 -52.35 -14.98 -24.79
CA ASP J 297 -51.28 -15.59 -23.99
C ASP J 297 -51.50 -15.49 -22.47
N GLY J 298 -51.92 -14.31 -22.00
CA GLY J 298 -52.27 -14.13 -20.60
C GLY J 298 -53.44 -14.99 -20.12
N ALA J 299 -54.36 -15.30 -21.03
CA ALA J 299 -55.49 -16.20 -20.74
C ALA J 299 -55.02 -17.64 -20.53
N VAL J 300 -54.03 -18.08 -21.32
CA VAL J 300 -53.45 -19.41 -21.16
C VAL J 300 -52.57 -19.44 -19.90
N GLU J 301 -51.91 -18.33 -19.59
CA GLU J 301 -51.20 -18.23 -18.31
C GLU J 301 -52.16 -18.26 -17.12
N GLU J 302 -53.30 -17.62 -17.24
CA GLU J 302 -54.34 -17.71 -16.19
C GLU J 302 -55.09 -19.08 -16.16
N MET J 303 -55.04 -19.87 -17.23
CA MET J 303 -55.58 -21.21 -17.14
C MET J 303 -54.64 -22.06 -16.30
N LEU J 304 -53.35 -21.79 -16.46
CA LEU J 304 -52.29 -22.44 -15.66
C LEU J 304 -52.38 -22.13 -14.16
N ARG J 305 -52.50 -20.85 -13.83
CA ARG J 305 -52.59 -20.40 -12.45
C ARG J 305 -53.90 -20.90 -11.79
N TYR J 306 -55.03 -20.67 -12.46
CA TYR J 306 -56.35 -20.98 -11.88
C TYR J 306 -56.67 -22.48 -11.80
N GLU J 307 -56.33 -23.27 -12.83
CA GLU J 307 -56.62 -24.71 -12.82
C GLU J 307 -55.68 -25.51 -13.71
N GLY J 308 -54.37 -25.32 -13.53
CA GLY J 308 -53.35 -26.06 -14.25
C GLY J 308 -53.50 -27.53 -13.92
N PRO J 309 -53.08 -28.42 -14.85
CA PRO J 309 -53.37 -29.86 -14.68
C PRO J 309 -52.48 -30.54 -13.64
N VAL J 310 -51.41 -29.86 -13.19
CA VAL J 310 -50.48 -30.44 -12.22
C VAL J 310 -50.78 -29.93 -10.80
N GLU J 311 -51.72 -30.59 -10.13
CA GLU J 311 -52.13 -30.25 -8.76
C GLU J 311 -50.97 -30.33 -7.75
N SER J 312 -50.11 -31.33 -7.92
CA SER J 312 -48.97 -31.48 -7.03
C SER J 312 -47.77 -31.96 -7.80
N ALA J 313 -46.60 -31.49 -7.37
CA ALA J 313 -45.37 -31.80 -8.07
C ALA J 313 -45.04 -33.25 -7.86
N THR J 314 -44.13 -33.77 -8.66
CA THR J 314 -43.69 -35.14 -8.48
C THR J 314 -42.86 -35.27 -7.17
N TYR J 315 -42.65 -36.50 -6.70
CA TYR J 315 -42.13 -36.70 -5.35
C TYR J 315 -40.79 -36.01 -5.10
N ARG J 316 -40.62 -35.56 -3.86
CA ARG J 316 -39.35 -35.02 -3.41
C ARG J 316 -38.96 -35.70 -2.08
N PHE J 317 -37.68 -36.04 -1.97
CA PHE J 317 -37.14 -36.76 -0.80
C PHE J 317 -36.06 -35.84 -0.20
N PRO J 318 -36.09 -35.62 1.13
CA PRO J 318 -34.99 -34.83 1.68
C PRO J 318 -33.77 -35.69 2.04
N VAL J 319 -32.56 -35.21 1.73
CA VAL J 319 -31.29 -35.89 2.07
C VAL J 319 -30.91 -35.77 3.57
N GLU J 320 -30.89 -34.54 4.09
CA GLU J 320 -30.73 -34.29 5.52
C GLU J 320 -32.08 -33.80 6.04
N PRO J 321 -32.42 -34.12 7.31
CA PRO J 321 -33.75 -33.71 7.78
C PRO J 321 -33.86 -32.22 7.61
N VAL J 322 -34.98 -31.74 7.12
CA VAL J 322 -35.14 -30.34 6.88
C VAL J 322 -36.19 -29.83 7.81
N ASP J 323 -35.81 -28.79 8.54
CA ASP J 323 -36.71 -28.02 9.36
C ASP J 323 -37.41 -26.98 8.46
N LEU J 324 -38.73 -27.11 8.35
CA LEU J 324 -39.54 -26.12 7.66
C LEU J 324 -40.42 -25.43 8.67
N ASP J 325 -39.96 -24.26 9.12
CA ASP J 325 -40.82 -23.36 9.86
C ASP J 325 -41.58 -24.12 10.95
N GLY J 326 -40.86 -24.88 11.76
CA GLY J 326 -41.47 -25.63 12.84
C GLY J 326 -41.47 -27.14 12.60
N THR J 327 -41.79 -27.52 11.37
CA THR J 327 -41.94 -28.93 11.07
C THR J 327 -40.66 -29.55 10.55
N VAL J 328 -40.20 -30.56 11.28
CA VAL J 328 -39.04 -31.34 10.86
C VAL J 328 -39.51 -32.58 10.07
N ILE J 329 -39.31 -32.51 8.75
CA ILE J 329 -39.58 -33.65 7.87
C ILE J 329 -38.41 -34.63 7.94
N PRO J 330 -38.72 -35.93 8.10
CA PRO J 330 -37.64 -36.93 8.14
C PRO J 330 -36.98 -37.13 6.78
N ALA J 331 -35.67 -37.41 6.82
CA ALA J 331 -34.93 -37.79 5.64
C ALA J 331 -35.61 -38.95 4.92
N GLY J 332 -35.91 -38.74 3.64
CA GLY J 332 -36.39 -39.82 2.78
C GLY J 332 -37.89 -40.09 2.84
N ASP J 333 -38.63 -39.22 3.52
CA ASP J 333 -40.09 -39.21 3.44
C ASP J 333 -40.47 -38.57 2.14
N THR J 334 -41.65 -38.92 1.63
CA THR J 334 -42.16 -38.39 0.35
C THR J 334 -42.79 -36.99 0.51
N VAL J 335 -42.22 -36.02 -0.21
CA VAL J 335 -42.67 -34.62 -0.16
C VAL J 335 -43.36 -34.18 -1.46
N LEU J 336 -44.53 -33.54 -1.31
CA LEU J 336 -45.32 -33.07 -2.45
C LEU J 336 -45.62 -31.59 -2.33
N VAL J 337 -44.98 -30.80 -3.18
CA VAL J 337 -45.37 -29.40 -3.33
C VAL J 337 -46.72 -29.32 -4.05
N VAL J 338 -47.68 -28.71 -3.36
CA VAL J 338 -49.06 -28.67 -3.80
C VAL J 338 -49.30 -27.42 -4.65
N LEU J 339 -48.82 -27.47 -5.90
CA LEU J 339 -48.87 -26.33 -6.80
C LEU J 339 -50.21 -25.61 -6.77
N ALA J 340 -51.29 -26.38 -6.73
CA ALA J 340 -52.62 -25.83 -6.78
C ALA J 340 -52.86 -24.79 -5.66
N ASP J 341 -52.43 -25.11 -4.43
CA ASP J 341 -52.59 -24.21 -3.27
C ASP J 341 -51.65 -23.01 -3.38
N ALA J 342 -50.47 -23.21 -3.95
CA ALA J 342 -49.55 -22.09 -4.11
C ALA J 342 -50.23 -21.04 -4.96
N HIS J 343 -51.11 -21.51 -5.85
CA HIS J 343 -51.80 -20.69 -6.84
C HIS J 343 -53.06 -20.04 -6.33
N ARG J 344 -53.58 -20.53 -5.22
CA ARG J 344 -54.69 -19.86 -4.59
C ARG J 344 -54.25 -19.02 -3.39
N THR J 345 -52.96 -18.73 -3.27
CA THR J 345 -52.42 -17.98 -2.12
C THR J 345 -52.59 -16.47 -2.31
N PRO J 346 -53.43 -15.82 -1.47
CA PRO J 346 -53.80 -14.41 -1.70
C PRO J 346 -52.67 -13.41 -1.50
N GLU J 347 -51.67 -13.78 -0.71
CA GLU J 347 -50.48 -12.92 -0.52
C GLU J 347 -49.67 -12.81 -1.81
N ARG J 348 -49.91 -13.72 -2.75
CA ARG J 348 -49.18 -13.74 -4.02
C ARG J 348 -50.06 -13.54 -5.27
N PHE J 349 -51.24 -14.14 -5.29
CA PHE J 349 -52.22 -13.94 -6.36
C PHE J 349 -53.51 -13.45 -5.71
N PRO J 350 -53.65 -12.11 -5.55
CA PRO J 350 -54.80 -11.56 -4.85
C PRO J 350 -56.08 -11.96 -5.55
N ASP J 351 -57.18 -11.98 -4.79
CA ASP J 351 -58.48 -12.47 -5.27
C ASP J 351 -58.37 -13.80 -6.03
N PRO J 352 -57.72 -14.78 -5.40
CA PRO J 352 -57.24 -16.00 -6.07
C PRO J 352 -58.30 -16.95 -6.63
N HIS J 353 -59.54 -16.85 -6.17
CA HIS J 353 -60.59 -17.73 -6.67
C HIS J 353 -61.24 -17.18 -7.94
N ARG J 354 -60.97 -15.92 -8.24
CA ARG J 354 -61.45 -15.28 -9.44
C ARG J 354 -60.58 -15.66 -10.60
N PHE J 355 -61.20 -16.08 -11.70
CA PHE J 355 -60.47 -16.36 -12.93
C PHE J 355 -60.41 -15.06 -13.77
N ASP J 356 -59.20 -14.55 -13.99
CA ASP J 356 -59.02 -13.23 -14.58
C ASP J 356 -57.94 -13.22 -15.67
N ILE J 357 -58.32 -13.14 -16.94
CA ILE J 357 -57.35 -13.34 -18.01
C ILE J 357 -56.30 -12.22 -18.16
N ARG J 358 -56.47 -11.16 -17.38
CA ARG J 358 -55.60 -9.97 -17.39
C ARG J 358 -54.88 -9.77 -16.05
N ARG J 359 -54.90 -10.79 -15.19
CA ARG J 359 -54.18 -10.66 -13.93
C ARG J 359 -52.69 -10.86 -14.21
N ASP J 360 -51.87 -10.34 -13.30
CA ASP J 360 -50.44 -10.59 -13.32
C ASP J 360 -50.31 -12.02 -12.91
N THR J 361 -49.85 -12.86 -13.85
CA THR J 361 -49.68 -14.31 -13.61
C THR J 361 -48.20 -14.71 -13.50
N ALA J 362 -47.33 -13.72 -13.33
CA ALA J 362 -45.90 -13.98 -13.33
C ALA J 362 -45.46 -14.71 -12.05
N GLY J 363 -44.70 -15.79 -12.26
CA GLY J 363 -44.12 -16.55 -11.16
C GLY J 363 -45.06 -17.61 -10.65
N HIS J 364 -46.03 -18.02 -11.47
CA HIS J 364 -46.82 -19.20 -11.10
C HIS J 364 -45.93 -20.40 -11.24
N LEU J 365 -46.35 -21.51 -10.62
CA LEU J 365 -45.52 -22.71 -10.54
C LEU J 365 -46.00 -23.90 -11.37
N ALA J 366 -46.94 -23.67 -12.28
CA ALA J 366 -47.57 -24.76 -13.06
C ALA J 366 -46.60 -25.61 -13.86
N PHE J 367 -45.42 -25.06 -14.13
CA PHE J 367 -44.41 -25.74 -14.92
C PHE J 367 -43.21 -26.07 -14.03
N GLY J 368 -43.37 -25.86 -12.74
CA GLY J 368 -42.30 -26.10 -11.82
C GLY J 368 -41.46 -24.85 -11.67
N HIS J 369 -40.34 -25.00 -10.98
CA HIS J 369 -39.41 -23.93 -10.73
C HIS J 369 -38.05 -24.50 -10.38
N GLY J 370 -36.99 -24.00 -11.01
CA GLY J 370 -35.64 -24.45 -10.67
C GLY J 370 -35.01 -25.28 -11.77
N ILE J 371 -34.09 -26.17 -11.40
CA ILE J 371 -33.40 -26.99 -12.42
C ILE J 371 -34.30 -28.04 -13.09
N HIS J 372 -35.49 -28.26 -12.51
CA HIS J 372 -36.50 -29.18 -13.10
C HIS J 372 -37.60 -28.48 -13.88
N PHE J 373 -37.49 -27.16 -14.04
CA PHE J 373 -38.47 -26.45 -14.83
C PHE J 373 -38.91 -27.25 -16.06
N CYS J 374 -40.22 -27.28 -16.33
CA CYS J 374 -40.73 -28.03 -17.47
C CYS J 374 -39.97 -27.78 -18.77
N ILE J 375 -39.58 -28.87 -19.43
CA ILE J 375 -38.85 -28.77 -20.69
C ILE J 375 -39.85 -28.76 -21.85
N GLY J 376 -41.06 -29.20 -21.57
CA GLY J 376 -42.08 -29.22 -22.58
C GLY J 376 -42.87 -27.92 -22.58
N ALA J 377 -42.46 -26.96 -21.74
CA ALA J 377 -43.18 -25.70 -21.64
C ALA J 377 -43.45 -25.12 -23.03
N PRO J 378 -42.40 -24.68 -23.78
CA PRO J 378 -42.74 -23.95 -25.02
C PRO J 378 -43.69 -24.75 -25.92
N LEU J 379 -43.54 -26.07 -25.99
CA LEU J 379 -44.43 -26.88 -26.77
C LEU J 379 -45.88 -26.82 -26.26
N ALA J 380 -46.04 -26.93 -24.95
CA ALA J 380 -47.36 -26.97 -24.37
C ALA J 380 -48.13 -25.67 -24.59
N ARG J 381 -47.44 -24.55 -24.38
CA ARG J 381 -48.07 -23.26 -24.50
C ARG J 381 -48.49 -23.09 -25.95
N LEU J 382 -47.64 -23.53 -26.88
CA LEU J 382 -47.89 -23.37 -28.32
C LEU J 382 -49.22 -24.03 -28.67
N GLU J 383 -49.30 -25.33 -28.34
CA GLU J 383 -50.45 -26.18 -28.52
C GLU J 383 -51.73 -25.68 -27.86
N ALA J 384 -51.60 -25.05 -26.70
CA ALA J 384 -52.75 -24.50 -26.00
C ALA J 384 -53.17 -23.17 -26.62
N ARG J 385 -52.19 -22.37 -27.03
CA ARG J 385 -52.51 -21.10 -27.62
C ARG J 385 -53.30 -21.29 -28.91
N ILE J 386 -52.91 -22.27 -29.70
CA ILE J 386 -53.58 -22.49 -30.96
C ILE J 386 -54.97 -23.16 -30.75
N ALA J 387 -55.00 -24.18 -29.91
CA ALA J 387 -56.19 -24.96 -29.65
C ALA J 387 -57.22 -24.02 -29.15
N VAL J 388 -56.89 -23.30 -28.07
CA VAL J 388 -57.76 -22.28 -27.44
C VAL J 388 -58.24 -21.24 -28.47
N ARG J 389 -57.33 -20.77 -29.31
CA ARG J 389 -57.66 -19.73 -30.29
C ARG J 389 -58.61 -20.21 -31.36
N ALA J 390 -58.38 -21.44 -31.86
CA ALA J 390 -59.15 -21.98 -32.98
C ALA J 390 -60.60 -22.25 -32.62
N LEU J 391 -60.83 -22.79 -31.44
CA LEU J 391 -62.17 -22.95 -30.90
C LEU J 391 -62.90 -21.62 -30.92
N LEU J 392 -62.30 -20.62 -30.29
CA LEU J 392 -62.96 -19.33 -30.07
C LEU J 392 -63.45 -18.71 -31.34
N GLU J 393 -62.60 -18.71 -32.36
CA GLU J 393 -62.96 -18.04 -33.61
C GLU J 393 -63.92 -18.84 -34.50
N ARG J 394 -64.09 -20.12 -34.21
CA ARG J 394 -64.79 -21.05 -35.11
C ARG J 394 -65.97 -21.74 -34.44
N CYS J 395 -66.15 -21.49 -33.16
CA CYS J 395 -67.42 -21.80 -32.54
C CYS J 395 -67.90 -20.48 -31.97
N PRO J 396 -68.75 -19.78 -32.74
CA PRO J 396 -69.46 -18.68 -32.14
C PRO J 396 -70.34 -19.29 -31.05
N ASP J 397 -70.78 -18.49 -30.10
CA ASP J 397 -71.80 -18.93 -29.12
C ASP J 397 -71.38 -20.24 -28.41
N LEU J 398 -70.08 -20.53 -28.44
CA LEU J 398 -69.50 -21.68 -27.75
C LEU J 398 -69.83 -21.60 -26.25
N ALA J 399 -70.29 -22.71 -25.68
CA ALA J 399 -70.63 -22.81 -24.26
C ALA J 399 -70.59 -24.28 -23.81
N LEU J 400 -70.65 -24.52 -22.50
CA LEU J 400 -70.76 -25.89 -22.00
C LEU J 400 -72.11 -26.49 -22.37
N ASP J 401 -72.17 -27.82 -22.50
CA ASP J 401 -73.43 -28.53 -22.67
C ASP J 401 -73.68 -29.38 -21.44
N VAL J 402 -73.43 -28.79 -20.27
CA VAL J 402 -73.86 -29.35 -18.98
C VAL J 402 -73.55 -28.39 -17.82
N SER J 403 -74.27 -28.55 -16.70
CA SER J 403 -73.95 -27.83 -15.46
C SER J 403 -72.62 -28.33 -14.86
N PRO J 404 -72.00 -27.52 -13.96
CA PRO J 404 -70.78 -27.96 -13.24
C PRO J 404 -70.99 -29.07 -12.17
N GLY J 405 -72.24 -29.53 -12.00
CA GLY J 405 -72.56 -30.61 -11.08
C GLY J 405 -72.42 -32.01 -11.67
N GLU J 406 -72.54 -32.12 -12.99
CA GLU J 406 -72.47 -33.41 -13.66
C GLU J 406 -71.04 -33.77 -14.19
N LEU J 407 -70.10 -32.84 -14.00
CA LEU J 407 -68.70 -33.09 -14.37
C LEU J 407 -67.99 -33.96 -13.34
N VAL J 408 -67.06 -34.77 -13.83
CA VAL J 408 -66.41 -35.79 -13.02
C VAL J 408 -64.90 -35.52 -13.00
N TRP J 409 -64.37 -35.24 -11.80
CA TRP J 409 -62.93 -35.03 -11.63
C TRP J 409 -62.25 -36.29 -11.07
N TYR J 410 -60.98 -36.46 -11.42
CA TYR J 410 -60.20 -37.60 -11.00
C TYR J 410 -59.75 -37.51 -9.54
N PRO J 411 -59.84 -38.63 -8.79
CA PRO J 411 -59.61 -38.63 -7.31
C PRO J 411 -58.18 -38.29 -6.89
N ASN J 412 -57.21 -38.72 -7.69
CA ASN J 412 -55.77 -38.40 -7.54
C ASN J 412 -55.41 -36.92 -7.19
N PRO J 413 -54.62 -36.71 -6.11
CA PRO J 413 -54.13 -35.35 -5.71
C PRO J 413 -52.92 -34.83 -6.50
N MET J 414 -52.36 -35.66 -7.37
CA MET J 414 -51.25 -35.23 -8.24
C MET J 414 -51.74 -34.47 -9.49
N ILE J 415 -52.76 -35.00 -10.15
CA ILE J 415 -53.25 -34.41 -11.40
C ILE J 415 -54.69 -33.94 -11.28
N ARG J 416 -54.93 -32.69 -11.68
CA ARG J 416 -56.30 -32.20 -11.79
C ARG J 416 -56.84 -32.34 -13.21
N GLY J 417 -57.80 -33.23 -13.39
CA GLY J 417 -58.31 -33.49 -14.72
C GLY J 417 -59.72 -34.04 -14.78
N LEU J 418 -60.27 -34.05 -15.98
CA LEU J 418 -61.68 -34.35 -16.16
C LEU J 418 -61.90 -35.59 -16.98
N LYS J 419 -63.03 -36.25 -16.75
CA LYS J 419 -63.42 -37.36 -17.63
C LYS J 419 -63.84 -36.80 -19.00
N ALA J 420 -64.89 -35.98 -19.02
CA ALA J 420 -65.40 -35.36 -20.26
C ALA J 420 -65.70 -33.86 -20.09
N LEU J 421 -65.83 -33.17 -21.22
CA LEU J 421 -66.24 -31.77 -21.23
C LEU J 421 -67.30 -31.53 -22.31
N PRO J 422 -68.56 -31.94 -22.05
CA PRO J 422 -69.62 -31.69 -23.03
C PRO J 422 -69.72 -30.18 -23.36
N ILE J 423 -69.77 -29.88 -24.64
CA ILE J 423 -69.80 -28.51 -25.10
C ILE J 423 -70.74 -28.45 -26.30
N ARG J 424 -71.12 -27.25 -26.69
CA ARG J 424 -72.04 -27.03 -27.81
C ARG J 424 -71.87 -25.64 -28.42
N TRP J 425 -72.25 -25.50 -29.69
CA TRP J 425 -72.12 -24.27 -30.47
C TRP J 425 -73.41 -23.99 -31.26
N ARG J 426 -73.47 -22.84 -31.95
CA ARG J 426 -74.75 -22.28 -32.47
C ARG J 426 -75.56 -23.12 -33.49
N ALA K 30 -3.07 23.98 13.16
CA ALA K 30 -3.35 23.23 14.41
C ALA K 30 -4.24 24.08 15.32
N SER K 31 -4.94 23.45 16.27
CA SER K 31 -5.65 24.20 17.30
C SER K 31 -4.63 24.90 18.22
N PRO K 32 -3.81 24.13 18.98
CA PRO K 32 -2.79 24.77 19.81
C PRO K 32 -1.43 24.79 19.13
N PRO K 33 -0.46 25.50 19.73
CA PRO K 33 0.85 25.60 19.08
C PRO K 33 1.75 24.40 19.33
N VAL K 34 2.67 24.22 18.40
CA VAL K 34 3.65 23.14 18.37
C VAL K 34 4.96 23.56 19.06
N LEU K 35 5.07 24.84 19.37
CA LEU K 35 6.32 25.42 19.80
C LEU K 35 6.04 26.66 20.62
N ASP K 36 6.60 26.69 21.82
CA ASP K 36 6.62 27.91 22.62
C ASP K 36 8.01 28.48 22.50
N LEU K 37 8.09 29.68 21.91
CA LEU K 37 9.36 30.34 21.68
C LEU K 37 9.94 30.83 22.97
N GLY K 38 9.08 31.30 23.88
CA GLY K 38 9.48 31.66 25.24
C GLY K 38 10.26 30.55 25.95
N ALA K 39 9.79 29.32 25.80
CA ALA K 39 10.50 28.15 26.30
C ALA K 39 11.96 28.11 25.84
N LEU K 40 12.21 28.58 24.63
CA LEU K 40 13.55 28.49 24.08
C LEU K 40 14.59 29.41 24.76
N GLY K 41 14.13 30.33 25.63
CA GLY K 41 15.01 31.20 26.40
C GLY K 41 15.83 32.17 25.56
N GLN K 42 16.88 32.73 26.16
CA GLN K 42 17.79 33.68 25.49
C GLN K 42 18.50 33.07 24.25
N ASP K 43 18.64 31.75 24.24
CA ASP K 43 19.24 31.03 23.11
C ASP K 43 18.44 31.14 21.81
N PHE K 44 17.12 31.33 21.94
CA PHE K 44 16.31 31.78 20.82
C PHE K 44 16.46 33.28 20.54
N ALA K 45 16.50 34.09 21.60
CA ALA K 45 16.67 35.55 21.42
C ALA K 45 17.93 35.85 20.60
N ALA K 46 19.04 35.26 21.05
CA ALA K 46 20.36 35.43 20.44
C ALA K 46 20.40 34.88 19.01
N ASP K 47 19.98 33.63 18.86
CA ASP K 47 20.09 32.94 17.61
C ASP K 47 18.76 32.26 17.23
N PRO K 48 17.83 33.04 16.68
CA PRO K 48 16.58 32.40 16.28
C PRO K 48 16.71 31.53 15.03
N TYR K 49 17.72 31.79 14.19
CA TYR K 49 17.79 31.19 12.84
C TYR K 49 17.72 29.65 12.80
N PRO K 50 18.44 28.95 13.70
CA PRO K 50 18.37 27.50 13.65
C PRO K 50 16.96 26.98 13.88
N THR K 51 16.21 27.61 14.78
CA THR K 51 14.84 27.23 15.07
C THR K 51 14.00 27.31 13.80
N TYR K 52 14.01 28.46 13.14
CA TYR K 52 13.23 28.71 11.93
C TYR K 52 13.67 27.76 10.82
N ALA K 53 14.97 27.51 10.76
CA ALA K 53 15.51 26.57 9.79
C ALA K 53 14.83 25.21 10.01
N ARG K 54 14.80 24.74 11.25
CA ARG K 54 14.06 23.52 11.62
C ARG K 54 12.61 23.57 11.09
N LEU K 55 11.91 24.67 11.34
CA LEU K 55 10.51 24.81 10.91
C LEU K 55 10.34 24.75 9.39
N ARG K 56 11.20 25.49 8.67
CA ARG K 56 11.21 25.50 7.21
C ARG K 56 11.54 24.14 6.64
N ALA K 57 12.35 23.38 7.35
CA ALA K 57 12.55 21.97 6.99
C ALA K 57 11.20 21.26 6.92
N GLU K 58 10.41 21.30 7.99
CA GLU K 58 9.13 20.58 8.02
C GLU K 58 8.15 21.08 6.96
N GLY K 59 7.68 22.31 7.08
CA GLY K 59 6.72 22.84 6.14
C GLY K 59 6.73 24.37 6.02
N PRO K 60 5.89 24.91 5.12
CA PRO K 60 5.68 26.33 4.80
C PRO K 60 5.21 27.24 5.95
N ALA K 61 4.34 26.72 6.83
CA ALA K 61 3.66 27.50 7.87
C ALA K 61 3.45 26.70 9.18
N HIS K 62 3.41 27.41 10.31
CA HIS K 62 3.52 26.81 11.66
C HIS K 62 2.91 27.63 12.83
N ARG K 63 1.99 27.03 13.59
CA ARG K 63 1.45 27.64 14.82
C ARG K 63 2.43 27.64 15.99
N VAL K 64 2.85 28.84 16.41
CA VAL K 64 3.73 28.99 17.57
C VAL K 64 3.05 29.82 18.67
N ARG K 65 3.64 29.83 19.86
CA ARG K 65 3.35 30.81 20.89
C ARG K 65 4.54 31.78 20.91
N THR K 66 4.29 33.10 20.81
CA THR K 66 5.39 34.09 20.91
C THR K 66 5.87 34.18 22.36
N PRO K 67 7.06 34.75 22.59
CA PRO K 67 7.49 34.81 23.99
C PRO K 67 6.65 35.77 24.86
N GLU K 68 5.63 36.39 24.25
CA GLU K 68 4.76 37.30 25.00
C GLU K 68 3.31 36.83 25.11
N GLY K 69 3.05 35.58 24.76
CA GLY K 69 1.72 34.99 24.88
C GLY K 69 0.92 34.86 23.59
N ASN K 70 1.20 35.74 22.63
CA ASN K 70 0.47 35.69 21.37
C ASN K 70 0.66 34.34 20.70
N GLU K 71 -0.47 33.72 20.33
CA GLU K 71 -0.46 32.57 19.43
C GLU K 71 -0.73 33.00 18.01
N VAL K 72 0.20 32.63 17.12
CA VAL K 72 0.27 33.16 15.77
C VAL K 72 0.71 32.09 14.74
N TRP K 73 0.71 32.47 13.47
CA TRP K 73 1.20 31.63 12.40
C TRP K 73 2.50 32.21 11.86
N LEU K 74 3.48 31.35 11.60
CA LEU K 74 4.77 31.80 11.09
C LEU K 74 5.03 31.30 9.67
N VAL K 75 5.20 32.20 8.71
CA VAL K 75 5.49 31.78 7.35
C VAL K 75 6.99 31.80 7.12
N VAL K 76 7.55 30.65 6.76
CA VAL K 76 9.01 30.48 6.58
C VAL K 76 9.47 30.14 5.15
N GLY K 77 10.76 30.39 4.91
CA GLY K 77 11.43 30.09 3.63
C GLY K 77 11.23 31.18 2.62
N TYR K 78 12.29 31.58 1.93
CA TYR K 78 12.20 32.72 1.03
C TYR K 78 10.95 32.78 0.15
N ASP K 79 10.80 31.84 -0.79
CA ASP K 79 9.77 31.94 -1.83
C ASP K 79 8.38 32.11 -1.31
N ARG K 80 8.06 31.37 -0.26
CA ARG K 80 6.74 31.37 0.32
C ARG K 80 6.51 32.73 0.95
N ALA K 81 7.54 33.21 1.63
CA ALA K 81 7.49 34.46 2.36
C ALA K 81 7.33 35.64 1.43
N ARG K 82 7.92 35.56 0.23
CA ARG K 82 7.82 36.62 -0.75
C ARG K 82 6.45 36.67 -1.41
N ALA K 83 5.79 35.51 -1.49
CA ALA K 83 4.51 35.34 -2.19
C ALA K 83 3.42 35.95 -1.37
N VAL K 84 3.53 35.72 -0.06
CA VAL K 84 2.52 36.10 0.93
C VAL K 84 2.49 37.61 1.14
N LEU K 85 3.67 38.23 1.15
CA LEU K 85 3.77 39.68 1.29
C LEU K 85 2.97 40.43 0.22
N ALA K 86 2.84 39.80 -0.95
CA ALA K 86 2.17 40.40 -2.08
C ALA K 86 0.72 39.94 -2.18
N ASP K 87 0.37 38.95 -1.35
CA ASP K 87 -0.86 38.21 -1.55
C ASP K 87 -2.01 39.03 -0.96
N PRO K 88 -2.99 39.41 -1.82
CA PRO K 88 -4.15 40.17 -1.40
C PRO K 88 -5.14 39.30 -0.63
N ARG K 89 -4.80 38.03 -0.45
CA ARG K 89 -5.61 37.19 0.43
C ARG K 89 -5.23 37.42 1.89
N PHE K 90 -4.04 37.96 2.12
CA PHE K 90 -3.62 38.33 3.46
C PHE K 90 -3.82 39.83 3.64
N SER K 91 -4.85 40.18 4.40
CA SER K 91 -5.26 41.57 4.59
C SER K 91 -4.45 42.20 5.71
N LYS K 92 -4.54 43.52 5.84
CA LYS K 92 -3.92 44.20 6.96
C LYS K 92 -4.93 45.02 7.77
N ASP K 93 -6.13 45.22 7.23
CA ASP K 93 -7.24 45.79 7.99
C ASP K 93 -7.58 44.86 9.15
N TRP K 94 -7.63 45.40 10.36
CA TRP K 94 -7.98 44.59 11.53
C TRP K 94 -9.41 44.12 11.52
N ARG K 95 -10.25 44.73 10.71
CA ARG K 95 -11.63 44.24 10.59
C ARG K 95 -11.70 42.84 9.98
N ASN K 96 -10.56 42.30 9.55
CA ASN K 96 -10.51 40.91 9.08
C ASN K 96 -9.77 40.01 10.06
N SER K 97 -9.58 40.53 11.27
CA SER K 97 -9.05 39.72 12.35
C SER K 97 -10.17 39.17 13.23
N THR K 98 -9.88 38.04 13.86
CA THR K 98 -10.78 37.50 14.86
C THR K 98 -10.33 38.02 16.22
N THR K 99 -9.06 38.43 16.33
CA THR K 99 -8.56 39.03 17.57
C THR K 99 -9.05 40.44 17.63
N PRO K 100 -9.87 40.78 18.64
CA PRO K 100 -10.34 42.17 18.76
C PRO K 100 -9.23 43.12 19.23
N LEU K 101 -9.40 44.42 18.99
CA LEU K 101 -8.46 45.41 19.45
C LEU K 101 -8.99 46.05 20.71
N THR K 102 -8.20 46.00 21.77
CA THR K 102 -8.41 46.88 22.93
C THR K 102 -8.53 48.31 22.41
N GLU K 103 -9.59 49.01 22.80
CA GLU K 103 -9.88 50.36 22.28
C GLU K 103 -8.67 51.31 22.17
N ALA K 104 -7.59 51.06 22.92
CA ALA K 104 -6.35 51.86 22.89
C ALA K 104 -5.46 51.63 21.65
N GLU K 105 -5.42 50.38 21.18
CA GLU K 105 -4.79 50.04 19.91
C GLU K 105 -5.68 50.52 18.77
N ALA K 106 -6.98 50.64 19.02
CA ALA K 106 -7.89 51.06 17.97
C ALA K 106 -7.70 52.55 17.70
N ALA K 107 -7.38 53.31 18.74
CA ALA K 107 -7.07 54.73 18.56
C ALA K 107 -6.06 54.98 17.42
N LEU K 108 -5.10 54.07 17.25
CA LEU K 108 -3.99 54.23 16.32
C LEU K 108 -4.03 53.36 15.07
N ASN K 109 -4.97 52.43 14.98
CA ASN K 109 -4.91 51.49 13.88
C ASN K 109 -5.31 52.03 12.48
N HIS K 110 -5.65 53.33 12.42
CA HIS K 110 -6.07 53.96 11.16
C HIS K 110 -4.92 54.43 10.24
N ASN K 111 -3.86 53.65 10.12
CA ASN K 111 -2.71 54.06 9.34
C ASN K 111 -2.50 53.15 8.13
N MET K 112 -1.77 53.62 7.14
CA MET K 112 -1.60 52.89 5.88
C MET K 112 -1.24 51.39 6.02
N LEU K 113 -0.28 51.10 6.90
CA LEU K 113 0.22 49.74 7.15
C LEU K 113 -0.85 48.79 7.67
N GLU K 114 -1.91 49.33 8.26
CA GLU K 114 -2.96 48.47 8.78
C GLU K 114 -4.28 48.71 8.03
N SER K 115 -4.13 49.03 6.74
CA SER K 115 -5.24 49.30 5.82
C SER K 115 -5.11 48.49 4.56
N ASP K 116 -6.23 48.34 3.86
CA ASP K 116 -6.26 47.71 2.55
C ASP K 116 -6.58 48.77 1.50
N PRO K 117 -6.23 48.54 0.23
CA PRO K 117 -6.84 49.42 -0.78
C PRO K 117 -8.33 49.30 -0.60
N PRO K 118 -9.08 50.41 -0.74
CA PRO K 118 -8.70 51.80 -1.09
C PRO K 118 -8.07 52.69 0.00
N ARG K 119 -8.38 52.42 1.27
CA ARG K 119 -7.84 53.26 2.35
C ARG K 119 -6.35 53.45 2.13
N HIS K 120 -5.61 52.34 2.08
CA HIS K 120 -4.15 52.35 1.93
C HIS K 120 -3.66 53.28 0.82
N THR K 121 -4.36 53.22 -0.30
CA THR K 121 -4.05 54.02 -1.46
C THR K 121 -4.15 55.50 -1.10
N ARG K 122 -5.27 55.90 -0.52
CA ARG K 122 -5.46 57.28 -0.23
C ARG K 122 -4.42 57.82 0.75
N LEU K 123 -4.12 57.07 1.81
CA LEU K 123 -3.25 57.62 2.83
C LEU K 123 -1.80 57.68 2.39
N ARG K 124 -1.33 56.64 1.74
CA ARG K 124 0.04 56.64 1.26
C ARG K 124 0.28 57.85 0.34
N LYS K 125 -0.70 58.11 -0.54
CA LYS K 125 -0.66 59.19 -1.52
C LYS K 125 -0.38 60.52 -0.89
N LEU K 126 -0.83 60.72 0.34
CA LEU K 126 -0.70 62.01 0.99
C LEU K 126 0.73 62.28 1.33
N VAL K 127 1.58 61.26 1.36
CA VAL K 127 2.97 61.48 1.80
C VAL K 127 4.03 60.80 0.96
N ALA K 128 3.60 59.99 0.02
CA ALA K 128 4.46 59.43 -0.98
C ALA K 128 5.55 60.46 -1.38
N ARG K 129 5.10 61.62 -1.86
CA ARG K 129 6.00 62.65 -2.39
C ARG K 129 7.13 63.06 -1.45
N GLU K 130 6.94 62.89 -0.16
CA GLU K 130 7.88 63.41 0.82
C GLU K 130 9.06 62.49 1.02
N PHE K 131 8.97 61.27 0.50
CA PHE K 131 9.94 60.22 0.83
C PHE K 131 10.68 59.61 -0.36
N THR K 132 10.43 60.11 -1.56
CA THR K 132 11.28 59.83 -2.71
C THR K 132 12.74 60.12 -2.40
N MET K 133 13.62 59.49 -3.15
CA MET K 133 15.04 59.48 -2.92
C MET K 133 15.63 60.87 -3.18
N ARG K 134 15.15 61.50 -4.26
CA ARG K 134 15.50 62.88 -4.58
C ARG K 134 15.02 63.89 -3.52
N ARG K 135 13.95 63.58 -2.83
CA ARG K 135 13.51 64.48 -1.77
C ARG K 135 14.38 64.25 -0.55
N VAL K 136 14.65 63.00 -0.25
CA VAL K 136 15.36 62.62 0.94
C VAL K 136 16.80 63.10 0.92
N GLU K 137 17.35 63.14 -0.30
CA GLU K 137 18.71 63.57 -0.57
C GLU K 137 18.94 65.02 -0.19
N LEU K 138 17.91 65.85 -0.33
CA LEU K 138 18.02 67.20 0.22
C LEU K 138 18.29 67.23 1.73
N LEU K 139 18.09 66.12 2.45
CA LEU K 139 18.38 66.11 3.87
C LEU K 139 19.83 65.71 4.19
N ARG K 140 20.60 65.34 3.17
CA ARG K 140 21.97 64.87 3.38
C ARG K 140 22.83 65.85 4.21
N PRO K 141 22.77 67.17 3.90
CA PRO K 141 23.56 68.12 4.69
C PRO K 141 23.19 68.13 6.18
N ARG K 142 21.92 67.90 6.46
CA ARG K 142 21.40 68.02 7.82
C ARG K 142 21.69 66.73 8.59
N VAL K 143 21.37 65.61 7.92
CA VAL K 143 21.59 64.28 8.46
C VAL K 143 23.06 64.06 8.81
N GLN K 144 23.95 64.36 7.85
CA GLN K 144 25.39 64.35 8.06
C GLN K 144 25.72 65.16 9.28
N GLU K 145 25.12 66.33 9.40
CA GLU K 145 25.42 67.26 10.48
C GLU K 145 24.99 66.73 11.86
N ILE K 146 23.79 66.15 11.92
CA ILE K 146 23.33 65.42 13.09
C ILE K 146 24.32 64.33 13.53
N VAL K 147 24.74 63.49 12.57
CA VAL K 147 25.67 62.38 12.85
C VAL K 147 27.02 62.92 13.23
N ASP K 148 27.47 63.95 12.51
CA ASP K 148 28.76 64.58 12.77
C ASP K 148 28.82 65.13 14.18
N GLY K 149 27.68 65.61 14.68
CA GLY K 149 27.57 66.18 16.00
C GLY K 149 27.54 65.13 17.10
N LEU K 150 26.84 64.03 16.87
CA LEU K 150 26.74 62.96 17.87
C LEU K 150 28.04 62.16 18.01
N VAL K 151 28.72 61.91 16.89
CA VAL K 151 29.98 61.18 16.95
C VAL K 151 31.02 62.06 17.61
N ASP K 152 31.00 63.36 17.28
CA ASP K 152 31.87 64.34 17.94
C ASP K 152 31.71 64.25 19.47
N ALA K 153 30.47 64.09 19.93
CA ALA K 153 30.18 63.90 21.35
C ALA K 153 30.81 62.60 21.85
N MET K 154 30.21 61.47 21.46
CA MET K 154 30.66 60.10 21.79
C MET K 154 32.18 59.92 21.84
N LEU K 155 32.92 60.74 21.09
CA LEU K 155 34.38 60.66 21.03
C LEU K 155 35.08 61.34 22.18
N ALA K 156 34.32 61.95 23.10
CA ALA K 156 34.93 62.59 24.28
C ALA K 156 35.01 61.62 25.45
N ALA K 157 33.90 60.90 25.68
CA ALA K 157 33.78 59.91 26.75
C ALA K 157 35.15 59.42 27.19
N PRO K 158 35.55 59.78 28.42
CA PRO K 158 36.97 59.71 28.82
C PRO K 158 37.69 58.43 28.42
N ASP K 159 37.14 57.28 28.80
CA ASP K 159 37.82 55.99 28.67
C ASP K 159 38.25 55.60 27.26
N GLY K 160 37.38 55.86 26.29
CA GLY K 160 37.53 55.30 24.95
C GLY K 160 36.62 54.09 24.79
N ARG K 161 35.43 54.19 25.39
CA ARG K 161 34.39 53.16 25.35
C ARG K 161 33.01 53.83 25.37
N ALA K 162 32.04 53.22 24.70
CA ALA K 162 30.66 53.72 24.72
C ALA K 162 29.64 52.65 24.32
N ASP K 163 28.38 52.95 24.54
CA ASP K 163 27.30 52.11 24.07
C ASP K 163 26.74 52.69 22.79
N LEU K 164 27.15 52.10 21.67
CA LEU K 164 26.73 52.61 20.38
C LEU K 164 25.24 52.96 20.37
N MET K 165 24.45 52.15 21.06
CA MET K 165 23.02 52.34 21.05
C MET K 165 22.58 53.68 21.63
N GLU K 166 23.12 54.02 22.79
CA GLU K 166 22.81 55.27 23.46
C GLU K 166 23.33 56.49 22.67
N SER K 167 24.53 56.34 22.11
CA SER K 167 25.27 57.45 21.57
C SER K 167 25.07 57.68 20.09
N LEU K 168 24.41 56.74 19.41
CA LEU K 168 24.17 56.94 17.99
C LEU K 168 22.95 56.20 17.41
N ALA K 169 22.80 54.92 17.72
CA ALA K 169 21.80 54.12 17.06
C ALA K 169 20.42 54.66 17.37
N TRP K 170 20.21 55.09 18.61
CA TRP K 170 18.91 55.65 19.04
C TRP K 170 18.68 57.13 18.70
N PRO K 171 19.65 58.05 19.03
CA PRO K 171 19.34 59.47 18.83
C PRO K 171 19.19 59.90 17.37
N LEU K 172 19.98 59.32 16.47
CA LEU K 172 19.91 59.71 15.07
C LEU K 172 18.50 59.66 14.43
N PRO K 173 17.90 58.45 14.30
CA PRO K 173 16.61 58.32 13.62
C PRO K 173 15.51 59.13 14.30
N ILE K 174 15.59 59.27 15.62
CA ILE K 174 14.58 59.99 16.34
C ILE K 174 14.67 61.47 15.92
N THR K 175 15.87 62.03 16.06
CA THR K 175 16.13 63.41 15.67
C THR K 175 15.58 63.70 14.26
N VAL K 176 15.92 62.84 13.29
CA VAL K 176 15.54 63.11 11.91
C VAL K 176 14.04 63.12 11.79
N ILE K 177 13.40 62.03 12.17
CA ILE K 177 11.95 61.96 12.06
C ILE K 177 11.24 63.00 12.94
N SER K 178 11.73 63.20 14.16
CA SER K 178 11.20 64.27 15.00
C SER K 178 11.23 65.62 14.27
N GLU K 179 12.34 65.89 13.58
CA GLU K 179 12.51 67.13 12.82
C GLU K 179 11.59 67.20 11.59
N LEU K 180 11.56 66.12 10.80
CA LEU K 180 10.70 66.11 9.64
C LEU K 180 9.26 66.44 9.96
N LEU K 181 8.78 65.98 11.11
CA LEU K 181 7.38 66.10 11.50
C LEU K 181 7.09 67.16 12.57
N GLY K 182 8.06 68.02 12.89
CA GLY K 182 7.87 69.09 13.90
C GLY K 182 7.61 68.56 15.30
N VAL K 183 8.39 67.58 15.75
CA VAL K 183 8.34 67.13 17.14
C VAL K 183 9.34 67.91 18.02
N PRO K 184 8.83 68.74 18.95
CA PRO K 184 9.65 69.60 19.79
C PRO K 184 10.73 68.83 20.56
N GLU K 185 11.92 69.42 20.66
CA GLU K 185 13.08 68.74 21.20
C GLU K 185 12.90 68.19 22.62
N PRO K 186 12.31 68.98 23.56
CA PRO K 186 12.06 68.39 24.88
C PRO K 186 11.16 67.15 24.83
N ASP K 187 10.25 67.11 23.86
CA ASP K 187 9.26 66.04 23.76
C ASP K 187 9.78 64.71 23.22
N ARG K 188 11.07 64.65 22.87
CA ARG K 188 11.64 63.49 22.17
C ARG K 188 12.04 62.37 23.14
N ALA K 189 12.53 62.77 24.32
CA ALA K 189 12.96 61.82 25.34
C ALA K 189 11.87 60.81 25.69
N ALA K 190 10.62 61.28 25.82
CA ALA K 190 9.48 60.42 26.18
C ALA K 190 9.16 59.33 25.14
N PHE K 191 9.82 59.39 23.99
CA PHE K 191 9.59 58.42 22.91
C PHE K 191 10.41 57.15 23.02
N ARG K 192 11.61 57.25 23.57
CA ARG K 192 12.44 56.09 23.85
C ARG K 192 11.76 55.16 24.87
N VAL K 193 10.88 55.75 25.69
CA VAL K 193 10.17 55.01 26.72
C VAL K 193 8.93 54.28 26.13
N TRP K 194 8.01 55.06 25.55
CA TRP K 194 6.80 54.53 24.90
C TRP K 194 7.10 53.52 23.81
N THR K 195 8.36 53.51 23.36
CA THR K 195 8.81 52.61 22.32
C THR K 195 9.40 51.37 22.96
N ASP K 196 10.48 51.53 23.72
CA ASP K 196 11.08 50.43 24.50
C ASP K 196 9.96 49.57 25.04
N ALA K 197 8.85 50.23 25.38
CA ALA K 197 7.63 49.57 25.81
C ALA K 197 7.25 48.40 24.90
N PHE K 198 6.84 48.64 23.66
CA PHE K 198 6.44 47.51 22.81
C PHE K 198 7.56 46.68 22.13
N VAL K 199 8.82 47.11 22.31
CA VAL K 199 9.98 46.32 21.85
C VAL K 199 10.23 45.16 22.80
N PHE K 200 9.90 45.35 24.07
CA PHE K 200 9.68 44.25 25.00
C PHE K 200 8.78 44.69 26.13
N PRO K 201 7.46 44.42 25.99
CA PRO K 201 6.53 44.73 27.07
C PRO K 201 6.83 43.84 28.25
N ASP K 202 7.17 44.43 29.40
CA ASP K 202 7.24 43.64 30.61
C ASP K 202 5.95 42.83 30.74
N ASP K 203 4.89 43.34 30.13
CA ASP K 203 3.60 42.67 30.08
C ASP K 203 2.70 43.33 29.03
N PRO K 204 1.84 42.52 28.38
CA PRO K 204 0.86 43.01 27.39
C PRO K 204 -0.29 43.81 27.99
N ALA K 205 0.05 44.69 28.93
CA ALA K 205 -0.89 45.67 29.51
C ALA K 205 -0.08 46.94 29.80
N GLN K 206 1.24 46.82 29.71
CA GLN K 206 2.18 47.93 29.87
C GLN K 206 2.43 48.54 28.51
N ALA K 207 2.46 47.68 27.50
CA ALA K 207 2.50 48.12 26.12
C ALA K 207 1.20 48.87 25.84
N GLN K 208 0.13 48.43 26.51
CA GLN K 208 -1.18 49.03 26.36
C GLN K 208 -1.26 50.44 26.94
N THR K 209 -0.64 50.66 28.10
CA THR K 209 -0.55 52.01 28.66
C THR K 209 0.46 52.87 27.89
N ALA K 210 1.41 52.22 27.23
CA ALA K 210 2.25 52.92 26.27
C ALA K 210 1.39 53.59 25.19
N MET K 211 0.69 52.76 24.41
CA MET K 211 -0.18 53.22 23.35
C MET K 211 -1.20 54.24 23.77
N ALA K 212 -1.65 54.15 25.02
CA ALA K 212 -2.67 55.06 25.51
C ALA K 212 -2.12 56.47 25.63
N GLU K 213 -0.91 56.58 26.19
CA GLU K 213 -0.28 57.87 26.40
C GLU K 213 0.35 58.38 25.12
N MET K 214 0.80 57.48 24.24
CA MET K 214 1.37 57.85 22.95
C MET K 214 0.28 58.54 22.15
N SER K 215 -0.89 57.94 22.13
CA SER K 215 -2.06 58.52 21.49
C SER K 215 -2.37 59.90 22.12
N GLY K 216 -2.55 59.93 23.44
CA GLY K 216 -2.77 61.16 24.17
C GLY K 216 -1.84 62.29 23.77
N TYR K 217 -0.54 62.00 23.66
CA TYR K 217 0.42 63.02 23.28
C TYR K 217 0.33 63.49 21.83
N LEU K 218 0.11 62.56 20.92
CA LEU K 218 0.07 62.93 19.51
C LEU K 218 -1.10 63.88 19.20
N SER K 219 -2.24 63.62 19.81
CA SER K 219 -3.43 64.45 19.69
C SER K 219 -3.26 65.82 20.32
N ARG K 220 -2.36 65.94 21.29
CA ARG K 220 -2.00 67.27 21.83
C ARG K 220 -1.04 68.01 20.88
N LEU K 221 -0.02 67.32 20.42
CA LEU K 221 0.88 67.90 19.43
C LEU K 221 0.08 68.36 18.21
N ILE K 222 -0.89 67.56 17.79
CA ILE K 222 -1.71 67.88 16.63
C ILE K 222 -2.51 69.22 16.78
N ASP K 223 -3.17 69.41 17.92
N ASP K 223 -3.16 69.42 17.92
CA ASP K 223 -3.82 70.70 18.20
CA ASP K 223 -3.81 70.71 18.18
C ASP K 223 -2.82 71.85 18.27
C ASP K 223 -2.79 71.85 18.22
N SER K 224 -1.68 71.63 18.92
CA SER K 224 -0.65 72.69 19.08
C SER K 224 -0.18 73.26 17.75
N LYS K 225 -0.27 72.45 16.71
CA LYS K 225 0.06 72.86 15.36
C LYS K 225 -0.95 73.88 14.80
N ARG K 226 -2.17 73.86 15.31
CA ARG K 226 -3.26 74.62 14.69
C ARG K 226 -3.04 76.12 14.79
N GLY K 227 -3.16 76.79 13.64
CA GLY K 227 -2.99 78.23 13.54
C GLY K 227 -1.56 78.71 13.72
N GLN K 228 -0.59 77.80 13.81
CA GLN K 228 0.80 78.16 14.05
C GLN K 228 1.65 78.27 12.77
N ASP K 229 0.99 78.10 11.63
CA ASP K 229 1.61 78.17 10.31
C ASP K 229 2.89 77.35 10.20
N GLY K 230 2.91 76.19 10.84
CA GLY K 230 4.06 75.30 10.78
C GLY K 230 4.31 74.83 9.36
N GLU K 231 5.59 74.59 9.02
CA GLU K 231 5.98 74.11 7.69
C GLU K 231 6.42 72.64 7.64
N ASP K 232 6.53 72.01 8.79
CA ASP K 232 6.82 70.59 8.82
C ASP K 232 5.65 69.79 8.20
N LEU K 233 5.93 68.56 7.81
CA LEU K 233 4.92 67.67 7.36
C LEU K 233 3.72 67.59 8.30
N LEU K 234 3.92 67.27 9.57
CA LEU K 234 2.77 67.03 10.45
C LEU K 234 1.80 68.21 10.40
N SER K 235 2.35 69.43 10.46
CA SER K 235 1.59 70.63 10.29
C SER K 235 0.74 70.61 9.04
N ALA K 236 1.37 70.32 7.90
CA ALA K 236 0.73 70.27 6.61
C ALA K 236 -0.48 69.35 6.59
N LEU K 237 -0.36 68.21 7.26
CA LEU K 237 -1.44 67.25 7.36
C LEU K 237 -2.58 67.79 8.22
N VAL K 238 -2.23 68.56 9.25
CA VAL K 238 -3.26 69.13 10.10
C VAL K 238 -4.13 70.06 9.27
N ARG K 239 -3.50 70.84 8.39
CA ARG K 239 -4.24 71.81 7.57
C ARG K 239 -5.14 71.14 6.53
N THR K 240 -4.58 70.17 5.77
CA THR K 240 -5.36 69.28 4.89
C THR K 240 -6.61 68.67 5.55
N SER K 241 -6.43 68.16 6.77
CA SER K 241 -7.48 67.48 7.49
C SER K 241 -8.52 68.47 8.01
N ASP K 242 -8.08 69.65 8.43
CA ASP K 242 -9.00 70.61 8.96
C ASP K 242 -9.79 71.18 7.82
N GLU K 243 -9.17 71.25 6.65
CA GLU K 243 -9.83 71.82 5.49
C GLU K 243 -10.87 70.89 4.90
N ASP K 244 -10.63 69.58 4.98
CA ASP K 244 -11.51 68.60 4.35
C ASP K 244 -11.16 67.17 4.79
N GLY K 245 -11.82 66.78 5.88
CA GLY K 245 -11.58 65.53 6.56
C GLY K 245 -12.12 64.32 5.86
N SER K 246 -12.62 64.51 4.65
CA SER K 246 -12.84 63.34 3.80
C SER K 246 -11.58 63.02 3.00
N ARG K 247 -10.63 63.96 2.94
CA ARG K 247 -9.26 63.66 2.46
C ARG K 247 -8.41 63.01 3.55
N LEU K 248 -8.62 63.45 4.81
CA LEU K 248 -7.90 62.90 5.94
C LEU K 248 -8.66 63.11 7.26
N THR K 249 -9.31 62.06 7.78
CA THR K 249 -10.08 62.14 9.05
C THR K 249 -9.18 62.50 10.25
N SER K 250 -9.77 62.82 11.38
CA SER K 250 -8.96 63.16 12.55
C SER K 250 -8.31 61.94 13.19
N GLU K 251 -8.89 60.77 12.96
CA GLU K 251 -8.30 59.50 13.39
C GLU K 251 -7.18 59.09 12.45
N GLU K 252 -7.40 59.31 11.15
CA GLU K 252 -6.40 59.02 10.14
C GLU K 252 -5.22 59.97 10.25
N LEU K 253 -5.52 61.21 10.60
CA LEU K 253 -4.51 62.19 10.91
C LEU K 253 -3.62 61.60 12.00
N LEU K 254 -4.24 61.09 13.07
CA LEU K 254 -3.50 60.54 14.20
C LEU K 254 -2.78 59.25 13.81
N GLY K 255 -3.37 58.49 12.89
CA GLY K 255 -2.75 57.24 12.41
C GLY K 255 -1.42 57.48 11.72
N MET K 256 -1.48 58.39 10.74
CA MET K 256 -0.33 58.82 9.96
C MET K 256 0.83 59.26 10.84
N ALA K 257 0.51 60.11 11.82
CA ALA K 257 1.45 60.62 12.81
C ALA K 257 2.05 59.51 13.65
N HIS K 258 1.18 58.66 14.20
CA HIS K 258 1.66 57.44 14.83
C HIS K 258 2.68 56.69 13.97
N ILE K 259 2.22 56.19 12.83
CA ILE K 259 3.03 55.28 12.04
C ILE K 259 4.35 55.94 11.64
N LEU K 260 4.29 57.19 11.16
CA LEU K 260 5.50 57.86 10.70
C LEU K 260 6.55 58.05 11.76
N LEU K 261 6.13 58.32 12.99
CA LEU K 261 7.07 58.46 14.09
C LEU K 261 7.61 57.15 14.64
N VAL K 262 6.78 56.12 14.63
CA VAL K 262 7.22 54.81 15.09
C VAL K 262 8.06 54.16 14.00
N ALA K 263 7.40 53.76 12.91
CA ALA K 263 8.04 53.04 11.83
C ALA K 263 9.24 53.78 11.25
N GLY K 264 9.37 55.07 11.60
CA GLY K 264 10.66 55.78 11.54
C GLY K 264 11.56 55.18 12.61
N HIS K 265 11.66 55.85 13.76
CA HIS K 265 12.51 55.42 14.90
C HIS K 265 13.03 53.97 14.80
N GLU K 266 12.24 53.04 15.36
CA GLU K 266 12.65 51.67 15.70
C GLU K 266 13.42 50.81 14.70
N THR K 267 12.96 50.77 13.45
CA THR K 267 13.60 49.96 12.44
C THR K 267 15.05 50.43 12.15
N THR K 268 15.20 51.70 11.82
CA THR K 268 16.51 52.26 11.50
C THR K 268 17.49 52.23 12.68
N VAL K 269 16.97 52.29 13.90
CA VAL K 269 17.81 52.29 15.11
C VAL K 269 18.50 50.94 15.19
N ASN K 270 17.70 49.90 14.96
CA ASN K 270 18.19 48.55 15.03
C ASN K 270 19.07 48.21 13.84
N LEU K 271 18.75 48.77 12.67
CA LEU K 271 19.60 48.56 11.49
C LEU K 271 21.02 49.05 11.71
N ILE K 272 21.15 50.28 12.19
CA ILE K 272 22.43 50.85 12.53
C ILE K 272 23.18 50.01 13.58
N ALA K 273 22.48 49.54 14.61
CA ALA K 273 23.12 48.76 15.67
C ALA K 273 23.38 47.33 15.22
N ASN K 274 22.42 46.67 14.59
CA ASN K 274 22.68 45.32 14.04
C ASN K 274 23.80 45.38 13.00
N GLY K 275 23.70 46.33 12.09
CA GLY K 275 24.67 46.47 11.05
C GLY K 275 26.09 46.61 11.55
N MET K 276 26.27 47.47 12.55
CA MET K 276 27.59 47.68 13.12
C MET K 276 28.07 46.49 13.95
N TYR K 277 27.13 45.73 14.51
CA TYR K 277 27.45 44.47 15.18
C TYR K 277 28.04 43.49 14.19
N ALA K 278 27.25 43.14 13.17
CA ALA K 278 27.72 42.30 12.08
C ALA K 278 29.13 42.72 11.67
N LEU K 279 29.28 44.00 11.34
CA LEU K 279 30.56 44.49 10.84
C LEU K 279 31.67 44.36 11.88
N LEU K 280 31.36 44.59 13.16
CA LEU K 280 32.40 44.56 14.19
C LEU K 280 32.76 43.17 14.65
N SER K 281 31.85 42.23 14.43
CA SER K 281 32.10 40.83 14.77
C SER K 281 32.77 40.08 13.62
N HIS K 282 32.93 40.75 12.47
CA HIS K 282 33.67 40.23 11.34
C HIS K 282 34.70 41.27 10.94
N PRO K 283 35.77 41.41 11.74
CA PRO K 283 36.78 42.47 11.54
C PRO K 283 37.32 42.57 10.12
N ASP K 284 37.45 41.42 9.44
CA ASP K 284 38.00 41.38 8.08
C ASP K 284 37.12 42.11 7.04
N GLN K 285 35.80 41.94 7.14
CA GLN K 285 34.85 42.76 6.36
C GLN K 285 34.98 44.22 6.78
N LEU K 286 35.07 44.46 8.09
CA LEU K 286 35.24 45.82 8.62
C LEU K 286 36.42 46.57 7.99
N ALA K 287 37.60 45.95 7.93
CA ALA K 287 38.75 46.63 7.37
C ALA K 287 38.75 46.64 5.84
N ALA K 288 37.98 45.73 5.23
CA ALA K 288 37.81 45.74 3.77
C ALA K 288 37.09 47.03 3.37
N LEU K 289 36.00 47.34 4.06
CA LEU K 289 35.21 48.53 3.80
C LEU K 289 35.92 49.80 4.24
N ARG K 290 36.76 49.66 5.27
CA ARG K 290 37.58 50.78 5.74
C ARG K 290 38.51 51.25 4.63
N ALA K 291 39.23 50.31 4.02
CA ALA K 291 40.11 50.56 2.89
C ALA K 291 39.30 51.13 1.72
N ASP K 292 38.16 50.50 1.42
CA ASP K 292 37.33 50.89 0.29
C ASP K 292 35.91 51.29 0.66
N MET K 293 35.71 52.60 0.69
CA MET K 293 34.41 53.17 1.00
C MET K 293 33.40 53.03 -0.15
N THR K 294 33.83 52.55 -1.32
CA THR K 294 32.89 52.35 -2.44
C THR K 294 31.95 51.18 -2.16
N LEU K 295 32.38 50.29 -1.26
CA LEU K 295 31.55 49.15 -0.86
C LEU K 295 30.33 49.51 0.04
N LEU K 296 30.23 50.78 0.46
CA LEU K 296 29.29 51.21 1.51
C LEU K 296 27.82 50.93 1.23
N ASP K 297 27.33 51.32 0.06
CA ASP K 297 25.96 51.03 -0.34
C ASP K 297 25.68 49.54 -0.34
N GLY K 298 26.56 48.77 -0.99
CA GLY K 298 26.39 47.34 -1.09
C GLY K 298 26.44 46.72 0.29
N ALA K 299 27.32 47.26 1.13
CA ALA K 299 27.48 46.85 2.52
C ALA K 299 26.22 47.05 3.37
N VAL K 300 25.61 48.23 3.27
CA VAL K 300 24.35 48.52 3.98
C VAL K 300 23.25 47.55 3.49
N GLU K 301 23.26 47.20 2.21
CA GLU K 301 22.35 46.18 1.70
C GLU K 301 22.51 44.82 2.38
N GLU K 302 23.73 44.39 2.59
CA GLU K 302 23.95 43.08 3.22
C GLU K 302 23.58 43.08 4.72
N MET K 303 23.73 44.24 5.35
CA MET K 303 23.38 44.40 6.76
C MET K 303 21.90 44.09 6.95
N LEU K 304 21.14 44.53 5.95
CA LEU K 304 19.72 44.29 5.89
C LEU K 304 19.49 42.83 5.61
N ARG K 305 20.31 42.22 4.78
CA ARG K 305 20.11 40.82 4.48
C ARG K 305 20.49 39.98 5.69
N TYR K 306 21.64 40.29 6.29
CA TYR K 306 22.20 39.42 7.32
C TYR K 306 21.47 39.57 8.65
N GLU K 307 21.36 40.80 9.15
CA GLU K 307 20.63 41.01 10.40
C GLU K 307 19.64 42.19 10.33
N GLY K 308 18.80 42.18 9.29
CA GLY K 308 17.71 43.14 9.15
C GLY K 308 16.95 43.34 10.45
N PRO K 309 16.31 44.51 10.63
CA PRO K 309 15.73 44.81 11.94
C PRO K 309 14.33 44.24 12.04
N VAL K 310 13.76 43.91 10.88
CA VAL K 310 12.45 43.28 10.82
C VAL K 310 12.63 41.76 10.68
N GLU K 311 12.83 41.10 11.82
CA GLU K 311 12.74 39.63 11.97
C GLU K 311 11.49 39.03 11.29
N SER K 312 10.33 39.61 11.58
CA SER K 312 9.08 39.20 10.95
C SER K 312 8.17 40.38 10.67
N ALA K 313 7.41 40.25 9.59
CA ALA K 313 6.56 41.31 9.06
C ALA K 313 5.39 41.62 10.00
N THR K 314 4.76 42.78 9.83
CA THR K 314 3.61 43.13 10.63
C THR K 314 2.51 42.13 10.35
N TYR K 315 1.50 42.16 11.20
CA TYR K 315 0.38 41.21 11.20
C TYR K 315 -0.40 41.16 9.87
N ARG K 316 -0.74 39.94 9.46
CA ARG K 316 -1.53 39.68 8.25
C ARG K 316 -2.63 38.64 8.55
N PHE K 317 -3.83 38.92 8.07
CA PHE K 317 -5.01 38.12 8.38
C PHE K 317 -5.64 37.67 7.09
N PRO K 318 -5.76 36.35 6.88
CA PRO K 318 -6.45 35.79 5.72
C PRO K 318 -7.91 36.17 5.68
N VAL K 319 -8.35 36.75 4.57
CA VAL K 319 -9.75 37.09 4.40
C VAL K 319 -10.58 35.83 4.17
N GLU K 320 -9.94 34.80 3.64
CA GLU K 320 -10.54 33.46 3.52
C GLU K 320 -9.43 32.43 3.77
N PRO K 321 -9.76 31.24 4.34
CA PRO K 321 -8.70 30.26 4.57
C PRO K 321 -7.77 30.05 3.37
N VAL K 322 -6.48 29.83 3.64
CA VAL K 322 -5.44 29.72 2.62
C VAL K 322 -4.69 28.39 2.73
N ASP K 323 -4.63 27.65 1.64
CA ASP K 323 -3.85 26.42 1.65
C ASP K 323 -2.44 26.73 1.22
N LEU K 324 -1.52 26.54 2.17
CA LEU K 324 -0.11 26.61 1.89
C LEU K 324 0.37 25.17 1.95
N ASP K 325 0.45 24.55 0.79
CA ASP K 325 1.24 23.35 0.63
C ASP K 325 0.87 22.30 1.70
N GLY K 326 -0.43 22.17 1.99
CA GLY K 326 -0.94 21.22 3.01
C GLY K 326 -1.43 21.84 4.31
N THR K 327 -0.71 22.86 4.80
CA THR K 327 -1.05 23.57 6.02
C THR K 327 -2.03 24.68 5.67
N VAL K 328 -3.30 24.51 6.04
CA VAL K 328 -4.37 25.50 5.77
C VAL K 328 -4.59 26.40 7.00
N ILE K 329 -4.36 27.71 6.83
CA ILE K 329 -4.59 28.73 7.88
C ILE K 329 -6.02 29.29 7.79
N PRO K 330 -6.78 29.21 8.90
CA PRO K 330 -8.13 29.76 9.05
C PRO K 330 -8.23 31.24 8.74
N ALA K 331 -9.35 31.68 8.15
CA ALA K 331 -9.56 33.11 7.98
C ALA K 331 -9.44 33.82 9.33
N GLY K 332 -8.77 34.96 9.32
CA GLY K 332 -8.70 35.79 10.52
C GLY K 332 -7.53 35.52 11.45
N ASP K 333 -6.77 34.47 11.17
CA ASP K 333 -5.63 34.18 12.00
C ASP K 333 -4.47 35.14 11.74
N THR K 334 -3.84 35.58 12.82
CA THR K 334 -2.67 36.42 12.77
C THR K 334 -1.50 35.63 12.19
N VAL K 335 -0.91 36.19 11.13
CA VAL K 335 0.19 35.57 10.45
C VAL K 335 1.41 36.51 10.40
N LEU K 336 2.56 35.99 10.83
N LEU K 336 2.56 36.01 10.83
CA LEU K 336 3.83 36.67 10.70
CA LEU K 336 3.81 36.74 10.67
C LEU K 336 4.61 36.03 9.57
C LEU K 336 4.67 36.08 9.62
N VAL K 337 4.97 36.83 8.57
CA VAL K 337 5.86 36.36 7.54
C VAL K 337 7.24 36.58 8.15
N VAL K 338 8.08 35.53 8.15
CA VAL K 338 9.41 35.62 8.78
C VAL K 338 10.52 36.02 7.82
N LEU K 339 10.72 37.33 7.72
CA LEU K 339 11.77 37.89 6.88
C LEU K 339 13.17 37.35 7.21
N ALA K 340 13.44 37.17 8.50
CA ALA K 340 14.71 36.60 8.98
C ALA K 340 15.05 35.21 8.42
N ASP K 341 14.05 34.33 8.26
CA ASP K 341 14.32 33.03 7.67
C ASP K 341 14.33 33.11 6.16
N ALA K 342 13.49 33.98 5.60
CA ALA K 342 13.45 34.19 4.16
C ALA K 342 14.82 34.67 3.69
N HIS K 343 15.54 35.40 4.56
CA HIS K 343 16.93 35.78 4.28
C HIS K 343 17.99 34.70 4.57
N ARG K 344 17.58 33.54 5.10
CA ARG K 344 18.56 32.51 5.36
C ARG K 344 18.36 31.27 4.47
N THR K 345 17.49 31.40 3.47
CA THR K 345 17.22 30.32 2.52
C THR K 345 18.39 30.28 1.51
N PRO K 346 19.11 29.13 1.40
CA PRO K 346 20.34 29.10 0.57
C PRO K 346 20.11 29.08 -0.96
N GLU K 347 18.96 28.54 -1.37
CA GLU K 347 18.52 28.55 -2.77
C GLU K 347 18.49 29.97 -3.29
N ARG K 348 18.13 30.91 -2.43
CA ARG K 348 18.08 32.31 -2.79
C ARG K 348 19.33 33.08 -2.34
N PHE K 349 19.95 32.62 -1.26
CA PHE K 349 21.16 33.25 -0.73
C PHE K 349 22.23 32.22 -0.37
N PRO K 350 23.18 31.98 -1.30
CA PRO K 350 24.28 31.04 -1.07
C PRO K 350 25.18 31.44 0.11
N ASP K 351 25.53 30.45 0.94
CA ASP K 351 26.32 30.68 2.14
C ASP K 351 25.60 31.66 3.08
N PRO K 352 24.31 31.37 3.40
CA PRO K 352 23.40 32.32 4.03
C PRO K 352 23.91 32.95 5.32
N HIS K 353 24.73 32.24 6.09
CA HIS K 353 25.16 32.77 7.41
C HIS K 353 26.47 33.54 7.39
N ARG K 354 27.01 33.72 6.20
CA ARG K 354 28.23 34.44 5.98
C ARG K 354 27.94 35.90 5.63
N PHE K 355 28.46 36.80 6.44
CA PHE K 355 28.29 38.21 6.25
C PHE K 355 29.31 38.69 5.22
N ASP K 356 28.85 38.91 4.00
CA ASP K 356 29.74 39.30 2.89
C ASP K 356 29.24 40.60 2.25
N ILE K 357 30.01 41.65 2.44
CA ILE K 357 29.55 42.99 2.03
C ILE K 357 29.59 43.19 0.50
N ARG K 358 30.00 42.13 -0.20
CA ARG K 358 30.12 42.14 -1.65
C ARG K 358 29.06 41.25 -2.29
N ARG K 359 28.29 40.56 -1.45
CA ARG K 359 27.33 39.57 -1.94
C ARG K 359 26.26 40.23 -2.80
N ASP K 360 25.64 39.43 -3.66
CA ASP K 360 24.46 39.86 -4.33
C ASP K 360 23.35 39.83 -3.28
N THR K 361 22.65 40.96 -3.18
CA THR K 361 21.56 41.16 -2.22
C THR K 361 20.28 41.69 -2.89
N ALA K 362 20.17 41.51 -4.21
CA ALA K 362 18.98 41.97 -4.89
C ALA K 362 17.81 41.11 -4.47
N GLY K 363 16.65 41.78 -4.36
CA GLY K 363 15.41 41.18 -3.96
C GLY K 363 15.39 40.64 -2.55
N HIS K 364 16.14 41.25 -1.63
CA HIS K 364 15.94 40.91 -0.21
C HIS K 364 14.56 41.43 0.20
N LEU K 365 14.12 41.13 1.41
CA LEU K 365 12.76 41.44 1.81
C LEU K 365 12.66 42.28 3.08
N ALA K 366 13.81 42.75 3.56
CA ALA K 366 13.92 43.52 4.80
C ALA K 366 13.11 44.82 4.78
N PHE K 367 12.74 45.25 3.58
CA PHE K 367 11.90 46.40 3.38
C PHE K 367 10.54 45.95 2.94
N GLY K 368 10.31 44.64 2.98
CA GLY K 368 9.07 44.07 2.46
C GLY K 368 9.03 43.93 0.96
N HIS K 369 7.81 43.74 0.45
CA HIS K 369 7.55 43.49 -0.97
C HIS K 369 6.07 43.75 -1.21
N GLY K 370 5.74 44.34 -2.35
CA GLY K 370 4.35 44.58 -2.73
C GLY K 370 3.79 45.90 -2.24
N ILE K 371 2.48 46.05 -2.25
CA ILE K 371 1.87 47.39 -2.05
C ILE K 371 2.26 48.18 -0.77
N HIS K 372 2.77 47.49 0.25
CA HIS K 372 3.18 48.14 1.51
C HIS K 372 4.69 48.28 1.67
N PHE K 373 5.46 48.11 0.58
CA PHE K 373 6.93 48.12 0.67
C PHE K 373 7.37 49.43 1.30
N CYS K 374 8.36 49.36 2.18
CA CYS K 374 8.72 50.49 3.05
C CYS K 374 8.81 51.86 2.37
N ILE K 375 8.02 52.80 2.87
CA ILE K 375 7.98 54.12 2.30
C ILE K 375 9.21 54.94 2.66
N GLY K 376 9.90 54.57 3.74
CA GLY K 376 11.12 55.26 4.20
C GLY K 376 12.43 54.62 3.70
N ALA K 377 12.35 53.60 2.84
CA ALA K 377 13.59 52.89 2.43
C ALA K 377 14.75 53.84 2.13
N PRO K 378 14.50 54.89 1.35
CA PRO K 378 15.59 55.80 1.04
C PRO K 378 16.03 56.69 2.21
N LEU K 379 15.16 56.95 3.17
CA LEU K 379 15.57 57.71 4.34
C LEU K 379 16.39 56.84 5.29
N ALA K 380 16.08 55.54 5.30
CA ALA K 380 16.86 54.55 6.05
C ALA K 380 18.23 54.49 5.51
N ARG K 381 18.30 54.06 4.26
CA ARG K 381 19.60 53.92 3.60
C ARG K 381 20.43 55.14 3.88
N LEU K 382 19.83 56.31 3.67
CA LEU K 382 20.57 57.56 3.80
C LEU K 382 21.24 57.63 5.13
N GLU K 383 20.44 57.48 6.18
CA GLU K 383 20.92 57.46 7.57
C GLU K 383 21.90 56.31 7.87
N ALA K 384 21.51 55.09 7.50
CA ALA K 384 22.39 53.96 7.70
C ALA K 384 23.77 54.33 7.15
N ARG K 385 23.77 54.76 5.89
CA ARG K 385 25.00 55.00 5.20
C ARG K 385 25.84 56.10 5.84
N ILE K 386 25.24 57.24 6.15
CA ILE K 386 25.99 58.38 6.70
C ILE K 386 26.65 58.06 8.07
N ALA K 387 25.92 57.29 8.88
CA ALA K 387 26.40 56.81 10.18
C ALA K 387 27.55 55.81 10.08
N VAL K 388 27.43 54.81 9.21
CA VAL K 388 28.43 53.73 9.09
C VAL K 388 29.77 54.30 8.66
N ARG K 389 29.69 55.27 7.76
CA ARG K 389 30.87 55.92 7.27
C ARG K 389 31.52 56.72 8.41
N ALA K 390 30.68 57.40 9.20
CA ALA K 390 31.18 58.32 10.19
C ALA K 390 31.81 57.61 11.38
N LEU K 391 31.44 56.35 11.59
CA LEU K 391 32.09 55.51 12.59
C LEU K 391 33.41 55.00 12.06
N LEU K 392 33.42 54.56 10.81
CA LEU K 392 34.64 54.02 10.25
C LEU K 392 35.75 55.08 10.18
N GLU K 393 35.36 56.33 9.88
CA GLU K 393 36.34 57.39 9.63
C GLU K 393 36.87 58.08 10.88
N ARG K 394 35.98 58.33 11.83
CA ARG K 394 36.30 59.18 12.96
C ARG K 394 36.77 58.38 14.19
N CYS K 395 36.64 57.05 14.14
CA CYS K 395 37.05 56.17 15.23
C CYS K 395 38.13 55.20 14.80
N PRO K 396 39.41 55.59 14.99
CA PRO K 396 40.57 54.72 14.79
C PRO K 396 40.52 53.47 15.68
N ASP K 397 40.68 52.29 15.09
CA ASP K 397 40.71 51.02 15.82
C ASP K 397 39.41 50.78 16.58
N LEU K 398 38.29 50.99 15.91
CA LEU K 398 37.00 50.68 16.51
C LEU K 398 36.81 49.17 16.60
N ALA K 399 36.54 48.71 17.82
CA ALA K 399 36.26 47.29 18.09
C ALA K 399 35.11 47.08 19.08
N LEU K 400 34.66 45.83 19.19
CA LEU K 400 33.73 45.41 20.23
C LEU K 400 34.32 45.52 21.64
N ASP K 401 33.57 46.14 22.55
CA ASP K 401 34.00 46.22 23.97
C ASP K 401 33.81 44.86 24.67
N VAL K 402 32.81 44.11 24.20
CA VAL K 402 32.43 42.85 24.81
C VAL K 402 32.20 41.79 23.71
N SER K 403 32.07 40.53 24.11
CA SER K 403 31.92 39.43 23.14
C SER K 403 30.48 38.85 23.01
N PRO K 404 30.06 38.49 21.77
CA PRO K 404 28.69 38.03 21.39
C PRO K 404 27.93 37.14 22.39
N GLY K 405 28.63 36.44 23.28
CA GLY K 405 27.96 35.72 24.33
C GLY K 405 27.30 36.64 25.36
N GLU K 406 27.96 37.76 25.68
CA GLU K 406 27.44 38.65 26.73
C GLU K 406 26.48 39.73 26.20
N LEU K 407 26.29 39.80 24.88
CA LEU K 407 25.27 40.67 24.26
C LEU K 407 23.85 40.13 24.46
N VAL K 408 23.02 40.92 25.16
CA VAL K 408 21.63 40.56 25.42
C VAL K 408 20.73 41.06 24.28
N TRP K 409 20.13 40.14 23.55
CA TRP K 409 19.19 40.48 22.47
C TRP K 409 17.73 40.50 22.94
N TYR K 410 16.84 40.87 22.03
CA TYR K 410 15.43 41.00 22.36
C TYR K 410 14.59 39.88 21.79
N PRO K 411 13.68 39.30 22.62
CA PRO K 411 12.88 38.13 22.25
C PRO K 411 11.84 38.36 21.14
N ASN K 412 11.02 39.42 21.26
CA ASN K 412 9.99 39.75 20.26
C ASN K 412 10.38 39.35 18.82
N PRO K 413 9.72 38.32 18.26
CA PRO K 413 10.15 37.76 16.98
C PRO K 413 9.84 38.66 15.80
N MET K 414 9.53 39.93 16.07
CA MET K 414 9.13 40.87 15.02
C MET K 414 10.25 41.81 14.70
N ILE K 415 10.99 42.17 15.74
CA ILE K 415 12.16 43.00 15.64
C ILE K 415 13.39 42.16 15.96
N ARG K 416 14.48 42.42 15.24
CA ARG K 416 15.77 41.95 15.68
C ARG K 416 16.66 43.10 16.22
N GLY K 417 16.83 43.15 17.53
CA GLY K 417 17.62 44.23 18.10
C GLY K 417 18.29 43.90 19.41
N LEU K 418 19.13 44.83 19.87
CA LEU K 418 20.02 44.66 21.02
C LEU K 418 19.58 45.58 22.16
N LYS K 419 19.88 45.21 23.40
CA LYS K 419 19.66 46.16 24.48
C LYS K 419 20.69 47.29 24.37
N ALA K 420 21.95 46.90 24.39
CA ALA K 420 23.06 47.85 24.26
C ALA K 420 24.13 47.35 23.26
N LEU K 421 24.88 48.27 22.67
CA LEU K 421 26.06 47.84 21.93
C LEU K 421 27.30 48.57 22.42
N PRO K 422 27.96 48.00 23.45
CA PRO K 422 29.23 48.52 23.93
C PRO K 422 30.30 48.43 22.88
N ILE K 423 31.08 49.50 22.75
CA ILE K 423 32.26 49.51 21.90
C ILE K 423 33.44 50.24 22.55
N ARG K 424 34.59 50.19 21.86
CA ARG K 424 35.77 50.97 22.20
C ARG K 424 36.49 51.48 20.95
N TRP K 425 37.31 52.50 21.16
CA TRP K 425 38.28 52.99 20.18
C TRP K 425 39.49 53.46 21.00
N ARG K 426 40.44 54.20 20.43
CA ARG K 426 41.68 54.57 21.18
C ARG K 426 41.84 56.08 21.46
N ALA L 30 -36.10 -29.78 81.01
CA ALA L 30 -36.40 -30.63 82.20
C ALA L 30 -36.45 -29.78 83.49
N SER L 31 -36.91 -30.41 84.58
CA SER L 31 -36.98 -29.74 85.89
C SER L 31 -35.60 -29.43 86.52
N PRO L 32 -34.73 -30.45 86.75
CA PRO L 32 -33.47 -30.24 87.49
C PRO L 32 -32.19 -29.99 86.63
N PRO L 33 -31.63 -28.75 86.69
CA PRO L 33 -30.44 -28.31 85.88
C PRO L 33 -29.16 -29.15 86.03
N VAL L 34 -28.31 -29.11 85.01
CA VAL L 34 -27.31 -30.17 84.81
C VAL L 34 -25.91 -29.90 85.40
N LEU L 35 -25.36 -28.70 85.20
CA LEU L 35 -24.00 -28.41 85.67
C LEU L 35 -23.99 -27.20 86.61
N ASP L 36 -23.55 -27.46 87.84
CA ASP L 36 -23.42 -26.44 88.84
C ASP L 36 -22.07 -25.80 88.70
N LEU L 37 -22.04 -24.50 88.40
CA LEU L 37 -20.77 -23.80 88.24
C LEU L 37 -20.21 -23.32 89.58
N GLY L 38 -21.07 -23.25 90.58
CA GLY L 38 -20.65 -22.87 91.92
C GLY L 38 -19.92 -24.01 92.58
N ALA L 39 -20.14 -25.24 92.10
CA ALA L 39 -19.42 -26.41 92.59
C ALA L 39 -17.96 -26.43 92.16
N LEU L 40 -17.68 -25.96 90.95
CA LEU L 40 -16.32 -25.98 90.40
C LEU L 40 -15.30 -25.02 91.04
N GLY L 41 -15.77 -23.95 91.68
CA GLY L 41 -14.90 -23.08 92.49
C GLY L 41 -13.91 -22.25 91.71
N GLN L 42 -12.75 -21.98 92.33
CA GLN L 42 -11.72 -21.10 91.76
C GLN L 42 -11.07 -21.67 90.52
N ASP L 43 -10.94 -22.99 90.43
CA ASP L 43 -10.23 -23.60 89.31
C ASP L 43 -10.92 -23.36 87.96
N PHE L 44 -12.21 -23.00 88.04
CA PHE L 44 -13.01 -22.68 86.86
C PHE L 44 -13.14 -21.16 86.61
N ALA L 45 -12.95 -20.34 87.63
CA ALA L 45 -12.78 -18.90 87.40
C ALA L 45 -11.39 -18.63 86.85
N ALA L 46 -10.44 -19.49 87.22
CA ALA L 46 -9.06 -19.42 86.75
C ALA L 46 -8.87 -20.00 85.35
N ASP L 47 -9.47 -21.17 85.08
CA ASP L 47 -9.42 -21.75 83.73
C ASP L 47 -10.76 -22.35 83.28
N PRO L 48 -11.68 -21.50 82.80
CA PRO L 48 -13.02 -21.92 82.39
C PRO L 48 -13.10 -22.59 81.01
N TYR L 49 -12.02 -22.47 80.22
CA TYR L 49 -12.05 -22.88 78.82
C TYR L 49 -12.27 -24.39 78.49
N PRO L 50 -11.77 -25.33 79.35
CA PRO L 50 -12.09 -26.78 79.17
C PRO L 50 -13.52 -27.19 79.55
N THR L 51 -14.05 -26.64 80.64
CA THR L 51 -15.44 -26.85 81.01
C THR L 51 -16.33 -26.55 79.82
N TYR L 52 -16.10 -25.38 79.20
CA TYR L 52 -16.82 -24.91 78.02
C TYR L 52 -16.55 -25.79 76.82
N ALA L 53 -15.27 -26.06 76.54
CA ALA L 53 -14.88 -26.95 75.45
C ALA L 53 -15.41 -28.40 75.59
N ARG L 54 -15.64 -28.83 76.84
CA ARG L 54 -16.25 -30.11 77.14
C ARG L 54 -17.77 -30.06 76.89
N LEU L 55 -18.41 -28.94 77.20
CA LEU L 55 -19.82 -28.78 76.85
C LEU L 55 -19.98 -28.60 75.33
N ARG L 56 -18.95 -28.05 74.68
CA ARG L 56 -18.97 -27.82 73.24
C ARG L 56 -18.86 -29.11 72.43
N ALA L 57 -18.40 -30.17 73.07
CA ALA L 57 -18.43 -31.47 72.44
C ALA L 57 -19.83 -32.08 72.47
N GLU L 58 -20.62 -31.80 73.51
CA GLU L 58 -21.95 -32.40 73.66
C GLU L 58 -23.05 -31.67 72.86
N GLY L 59 -22.74 -30.49 72.36
CA GLY L 59 -23.74 -29.70 71.67
C GLY L 59 -23.48 -28.23 71.88
N PRO L 60 -24.43 -27.38 71.51
CA PRO L 60 -24.15 -25.95 71.53
C PRO L 60 -24.96 -25.21 72.60
N ALA L 61 -25.83 -25.93 73.29
CA ALA L 61 -26.70 -25.34 74.28
C ALA L 61 -26.85 -26.26 75.48
N HIS L 62 -26.75 -25.68 76.68
CA HIS L 62 -26.80 -26.43 77.94
C HIS L 62 -27.41 -25.63 79.09
N ARG L 63 -28.11 -26.32 79.98
CA ARG L 63 -28.63 -25.76 81.24
C ARG L 63 -27.52 -25.73 82.29
N VAL L 64 -27.25 -24.55 82.85
CA VAL L 64 -26.32 -24.48 83.99
C VAL L 64 -26.85 -23.66 85.15
N ARG L 65 -26.31 -23.94 86.33
CA ARG L 65 -26.46 -23.07 87.50
C ARG L 65 -25.16 -22.28 87.63
N THR L 66 -25.28 -20.96 87.63
CA THR L 66 -24.16 -20.04 87.84
C THR L 66 -23.70 -20.07 89.32
N PRO L 67 -22.47 -19.55 89.61
CA PRO L 67 -21.94 -19.55 90.99
C PRO L 67 -22.85 -18.81 91.95
N GLU L 68 -23.32 -17.65 91.51
CA GLU L 68 -24.30 -16.88 92.29
C GLU L 68 -25.68 -17.56 92.35
N GLY L 69 -25.85 -18.70 91.68
CA GLY L 69 -26.93 -19.63 92.00
C GLY L 69 -28.20 -19.74 91.16
N ASN L 70 -28.29 -18.92 90.10
CA ASN L 70 -29.49 -18.87 89.25
C ASN L 70 -29.42 -19.89 88.11
N GLU L 71 -30.33 -19.81 87.15
CA GLU L 71 -30.35 -20.78 86.06
C GLU L 71 -30.45 -20.15 84.69
N VAL L 72 -29.43 -20.42 83.88
CA VAL L 72 -29.32 -19.85 82.56
C VAL L 72 -28.94 -20.93 81.56
N TRP L 73 -29.00 -20.58 80.27
CA TRP L 73 -28.52 -21.43 79.20
C TRP L 73 -27.18 -20.92 78.73
N LEU L 74 -26.25 -21.83 78.41
CA LEU L 74 -24.97 -21.42 77.86
C LEU L 74 -24.89 -21.72 76.35
N VAL L 75 -24.35 -20.79 75.58
CA VAL L 75 -24.24 -21.02 74.16
C VAL L 75 -22.80 -20.97 73.73
N VAL L 76 -22.32 -22.14 73.31
CA VAL L 76 -20.92 -22.38 73.01
C VAL L 76 -20.66 -22.57 71.54
N GLY L 77 -19.43 -22.30 71.11
CA GLY L 77 -19.03 -22.49 69.73
C GLY L 77 -19.15 -21.20 68.93
N TYR L 78 -18.05 -20.85 68.27
CA TYR L 78 -17.96 -19.60 67.55
C TYR L 78 -19.10 -19.42 66.54
N ASP L 79 -19.37 -20.41 65.72
CA ASP L 79 -20.45 -20.22 64.77
C ASP L 79 -21.76 -19.90 65.50
N ARG L 80 -22.19 -20.82 66.37
CA ARG L 80 -23.49 -20.70 67.03
C ARG L 80 -23.57 -19.52 67.98
N ALA L 81 -22.46 -19.19 68.63
CA ALA L 81 -22.38 -18.01 69.48
C ALA L 81 -22.72 -16.77 68.69
N ARG L 82 -22.00 -16.57 67.59
CA ARG L 82 -22.19 -15.41 66.73
C ARG L 82 -23.59 -15.29 66.13
N ALA L 83 -24.19 -16.41 65.74
CA ALA L 83 -25.52 -16.39 65.16
C ALA L 83 -26.50 -15.85 66.20
N VAL L 84 -26.45 -16.39 67.41
CA VAL L 84 -27.42 -16.02 68.45
C VAL L 84 -27.39 -14.54 68.85
N LEU L 85 -26.18 -13.96 68.93
CA LEU L 85 -26.03 -12.55 69.34
C LEU L 85 -26.80 -11.62 68.43
N ALA L 86 -26.89 -11.99 67.15
CA ALA L 86 -27.57 -11.16 66.17
C ALA L 86 -28.89 -11.77 65.75
N ASP L 87 -29.43 -12.66 66.59
CA ASP L 87 -30.64 -13.42 66.22
C ASP L 87 -31.87 -12.78 66.85
N PRO L 88 -32.69 -12.10 66.02
CA PRO L 88 -33.82 -11.30 66.53
C PRO L 88 -34.84 -12.12 67.35
N ARG L 89 -34.79 -13.45 67.23
CA ARG L 89 -35.55 -14.35 68.07
C ARG L 89 -35.15 -14.29 69.56
N PHE L 90 -33.96 -13.75 69.84
CA PHE L 90 -33.46 -13.57 71.21
C PHE L 90 -33.54 -12.12 71.65
N SER L 91 -34.38 -11.85 72.65
CA SER L 91 -34.66 -10.47 73.10
C SER L 91 -33.75 -9.95 74.23
N LYS L 92 -33.59 -8.64 74.29
CA LYS L 92 -32.97 -8.03 75.44
C LYS L 92 -34.01 -7.33 76.35
N ASP L 93 -35.17 -6.98 75.80
CA ASP L 93 -36.25 -6.35 76.58
C ASP L 93 -36.72 -7.31 77.67
N TRP L 94 -36.62 -6.93 78.94
CA TRP L 94 -36.97 -7.82 80.05
C TRP L 94 -38.44 -8.19 80.14
N ARG L 95 -39.29 -7.50 79.39
CA ARG L 95 -40.70 -7.88 79.28
C ARG L 95 -40.84 -9.23 78.60
N ASN L 96 -39.73 -9.76 78.07
CA ASN L 96 -39.72 -11.11 77.46
C ASN L 96 -39.06 -12.17 78.31
N SER L 97 -38.68 -11.79 79.52
CA SER L 97 -38.10 -12.71 80.50
C SER L 97 -39.20 -13.28 81.41
N THR L 98 -39.12 -14.57 81.74
CA THR L 98 -40.00 -15.16 82.74
C THR L 98 -39.52 -14.86 84.17
N THR L 99 -38.33 -14.27 84.29
CA THR L 99 -37.86 -13.80 85.57
C THR L 99 -38.34 -12.36 85.75
N PRO L 100 -39.08 -12.09 86.84
CA PRO L 100 -39.42 -10.71 87.18
C PRO L 100 -38.18 -9.91 87.64
N LEU L 101 -38.21 -8.59 87.42
CA LEU L 101 -37.16 -7.70 87.91
C LEU L 101 -37.53 -7.10 89.27
N THR L 102 -36.52 -6.84 90.10
CA THR L 102 -36.73 -6.18 91.40
C THR L 102 -36.91 -4.66 91.25
N GLU L 103 -37.23 -3.99 92.36
CA GLU L 103 -37.40 -2.52 92.40
C GLU L 103 -36.15 -1.81 91.87
N ALA L 104 -35.02 -2.02 92.55
CA ALA L 104 -33.73 -1.41 92.20
C ALA L 104 -33.22 -1.63 90.76
N GLU L 105 -33.59 -2.79 90.18
CA GLU L 105 -33.18 -3.16 88.83
C GLU L 105 -34.01 -2.43 87.79
N ALA L 106 -35.33 -2.46 87.96
CA ALA L 106 -36.28 -1.80 87.06
C ALA L 106 -36.15 -0.28 87.00
N ALA L 107 -35.51 0.31 88.00
CA ALA L 107 -35.20 1.72 87.96
C ALA L 107 -34.09 1.98 86.92
N LEU L 108 -33.44 0.91 86.48
CA LEU L 108 -32.27 1.02 85.58
C LEU L 108 -32.36 0.27 84.27
N ASN L 109 -33.38 -0.58 84.09
CA ASN L 109 -33.39 -1.42 82.88
C ASN L 109 -33.90 -0.66 81.64
N HIS L 110 -33.72 0.65 81.67
CA HIS L 110 -34.28 1.55 80.67
C HIS L 110 -33.16 2.08 79.82
N ASN L 111 -32.26 1.18 79.45
CA ASN L 111 -31.10 1.52 78.63
C ASN L 111 -31.16 0.83 77.28
N MET L 112 -30.19 1.10 76.42
CA MET L 112 -30.19 0.50 75.09
C MET L 112 -29.81 -0.97 75.09
N LEU L 113 -28.86 -1.37 75.95
CA LEU L 113 -28.41 -2.76 76.03
C LEU L 113 -29.55 -3.71 76.40
N GLU L 114 -30.42 -3.28 77.27
CA GLU L 114 -31.57 -4.07 77.63
C GLU L 114 -32.85 -3.60 76.88
N SER L 115 -32.65 -3.17 75.61
CA SER L 115 -33.71 -2.74 74.70
C SER L 115 -33.83 -3.52 73.42
N ASP L 116 -35.03 -3.50 72.84
CA ASP L 116 -35.26 -4.01 71.48
C ASP L 116 -35.59 -2.87 70.54
N PRO L 117 -35.49 -3.10 69.21
CA PRO L 117 -35.93 -1.97 68.36
C PRO L 117 -37.45 -1.89 68.50
N PRO L 118 -38.06 -0.68 68.40
CA PRO L 118 -37.47 0.61 68.04
C PRO L 118 -36.83 1.36 69.21
N ARG L 119 -37.15 0.97 70.44
CA ARG L 119 -36.63 1.71 71.60
C ARG L 119 -35.12 1.78 71.48
N HIS L 120 -34.49 0.62 71.32
CA HIS L 120 -33.07 0.59 71.02
C HIS L 120 -32.59 1.58 69.94
N THR L 121 -33.17 1.47 68.74
CA THR L 121 -32.80 2.30 67.59
C THR L 121 -32.85 3.76 67.95
N ARG L 122 -33.90 4.11 68.68
CA ARG L 122 -34.07 5.47 69.12
C ARG L 122 -32.96 5.87 70.12
N LEU L 123 -32.57 4.98 71.03
CA LEU L 123 -31.64 5.39 72.08
C LEU L 123 -30.20 5.44 71.57
N ARG L 124 -29.81 4.42 70.81
CA ARG L 124 -28.47 4.36 70.28
C ARG L 124 -28.16 5.65 69.54
N LYS L 125 -29.12 6.09 68.72
CA LYS L 125 -28.97 7.30 67.88
C LYS L 125 -28.71 8.55 68.66
N LEU L 126 -29.05 8.60 69.94
CA LEU L 126 -28.74 9.79 70.71
C LEU L 126 -27.24 9.95 71.00
N VAL L 127 -26.50 8.85 71.09
CA VAL L 127 -25.13 8.97 71.58
C VAL L 127 -24.11 8.45 70.58
N ALA L 128 -24.56 7.59 69.68
CA ALA L 128 -23.74 7.13 68.56
C ALA L 128 -22.68 8.16 68.09
N ARG L 129 -23.10 9.38 67.76
CA ARG L 129 -22.15 10.39 67.28
C ARG L 129 -20.98 10.71 68.23
N GLU L 130 -21.19 10.55 69.53
CA GLU L 130 -20.17 10.92 70.51
C GLU L 130 -19.03 9.92 70.57
N PHE L 131 -19.27 8.73 70.04
CA PHE L 131 -18.41 7.58 70.33
C PHE L 131 -17.70 6.97 69.12
N THR L 132 -17.85 7.60 67.96
CA THR L 132 -17.14 7.17 66.76
C THR L 132 -15.65 7.37 66.88
N MET L 133 -14.92 6.77 65.94
CA MET L 133 -13.47 6.70 65.97
C MET L 133 -12.83 8.08 65.82
N ARG L 134 -13.34 8.85 64.87
CA ARG L 134 -12.86 10.19 64.62
C ARG L 134 -13.21 11.15 65.77
N ARG L 135 -14.24 10.86 66.54
CA ARG L 135 -14.64 11.78 67.59
C ARG L 135 -13.82 11.50 68.87
N VAL L 136 -13.47 10.24 69.07
CA VAL L 136 -12.75 9.80 70.26
C VAL L 136 -11.27 10.08 70.18
N GLU L 137 -10.76 10.04 68.95
CA GLU L 137 -9.36 10.34 68.68
C GLU L 137 -8.98 11.72 69.15
N LEU L 138 -9.95 12.64 69.19
CA LEU L 138 -9.68 14.01 69.63
C LEU L 138 -9.25 14.07 71.08
N LEU L 139 -9.70 13.09 71.87
CA LEU L 139 -9.43 12.95 73.32
C LEU L 139 -8.06 12.42 73.69
N ARG L 140 -7.27 12.05 72.69
CA ARG L 140 -6.04 11.36 72.93
C ARG L 140 -5.06 12.06 73.89
N PRO L 141 -4.91 13.39 73.81
CA PRO L 141 -3.87 13.94 74.69
C PRO L 141 -4.28 13.91 76.16
N ARG L 142 -5.55 14.16 76.42
CA ARG L 142 -6.08 14.03 77.77
C ARG L 142 -5.79 12.62 78.30
N VAL L 143 -6.22 11.64 77.51
CA VAL L 143 -5.92 10.24 77.79
C VAL L 143 -4.41 10.09 78.06
N GLN L 144 -3.60 10.57 77.12
CA GLN L 144 -2.15 10.56 77.25
C GLN L 144 -1.70 11.27 78.53
N GLU L 145 -2.34 12.39 78.83
CA GLU L 145 -2.07 13.12 80.07
C GLU L 145 -2.34 12.20 81.25
N ILE L 146 -3.58 11.76 81.39
CA ILE L 146 -4.02 10.84 82.46
C ILE L 146 -3.08 9.65 82.68
N VAL L 147 -2.77 8.91 81.61
CA VAL L 147 -1.89 7.73 81.68
C VAL L 147 -0.51 8.12 82.19
N ASP L 148 0.05 9.19 81.64
CA ASP L 148 1.30 9.73 82.14
C ASP L 148 1.24 9.93 83.64
N GLY L 149 0.25 10.72 84.08
CA GLY L 149 0.06 11.02 85.51
C GLY L 149 0.08 9.76 86.38
N LEU L 150 -0.70 8.76 85.93
CA LEU L 150 -0.85 7.53 86.66
C LEU L 150 0.47 6.76 86.75
N VAL L 151 1.15 6.62 85.61
CA VAL L 151 2.46 5.95 85.56
C VAL L 151 3.52 6.77 86.33
N ASP L 152 3.53 8.09 86.16
CA ASP L 152 4.40 8.98 86.91
C ASP L 152 4.48 8.52 88.36
N ALA L 153 3.30 8.44 88.99
CA ALA L 153 3.16 8.23 90.42
C ALA L 153 2.98 6.77 90.78
N MET L 154 2.93 5.90 89.78
CA MET L 154 3.02 4.47 90.03
C MET L 154 4.51 4.14 90.19
N LEU L 155 5.35 4.78 89.37
CA LEU L 155 6.79 4.59 89.43
C LEU L 155 7.43 5.21 90.69
N ALA L 156 6.69 6.11 91.34
CA ALA L 156 7.16 6.84 92.52
C ALA L 156 7.07 6.00 93.79
N ALA L 157 7.30 4.70 93.67
CA ALA L 157 7.20 3.79 94.79
C ALA L 157 8.55 3.12 94.99
N PRO L 158 8.91 2.81 96.27
CA PRO L 158 10.26 2.40 96.66
C PRO L 158 10.75 1.06 96.07
N ASP L 159 10.01 -0.01 96.35
CA ASP L 159 10.34 -1.37 95.90
C ASP L 159 10.21 -1.49 94.40
N GLY L 160 9.33 -0.70 93.81
CA GLY L 160 9.01 -0.87 92.41
C GLY L 160 8.00 -2.00 92.31
N ARG L 161 7.11 -2.05 93.29
CA ARG L 161 6.05 -3.05 93.34
C ARG L 161 4.70 -2.39 93.68
N ALA L 162 3.78 -2.45 92.73
CA ALA L 162 2.42 -1.96 92.95
C ALA L 162 1.43 -2.88 92.29
N ASP L 163 0.19 -2.77 92.74
CA ASP L 163 -0.89 -3.52 92.15
C ASP L 163 -1.32 -2.80 90.87
N LEU L 164 -0.99 -3.37 89.72
CA LEU L 164 -1.26 -2.73 88.43
C LEU L 164 -2.72 -2.35 88.25
N MET L 165 -3.59 -3.02 88.97
CA MET L 165 -5.02 -2.78 88.87
C MET L 165 -5.35 -1.48 89.59
N GLU L 166 -4.74 -1.34 90.75
CA GLU L 166 -5.03 -0.28 91.72
C GLU L 166 -4.59 1.08 91.20
N SER L 167 -3.46 1.10 90.51
CA SER L 167 -2.81 2.31 90.05
C SER L 167 -3.20 2.72 88.63
N LEU L 168 -3.48 1.74 87.76
CA LEU L 168 -3.68 2.01 86.32
C LEU L 168 -4.99 1.54 85.69
N ALA L 169 -5.16 0.22 85.58
CA ALA L 169 -6.30 -0.37 84.90
C ALA L 169 -7.59 0.17 85.44
N TRP L 170 -7.67 0.37 86.76
CA TRP L 170 -8.91 0.90 87.34
C TRP L 170 -9.09 2.43 87.18
N PRO L 171 -8.11 3.26 87.63
CA PRO L 171 -8.51 4.70 87.66
C PRO L 171 -8.54 5.36 86.30
N LEU L 172 -8.01 4.70 85.27
CA LEU L 172 -7.97 5.31 83.95
C LEU L 172 -9.38 5.47 83.39
N PRO L 173 -10.07 4.35 83.05
CA PRO L 173 -11.37 4.46 82.35
C PRO L 173 -12.40 5.21 83.18
N ILE L 174 -12.24 5.19 84.50
CA ILE L 174 -13.11 5.96 85.33
C ILE L 174 -12.82 7.46 85.21
N THR L 175 -11.56 7.83 85.01
CA THR L 175 -11.28 9.26 84.85
C THR L 175 -11.80 9.73 83.49
N VAL L 176 -11.46 9.00 82.44
CA VAL L 176 -11.91 9.40 81.13
C VAL L 176 -13.41 9.61 81.20
N ILE L 177 -14.14 8.53 81.51
CA ILE L 177 -15.59 8.52 81.38
C ILE L 177 -16.25 9.50 82.35
N SER L 178 -15.71 9.61 83.57
CA SER L 178 -16.21 10.59 84.50
C SER L 178 -16.12 11.96 83.88
N GLU L 179 -15.00 12.27 83.25
CA GLU L 179 -14.81 13.58 82.65
C GLU L 179 -15.73 13.82 81.46
N LEU L 180 -16.09 12.73 80.78
CA LEU L 180 -16.95 12.83 79.59
C LEU L 180 -18.45 13.06 79.89
N LEU L 181 -18.94 12.52 81.00
CA LEU L 181 -20.32 12.71 81.39
C LEU L 181 -20.35 13.69 82.56
N GLY L 182 -19.18 14.26 82.81
CA GLY L 182 -19.03 15.27 83.83
C GLY L 182 -19.51 14.83 85.20
N VAL L 183 -18.83 13.83 85.79
CA VAL L 183 -18.99 13.49 87.21
C VAL L 183 -17.80 14.09 87.97
N PRO L 184 -18.05 14.94 89.00
CA PRO L 184 -16.97 15.53 89.79
C PRO L 184 -16.02 14.50 90.39
N GLU L 185 -14.79 14.93 90.63
CA GLU L 185 -13.71 14.09 91.15
C GLU L 185 -14.08 13.36 92.46
N PRO L 186 -14.76 14.05 93.40
CA PRO L 186 -15.12 13.37 94.67
C PRO L 186 -16.06 12.16 94.53
N ASP L 187 -17.08 12.28 93.69
CA ASP L 187 -18.15 11.28 93.61
C ASP L 187 -17.71 9.95 92.97
N ARG L 188 -16.56 9.95 92.33
CA ARG L 188 -16.01 8.78 91.60
C ARG L 188 -15.60 7.61 92.50
N ALA L 189 -15.02 7.90 93.67
CA ALA L 189 -14.50 6.87 94.56
C ALA L 189 -15.60 5.86 94.94
N ALA L 190 -16.84 6.34 95.01
CA ALA L 190 -18.00 5.46 95.21
C ALA L 190 -18.27 4.50 94.04
N PHE L 191 -17.80 4.83 92.84
CA PHE L 191 -18.03 3.94 91.71
C PHE L 191 -17.22 2.62 91.73
N ARG L 192 -16.23 2.52 92.61
CA ARG L 192 -15.59 1.22 92.81
C ARG L 192 -16.45 0.37 93.76
N VAL L 193 -16.68 0.89 94.96
CA VAL L 193 -17.54 0.24 95.95
C VAL L 193 -18.82 -0.34 95.32
N TRP L 194 -19.54 0.47 94.51
CA TRP L 194 -20.77 0.05 93.82
C TRP L 194 -20.56 -0.96 92.68
N THR L 195 -19.31 -1.09 92.21
CA THR L 195 -19.00 -2.04 91.13
C THR L 195 -18.68 -3.44 91.69
N ASP L 196 -17.91 -3.48 92.78
CA ASP L 196 -17.52 -4.75 93.43
C ASP L 196 -18.75 -5.38 94.05
N ALA L 197 -19.82 -4.58 94.12
CA ALA L 197 -21.10 -5.04 94.60
C ALA L 197 -21.71 -6.13 93.71
N PHE L 198 -21.51 -5.99 92.40
CA PHE L 198 -21.92 -7.07 91.50
C PHE L 198 -20.82 -7.75 90.65
N VAL L 199 -19.54 -7.51 90.97
CA VAL L 199 -18.49 -8.40 90.45
C VAL L 199 -18.54 -9.60 91.37
N PHE L 200 -18.19 -9.33 92.63
CA PHE L 200 -18.36 -10.31 93.69
C PHE L 200 -19.66 -9.95 94.39
N PRO L 201 -20.68 -10.82 94.28
CA PRO L 201 -21.77 -10.61 95.22
C PRO L 201 -21.30 -11.09 96.60
N ASP L 202 -21.09 -10.15 97.52
CA ASP L 202 -20.93 -10.48 98.92
C ASP L 202 -22.18 -11.30 99.30
N ASP L 203 -23.29 -10.58 99.45
CA ASP L 203 -24.61 -11.19 99.37
C ASP L 203 -25.42 -10.42 98.35
N PRO L 204 -26.12 -11.14 97.46
CA PRO L 204 -26.99 -10.51 96.46
C PRO L 204 -27.98 -9.42 96.98
N ALA L 205 -28.15 -9.32 98.31
CA ALA L 205 -29.01 -8.28 98.92
C ALA L 205 -28.30 -6.93 99.11
N GLN L 206 -26.99 -6.97 99.34
CA GLN L 206 -26.18 -5.77 99.44
C GLN L 206 -25.95 -5.18 98.04
N ALA L 207 -25.87 -6.06 97.03
CA ALA L 207 -25.85 -5.66 95.63
C ALA L 207 -27.17 -4.98 95.25
N GLN L 208 -28.24 -5.42 95.90
CA GLN L 208 -29.56 -4.83 95.72
C GLN L 208 -29.64 -3.39 96.22
N THR L 209 -29.07 -3.13 97.40
CA THR L 209 -29.00 -1.75 97.90
C THR L 209 -28.01 -0.93 97.08
N ALA L 210 -26.88 -1.54 96.71
CA ALA L 210 -25.87 -0.87 95.89
C ALA L 210 -26.47 -0.19 94.67
N MET L 211 -27.46 -0.84 94.05
CA MET L 211 -28.14 -0.32 92.85
C MET L 211 -29.03 0.87 93.13
N ALA L 212 -29.48 1.02 94.38
CA ALA L 212 -30.31 2.15 94.77
C ALA L 212 -29.46 3.37 95.12
N GLU L 213 -28.35 3.15 95.83
CA GLU L 213 -27.35 4.19 96.09
C GLU L 213 -26.88 4.82 94.77
N MET L 214 -26.67 3.96 93.77
CA MET L 214 -26.27 4.34 92.44
C MET L 214 -27.37 5.10 91.70
N SER L 215 -28.60 4.57 91.79
CA SER L 215 -29.80 5.22 91.27
C SER L 215 -30.01 6.60 91.92
N GLY L 216 -30.05 6.61 93.26
CA GLY L 216 -30.12 7.81 94.06
C GLY L 216 -29.07 8.79 93.60
N TYR L 217 -27.80 8.39 93.65
CA TYR L 217 -26.73 9.30 93.25
C TYR L 217 -26.96 9.94 91.87
N LEU L 218 -27.29 9.12 90.88
CA LEU L 218 -27.43 9.56 89.50
C LEU L 218 -28.59 10.55 89.29
N SER L 219 -29.72 10.33 89.96
CA SER L 219 -30.78 11.31 89.92
C SER L 219 -30.29 12.67 90.45
N ARG L 220 -29.67 12.69 91.63
CA ARG L 220 -29.09 13.91 92.21
C ARG L 220 -28.06 14.56 91.29
N LEU L 221 -27.20 13.75 90.68
CA LEU L 221 -26.27 14.31 89.71
C LEU L 221 -27.02 14.94 88.53
N ILE L 222 -27.89 14.16 87.88
CA ILE L 222 -28.75 14.69 86.80
C ILE L 222 -29.45 16.03 87.12
N ASP L 223 -30.06 16.13 88.28
N ASP L 223 -30.07 16.14 88.28
CA ASP L 223 -30.77 17.34 88.65
CA ASP L 223 -30.77 17.39 88.64
C ASP L 223 -29.80 18.51 88.78
C ASP L 223 -29.79 18.53 88.78
N SER L 224 -28.60 18.24 89.27
CA SER L 224 -27.58 19.27 89.48
C SER L 224 -27.04 19.89 88.18
N LYS L 225 -27.24 19.21 87.06
CA LYS L 225 -26.83 19.75 85.77
C LYS L 225 -27.82 20.82 85.33
N ARG L 226 -29.08 20.70 85.75
CA ARG L 226 -30.14 21.65 85.33
C ARG L 226 -29.80 23.10 85.65
N GLY L 227 -29.79 23.94 84.61
CA GLY L 227 -29.56 25.37 84.72
C GLY L 227 -28.10 25.79 84.76
N GLN L 228 -27.22 24.82 84.51
CA GLN L 228 -25.80 25.03 84.74
C GLN L 228 -24.99 25.20 83.46
N ASP L 229 -25.62 24.96 82.32
CA ASP L 229 -25.03 25.27 81.03
C ASP L 229 -23.74 24.51 80.78
N GLY L 230 -23.68 23.26 81.24
CA GLY L 230 -22.52 22.41 81.03
C GLY L 230 -22.58 21.77 79.67
N GLU L 231 -21.44 21.71 78.99
CA GLU L 231 -21.41 21.21 77.61
C GLU L 231 -21.00 19.72 77.51
N ASP L 232 -20.93 19.05 78.66
CA ASP L 232 -20.66 17.63 78.72
C ASP L 232 -21.93 16.90 78.29
N LEU L 233 -21.75 15.65 77.88
CA LEU L 233 -22.83 14.86 77.33
C LEU L 233 -24.05 14.79 78.24
N LEU L 234 -23.81 14.52 79.53
CA LEU L 234 -24.93 14.33 80.44
C LEU L 234 -25.83 15.55 80.48
N SER L 235 -25.20 16.72 80.52
CA SER L 235 -25.93 17.96 80.52
C SER L 235 -26.68 18.12 79.20
N ALA L 236 -26.06 17.71 78.09
CA ALA L 236 -26.73 17.83 76.80
C ALA L 236 -27.89 16.87 76.74
N LEU L 237 -27.81 15.78 77.48
CA LEU L 237 -28.93 14.85 77.50
C LEU L 237 -30.04 15.32 78.42
N VAL L 238 -29.64 15.94 79.52
CA VAL L 238 -30.61 16.52 80.44
C VAL L 238 -31.48 17.58 79.75
N ARG L 239 -30.86 18.43 78.95
CA ARG L 239 -31.62 19.44 78.21
C ARG L 239 -32.54 18.80 77.18
N THR L 240 -31.99 17.90 76.39
CA THR L 240 -32.83 17.16 75.45
C THR L 240 -34.05 16.56 76.16
N SER L 241 -33.81 15.86 77.26
CA SER L 241 -34.89 15.17 77.93
C SER L 241 -35.91 16.15 78.51
N ASP L 242 -35.42 17.11 79.29
CA ASP L 242 -36.20 18.23 79.78
C ASP L 242 -37.03 18.93 78.69
N GLU L 243 -36.44 19.17 77.51
CA GLU L 243 -37.19 19.80 76.42
C GLU L 243 -38.24 18.88 75.82
N ASP L 244 -37.87 17.66 75.46
CA ASP L 244 -38.80 16.75 74.81
C ASP L 244 -38.73 15.40 75.48
N GLY L 245 -39.75 15.08 76.25
CA GLY L 245 -39.81 13.82 76.97
C GLY L 245 -39.99 12.62 76.06
N SER L 246 -40.75 12.79 74.98
CA SER L 246 -40.98 11.68 74.06
C SER L 246 -39.70 11.24 73.37
N ARG L 247 -38.69 12.12 73.28
CA ARG L 247 -37.42 11.70 72.68
C ARG L 247 -36.50 10.99 73.66
N LEU L 248 -36.49 11.43 74.91
CA LEU L 248 -35.68 10.81 75.96
C LEU L 248 -36.41 11.01 77.27
N THR L 249 -36.95 9.93 77.84
CA THR L 249 -37.74 10.03 79.08
C THR L 249 -36.81 10.21 80.27
N SER L 250 -37.34 10.57 81.44
CA SER L 250 -36.43 10.72 82.60
C SER L 250 -35.90 9.36 83.03
N GLU L 251 -36.77 8.35 82.98
CA GLU L 251 -36.35 6.97 83.13
C GLU L 251 -35.16 6.65 82.21
N GLU L 252 -35.29 6.95 80.92
CA GLU L 252 -34.23 6.67 79.95
C GLU L 252 -32.99 7.51 80.19
N LEU L 253 -33.19 8.72 80.69
CA LEU L 253 -32.09 9.59 81.00
C LEU L 253 -31.24 8.92 82.06
N LEU L 254 -31.91 8.41 83.09
CA LEU L 254 -31.21 7.73 84.19
C LEU L 254 -30.39 6.57 83.65
N GLY L 255 -31.05 5.68 82.93
CA GLY L 255 -30.40 4.50 82.41
C GLY L 255 -29.33 4.77 81.38
N MET L 256 -29.45 5.86 80.63
CA MET L 256 -28.37 6.21 79.71
C MET L 256 -27.14 6.60 80.54
N ALA L 257 -27.36 7.37 81.60
CA ALA L 257 -26.30 7.82 82.46
C ALA L 257 -25.58 6.61 83.01
N HIS L 258 -26.36 5.67 83.57
CA HIS L 258 -25.83 4.43 84.15
C HIS L 258 -25.11 3.55 83.13
N ILE L 259 -25.83 3.02 82.13
CA ILE L 259 -25.21 2.14 81.16
C ILE L 259 -23.89 2.74 80.70
N LEU L 260 -23.85 4.05 80.44
CA LEU L 260 -22.62 4.68 79.96
C LEU L 260 -21.51 4.73 81.00
N LEU L 261 -21.91 4.95 82.27
CA LEU L 261 -20.92 5.02 83.36
C LEU L 261 -20.34 3.68 83.77
N VAL L 262 -21.18 2.66 83.72
CA VAL L 262 -20.78 1.36 84.18
C VAL L 262 -20.13 0.55 83.08
N ALA L 263 -20.69 0.60 81.87
CA ALA L 263 -20.12 -0.14 80.77
C ALA L 263 -18.85 0.55 80.31
N GLY L 264 -18.86 1.88 80.35
CA GLY L 264 -17.65 2.68 80.12
C GLY L 264 -16.50 2.23 81.00
N HIS L 265 -16.82 1.27 81.87
CA HIS L 265 -16.01 1.05 83.05
C HIS L 265 -15.51 -0.38 83.28
N GLU L 266 -16.39 -1.24 83.79
CA GLU L 266 -16.06 -2.61 84.12
C GLU L 266 -15.12 -3.27 83.12
N THR L 267 -15.55 -3.30 81.86
CA THR L 267 -14.89 -3.98 80.77
C THR L 267 -13.53 -3.43 80.46
N THR L 268 -13.45 -2.13 80.23
CA THR L 268 -12.18 -1.52 79.92
C THR L 268 -11.13 -1.86 80.99
N VAL L 269 -11.52 -1.74 82.26
CA VAL L 269 -10.62 -1.96 83.39
C VAL L 269 -10.01 -3.34 83.32
N ASN L 270 -10.85 -4.33 83.07
CA ASN L 270 -10.37 -5.69 82.91
C ASN L 270 -9.56 -5.96 81.64
N LEU L 271 -9.89 -5.30 80.52
CA LEU L 271 -9.09 -5.47 79.30
C LEU L 271 -7.61 -5.14 79.52
N ILE L 272 -7.37 -3.98 80.14
CA ILE L 272 -6.00 -3.54 80.44
C ILE L 272 -5.22 -4.50 81.34
N ALA L 273 -5.80 -4.93 82.45
CA ALA L 273 -5.12 -5.91 83.32
C ALA L 273 -4.90 -7.25 82.60
N ASN L 274 -6.00 -7.87 82.13
CA ASN L 274 -5.94 -9.14 81.43
C ASN L 274 -4.89 -9.10 80.33
N GLY L 275 -4.92 -8.02 79.55
CA GLY L 275 -3.99 -7.85 78.45
C GLY L 275 -2.55 -7.84 78.92
N MET L 276 -2.29 -7.06 79.97
CA MET L 276 -0.97 -7.04 80.59
C MET L 276 -0.55 -8.40 81.13
N TYR L 277 -1.50 -9.13 81.72
CA TYR L 277 -1.22 -10.48 82.14
C TYR L 277 -0.76 -11.35 80.97
N ALA L 278 -1.58 -11.36 79.92
CA ALA L 278 -1.32 -12.08 78.68
C ALA L 278 0.07 -11.80 78.12
N LEU L 279 0.42 -10.52 78.05
CA LEU L 279 1.69 -10.11 77.47
C LEU L 279 2.88 -10.59 78.33
N LEU L 280 2.82 -10.31 79.64
CA LEU L 280 3.94 -10.63 80.52
C LEU L 280 4.15 -12.13 80.71
N SER L 281 3.08 -12.91 80.58
CA SER L 281 3.21 -14.36 80.73
C SER L 281 3.56 -15.05 79.40
N HIS L 282 3.74 -14.25 78.35
CA HIS L 282 4.17 -14.76 77.05
C HIS L 282 5.21 -13.80 76.47
N PRO L 283 6.41 -13.76 77.10
CA PRO L 283 7.43 -12.72 76.86
C PRO L 283 8.03 -12.78 75.46
N ASP L 284 7.83 -13.90 74.76
CA ASP L 284 8.11 -14.00 73.33
C ASP L 284 7.31 -12.95 72.55
N GLN L 285 6.07 -12.72 72.97
CA GLN L 285 5.24 -11.71 72.35
C GLN L 285 5.64 -10.35 72.85
N LEU L 286 6.03 -10.30 74.12
CA LEU L 286 6.34 -9.05 74.80
C LEU L 286 7.64 -8.40 74.31
N ALA L 287 8.62 -9.22 73.93
CA ALA L 287 9.87 -8.69 73.38
C ALA L 287 9.67 -8.08 71.98
N ALA L 288 8.87 -8.75 71.15
CA ALA L 288 8.70 -8.34 69.76
C ALA L 288 7.84 -7.10 69.59
N LEU L 289 6.96 -6.84 70.56
CA LEU L 289 6.21 -5.61 70.59
C LEU L 289 7.13 -4.45 70.94
N ARG L 290 8.10 -4.70 71.83
CA ARG L 290 9.14 -3.71 72.13
C ARG L 290 9.98 -3.42 70.89
N ALA L 291 10.23 -4.47 70.11
CA ALA L 291 11.03 -4.35 68.88
C ALA L 291 10.30 -3.65 67.72
N ASP L 292 8.97 -3.60 67.79
CA ASP L 292 8.16 -3.12 66.69
C ASP L 292 6.79 -2.67 67.18
N MET L 293 6.75 -1.47 67.76
CA MET L 293 5.51 -0.93 68.30
C MET L 293 4.54 -0.47 67.20
N THR L 294 4.69 -1.05 66.02
CA THR L 294 3.68 -0.92 64.96
C THR L 294 2.68 -2.06 65.12
N LEU L 295 3.07 -3.08 65.89
CA LEU L 295 2.22 -4.25 66.13
C LEU L 295 1.36 -4.13 67.38
N LEU L 296 1.28 -2.93 67.94
CA LEU L 296 0.51 -2.68 69.14
C LEU L 296 -0.96 -2.93 68.89
N ASP L 297 -1.51 -2.27 67.86
CA ASP L 297 -2.93 -2.38 67.53
C ASP L 297 -3.39 -3.84 67.58
N GLY L 298 -2.69 -4.70 66.82
CA GLY L 298 -2.99 -6.14 66.76
C GLY L 298 -2.79 -6.82 68.10
N ALA L 299 -1.77 -6.38 68.84
CA ALA L 299 -1.51 -6.88 70.19
C ALA L 299 -2.76 -6.71 71.05
N VAL L 300 -3.31 -5.49 71.04
CA VAL L 300 -4.54 -5.18 71.75
C VAL L 300 -5.70 -6.02 71.20
N GLU L 301 -5.96 -5.90 69.91
CA GLU L 301 -6.94 -6.77 69.26
C GLU L 301 -6.84 -8.23 69.75
N GLU L 302 -5.62 -8.78 69.80
CA GLU L 302 -5.45 -10.15 70.29
C GLU L 302 -5.70 -10.34 71.80
N MET L 303 -5.39 -9.35 72.62
CA MET L 303 -5.69 -9.45 74.04
C MET L 303 -7.18 -9.66 74.23
N LEU L 304 -7.95 -9.04 73.34
CA LEU L 304 -9.40 -9.16 73.36
C LEU L 304 -9.83 -10.54 72.91
N ARG L 305 -9.06 -11.16 72.00
CA ARG L 305 -9.39 -12.50 71.56
C ARG L 305 -9.03 -13.50 72.67
N TYR L 306 -7.79 -13.41 73.14
CA TYR L 306 -7.28 -14.35 74.11
C TYR L 306 -8.09 -14.24 75.42
N GLU L 307 -7.74 -13.30 76.30
CA GLU L 307 -8.48 -13.18 77.56
C GLU L 307 -9.30 -11.90 77.64
N GLY L 308 -10.26 -11.77 76.71
CA GLY L 308 -11.17 -10.61 76.64
C GLY L 308 -12.03 -10.45 77.88
N PRO L 309 -12.37 -9.18 78.24
CA PRO L 309 -13.07 -8.85 79.49
C PRO L 309 -14.43 -9.54 79.67
N VAL L 310 -15.14 -9.72 78.55
CA VAL L 310 -16.51 -10.20 78.56
C VAL L 310 -16.54 -11.71 78.28
N GLU L 311 -16.63 -12.48 79.37
CA GLU L 311 -16.64 -13.96 79.33
C GLU L 311 -17.91 -14.50 78.70
N SER L 312 -19.03 -13.89 79.06
CA SER L 312 -20.30 -14.19 78.42
C SER L 312 -21.16 -12.95 78.32
N ALA L 313 -21.81 -12.80 77.17
CA ALA L 313 -22.56 -11.61 76.83
C ALA L 313 -23.79 -11.51 77.72
N THR L 314 -24.54 -10.45 77.54
CA THR L 314 -25.56 -10.12 78.51
C THR L 314 -26.83 -10.81 78.10
N TYR L 315 -27.84 -10.68 78.96
CA TYR L 315 -28.99 -11.54 78.97
C TYR L 315 -29.82 -11.56 77.69
N ARG L 316 -30.03 -12.74 77.15
CA ARG L 316 -30.90 -12.89 76.04
C ARG L 316 -32.08 -13.78 76.45
N PHE L 317 -33.26 -13.38 76.00
CA PHE L 317 -34.51 -14.06 76.34
C PHE L 317 -35.21 -14.48 75.07
N PRO L 318 -35.43 -15.79 74.91
CA PRO L 318 -36.17 -16.24 73.75
C PRO L 318 -37.60 -15.65 73.72
N VAL L 319 -37.89 -14.84 72.70
CA VAL L 319 -39.27 -14.38 72.49
C VAL L 319 -40.17 -15.54 72.05
N GLU L 320 -39.68 -16.39 71.16
CA GLU L 320 -40.31 -17.70 70.88
C GLU L 320 -39.29 -18.82 71.14
N PRO L 321 -39.76 -20.06 71.43
CA PRO L 321 -38.85 -21.19 71.61
C PRO L 321 -37.93 -21.43 70.41
N VAL L 322 -36.74 -21.95 70.64
CA VAL L 322 -35.69 -21.99 69.61
C VAL L 322 -34.89 -23.30 69.54
N ASP L 323 -35.15 -24.11 68.50
CA ASP L 323 -34.37 -25.35 68.25
C ASP L 323 -32.89 -25.06 67.91
N LEU L 324 -32.05 -24.93 68.94
CA LEU L 324 -30.61 -24.93 68.71
C LEU L 324 -30.12 -26.38 68.51
N ASP L 325 -29.68 -26.66 67.28
CA ASP L 325 -29.38 -28.00 66.75
C ASP L 325 -29.75 -29.20 67.64
N GLY L 326 -31.02 -29.32 67.97
CA GLY L 326 -31.51 -30.40 68.81
C GLY L 326 -32.24 -29.91 70.05
N THR L 327 -31.60 -29.01 70.80
CA THR L 327 -32.13 -28.58 72.10
C THR L 327 -33.10 -27.42 71.96
N VAL L 328 -34.20 -27.52 72.69
CA VAL L 328 -35.23 -26.49 72.65
C VAL L 328 -35.05 -25.63 73.90
N ILE L 329 -34.56 -24.41 73.70
CA ILE L 329 -34.49 -23.40 74.77
C ILE L 329 -35.90 -22.83 74.90
N PRO L 330 -36.51 -22.98 76.09
CA PRO L 330 -37.90 -22.48 76.28
C PRO L 330 -38.03 -20.98 76.15
N ALA L 331 -39.21 -20.54 75.73
CA ALA L 331 -39.54 -19.12 75.64
C ALA L 331 -39.38 -18.45 77.00
N GLY L 332 -38.70 -17.31 77.03
CA GLY L 332 -38.53 -16.53 78.26
C GLY L 332 -37.29 -16.84 79.08
N ASP L 333 -36.69 -18.01 78.87
CA ASP L 333 -35.49 -18.37 79.62
C ASP L 333 -34.34 -17.39 79.39
N THR L 334 -33.36 -17.45 80.26
CA THR L 334 -32.23 -16.56 80.20
C THR L 334 -31.07 -17.28 79.51
N VAL L 335 -30.53 -16.63 78.49
CA VAL L 335 -29.47 -17.22 77.65
C VAL L 335 -28.20 -16.38 77.70
N LEU L 336 -27.07 -17.06 77.84
N LEU L 336 -27.08 -17.06 77.87
CA LEU L 336 -25.75 -16.45 77.86
CA LEU L 336 -25.75 -16.44 77.86
C LEU L 336 -24.86 -16.97 76.73
C LEU L 336 -24.88 -16.96 76.73
N VAL L 337 -24.48 -16.09 75.82
CA VAL L 337 -23.59 -16.45 74.70
C VAL L 337 -22.19 -16.37 75.24
N VAL L 338 -21.54 -17.52 75.40
CA VAL L 338 -20.25 -17.61 76.02
C VAL L 338 -19.10 -17.26 75.07
N LEU L 339 -18.72 -15.99 75.11
CA LEU L 339 -17.72 -15.42 74.20
C LEU L 339 -16.33 -16.06 74.30
N ALA L 340 -15.90 -16.40 75.51
CA ALA L 340 -14.57 -16.96 75.76
C ALA L 340 -14.36 -18.33 75.10
N ASP L 341 -15.47 -19.02 74.82
CA ASP L 341 -15.43 -20.33 74.18
C ASP L 341 -15.50 -20.18 72.68
N ALA L 342 -16.23 -19.17 72.23
CA ALA L 342 -16.22 -18.86 70.83
C ALA L 342 -14.77 -18.62 70.45
N HIS L 343 -14.06 -17.86 71.28
CA HIS L 343 -12.69 -17.47 70.97
C HIS L 343 -11.68 -18.58 71.21
N ARG L 344 -12.16 -19.73 71.65
CA ARG L 344 -11.30 -20.90 71.83
C ARG L 344 -11.64 -22.01 70.84
N THR L 345 -12.58 -21.73 69.94
CA THR L 345 -13.00 -22.67 68.90
C THR L 345 -11.95 -22.73 67.78
N PRO L 346 -11.17 -23.84 67.71
CA PRO L 346 -10.01 -23.89 66.82
C PRO L 346 -10.38 -23.90 65.33
N GLU L 347 -11.58 -24.38 65.02
CA GLU L 347 -12.10 -24.30 63.66
C GLU L 347 -12.05 -22.86 63.16
N ARG L 348 -12.41 -21.91 64.02
CA ARG L 348 -12.41 -20.49 63.69
C ARG L 348 -11.12 -19.76 64.14
N PHE L 349 -10.47 -20.24 65.19
CA PHE L 349 -9.20 -19.64 65.57
C PHE L 349 -8.09 -20.69 65.63
N PRO L 350 -7.37 -20.87 64.50
CA PRO L 350 -6.33 -21.90 64.38
C PRO L 350 -5.30 -21.77 65.51
N ASP L 351 -4.97 -22.91 66.12
CA ASP L 351 -4.20 -22.97 67.37
C ASP L 351 -4.79 -21.94 68.35
N PRO L 352 -5.90 -22.31 69.03
CA PRO L 352 -6.65 -21.30 69.72
C PRO L 352 -5.99 -20.82 71.01
N HIS L 353 -5.42 -21.73 71.77
CA HIS L 353 -4.89 -21.44 73.11
C HIS L 353 -3.58 -20.68 73.09
N ARG L 354 -3.03 -20.49 71.89
CA ARG L 354 -1.80 -19.73 71.69
C ARG L 354 -2.11 -18.23 71.81
N PHE L 355 -1.23 -17.48 72.46
CA PHE L 355 -1.31 -16.03 72.53
C PHE L 355 -0.31 -15.43 71.53
N ASP L 356 -0.83 -14.73 70.53
CA ASP L 356 -0.04 -14.43 69.35
C ASP L 356 -0.41 -13.08 68.74
N ILE L 357 0.30 -12.03 69.15
CA ILE L 357 -0.01 -10.65 68.77
C ILE L 357 -0.03 -10.44 67.24
N ARG L 358 0.41 -11.46 66.50
CA ARG L 358 0.47 -11.45 65.03
C ARG L 358 -0.74 -12.13 64.37
N ARG L 359 -1.56 -12.83 65.15
CA ARG L 359 -2.65 -13.60 64.55
C ARG L 359 -3.71 -12.73 63.87
N ASP L 360 -4.40 -13.35 62.93
CA ASP L 360 -5.47 -12.73 62.18
C ASP L 360 -6.72 -12.76 63.05
N THR L 361 -6.88 -11.71 63.87
CA THR L 361 -7.92 -11.66 64.90
C THR L 361 -9.30 -11.23 64.39
N ALA L 362 -9.34 -10.72 63.17
CA ALA L 362 -10.59 -10.19 62.58
C ALA L 362 -11.72 -11.20 62.74
N GLY L 363 -12.86 -10.75 63.26
CA GLY L 363 -14.05 -11.61 63.46
C GLY L 363 -14.36 -12.01 64.89
N HIS L 364 -13.48 -11.64 65.81
CA HIS L 364 -13.74 -11.92 67.20
C HIS L 364 -15.00 -11.19 67.64
N LEU L 365 -15.55 -11.63 68.77
CA LEU L 365 -16.84 -11.13 69.25
C LEU L 365 -16.76 -10.45 70.63
N ALA L 366 -15.57 -10.02 71.03
CA ALA L 366 -15.36 -9.40 72.35
C ALA L 366 -16.18 -8.13 72.54
N PHE L 367 -16.60 -7.52 71.43
CA PHE L 367 -17.45 -6.33 71.43
C PHE L 367 -18.85 -6.69 70.96
N GLY L 368 -19.13 -7.98 70.95
CA GLY L 368 -20.44 -8.49 70.59
C GLY L 368 -20.59 -8.44 69.09
N HIS L 369 -21.83 -8.59 68.61
CA HIS L 369 -22.15 -8.70 67.18
C HIS L 369 -23.61 -8.39 66.88
N GLY L 370 -23.84 -7.64 65.81
CA GLY L 370 -25.19 -7.23 65.45
C GLY L 370 -25.58 -5.86 65.98
N ILE L 371 -26.88 -5.68 66.24
CA ILE L 371 -27.41 -4.36 66.61
C ILE L 371 -26.90 -3.80 67.92
N HIS L 372 -26.43 -4.64 68.84
CA HIS L 372 -25.89 -4.19 70.15
C HIS L 372 -24.36 -4.23 70.19
N PHE L 373 -23.74 -4.27 69.03
CA PHE L 373 -22.29 -4.09 68.94
C PHE L 373 -21.78 -2.94 69.85
N CYS L 374 -20.73 -3.23 70.61
CA CYS L 374 -20.17 -2.23 71.53
C CYS L 374 -19.94 -0.90 70.87
N ILE L 375 -20.56 0.10 71.47
CA ILE L 375 -20.52 1.45 70.99
C ILE L 375 -19.29 2.17 71.57
N GLY L 376 -18.81 1.67 72.71
CA GLY L 376 -17.62 2.23 73.30
C GLY L 376 -16.34 1.69 72.65
N ALA L 377 -16.47 0.75 71.73
CA ALA L 377 -15.31 0.07 71.18
C ALA L 377 -14.12 0.99 70.88
N PRO L 378 -14.33 2.08 70.08
CA PRO L 378 -13.14 2.87 69.71
C PRO L 378 -12.54 3.61 70.90
N LEU L 379 -13.36 3.82 71.92
CA LEU L 379 -12.90 4.44 73.14
C LEU L 379 -12.04 3.44 73.85
N ALA L 380 -12.61 2.29 74.18
CA ALA L 380 -11.86 1.26 74.91
C ALA L 380 -10.50 1.02 74.26
N ARG L 381 -10.48 0.96 72.94
CA ARG L 381 -9.26 0.71 72.22
C ARG L 381 -8.30 1.87 72.46
N LEU L 382 -8.82 3.08 72.33
CA LEU L 382 -7.96 4.22 72.51
C LEU L 382 -7.19 4.09 73.83
N GLU L 383 -7.86 3.67 74.89
CA GLU L 383 -7.24 3.59 76.19
C GLU L 383 -6.29 2.43 76.36
N ALA L 384 -6.72 1.24 75.93
CA ALA L 384 -5.86 0.06 76.03
C ALA L 384 -4.57 0.40 75.37
N ARG L 385 -4.66 0.71 74.08
CA ARG L 385 -3.51 1.05 73.25
C ARG L 385 -2.58 2.05 73.91
N ILE L 386 -3.14 3.16 74.38
CA ILE L 386 -2.33 4.20 75.02
C ILE L 386 -1.67 3.70 76.31
N ALA L 387 -2.46 3.03 77.13
CA ALA L 387 -2.02 2.44 78.38
C ALA L 387 -0.93 1.40 78.15
N VAL L 388 -1.30 0.32 77.48
CA VAL L 388 -0.39 -0.75 77.19
C VAL L 388 0.94 -0.17 76.70
N ARG L 389 0.87 0.70 75.70
CA ARG L 389 2.07 1.32 75.19
C ARG L 389 2.86 1.94 76.32
N ALA L 390 2.23 2.87 77.03
CA ALA L 390 2.90 3.63 78.08
C ALA L 390 3.70 2.72 78.99
N LEU L 391 3.16 1.54 79.28
CA LEU L 391 3.86 0.53 80.09
C LEU L 391 5.15 0.02 79.48
N LEU L 392 5.09 -0.42 78.23
CA LEU L 392 6.29 -0.92 77.57
C LEU L 392 7.37 0.15 77.47
N GLU L 393 6.97 1.38 77.20
CA GLU L 393 7.92 2.46 76.94
C GLU L 393 8.55 3.02 78.21
N ARG L 394 7.77 3.08 79.28
CA ARG L 394 8.23 3.75 80.49
C ARG L 394 8.61 2.76 81.58
N CYS L 395 8.49 1.48 81.27
CA CYS L 395 8.89 0.45 82.21
C CYS L 395 9.89 -0.53 81.61
N PRO L 396 11.19 -0.21 81.73
CA PRO L 396 12.23 -1.15 81.33
C PRO L 396 12.07 -2.48 82.08
N ASP L 397 11.96 -3.57 81.31
CA ASP L 397 11.89 -4.93 81.84
C ASP L 397 10.77 -5.09 82.88
N LEU L 398 9.52 -4.99 82.42
CA LEU L 398 8.38 -5.26 83.29
C LEU L 398 8.24 -6.77 83.45
N ALA L 399 8.11 -7.22 84.69
CA ALA L 399 7.76 -8.60 84.97
C ALA L 399 6.60 -8.66 85.95
N LEU L 400 5.90 -9.79 85.92
CA LEU L 400 4.83 -10.08 86.86
C LEU L 400 5.43 -10.34 88.21
N ASP L 401 5.12 -9.50 89.21
CA ASP L 401 5.59 -9.77 90.57
C ASP L 401 4.76 -10.85 91.27
N VAL L 402 4.86 -12.07 90.73
CA VAL L 402 4.25 -13.33 91.22
C VAL L 402 3.65 -14.12 90.05
N SER L 403 3.68 -15.44 90.21
CA SER L 403 3.30 -16.40 89.17
C SER L 403 1.81 -16.73 89.19
N PRO L 404 1.21 -17.00 88.00
CA PRO L 404 -0.21 -17.31 87.78
C PRO L 404 -0.95 -17.98 88.94
N GLY L 405 -0.31 -18.95 89.59
CA GLY L 405 -0.91 -19.64 90.72
C GLY L 405 -1.43 -18.77 91.86
N GLU L 406 -0.78 -17.63 92.10
CA GLU L 406 -1.19 -16.77 93.23
C GLU L 406 -2.28 -15.77 92.82
N LEU L 407 -2.51 -15.65 91.52
CA LEU L 407 -3.60 -14.81 91.03
C LEU L 407 -4.97 -15.32 91.49
N VAL L 408 -5.93 -14.41 91.54
CA VAL L 408 -7.30 -14.76 91.93
C VAL L 408 -8.29 -14.19 90.92
N TRP L 409 -9.03 -15.06 90.23
CA TRP L 409 -10.03 -14.61 89.26
C TRP L 409 -11.42 -14.59 89.87
N TYR L 410 -12.19 -13.58 89.48
CA TYR L 410 -13.59 -13.51 89.86
C TYR L 410 -14.42 -14.64 89.27
N PRO L 411 -15.35 -15.19 90.07
CA PRO L 411 -16.09 -16.41 89.71
C PRO L 411 -17.18 -16.22 88.64
N ASN L 412 -17.50 -14.97 88.34
CA ASN L 412 -18.57 -14.60 87.40
C ASN L 412 -18.46 -15.19 85.99
N PRO L 413 -19.58 -15.70 85.43
CA PRO L 413 -19.44 -16.18 84.05
C PRO L 413 -19.65 -15.07 82.99
N MET L 414 -20.14 -13.89 83.39
CA MET L 414 -20.23 -12.77 82.48
C MET L 414 -18.90 -12.06 82.31
N ILE L 415 -18.24 -11.77 83.43
CA ILE L 415 -17.00 -11.03 83.42
C ILE L 415 -15.79 -11.87 83.83
N ARG L 416 -14.71 -11.68 83.10
CA ARG L 416 -13.47 -12.39 83.37
C ARG L 416 -12.42 -11.35 83.73
N GLY L 417 -12.12 -11.26 85.02
CA GLY L 417 -11.20 -10.25 85.51
C GLY L 417 -10.44 -10.64 86.75
N LEU L 418 -9.41 -9.86 87.06
CA LEU L 418 -8.53 -10.18 88.18
C LEU L 418 -8.88 -9.48 89.48
N LYS L 419 -8.51 -10.11 90.60
CA LYS L 419 -8.53 -9.47 91.90
C LYS L 419 -7.43 -8.40 91.89
N ALA L 420 -6.22 -8.81 91.51
CA ALA L 420 -5.07 -7.89 91.45
C ALA L 420 -4.02 -8.34 90.43
N LEU L 421 -3.28 -7.40 89.87
CA LEU L 421 -2.08 -7.73 89.07
C LEU L 421 -0.80 -7.10 89.67
N PRO L 422 -0.03 -7.85 90.50
CA PRO L 422 1.23 -7.34 91.04
C PRO L 422 2.36 -7.42 90.04
N ILE L 423 2.84 -6.25 89.63
CA ILE L 423 3.93 -6.14 88.65
C ILE L 423 5.16 -5.54 89.33
N ARG L 424 6.29 -5.52 88.60
CA ARG L 424 7.56 -4.92 89.08
C ARG L 424 8.54 -4.53 87.93
N TRP L 425 9.59 -3.79 88.26
CA TRP L 425 10.69 -3.45 87.33
C TRP L 425 12.08 -3.43 87.99
N ARG L 426 13.14 -3.59 87.18
CA ARG L 426 14.51 -3.83 87.69
C ARG L 426 15.17 -2.56 88.23
N ALA M 30 -15.79 -18.03 -53.54
CA ALA M 30 -14.42 -18.62 -53.42
C ALA M 30 -14.40 -20.10 -53.83
N SER M 31 -14.63 -20.34 -55.13
CA SER M 31 -14.47 -21.67 -55.72
C SER M 31 -13.03 -22.20 -55.52
N PRO M 32 -12.00 -21.38 -55.85
CA PRO M 32 -10.62 -21.82 -55.64
C PRO M 32 -10.20 -21.98 -54.17
N PRO M 33 -9.48 -23.07 -53.85
CA PRO M 33 -8.98 -23.36 -52.53
C PRO M 33 -8.19 -22.20 -51.94
N VAL M 34 -8.44 -21.92 -50.67
CA VAL M 34 -7.66 -20.95 -49.91
C VAL M 34 -6.36 -21.56 -49.37
N LEU M 35 -6.21 -22.88 -49.44
CA LEU M 35 -4.97 -23.55 -49.03
C LEU M 35 -4.62 -24.84 -49.78
N ASP M 36 -3.47 -24.85 -50.45
CA ASP M 36 -2.89 -26.06 -50.97
C ASP M 36 -2.15 -26.77 -49.82
N LEU M 37 -2.72 -27.86 -49.32
CA LEU M 37 -2.05 -28.66 -48.30
C LEU M 37 -0.78 -29.29 -48.86
N GLY M 38 -0.84 -29.65 -50.14
CA GLY M 38 0.29 -30.23 -50.83
C GLY M 38 1.56 -29.51 -50.50
N ALA M 39 1.56 -28.19 -50.68
CA ALA M 39 2.77 -27.38 -50.59
C ALA M 39 3.39 -27.24 -49.19
N LEU M 40 2.66 -27.65 -48.16
CA LEU M 40 3.07 -27.43 -46.77
C LEU M 40 3.98 -28.54 -46.23
N GLY M 41 4.11 -29.61 -46.99
CA GLY M 41 5.09 -30.65 -46.72
C GLY M 41 4.76 -31.60 -45.58
N GLN M 42 5.80 -32.33 -45.14
CA GLN M 42 5.71 -33.36 -44.09
C GLN M 42 5.46 -32.75 -42.70
N ASP M 43 5.75 -31.45 -42.56
CA ASP M 43 5.40 -30.68 -41.35
C ASP M 43 3.88 -30.65 -41.15
N PHE M 44 3.13 -30.66 -42.25
CA PHE M 44 1.68 -30.79 -42.17
C PHE M 44 1.31 -32.23 -41.86
N ALA M 45 1.91 -33.15 -42.62
CA ALA M 45 1.70 -34.58 -42.44
C ALA M 45 1.91 -34.99 -40.99
N ALA M 46 3.01 -34.49 -40.41
CA ALA M 46 3.42 -34.79 -39.05
C ALA M 46 2.49 -34.18 -38.02
N ASP M 47 2.17 -32.90 -38.21
CA ASP M 47 1.43 -32.11 -37.23
C ASP M 47 0.46 -31.16 -37.95
N PRO M 48 -0.70 -31.69 -38.42
CA PRO M 48 -1.68 -30.85 -39.11
C PRO M 48 -2.58 -30.06 -38.16
N TYR M 49 -2.55 -30.44 -36.89
CA TYR M 49 -3.34 -29.84 -35.80
C TYR M 49 -3.30 -28.29 -35.69
N PRO M 50 -2.10 -27.66 -35.75
CA PRO M 50 -2.06 -26.19 -35.74
C PRO M 50 -2.81 -25.58 -36.93
N THR M 51 -2.58 -26.15 -38.10
CA THR M 51 -3.21 -25.75 -39.35
C THR M 51 -4.73 -26.01 -39.34
N TYR M 52 -5.17 -27.05 -38.62
CA TYR M 52 -6.60 -27.30 -38.50
C TYR M 52 -7.26 -26.33 -37.54
N ALA M 53 -6.60 -26.12 -36.39
CA ALA M 53 -7.08 -25.15 -35.38
C ALA M 53 -6.98 -23.68 -35.84
N ARG M 54 -6.12 -23.43 -36.84
CA ARG M 54 -6.03 -22.13 -37.47
C ARG M 54 -7.34 -21.89 -38.23
N LEU M 55 -7.76 -22.92 -38.97
CA LEU M 55 -8.96 -22.85 -39.80
C LEU M 55 -10.27 -22.75 -39.02
N ARG M 56 -10.38 -23.49 -37.92
CA ARG M 56 -11.57 -23.45 -37.05
C ARG M 56 -11.84 -22.04 -36.52
N ALA M 57 -10.76 -21.38 -36.06
CA ALA M 57 -10.84 -20.02 -35.54
C ALA M 57 -11.46 -19.02 -36.53
N GLU M 58 -11.48 -19.36 -37.82
CA GLU M 58 -12.10 -18.49 -38.81
C GLU M 58 -13.57 -18.82 -39.01
N GLY M 59 -13.94 -20.06 -38.71
CA GLY M 59 -15.30 -20.49 -38.90
C GLY M 59 -15.43 -21.99 -39.01
N PRO M 60 -16.41 -22.45 -39.81
CA PRO M 60 -16.79 -23.88 -39.87
C PRO M 60 -16.25 -24.70 -41.06
N ALA M 61 -16.20 -24.10 -42.25
CA ALA M 61 -15.88 -24.83 -43.49
C ALA M 61 -14.85 -24.08 -44.35
N HIS M 62 -14.11 -24.84 -45.15
CA HIS M 62 -12.91 -24.35 -45.83
C HIS M 62 -12.57 -25.18 -47.07
N ARG M 63 -12.55 -24.54 -48.23
CA ARG M 63 -12.10 -25.16 -49.47
C ARG M 63 -10.59 -25.27 -49.51
N VAL M 64 -10.08 -26.48 -49.76
CA VAL M 64 -8.63 -26.70 -49.92
C VAL M 64 -8.31 -27.76 -50.97
N ARG M 65 -7.10 -27.69 -51.51
CA ARG M 65 -6.61 -28.78 -52.32
C ARG M 65 -5.78 -29.71 -51.44
N THR M 66 -6.08 -31.01 -51.49
CA THR M 66 -5.32 -32.02 -50.76
C THR M 66 -4.09 -32.35 -51.58
N PRO M 67 -3.02 -32.87 -50.94
CA PRO M 67 -1.73 -33.16 -51.58
C PRO M 67 -1.84 -33.87 -52.93
N GLU M 68 -2.70 -34.88 -53.01
CA GLU M 68 -2.88 -35.65 -54.25
C GLU M 68 -3.71 -34.89 -55.29
N GLY M 69 -3.84 -33.58 -55.07
CA GLY M 69 -4.43 -32.68 -56.06
C GLY M 69 -5.95 -32.60 -56.07
N ASN M 70 -6.58 -33.08 -55.00
N ASN M 70 -6.58 -33.07 -55.01
CA ASN M 70 -8.05 -33.08 -54.90
CA ASN M 70 -8.03 -33.06 -54.95
C ASN M 70 -8.57 -31.88 -54.15
C ASN M 70 -8.56 -31.88 -54.16
N GLU M 71 -9.42 -31.11 -54.81
CA GLU M 71 -9.96 -29.88 -54.23
C GLU M 71 -11.22 -30.22 -53.48
N VAL M 72 -11.18 -30.06 -52.16
CA VAL M 72 -12.33 -30.43 -51.30
C VAL M 72 -12.61 -29.42 -50.17
N TRP M 73 -13.76 -29.60 -49.52
CA TRP M 73 -14.16 -28.82 -48.35
C TRP M 73 -13.80 -29.51 -47.04
N LEU M 74 -13.19 -28.79 -46.10
CA LEU M 74 -12.90 -29.33 -44.76
C LEU M 74 -13.86 -28.76 -43.74
N VAL M 75 -14.40 -29.61 -42.86
CA VAL M 75 -15.31 -29.14 -41.80
C VAL M 75 -14.67 -29.36 -40.43
N VAL M 76 -14.55 -28.26 -39.68
CA VAL M 76 -13.74 -28.19 -38.46
C VAL M 76 -14.61 -27.90 -37.23
N GLY M 77 -14.04 -28.19 -36.05
CA GLY M 77 -14.72 -27.92 -34.79
C GLY M 77 -15.66 -29.03 -34.37
N TYR M 78 -15.46 -29.52 -33.15
CA TYR M 78 -16.24 -30.65 -32.63
C TYR M 78 -17.75 -30.59 -32.88
N ASP M 79 -18.40 -29.53 -32.39
CA ASP M 79 -19.86 -29.35 -32.45
C ASP M 79 -20.41 -29.43 -33.87
N ARG M 80 -19.72 -28.78 -34.77
CA ARG M 80 -20.08 -28.76 -36.16
C ARG M 80 -19.89 -30.13 -36.77
N ALA M 81 -18.79 -30.79 -36.38
CA ALA M 81 -18.41 -32.04 -36.99
C ALA M 81 -19.44 -33.10 -36.66
N ARG M 82 -19.83 -33.13 -35.37
CA ARG M 82 -20.87 -34.00 -34.88
C ARG M 82 -22.17 -33.77 -35.64
N ALA M 83 -22.59 -32.52 -35.71
CA ALA M 83 -23.81 -32.14 -36.44
C ALA M 83 -23.81 -32.61 -37.90
N VAL M 84 -22.74 -32.28 -38.63
CA VAL M 84 -22.71 -32.56 -40.06
C VAL M 84 -22.62 -34.04 -40.35
N LEU M 85 -22.00 -34.80 -39.46
CA LEU M 85 -21.87 -36.23 -39.68
C LEU M 85 -23.22 -36.91 -39.89
N ALA M 86 -24.22 -36.53 -39.05
CA ALA M 86 -25.53 -37.19 -38.98
C ALA M 86 -26.52 -36.43 -39.80
N ASP M 87 -26.06 -35.36 -40.42
CA ASP M 87 -26.93 -34.51 -41.18
C ASP M 87 -27.35 -35.24 -42.45
N PRO M 88 -28.67 -35.53 -42.60
CA PRO M 88 -29.15 -36.21 -43.80
C PRO M 88 -29.02 -35.36 -45.07
N ARG M 89 -28.70 -34.07 -44.93
CA ARG M 89 -28.54 -33.16 -46.08
C ARG M 89 -27.23 -33.39 -46.81
N PHE M 90 -26.28 -33.98 -46.10
CA PHE M 90 -25.03 -34.41 -46.70
C PHE M 90 -25.17 -35.89 -47.03
N SER M 91 -25.41 -36.16 -48.30
CA SER M 91 -25.58 -37.52 -48.83
C SER M 91 -24.24 -38.22 -49.01
N LYS M 92 -24.19 -39.56 -48.91
CA LYS M 92 -22.98 -40.27 -49.28
C LYS M 92 -23.12 -40.95 -50.64
N ASP M 93 -24.32 -40.86 -51.21
CA ASP M 93 -24.59 -41.38 -52.56
C ASP M 93 -23.88 -40.54 -53.63
N TRP M 94 -23.10 -41.22 -54.45
CA TRP M 94 -22.31 -40.55 -55.47
C TRP M 94 -23.14 -39.95 -56.60
N ARG M 95 -24.43 -40.28 -56.64
CA ARG M 95 -25.37 -39.62 -57.57
C ARG M 95 -25.54 -38.15 -57.25
N ASN M 96 -25.34 -37.78 -56.00
CA ASN M 96 -25.51 -36.40 -55.60
C ASN M 96 -24.18 -35.64 -55.55
N SER M 97 -23.24 -36.08 -56.36
CA SER M 97 -21.93 -35.44 -56.45
C SER M 97 -21.66 -35.03 -57.87
N THR M 98 -20.94 -33.92 -58.04
CA THR M 98 -20.54 -33.48 -59.37
C THR M 98 -19.19 -34.09 -59.76
N THR M 99 -18.57 -34.85 -58.86
CA THR M 99 -17.27 -35.45 -59.14
C THR M 99 -17.45 -36.80 -59.80
N PRO M 100 -17.00 -36.92 -61.06
CA PRO M 100 -17.12 -38.17 -61.82
C PRO M 100 -16.42 -39.35 -61.14
N LEU M 101 -16.94 -40.55 -61.36
CA LEU M 101 -16.30 -41.79 -60.94
C LEU M 101 -15.80 -42.59 -62.14
N THR M 102 -14.53 -42.99 -62.08
CA THR M 102 -13.91 -43.91 -63.03
C THR M 102 -14.64 -45.25 -62.98
N GLU M 103 -14.62 -45.99 -64.09
CA GLU M 103 -15.26 -47.31 -64.15
C GLU M 103 -14.65 -48.25 -63.11
N ALA M 104 -13.41 -47.96 -62.74
CA ALA M 104 -12.66 -48.71 -61.73
C ALA M 104 -13.16 -48.45 -60.31
N GLU M 105 -13.47 -47.18 -60.02
CA GLU M 105 -14.16 -46.79 -58.79
C GLU M 105 -15.64 -47.17 -58.85
N ALA M 106 -16.24 -47.02 -60.04
CA ALA M 106 -17.66 -47.23 -60.25
C ALA M 106 -18.07 -48.65 -59.87
N ALA M 107 -17.14 -49.58 -60.07
CA ALA M 107 -17.37 -51.00 -59.74
C ALA M 107 -17.50 -51.29 -58.22
N LEU M 108 -16.81 -50.51 -57.40
CA LEU M 108 -16.74 -50.77 -55.96
C LEU M 108 -17.64 -49.82 -55.17
N ASN M 109 -18.31 -48.93 -55.89
CA ASN M 109 -19.12 -47.88 -55.27
C ASN M 109 -20.38 -48.39 -54.58
N HIS M 110 -20.78 -49.61 -54.92
CA HIS M 110 -22.04 -50.19 -54.43
C HIS M 110 -21.88 -50.90 -53.08
N ASN M 111 -21.67 -50.10 -52.05
CA ASN M 111 -21.55 -50.59 -50.70
C ASN M 111 -22.32 -49.66 -49.75
N MET M 112 -22.44 -50.05 -48.49
CA MET M 112 -23.29 -49.38 -47.50
C MET M 112 -22.82 -47.98 -47.11
N LEU M 113 -21.50 -47.79 -47.12
CA LEU M 113 -20.92 -46.52 -46.76
C LEU M 113 -21.17 -45.48 -47.85
N GLU M 114 -21.18 -45.93 -49.09
CA GLU M 114 -21.42 -45.01 -50.20
C GLU M 114 -22.90 -44.99 -50.57
N SER M 115 -23.74 -44.90 -49.54
CA SER M 115 -25.18 -44.98 -49.67
C SER M 115 -25.95 -44.01 -48.78
N ASP M 116 -27.18 -43.71 -49.18
CA ASP M 116 -28.16 -43.12 -48.30
C ASP M 116 -29.16 -44.22 -48.06
N PRO M 117 -30.19 -43.95 -47.23
CA PRO M 117 -31.37 -44.84 -47.11
C PRO M 117 -32.20 -44.71 -48.35
N PRO M 118 -32.96 -45.76 -48.74
CA PRO M 118 -33.06 -47.04 -48.03
C PRO M 118 -31.90 -48.02 -48.28
N ARG M 119 -31.08 -47.73 -49.30
CA ARG M 119 -30.01 -48.62 -49.72
C ARG M 119 -29.04 -48.93 -48.59
N HIS M 120 -28.60 -47.88 -47.86
CA HIS M 120 -27.76 -48.08 -46.69
C HIS M 120 -28.43 -49.02 -45.69
N THR M 121 -29.75 -48.88 -45.55
CA THR M 121 -30.52 -49.65 -44.60
C THR M 121 -30.40 -51.13 -44.95
N ARG M 122 -30.73 -51.46 -46.19
CA ARG M 122 -30.73 -52.87 -46.64
C ARG M 122 -29.35 -53.57 -46.55
N LEU M 123 -28.33 -52.85 -47.03
CA LEU M 123 -26.99 -53.37 -47.10
C LEU M 123 -26.42 -53.56 -45.69
N ARG M 124 -26.55 -52.56 -44.82
CA ARG M 124 -26.06 -52.78 -43.47
C ARG M 124 -26.83 -53.92 -42.76
N LYS M 125 -28.11 -54.12 -43.07
CA LYS M 125 -28.89 -55.21 -42.44
C LYS M 125 -28.33 -56.63 -42.73
N LEU M 126 -27.66 -56.78 -43.86
CA LEU M 126 -27.18 -58.10 -44.24
C LEU M 126 -26.15 -58.67 -43.29
N VAL M 127 -25.36 -57.80 -42.65
CA VAL M 127 -24.15 -58.22 -41.93
C VAL M 127 -24.15 -57.71 -40.50
N ALA M 128 -25.14 -56.90 -40.18
CA ALA M 128 -25.29 -56.39 -38.84
C ALA M 128 -25.10 -57.53 -37.82
N ARG M 129 -25.80 -58.64 -38.03
CA ARG M 129 -25.65 -59.83 -37.17
C ARG M 129 -24.19 -60.17 -36.86
N GLU M 130 -23.33 -60.10 -37.87
CA GLU M 130 -21.93 -60.55 -37.78
C GLU M 130 -21.10 -59.76 -36.80
N PHE M 131 -21.39 -58.47 -36.75
CA PHE M 131 -20.51 -57.56 -36.05
C PHE M 131 -21.10 -57.04 -34.74
N THR M 132 -22.13 -57.71 -34.21
CA THR M 132 -22.62 -57.37 -32.87
C THR M 132 -21.53 -57.67 -31.85
N MET M 133 -21.42 -56.79 -30.88
CA MET M 133 -20.45 -56.91 -29.82
C MET M 133 -20.36 -58.35 -29.24
N ARG M 134 -21.51 -59.00 -29.00
CA ARG M 134 -21.52 -60.38 -28.48
C ARG M 134 -20.92 -61.40 -29.46
N ARG M 135 -21.27 -61.28 -30.74
CA ARG M 135 -20.77 -62.22 -31.74
C ARG M 135 -19.26 -62.05 -31.98
N VAL M 136 -18.77 -60.83 -31.74
CA VAL M 136 -17.37 -60.51 -31.93
C VAL M 136 -16.59 -61.05 -30.73
N GLU M 137 -17.22 -61.09 -29.58
CA GLU M 137 -16.59 -61.65 -28.42
C GLU M 137 -16.23 -63.10 -28.66
N LEU M 138 -17.00 -63.80 -29.48
CA LEU M 138 -16.72 -65.20 -29.83
C LEU M 138 -15.44 -65.37 -30.66
N LEU M 139 -14.83 -64.25 -31.04
CA LEU M 139 -13.57 -64.26 -31.76
C LEU M 139 -12.38 -64.12 -30.82
N ARG M 140 -12.64 -63.80 -29.54
CA ARG M 140 -11.57 -63.56 -28.57
C ARG M 140 -10.51 -64.66 -28.55
N PRO M 141 -10.92 -65.94 -28.49
CA PRO M 141 -9.87 -66.96 -28.45
C PRO M 141 -8.95 -66.92 -29.68
N ARG M 142 -9.50 -67.09 -30.90
CA ARG M 142 -8.66 -67.02 -32.09
C ARG M 142 -7.76 -65.79 -32.08
N VAL M 143 -8.35 -64.62 -31.83
CA VAL M 143 -7.61 -63.37 -31.79
C VAL M 143 -6.45 -63.40 -30.81
N GLN M 144 -6.71 -63.92 -29.61
CA GLN M 144 -5.66 -64.02 -28.60
C GLN M 144 -4.52 -64.91 -29.08
N GLU M 145 -4.87 -65.94 -29.85
CA GLU M 145 -3.91 -66.88 -30.35
C GLU M 145 -3.09 -66.16 -31.41
N ILE M 146 -3.78 -65.37 -32.24
CA ILE M 146 -3.11 -64.65 -33.32
C ILE M 146 -2.11 -63.62 -32.75
N VAL M 147 -2.47 -62.96 -31.66
CA VAL M 147 -1.54 -62.05 -31.00
C VAL M 147 -0.34 -62.78 -30.31
N ASP M 148 -0.59 -63.90 -29.65
CA ASP M 148 0.49 -64.63 -28.97
C ASP M 148 1.51 -65.12 -29.98
N GLY M 149 1.02 -65.66 -31.11
CA GLY M 149 1.88 -66.07 -32.23
C GLY M 149 2.73 -64.95 -32.81
N LEU M 150 2.10 -63.82 -33.10
CA LEU M 150 2.81 -62.68 -33.66
C LEU M 150 3.82 -62.09 -32.68
N VAL M 151 3.47 -61.99 -31.40
CA VAL M 151 4.40 -61.42 -30.41
C VAL M 151 5.56 -62.39 -30.05
N ASP M 152 5.29 -63.68 -30.19
CA ASP M 152 6.33 -64.71 -30.07
C ASP M 152 7.40 -64.41 -31.08
N ALA M 153 6.98 -64.33 -32.34
CA ALA M 153 7.86 -64.04 -33.46
C ALA M 153 8.62 -62.73 -33.22
N MET M 154 7.94 -61.75 -32.64
CA MET M 154 8.58 -60.47 -32.39
C MET M 154 9.74 -60.53 -31.37
N LEU M 155 9.54 -61.19 -30.24
CA LEU M 155 10.57 -61.26 -29.20
C LEU M 155 11.84 -61.91 -29.69
N ALA M 156 11.69 -62.81 -30.66
CA ALA M 156 12.81 -63.56 -31.21
C ALA M 156 13.68 -62.77 -32.19
N ALA M 157 13.28 -61.54 -32.50
CA ALA M 157 14.01 -60.72 -33.46
C ALA M 157 15.34 -60.31 -32.84
N PRO M 158 16.38 -60.09 -33.68
CA PRO M 158 17.75 -60.16 -33.16
C PRO M 158 18.04 -59.28 -31.94
N ASP M 159 18.64 -58.11 -32.14
CA ASP M 159 19.16 -57.30 -31.02
C ASP M 159 18.03 -56.61 -30.23
N GLY M 160 16.95 -57.37 -30.00
CA GLY M 160 15.79 -56.90 -29.26
C GLY M 160 15.28 -55.59 -29.80
N ARG M 161 14.91 -55.61 -31.08
CA ARG M 161 14.48 -54.44 -31.83
C ARG M 161 13.49 -54.94 -32.88
N ALA M 162 12.50 -54.10 -33.21
CA ALA M 162 11.59 -54.41 -34.33
C ALA M 162 10.72 -53.23 -34.76
N ASP M 163 10.25 -53.30 -36.00
CA ASP M 163 9.20 -52.41 -36.46
C ASP M 163 7.88 -53.06 -36.10
N LEU M 164 7.14 -52.45 -35.18
CA LEU M 164 5.84 -52.97 -34.73
C LEU M 164 4.74 -53.02 -35.81
N MET M 165 4.83 -52.11 -36.78
CA MET M 165 3.95 -52.09 -37.95
C MET M 165 3.95 -53.44 -38.65
N GLU M 166 5.15 -53.80 -39.09
CA GLU M 166 5.45 -54.99 -39.85
C GLU M 166 5.25 -56.22 -38.97
N SER M 167 5.62 -56.11 -37.69
CA SER M 167 5.64 -57.25 -36.77
C SER M 167 4.29 -57.64 -36.19
N LEU M 168 3.49 -56.64 -35.79
CA LEU M 168 2.18 -56.92 -35.18
C LEU M 168 1.01 -56.08 -35.73
N ALA M 169 1.21 -54.78 -35.92
CA ALA M 169 0.07 -53.91 -36.26
C ALA M 169 -0.56 -54.14 -37.64
N TRP M 170 0.24 -54.46 -38.66
CA TRP M 170 -0.34 -54.79 -39.97
C TRP M 170 -0.89 -56.20 -39.96
N PRO M 171 -0.09 -57.19 -39.52
CA PRO M 171 -0.52 -58.56 -39.74
C PRO M 171 -1.76 -58.98 -38.97
N LEU M 172 -2.03 -58.36 -37.82
CA LEU M 172 -3.15 -58.80 -36.98
C LEU M 172 -4.52 -58.47 -37.58
N PRO M 173 -4.79 -57.18 -37.89
CA PRO M 173 -6.15 -56.88 -38.39
C PRO M 173 -6.45 -57.66 -39.67
N ILE M 174 -5.42 -57.83 -40.50
CA ILE M 174 -5.56 -58.45 -41.80
C ILE M 174 -5.80 -59.95 -41.63
N THR M 175 -5.03 -60.63 -40.77
CA THR M 175 -5.25 -62.04 -40.55
C THR M 175 -6.69 -62.27 -40.11
N VAL M 176 -7.15 -61.50 -39.15
CA VAL M 176 -8.53 -61.61 -38.60
C VAL M 176 -9.65 -61.35 -39.61
N ILE M 177 -9.50 -60.30 -40.41
CA ILE M 177 -10.53 -59.95 -41.37
C ILE M 177 -10.54 -60.95 -42.53
N SER M 178 -9.37 -61.50 -42.85
CA SER M 178 -9.25 -62.55 -43.86
C SER M 178 -10.02 -63.77 -43.38
N GLU M 179 -9.60 -64.35 -42.26
CA GLU M 179 -10.32 -65.47 -41.64
C GLU M 179 -11.85 -65.30 -41.65
N LEU M 180 -12.32 -64.09 -41.36
CA LEU M 180 -13.74 -63.80 -41.39
C LEU M 180 -14.38 -63.87 -42.76
N LEU M 181 -13.73 -63.30 -43.76
CA LEU M 181 -14.30 -63.33 -45.12
C LEU M 181 -13.73 -64.44 -46.02
N GLY M 182 -12.91 -65.32 -45.45
CA GLY M 182 -12.32 -66.43 -46.18
C GLY M 182 -11.34 -66.04 -47.27
N VAL M 183 -10.47 -65.07 -47.00
CA VAL M 183 -9.40 -64.73 -47.93
C VAL M 183 -8.14 -65.60 -47.76
N PRO M 184 -7.90 -66.55 -48.70
CA PRO M 184 -6.76 -67.46 -48.61
C PRO M 184 -5.48 -66.72 -48.24
N GLU M 185 -4.68 -67.34 -47.35
CA GLU M 185 -3.40 -66.77 -46.91
C GLU M 185 -2.41 -66.49 -48.06
N PRO M 186 -2.32 -67.38 -49.10
CA PRO M 186 -1.45 -67.03 -50.23
C PRO M 186 -1.85 -65.72 -50.91
N ASP M 187 -3.14 -65.40 -50.84
CA ASP M 187 -3.73 -64.30 -51.58
C ASP M 187 -3.70 -62.98 -50.81
N ARG M 188 -3.36 -63.05 -49.53
CA ARG M 188 -3.38 -61.89 -48.63
C ARG M 188 -2.30 -60.85 -48.90
N ALA M 189 -1.15 -61.30 -49.37
CA ALA M 189 0.00 -60.43 -49.54
C ALA M 189 -0.28 -59.24 -50.45
N ALA M 190 -0.99 -59.50 -51.56
CA ALA M 190 -1.33 -58.47 -52.54
C ALA M 190 -2.25 -57.38 -51.97
N PHE M 191 -2.85 -57.64 -50.81
CA PHE M 191 -3.70 -56.64 -50.20
C PHE M 191 -2.93 -55.46 -49.66
N ARG M 192 -1.81 -55.71 -49.02
CA ARG M 192 -0.92 -54.61 -48.68
C ARG M 192 -0.55 -53.90 -50.00
N VAL M 193 -0.19 -54.67 -51.02
CA VAL M 193 0.25 -54.06 -52.27
C VAL M 193 -0.86 -53.21 -52.91
N TRP M 194 -2.11 -53.49 -52.56
CA TRP M 194 -3.22 -52.66 -53.05
C TRP M 194 -3.62 -51.50 -52.10
N THR M 195 -3.59 -51.74 -50.79
CA THR M 195 -3.84 -50.67 -49.79
C THR M 195 -2.78 -49.56 -49.78
N ASP M 196 -1.52 -49.91 -50.03
CA ASP M 196 -0.44 -48.92 -50.14
C ASP M 196 -0.52 -48.19 -51.49
N ALA M 197 -1.51 -48.56 -52.31
CA ALA M 197 -1.82 -47.84 -53.54
C ALA M 197 -2.88 -46.73 -53.36
N PHE M 198 -3.50 -46.65 -52.18
CA PHE M 198 -4.36 -45.51 -51.78
C PHE M 198 -3.92 -44.90 -50.45
N VAL M 199 -2.70 -45.25 -50.04
CA VAL M 199 -2.01 -44.66 -48.89
C VAL M 199 -0.91 -43.73 -49.41
N PHE M 200 -0.20 -44.20 -50.44
CA PHE M 200 0.79 -43.36 -51.15
C PHE M 200 0.79 -43.63 -52.66
N PRO M 201 -0.33 -43.33 -53.34
CA PRO M 201 -0.24 -43.35 -54.79
C PRO M 201 0.85 -42.40 -55.27
N ASP M 202 1.90 -42.95 -55.88
CA ASP M 202 2.97 -42.15 -56.48
C ASP M 202 2.37 -41.21 -57.51
N ASP M 203 1.25 -41.62 -58.08
CA ASP M 203 0.45 -40.80 -58.99
C ASP M 203 -0.97 -41.37 -58.99
N PRO M 204 -1.92 -40.67 -59.65
CA PRO M 204 -3.29 -41.20 -59.76
C PRO M 204 -3.44 -42.54 -60.49
N ALA M 205 -2.72 -42.73 -61.60
CA ALA M 205 -2.85 -43.96 -62.41
C ALA M 205 -2.59 -45.22 -61.59
N GLN M 206 -1.53 -45.18 -60.79
CA GLN M 206 -1.15 -46.30 -59.91
C GLN M 206 -2.30 -46.77 -59.04
N ALA M 207 -3.07 -45.81 -58.52
CA ALA M 207 -4.27 -46.12 -57.75
C ALA M 207 -5.32 -46.85 -58.61
N GLN M 208 -5.69 -46.23 -59.75
CA GLN M 208 -6.66 -46.81 -60.69
C GLN M 208 -6.31 -48.21 -61.18
N THR M 209 -5.02 -48.53 -61.18
CA THR M 209 -4.55 -49.86 -61.52
C THR M 209 -4.93 -50.86 -60.41
N ALA M 210 -4.67 -50.49 -59.16
CA ALA M 210 -4.95 -51.38 -58.01
C ALA M 210 -6.45 -51.72 -57.81
N MET M 211 -7.32 -50.71 -58.01
CA MET M 211 -8.78 -50.84 -57.87
C MET M 211 -9.43 -51.69 -58.94
N ALA M 212 -8.63 -52.08 -59.93
CA ALA M 212 -9.10 -52.99 -60.98
C ALA M 212 -8.58 -54.40 -60.70
N GLU M 213 -7.31 -54.50 -60.32
CA GLU M 213 -6.72 -55.73 -59.79
C GLU M 213 -7.52 -56.24 -58.60
N MET M 214 -7.84 -55.33 -57.70
CA MET M 214 -8.58 -55.71 -56.51
C MET M 214 -9.98 -56.15 -56.90
N SER M 215 -10.61 -55.38 -57.78
CA SER M 215 -11.94 -55.70 -58.25
C SER M 215 -11.98 -57.07 -58.96
N GLY M 216 -11.00 -57.32 -59.81
CA GLY M 216 -10.91 -58.60 -60.50
C GLY M 216 -10.67 -59.74 -59.55
N TYR M 217 -9.86 -59.49 -58.52
CA TYR M 217 -9.56 -60.52 -57.55
C TYR M 217 -10.79 -60.91 -56.72
N LEU M 218 -11.41 -59.90 -56.11
CA LEU M 218 -12.63 -60.09 -55.33
C LEU M 218 -13.71 -60.81 -56.11
N SER M 219 -13.95 -60.36 -57.34
CA SER M 219 -14.85 -61.06 -58.21
C SER M 219 -14.52 -62.55 -58.32
N ARG M 220 -13.26 -62.86 -58.66
CA ARG M 220 -12.80 -64.24 -58.73
C ARG M 220 -12.96 -64.99 -57.39
N LEU M 221 -12.53 -64.38 -56.28
CA LEU M 221 -12.72 -65.00 -54.96
C LEU M 221 -14.18 -65.32 -54.66
N ILE M 222 -15.09 -64.41 -55.02
CA ILE M 222 -16.52 -64.61 -54.81
C ILE M 222 -17.01 -65.91 -55.45
N ASP M 223 -16.72 -66.09 -56.73
CA ASP M 223 -17.06 -67.33 -57.42
C ASP M 223 -16.35 -68.50 -56.80
N SER M 224 -15.05 -68.34 -56.53
CA SER M 224 -14.27 -69.37 -55.84
C SER M 224 -15.19 -70.10 -54.82
N LYS M 225 -16.01 -69.31 -54.12
CA LYS M 225 -16.81 -69.77 -53.00
C LYS M 225 -18.04 -70.62 -53.33
N ARG M 226 -18.52 -70.58 -54.58
CA ARG M 226 -19.79 -71.28 -54.92
C ARG M 226 -19.71 -72.79 -54.83
N GLY M 227 -20.49 -73.36 -53.93
CA GLY M 227 -20.52 -74.80 -53.72
C GLY M 227 -19.29 -75.37 -53.04
N GLN M 228 -18.45 -74.50 -52.47
CA GLN M 228 -17.32 -74.94 -51.63
C GLN M 228 -17.64 -75.05 -50.14
N ASP M 229 -18.91 -74.83 -49.79
CA ASP M 229 -19.47 -75.04 -48.44
C ASP M 229 -18.78 -74.28 -47.31
N GLY M 230 -18.19 -73.12 -47.61
CA GLY M 230 -17.37 -72.42 -46.64
C GLY M 230 -18.22 -71.76 -45.58
N GLU M 231 -17.68 -71.61 -44.38
CA GLU M 231 -18.42 -70.98 -43.29
C GLU M 231 -18.09 -69.51 -43.05
N ASP M 232 -17.33 -68.93 -43.95
CA ASP M 232 -16.93 -67.54 -43.83
C ASP M 232 -18.02 -66.59 -44.34
N LEU M 233 -17.98 -65.36 -43.88
CA LEU M 233 -18.93 -64.36 -44.29
C LEU M 233 -19.17 -64.25 -45.79
N LEU M 234 -18.12 -64.21 -46.59
CA LEU M 234 -18.32 -64.20 -48.06
C LEU M 234 -19.16 -65.38 -48.58
N SER M 235 -18.85 -66.58 -48.12
CA SER M 235 -19.63 -67.74 -48.50
C SER M 235 -21.11 -67.57 -48.16
N ALA M 236 -21.39 -67.35 -46.87
CA ALA M 236 -22.75 -67.17 -46.38
C ALA M 236 -23.51 -66.14 -47.18
N LEU M 237 -22.81 -65.08 -47.56
CA LEU M 237 -23.40 -64.09 -48.40
C LEU M 237 -23.67 -64.62 -49.81
N VAL M 238 -22.73 -65.36 -50.36
CA VAL M 238 -22.90 -65.87 -51.71
C VAL M 238 -24.07 -66.83 -51.79
N ARG M 239 -24.21 -67.69 -50.79
CA ARG M 239 -25.39 -68.57 -50.67
C ARG M 239 -26.68 -67.82 -50.40
N THR M 240 -26.60 -66.73 -49.66
CA THR M 240 -27.77 -65.88 -49.43
C THR M 240 -28.25 -65.29 -50.75
N SER M 241 -27.30 -64.65 -51.44
CA SER M 241 -27.45 -64.09 -52.77
C SER M 241 -27.96 -65.09 -53.85
N ASP M 242 -27.49 -66.32 -53.85
CA ASP M 242 -27.89 -67.28 -54.88
C ASP M 242 -29.28 -67.82 -54.67
N GLU M 243 -29.74 -67.76 -53.43
CA GLU M 243 -31.06 -68.18 -53.07
C GLU M 243 -32.07 -67.05 -53.30
N ASP M 244 -31.64 -65.80 -53.06
CA ASP M 244 -32.51 -64.64 -53.20
C ASP M 244 -31.81 -63.47 -53.90
N GLY M 245 -31.97 -63.45 -55.22
CA GLY M 245 -31.40 -62.41 -56.06
C GLY M 245 -31.94 -61.04 -55.69
N SER M 246 -33.14 -61.01 -55.11
CA SER M 246 -33.78 -59.77 -54.72
C SER M 246 -33.10 -59.07 -53.52
N ARG M 247 -32.22 -59.78 -52.81
CA ARG M 247 -31.60 -59.18 -51.63
C ARG M 247 -30.35 -58.37 -51.95
N LEU M 248 -29.64 -58.81 -52.98
CA LEU M 248 -28.25 -58.44 -53.19
C LEU M 248 -27.91 -58.53 -54.68
N THR M 249 -27.55 -57.42 -55.30
CA THR M 249 -26.99 -57.50 -56.64
C THR M 249 -25.58 -58.09 -56.54
N SER M 250 -25.06 -58.58 -57.66
CA SER M 250 -23.72 -59.15 -57.66
C SER M 250 -22.70 -58.01 -57.50
N GLU M 251 -23.16 -56.82 -57.84
CA GLU M 251 -22.45 -55.60 -57.58
C GLU M 251 -22.36 -55.37 -56.08
N GLU M 252 -23.49 -55.35 -55.40
CA GLU M 252 -23.52 -55.08 -53.97
C GLU M 252 -22.72 -56.14 -53.20
N LEU M 253 -22.85 -57.39 -53.62
CA LEU M 253 -22.05 -58.47 -53.09
C LEU M 253 -20.55 -58.11 -53.15
N LEU M 254 -20.07 -57.67 -54.32
CA LEU M 254 -18.69 -57.16 -54.46
C LEU M 254 -18.42 -55.98 -53.51
N GLY M 255 -19.14 -54.88 -53.69
CA GLY M 255 -18.98 -53.71 -52.85
C GLY M 255 -18.80 -54.13 -51.41
N MET M 256 -19.68 -55.01 -50.97
CA MET M 256 -19.64 -55.54 -49.61
C MET M 256 -18.28 -56.21 -49.27
N ALA M 257 -17.89 -57.21 -50.05
CA ALA M 257 -16.56 -57.77 -49.93
C ALA M 257 -15.50 -56.66 -49.94
N HIS M 258 -15.57 -55.76 -50.90
CA HIS M 258 -14.59 -54.68 -50.95
C HIS M 258 -14.52 -53.92 -49.63
N ILE M 259 -15.69 -53.47 -49.15
CA ILE M 259 -15.76 -52.50 -48.06
C ILE M 259 -15.22 -53.13 -46.78
N LEU M 260 -15.51 -54.40 -46.55
CA LEU M 260 -15.17 -54.99 -45.26
C LEU M 260 -13.70 -55.34 -45.18
N LEU M 261 -13.06 -55.50 -46.34
CA LEU M 261 -11.66 -55.86 -46.38
C LEU M 261 -10.76 -54.63 -46.18
N VAL M 262 -10.94 -53.66 -47.06
CA VAL M 262 -10.23 -52.38 -47.01
C VAL M 262 -10.50 -51.66 -45.67
N ALA M 263 -11.77 -51.33 -45.40
CA ALA M 263 -12.17 -50.49 -44.28
C ALA M 263 -11.66 -51.05 -42.99
N GLY M 264 -11.71 -52.37 -42.88
CA GLY M 264 -11.16 -53.05 -41.72
C GLY M 264 -9.67 -52.76 -41.68
N HIS M 265 -8.98 -53.42 -42.60
CA HIS M 265 -7.53 -53.38 -42.77
C HIS M 265 -6.82 -52.09 -42.32
N GLU M 266 -6.78 -51.08 -43.20
CA GLU M 266 -6.05 -49.83 -42.92
C GLU M 266 -6.30 -49.14 -41.57
N THR M 267 -7.55 -48.90 -41.22
CA THR M 267 -7.86 -48.19 -39.98
C THR M 267 -7.21 -48.83 -38.76
N THR M 268 -7.45 -50.12 -38.54
CA THR M 268 -7.05 -50.76 -37.29
C THR M 268 -5.52 -50.90 -37.14
N VAL M 269 -4.82 -51.04 -38.25
CA VAL M 269 -3.36 -50.99 -38.23
C VAL M 269 -2.98 -49.74 -37.48
N ASN M 270 -3.47 -48.62 -37.95
CA ASN M 270 -3.00 -47.33 -37.51
C ASN M 270 -3.36 -46.95 -36.09
N LEU M 271 -4.54 -47.32 -35.65
CA LEU M 271 -4.86 -47.22 -34.25
C LEU M 271 -3.70 -47.81 -33.43
N ILE M 272 -3.45 -49.11 -33.61
CA ILE M 272 -2.42 -49.81 -32.82
C ILE M 272 -1.06 -49.11 -32.86
N ALA M 273 -0.65 -48.66 -34.04
CA ALA M 273 0.64 -48.02 -34.20
C ALA M 273 0.59 -46.73 -33.38
N ASN M 274 -0.31 -45.84 -33.81
CA ASN M 274 -0.48 -44.52 -33.24
C ASN M 274 -0.72 -44.62 -31.76
N GLY M 275 -1.50 -45.63 -31.38
CA GLY M 275 -1.93 -45.78 -30.00
C GLY M 275 -0.81 -46.17 -29.06
N MET M 276 0.16 -46.91 -29.60
CA MET M 276 1.39 -47.27 -28.90
C MET M 276 2.48 -46.20 -29.06
N TYR M 277 2.47 -45.47 -30.17
CA TYR M 277 3.27 -44.27 -30.24
C TYR M 277 2.90 -43.34 -29.07
N ALA M 278 1.60 -43.23 -28.79
CA ALA M 278 1.07 -42.40 -27.70
C ALA M 278 1.49 -42.91 -26.29
N LEU M 279 1.31 -44.19 -26.03
CA LEU M 279 1.59 -44.76 -24.71
C LEU M 279 3.08 -44.84 -24.46
N LEU M 280 3.87 -44.79 -25.53
CA LEU M 280 5.32 -44.80 -25.38
C LEU M 280 5.98 -43.40 -25.34
N SER M 281 5.37 -42.39 -25.95
CA SER M 281 5.91 -41.02 -25.87
C SER M 281 5.34 -40.18 -24.70
N HIS M 282 4.64 -40.86 -23.78
CA HIS M 282 4.18 -40.24 -22.54
C HIS M 282 4.53 -41.12 -21.34
N PRO M 283 5.82 -41.19 -20.96
CA PRO M 283 6.26 -42.06 -19.86
C PRO M 283 5.31 -42.16 -18.65
N ASP M 284 4.41 -41.20 -18.49
CA ASP M 284 3.48 -41.21 -17.33
C ASP M 284 2.34 -42.21 -17.45
N GLN M 285 1.66 -42.22 -18.59
CA GLN M 285 0.43 -43.01 -18.77
C GLN M 285 0.69 -44.52 -18.97
N LEU M 286 1.95 -44.87 -19.23
CA LEU M 286 2.37 -46.26 -19.36
C LEU M 286 2.39 -47.00 -18.01
N ALA M 287 2.99 -46.37 -17.00
CA ALA M 287 3.01 -46.90 -15.65
C ALA M 287 1.60 -47.09 -15.08
N ALA M 288 0.73 -46.10 -15.29
CA ALA M 288 -0.67 -46.13 -14.81
C ALA M 288 -1.50 -47.28 -15.38
N LEU M 289 -1.29 -47.60 -16.66
CA LEU M 289 -1.92 -48.76 -17.23
C LEU M 289 -1.15 -50.00 -16.77
N ARG M 290 0.17 -49.91 -16.74
CA ARG M 290 1.00 -51.00 -16.28
C ARG M 290 0.61 -51.39 -14.86
N ALA M 291 0.31 -50.39 -14.03
CA ALA M 291 -0.14 -50.64 -12.66
C ALA M 291 -1.56 -51.22 -12.62
N ASP M 292 -2.51 -50.49 -13.20
CA ASP M 292 -3.92 -50.91 -13.23
C ASP M 292 -4.37 -51.27 -14.66
N MET M 293 -4.72 -52.55 -14.84
CA MET M 293 -5.01 -53.08 -16.16
C MET M 293 -6.49 -53.12 -16.49
N THR M 294 -7.31 -52.67 -15.53
CA THR M 294 -8.75 -52.42 -15.76
C THR M 294 -8.95 -51.08 -16.48
N LEU M 295 -7.85 -50.32 -16.58
CA LEU M 295 -7.81 -49.02 -17.26
C LEU M 295 -7.65 -49.18 -18.76
N LEU M 296 -7.58 -50.42 -19.23
CA LEU M 296 -7.25 -50.74 -20.62
C LEU M 296 -8.31 -50.24 -21.60
N ASP M 297 -9.55 -50.67 -21.40
CA ASP M 297 -10.63 -50.25 -22.30
C ASP M 297 -10.58 -48.74 -22.45
N GLY M 298 -10.55 -48.02 -21.33
CA GLY M 298 -10.34 -46.57 -21.31
C GLY M 298 -9.17 -46.08 -22.13
N ALA M 299 -7.97 -46.56 -21.83
CA ALA M 299 -6.76 -46.22 -22.60
C ALA M 299 -6.94 -46.25 -24.14
N VAL M 300 -7.59 -47.30 -24.62
CA VAL M 300 -7.86 -47.48 -26.03
C VAL M 300 -8.76 -46.36 -26.55
N GLU M 301 -9.89 -46.15 -25.88
CA GLU M 301 -10.78 -45.03 -26.13
C GLU M 301 -10.01 -43.71 -26.18
N GLU M 302 -9.02 -43.55 -25.31
CA GLU M 302 -8.17 -42.34 -25.30
C GLU M 302 -7.20 -42.24 -26.52
N MET M 303 -6.67 -43.37 -26.99
CA MET M 303 -5.93 -43.41 -28.26
C MET M 303 -6.76 -42.87 -29.43
N LEU M 304 -8.00 -43.36 -29.54
CA LEU M 304 -8.97 -42.97 -30.57
C LEU M 304 -9.35 -41.47 -30.57
N ARG M 305 -9.35 -40.84 -29.40
CA ARG M 305 -9.51 -39.38 -29.29
C ARG M 305 -8.20 -38.68 -29.62
N TYR M 306 -7.10 -39.22 -29.07
CA TYR M 306 -5.83 -38.53 -29.06
C TYR M 306 -5.23 -38.32 -30.45
N GLU M 307 -4.65 -39.39 -30.99
CA GLU M 307 -4.26 -39.43 -32.39
C GLU M 307 -4.84 -40.72 -32.97
N GLY M 308 -6.14 -40.71 -33.30
CA GLY M 308 -6.83 -41.87 -33.91
C GLY M 308 -6.42 -42.15 -35.35
N PRO M 309 -6.92 -43.26 -35.94
CA PRO M 309 -6.47 -43.52 -37.31
C PRO M 309 -7.10 -42.67 -38.43
N VAL M 310 -8.36 -42.25 -38.27
CA VAL M 310 -9.09 -41.51 -39.28
C VAL M 310 -8.98 -40.03 -38.96
N GLU M 311 -8.34 -39.29 -39.87
CA GLU M 311 -8.07 -37.86 -39.72
C GLU M 311 -9.28 -37.07 -40.18
N SER M 312 -9.88 -37.54 -41.28
CA SER M 312 -11.08 -36.93 -41.83
C SER M 312 -12.02 -38.01 -42.35
N ALA M 313 -13.32 -37.76 -42.22
CA ALA M 313 -14.35 -38.71 -42.65
C ALA M 313 -14.31 -38.96 -44.17
N THR M 314 -15.03 -39.98 -44.60
CA THR M 314 -15.11 -40.31 -46.00
C THR M 314 -16.13 -39.38 -46.67
N TYR M 315 -16.01 -39.23 -47.99
CA TYR M 315 -16.68 -38.20 -48.79
C TYR M 315 -18.18 -37.98 -48.55
N ARG M 316 -18.56 -36.73 -48.39
CA ARG M 316 -19.96 -36.34 -48.26
C ARG M 316 -20.31 -35.20 -49.21
N PHE M 317 -21.50 -35.24 -49.81
CA PHE M 317 -21.95 -34.22 -50.77
C PHE M 317 -23.31 -33.65 -50.37
N PRO M 318 -23.42 -32.30 -50.32
CA PRO M 318 -24.73 -31.66 -50.11
C PRO M 318 -25.70 -31.97 -51.24
N VAL M 319 -26.96 -32.19 -50.87
CA VAL M 319 -28.04 -32.37 -51.84
C VAL M 319 -28.48 -31.04 -52.42
N GLU M 320 -28.45 -30.01 -51.59
CA GLU M 320 -28.86 -28.65 -51.99
C GLU M 320 -28.17 -27.66 -51.06
N PRO M 321 -27.37 -26.72 -51.62
CA PRO M 321 -26.42 -25.79 -50.98
C PRO M 321 -26.65 -25.52 -49.49
N VAL M 322 -25.59 -25.60 -48.68
CA VAL M 322 -25.78 -25.63 -47.24
C VAL M 322 -25.09 -24.50 -46.46
N ASP M 323 -25.90 -23.76 -45.70
CA ASP M 323 -25.43 -22.65 -44.86
C ASP M 323 -24.96 -23.15 -43.48
N LEU M 324 -23.75 -22.76 -43.09
CA LEU M 324 -23.23 -23.04 -41.75
C LEU M 324 -22.42 -21.84 -41.35
N ASP M 325 -22.85 -21.14 -40.29
CA ASP M 325 -22.16 -19.94 -39.80
C ASP M 325 -21.93 -18.97 -40.97
N GLY M 326 -22.89 -18.93 -41.90
CA GLY M 326 -22.77 -18.12 -43.10
C GLY M 326 -21.71 -18.58 -44.09
N THR M 327 -21.36 -19.87 -44.04
CA THR M 327 -20.53 -20.47 -45.08
C THR M 327 -21.39 -21.41 -45.91
N VAL M 328 -21.57 -21.06 -47.18
CA VAL M 328 -22.48 -21.77 -48.07
C VAL M 328 -21.72 -22.74 -48.99
N ILE M 329 -21.93 -24.04 -48.78
CA ILE M 329 -21.30 -25.07 -49.59
C ILE M 329 -22.25 -25.49 -50.71
N PRO M 330 -21.79 -25.44 -51.97
CA PRO M 330 -22.63 -25.77 -53.13
C PRO M 330 -22.96 -27.26 -53.23
N ALA M 331 -24.02 -27.58 -53.95
CA ALA M 331 -24.47 -28.97 -54.14
C ALA M 331 -23.43 -29.81 -54.89
N GLY M 332 -23.36 -31.10 -54.57
CA GLY M 332 -22.46 -32.01 -55.27
C GLY M 332 -20.98 -31.90 -54.91
N ASP M 333 -20.61 -30.82 -54.25
CA ASP M 333 -19.23 -30.62 -53.81
C ASP M 333 -18.82 -31.56 -52.67
N THR M 334 -17.52 -31.80 -52.56
CA THR M 334 -17.00 -32.76 -51.59
C THR M 334 -16.66 -32.09 -50.25
N VAL M 335 -17.07 -32.74 -49.19
CA VAL M 335 -16.91 -32.22 -47.85
C VAL M 335 -16.31 -33.30 -46.97
N LEU M 336 -15.19 -32.97 -46.36
CA LEU M 336 -14.52 -33.87 -45.45
C LEU M 336 -14.66 -33.36 -44.05
N VAL M 337 -15.23 -34.18 -43.18
CA VAL M 337 -15.38 -33.80 -41.80
C VAL M 337 -14.09 -34.19 -41.11
N VAL M 338 -13.29 -33.18 -40.75
CA VAL M 338 -12.02 -33.37 -40.08
C VAL M 338 -12.34 -33.71 -38.65
N LEU M 339 -12.06 -34.95 -38.27
CA LEU M 339 -12.31 -35.40 -36.90
C LEU M 339 -11.14 -35.01 -36.04
N ALA M 340 -9.94 -35.13 -36.63
CA ALA M 340 -8.69 -34.86 -35.95
C ALA M 340 -8.75 -33.51 -35.29
N ASP M 341 -9.51 -32.58 -35.90
CA ASP M 341 -9.79 -31.30 -35.24
C ASP M 341 -10.94 -31.40 -34.26
N ALA M 342 -11.99 -32.13 -34.63
CA ALA M 342 -13.09 -32.28 -33.69
C ALA M 342 -12.52 -32.71 -32.34
N HIS M 343 -11.53 -33.60 -32.37
CA HIS M 343 -10.90 -34.10 -31.16
C HIS M 343 -9.96 -33.13 -30.45
N ARG M 344 -9.52 -32.08 -31.14
CA ARG M 344 -8.65 -31.08 -30.51
C ARG M 344 -9.38 -29.78 -30.11
N THR M 345 -10.71 -29.84 -30.07
CA THR M 345 -11.55 -28.73 -29.58
C THR M 345 -11.57 -28.64 -28.03
N PRO M 346 -11.03 -27.54 -27.48
CA PRO M 346 -10.95 -27.36 -26.01
C PRO M 346 -12.31 -27.38 -25.30
N GLU M 347 -13.35 -26.90 -25.98
CA GLU M 347 -14.70 -26.83 -25.43
C GLU M 347 -15.14 -28.20 -24.97
N ARG M 348 -15.08 -29.15 -25.89
CA ARG M 348 -15.60 -30.47 -25.60
C ARG M 348 -14.53 -31.38 -24.98
N PHE M 349 -13.27 -31.18 -25.33
CA PHE M 349 -12.19 -32.00 -24.77
C PHE M 349 -11.11 -31.15 -24.08
N PRO M 350 -11.32 -30.85 -22.77
CA PRO M 350 -10.42 -30.02 -21.94
C PRO M 350 -8.95 -30.44 -21.95
N ASP M 351 -8.07 -29.48 -22.22
CA ASP M 351 -6.64 -29.71 -22.43
C ASP M 351 -6.40 -30.65 -23.63
N PRO M 352 -6.75 -30.19 -24.85
CA PRO M 352 -6.71 -30.94 -26.13
C PRO M 352 -5.53 -31.92 -26.36
N HIS M 353 -4.29 -31.45 -26.23
CA HIS M 353 -3.12 -32.23 -26.64
C HIS M 353 -2.59 -33.13 -25.55
N ARG M 354 -3.30 -33.16 -24.43
CA ARG M 354 -2.94 -34.01 -23.31
C ARG M 354 -3.58 -35.39 -23.46
N PHE M 355 -2.73 -36.41 -23.50
CA PHE M 355 -3.15 -37.79 -23.61
C PHE M 355 -3.36 -38.35 -22.21
N ASP M 356 -4.63 -38.56 -21.85
CA ASP M 356 -5.01 -39.00 -20.51
C ASP M 356 -5.94 -40.21 -20.54
N ILE M 357 -5.36 -41.39 -20.32
CA ILE M 357 -6.07 -42.67 -20.42
C ILE M 357 -7.24 -42.77 -19.42
N ARG M 358 -7.51 -41.65 -18.75
CA ARG M 358 -8.57 -41.51 -17.74
C ARG M 358 -9.55 -40.39 -18.10
N ARG M 359 -9.25 -39.63 -19.15
CA ARG M 359 -10.09 -38.50 -19.54
C ARG M 359 -11.47 -38.96 -20.01
N ASP M 360 -12.46 -38.11 -19.86
CA ASP M 360 -13.78 -38.45 -20.36
C ASP M 360 -13.69 -38.45 -21.88
N THR M 361 -13.67 -39.65 -22.46
CA THR M 361 -13.62 -39.80 -23.91
C THR M 361 -15.00 -39.94 -24.54
N ALA M 362 -16.04 -39.96 -23.71
CA ALA M 362 -17.41 -40.16 -24.19
C ALA M 362 -17.75 -39.13 -25.26
N GLY M 363 -18.38 -39.60 -26.32
CA GLY M 363 -18.81 -38.72 -27.40
C GLY M 363 -17.71 -38.34 -28.37
N HIS M 364 -16.67 -39.18 -28.48
CA HIS M 364 -15.62 -38.94 -29.48
C HIS M 364 -16.17 -39.40 -30.83
N LEU M 365 -15.53 -38.94 -31.90
CA LEU M 365 -16.00 -39.16 -33.27
C LEU M 365 -15.11 -40.10 -34.08
N ALA M 366 -14.30 -40.92 -33.41
CA ALA M 366 -13.34 -41.75 -34.11
C ALA M 366 -14.04 -42.79 -34.98
N PHE M 367 -15.25 -43.17 -34.56
CA PHE M 367 -16.00 -44.24 -35.24
C PHE M 367 -17.16 -43.61 -36.01
N GLY M 368 -17.08 -42.29 -36.15
CA GLY M 368 -18.12 -41.49 -36.75
C GLY M 368 -19.28 -41.23 -35.81
N HIS M 369 -20.42 -40.88 -36.40
CA HIS M 369 -21.65 -40.66 -35.67
C HIS M 369 -22.76 -40.72 -36.70
N GLY M 370 -23.94 -41.20 -36.29
CA GLY M 370 -25.11 -41.25 -37.16
C GLY M 370 -25.33 -42.65 -37.71
N ILE M 371 -26.14 -42.73 -38.76
CA ILE M 371 -26.48 -44.01 -39.34
C ILE M 371 -25.24 -44.72 -39.90
N HIS M 372 -24.17 -43.97 -40.19
CA HIS M 372 -22.97 -44.56 -40.83
C HIS M 372 -21.90 -44.91 -39.81
N PHE M 373 -22.20 -44.71 -38.53
CA PHE M 373 -21.34 -45.16 -37.44
C PHE M 373 -20.71 -46.53 -37.70
N CYS M 374 -19.43 -46.67 -37.36
CA CYS M 374 -18.63 -47.82 -37.76
C CYS M 374 -19.21 -49.13 -37.31
N ILE M 375 -19.57 -49.96 -38.29
CA ILE M 375 -20.10 -51.27 -38.01
C ILE M 375 -19.01 -52.15 -37.39
N GLY M 376 -17.76 -51.76 -37.59
CA GLY M 376 -16.64 -52.53 -37.06
C GLY M 376 -16.15 -52.18 -35.66
N ALA M 377 -16.76 -51.21 -35.00
CA ALA M 377 -16.22 -50.79 -33.70
C ALA M 377 -15.88 -51.96 -32.78
N PRO M 378 -16.86 -52.83 -32.47
CA PRO M 378 -16.58 -53.94 -31.52
C PRO M 378 -15.36 -54.78 -31.87
N LEU M 379 -15.10 -54.92 -33.16
CA LEU M 379 -14.00 -55.72 -33.64
C LEU M 379 -12.68 -54.96 -33.55
N ALA M 380 -12.74 -53.65 -33.83
CA ALA M 380 -11.59 -52.79 -33.68
C ALA M 380 -11.15 -52.75 -32.23
N ARG M 381 -12.11 -52.78 -31.32
CA ARG M 381 -11.77 -52.62 -29.93
C ARG M 381 -11.18 -53.87 -29.34
N LEU M 382 -11.60 -55.02 -29.84
CA LEU M 382 -11.05 -56.27 -29.32
C LEU M 382 -9.62 -56.42 -29.81
N GLU M 383 -9.39 -55.99 -31.05
CA GLU M 383 -8.08 -56.09 -31.65
C GLU M 383 -7.05 -55.21 -30.94
N ALA M 384 -7.38 -53.95 -30.68
CA ALA M 384 -6.46 -53.05 -30.01
C ALA M 384 -6.27 -53.42 -28.54
N ARG M 385 -7.38 -53.70 -27.84
CA ARG M 385 -7.32 -54.07 -26.44
C ARG M 385 -6.46 -55.31 -26.23
N ILE M 386 -6.68 -56.33 -27.06
CA ILE M 386 -5.89 -57.55 -26.99
C ILE M 386 -4.41 -57.32 -27.39
N ALA M 387 -4.16 -56.60 -28.48
CA ALA M 387 -2.79 -56.21 -28.84
C ALA M 387 -2.11 -55.37 -27.74
N VAL M 388 -2.71 -54.22 -27.42
CA VAL M 388 -2.13 -53.27 -26.49
C VAL M 388 -1.62 -53.93 -25.23
N ARG M 389 -2.46 -54.77 -24.61
CA ARG M 389 -2.17 -55.41 -23.33
C ARG M 389 -1.08 -56.46 -23.43
N ALA M 390 -1.32 -57.45 -24.30
CA ALA M 390 -0.39 -58.55 -24.53
C ALA M 390 1.04 -58.06 -24.78
N LEU M 391 1.18 -56.79 -25.20
CA LEU M 391 2.48 -56.14 -25.35
C LEU M 391 3.00 -55.68 -24.00
N LEU M 392 2.12 -55.05 -23.23
CA LEU M 392 2.50 -54.58 -21.90
C LEU M 392 2.93 -55.70 -20.94
N GLU M 393 2.33 -56.88 -21.05
CA GLU M 393 2.62 -58.01 -20.15
C GLU M 393 3.74 -58.91 -20.63
N ARG M 394 4.29 -58.64 -21.82
CA ARG M 394 5.31 -59.51 -22.45
C ARG M 394 6.63 -58.79 -22.70
N CYS M 395 6.55 -57.48 -22.88
CA CYS M 395 7.73 -56.65 -23.02
C CYS M 395 7.78 -55.65 -21.88
N PRO M 396 8.41 -56.04 -20.75
CA PRO M 396 8.75 -55.02 -19.77
C PRO M 396 9.93 -54.25 -20.35
N ASP M 397 10.03 -52.99 -19.97
CA ASP M 397 10.98 -52.06 -20.59
C ASP M 397 10.84 -52.12 -22.11
N LEU M 398 9.60 -51.85 -22.54
CA LEU M 398 9.24 -51.59 -23.92
C LEU M 398 9.36 -50.09 -24.13
N ALA M 399 10.06 -49.68 -25.19
CA ALA M 399 10.37 -48.27 -25.43
C ALA M 399 10.49 -47.94 -26.92
N LEU M 400 10.45 -46.66 -27.26
CA LEU M 400 10.62 -46.23 -28.65
C LEU M 400 12.09 -46.35 -29.03
N ASP M 401 12.36 -46.99 -30.16
CA ASP M 401 13.71 -47.26 -30.65
C ASP M 401 14.00 -46.31 -31.81
N VAL M 402 13.50 -45.08 -31.70
CA VAL M 402 13.65 -44.07 -32.73
C VAL M 402 13.29 -42.74 -32.09
N SER M 403 13.87 -41.66 -32.61
CA SER M 403 13.55 -40.30 -32.15
C SER M 403 12.07 -39.94 -32.39
N PRO M 404 11.44 -39.22 -31.44
CA PRO M 404 10.14 -38.57 -31.65
C PRO M 404 10.05 -37.70 -32.92
N GLY M 405 11.17 -37.54 -33.64
CA GLY M 405 11.22 -36.70 -34.85
C GLY M 405 11.79 -37.34 -36.10
N GLU M 406 12.32 -38.55 -35.97
CA GLU M 406 12.81 -39.29 -37.12
C GLU M 406 11.67 -40.07 -37.80
N LEU M 407 10.48 -40.06 -37.17
CA LEU M 407 9.27 -40.69 -37.73
C LEU M 407 8.80 -40.05 -39.04
N VAL M 408 7.97 -40.76 -39.80
CA VAL M 408 7.45 -40.30 -41.09
C VAL M 408 5.93 -40.50 -41.16
N TRP M 409 5.20 -39.48 -41.61
CA TRP M 409 3.73 -39.56 -41.73
C TRP M 409 3.26 -39.45 -43.17
N TYR M 410 2.34 -40.33 -43.54
CA TYR M 410 1.60 -40.21 -44.80
C TYR M 410 0.78 -38.92 -44.76
N PRO M 411 0.89 -38.08 -45.83
CA PRO M 411 0.38 -36.72 -45.77
C PRO M 411 -1.14 -36.62 -45.98
N ASN M 412 -1.68 -37.59 -46.75
CA ASN M 412 -3.13 -37.81 -46.93
C ASN M 412 -3.96 -37.24 -45.77
N PRO M 413 -4.86 -36.29 -46.08
CA PRO M 413 -5.66 -35.61 -45.07
C PRO M 413 -6.68 -36.54 -44.39
N MET M 414 -6.78 -37.76 -44.91
CA MET M 414 -7.83 -38.67 -44.48
C MET M 414 -7.36 -39.68 -43.46
N ILE M 415 -6.11 -40.11 -43.60
CA ILE M 415 -5.59 -41.14 -42.71
C ILE M 415 -4.38 -40.67 -41.91
N ARG M 416 -4.46 -40.84 -40.59
CA ARG M 416 -3.34 -40.57 -39.71
C ARG M 416 -2.53 -41.86 -39.51
N GLY M 417 -1.33 -41.92 -40.09
CA GLY M 417 -0.52 -43.13 -40.06
C GLY M 417 0.97 -42.99 -40.27
N LEU M 418 1.70 -43.96 -39.74
CA LEU M 418 3.15 -43.99 -39.82
C LEU M 418 3.60 -44.97 -40.89
N LYS M 419 4.79 -44.76 -41.46
CA LYS M 419 5.35 -45.76 -42.38
C LYS M 419 5.92 -46.91 -41.55
N ALA M 420 6.39 -46.56 -40.36
CA ALA M 420 7.16 -47.47 -39.51
C ALA M 420 7.04 -47.04 -38.04
N LEU M 421 7.28 -47.99 -37.13
CA LEU M 421 7.44 -47.70 -35.70
C LEU M 421 8.49 -48.64 -35.06
N PRO M 422 9.77 -48.20 -35.08
CA PRO M 422 10.83 -48.97 -34.43
C PRO M 422 10.66 -49.01 -32.89
N ILE M 423 10.80 -50.21 -32.32
CA ILE M 423 10.60 -50.43 -30.88
C ILE M 423 11.72 -51.31 -30.33
N ARG M 424 11.85 -51.37 -29.00
CA ARG M 424 12.86 -52.24 -28.35
C ARG M 424 12.47 -52.74 -26.95
N TRP M 425 12.94 -53.94 -26.58
CA TRP M 425 12.60 -54.53 -25.28
C TRP M 425 13.82 -54.85 -24.42
N ARG M 426 13.59 -55.36 -23.21
CA ARG M 426 14.65 -55.53 -22.20
C ARG M 426 15.67 -56.65 -22.50
N ALA N 30 -77.92 26.78 -16.95
CA ALA N 30 -76.60 27.41 -16.60
C ALA N 30 -76.48 27.62 -15.09
N SER N 31 -77.01 26.67 -14.31
CA SER N 31 -77.03 26.78 -12.84
C SER N 31 -75.68 26.56 -12.13
N PRO N 32 -74.92 25.49 -12.49
CA PRO N 32 -73.65 25.26 -11.78
C PRO N 32 -72.53 26.28 -12.10
N PRO N 33 -71.86 26.81 -11.05
CA PRO N 33 -70.75 27.76 -11.17
C PRO N 33 -69.42 27.07 -10.85
N VAL N 34 -69.27 25.84 -11.34
CA VAL N 34 -68.33 24.83 -10.79
C VAL N 34 -66.83 25.20 -10.64
N LEU N 35 -66.45 26.47 -10.80
CA LEU N 35 -65.05 26.87 -10.53
C LEU N 35 -64.90 28.05 -9.57
N ASP N 36 -64.08 27.84 -8.54
CA ASP N 36 -63.72 28.88 -7.59
C ASP N 36 -62.35 29.43 -7.91
N LEU N 37 -62.23 30.75 -7.86
CA LEU N 37 -60.96 31.42 -8.09
C LEU N 37 -60.42 32.01 -6.78
N GLY N 38 -61.26 32.74 -6.07
CA GLY N 38 -60.93 33.26 -4.74
C GLY N 38 -60.42 32.18 -3.80
N ALA N 39 -60.77 30.93 -4.10
CA ALA N 39 -60.27 29.78 -3.35
C ALA N 39 -58.77 29.57 -3.54
N LEU N 40 -58.31 29.71 -4.78
CA LEU N 40 -56.99 29.21 -5.19
C LEU N 40 -55.76 30.05 -4.76
N GLY N 41 -55.96 30.94 -3.77
CA GLY N 41 -54.85 31.63 -3.10
C GLY N 41 -53.84 32.35 -3.98
N GLN N 42 -52.66 32.63 -3.41
CA GLN N 42 -51.57 33.37 -4.09
C GLN N 42 -51.11 32.77 -5.41
N ASP N 43 -51.19 31.44 -5.52
CA ASP N 43 -50.74 30.73 -6.73
C ASP N 43 -51.50 31.19 -7.97
N PHE N 44 -52.81 31.35 -7.84
CA PHE N 44 -53.64 31.79 -8.96
C PHE N 44 -53.26 33.19 -9.43
N ALA N 45 -53.05 34.11 -8.49
CA ALA N 45 -52.67 35.49 -8.78
C ALA N 45 -51.40 35.62 -9.63
N ALA N 46 -50.45 34.73 -9.38
CA ALA N 46 -49.13 34.77 -10.01
C ALA N 46 -49.15 34.19 -11.41
N ASP N 47 -49.98 33.19 -11.62
CA ASP N 47 -49.91 32.39 -12.83
C ASP N 47 -51.27 31.81 -13.18
N PRO N 48 -52.21 32.68 -13.56
CA PRO N 48 -53.53 32.21 -13.94
C PRO N 48 -53.54 31.61 -15.35
N TYR N 49 -52.45 31.84 -16.09
CA TYR N 49 -52.32 31.43 -17.50
C TYR N 49 -52.66 29.94 -17.80
N PRO N 50 -52.10 28.98 -17.05
CA PRO N 50 -52.51 27.59 -17.33
C PRO N 50 -54.00 27.35 -17.05
N THR N 51 -54.51 27.98 -15.99
CA THR N 51 -55.93 27.92 -15.61
C THR N 51 -56.85 28.50 -16.67
N TYR N 52 -56.38 29.54 -17.36
CA TYR N 52 -57.14 30.14 -18.43
C TYR N 52 -57.07 29.23 -19.66
N ALA N 53 -55.86 28.99 -20.14
CA ALA N 53 -55.62 28.22 -21.38
C ALA N 53 -56.19 26.82 -21.33
N ARG N 54 -56.50 26.35 -20.13
CA ARG N 54 -57.12 25.06 -19.92
C ARG N 54 -58.61 25.14 -20.23
N LEU N 55 -59.26 26.16 -19.68
CA LEU N 55 -60.67 26.39 -19.91
C LEU N 55 -60.96 26.60 -21.39
N ARG N 56 -60.10 27.37 -22.05
CA ARG N 56 -60.21 27.65 -23.49
C ARG N 56 -60.25 26.39 -24.36
N ALA N 57 -59.63 25.33 -23.86
CA ALA N 57 -59.66 24.02 -24.53
C ALA N 57 -61.09 23.53 -24.78
N GLU N 58 -61.95 23.66 -23.77
CA GLU N 58 -63.36 23.25 -23.86
C GLU N 58 -64.16 24.09 -24.87
N GLY N 59 -63.87 25.39 -24.90
CA GLY N 59 -64.64 26.35 -25.67
C GLY N 59 -64.42 27.71 -25.07
N PRO N 60 -64.94 28.77 -25.69
CA PRO N 60 -64.58 30.11 -25.29
C PRO N 60 -65.57 30.78 -24.33
N ALA N 61 -66.16 30.00 -23.42
CA ALA N 61 -67.13 30.51 -22.43
C ALA N 61 -67.28 29.58 -21.22
N HIS N 62 -67.14 30.17 -20.03
CA HIS N 62 -67.16 29.44 -18.76
C HIS N 62 -67.77 30.29 -17.64
N ARG N 63 -68.41 29.62 -16.68
CA ARG N 63 -69.05 30.30 -15.56
C ARG N 63 -68.17 30.12 -14.33
N VAL N 64 -67.84 31.21 -13.63
CA VAL N 64 -66.90 31.14 -12.49
C VAL N 64 -67.26 32.02 -11.30
N ARG N 65 -66.46 31.91 -10.24
CA ARG N 65 -66.58 32.76 -9.06
C ARG N 65 -65.29 33.57 -8.87
N THR N 66 -65.26 34.41 -7.82
CA THR N 66 -64.12 35.29 -7.56
C THR N 66 -63.84 35.47 -6.05
N PRO N 67 -62.72 36.14 -5.70
CA PRO N 67 -62.53 36.62 -4.32
C PRO N 67 -63.74 37.41 -3.78
N GLU N 68 -64.19 38.44 -4.51
CA GLU N 68 -65.38 39.20 -4.09
C GLU N 68 -66.71 38.43 -4.27
N GLY N 69 -66.61 37.16 -4.64
CA GLY N 69 -67.76 36.24 -4.69
C GLY N 69 -68.69 36.29 -5.90
N ASN N 70 -68.56 37.32 -6.73
CA ASN N 70 -69.47 37.52 -7.87
C ASN N 70 -69.56 36.32 -8.84
N GLU N 71 -70.77 36.04 -9.29
CA GLU N 71 -71.03 34.94 -10.22
C GLU N 71 -71.02 35.41 -11.68
N VAL N 72 -69.88 35.25 -12.35
CA VAL N 72 -69.65 35.84 -13.67
C VAL N 72 -69.52 34.83 -14.83
N TRP N 73 -68.86 35.26 -15.91
CA TRP N 73 -68.50 34.40 -17.05
C TRP N 73 -67.13 34.83 -17.56
N LEU N 74 -66.32 33.89 -18.01
CA LEU N 74 -65.03 34.25 -18.62
C LEU N 74 -64.91 33.78 -20.08
N VAL N 75 -64.65 34.71 -20.98
CA VAL N 75 -64.43 34.36 -22.38
C VAL N 75 -62.93 34.27 -22.61
N VAL N 76 -62.51 33.17 -23.22
CA VAL N 76 -61.09 32.86 -23.42
C VAL N 76 -60.78 32.56 -24.88
N GLY N 77 -59.55 32.84 -25.30
CA GLY N 77 -59.14 32.60 -26.69
C GLY N 77 -59.22 33.87 -27.54
N TYR N 78 -58.24 34.06 -28.41
CA TYR N 78 -58.07 35.34 -29.06
C TYR N 78 -59.25 35.79 -29.89
N ASP N 79 -59.77 34.89 -30.71
CA ASP N 79 -60.75 35.26 -31.72
C ASP N 79 -62.09 35.59 -31.10
N ARG N 80 -62.48 34.82 -30.08
CA ARG N 80 -63.78 35.01 -29.46
C ARG N 80 -63.78 36.21 -28.52
N ALA N 81 -62.68 36.36 -27.78
CA ALA N 81 -62.43 37.54 -26.97
C ALA N 81 -62.74 38.76 -27.80
N ARG N 82 -62.00 38.91 -28.90
CA ARG N 82 -62.17 40.02 -29.82
C ARG N 82 -63.63 40.23 -30.21
N ALA N 83 -64.26 39.19 -30.73
CA ALA N 83 -65.66 39.26 -31.14
C ALA N 83 -66.49 39.94 -30.05
N VAL N 84 -66.53 39.33 -28.87
CA VAL N 84 -67.31 39.85 -27.74
C VAL N 84 -67.03 41.32 -27.46
N LEU N 85 -65.74 41.65 -27.28
CA LEU N 85 -65.35 43.01 -26.96
C LEU N 85 -66.11 44.02 -27.78
N ALA N 86 -66.19 43.79 -29.08
CA ALA N 86 -66.77 44.76 -30.00
C ALA N 86 -68.18 44.40 -30.42
N ASP N 87 -68.70 43.27 -29.96
CA ASP N 87 -70.05 42.91 -30.37
C ASP N 87 -71.07 43.77 -29.65
N PRO N 88 -71.99 44.39 -30.42
CA PRO N 88 -73.01 45.26 -29.83
C PRO N 88 -73.96 44.54 -28.87
N ARG N 89 -74.34 43.31 -29.17
CA ARG N 89 -75.24 42.55 -28.29
C ARG N 89 -74.71 42.37 -26.86
N PHE N 90 -73.49 42.84 -26.60
CA PHE N 90 -72.97 42.97 -25.24
C PHE N 90 -72.96 44.43 -24.80
N SER N 91 -73.82 44.75 -23.83
CA SER N 91 -73.93 46.11 -23.29
C SER N 91 -73.10 46.34 -22.03
N LYS N 92 -72.78 47.60 -21.75
CA LYS N 92 -72.05 47.98 -20.54
C LYS N 92 -72.89 48.94 -19.73
N ASP N 93 -74.13 49.11 -20.18
CA ASP N 93 -75.14 49.89 -19.49
C ASP N 93 -75.63 49.02 -18.34
N TRP N 94 -75.39 49.45 -17.10
CA TRP N 94 -75.75 48.61 -15.95
C TRP N 94 -77.25 48.46 -15.80
N ARG N 95 -78.00 49.20 -16.62
CA ARG N 95 -79.42 48.94 -16.85
C ARG N 95 -79.67 47.53 -17.39
N ASN N 96 -78.64 46.90 -17.91
CA ASN N 96 -78.80 45.65 -18.64
C ASN N 96 -78.31 44.43 -17.87
N SER N 97 -77.79 44.66 -16.67
CA SER N 97 -77.29 43.60 -15.78
C SER N 97 -78.41 42.98 -14.92
N THR N 98 -78.01 42.16 -13.96
CA THR N 98 -78.90 41.68 -12.91
C THR N 98 -78.29 42.04 -11.55
N THR N 99 -76.96 42.12 -11.51
CA THR N 99 -76.22 42.60 -10.34
C THR N 99 -76.53 44.09 -10.12
N PRO N 100 -77.31 44.42 -9.08
CA PRO N 100 -77.71 45.79 -8.81
C PRO N 100 -76.58 46.62 -8.21
N LEU N 101 -76.61 47.93 -8.43
CA LEU N 101 -75.58 48.82 -7.90
C LEU N 101 -75.94 49.36 -6.51
N THR N 102 -74.93 49.48 -5.65
CA THR N 102 -75.13 50.06 -4.32
C THR N 102 -74.97 51.57 -4.36
N GLU N 103 -75.28 52.20 -3.22
CA GLU N 103 -75.07 53.62 -2.99
C GLU N 103 -73.81 54.08 -3.73
N ALA N 104 -72.65 53.66 -3.22
CA ALA N 104 -71.37 54.15 -3.69
C ALA N 104 -71.14 54.01 -5.19
N GLU N 105 -71.53 52.86 -5.72
CA GLU N 105 -71.22 52.45 -7.10
C GLU N 105 -72.04 53.20 -8.17
N ALA N 106 -73.35 53.31 -7.95
CA ALA N 106 -74.29 53.96 -8.86
C ALA N 106 -74.11 55.48 -8.93
N ALA N 107 -73.39 56.03 -7.96
CA ALA N 107 -73.04 57.46 -7.90
C ALA N 107 -72.02 57.84 -8.96
N LEU N 108 -71.28 56.83 -9.45
CA LEU N 108 -70.16 57.02 -10.39
C LEU N 108 -70.38 56.39 -11.76
N ASN N 109 -71.38 55.51 -11.89
CA ASN N 109 -71.58 54.72 -13.12
C ASN N 109 -72.07 55.55 -14.35
N HIS N 110 -71.99 56.87 -14.24
CA HIS N 110 -72.35 57.76 -15.34
C HIS N 110 -71.08 58.24 -16.06
N ASN N 111 -70.24 57.29 -16.44
CA ASN N 111 -69.06 57.57 -17.26
C ASN N 111 -69.29 56.92 -18.60
N MET N 112 -68.28 56.87 -19.46
CA MET N 112 -68.49 56.35 -20.80
C MET N 112 -68.25 54.86 -20.89
N LEU N 113 -67.32 54.38 -20.06
CA LEU N 113 -66.92 52.99 -20.11
C LEU N 113 -68.09 52.14 -19.70
N GLU N 114 -69.01 52.76 -18.98
CA GLU N 114 -70.20 52.08 -18.50
C GLU N 114 -71.46 52.65 -19.14
N SER N 115 -71.33 53.04 -20.40
CA SER N 115 -72.43 53.49 -21.21
C SER N 115 -72.48 52.69 -22.49
N ASP N 116 -73.48 53.00 -23.30
CA ASP N 116 -73.53 52.57 -24.70
C ASP N 116 -73.82 53.77 -25.58
N PRO N 117 -73.86 53.57 -26.90
CA PRO N 117 -74.50 54.59 -27.75
C PRO N 117 -75.98 54.68 -27.39
N PRO N 118 -76.56 55.89 -27.40
CA PRO N 118 -75.92 57.14 -27.79
C PRO N 118 -75.08 57.79 -26.68
N ARG N 119 -75.35 57.41 -25.42
CA ARG N 119 -74.74 58.07 -24.27
C ARG N 119 -73.22 58.11 -24.40
N HIS N 120 -72.59 56.94 -24.59
CA HIS N 120 -71.13 56.82 -24.78
C HIS N 120 -70.61 57.82 -25.80
N THR N 121 -71.28 57.81 -26.95
CA THR N 121 -70.98 58.68 -28.08
C THR N 121 -70.96 60.11 -27.62
N ARG N 122 -72.05 60.53 -27.01
CA ARG N 122 -72.18 61.89 -26.51
C ARG N 122 -71.07 62.22 -25.50
N LEU N 123 -70.76 61.30 -24.59
CA LEU N 123 -69.74 61.55 -23.55
C LEU N 123 -68.30 61.64 -24.09
N ARG N 124 -67.89 60.64 -24.88
CA ARG N 124 -66.52 60.54 -25.31
C ARG N 124 -66.07 61.72 -26.19
N LYS N 125 -66.97 62.19 -27.06
CA LYS N 125 -66.71 63.36 -27.88
C LYS N 125 -66.23 64.54 -27.06
N LEU N 126 -66.67 64.64 -25.80
CA LEU N 126 -66.34 65.84 -25.04
C LEU N 126 -64.85 65.89 -24.68
N VAL N 127 -64.19 64.73 -24.70
CA VAL N 127 -62.79 64.65 -24.29
C VAL N 127 -61.86 63.99 -25.31
N ALA N 128 -62.44 63.47 -26.40
CA ALA N 128 -61.71 62.79 -27.48
C ALA N 128 -60.54 63.62 -28.00
N ARG N 129 -60.82 64.89 -28.29
CA ARG N 129 -59.83 65.83 -28.78
C ARG N 129 -58.61 66.00 -27.85
N GLU N 130 -58.81 65.73 -26.56
CA GLU N 130 -57.78 65.95 -25.55
C GLU N 130 -56.70 64.85 -25.48
N PHE N 131 -56.95 63.70 -26.11
CA PHE N 131 -56.09 62.51 -25.96
C PHE N 131 -55.52 61.94 -27.25
N THR N 132 -55.82 62.59 -28.38
CA THR N 132 -55.23 62.24 -29.66
C THR N 132 -53.72 62.27 -29.54
N MET N 133 -53.04 61.55 -30.43
CA MET N 133 -51.58 61.40 -30.33
C MET N 133 -50.87 62.75 -30.45
N ARG N 134 -51.24 63.56 -31.44
CA ARG N 134 -50.72 64.92 -31.61
C ARG N 134 -50.94 65.87 -30.40
N ARG N 135 -51.98 65.62 -29.63
CA ARG N 135 -52.27 66.43 -28.46
C ARG N 135 -51.34 66.05 -27.32
N VAL N 136 -51.43 64.79 -26.94
CA VAL N 136 -50.56 64.14 -25.99
C VAL N 136 -49.07 64.41 -26.22
N GLU N 137 -48.66 64.48 -27.48
CA GLU N 137 -47.25 64.68 -27.83
C GLU N 137 -46.68 65.98 -27.25
N LEU N 138 -47.53 66.99 -27.10
CA LEU N 138 -47.10 68.28 -26.54
C LEU N 138 -46.75 68.16 -25.05
N LEU N 139 -47.07 67.01 -24.46
CA LEU N 139 -46.80 66.83 -23.06
C LEU N 139 -45.39 66.30 -22.79
N ARG N 140 -44.79 65.73 -23.82
CA ARG N 140 -43.45 65.13 -23.78
C ARG N 140 -42.42 65.88 -22.93
N PRO N 141 -42.36 67.22 -23.04
CA PRO N 141 -41.28 67.85 -22.26
C PRO N 141 -41.49 67.72 -20.77
N ARG N 142 -42.74 67.87 -20.32
CA ARG N 142 -43.13 67.67 -18.94
C ARG N 142 -42.92 66.23 -18.48
N VAL N 143 -43.39 65.26 -19.27
CA VAL N 143 -43.21 63.84 -18.97
C VAL N 143 -41.73 63.50 -18.79
N GLN N 144 -40.91 64.02 -19.70
CA GLN N 144 -39.48 63.75 -19.68
C GLN N 144 -38.79 64.35 -18.45
N GLU N 145 -39.20 65.55 -18.03
CA GLU N 145 -38.63 66.23 -16.87
C GLU N 145 -39.12 65.59 -15.55
N ILE N 146 -40.36 65.09 -15.56
CA ILE N 146 -40.89 64.36 -14.40
C ILE N 146 -40.10 63.07 -14.22
N VAL N 147 -39.90 62.35 -15.34
CA VAL N 147 -39.18 61.05 -15.32
C VAL N 147 -37.75 61.27 -14.90
N ASP N 148 -37.12 62.33 -15.43
CA ASP N 148 -35.74 62.65 -15.10
C ASP N 148 -35.58 63.12 -13.66
N GLY N 149 -36.44 64.02 -13.20
CA GLY N 149 -36.46 64.43 -11.79
C GLY N 149 -36.57 63.24 -10.85
N LEU N 150 -37.47 62.32 -11.21
CA LEU N 150 -37.70 61.07 -10.45
C LEU N 150 -36.52 60.10 -10.45
N VAL N 151 -35.94 59.86 -11.63
CA VAL N 151 -34.80 58.95 -11.76
C VAL N 151 -33.54 59.50 -11.08
N ASP N 152 -33.43 60.82 -11.01
CA ASP N 152 -32.35 61.46 -10.24
C ASP N 152 -32.45 61.13 -8.75
N ALA N 153 -33.64 61.29 -8.19
CA ALA N 153 -33.93 60.93 -6.80
C ALA N 153 -33.56 59.46 -6.51
N MET N 154 -33.99 58.56 -7.37
CA MET N 154 -33.79 57.13 -7.19
C MET N 154 -32.32 56.70 -7.19
N LEU N 155 -31.56 57.15 -8.20
CA LEU N 155 -30.15 56.78 -8.37
C LEU N 155 -29.19 57.36 -7.32
N ALA N 156 -29.66 58.31 -6.51
CA ALA N 156 -28.89 58.81 -5.37
C ALA N 156 -28.90 57.84 -4.18
N ALA N 157 -29.53 56.67 -4.34
CA ALA N 157 -29.50 55.60 -3.36
C ALA N 157 -28.04 55.17 -3.09
N PRO N 158 -27.60 55.26 -1.83
CA PRO N 158 -26.22 54.87 -1.51
C PRO N 158 -25.96 53.39 -1.80
N ASP N 159 -26.93 52.54 -1.47
CA ASP N 159 -26.77 51.09 -1.57
C ASP N 159 -27.12 50.54 -2.96
N GLY N 160 -27.34 51.43 -3.92
CA GLY N 160 -27.66 51.03 -5.29
C GLY N 160 -28.84 50.08 -5.39
N ARG N 161 -29.90 50.37 -4.66
CA ARG N 161 -31.11 49.55 -4.66
C ARG N 161 -32.33 50.44 -4.50
N ALA N 162 -33.45 49.98 -5.03
CA ALA N 162 -34.70 50.68 -4.90
C ALA N 162 -35.89 49.75 -5.13
N ASP N 163 -37.09 50.34 -5.02
CA ASP N 163 -38.36 49.69 -5.36
C ASP N 163 -39.07 50.54 -6.42
N LEU N 164 -39.04 50.04 -7.65
CA LEU N 164 -39.54 50.76 -8.82
C LEU N 164 -40.96 51.29 -8.63
N MET N 165 -41.83 50.45 -8.07
CA MET N 165 -43.18 50.87 -7.75
C MET N 165 -43.17 52.22 -7.05
N GLU N 166 -42.36 52.31 -6.00
CA GLU N 166 -42.31 53.50 -5.15
C GLU N 166 -41.59 54.63 -5.84
N SER N 167 -40.56 54.28 -6.60
CA SER N 167 -39.65 55.27 -7.09
C SER N 167 -40.00 55.88 -8.45
N LEU N 168 -40.79 55.16 -9.26
CA LEU N 168 -41.17 55.62 -10.59
C LEU N 168 -42.56 55.21 -11.07
N ALA N 169 -42.88 53.92 -10.94
CA ALA N 169 -44.09 53.39 -11.55
C ALA N 169 -45.39 53.87 -10.91
N TRP N 170 -45.32 54.47 -9.73
CA TRP N 170 -46.50 55.15 -9.17
C TRP N 170 -46.37 56.67 -9.35
N PRO N 171 -45.24 57.26 -8.95
CA PRO N 171 -45.23 58.72 -9.00
C PRO N 171 -45.52 59.31 -10.36
N LEU N 172 -45.12 58.64 -11.44
CA LEU N 172 -45.29 59.20 -12.78
C LEU N 172 -46.76 59.39 -13.26
N PRO N 173 -47.53 58.31 -13.50
CA PRO N 173 -48.83 58.55 -14.13
C PRO N 173 -49.71 59.40 -13.28
N ILE N 174 -49.63 59.23 -11.96
CA ILE N 174 -50.48 60.01 -11.06
C ILE N 174 -50.20 61.51 -11.22
N THR N 175 -48.91 61.86 -11.33
CA THR N 175 -48.48 63.24 -11.52
C THR N 175 -49.00 63.75 -12.86
N VAL N 176 -48.75 62.97 -13.90
CA VAL N 176 -49.16 63.33 -15.27
C VAL N 176 -50.64 63.70 -15.32
N ILE N 177 -51.50 62.79 -14.86
CA ILE N 177 -52.95 62.95 -14.96
C ILE N 177 -53.49 64.06 -14.05
N SER N 178 -52.90 64.16 -12.86
CA SER N 178 -53.31 65.16 -11.89
C SER N 178 -53.18 66.57 -12.43
N GLU N 179 -52.06 66.85 -13.09
CA GLU N 179 -51.85 68.16 -13.67
C GLU N 179 -52.91 68.38 -14.74
N LEU N 180 -53.06 67.42 -15.64
CA LEU N 180 -53.98 67.58 -16.78
C LEU N 180 -55.41 67.93 -16.37
N LEU N 181 -55.80 67.42 -15.20
CA LEU N 181 -57.13 67.63 -14.59
C LEU N 181 -57.16 68.63 -13.45
N GLY N 182 -55.98 69.02 -12.96
CA GLY N 182 -55.88 70.06 -11.93
C GLY N 182 -56.16 69.53 -10.54
N VAL N 183 -55.69 68.31 -10.29
CA VAL N 183 -55.70 67.76 -8.94
C VAL N 183 -54.47 68.32 -8.23
N PRO N 184 -54.68 69.26 -7.28
CA PRO N 184 -53.63 69.93 -6.52
C PRO N 184 -52.61 68.96 -5.96
N GLU N 185 -51.33 69.38 -5.95
CA GLU N 185 -50.23 68.54 -5.46
C GLU N 185 -50.47 67.92 -4.08
N PRO N 186 -51.03 68.70 -3.13
CA PRO N 186 -51.30 68.11 -1.80
C PRO N 186 -52.35 66.98 -1.80
N ASP N 187 -53.36 67.08 -2.66
CA ASP N 187 -54.53 66.18 -2.63
C ASP N 187 -54.23 64.80 -3.21
N ARG N 188 -53.10 64.65 -3.89
CA ARG N 188 -52.77 63.44 -4.64
C ARG N 188 -52.56 62.22 -3.77
N ALA N 189 -51.68 62.35 -2.77
CA ALA N 189 -51.36 61.24 -1.87
C ALA N 189 -52.55 60.33 -1.49
N ALA N 190 -53.74 60.93 -1.32
CA ALA N 190 -54.97 60.23 -0.94
C ALA N 190 -55.44 59.21 -1.99
N PHE N 191 -55.03 59.45 -3.24
CA PHE N 191 -55.34 58.56 -4.37
C PHE N 191 -54.63 57.22 -4.35
N ARG N 192 -53.37 57.19 -3.92
CA ARG N 192 -52.68 55.92 -3.69
C ARG N 192 -53.37 55.14 -2.59
N VAL N 193 -53.82 55.84 -1.56
CA VAL N 193 -54.60 55.25 -0.47
C VAL N 193 -55.92 54.66 -0.98
N TRP N 194 -56.54 55.35 -1.94
CA TRP N 194 -57.87 54.96 -2.40
C TRP N 194 -57.84 53.81 -3.38
N THR N 195 -56.91 53.87 -4.32
CA THR N 195 -56.76 52.80 -5.30
C THR N 195 -56.47 51.46 -4.62
N ASP N 196 -55.57 51.48 -3.62
CA ASP N 196 -55.28 50.29 -2.82
C ASP N 196 -56.57 49.56 -2.49
N ALA N 197 -57.48 50.27 -1.84
CA ALA N 197 -58.73 49.71 -1.36
C ALA N 197 -59.57 48.97 -2.41
N PHE N 198 -59.99 49.64 -3.48
CA PHE N 198 -60.82 48.94 -4.48
C PHE N 198 -60.06 48.32 -5.64
N VAL N 199 -58.84 47.85 -5.33
CA VAL N 199 -57.98 47.09 -6.26
C VAL N 199 -57.47 45.83 -5.56
N PHE N 200 -56.92 45.99 -4.36
CA PHE N 200 -56.73 44.86 -3.43
C PHE N 200 -57.60 45.10 -2.20
N PRO N 201 -58.72 44.35 -2.09
CA PRO N 201 -59.60 44.53 -0.93
C PRO N 201 -59.05 43.85 0.31
N ASP N 202 -59.14 44.55 1.44
CA ASP N 202 -58.97 43.92 2.74
C ASP N 202 -60.35 43.42 3.18
N ASP N 203 -61.38 43.92 2.49
CA ASP N 203 -62.74 43.34 2.36
C ASP N 203 -63.53 44.21 1.36
N PRO N 204 -64.40 43.58 0.52
CA PRO N 204 -65.25 44.36 -0.40
C PRO N 204 -66.21 45.40 0.23
N ALA N 205 -66.24 45.47 1.56
CA ALA N 205 -66.91 46.55 2.29
C ALA N 205 -66.01 47.80 2.43
N GLN N 206 -64.73 47.57 2.72
CA GLN N 206 -63.71 48.62 2.80
C GLN N 206 -63.61 49.38 1.47
N ALA N 207 -63.85 48.66 0.39
CA ALA N 207 -63.80 49.21 -0.98
C ALA N 207 -64.97 50.17 -1.19
N GLN N 208 -66.13 49.79 -0.67
CA GLN N 208 -67.33 50.64 -0.69
C GLN N 208 -67.09 51.95 0.07
N THR N 209 -66.23 51.90 1.09
CA THR N 209 -65.79 53.08 1.82
C THR N 209 -65.01 54.04 0.93
N ALA N 210 -64.18 53.47 0.05
CA ALA N 210 -63.28 54.26 -0.78
C ALA N 210 -64.04 54.96 -1.89
N MET N 211 -65.08 54.33 -2.40
CA MET N 211 -65.84 54.91 -3.51
C MET N 211 -66.67 56.14 -3.14
N ALA N 212 -67.10 56.18 -1.87
CA ALA N 212 -67.83 57.31 -1.32
C ALA N 212 -66.85 58.42 -0.92
N GLU N 213 -65.71 58.01 -0.34
CA GLU N 213 -64.62 58.93 0.03
C GLU N 213 -63.98 59.61 -1.17
N MET N 214 -64.01 58.95 -2.32
CA MET N 214 -63.45 59.50 -3.54
C MET N 214 -64.54 60.20 -4.35
N SER N 215 -65.77 59.73 -4.20
CA SER N 215 -66.93 60.40 -4.79
C SER N 215 -67.11 61.75 -4.08
N GLY N 216 -67.04 61.72 -2.75
CA GLY N 216 -67.08 62.90 -1.93
C GLY N 216 -65.96 63.88 -2.24
N TYR N 217 -64.72 63.39 -2.31
CA TYR N 217 -63.59 64.28 -2.63
C TYR N 217 -63.76 65.03 -3.95
N LEU N 218 -64.12 64.32 -5.02
CA LEU N 218 -64.22 64.94 -6.35
C LEU N 218 -65.36 65.97 -6.50
N SER N 219 -66.46 65.76 -5.77
CA SER N 219 -67.52 66.75 -5.69
C SER N 219 -66.96 68.08 -5.17
N ARG N 220 -66.17 68.00 -4.11
CA ARG N 220 -65.66 69.19 -3.42
C ARG N 220 -64.53 69.85 -4.19
N LEU N 221 -64.02 69.16 -5.21
CA LEU N 221 -63.02 69.71 -6.12
C LEU N 221 -63.71 70.37 -7.33
N ILE N 222 -64.77 69.73 -7.82
CA ILE N 222 -65.64 70.27 -8.89
C ILE N 222 -66.26 71.58 -8.39
N ASP N 223 -66.76 71.55 -7.16
CA ASP N 223 -67.32 72.73 -6.56
C ASP N 223 -66.28 73.84 -6.49
N SER N 224 -65.04 73.45 -6.22
CA SER N 224 -64.00 74.42 -5.93
C SER N 224 -63.48 75.06 -7.19
N LYS N 225 -64.04 74.68 -8.33
CA LYS N 225 -63.61 75.25 -9.60
C LYS N 225 -64.64 76.12 -10.34
N ARG N 226 -65.93 75.95 -10.05
CA ARG N 226 -66.98 76.87 -10.54
C ARG N 226 -66.51 78.29 -10.28
N GLY N 227 -66.66 79.14 -11.29
CA GLY N 227 -66.37 80.57 -11.19
C GLY N 227 -64.91 80.93 -11.00
N GLN N 228 -64.01 79.97 -11.22
CA GLN N 228 -62.57 80.18 -10.96
C GLN N 228 -61.71 80.35 -12.21
N ASP N 229 -62.30 80.12 -13.39
CA ASP N 229 -61.68 80.36 -14.70
C ASP N 229 -60.35 79.60 -14.93
N GLY N 230 -60.25 78.39 -14.40
CA GLY N 230 -59.06 77.58 -14.60
C GLY N 230 -59.01 77.02 -16.01
N GLU N 231 -57.81 76.66 -16.48
CA GLU N 231 -57.63 76.22 -17.88
C GLU N 231 -57.33 74.72 -18.04
N ASP N 232 -57.21 74.01 -16.92
CA ASP N 232 -57.14 72.54 -16.88
C ASP N 232 -58.44 71.91 -17.36
N LEU N 233 -58.37 70.66 -17.82
CA LEU N 233 -59.55 70.02 -18.37
C LEU N 233 -60.75 69.93 -17.43
N LEU N 234 -60.52 69.78 -16.13
CA LEU N 234 -61.64 69.70 -15.19
C LEU N 234 -62.51 70.96 -15.26
N SER N 235 -61.86 72.12 -15.17
CA SER N 235 -62.54 73.42 -15.19
C SER N 235 -63.32 73.62 -16.48
N ALA N 236 -62.77 73.06 -17.56
CA ALA N 236 -63.42 73.11 -18.86
C ALA N 236 -64.74 72.34 -18.82
N LEU N 237 -64.69 71.08 -18.38
CA LEU N 237 -65.89 70.28 -18.29
C LEU N 237 -66.96 70.87 -17.37
N VAL N 238 -66.53 71.52 -16.29
CA VAL N 238 -67.43 72.11 -15.32
C VAL N 238 -68.21 73.24 -15.97
N ARG N 239 -67.50 74.07 -16.74
CA ARG N 239 -68.14 75.14 -17.50
C ARG N 239 -69.12 74.54 -18.52
N THR N 240 -68.59 73.69 -19.39
CA THR N 240 -69.38 72.82 -20.26
C THR N 240 -70.67 72.33 -19.58
N SER N 241 -70.55 71.63 -18.46
CA SER N 241 -71.73 71.16 -17.73
C SER N 241 -72.71 72.30 -17.35
N ASP N 242 -72.17 73.35 -16.71
CA ASP N 242 -73.04 74.42 -16.19
C ASP N 242 -73.73 75.24 -17.27
N GLU N 243 -73.10 75.32 -18.44
CA GLU N 243 -73.68 75.97 -19.62
C GLU N 243 -74.77 75.13 -20.27
N ASP N 244 -74.70 73.80 -20.13
CA ASP N 244 -75.76 72.93 -20.60
C ASP N 244 -75.81 71.59 -19.86
N GLY N 245 -76.89 71.39 -19.10
CA GLY N 245 -77.10 70.15 -18.36
C GLY N 245 -77.31 68.96 -19.28
N SER N 246 -78.00 69.18 -20.40
CA SER N 246 -78.24 68.13 -21.38
C SER N 246 -76.92 67.54 -21.88
N ARG N 247 -76.08 68.41 -22.47
CA ARG N 247 -74.78 68.00 -23.01
C ARG N 247 -73.92 67.20 -22.02
N LEU N 248 -73.96 67.60 -20.75
CA LEU N 248 -73.24 66.94 -19.66
C LEU N 248 -73.85 67.26 -18.28
N THR N 249 -74.55 66.27 -17.72
CA THR N 249 -75.18 66.37 -16.40
C THR N 249 -74.09 66.38 -15.31
N SER N 250 -74.43 66.86 -14.10
CA SER N 250 -73.47 66.88 -12.98
C SER N 250 -73.15 65.48 -12.48
N GLU N 251 -74.13 64.58 -12.58
CA GLU N 251 -73.86 63.16 -12.42
C GLU N 251 -72.69 62.73 -13.33
N GLU N 252 -72.90 62.85 -14.64
CA GLU N 252 -71.87 62.55 -15.64
C GLU N 252 -70.57 63.32 -15.43
N LEU N 253 -70.68 64.57 -14.97
CA LEU N 253 -69.51 65.40 -14.75
C LEU N 253 -68.58 64.73 -13.75
N LEU N 254 -69.16 64.33 -12.62
CA LEU N 254 -68.48 63.51 -11.64
C LEU N 254 -67.90 62.22 -12.25
N GLY N 255 -68.70 61.50 -13.03
CA GLY N 255 -68.27 60.25 -13.66
C GLY N 255 -67.06 60.43 -14.56
N MET N 256 -67.00 61.57 -15.23
CA MET N 256 -65.90 61.90 -16.11
C MET N 256 -64.62 62.23 -15.33
N ALA N 257 -64.75 62.80 -14.16
CA ALA N 257 -63.57 63.06 -13.35
C ALA N 257 -62.98 61.75 -12.85
N HIS N 258 -63.85 60.94 -12.26
CA HIS N 258 -63.48 59.64 -11.71
C HIS N 258 -62.81 58.75 -12.77
N ILE N 259 -63.43 58.66 -13.95
CA ILE N 259 -62.93 57.70 -14.93
C ILE N 259 -61.54 58.03 -15.48
N LEU N 260 -61.30 59.29 -15.82
CA LEU N 260 -60.03 59.72 -16.41
C LEU N 260 -58.88 59.59 -15.42
N LEU N 261 -59.16 59.89 -14.15
CA LEU N 261 -58.15 59.90 -13.11
C LEU N 261 -57.76 58.49 -12.71
N VAL N 262 -58.79 57.65 -12.57
CA VAL N 262 -58.63 56.28 -12.11
C VAL N 262 -58.07 55.37 -13.19
N ALA N 263 -58.69 55.36 -14.37
CA ALA N 263 -58.25 54.48 -15.44
C ALA N 263 -56.86 54.88 -15.94
N GLY N 264 -56.57 56.17 -15.85
CA GLY N 264 -55.20 56.67 -16.03
C GLY N 264 -54.33 56.01 -14.97
N HIS N 265 -54.10 56.75 -13.88
CA HIS N 265 -53.43 56.23 -12.71
C HIS N 265 -53.09 54.72 -12.82
N GLU N 266 -54.02 53.86 -12.42
CA GLU N 266 -53.73 52.43 -12.20
C GLU N 266 -53.17 51.58 -13.34
N THR N 267 -53.88 51.50 -14.46
CA THR N 267 -53.42 50.65 -15.56
C THR N 267 -52.00 50.97 -16.01
N THR N 268 -51.69 52.25 -16.20
CA THR N 268 -50.39 52.68 -16.69
C THR N 268 -49.28 52.46 -15.68
N VAL N 269 -49.60 52.72 -14.41
CA VAL N 269 -48.74 52.41 -13.28
C VAL N 269 -48.23 50.96 -13.36
N ASN N 270 -49.13 50.03 -13.71
CA ASN N 270 -48.77 48.62 -13.82
C ASN N 270 -48.13 48.21 -15.14
N LEU N 271 -48.15 49.08 -16.14
CA LEU N 271 -47.50 48.73 -17.40
C LEU N 271 -46.01 48.81 -17.20
N ILE N 272 -45.59 49.93 -16.58
CA ILE N 272 -44.19 50.18 -16.24
C ILE N 272 -43.66 49.09 -15.30
N ALA N 273 -44.41 48.78 -14.24
CA ALA N 273 -44.12 47.66 -13.35
C ALA N 273 -43.82 46.36 -14.12
N ASN N 274 -44.88 45.79 -14.69
CA ASN N 274 -44.84 44.44 -15.28
C ASN N 274 -43.91 44.37 -16.46
N GLY N 275 -44.00 45.37 -17.34
CA GLY N 275 -43.15 45.46 -18.51
C GLY N 275 -41.68 45.57 -18.17
N MET N 276 -41.39 46.18 -17.02
CA MET N 276 -40.01 46.33 -16.58
C MET N 276 -39.47 45.09 -15.89
N TYR N 277 -40.37 44.27 -15.35
CA TYR N 277 -40.02 42.96 -14.79
C TYR N 277 -39.82 41.95 -15.91
N ALA N 278 -40.82 41.84 -16.79
CA ALA N 278 -40.76 40.97 -17.98
C ALA N 278 -39.47 41.19 -18.78
N LEU N 279 -39.12 42.45 -19.01
CA LEU N 279 -37.84 42.85 -19.58
C LEU N 279 -36.65 42.36 -18.72
N LEU N 280 -36.67 42.69 -17.43
CA LEU N 280 -35.55 42.37 -16.53
C LEU N 280 -35.36 40.89 -16.25
N SER N 281 -36.43 40.10 -16.36
CA SER N 281 -36.36 38.65 -16.12
C SER N 281 -35.93 37.84 -17.35
N HIS N 282 -36.04 38.45 -18.53
CA HIS N 282 -35.57 37.86 -19.79
C HIS N 282 -34.32 38.64 -20.24
N PRO N 283 -33.15 38.36 -19.61
CA PRO N 283 -31.98 39.26 -19.69
C PRO N 283 -31.30 39.31 -21.07
N ASP N 284 -31.64 38.35 -21.92
CA ASP N 284 -31.19 38.31 -23.32
C ASP N 284 -31.83 39.45 -24.12
N GLN N 285 -33.04 39.82 -23.73
CA GLN N 285 -33.82 40.86 -24.41
C GLN N 285 -33.42 42.26 -23.94
N LEU N 286 -33.15 42.38 -22.65
CA LEU N 286 -32.72 43.65 -22.07
C LEU N 286 -31.40 44.06 -22.71
N ALA N 287 -30.48 43.11 -22.78
CA ALA N 287 -29.22 43.29 -23.50
C ALA N 287 -29.48 43.71 -24.96
N ALA N 288 -30.39 42.98 -25.60
CA ALA N 288 -30.78 43.22 -27.01
C ALA N 288 -31.38 44.62 -27.25
N LEU N 289 -32.06 45.15 -26.24
CA LEU N 289 -32.64 46.49 -26.30
C LEU N 289 -31.61 47.55 -25.86
N ARG N 290 -30.65 47.16 -25.03
CA ARG N 290 -29.71 48.11 -24.41
C ARG N 290 -28.66 48.75 -25.34
N ALA N 291 -28.36 48.11 -26.46
CA ALA N 291 -27.51 48.72 -27.46
C ALA N 291 -28.28 49.09 -28.74
N ASP N 292 -29.61 49.25 -28.61
CA ASP N 292 -30.51 49.52 -29.74
C ASP N 292 -31.88 49.95 -29.24
N MET N 293 -32.02 51.25 -29.00
CA MET N 293 -33.26 51.76 -28.44
C MET N 293 -34.29 52.24 -29.48
N THR N 294 -34.20 51.71 -30.71
CA THR N 294 -35.24 51.93 -31.71
C THR N 294 -36.38 50.92 -31.51
N LEU N 295 -36.04 49.75 -30.96
CA LEU N 295 -37.03 48.71 -30.67
C LEU N 295 -37.69 48.89 -29.31
N LEU N 296 -37.52 50.10 -28.78
CA LEU N 296 -38.23 50.59 -27.60
C LEU N 296 -39.74 50.38 -27.73
N ASP N 297 -40.27 50.73 -28.90
CA ASP N 297 -41.69 50.70 -29.10
C ASP N 297 -42.18 49.28 -29.34
N GLY N 298 -41.38 48.51 -30.08
CA GLY N 298 -41.64 47.08 -30.31
C GLY N 298 -41.77 46.36 -28.98
N ALA N 299 -40.87 46.69 -28.06
CA ALA N 299 -40.88 46.12 -26.73
C ALA N 299 -42.09 46.57 -25.91
N VAL N 300 -42.38 47.87 -25.94
CA VAL N 300 -43.51 48.43 -25.19
C VAL N 300 -44.80 47.75 -25.65
N GLU N 301 -44.92 47.54 -26.96
CA GLU N 301 -46.07 46.82 -27.48
C GLU N 301 -46.13 45.35 -27.00
N GLU N 302 -44.99 44.65 -26.96
CA GLU N 302 -44.95 43.28 -26.38
C GLU N 302 -45.20 43.24 -24.86
N MET N 303 -44.72 44.26 -24.14
CA MET N 303 -44.97 44.33 -22.71
C MET N 303 -46.46 44.28 -22.44
N LEU N 304 -47.23 44.94 -23.32
CA LEU N 304 -48.69 44.94 -23.25
C LEU N 304 -49.24 43.56 -23.57
N ARG N 305 -48.62 42.91 -24.56
CA ARG N 305 -49.04 41.61 -25.04
C ARG N 305 -48.82 40.55 -23.96
N TYR N 306 -47.63 40.54 -23.36
CA TYR N 306 -47.20 39.50 -22.43
C TYR N 306 -47.52 39.81 -20.96
N GLU N 307 -47.18 41.03 -20.53
CA GLU N 307 -47.31 41.40 -19.14
C GLU N 307 -48.45 42.41 -18.94
N GLY N 308 -49.60 42.14 -19.55
CA GLY N 308 -50.71 43.09 -19.60
C GLY N 308 -51.30 43.61 -18.29
N PRO N 309 -51.32 44.95 -18.10
CA PRO N 309 -52.00 45.61 -16.98
C PRO N 309 -53.43 45.08 -16.78
N VAL N 310 -54.12 44.79 -17.88
CA VAL N 310 -55.49 44.33 -17.83
C VAL N 310 -55.57 42.80 -18.02
N GLU N 311 -55.77 42.09 -16.91
CA GLU N 311 -56.02 40.66 -16.91
C GLU N 311 -57.36 40.41 -17.63
N SER N 312 -58.38 41.17 -17.24
CA SER N 312 -59.71 40.99 -17.79
C SER N 312 -60.42 42.31 -18.04
N ALA N 313 -61.20 42.33 -19.12
CA ALA N 313 -61.96 43.51 -19.53
C ALA N 313 -62.98 43.86 -18.46
N THR N 314 -63.55 45.06 -18.56
CA THR N 314 -64.58 45.48 -17.63
C THR N 314 -65.92 44.77 -17.94
N TYR N 315 -66.83 44.83 -16.99
CA TYR N 315 -68.07 44.06 -17.02
C TYR N 315 -68.88 44.27 -18.30
N ARG N 316 -69.35 43.18 -18.91
CA ARG N 316 -70.29 43.22 -20.05
C ARG N 316 -71.58 42.41 -19.82
N PHE N 317 -72.71 42.94 -20.28
CA PHE N 317 -74.02 42.27 -20.08
C PHE N 317 -74.84 42.13 -21.38
N PRO N 318 -75.29 40.91 -21.72
CA PRO N 318 -76.06 40.69 -22.97
C PRO N 318 -77.53 41.14 -22.93
N VAL N 319 -77.93 41.97 -23.89
CA VAL N 319 -79.32 42.46 -23.99
C VAL N 319 -80.30 41.30 -24.16
N GLU N 320 -79.96 40.40 -25.08
CA GLU N 320 -80.71 39.16 -25.37
C GLU N 320 -79.82 37.96 -25.03
N PRO N 321 -80.41 36.77 -24.75
CA PRO N 321 -79.55 35.62 -24.50
C PRO N 321 -78.65 35.30 -25.71
N VAL N 322 -77.34 35.20 -25.48
CA VAL N 322 -76.38 34.99 -26.57
C VAL N 322 -75.65 33.63 -26.52
N ASP N 323 -75.53 32.98 -27.67
CA ASP N 323 -74.80 31.72 -27.78
C ASP N 323 -73.33 31.97 -28.11
N LEU N 324 -72.44 31.26 -27.43
CA LEU N 324 -71.00 31.35 -27.70
C LEU N 324 -70.29 30.02 -27.94
N ASP N 325 -70.20 29.67 -29.23
CA ASP N 325 -69.54 28.45 -29.71
C ASP N 325 -69.88 27.21 -28.89
N GLY N 326 -71.17 26.98 -28.69
CA GLY N 326 -71.64 25.85 -27.89
C GLY N 326 -72.47 26.29 -26.70
N THR N 327 -71.94 27.20 -25.89
CA THR N 327 -72.60 27.61 -24.65
C THR N 327 -73.32 28.96 -24.73
N VAL N 328 -74.59 28.92 -24.38
CA VAL N 328 -75.48 30.08 -24.33
C VAL N 328 -75.19 30.86 -23.04
N ILE N 329 -75.34 32.18 -23.10
CA ILE N 329 -75.13 33.06 -21.95
C ILE N 329 -76.43 33.83 -21.64
N PRO N 330 -76.95 33.68 -20.40
CA PRO N 330 -78.23 34.30 -19.98
C PRO N 330 -78.18 35.84 -19.90
N ALA N 331 -79.25 36.49 -20.38
CA ALA N 331 -79.31 37.96 -20.48
C ALA N 331 -79.22 38.61 -19.11
N GLY N 332 -78.23 39.48 -18.92
CA GLY N 332 -78.04 40.15 -17.63
C GLY N 332 -76.88 39.63 -16.83
N ASP N 333 -76.31 38.51 -17.28
CA ASP N 333 -75.15 37.93 -16.62
C ASP N 333 -73.93 38.78 -16.84
N THR N 334 -73.03 38.77 -15.86
CA THR N 334 -71.78 39.47 -15.98
C THR N 334 -70.77 38.62 -16.75
N VAL N 335 -70.35 39.15 -17.90
CA VAL N 335 -69.42 38.47 -18.78
C VAL N 335 -68.08 39.22 -18.79
N LEU N 336 -67.00 38.48 -18.62
N LEU N 336 -66.99 38.50 -18.58
CA LEU N 336 -65.66 39.06 -18.51
CA LEU N 336 -65.66 39.11 -18.54
C LEU N 336 -64.69 38.49 -19.55
C LEU N 336 -64.68 38.50 -19.53
N VAL N 337 -64.23 39.35 -20.46
CA VAL N 337 -63.28 38.95 -21.51
C VAL N 337 -61.87 38.92 -20.94
N VAL N 338 -61.18 37.82 -21.20
CA VAL N 338 -59.83 37.61 -20.66
C VAL N 338 -58.74 38.00 -21.67
N LEU N 339 -58.41 39.30 -21.69
CA LEU N 339 -57.36 39.85 -22.55
C LEU N 339 -56.04 39.09 -22.44
N ALA N 340 -55.75 38.59 -21.25
CA ALA N 340 -54.52 37.87 -20.95
C ALA N 340 -54.47 36.50 -21.64
N ASP N 341 -55.57 35.75 -21.56
CA ASP N 341 -55.71 34.50 -22.31
C ASP N 341 -55.70 34.73 -23.81
N ALA N 342 -56.47 35.69 -24.28
CA ALA N 342 -56.50 36.03 -25.69
C ALA N 342 -55.08 36.30 -26.20
N HIS N 343 -54.22 36.73 -25.30
CA HIS N 343 -52.82 36.93 -25.63
C HIS N 343 -52.05 35.63 -25.61
N ARG N 344 -52.53 34.68 -24.83
CA ARG N 344 -51.93 33.35 -24.72
C ARG N 344 -52.36 32.39 -25.85
N THR N 345 -53.23 32.87 -26.73
CA THR N 345 -53.71 32.09 -27.88
C THR N 345 -52.63 31.90 -28.96
N PRO N 346 -52.14 30.65 -29.13
CA PRO N 346 -50.98 30.37 -29.98
C PRO N 346 -51.32 30.44 -31.47
N GLU N 347 -52.58 30.19 -31.82
CA GLU N 347 -53.06 30.36 -33.20
C GLU N 347 -52.74 31.77 -33.69
N ARG N 348 -52.78 32.72 -32.75
CA ARG N 348 -52.68 34.13 -33.06
C ARG N 348 -51.31 34.75 -32.74
N PHE N 349 -50.70 34.32 -31.65
CA PHE N 349 -49.32 34.69 -31.38
C PHE N 349 -48.56 33.40 -31.14
N PRO N 350 -47.85 32.91 -32.18
CA PRO N 350 -47.03 31.70 -32.09
C PRO N 350 -45.90 31.85 -31.07
N ASP N 351 -45.61 30.77 -30.36
CA ASP N 351 -44.66 30.78 -29.23
C ASP N 351 -45.16 31.76 -28.15
N PRO N 352 -46.45 31.61 -27.74
CA PRO N 352 -47.19 32.60 -26.95
C PRO N 352 -46.60 32.94 -25.57
N HIS N 353 -45.55 32.22 -25.18
CA HIS N 353 -44.94 32.42 -23.87
C HIS N 353 -43.56 33.09 -23.90
N ARG N 354 -42.94 33.08 -25.07
CA ARG N 354 -41.64 33.73 -25.26
C ARG N 354 -41.83 35.24 -25.37
N PHE N 355 -41.22 35.95 -24.43
CA PHE N 355 -41.19 37.41 -24.39
C PHE N 355 -40.22 37.92 -25.44
N ASP N 356 -40.78 38.30 -26.59
CA ASP N 356 -40.01 38.74 -27.75
C ASP N 356 -40.32 40.21 -28.06
N ILE N 357 -39.30 41.05 -27.93
CA ILE N 357 -39.42 42.49 -28.18
C ILE N 357 -39.44 42.76 -29.68
N ARG N 358 -38.91 41.79 -30.43
CA ARG N 358 -38.86 41.84 -31.88
C ARG N 358 -40.15 41.31 -32.50
N ARG N 359 -41.07 40.80 -31.67
CA ARG N 359 -42.29 40.15 -32.19
C ARG N 359 -43.32 41.12 -32.76
N ASP N 360 -43.96 40.71 -33.84
CA ASP N 360 -45.04 41.48 -34.41
C ASP N 360 -46.22 41.37 -33.45
N THR N 361 -46.51 42.47 -32.79
CA THR N 361 -47.49 42.52 -31.72
C THR N 361 -48.83 43.00 -32.28
N ALA N 362 -48.80 43.45 -33.53
CA ALA N 362 -49.95 44.06 -34.18
C ALA N 362 -51.24 43.27 -34.00
N GLY N 363 -52.24 43.93 -33.42
CA GLY N 363 -53.55 43.33 -33.21
C GLY N 363 -53.74 42.74 -31.82
N HIS N 364 -52.91 43.19 -30.88
CA HIS N 364 -53.04 42.80 -29.47
C HIS N 364 -54.15 43.64 -28.81
N LEU N 365 -54.78 43.07 -27.79
CA LEU N 365 -55.95 43.66 -27.18
C LEU N 365 -55.73 44.29 -25.82
N ALA N 366 -54.47 44.58 -25.50
CA ALA N 366 -54.14 45.15 -24.20
C ALA N 366 -54.82 46.52 -23.97
N PHE N 367 -55.26 47.18 -25.07
CA PHE N 367 -56.07 48.44 -25.02
C PHE N 367 -57.51 48.25 -25.48
N GLY N 368 -57.99 47.01 -25.48
CA GLY N 368 -59.36 46.69 -25.89
C GLY N 368 -59.48 46.76 -27.39
N HIS N 369 -60.70 46.99 -27.85
CA HIS N 369 -61.01 46.94 -29.27
C HIS N 369 -62.46 47.30 -29.49
N GLY N 370 -62.76 48.03 -30.56
CA GLY N 370 -64.12 48.48 -30.87
C GLY N 370 -64.43 49.85 -30.26
N ILE N 371 -65.71 50.14 -30.07
CA ILE N 371 -66.11 51.48 -29.62
C ILE N 371 -65.36 51.94 -28.35
N HIS N 372 -65.24 51.07 -27.35
CA HIS N 372 -64.64 51.44 -26.06
C HIS N 372 -63.14 51.34 -26.05
N PHE N 373 -62.51 51.38 -27.22
CA PHE N 373 -61.05 51.31 -27.32
C PHE N 373 -60.40 52.36 -26.43
N CYS N 374 -59.32 52.01 -25.76
CA CYS N 374 -58.80 52.89 -24.72
C CYS N 374 -58.56 54.28 -25.28
N ILE N 375 -59.11 55.27 -24.61
CA ILE N 375 -58.98 56.67 -25.03
C ILE N 375 -57.59 57.22 -24.66
N GLY N 376 -57.01 56.67 -23.59
CA GLY N 376 -55.72 57.14 -23.09
C GLY N 376 -54.52 56.41 -23.65
N ALA N 377 -54.72 55.56 -24.64
CA ALA N 377 -53.61 54.79 -25.19
C ALA N 377 -52.39 55.64 -25.68
N PRO N 378 -52.62 56.76 -26.39
CA PRO N 378 -51.44 57.54 -26.73
C PRO N 378 -50.59 58.03 -25.54
N LEU N 379 -51.27 58.41 -24.45
CA LEU N 379 -50.61 58.92 -23.24
C LEU N 379 -49.84 57.85 -22.46
N ALA N 380 -50.29 56.61 -22.58
CA ALA N 380 -49.67 55.50 -21.88
C ALA N 380 -48.52 54.98 -22.71
N ARG N 381 -48.66 55.07 -24.02
CA ARG N 381 -47.53 54.81 -24.88
C ARG N 381 -46.46 55.83 -24.55
N LEU N 382 -46.86 57.09 -24.41
CA LEU N 382 -45.92 58.16 -24.08
C LEU N 382 -45.12 57.88 -22.81
N GLU N 383 -45.82 57.87 -21.68
CA GLU N 383 -45.21 57.73 -20.36
C GLU N 383 -44.34 56.48 -20.26
N ALA N 384 -44.83 55.37 -20.81
CA ALA N 384 -44.12 54.10 -20.73
C ALA N 384 -42.86 54.06 -21.60
N ARG N 385 -42.95 54.59 -22.82
CA ARG N 385 -41.79 54.71 -23.70
C ARG N 385 -40.70 55.59 -23.10
N ILE N 386 -41.11 56.62 -22.37
CA ILE N 386 -40.19 57.60 -21.80
C ILE N 386 -39.48 57.00 -20.59
N ALA N 387 -40.30 56.45 -19.69
CA ALA N 387 -39.81 55.80 -18.48
C ALA N 387 -38.77 54.76 -18.82
N VAL N 388 -39.19 53.72 -19.54
CA VAL N 388 -38.33 52.61 -19.97
C VAL N 388 -37.01 53.05 -20.60
N ARG N 389 -37.05 54.07 -21.46
CA ARG N 389 -35.84 54.60 -22.08
C ARG N 389 -34.85 55.28 -21.12
N ALA N 390 -35.35 56.15 -20.23
CA ALA N 390 -34.52 56.80 -19.22
C ALA N 390 -33.88 55.80 -18.24
N LEU N 391 -34.66 54.82 -17.78
CA LEU N 391 -34.17 53.72 -16.93
C LEU N 391 -33.07 52.87 -17.57
N LEU N 392 -33.19 52.61 -18.87
CA LEU N 392 -32.18 51.87 -19.63
C LEU N 392 -30.88 52.64 -19.87
N GLU N 393 -30.97 53.95 -20.06
CA GLU N 393 -29.79 54.77 -20.33
C GLU N 393 -28.92 55.11 -19.10
N ARG N 394 -29.50 55.02 -17.90
CA ARG N 394 -28.87 55.58 -16.69
C ARG N 394 -28.58 54.56 -15.59
N CYS N 395 -29.12 53.35 -15.75
CA CYS N 395 -28.88 52.24 -14.82
C CYS N 395 -27.96 51.20 -15.44
N PRO N 396 -26.65 51.29 -15.10
CA PRO N 396 -25.73 50.26 -15.56
C PRO N 396 -25.98 48.96 -14.78
N ASP N 397 -25.91 47.83 -15.46
CA ASP N 397 -26.10 46.49 -14.86
C ASP N 397 -27.45 46.34 -14.13
N LEU N 398 -28.45 47.12 -14.58
CA LEU N 398 -29.77 47.10 -14.00
C LEU N 398 -30.40 45.72 -14.10
N ALA N 399 -30.68 45.14 -12.95
CA ALA N 399 -31.38 43.88 -12.88
C ALA N 399 -32.30 43.88 -11.69
N LEU N 400 -33.11 42.83 -11.59
CA LEU N 400 -33.88 42.55 -10.39
C LEU N 400 -32.96 42.44 -9.16
N ASP N 401 -33.52 42.77 -7.99
CA ASP N 401 -32.78 42.64 -6.76
C ASP N 401 -33.35 41.46 -6.01
N VAL N 402 -34.52 40.98 -6.45
CA VAL N 402 -35.22 39.93 -5.72
C VAL N 402 -35.24 38.54 -6.43
N SER N 403 -35.76 37.56 -5.72
CA SER N 403 -36.12 36.26 -6.28
C SER N 403 -37.52 36.36 -6.90
N PRO N 404 -37.77 35.71 -8.05
CA PRO N 404 -39.11 35.80 -8.63
C PRO N 404 -40.14 34.87 -7.98
N GLY N 405 -39.86 34.38 -6.78
CA GLY N 405 -40.81 33.57 -6.03
C GLY N 405 -41.21 34.20 -4.70
N GLU N 406 -41.05 35.52 -4.61
CA GLU N 406 -41.38 36.33 -3.42
C GLU N 406 -42.00 37.66 -3.82
N LEU N 407 -42.07 37.91 -5.14
CA LEU N 407 -42.84 39.02 -5.69
C LEU N 407 -44.32 38.72 -5.51
N VAL N 408 -45.06 39.63 -4.89
CA VAL N 408 -46.45 39.37 -4.54
C VAL N 408 -47.49 40.09 -5.40
N TRP N 409 -48.25 39.29 -6.15
CA TRP N 409 -49.23 39.80 -7.10
C TRP N 409 -50.52 40.14 -6.43
N TYR N 410 -51.16 41.20 -6.92
CA TYR N 410 -52.51 41.54 -6.49
C TYR N 410 -53.49 40.47 -6.96
N PRO N 411 -54.16 39.80 -5.98
CA PRO N 411 -55.11 38.69 -6.17
C PRO N 411 -56.38 39.08 -6.91
N ASN N 412 -56.26 40.03 -7.84
CA ASN N 412 -57.38 40.46 -8.68
C ASN N 412 -57.34 39.81 -10.05
N PRO N 413 -58.47 39.16 -10.44
CA PRO N 413 -58.64 38.56 -11.77
C PRO N 413 -58.79 39.59 -12.90
N MET N 414 -58.82 40.88 -12.56
CA MET N 414 -59.06 41.93 -13.55
C MET N 414 -57.86 42.83 -13.78
N ILE N 415 -57.15 43.17 -12.70
CA ILE N 415 -55.88 43.87 -12.84
C ILE N 415 -54.72 42.89 -12.63
N ARG N 416 -53.61 43.11 -13.33
CA ARG N 416 -52.44 42.28 -13.16
C ARG N 416 -51.22 43.14 -12.84
N GLY N 417 -50.94 43.30 -11.55
CA GLY N 417 -49.81 44.09 -11.10
C GLY N 417 -49.16 43.54 -9.86
N LEU N 418 -47.88 43.87 -9.69
CA LEU N 418 -47.10 43.44 -8.53
C LEU N 418 -47.35 44.32 -7.32
N LYS N 419 -46.96 43.82 -6.14
CA LYS N 419 -46.93 44.65 -4.95
C LYS N 419 -45.69 45.55 -4.91
N ALA N 420 -44.56 45.02 -5.34
CA ALA N 420 -43.31 45.77 -5.34
C ALA N 420 -42.34 45.18 -6.37
N LEU N 421 -41.43 46.03 -6.84
CA LEU N 421 -40.38 45.61 -7.78
C LEU N 421 -38.97 46.05 -7.33
N PRO N 422 -38.29 45.22 -6.51
CA PRO N 422 -36.92 45.58 -6.12
C PRO N 422 -35.96 45.48 -7.30
N ILE N 423 -35.17 46.53 -7.52
CA ILE N 423 -34.18 46.57 -8.59
C ILE N 423 -32.83 47.05 -8.07
N ARG N 424 -31.78 46.83 -8.87
CA ARG N 424 -30.44 47.29 -8.53
C ARG N 424 -29.61 47.59 -9.77
N TRP N 425 -28.61 48.45 -9.59
CA TRP N 425 -27.72 48.97 -10.65
C TRP N 425 -26.29 49.15 -10.08
N ARG N 426 -25.31 49.40 -10.97
CA ARG N 426 -23.89 49.53 -10.61
C ARG N 426 -23.60 50.09 -9.20
N ALA O 30 23.87 29.28 -55.99
CA ALA O 30 23.36 30.62 -56.37
C ALA O 30 23.39 31.62 -55.20
N SER O 31 24.12 32.73 -55.40
CA SER O 31 24.15 33.85 -54.43
C SER O 31 22.93 34.78 -54.57
N PRO O 32 22.62 35.29 -55.80
CA PRO O 32 21.42 36.13 -55.96
C PRO O 32 20.10 35.36 -55.69
N PRO O 33 19.37 35.73 -54.61
CA PRO O 33 18.21 35.00 -54.04
C PRO O 33 17.22 34.49 -55.11
N VAL O 34 16.60 33.34 -54.87
CA VAL O 34 15.92 32.63 -55.96
C VAL O 34 14.38 32.50 -55.89
N LEU O 35 13.74 33.38 -55.13
CA LEU O 35 12.28 33.50 -55.12
C LEU O 35 11.83 34.81 -54.44
N ASP O 36 10.91 35.52 -55.09
CA ASP O 36 10.21 36.66 -54.48
C ASP O 36 8.76 36.31 -54.19
N LEU O 37 8.31 36.60 -52.98
CA LEU O 37 6.96 36.26 -52.55
C LEU O 37 5.92 37.26 -53.04
N GLY O 38 6.23 38.56 -52.87
CA GLY O 38 5.35 39.64 -53.29
C GLY O 38 4.90 39.54 -54.74
N ALA O 39 5.80 39.04 -55.60
CA ALA O 39 5.55 38.87 -57.03
C ALA O 39 4.70 37.63 -57.37
N LEU O 40 3.65 37.39 -56.59
CA LEU O 40 2.60 36.43 -56.92
C LEU O 40 1.25 36.84 -56.33
N GLY O 41 1.31 37.64 -55.27
CA GLY O 41 0.13 38.35 -54.74
C GLY O 41 -0.96 37.48 -54.15
N GLN O 42 -2.21 37.86 -54.45
CA GLN O 42 -3.43 37.26 -53.88
C GLN O 42 -3.55 35.75 -54.11
N ASP O 43 -2.96 35.24 -55.17
CA ASP O 43 -2.89 33.78 -55.37
C ASP O 43 -2.10 33.08 -54.24
N PHE O 44 -0.99 33.70 -53.82
CA PHE O 44 -0.16 33.18 -52.73
C PHE O 44 -0.52 33.80 -51.36
N ALA O 45 -0.92 35.08 -51.38
CA ALA O 45 -1.49 35.74 -50.21
C ALA O 45 -2.72 34.99 -49.69
N ALA O 46 -3.29 34.14 -50.55
CA ALA O 46 -4.45 33.34 -50.21
C ALA O 46 -4.13 31.85 -50.18
N ASP O 47 -3.23 31.42 -51.06
CA ASP O 47 -2.81 30.02 -51.09
C ASP O 47 -1.30 29.84 -51.16
N PRO O 48 -0.67 29.63 -49.99
CA PRO O 48 0.76 29.42 -49.82
C PRO O 48 1.22 27.97 -49.99
N TYR O 49 0.39 27.03 -49.56
CA TYR O 49 0.80 25.63 -49.36
C TYR O 49 1.55 24.96 -50.53
N PRO O 50 1.05 25.07 -51.79
CA PRO O 50 1.80 24.54 -52.95
C PRO O 50 3.11 25.26 -53.28
N THR O 51 3.15 26.58 -53.09
CA THR O 51 4.38 27.35 -53.27
C THR O 51 5.45 26.87 -52.28
N TYR O 52 5.06 26.67 -51.02
CA TYR O 52 5.95 26.15 -49.97
C TYR O 52 6.33 24.70 -50.18
N ALA O 53 5.41 23.94 -50.79
CA ALA O 53 5.62 22.50 -51.03
C ALA O 53 6.63 22.21 -52.14
N ARG O 54 6.75 23.11 -53.13
CA ARG O 54 7.72 22.93 -54.21
C ARG O 54 9.14 23.14 -53.69
N LEU O 55 9.32 24.19 -52.88
CA LEU O 55 10.56 24.41 -52.17
C LEU O 55 10.87 23.21 -51.27
N ARG O 56 9.84 22.67 -50.63
CA ARG O 56 10.00 21.51 -49.75
C ARG O 56 10.60 20.36 -50.52
N ALA O 57 10.09 20.14 -51.72
CA ALA O 57 10.57 19.10 -52.61
C ALA O 57 12.05 19.26 -52.89
N GLU O 58 12.46 20.48 -53.27
CA GLU O 58 13.86 20.82 -53.54
C GLU O 58 14.76 20.55 -52.34
N GLY O 59 14.26 20.88 -51.15
CA GLY O 59 15.02 20.80 -49.90
C GLY O 59 14.28 21.44 -48.74
N PRO O 60 14.93 21.49 -47.56
CA PRO O 60 14.23 22.05 -46.41
C PRO O 60 14.66 23.46 -46.00
N ALA O 61 15.29 24.23 -46.90
CA ALA O 61 15.71 25.61 -46.60
C ALA O 61 15.92 26.42 -47.88
N HIS O 62 15.30 27.60 -47.97
CA HIS O 62 15.29 28.35 -49.24
C HIS O 62 15.32 29.88 -49.16
N ARG O 63 16.48 30.46 -49.48
CA ARG O 63 16.62 31.91 -49.73
C ARG O 63 15.42 32.50 -50.48
N VAL O 64 14.79 33.52 -49.89
CA VAL O 64 13.65 34.22 -50.52
C VAL O 64 13.60 35.71 -50.17
N ARG O 65 12.85 36.47 -50.96
CA ARG O 65 12.57 37.89 -50.63
C ARG O 65 11.17 38.02 -50.01
N THR O 66 11.01 39.02 -49.16
CA THR O 66 9.72 39.30 -48.54
C THR O 66 9.00 40.51 -49.18
N PRO O 67 7.64 40.53 -49.12
CA PRO O 67 6.86 41.69 -49.54
C PRO O 67 7.45 43.00 -49.05
N GLU O 68 7.69 43.11 -47.74
CA GLU O 68 8.25 44.33 -47.16
C GLU O 68 9.57 44.77 -47.82
N GLY O 69 10.33 43.80 -48.34
CA GLY O 69 11.60 44.08 -49.02
C GLY O 69 12.85 43.45 -48.41
N ASN O 70 12.67 42.82 -47.24
CA ASN O 70 13.71 42.09 -46.53
C ASN O 70 14.03 40.74 -47.20
N GLU O 71 15.32 40.40 -47.23
CA GLU O 71 15.78 39.16 -47.86
C GLU O 71 16.07 38.08 -46.81
N VAL O 72 15.11 37.18 -46.59
CA VAL O 72 15.21 36.23 -45.50
C VAL O 72 15.16 34.77 -45.94
N TRP O 73 15.26 33.86 -44.98
CA TRP O 73 15.33 32.42 -45.24
C TRP O 73 14.07 31.67 -44.73
N LEU O 74 13.63 30.67 -45.50
CA LEU O 74 12.52 29.79 -45.10
C LEU O 74 12.94 28.34 -44.85
N VAL O 75 12.45 27.77 -43.76
CA VAL O 75 12.62 26.37 -43.47
C VAL O 75 11.28 25.68 -43.74
N VAL O 76 11.27 24.73 -44.68
CA VAL O 76 10.06 23.96 -44.93
C VAL O 76 10.18 22.52 -44.43
N GLY O 77 9.09 21.77 -44.54
CA GLY O 77 9.05 20.37 -44.10
C GLY O 77 8.94 20.26 -42.60
N TYR O 78 8.07 19.37 -42.12
CA TYR O 78 7.81 19.24 -40.68
C TYR O 78 9.07 18.95 -39.86
N ASP O 79 9.63 17.75 -40.01
CA ASP O 79 10.72 17.30 -39.14
C ASP O 79 11.82 18.33 -39.00
N ARG O 80 12.17 18.96 -40.13
CA ARG O 80 13.15 20.05 -40.11
C ARG O 80 12.60 21.38 -39.54
N ALA O 81 11.32 21.68 -39.79
CA ALA O 81 10.72 22.88 -39.20
C ALA O 81 10.73 22.74 -37.68
N ARG O 82 10.46 21.51 -37.21
CA ARG O 82 10.42 21.18 -35.79
C ARG O 82 11.82 21.23 -35.16
N ALA O 83 12.81 20.76 -35.90
CA ALA O 83 14.22 20.82 -35.46
C ALA O 83 14.73 22.24 -35.15
N VAL O 84 14.64 23.11 -36.16
CA VAL O 84 15.15 24.47 -36.06
C VAL O 84 14.57 25.26 -34.89
N LEU O 85 13.24 25.15 -34.72
CA LEU O 85 12.51 25.88 -33.69
C LEU O 85 13.04 25.65 -32.30
N ALA O 86 13.59 24.46 -32.04
CA ALA O 86 14.16 24.13 -30.73
C ALA O 86 15.69 23.94 -30.74
N ASP O 87 16.31 24.08 -31.91
CA ASP O 87 17.76 24.03 -32.00
C ASP O 87 18.35 25.29 -31.33
N PRO O 88 19.17 25.11 -30.26
CA PRO O 88 19.75 26.29 -29.60
C PRO O 88 20.84 26.99 -30.42
N ARG O 89 21.15 26.45 -31.60
CA ARG O 89 22.02 27.09 -32.61
C ARG O 89 21.31 28.25 -33.33
N PHE O 90 20.02 28.43 -33.04
CA PHE O 90 19.24 29.51 -33.60
C PHE O 90 18.79 30.44 -32.50
N SER O 91 19.52 31.52 -32.34
CA SER O 91 19.23 32.53 -31.33
C SER O 91 18.04 33.39 -31.73
N LYS O 92 17.33 33.93 -30.74
CA LYS O 92 16.26 34.87 -31.03
C LYS O 92 16.68 36.29 -30.63
N ASP O 93 17.93 36.43 -30.23
CA ASP O 93 18.44 37.67 -29.71
C ASP O 93 19.03 38.40 -30.92
N TRP O 94 18.66 39.68 -31.11
CA TRP O 94 19.12 40.44 -32.29
C TRP O 94 20.57 40.88 -32.21
N ARG O 95 21.19 40.73 -31.05
CA ARG O 95 22.63 40.96 -30.92
C ARG O 95 23.42 39.96 -31.79
N ASN O 96 22.71 38.94 -32.26
CA ASN O 96 23.27 37.91 -33.14
C ASN O 96 22.79 38.04 -34.57
N SER O 97 21.94 39.03 -34.82
CA SER O 97 21.46 39.33 -36.18
C SER O 97 22.45 40.22 -36.96
N THR O 98 22.79 39.82 -38.18
CA THR O 98 23.61 40.66 -39.04
C THR O 98 22.85 41.92 -39.44
N THR O 99 21.52 41.90 -39.26
CA THR O 99 20.70 43.06 -39.56
C THR O 99 20.65 44.00 -38.36
N PRO O 100 20.95 45.28 -38.60
CA PRO O 100 20.73 46.28 -37.56
C PRO O 100 19.24 46.52 -37.38
N LEU O 101 18.85 46.77 -36.12
CA LEU O 101 17.49 47.18 -35.76
C LEU O 101 17.37 48.69 -35.86
N THR O 102 16.17 49.17 -36.19
CA THR O 102 15.89 50.59 -36.04
C THR O 102 15.64 50.89 -34.57
N GLU O 103 15.68 52.17 -34.22
CA GLU O 103 15.52 52.62 -32.84
C GLU O 103 14.16 52.28 -32.25
N ALA O 104 13.09 52.55 -33.01
CA ALA O 104 11.73 52.20 -32.64
C ALA O 104 11.63 50.73 -32.19
N GLU O 105 12.12 49.83 -33.05
CA GLU O 105 12.20 48.39 -32.76
C GLU O 105 12.86 48.06 -31.41
N ALA O 106 14.03 48.67 -31.18
CA ALA O 106 14.85 48.51 -29.96
C ALA O 106 14.12 48.78 -28.61
N ALA O 107 13.22 49.76 -28.58
CA ALA O 107 12.49 50.03 -27.34
C ALA O 107 11.57 48.85 -26.97
N LEU O 108 11.42 47.94 -27.91
CA LEU O 108 10.40 46.93 -27.78
C LEU O 108 10.97 45.55 -27.81
N ASN O 109 12.06 45.35 -28.54
CA ASN O 109 12.60 43.99 -28.66
C ASN O 109 13.03 43.43 -27.29
N HIS O 110 12.65 44.13 -26.22
CA HIS O 110 13.03 43.71 -24.87
C HIS O 110 12.12 42.69 -24.20
N ASN O 111 11.60 41.73 -24.97
CA ASN O 111 10.67 40.74 -24.45
C ASN O 111 11.21 39.28 -24.53
N MET O 112 10.51 38.35 -23.89
CA MET O 112 11.00 36.98 -23.79
C MET O 112 11.10 36.27 -25.13
N LEU O 113 10.37 36.76 -26.13
CA LEU O 113 10.33 36.08 -27.41
C LEU O 113 11.55 36.41 -28.18
N GLU O 114 12.15 37.54 -27.85
CA GLU O 114 13.31 37.97 -28.54
C GLU O 114 14.50 37.96 -27.56
N SER O 115 14.56 36.87 -26.81
CA SER O 115 15.63 36.62 -25.84
C SER O 115 16.13 35.18 -25.89
N ASP O 116 17.34 35.02 -25.35
CA ASP O 116 17.95 33.73 -25.13
C ASP O 116 18.07 33.47 -23.62
N PRO O 117 18.55 32.28 -23.23
CA PRO O 117 18.88 32.03 -21.82
C PRO O 117 20.20 32.72 -21.48
N PRO O 118 20.38 33.22 -20.24
CA PRO O 118 19.52 33.21 -19.04
C PRO O 118 18.35 34.23 -18.99
N ARG O 119 18.37 35.25 -19.85
CA ARG O 119 17.36 36.32 -19.82
C ARG O 119 15.95 35.85 -20.16
N HIS O 120 15.83 34.94 -21.14
CA HIS O 120 14.54 34.35 -21.44
C HIS O 120 13.98 33.70 -20.20
N THR O 121 14.84 32.99 -19.49
CA THR O 121 14.44 32.21 -18.34
C THR O 121 13.93 33.08 -17.22
N ARG O 122 14.62 34.18 -16.96
CA ARG O 122 14.21 35.16 -15.97
C ARG O 122 12.86 35.79 -16.35
N LEU O 123 12.69 36.14 -17.63
CA LEU O 123 11.48 36.83 -18.09
C LEU O 123 10.22 35.99 -18.03
N ARG O 124 10.29 34.77 -18.53
CA ARG O 124 9.13 33.90 -18.50
C ARG O 124 8.66 33.65 -17.06
N LYS O 125 9.61 33.43 -16.16
CA LYS O 125 9.31 33.06 -14.79
C LYS O 125 8.33 34.07 -14.18
N LEU O 126 8.48 35.33 -14.58
CA LEU O 126 7.63 36.36 -14.03
C LEU O 126 6.18 36.02 -14.25
N VAL O 127 5.81 35.56 -15.45
CA VAL O 127 4.39 35.47 -15.80
C VAL O 127 3.88 34.05 -15.97
N ALA O 128 4.79 33.08 -15.99
CA ALA O 128 4.41 31.66 -16.15
C ALA O 128 3.13 31.29 -15.40
N ARG O 129 3.05 31.70 -14.13
CA ARG O 129 1.94 31.34 -13.26
C ARG O 129 0.63 31.96 -13.71
N GLU O 130 0.70 33.10 -14.38
CA GLU O 130 -0.54 33.78 -14.74
C GLU O 130 -1.26 33.04 -15.87
N PHE O 131 -0.56 32.14 -16.53
CA PHE O 131 -1.07 31.61 -17.79
C PHE O 131 -1.16 30.11 -17.79
N THR O 132 -1.12 29.50 -16.62
CA THR O 132 -1.32 28.07 -16.57
C THR O 132 -2.77 27.74 -16.95
N MET O 133 -2.95 26.54 -17.49
CA MET O 133 -4.25 26.01 -17.88
C MET O 133 -5.25 26.14 -16.72
N ARG O 134 -4.78 25.89 -15.50
CA ARG O 134 -5.61 26.05 -14.31
C ARG O 134 -5.95 27.51 -13.92
N ARG O 135 -5.05 28.47 -14.15
CA ARG O 135 -5.36 29.85 -13.79
C ARG O 135 -6.28 30.49 -14.82
N VAL O 136 -5.97 30.25 -16.08
CA VAL O 136 -6.77 30.71 -17.19
C VAL O 136 -8.23 30.34 -16.97
N GLU O 137 -8.47 29.06 -16.69
CA GLU O 137 -9.81 28.54 -16.55
C GLU O 137 -10.73 29.39 -15.65
N LEU O 138 -10.18 30.05 -14.64
CA LEU O 138 -10.95 30.98 -13.84
C LEU O 138 -11.62 32.11 -14.64
N LEU O 139 -11.07 32.45 -15.79
CA LEU O 139 -11.68 33.50 -16.63
C LEU O 139 -12.92 33.04 -17.37
N ARG O 140 -13.11 31.72 -17.46
CA ARG O 140 -14.22 31.17 -18.21
C ARG O 140 -15.54 31.94 -18.08
N PRO O 141 -16.00 32.21 -16.84
CA PRO O 141 -17.28 32.94 -16.74
C PRO O 141 -17.23 34.33 -17.38
N ARG O 142 -16.14 35.04 -17.13
CA ARG O 142 -15.95 36.37 -17.71
C ARG O 142 -15.90 36.35 -19.22
N VAL O 143 -15.14 35.41 -19.76
CA VAL O 143 -15.02 35.26 -21.19
C VAL O 143 -16.37 34.93 -21.81
N GLN O 144 -17.13 34.09 -21.14
CA GLN O 144 -18.50 33.77 -21.55
C GLN O 144 -19.36 35.03 -21.55
N GLU O 145 -19.31 35.75 -20.42
CA GLU O 145 -19.95 37.03 -20.24
C GLU O 145 -19.70 37.87 -21.49
N ILE O 146 -18.42 38.12 -21.77
CA ILE O 146 -17.99 38.90 -22.94
C ILE O 146 -18.54 38.42 -24.29
N VAL O 147 -18.27 37.16 -24.64
CA VAL O 147 -18.81 36.60 -25.90
C VAL O 147 -20.27 36.97 -26.03
N ASP O 148 -21.09 36.53 -25.08
CA ASP O 148 -22.55 36.74 -25.13
C ASP O 148 -22.94 38.20 -25.34
N GLY O 149 -22.17 39.14 -24.81
CA GLY O 149 -22.32 40.56 -25.15
C GLY O 149 -22.20 40.80 -26.64
N LEU O 150 -21.13 40.24 -27.23
CA LEU O 150 -20.79 40.45 -28.65
C LEU O 150 -21.72 39.70 -29.60
N VAL O 151 -22.12 38.52 -29.16
CA VAL O 151 -23.06 37.70 -29.88
C VAL O 151 -24.45 38.23 -29.59
N ASP O 152 -24.61 39.02 -28.53
CA ASP O 152 -25.87 39.69 -28.28
C ASP O 152 -26.03 40.80 -29.30
N ALA O 153 -25.06 41.72 -29.32
CA ALA O 153 -25.12 42.86 -30.24
C ALA O 153 -24.85 42.53 -31.73
N MET O 154 -24.30 41.36 -32.02
CA MET O 154 -24.20 40.89 -33.42
C MET O 154 -25.57 40.46 -33.95
N LEU O 155 -26.21 39.55 -33.23
CA LEU O 155 -27.50 38.97 -33.64
C LEU O 155 -28.62 40.01 -33.77
N ALA O 156 -28.29 41.24 -33.42
CA ALA O 156 -29.24 42.35 -33.41
C ALA O 156 -29.61 42.86 -34.81
N ALA O 157 -28.75 42.63 -35.80
CA ALA O 157 -28.99 43.10 -37.16
C ALA O 157 -30.16 42.38 -37.84
N PRO O 158 -31.01 43.12 -38.57
CA PRO O 158 -32.17 42.53 -39.25
C PRO O 158 -31.76 41.72 -40.47
N ASP O 159 -30.68 42.15 -41.11
CA ASP O 159 -30.15 41.55 -42.35
C ASP O 159 -29.80 40.08 -42.28
N GLY O 160 -29.86 39.48 -41.08
CA GLY O 160 -29.39 38.12 -40.85
C GLY O 160 -27.90 38.00 -41.15
N ARG O 161 -27.25 39.15 -41.27
CA ARG O 161 -25.87 39.24 -41.76
C ARG O 161 -24.95 40.07 -40.85
N ALA O 162 -23.67 39.71 -40.80
CA ALA O 162 -22.61 40.50 -40.15
C ALA O 162 -21.21 39.99 -40.50
N ASP O 163 -20.24 40.91 -40.48
CA ASP O 163 -18.85 40.53 -40.64
C ASP O 163 -18.39 39.98 -39.32
N LEU O 164 -18.00 38.71 -39.32
CA LEU O 164 -17.64 37.96 -38.12
C LEU O 164 -16.35 38.42 -37.45
N MET O 165 -15.49 39.11 -38.21
CA MET O 165 -14.29 39.74 -37.68
C MET O 165 -14.67 40.93 -36.81
N GLU O 166 -15.58 41.73 -37.38
CA GLU O 166 -16.13 42.95 -36.81
C GLU O 166 -16.86 42.73 -35.47
N SER O 167 -17.67 41.67 -35.41
CA SER O 167 -18.56 41.40 -34.28
C SER O 167 -17.89 40.73 -33.11
N LEU O 168 -17.03 39.74 -33.40
CA LEU O 168 -16.54 38.80 -32.39
C LEU O 168 -15.02 38.56 -32.41
N ALA O 169 -14.45 38.34 -33.60
CA ALA O 169 -13.03 37.96 -33.73
C ALA O 169 -12.03 39.05 -33.34
N TRP O 170 -12.32 40.31 -33.65
CA TRP O 170 -11.45 41.37 -33.16
C TRP O 170 -11.77 41.77 -31.71
N PRO O 171 -13.05 42.07 -31.40
CA PRO O 171 -13.35 42.69 -30.10
C PRO O 171 -13.08 41.80 -28.88
N LEU O 172 -13.22 40.48 -29.02
CA LEU O 172 -13.10 39.62 -27.85
C LEU O 172 -11.69 39.56 -27.29
N PRO O 173 -10.71 39.16 -28.12
CA PRO O 173 -9.35 38.93 -27.61
C PRO O 173 -8.77 40.18 -26.93
N ILE O 174 -8.98 41.34 -27.53
CA ILE O 174 -8.44 42.57 -26.98
C ILE O 174 -9.18 42.95 -25.70
N THR O 175 -10.47 42.63 -25.62
CA THR O 175 -11.21 42.83 -24.38
C THR O 175 -10.57 41.96 -23.29
N VAL O 176 -10.51 40.66 -23.55
CA VAL O 176 -9.99 39.67 -22.63
C VAL O 176 -8.62 40.06 -22.02
N ILE O 177 -7.67 40.37 -22.89
CA ILE O 177 -6.31 40.70 -22.47
C ILE O 177 -6.21 42.06 -21.79
N SER O 178 -7.03 43.02 -22.21
CA SER O 178 -7.00 44.37 -21.69
C SER O 178 -7.40 44.39 -20.25
N GLU O 179 -8.18 43.40 -19.85
CA GLU O 179 -8.63 43.31 -18.48
C GLU O 179 -7.51 42.74 -17.63
N LEU O 180 -6.95 41.62 -18.07
CA LEU O 180 -5.80 41.04 -17.40
C LEU O 180 -4.78 42.04 -16.88
N LEU O 181 -4.52 43.09 -17.68
CA LEU O 181 -3.50 44.11 -17.44
C LEU O 181 -4.09 45.52 -17.24
N GLY O 182 -5.36 45.58 -16.84
CA GLY O 182 -6.05 46.84 -16.58
C GLY O 182 -5.84 47.92 -17.62
N VAL O 183 -6.04 47.58 -18.88
CA VAL O 183 -6.01 48.57 -19.93
C VAL O 183 -7.39 49.20 -19.95
N PRO O 184 -7.48 50.47 -19.50
CA PRO O 184 -8.79 51.10 -19.40
C PRO O 184 -9.52 51.07 -20.74
N GLU O 185 -10.81 50.66 -20.70
CA GLU O 185 -11.67 50.54 -21.88
C GLU O 185 -11.53 51.71 -22.87
N PRO O 186 -11.47 52.97 -22.37
CA PRO O 186 -11.30 54.12 -23.28
C PRO O 186 -10.10 54.02 -24.22
N ASP O 187 -9.10 53.23 -23.82
CA ASP O 187 -7.84 53.12 -24.56
C ASP O 187 -7.80 51.91 -25.54
N ARG O 188 -8.96 51.34 -25.86
CA ARG O 188 -8.99 50.03 -26.56
C ARG O 188 -9.01 50.03 -28.09
N ALA O 189 -10.04 50.63 -28.70
CA ALA O 189 -10.26 50.54 -30.14
C ALA O 189 -9.15 51.16 -30.99
N ALA O 190 -8.18 51.77 -30.32
CA ALA O 190 -6.97 52.28 -30.97
C ALA O 190 -5.99 51.14 -31.27
N PHE O 191 -6.05 50.09 -30.46
CA PHE O 191 -5.20 48.91 -30.68
C PHE O 191 -5.52 48.14 -31.96
N ARG O 192 -6.76 48.24 -32.43
CA ARG O 192 -7.10 47.76 -33.77
C ARG O 192 -6.39 48.64 -34.79
N VAL O 193 -6.61 49.95 -34.70
CA VAL O 193 -5.97 50.93 -35.57
C VAL O 193 -4.46 50.69 -35.69
N TRP O 194 -3.78 50.59 -34.53
CA TRP O 194 -2.32 50.49 -34.49
C TRP O 194 -1.80 49.11 -34.93
N THR O 195 -2.51 48.06 -34.51
CA THR O 195 -2.09 46.68 -34.79
C THR O 195 -2.02 46.40 -36.31
N ASP O 196 -3.04 46.86 -37.04
CA ASP O 196 -3.18 46.63 -38.48
C ASP O 196 -2.09 47.31 -39.31
N ALA O 197 -1.42 48.28 -38.70
CA ALA O 197 -0.29 48.94 -39.32
C ALA O 197 0.82 47.95 -39.73
N PHE O 198 0.98 46.87 -38.98
CA PHE O 198 1.89 45.78 -39.40
C PHE O 198 1.26 44.38 -39.55
N VAL O 199 0.33 44.29 -40.50
CA VAL O 199 -0.16 43.04 -41.07
C VAL O 199 -0.23 43.19 -42.60
N PHE O 200 -0.93 44.22 -43.05
CA PHE O 200 -0.92 44.64 -44.45
C PHE O 200 -0.51 46.14 -44.42
N PRO O 201 0.80 46.40 -44.30
CA PRO O 201 1.29 47.77 -44.14
C PRO O 201 1.12 48.59 -45.41
N ASP O 202 0.65 49.84 -45.26
CA ASP O 202 0.62 50.78 -46.37
C ASP O 202 2.04 50.89 -46.89
N ASP O 203 2.92 51.47 -46.08
CA ASP O 203 4.36 51.37 -46.28
C ASP O 203 4.93 50.58 -45.10
N PRO O 204 6.05 49.85 -45.31
CA PRO O 204 6.67 49.09 -44.22
C PRO O 204 7.21 49.96 -43.05
N ALA O 205 6.67 51.18 -42.92
CA ALA O 205 6.93 52.05 -41.77
C ALA O 205 5.72 52.94 -41.39
N GLN O 206 4.53 52.55 -41.84
CA GLN O 206 3.29 53.00 -41.23
C GLN O 206 3.13 52.16 -39.98
N ALA O 207 3.73 50.97 -40.03
CA ALA O 207 3.94 50.10 -38.89
C ALA O 207 4.82 50.79 -37.83
N GLN O 208 5.74 51.64 -38.28
CA GLN O 208 6.59 52.41 -37.38
C GLN O 208 5.79 53.53 -36.70
N THR O 209 4.83 54.11 -37.42
CA THR O 209 3.97 55.18 -36.89
C THR O 209 3.03 54.65 -35.80
N ALA O 210 2.63 53.39 -35.93
CA ALA O 210 1.99 52.67 -34.84
C ALA O 210 3.02 52.41 -33.75
N MET O 211 4.06 51.64 -34.08
CA MET O 211 5.17 51.37 -33.16
C MET O 211 5.61 52.60 -32.36
N ALA O 212 5.35 53.79 -32.89
CA ALA O 212 5.62 55.04 -32.19
C ALA O 212 4.58 55.31 -31.12
N GLU O 213 3.33 55.50 -31.55
CA GLU O 213 2.24 55.88 -30.66
C GLU O 213 1.98 54.86 -29.56
N MET O 214 2.19 53.59 -29.90
CA MET O 214 1.98 52.45 -29.01
C MET O 214 3.09 52.38 -27.96
N SER O 215 4.33 52.24 -28.43
CA SER O 215 5.53 52.19 -27.60
C SER O 215 5.59 53.33 -26.57
N GLY O 216 5.02 54.48 -26.95
CA GLY O 216 4.93 55.63 -26.06
C GLY O 216 3.78 55.55 -25.08
N TYR O 217 2.60 55.16 -25.59
CA TYR O 217 1.40 55.06 -24.75
C TYR O 217 1.63 54.08 -23.60
N LEU O 218 2.23 52.94 -23.92
CA LEU O 218 2.54 51.94 -22.91
C LEU O 218 3.23 52.58 -21.68
N SER O 219 4.28 53.36 -21.92
CA SER O 219 5.00 54.08 -20.88
C SER O 219 4.16 54.92 -19.96
N ARG O 220 3.15 55.59 -20.52
CA ARG O 220 2.20 56.36 -19.71
C ARG O 220 1.39 55.41 -18.82
N LEU O 221 0.68 54.49 -19.46
CA LEU O 221 -0.12 53.50 -18.77
C LEU O 221 0.66 52.87 -17.62
N ILE O 222 1.93 52.51 -17.87
CA ILE O 222 2.83 52.01 -16.83
C ILE O 222 3.05 52.99 -15.67
N ASP O 223 3.49 54.21 -15.96
CA ASP O 223 3.69 55.17 -14.90
C ASP O 223 2.37 55.41 -14.15
N SER O 224 1.25 55.35 -14.89
CA SER O 224 -0.09 55.66 -14.38
C SER O 224 -0.59 54.71 -13.30
N LYS O 225 0.13 53.62 -13.10
CA LYS O 225 -0.29 52.62 -12.13
C LYS O 225 0.53 52.69 -10.84
N ARG O 226 1.54 53.55 -10.82
CA ARG O 226 2.38 53.74 -9.64
C ARG O 226 1.57 54.40 -8.56
N GLY O 227 1.36 53.67 -7.47
CA GLY O 227 0.72 54.23 -6.26
C GLY O 227 -0.77 53.96 -6.17
N GLN O 228 -1.30 53.23 -7.15
CA GLN O 228 -2.74 52.97 -7.29
C GLN O 228 -3.13 51.57 -6.79
N ASP O 229 -2.16 50.87 -6.21
CA ASP O 229 -2.38 49.54 -5.64
C ASP O 229 -3.15 48.58 -6.56
N GLY O 230 -2.84 48.60 -7.84
CA GLY O 230 -3.54 47.74 -8.80
C GLY O 230 -3.23 46.29 -8.56
N GLU O 231 -4.24 45.44 -8.66
CA GLU O 231 -4.02 44.04 -8.42
C GLU O 231 -3.91 43.28 -9.72
N ASP O 232 -4.02 43.99 -10.83
CA ASP O 232 -3.83 43.42 -12.18
C ASP O 232 -2.36 43.07 -12.41
N LEU O 233 -2.11 42.18 -13.37
CA LEU O 233 -0.76 41.72 -13.67
C LEU O 233 0.26 42.83 -13.84
N LEU O 234 -0.05 43.81 -14.69
CA LEU O 234 0.88 44.93 -14.98
C LEU O 234 1.38 45.69 -13.75
N SER O 235 0.46 46.10 -12.88
CA SER O 235 0.79 46.83 -11.66
C SER O 235 1.70 46.00 -10.78
N ALA O 236 1.47 44.69 -10.79
CA ALA O 236 2.29 43.75 -10.04
C ALA O 236 3.69 43.82 -10.56
N LEU O 237 3.81 43.72 -11.87
CA LEU O 237 5.07 43.92 -12.55
C LEU O 237 5.65 45.30 -12.22
N VAL O 238 4.82 46.33 -12.23
CA VAL O 238 5.32 47.68 -11.90
C VAL O 238 5.96 47.70 -10.52
N ARG O 239 5.23 47.21 -9.54
CA ARG O 239 5.78 47.14 -8.20
C ARG O 239 7.09 46.35 -8.23
N THR O 240 7.06 45.14 -8.80
CA THR O 240 8.24 44.29 -8.86
C THR O 240 9.48 44.94 -9.51
N SER O 241 9.28 45.69 -10.58
CA SER O 241 10.39 46.37 -11.18
C SER O 241 10.90 47.52 -10.30
N ASP O 242 10.01 48.16 -9.55
CA ASP O 242 10.45 49.34 -8.78
C ASP O 242 11.29 48.96 -7.57
N GLU O 243 11.10 47.74 -7.08
CA GLU O 243 11.68 47.32 -5.81
C GLU O 243 13.10 46.88 -6.00
N ASP O 244 13.35 46.42 -7.22
CA ASP O 244 14.55 45.68 -7.60
C ASP O 244 14.66 45.68 -9.13
N GLY O 245 15.33 46.70 -9.66
CA GLY O 245 15.43 46.92 -11.07
C GLY O 245 16.10 45.76 -11.75
N SER O 246 17.06 45.13 -11.07
CA SER O 246 17.88 44.09 -11.70
C SER O 246 17.06 42.81 -11.99
N ARG O 247 15.97 42.64 -11.25
CA ARG O 247 15.05 41.55 -11.49
C ARG O 247 14.10 41.80 -12.66
N LEU O 248 13.71 43.07 -12.87
CA LEU O 248 12.95 43.46 -14.06
C LEU O 248 13.15 44.91 -14.46
N THR O 249 13.96 45.15 -15.48
CA THR O 249 14.25 46.53 -15.95
C THR O 249 12.98 47.25 -16.47
N SER O 250 13.06 48.57 -16.57
CA SER O 250 11.91 49.31 -17.06
C SER O 250 11.80 49.18 -18.57
N GLU O 251 12.92 48.88 -19.22
CA GLU O 251 12.92 48.49 -20.62
C GLU O 251 12.07 47.24 -20.76
N GLU O 252 12.40 46.23 -19.94
CA GLU O 252 11.82 44.90 -20.02
C GLU O 252 10.37 44.95 -19.59
N LEU O 253 10.07 45.82 -18.66
CA LEU O 253 8.71 46.05 -18.25
C LEU O 253 7.83 46.42 -19.44
N LEU O 254 8.32 47.31 -20.29
CA LEU O 254 7.56 47.73 -21.45
C LEU O 254 7.52 46.60 -22.46
N GLY O 255 8.63 45.86 -22.53
CA GLY O 255 8.72 44.66 -23.33
C GLY O 255 7.56 43.77 -22.97
N MET O 256 7.50 43.33 -21.72
CA MET O 256 6.42 42.47 -21.23
C MET O 256 5.03 42.94 -21.65
N ALA O 257 4.73 44.21 -21.36
CA ALA O 257 3.46 44.84 -21.66
C ALA O 257 3.11 44.70 -23.14
N HIS O 258 4.07 45.08 -23.99
CA HIS O 258 3.89 45.01 -25.44
C HIS O 258 3.66 43.60 -25.98
N ILE O 259 4.39 42.64 -25.44
CA ILE O 259 4.42 41.33 -26.03
C ILE O 259 3.13 40.65 -25.67
N LEU O 260 2.70 40.82 -24.41
CA LEU O 260 1.47 40.22 -23.88
C LEU O 260 0.23 40.89 -24.43
N LEU O 261 0.40 42.07 -25.01
CA LEU O 261 -0.73 42.83 -25.52
C LEU O 261 -0.89 42.62 -27.01
N VAL O 262 0.23 42.45 -27.68
CA VAL O 262 0.14 42.24 -29.09
C VAL O 262 0.00 40.76 -29.43
N ALA O 263 0.91 39.90 -28.92
CA ALA O 263 0.93 38.50 -29.34
C ALA O 263 -0.40 37.82 -29.03
N GLY O 264 -0.86 38.02 -27.80
CA GLY O 264 -2.20 37.62 -27.41
C GLY O 264 -3.22 38.63 -27.90
N HIS O 265 -3.23 38.83 -29.22
CA HIS O 265 -4.30 39.55 -29.93
C HIS O 265 -4.44 39.07 -31.37
N GLU O 266 -3.50 39.43 -32.25
CA GLU O 266 -3.58 39.14 -33.69
C GLU O 266 -3.64 37.64 -33.99
N THR O 267 -2.93 36.87 -33.18
CA THR O 267 -2.99 35.43 -33.26
C THR O 267 -4.39 34.90 -32.95
N THR O 268 -4.89 35.22 -31.76
CA THR O 268 -6.23 34.81 -31.31
C THR O 268 -7.35 35.31 -32.24
N VAL O 269 -7.28 36.58 -32.66
CA VAL O 269 -8.27 37.15 -33.56
C VAL O 269 -8.42 36.26 -34.75
N ASN O 270 -7.28 35.88 -35.31
CA ASN O 270 -7.27 35.10 -36.51
C ASN O 270 -7.61 33.64 -36.33
N LEU O 271 -7.12 33.02 -35.27
CA LEU O 271 -7.51 31.65 -35.05
C LEU O 271 -9.03 31.55 -35.21
N ILE O 272 -9.76 32.42 -34.53
CA ILE O 272 -11.21 32.31 -34.49
C ILE O 272 -11.82 32.43 -35.88
N ALA O 273 -11.44 33.49 -36.59
CA ALA O 273 -11.83 33.67 -37.97
C ALA O 273 -11.47 32.45 -38.84
N ASN O 274 -10.18 32.14 -38.91
CA ASN O 274 -9.65 31.08 -39.77
C ASN O 274 -10.35 29.76 -39.49
N GLY O 275 -10.46 29.44 -38.21
CA GLY O 275 -11.07 28.21 -37.78
C GLY O 275 -12.51 28.10 -38.18
N MET O 276 -13.25 29.21 -38.06
CA MET O 276 -14.68 29.22 -38.37
C MET O 276 -14.96 29.20 -39.88
N TYR O 277 -14.06 29.81 -40.66
CA TYR O 277 -14.10 29.67 -42.12
C TYR O 277 -14.10 28.18 -42.44
N ALA O 278 -13.05 27.50 -42.00
CA ALA O 278 -12.90 26.05 -42.11
C ALA O 278 -14.17 25.31 -41.75
N LEU O 279 -14.59 25.48 -40.50
CA LEU O 279 -15.73 24.76 -39.96
C LEU O 279 -16.99 24.98 -40.79
N LEU O 280 -17.09 26.16 -41.40
CA LEU O 280 -18.26 26.53 -42.20
C LEU O 280 -18.07 26.31 -43.70
N SER O 281 -16.82 26.37 -44.17
CA SER O 281 -16.50 26.05 -45.57
C SER O 281 -16.52 24.53 -45.84
N HIS O 282 -16.42 23.74 -44.77
CA HIS O 282 -16.53 22.29 -44.83
C HIS O 282 -17.83 21.86 -44.08
N PRO O 283 -18.98 21.85 -44.79
CA PRO O 283 -20.30 21.67 -44.19
C PRO O 283 -20.64 20.20 -43.90
N ASP O 284 -19.69 19.51 -43.31
CA ASP O 284 -19.91 18.15 -42.84
C ASP O 284 -19.09 17.97 -41.56
N GLN O 285 -18.01 18.76 -41.43
CA GLN O 285 -17.28 18.82 -40.17
C GLN O 285 -18.13 19.54 -39.15
N LEU O 286 -18.65 20.71 -39.53
CA LEU O 286 -19.63 21.44 -38.75
C LEU O 286 -20.76 20.53 -38.25
N ALA O 287 -21.43 19.87 -39.20
CA ALA O 287 -22.55 18.97 -38.92
C ALA O 287 -22.28 17.99 -37.76
N ALA O 288 -21.04 17.50 -37.68
CA ALA O 288 -20.63 16.54 -36.66
C ALA O 288 -20.37 17.18 -35.30
N LEU O 289 -19.85 18.41 -35.30
CA LEU O 289 -19.60 19.15 -34.06
C LEU O 289 -20.91 19.47 -33.36
N ARG O 290 -21.94 19.81 -34.17
CA ARG O 290 -23.28 20.11 -33.71
C ARG O 290 -23.85 18.90 -32.94
N ALA O 291 -23.72 17.74 -33.57
CA ALA O 291 -24.17 16.46 -33.02
C ALA O 291 -23.51 16.09 -31.69
N ASP O 292 -22.22 15.74 -31.74
CA ASP O 292 -21.43 15.42 -30.53
C ASP O 292 -20.52 16.59 -30.18
N MET O 293 -20.98 17.47 -29.30
CA MET O 293 -20.19 18.62 -28.87
C MET O 293 -18.85 18.31 -28.15
N THR O 294 -18.69 17.10 -27.61
CA THR O 294 -17.42 16.69 -26.97
C THR O 294 -16.25 16.95 -27.89
N LEU O 295 -16.55 17.08 -29.18
CA LEU O 295 -15.54 17.21 -30.23
C LEU O 295 -14.93 18.61 -30.35
N LEU O 296 -15.48 19.57 -29.62
CA LEU O 296 -15.02 20.94 -29.71
C LEU O 296 -13.50 21.09 -29.53
N ASP O 297 -12.94 20.33 -28.61
CA ASP O 297 -11.52 20.43 -28.33
C ASP O 297 -10.66 19.96 -29.52
N GLY O 298 -11.01 18.80 -30.08
CA GLY O 298 -10.32 18.32 -31.27
C GLY O 298 -10.54 19.27 -32.42
N ALA O 299 -11.75 19.83 -32.48
CA ALA O 299 -12.12 20.78 -33.53
C ALA O 299 -11.20 21.98 -33.52
N VAL O 300 -10.95 22.55 -32.33
CA VAL O 300 -10.09 23.71 -32.22
C VAL O 300 -8.67 23.32 -32.53
N GLU O 301 -8.24 22.19 -32.00
CA GLU O 301 -6.93 21.66 -32.34
C GLU O 301 -6.79 21.47 -33.85
N GLU O 302 -7.88 21.17 -34.53
CA GLU O 302 -7.79 20.94 -35.95
C GLU O 302 -7.72 22.25 -36.71
N MET O 303 -8.38 23.26 -36.18
CA MET O 303 -8.36 24.59 -36.76
C MET O 303 -6.96 25.20 -36.72
N LEU O 304 -6.21 24.87 -35.66
CA LEU O 304 -4.81 25.30 -35.44
C LEU O 304 -3.82 24.54 -36.32
N ARG O 305 -4.10 23.26 -36.53
CA ARG O 305 -3.36 22.41 -37.43
C ARG O 305 -3.59 22.81 -38.89
N TYR O 306 -4.87 22.82 -39.31
CA TYR O 306 -5.27 22.98 -40.71
C TYR O 306 -5.06 24.37 -41.27
N GLU O 307 -5.63 25.37 -40.60
CA GLU O 307 -5.43 26.75 -41.02
C GLU O 307 -5.06 27.66 -39.84
N GLY O 308 -3.90 27.40 -39.24
CA GLY O 308 -3.44 28.14 -38.05
C GLY O 308 -3.15 29.59 -38.39
N PRO O 309 -3.15 30.49 -37.40
CA PRO O 309 -2.98 31.92 -37.72
C PRO O 309 -1.56 32.31 -38.06
N VAL O 310 -0.59 31.63 -37.45
CA VAL O 310 0.81 31.92 -37.66
C VAL O 310 1.38 31.05 -38.79
N GLU O 311 1.44 31.62 -39.99
CA GLU O 311 2.01 30.99 -41.19
C GLU O 311 3.49 30.59 -41.00
N SER O 312 4.24 31.48 -40.34
CA SER O 312 5.65 31.28 -40.05
C SER O 312 6.06 31.83 -38.69
N ALA O 313 7.14 31.29 -38.15
CA ALA O 313 7.64 31.66 -36.82
C ALA O 313 8.36 32.98 -36.87
N THR O 314 8.68 33.54 -35.70
CA THR O 314 9.40 34.81 -35.66
C THR O 314 10.85 34.64 -36.11
N TYR O 315 11.57 35.75 -36.14
CA TYR O 315 12.90 35.81 -36.71
C TYR O 315 13.95 35.04 -35.89
N ARG O 316 14.71 34.20 -36.57
CA ARG O 316 15.76 33.40 -35.95
C ARG O 316 17.09 33.63 -36.66
N PHE O 317 18.18 33.61 -35.90
CA PHE O 317 19.52 33.94 -36.44
C PHE O 317 20.57 32.92 -35.99
N PRO O 318 21.22 32.23 -36.95
CA PRO O 318 22.25 31.27 -36.60
C PRO O 318 23.43 31.92 -35.90
N VAL O 319 23.84 31.31 -34.79
CA VAL O 319 24.99 31.80 -34.04
C VAL O 319 26.28 31.49 -34.81
N GLU O 320 26.42 30.25 -35.29
CA GLU O 320 27.45 29.86 -36.23
C GLU O 320 26.72 29.37 -37.49
N PRO O 321 27.38 29.41 -38.66
CA PRO O 321 26.66 28.88 -39.84
C PRO O 321 26.01 27.53 -39.52
N VAL O 322 24.78 27.30 -39.99
CA VAL O 322 24.17 25.97 -39.82
C VAL O 322 23.81 25.32 -41.17
N ASP O 323 24.45 24.18 -41.44
CA ASP O 323 24.13 23.39 -42.62
C ASP O 323 22.90 22.51 -42.38
N LEU O 324 21.83 22.77 -43.12
CA LEU O 324 20.64 21.93 -43.11
C LEU O 324 20.56 21.11 -44.37
N ASP O 325 20.96 19.86 -44.26
CA ASP O 325 20.89 18.85 -45.33
C ASP O 325 21.42 19.32 -46.70
N GLY O 326 22.58 19.97 -46.69
CA GLY O 326 23.18 20.53 -47.90
C GLY O 326 23.19 22.05 -47.88
N THR O 327 22.04 22.66 -47.63
CA THR O 327 21.88 24.11 -47.64
C THR O 327 22.60 24.75 -46.45
N VAL O 328 23.43 25.76 -46.72
CA VAL O 328 24.21 26.37 -45.63
C VAL O 328 23.81 27.83 -45.33
N ILE O 329 22.96 28.01 -44.33
CA ILE O 329 22.47 29.33 -43.95
C ILE O 329 23.50 30.05 -43.08
N PRO O 330 23.99 31.21 -43.55
CA PRO O 330 25.07 31.92 -42.90
C PRO O 330 24.70 32.41 -41.53
N ALA O 331 25.65 32.32 -40.61
CA ALA O 331 25.60 33.01 -39.32
C ALA O 331 25.00 34.40 -39.46
N GLY O 332 24.04 34.72 -38.59
CA GLY O 332 23.46 36.05 -38.56
C GLY O 332 22.24 36.32 -39.42
N ASP O 333 22.09 35.56 -40.51
CA ASP O 333 20.93 35.71 -41.40
C ASP O 333 19.59 35.44 -40.70
N THR O 334 18.52 35.99 -41.25
CA THR O 334 17.19 35.81 -40.71
C THR O 334 16.58 34.52 -41.25
N VAL O 335 15.79 33.86 -40.41
CA VAL O 335 15.26 32.56 -40.74
C VAL O 335 13.82 32.43 -40.26
N LEU O 336 12.91 32.15 -41.20
CA LEU O 336 11.51 31.82 -40.86
C LEU O 336 11.26 30.31 -40.90
N VAL O 337 10.86 29.71 -39.79
CA VAL O 337 10.37 28.34 -39.79
C VAL O 337 8.91 28.33 -40.30
N VAL O 338 8.63 27.63 -41.39
CA VAL O 338 7.30 27.66 -41.98
C VAL O 338 6.39 26.60 -41.38
N LEU O 339 5.59 27.02 -40.41
CA LEU O 339 4.66 26.12 -39.72
C LEU O 339 3.50 25.70 -40.61
N ALA O 340 2.99 26.65 -41.41
CA ALA O 340 1.92 26.35 -42.35
C ALA O 340 2.32 25.14 -43.17
N ASP O 341 3.53 25.18 -43.74
CA ASP O 341 3.97 24.08 -44.56
C ASP O 341 4.35 22.86 -43.78
N ALA O 342 4.78 23.04 -42.55
CA ALA O 342 5.09 21.91 -41.68
C ALA O 342 3.84 21.09 -41.38
N HIS O 343 2.70 21.77 -41.35
CA HIS O 343 1.43 21.11 -41.04
C HIS O 343 0.85 20.41 -42.26
N ARG O 344 1.50 20.61 -43.40
CA ARG O 344 1.07 20.03 -44.67
C ARG O 344 2.01 18.91 -45.11
N THR O 345 2.98 18.60 -44.25
CA THR O 345 3.91 17.51 -44.50
C THR O 345 3.14 16.18 -44.36
N PRO O 346 2.91 15.50 -45.51
CA PRO O 346 1.97 14.38 -45.57
C PRO O 346 2.46 13.12 -44.86
N GLU O 347 3.78 12.95 -44.76
CA GLU O 347 4.37 11.93 -43.90
C GLU O 347 3.93 12.09 -42.44
N ARG O 348 3.68 13.33 -42.03
CA ARG O 348 3.37 13.62 -40.62
C ARG O 348 1.85 13.84 -40.37
N PHE O 349 1.16 14.41 -41.34
CA PHE O 349 -0.30 14.52 -41.30
C PHE O 349 -0.86 13.89 -42.58
N PRO O 350 -1.54 12.72 -42.44
CA PRO O 350 -2.05 11.98 -43.61
C PRO O 350 -3.20 12.74 -44.24
N ASP O 351 -3.15 12.90 -45.57
CA ASP O 351 -4.18 13.67 -46.30
C ASP O 351 -4.25 15.12 -45.75
N PRO O 352 -3.10 15.85 -45.77
CA PRO O 352 -3.03 17.13 -45.05
C PRO O 352 -3.99 18.24 -45.53
N HIS O 353 -4.46 18.17 -46.77
CA HIS O 353 -5.37 19.16 -47.33
C HIS O 353 -6.78 19.03 -46.78
N ARG O 354 -7.01 17.95 -46.05
CA ARG O 354 -8.34 17.62 -45.57
C ARG O 354 -8.51 18.11 -44.14
N PHE O 355 -9.37 19.09 -43.93
CA PHE O 355 -9.71 19.53 -42.59
C PHE O 355 -10.58 18.46 -41.91
N ASP O 356 -10.07 17.84 -40.84
CA ASP O 356 -10.86 16.85 -40.11
C ASP O 356 -10.77 17.03 -38.61
N ILE O 357 -11.92 17.24 -37.97
CA ILE O 357 -11.96 17.53 -36.53
C ILE O 357 -11.71 16.31 -35.59
N ARG O 358 -11.79 15.10 -36.11
CA ARG O 358 -11.52 13.89 -35.29
C ARG O 358 -10.07 13.41 -35.38
N ARG O 359 -9.32 13.90 -36.38
CA ARG O 359 -7.92 13.49 -36.64
C ARG O 359 -6.94 13.71 -35.47
N ASP O 360 -5.80 13.01 -35.51
CA ASP O 360 -4.78 13.22 -34.49
C ASP O 360 -3.97 14.49 -34.76
N THR O 361 -4.20 15.50 -33.92
CA THR O 361 -3.54 16.80 -34.01
C THR O 361 -2.34 16.87 -33.08
N ALA O 362 -2.18 15.84 -32.25
CA ALA O 362 -1.13 15.80 -31.25
C ALA O 362 0.25 15.95 -31.89
N GLY O 363 0.90 17.06 -31.58
CA GLY O 363 2.23 17.30 -32.07
C GLY O 363 2.34 18.39 -33.10
N HIS O 364 1.23 19.08 -33.37
CA HIS O 364 1.28 20.24 -34.28
C HIS O 364 2.21 21.32 -33.75
N LEU O 365 2.51 22.27 -34.62
CA LEU O 365 3.44 23.32 -34.30
C LEU O 365 2.80 24.71 -34.15
N ALA O 366 1.47 24.80 -34.16
CA ALA O 366 0.76 26.09 -34.09
C ALA O 366 1.28 27.06 -33.03
N PHE O 367 1.66 26.54 -31.88
CA PHE O 367 2.13 27.36 -30.77
C PHE O 367 3.64 27.22 -30.60
N GLY O 368 4.34 26.92 -31.71
CA GLY O 368 5.81 26.74 -31.71
C GLY O 368 6.29 25.46 -31.04
N HIS O 369 7.53 25.50 -30.51
CA HIS O 369 8.16 24.30 -29.89
C HIS O 369 9.53 24.58 -29.22
N GLY O 370 9.78 23.96 -28.07
CA GLY O 370 11.01 24.20 -27.30
C GLY O 370 10.88 25.42 -26.36
N ILE O 371 12.00 26.03 -25.98
CA ILE O 371 11.92 27.04 -24.90
C ILE O 371 10.97 28.24 -25.17
N HIS O 372 10.59 28.51 -26.42
CA HIS O 372 9.65 29.61 -26.69
C HIS O 372 8.20 29.23 -26.97
N PHE O 373 7.80 28.02 -26.55
CA PHE O 373 6.42 27.54 -26.67
C PHE O 373 5.42 28.50 -26.05
N CYS O 374 4.58 29.06 -26.91
CA CYS O 374 3.49 29.96 -26.51
C CYS O 374 3.10 29.89 -25.03
N ILE O 375 3.47 30.93 -24.29
CA ILE O 375 3.06 31.04 -22.90
C ILE O 375 1.55 31.21 -22.81
N GLY O 376 0.94 31.63 -23.91
CA GLY O 376 -0.47 32.00 -23.89
C GLY O 376 -1.40 30.97 -24.49
N ALA O 377 -0.86 29.81 -24.83
CA ALA O 377 -1.68 28.74 -25.39
C ALA O 377 -2.97 28.44 -24.59
N PRO O 378 -2.86 28.16 -23.29
CA PRO O 378 -4.10 27.87 -22.61
C PRO O 378 -5.11 29.02 -22.65
N LEU O 379 -4.65 30.24 -22.91
CA LEU O 379 -5.61 31.35 -22.95
C LEU O 379 -6.34 31.35 -24.28
N ALA O 380 -5.60 31.15 -25.36
CA ALA O 380 -6.22 31.21 -26.67
C ALA O 380 -7.20 30.06 -26.87
N ARG O 381 -6.80 28.88 -26.44
CA ARG O 381 -7.71 27.74 -26.40
C ARG O 381 -9.02 27.96 -25.64
N LEU O 382 -8.96 28.52 -24.43
CA LEU O 382 -10.18 28.85 -23.72
C LEU O 382 -11.03 29.81 -24.55
N GLU O 383 -10.40 30.85 -25.07
CA GLU O 383 -11.11 31.84 -25.84
C GLU O 383 -11.71 31.17 -27.05
N ALA O 384 -10.84 30.70 -27.93
CA ALA O 384 -11.28 30.02 -29.12
C ALA O 384 -12.46 29.07 -28.83
N ARG O 385 -12.36 28.22 -27.82
CA ARG O 385 -13.45 27.27 -27.49
C ARG O 385 -14.80 27.94 -27.13
N ILE O 386 -14.77 28.99 -26.34
CA ILE O 386 -16.02 29.64 -25.97
C ILE O 386 -16.64 30.30 -27.21
N ALA O 387 -15.79 30.91 -28.03
CA ALA O 387 -16.21 31.54 -29.27
C ALA O 387 -16.99 30.55 -30.15
N VAL O 388 -16.37 29.38 -30.42
CA VAL O 388 -16.93 28.36 -31.30
C VAL O 388 -18.24 27.78 -30.79
N ARG O 389 -18.24 27.31 -29.55
CA ARG O 389 -19.41 26.74 -28.91
C ARG O 389 -20.60 27.71 -28.96
N ALA O 390 -20.35 28.98 -28.58
CA ALA O 390 -21.38 30.04 -28.61
C ALA O 390 -22.02 30.27 -29.98
N LEU O 391 -21.19 30.58 -30.98
CA LEU O 391 -21.65 30.73 -32.36
C LEU O 391 -22.58 29.62 -32.77
N LEU O 392 -22.15 28.39 -32.51
CA LEU O 392 -22.89 27.19 -32.89
C LEU O 392 -24.07 26.87 -32.01
N GLU O 393 -24.27 27.61 -30.92
CA GLU O 393 -25.46 27.38 -30.10
C GLU O 393 -26.40 28.56 -29.97
N ARG O 394 -25.98 29.72 -30.46
CA ARG O 394 -26.89 30.86 -30.58
C ARG O 394 -27.33 31.06 -32.03
N CYS O 395 -26.62 30.41 -32.95
CA CYS O 395 -26.99 30.40 -34.37
C CYS O 395 -26.86 29.00 -34.98
N PRO O 396 -28.00 28.27 -35.06
CA PRO O 396 -27.98 27.11 -35.92
C PRO O 396 -28.18 27.58 -37.37
N ASP O 397 -27.91 26.69 -38.33
CA ASP O 397 -28.02 27.00 -39.77
C ASP O 397 -26.99 28.05 -40.18
N LEU O 398 -25.91 28.16 -39.41
CA LEU O 398 -24.88 29.15 -39.65
C LEU O 398 -24.08 28.79 -40.89
N ALA O 399 -24.06 29.73 -41.83
CA ALA O 399 -23.39 29.56 -43.13
C ALA O 399 -22.55 30.79 -43.47
N LEU O 400 -21.71 30.67 -44.48
CA LEU O 400 -20.99 31.83 -44.97
C LEU O 400 -21.94 32.69 -45.81
N ASP O 401 -21.69 34.00 -45.81
CA ASP O 401 -22.46 34.92 -46.65
C ASP O 401 -21.57 35.38 -47.81
N VAL O 402 -21.36 34.45 -48.74
CA VAL O 402 -20.62 34.65 -50.00
C VAL O 402 -19.55 33.58 -50.12
N SER O 403 -19.38 33.10 -51.35
CA SER O 403 -18.49 31.97 -51.70
C SER O 403 -17.06 32.15 -51.21
N PRO O 404 -16.38 31.02 -50.86
CA PRO O 404 -14.93 31.05 -50.63
C PRO O 404 -14.12 31.65 -51.81
N GLY O 405 -14.75 31.74 -52.99
CA GLY O 405 -14.15 32.35 -54.17
C GLY O 405 -13.85 33.83 -54.03
N GLU O 406 -14.82 34.57 -53.48
CA GLU O 406 -14.71 36.03 -53.33
C GLU O 406 -14.24 36.50 -51.93
N LEU O 407 -13.20 35.85 -51.39
CA LEU O 407 -12.64 36.20 -50.07
C LEU O 407 -11.36 37.04 -50.14
N VAL O 408 -10.98 37.62 -49.01
CA VAL O 408 -9.81 38.49 -48.96
C VAL O 408 -8.91 38.16 -47.76
N TRP O 409 -7.69 37.69 -48.07
CA TRP O 409 -6.66 37.40 -47.08
C TRP O 409 -5.58 38.47 -47.14
N TYR O 410 -5.04 38.83 -45.97
CA TYR O 410 -3.93 39.79 -45.91
C TYR O 410 -2.68 39.14 -46.48
N PRO O 411 -1.87 39.91 -47.22
CA PRO O 411 -0.70 39.33 -47.90
C PRO O 411 0.46 38.94 -46.98
N ASN O 412 0.48 39.44 -45.75
CA ASN O 412 1.49 39.08 -44.74
C ASN O 412 2.03 37.63 -44.78
N PRO O 413 3.37 37.47 -44.70
CA PRO O 413 3.98 36.14 -44.81
C PRO O 413 4.00 35.37 -43.48
N MET O 414 4.16 36.09 -42.38
CA MET O 414 4.27 35.50 -41.05
C MET O 414 2.90 35.15 -40.51
N ILE O 415 1.89 35.97 -40.82
CA ILE O 415 0.51 35.75 -40.33
C ILE O 415 -0.43 35.29 -41.43
N ARG O 416 -1.43 34.51 -41.03
CA ARG O 416 -2.46 33.98 -41.91
C ARG O 416 -3.82 34.60 -41.54
N GLY O 417 -4.06 35.83 -42.02
CA GLY O 417 -5.25 36.59 -41.61
C GLY O 417 -6.31 36.74 -42.67
N LEU O 418 -7.53 37.06 -42.25
CA LEU O 418 -8.58 37.45 -43.18
C LEU O 418 -8.82 38.95 -43.04
N LYS O 419 -9.24 39.59 -44.13
CA LYS O 419 -9.65 41.00 -44.09
C LYS O 419 -11.06 41.09 -43.49
N ALA O 420 -11.86 40.07 -43.80
CA ALA O 420 -13.25 39.98 -43.38
C ALA O 420 -13.84 38.65 -43.82
N LEU O 421 -14.81 38.18 -43.03
CA LEU O 421 -15.44 36.87 -43.20
C LEU O 421 -16.92 36.97 -42.83
N PRO O 422 -17.78 37.46 -43.76
CA PRO O 422 -19.20 37.65 -43.46
C PRO O 422 -19.99 36.32 -43.43
N ILE O 423 -20.98 36.25 -42.54
CA ILE O 423 -21.76 35.02 -42.29
C ILE O 423 -23.22 35.35 -42.09
N ARG O 424 -24.08 34.32 -42.08
CA ARG O 424 -25.52 34.50 -41.87
C ARG O 424 -26.13 33.40 -41.00
N TRP O 425 -27.37 33.61 -40.54
CA TRP O 425 -28.11 32.62 -39.71
C TRP O 425 -29.63 32.59 -40.00
N ARG O 426 -30.42 32.17 -39.02
CA ARG O 426 -31.90 32.10 -39.13
C ARG O 426 -32.55 33.49 -39.25
N SER P 31 38.53 -10.05 -85.36
CA SER P 31 38.28 -8.74 -86.01
C SER P 31 36.87 -8.64 -86.63
N PRO P 32 36.56 -9.45 -87.68
CA PRO P 32 35.26 -9.32 -88.33
C PRO P 32 34.14 -10.22 -87.76
N PRO P 33 33.11 -9.63 -87.11
CA PRO P 33 31.92 -10.40 -86.67
C PRO P 33 30.96 -10.68 -87.83
N VAL P 34 30.54 -11.93 -87.97
CA VAL P 34 29.87 -12.40 -89.21
C VAL P 34 28.36 -12.23 -89.31
N LEU P 35 27.70 -11.97 -88.17
CA LEU P 35 26.25 -11.66 -88.15
C LEU P 35 25.86 -10.36 -87.40
N ASP P 36 24.79 -9.74 -87.91
CA ASP P 36 24.27 -8.46 -87.41
C ASP P 36 22.73 -8.51 -87.35
N LEU P 37 22.19 -8.75 -86.15
CA LEU P 37 20.75 -8.95 -85.95
C LEU P 37 19.89 -7.71 -86.14
N GLY P 38 20.46 -6.55 -85.88
CA GLY P 38 19.75 -5.28 -85.97
C GLY P 38 19.30 -4.88 -87.37
N ALA P 39 19.74 -5.63 -88.37
CA ALA P 39 19.41 -5.35 -89.77
C ALA P 39 18.24 -6.20 -90.28
N LEU P 40 17.49 -6.77 -89.34
CA LEU P 40 16.41 -7.69 -89.66
C LEU P 40 15.02 -7.13 -89.29
N GLY P 41 14.99 -5.95 -88.67
CA GLY P 41 13.76 -5.20 -88.43
C GLY P 41 12.88 -5.68 -87.29
N GLN P 42 11.57 -5.73 -87.53
CA GLN P 42 10.57 -6.21 -86.57
C GLN P 42 10.20 -7.68 -86.80
N ASP P 43 10.29 -8.11 -88.05
CA ASP P 43 9.96 -9.48 -88.46
C ASP P 43 10.82 -10.50 -87.71
N PHE P 44 11.98 -10.03 -87.23
CA PHE P 44 12.87 -10.78 -86.33
C PHE P 44 12.31 -10.86 -84.90
N ALA P 45 12.01 -9.70 -84.30
CA ALA P 45 11.59 -9.63 -82.89
C ALA P 45 10.22 -10.26 -82.62
N ALA P 46 9.40 -10.34 -83.66
CA ALA P 46 8.09 -10.98 -83.60
C ALA P 46 8.21 -12.50 -83.65
N ASP P 47 9.25 -12.99 -84.32
CA ASP P 47 9.37 -14.41 -84.69
C ASP P 47 10.86 -14.79 -84.85
N PRO P 48 11.62 -14.83 -83.73
CA PRO P 48 13.08 -14.96 -83.81
C PRO P 48 13.63 -16.39 -83.83
N TYR P 49 12.75 -17.38 -83.78
CA TYR P 49 13.16 -18.79 -83.65
C TYR P 49 13.79 -19.43 -84.91
N PRO P 50 13.29 -19.09 -86.13
CA PRO P 50 13.91 -19.66 -87.34
C PRO P 50 15.31 -19.09 -87.67
N THR P 51 15.70 -18.03 -86.96
CA THR P 51 17.04 -17.43 -87.07
C THR P 51 18.00 -18.16 -86.16
N TYR P 52 17.54 -18.43 -84.93
CA TYR P 52 18.31 -19.19 -83.95
C TYR P 52 18.49 -20.63 -84.42
N ALA P 53 17.45 -21.19 -85.04
CA ALA P 53 17.54 -22.48 -85.68
C ALA P 53 18.84 -22.58 -86.48
N ARG P 54 19.15 -21.49 -87.18
CA ARG P 54 20.26 -21.46 -88.13
C ARG P 54 21.63 -21.50 -87.46
N LEU P 55 21.88 -20.61 -86.51
CA LEU P 55 23.17 -20.58 -85.80
C LEU P 55 23.51 -21.91 -85.11
N ARG P 56 22.48 -22.57 -84.57
CA ARG P 56 22.64 -23.87 -83.93
C ARG P 56 23.17 -24.86 -84.94
N ALA P 57 22.51 -24.91 -86.10
CA ALA P 57 22.92 -25.77 -87.21
C ALA P 57 24.36 -25.51 -87.68
N GLU P 58 24.81 -24.26 -87.59
CA GLU P 58 26.18 -23.88 -87.96
C GLU P 58 27.22 -24.27 -86.91
N GLY P 59 26.83 -24.22 -85.64
CA GLY P 59 27.72 -24.58 -84.54
C GLY P 59 27.27 -24.08 -83.19
N PRO P 60 28.23 -23.86 -82.28
CA PRO P 60 27.93 -23.49 -80.90
C PRO P 60 27.81 -21.97 -80.65
N ALA P 61 28.92 -21.23 -80.80
CA ALA P 61 28.98 -19.82 -80.39
C ALA P 61 29.18 -18.83 -81.54
N HIS P 62 28.32 -17.82 -81.60
CA HIS P 62 28.21 -16.96 -82.78
C HIS P 62 28.13 -15.46 -82.49
N ARG P 63 29.16 -14.74 -82.95
CA ARG P 63 29.24 -13.28 -82.91
C ARG P 63 28.03 -12.62 -83.57
N VAL P 64 27.39 -11.69 -82.85
CA VAL P 64 26.25 -10.93 -83.39
C VAL P 64 26.32 -9.44 -83.06
N ARG P 65 25.29 -8.71 -83.46
CA ARG P 65 25.14 -7.31 -83.13
C ARG P 65 23.70 -7.10 -82.65
N THR P 66 23.54 -6.55 -81.45
CA THR P 66 22.21 -6.35 -80.83
C THR P 66 21.48 -5.19 -81.49
N PRO P 67 20.23 -5.42 -81.96
CA PRO P 67 19.46 -4.39 -82.68
C PRO P 67 19.53 -2.97 -82.09
N GLU P 68 19.96 -2.84 -80.83
CA GLU P 68 20.10 -1.52 -80.18
C GLU P 68 21.54 -1.06 -79.81
N GLY P 69 22.55 -1.59 -80.51
CA GLY P 69 23.93 -1.07 -80.39
C GLY P 69 25.11 -2.02 -80.18
N ASN P 70 25.21 -2.62 -78.99
CA ASN P 70 26.39 -3.37 -78.54
C ASN P 70 26.63 -4.71 -79.23
N GLU P 71 27.85 -5.23 -79.12
CA GLU P 71 28.31 -6.45 -79.83
C GLU P 71 28.53 -7.59 -78.87
N VAL P 72 27.93 -8.76 -79.15
CA VAL P 72 28.03 -9.91 -78.23
C VAL P 72 28.11 -11.28 -78.90
N TRP P 73 28.66 -12.23 -78.16
CA TRP P 73 28.60 -13.64 -78.50
C TRP P 73 27.25 -14.18 -78.11
N LEU P 74 26.76 -15.13 -78.90
CA LEU P 74 25.55 -15.85 -78.55
C LEU P 74 25.89 -17.32 -78.38
N VAL P 75 25.20 -17.99 -77.46
CA VAL P 75 25.30 -19.45 -77.31
C VAL P 75 23.99 -20.13 -77.75
N VAL P 76 24.11 -21.20 -78.56
CA VAL P 76 22.94 -22.02 -78.90
C VAL P 76 23.17 -23.53 -78.82
N GLY P 77 22.06 -24.27 -78.81
CA GLY P 77 22.05 -25.73 -78.62
C GLY P 77 21.72 -26.00 -77.17
N TYR P 78 20.64 -26.74 -76.92
CA TYR P 78 20.18 -27.00 -75.55
C TYR P 78 21.32 -27.40 -74.62
N ASP P 79 22.08 -28.43 -75.01
CA ASP P 79 23.07 -29.06 -74.14
C ASP P 79 24.21 -28.12 -73.77
N ARG P 80 24.81 -27.49 -74.79
CA ARG P 80 25.76 -26.40 -74.58
C ARG P 80 25.11 -25.29 -73.76
N ALA P 81 23.83 -25.04 -74.03
CA ALA P 81 23.07 -24.02 -73.32
C ALA P 81 22.92 -24.35 -71.85
N ARG P 82 22.76 -25.63 -71.52
CA ARG P 82 22.79 -26.04 -70.13
C ARG P 82 24.19 -25.88 -69.57
N ALA P 83 25.19 -26.25 -70.37
CA ALA P 83 26.59 -26.29 -69.96
C ALA P 83 27.20 -24.92 -69.55
N VAL P 84 27.16 -23.94 -70.45
CA VAL P 84 27.75 -22.63 -70.16
C VAL P 84 26.98 -21.90 -69.07
N LEU P 85 25.73 -22.27 -68.85
CA LEU P 85 24.95 -21.72 -67.75
C LEU P 85 25.61 -22.03 -66.42
N ALA P 86 26.10 -23.24 -66.27
CA ALA P 86 26.69 -23.66 -65.00
C ALA P 86 28.22 -23.68 -65.05
N ASP P 87 28.81 -23.36 -66.21
CA ASP P 87 30.27 -23.38 -66.35
C ASP P 87 30.93 -22.24 -65.57
N PRO P 88 31.81 -22.60 -64.61
CA PRO P 88 32.35 -21.61 -63.67
C PRO P 88 33.51 -20.80 -64.24
N ARG P 89 33.98 -21.17 -65.44
CA ARG P 89 34.87 -20.30 -66.22
C ARG P 89 34.07 -19.15 -66.80
N PHE P 90 32.73 -19.29 -66.78
CA PHE P 90 31.85 -18.16 -67.06
C PHE P 90 31.43 -17.33 -65.85
N SER P 91 32.06 -16.18 -65.74
CA SER P 91 31.84 -15.26 -64.65
C SER P 91 30.73 -14.28 -65.01
N LYS P 92 29.96 -13.91 -64.00
CA LYS P 92 28.93 -12.87 -64.15
C LYS P 92 29.36 -11.61 -63.41
N ASP P 93 30.54 -11.66 -62.83
CA ASP P 93 31.15 -10.51 -62.17
C ASP P 93 31.83 -9.60 -63.22
N TRP P 94 31.43 -8.32 -63.25
CA TRP P 94 31.85 -7.40 -64.30
C TRP P 94 33.33 -7.05 -64.30
N ARG P 95 33.98 -7.18 -63.15
CA ARG P 95 35.42 -6.96 -63.02
C ARG P 95 36.20 -7.85 -64.00
N ASN P 96 35.48 -8.76 -64.67
CA ASN P 96 36.03 -9.68 -65.67
C ASN P 96 35.60 -9.39 -67.09
N SER P 97 34.75 -8.37 -67.26
CA SER P 97 34.44 -7.87 -68.60
C SER P 97 35.51 -6.88 -69.06
N THR P 98 35.87 -6.96 -70.33
CA THR P 98 36.67 -5.89 -70.95
C THR P 98 35.76 -4.70 -71.20
N THR P 99 34.45 -4.96 -71.29
CA THR P 99 33.43 -3.91 -71.40
C THR P 99 33.49 -3.06 -70.13
N PRO P 100 33.16 -1.76 -70.24
CA PRO P 100 33.02 -1.00 -69.01
C PRO P 100 31.57 -0.77 -68.61
N LEU P 101 31.36 -0.60 -67.31
CA LEU P 101 30.09 -0.11 -66.79
C LEU P 101 30.11 1.44 -66.69
N THR P 102 29.02 2.08 -67.11
CA THR P 102 28.84 3.50 -66.79
C THR P 102 28.37 3.61 -65.34
N GLU P 103 28.64 4.76 -64.69
CA GLU P 103 28.48 4.91 -63.24
C GLU P 103 27.11 4.55 -62.66
N ALA P 104 26.04 4.73 -63.45
CA ALA P 104 24.70 4.40 -62.99
C ALA P 104 24.40 2.89 -63.07
N GLU P 105 24.95 2.22 -64.08
CA GLU P 105 24.93 0.76 -64.11
C GLU P 105 25.71 0.24 -62.91
N ALA P 106 26.91 0.80 -62.72
CA ALA P 106 27.86 0.36 -61.70
C ALA P 106 27.39 0.58 -60.26
N ALA P 107 26.41 1.45 -60.07
CA ALA P 107 25.89 1.71 -58.74
C ALA P 107 24.89 0.65 -58.32
N LEU P 108 24.41 -0.10 -59.30
CA LEU P 108 23.39 -1.10 -59.08
C LEU P 108 23.86 -2.52 -59.28
N ASN P 109 25.04 -2.73 -59.88
CA ASN P 109 25.50 -4.11 -60.11
C ASN P 109 25.91 -4.92 -58.84
N HIS P 110 25.77 -4.31 -57.67
CA HIS P 110 26.11 -4.99 -56.42
C HIS P 110 25.02 -5.98 -55.97
N ASN P 111 24.72 -6.93 -56.85
CA ASN P 111 23.71 -7.96 -56.58
C ASN P 111 24.21 -9.40 -56.88
N MET P 112 23.40 -10.40 -56.53
CA MET P 112 23.83 -11.80 -56.58
C MET P 112 23.94 -12.28 -57.99
N LEU P 113 23.04 -11.80 -58.84
CA LEU P 113 22.94 -12.24 -60.22
C LEU P 113 24.21 -11.86 -60.96
N GLU P 114 24.77 -10.70 -60.57
CA GLU P 114 26.03 -10.22 -61.14
C GLU P 114 27.18 -10.47 -60.16
N SER P 115 27.16 -11.67 -59.57
CA SER P 115 28.16 -12.09 -58.59
C SER P 115 28.61 -13.52 -58.76
N ASP P 116 29.83 -13.76 -58.32
CA ASP P 116 30.36 -15.09 -58.20
C ASP P 116 30.76 -15.34 -56.74
N PRO P 117 31.06 -16.61 -56.39
CA PRO P 117 31.53 -17.00 -55.05
C PRO P 117 32.87 -16.33 -54.71
N PRO P 118 33.08 -15.94 -53.43
CA PRO P 118 32.20 -16.05 -52.25
C PRO P 118 31.00 -15.05 -52.21
N ARG P 119 31.17 -13.86 -52.80
CA ARG P 119 30.14 -12.82 -52.80
C ARG P 119 28.73 -13.31 -53.12
N HIS P 120 28.59 -14.10 -54.17
CA HIS P 120 27.28 -14.61 -54.55
C HIS P 120 26.66 -15.51 -53.48
N THR P 121 27.50 -16.21 -52.74
CA THR P 121 27.04 -17.18 -51.75
C THR P 121 26.47 -16.43 -50.55
N ARG P 122 27.23 -15.45 -50.06
CA ARG P 122 26.80 -14.54 -48.99
C ARG P 122 25.49 -13.83 -49.33
N LEU P 123 25.44 -13.21 -50.51
CA LEU P 123 24.25 -12.46 -50.93
C LEU P 123 23.00 -13.32 -51.05
N ARG P 124 23.10 -14.55 -51.54
CA ARG P 124 21.89 -15.37 -51.73
C ARG P 124 21.32 -15.82 -50.38
N LYS P 125 22.21 -16.25 -49.47
CA LYS P 125 21.83 -16.74 -48.14
C LYS P 125 20.91 -15.81 -47.34
N LEU P 126 21.10 -14.50 -47.50
CA LEU P 126 20.28 -13.48 -46.86
C LEU P 126 18.80 -13.47 -47.26
N VAL P 127 18.47 -13.89 -48.48
CA VAL P 127 17.07 -13.90 -48.92
C VAL P 127 16.48 -15.30 -49.07
N ALA P 128 17.32 -16.26 -49.41
CA ALA P 128 16.91 -17.64 -49.69
C ALA P 128 15.69 -18.12 -48.88
N ARG P 129 15.77 -18.00 -47.55
CA ARG P 129 14.70 -18.39 -46.64
C ARG P 129 13.29 -17.87 -47.02
N GLU P 130 13.23 -16.65 -47.54
CA GLU P 130 11.95 -15.98 -47.78
C GLU P 130 11.24 -16.44 -49.06
N PHE P 131 11.92 -17.25 -49.87
CA PHE P 131 11.36 -17.64 -51.16
C PHE P 131 11.21 -19.14 -51.33
N THR P 132 11.32 -19.89 -50.24
CA THR P 132 11.03 -21.33 -50.21
C THR P 132 9.58 -21.54 -50.64
N MET P 133 9.28 -22.70 -51.22
CA MET P 133 7.92 -22.97 -51.69
C MET P 133 6.90 -22.90 -50.56
N ARG P 134 7.26 -23.50 -49.42
CA ARG P 134 6.39 -23.55 -48.23
C ARG P 134 6.10 -22.17 -47.63
N ARG P 135 7.04 -21.23 -47.77
CA ARG P 135 6.83 -19.86 -47.30
C ARG P 135 5.84 -19.10 -48.20
N VAL P 136 6.16 -19.13 -49.48
CA VAL P 136 5.31 -18.67 -50.58
C VAL P 136 3.87 -19.13 -50.41
N GLU P 137 3.67 -20.40 -50.08
CA GLU P 137 2.32 -20.94 -49.96
C GLU P 137 1.50 -20.17 -48.94
N LEU P 138 2.17 -19.69 -47.89
CA LEU P 138 1.51 -18.86 -46.87
C LEU P 138 1.05 -17.50 -47.43
N LEU P 139 1.38 -17.22 -48.70
CA LEU P 139 0.92 -15.99 -49.34
C LEU P 139 -0.34 -16.15 -50.20
N ARG P 140 -0.76 -17.40 -50.44
CA ARG P 140 -1.92 -17.70 -51.27
C ARG P 140 -3.11 -16.77 -51.06
N PRO P 141 -3.55 -16.60 -49.80
CA PRO P 141 -4.81 -15.88 -49.59
C PRO P 141 -4.70 -14.38 -49.83
N ARG P 142 -3.49 -13.83 -49.79
CA ARG P 142 -3.27 -12.46 -50.24
C ARG P 142 -3.17 -12.44 -51.77
N VAL P 143 -2.45 -13.40 -52.32
CA VAL P 143 -2.31 -13.52 -53.77
C VAL P 143 -3.67 -13.78 -54.45
N GLN P 144 -4.47 -14.70 -53.89
CA GLN P 144 -5.82 -14.94 -54.38
C GLN P 144 -6.63 -13.65 -54.32
N GLU P 145 -6.61 -13.03 -53.15
CA GLU P 145 -7.34 -11.78 -52.91
C GLU P 145 -7.13 -10.74 -54.01
N ILE P 146 -5.85 -10.47 -54.28
CA ILE P 146 -5.43 -9.43 -55.23
C ILE P 146 -5.96 -9.76 -56.64
N VAL P 147 -6.08 -11.05 -56.94
CA VAL P 147 -6.52 -11.49 -58.26
C VAL P 147 -8.02 -11.35 -58.42
N ASP P 148 -8.79 -11.94 -57.51
CA ASP P 148 -10.24 -11.72 -57.48
C ASP P 148 -10.50 -10.23 -57.58
N GLY P 149 -9.69 -9.46 -56.83
CA GLY P 149 -9.75 -8.00 -56.78
C GLY P 149 -9.61 -7.30 -58.13
N LEU P 150 -8.44 -7.45 -58.75
CA LEU P 150 -8.20 -6.95 -60.09
C LEU P 150 -9.18 -7.49 -61.13
N VAL P 151 -9.42 -8.82 -61.09
CA VAL P 151 -10.35 -9.48 -62.02
C VAL P 151 -11.78 -9.01 -61.85
N ASP P 152 -12.20 -8.75 -60.61
CA ASP P 152 -13.50 -8.15 -60.31
C ASP P 152 -13.74 -6.92 -61.17
N ALA P 153 -12.79 -5.99 -61.12
CA ALA P 153 -12.91 -4.66 -61.71
C ALA P 153 -12.74 -4.65 -63.23
N MET P 154 -12.03 -5.64 -63.76
CA MET P 154 -11.90 -5.80 -65.21
C MET P 154 -13.23 -6.31 -65.79
N LEU P 155 -13.95 -7.11 -65.01
CA LEU P 155 -15.24 -7.66 -65.45
C LEU P 155 -16.36 -6.65 -65.38
N ALA P 156 -16.27 -5.73 -64.42
CA ALA P 156 -17.25 -4.67 -64.30
C ALA P 156 -17.09 -3.58 -65.39
N ALA P 157 -17.12 -4.01 -66.65
CA ALA P 157 -17.08 -3.10 -67.79
C ALA P 157 -18.07 -3.56 -68.86
N PRO P 158 -18.81 -2.62 -69.47
CA PRO P 158 -19.88 -3.00 -70.41
C PRO P 158 -19.36 -3.48 -71.76
N ASP P 159 -18.33 -2.79 -72.27
CA ASP P 159 -17.70 -3.11 -73.55
C ASP P 159 -17.32 -4.60 -73.70
N GLY P 160 -17.27 -5.31 -72.57
CA GLY P 160 -16.82 -6.69 -72.56
C GLY P 160 -15.43 -6.75 -73.16
N ARG P 161 -14.67 -5.67 -72.97
CA ARG P 161 -13.36 -5.48 -73.55
C ARG P 161 -12.36 -5.18 -72.45
N ALA P 162 -11.08 -5.38 -72.73
CA ALA P 162 -10.01 -5.06 -71.78
C ALA P 162 -8.67 -5.38 -72.42
N ASP P 163 -7.62 -4.77 -71.87
CA ASP P 163 -6.26 -5.15 -72.21
C ASP P 163 -5.69 -5.96 -71.05
N LEU P 164 -5.34 -7.21 -71.36
CA LEU P 164 -4.80 -8.14 -70.38
C LEU P 164 -3.59 -7.56 -69.66
N MET P 165 -2.68 -7.01 -70.46
CA MET P 165 -1.45 -6.38 -69.99
C MET P 165 -1.70 -5.29 -68.93
N GLU P 166 -2.73 -4.47 -69.14
CA GLU P 166 -3.02 -3.36 -68.23
C GLU P 166 -3.91 -3.74 -67.07
N SER P 167 -4.78 -4.72 -67.29
CA SER P 167 -5.76 -5.12 -66.27
C SER P 167 -5.25 -6.20 -65.32
N LEU P 168 -4.25 -6.96 -65.77
CA LEU P 168 -3.75 -8.05 -64.93
C LEU P 168 -2.24 -8.29 -64.95
N ALA P 169 -1.66 -8.44 -66.14
CA ALA P 169 -0.27 -8.87 -66.27
C ALA P 169 0.73 -7.99 -65.50
N TRP P 170 0.72 -6.67 -65.74
CA TRP P 170 1.55 -5.72 -64.97
C TRP P 170 1.08 -5.50 -63.51
N PRO P 171 -0.22 -5.22 -63.28
CA PRO P 171 -0.69 -4.89 -61.93
C PRO P 171 -0.52 -5.94 -60.86
N LEU P 172 -0.75 -7.22 -61.17
CA LEU P 172 -0.70 -8.26 -60.13
C LEU P 172 0.68 -8.43 -59.50
N PRO P 173 1.72 -8.72 -60.30
CA PRO P 173 3.04 -8.98 -59.74
C PRO P 173 3.59 -7.80 -58.96
N ILE P 174 3.56 -6.61 -59.56
CA ILE P 174 4.05 -5.38 -58.91
C ILE P 174 3.46 -5.21 -57.53
N THR P 175 2.17 -5.49 -57.37
CA THR P 175 1.52 -5.40 -56.06
C THR P 175 2.14 -6.37 -55.06
N VAL P 176 2.18 -7.64 -55.44
CA VAL P 176 2.63 -8.72 -54.58
C VAL P 176 4.00 -8.42 -54.03
N ILE P 177 4.95 -8.23 -54.94
CA ILE P 177 6.30 -7.88 -54.57
C ILE P 177 6.38 -6.59 -53.74
N SER P 178 5.52 -5.62 -54.07
CA SER P 178 5.53 -4.33 -53.41
C SER P 178 5.21 -4.49 -51.95
N GLU P 179 4.37 -5.46 -51.62
CA GLU P 179 3.98 -5.68 -50.26
C GLU P 179 5.16 -6.22 -49.46
N LEU P 180 5.82 -7.21 -50.03
CA LEU P 180 6.97 -7.88 -49.45
C LEU P 180 8.12 -6.95 -49.14
N LEU P 181 8.40 -6.06 -50.07
CA LEU P 181 9.45 -5.08 -49.85
C LEU P 181 8.91 -3.80 -49.24
N GLY P 182 7.59 -3.71 -49.11
CA GLY P 182 6.94 -2.57 -48.51
C GLY P 182 7.10 -1.29 -49.29
N VAL P 183 6.58 -1.25 -50.52
CA VAL P 183 6.67 -0.07 -51.37
C VAL P 183 5.32 0.64 -51.40
N PRO P 184 5.17 1.75 -50.65
CA PRO P 184 3.87 2.45 -50.59
C PRO P 184 3.13 2.54 -51.93
N GLU P 185 1.84 2.21 -51.91
CA GLU P 185 1.02 2.15 -53.11
C GLU P 185 1.12 3.37 -54.05
N PRO P 186 1.06 4.60 -53.50
CA PRO P 186 1.28 5.79 -54.35
C PRO P 186 2.54 5.71 -55.23
N ASP P 187 3.57 5.01 -54.73
CA ASP P 187 4.89 4.92 -55.38
C ASP P 187 4.99 3.88 -56.51
N ARG P 188 4.08 2.91 -56.51
CA ARG P 188 4.10 1.82 -57.48
C ARG P 188 3.95 2.26 -58.93
N ALA P 189 3.07 3.22 -59.17
CA ALA P 189 2.82 3.75 -60.51
C ALA P 189 4.11 4.06 -61.30
N ALA P 190 5.06 4.74 -60.66
CA ALA P 190 6.31 5.12 -61.31
C ALA P 190 7.19 3.93 -61.71
N PHE P 191 6.72 2.71 -61.42
CA PHE P 191 7.51 1.51 -61.67
C PHE P 191 7.27 0.82 -63.02
N ARG P 192 6.26 1.27 -63.75
CA ARG P 192 6.09 0.86 -65.15
C ARG P 192 6.88 1.79 -66.07
N VAL P 193 6.96 3.07 -65.68
CA VAL P 193 7.75 4.04 -66.43
C VAL P 193 9.22 3.60 -66.41
N TRP P 194 9.78 3.42 -65.21
CA TRP P 194 11.16 2.94 -65.06
C TRP P 194 11.37 1.57 -65.72
N THR P 195 10.30 0.77 -65.77
CA THR P 195 10.33 -0.55 -66.37
C THR P 195 10.45 -0.49 -67.90
N ASP P 196 9.58 0.27 -68.56
CA ASP P 196 9.62 0.41 -70.01
C ASP P 196 11.04 0.68 -70.51
N ALA P 197 11.73 1.59 -69.81
CA ALA P 197 13.02 2.14 -70.25
C ALA P 197 14.08 1.09 -70.60
N PHE P 198 14.34 0.14 -69.70
CA PHE P 198 15.13 -1.02 -70.13
C PHE P 198 14.29 -2.25 -70.55
N VAL P 199 13.50 -2.03 -71.60
CA VAL P 199 12.91 -3.06 -72.45
C VAL P 199 13.05 -2.62 -73.92
N PHE P 200 12.47 -1.45 -74.24
CA PHE P 200 12.73 -0.77 -75.52
C PHE P 200 12.45 0.74 -75.42
N PRO P 201 13.48 1.53 -75.06
CA PRO P 201 13.32 2.96 -74.89
C PRO P 201 13.25 3.72 -76.21
N ASP P 202 13.04 5.04 -76.13
CA ASP P 202 13.15 5.93 -77.29
C ASP P 202 14.60 5.92 -77.79
N ASP P 203 15.52 5.97 -76.82
CA ASP P 203 16.95 5.87 -77.06
C ASP P 203 17.64 5.17 -75.87
N PRO P 204 18.67 4.35 -76.13
CA PRO P 204 19.43 3.67 -75.06
C PRO P 204 19.86 4.57 -73.88
N ALA P 205 19.87 5.89 -74.09
CA ALA P 205 20.20 6.84 -73.03
C ALA P 205 19.07 7.02 -72.02
N GLN P 206 17.82 6.90 -72.48
CA GLN P 206 16.64 6.94 -71.60
C GLN P 206 16.70 5.80 -70.59
N ALA P 207 17.32 4.70 -71.01
CA ALA P 207 17.54 3.53 -70.17
C ALA P 207 18.63 3.77 -69.11
N GLN P 208 19.60 4.62 -69.46
CA GLN P 208 20.62 5.08 -68.53
C GLN P 208 20.03 6.04 -67.49
N THR P 209 19.15 6.95 -67.95
CA THR P 209 18.51 7.92 -67.08
C THR P 209 17.58 7.23 -66.07
N ALA P 210 16.72 6.34 -66.58
CA ALA P 210 15.81 5.55 -65.74
C ALA P 210 16.54 4.78 -64.63
N MET P 211 17.74 4.29 -64.95
CA MET P 211 18.60 3.67 -63.95
C MET P 211 19.01 4.64 -62.85
N ALA P 212 19.18 5.91 -63.22
CA ALA P 212 19.59 6.95 -62.28
C ALA P 212 18.43 7.29 -61.36
N GLU P 213 17.24 7.40 -61.94
CA GLU P 213 16.05 7.78 -61.22
C GLU P 213 15.60 6.69 -60.24
N MET P 214 15.87 5.44 -60.57
CA MET P 214 15.44 4.36 -59.70
C MET P 214 16.31 4.21 -58.45
N SER P 215 17.63 4.11 -58.62
CA SER P 215 18.55 4.03 -57.48
C SER P 215 18.28 5.19 -56.49
N GLY P 216 18.24 6.41 -57.02
CA GLY P 216 17.80 7.59 -56.26
C GLY P 216 16.55 7.34 -55.43
N TYR P 217 15.51 6.76 -56.04
CA TYR P 217 14.26 6.46 -55.34
C TYR P 217 14.48 5.38 -54.27
N LEU P 218 15.16 4.31 -54.66
CA LEU P 218 15.41 3.18 -53.76
C LEU P 218 16.14 3.62 -52.52
N SER P 219 17.12 4.49 -52.67
CA SER P 219 17.83 5.08 -51.54
C SER P 219 16.91 5.87 -50.65
N ARG P 220 16.08 6.73 -51.25
CA ARG P 220 15.07 7.48 -50.49
C ARG P 220 14.20 6.50 -49.69
N LEU P 221 13.79 5.42 -50.33
CA LEU P 221 12.94 4.42 -49.72
C LEU P 221 13.68 3.69 -48.60
N ILE P 222 14.83 3.09 -48.92
CA ILE P 222 15.73 2.51 -47.93
C ILE P 222 15.88 3.43 -46.70
N ASP P 223 16.11 4.71 -46.94
N ASP P 223 16.09 4.72 -46.92
CA ASP P 223 16.24 5.69 -45.86
CA ASP P 223 16.24 5.64 -45.79
C ASP P 223 14.93 5.86 -45.07
C ASP P 223 14.92 5.86 -45.06
N SER P 224 13.80 5.70 -45.75
CA SER P 224 12.48 5.87 -45.11
C SER P 224 12.16 4.71 -44.16
N LYS P 225 12.83 3.59 -44.33
CA LYS P 225 12.55 2.40 -43.52
C LYS P 225 13.17 2.49 -42.13
N ARG P 226 14.30 3.21 -42.02
CA ARG P 226 15.04 3.37 -40.75
C ARG P 226 14.22 3.87 -39.56
N GLY P 227 14.33 3.15 -38.44
CA GLY P 227 13.58 3.42 -37.22
C GLY P 227 12.08 3.17 -37.26
N GLN P 228 11.56 2.72 -38.40
CA GLN P 228 10.11 2.53 -38.57
C GLN P 228 9.67 1.15 -38.11
N ASP P 229 10.66 0.29 -37.86
CA ASP P 229 10.43 -1.02 -37.26
C ASP P 229 9.56 -1.90 -38.15
N GLY P 230 9.74 -1.80 -39.46
CA GLY P 230 8.93 -2.59 -40.38
C GLY P 230 9.27 -4.06 -40.31
N GLU P 231 8.29 -4.90 -40.63
CA GLU P 231 8.48 -6.35 -40.66
C GLU P 231 8.79 -6.87 -42.07
N ASP P 232 8.60 -6.00 -43.07
CA ASP P 232 8.86 -6.28 -44.49
C ASP P 232 10.30 -6.69 -44.76
N LEU P 233 10.52 -7.42 -45.85
CA LEU P 233 11.86 -7.94 -46.16
C LEU P 233 12.85 -6.81 -46.32
N LEU P 234 12.43 -5.70 -46.93
CA LEU P 234 13.38 -4.63 -47.13
C LEU P 234 13.88 -4.08 -45.79
N SER P 235 12.94 -3.79 -44.90
CA SER P 235 13.28 -3.37 -43.55
C SER P 235 14.27 -4.34 -42.90
N ALA P 236 13.94 -5.63 -42.94
CA ALA P 236 14.80 -6.67 -42.39
C ALA P 236 16.19 -6.42 -42.90
N LEU P 237 16.28 -6.13 -44.19
CA LEU P 237 17.55 -5.96 -44.84
C LEU P 237 18.25 -4.67 -44.43
N VAL P 238 17.47 -3.64 -44.18
CA VAL P 238 18.06 -2.38 -43.78
C VAL P 238 18.76 -2.56 -42.43
N ARG P 239 18.05 -3.19 -41.50
CA ARG P 239 18.58 -3.47 -40.20
C ARG P 239 19.83 -4.32 -40.23
N THR P 240 19.86 -5.33 -41.09
CA THR P 240 21.03 -6.20 -41.21
C THR P 240 22.22 -5.40 -41.71
N SER P 241 21.95 -4.41 -42.55
CA SER P 241 23.01 -3.67 -43.14
C SER P 241 23.52 -2.65 -42.12
N ASP P 242 22.62 -1.86 -41.54
CA ASP P 242 23.01 -0.92 -40.50
C ASP P 242 23.75 -1.54 -39.31
N GLU P 243 23.41 -2.77 -38.95
CA GLU P 243 24.07 -3.42 -37.82
C GLU P 243 25.52 -3.77 -38.16
N ASP P 244 25.69 -4.49 -39.26
CA ASP P 244 26.96 -5.07 -39.64
C ASP P 244 27.18 -4.80 -41.15
N GLY P 245 27.90 -3.71 -41.43
CA GLY P 245 28.06 -3.16 -42.76
C GLY P 245 28.93 -4.00 -43.67
N SER P 246 29.43 -5.12 -43.16
CA SER P 246 30.23 -6.06 -43.93
C SER P 246 29.49 -7.34 -44.31
N ARG P 247 28.42 -7.66 -43.59
CA ARG P 247 27.52 -8.76 -43.99
C ARG P 247 26.70 -8.35 -45.23
N LEU P 248 26.38 -7.05 -45.34
CA LEU P 248 25.66 -6.49 -46.49
C LEU P 248 25.99 -5.00 -46.58
N THR P 249 26.78 -4.63 -47.59
CA THR P 249 27.26 -3.24 -47.72
C THR P 249 26.10 -2.38 -48.11
N SER P 250 26.22 -1.07 -47.97
CA SER P 250 25.09 -0.22 -48.25
C SER P 250 24.80 -0.12 -49.76
N GLU P 251 25.84 -0.31 -50.57
CA GLU P 251 25.72 -0.42 -52.03
C GLU P 251 24.90 -1.67 -52.33
N GLU P 252 25.28 -2.75 -51.67
CA GLU P 252 24.70 -4.06 -51.85
C GLU P 252 23.26 -4.10 -51.36
N LEU P 253 22.97 -3.36 -50.30
CA LEU P 253 21.59 -3.25 -49.83
C LEU P 253 20.76 -2.64 -50.94
N LEU P 254 21.39 -1.82 -51.77
CA LEU P 254 20.72 -1.23 -52.93
C LEU P 254 20.61 -2.25 -54.03
N GLY P 255 21.69 -2.98 -54.28
CA GLY P 255 21.68 -3.98 -55.30
C GLY P 255 20.53 -4.94 -55.06
N MET P 256 20.37 -5.31 -53.79
CA MET P 256 19.37 -6.27 -53.38
C MET P 256 17.94 -5.73 -53.58
N ALA P 257 17.67 -4.51 -53.15
CA ALA P 257 16.34 -3.97 -53.38
C ALA P 257 16.00 -4.00 -54.88
N HIS P 258 16.90 -3.43 -55.68
CA HIS P 258 16.74 -3.29 -57.11
C HIS P 258 16.36 -4.59 -57.76
N ILE P 259 17.20 -5.59 -57.57
CA ILE P 259 17.00 -6.90 -58.18
C ILE P 259 15.65 -7.51 -57.79
N LEU P 260 15.38 -7.65 -56.50
CA LEU P 260 14.13 -8.27 -56.05
C LEU P 260 12.89 -7.54 -56.50
N LEU P 261 13.03 -6.25 -56.84
CA LEU P 261 11.89 -5.51 -57.31
C LEU P 261 11.77 -5.68 -58.79
N VAL P 262 12.80 -5.26 -59.50
CA VAL P 262 12.81 -5.36 -60.95
C VAL P 262 12.73 -6.82 -61.40
N ALA P 263 13.68 -7.66 -61.00
CA ALA P 263 13.64 -9.05 -61.42
C ALA P 263 12.32 -9.67 -61.04
N GLY P 264 11.84 -9.38 -59.83
CA GLY P 264 10.52 -9.79 -59.39
C GLY P 264 9.42 -9.38 -60.35
N HIS P 265 9.58 -8.20 -60.94
CA HIS P 265 8.49 -7.51 -61.63
C HIS P 265 8.22 -7.94 -63.08
N GLU P 266 9.06 -7.54 -64.02
CA GLU P 266 8.77 -7.67 -65.47
C GLU P 266 8.73 -9.07 -66.10
N THR P 267 9.56 -10.00 -65.63
CA THR P 267 9.52 -11.38 -66.15
C THR P 267 8.15 -12.00 -65.88
N THR P 268 7.81 -12.08 -64.59
CA THR P 268 6.55 -12.67 -64.14
C THR P 268 5.37 -12.08 -64.90
N VAL P 269 5.29 -10.75 -64.94
CA VAL P 269 4.29 -10.02 -65.76
C VAL P 269 4.17 -10.65 -67.15
N ASN P 270 5.32 -10.76 -67.80
CA ASN P 270 5.38 -11.24 -69.18
C ASN P 270 5.17 -12.73 -69.33
N LEU P 271 5.42 -13.49 -68.27
CA LEU P 271 5.07 -14.91 -68.28
C LEU P 271 3.58 -15.03 -68.45
N ILE P 272 2.84 -14.34 -67.60
CA ILE P 272 1.39 -14.40 -67.63
C ILE P 272 0.89 -13.94 -69.00
N ALA P 273 1.40 -12.81 -69.47
CA ALA P 273 1.08 -12.27 -70.81
C ALA P 273 1.37 -13.28 -71.92
N ASN P 274 2.65 -13.57 -72.16
CA ASN P 274 3.07 -14.57 -73.14
C ASN P 274 2.24 -15.84 -72.99
N GLY P 275 2.18 -16.34 -71.75
CA GLY P 275 1.44 -17.53 -71.42
C GLY P 275 0.02 -17.49 -71.95
N MET P 276 -0.70 -16.44 -71.58
CA MET P 276 -2.05 -16.23 -72.06
C MET P 276 -2.09 -16.02 -73.56
N TYR P 277 -1.06 -15.40 -74.13
CA TYR P 277 -1.00 -15.21 -75.57
C TYR P 277 -0.91 -16.54 -76.31
N ALA P 278 -0.10 -17.45 -75.78
CA ALA P 278 0.08 -18.77 -76.38
C ALA P 278 -1.19 -19.61 -76.28
N LEU P 279 -1.89 -19.46 -75.16
CA LEU P 279 -3.09 -20.24 -74.84
C LEU P 279 -4.36 -19.75 -75.56
N LEU P 280 -4.50 -18.43 -75.73
CA LEU P 280 -5.65 -17.82 -76.41
C LEU P 280 -5.45 -17.68 -77.91
N SER P 281 -4.41 -18.32 -78.42
CA SER P 281 -4.23 -18.49 -79.86
C SER P 281 -4.25 -19.98 -80.20
N HIS P 282 -4.13 -20.81 -79.17
CA HIS P 282 -4.27 -22.26 -79.30
C HIS P 282 -5.55 -22.70 -78.59
N PRO P 283 -6.66 -22.87 -79.35
CA PRO P 283 -7.98 -23.17 -78.79
C PRO P 283 -8.09 -24.58 -78.20
N ASP P 284 -7.45 -25.55 -78.84
CA ASP P 284 -7.53 -26.96 -78.44
C ASP P 284 -6.89 -27.20 -77.08
N GLN P 285 -5.80 -26.46 -76.85
CA GLN P 285 -5.04 -26.52 -75.61
C GLN P 285 -5.77 -25.81 -74.47
N LEU P 286 -6.56 -24.79 -74.83
CA LEU P 286 -7.31 -24.01 -73.84
C LEU P 286 -8.69 -24.61 -73.53
N ALA P 287 -9.33 -25.25 -74.52
CA ALA P 287 -10.56 -26.00 -74.32
C ALA P 287 -10.28 -27.15 -73.35
N ALA P 288 -9.13 -27.79 -73.55
CA ALA P 288 -8.65 -28.84 -72.67
C ALA P 288 -8.56 -28.31 -71.26
N LEU P 289 -7.92 -27.14 -71.11
CA LEU P 289 -7.68 -26.51 -69.82
C LEU P 289 -8.94 -25.96 -69.16
N ARG P 290 -9.95 -25.59 -69.94
CA ARG P 290 -11.24 -25.22 -69.37
C ARG P 290 -11.83 -26.41 -68.63
N ALA P 291 -12.03 -27.51 -69.36
CA ALA P 291 -12.57 -28.73 -68.79
C ALA P 291 -11.63 -29.38 -67.77
N ASP P 292 -10.33 -29.12 -67.89
CA ASP P 292 -9.35 -29.74 -66.98
C ASP P 292 -8.49 -28.77 -66.19
N MET P 293 -9.01 -28.37 -65.03
CA MET P 293 -8.27 -27.50 -64.14
C MET P 293 -7.02 -28.16 -63.52
N THR P 294 -6.79 -29.45 -63.81
CA THR P 294 -5.66 -30.17 -63.21
C THR P 294 -4.38 -30.09 -64.02
N LEU P 295 -4.50 -29.78 -65.31
CA LEU P 295 -3.31 -29.64 -66.15
C LEU P 295 -2.69 -28.27 -65.96
N LEU P 296 -3.28 -27.48 -65.06
CA LEU P 296 -2.89 -26.10 -64.75
C LEU P 296 -1.38 -25.88 -64.62
N ASP P 297 -0.70 -26.75 -63.88
CA ASP P 297 0.76 -26.66 -63.68
C ASP P 297 1.56 -26.96 -64.95
N GLY P 298 1.16 -28.02 -65.67
CA GLY P 298 1.80 -28.38 -66.92
C GLY P 298 1.72 -27.23 -67.90
N ALA P 299 0.50 -26.83 -68.24
CA ALA P 299 0.23 -25.69 -69.11
C ALA P 299 1.19 -24.53 -68.78
N VAL P 300 1.24 -24.16 -67.50
CA VAL P 300 2.12 -23.11 -67.02
C VAL P 300 3.61 -23.43 -67.23
N GLU P 301 4.01 -24.68 -66.98
CA GLU P 301 5.40 -25.08 -67.22
C GLU P 301 5.73 -25.05 -68.72
N GLU P 302 4.71 -25.18 -69.55
CA GLU P 302 4.88 -25.20 -71.00
C GLU P 302 4.92 -23.79 -71.62
N MET P 303 4.23 -22.85 -70.97
CA MET P 303 4.36 -21.42 -71.31
C MET P 303 5.78 -20.95 -71.01
N LEU P 304 6.37 -21.52 -69.96
CA LEU P 304 7.77 -21.26 -69.59
C LEU P 304 8.76 -21.96 -70.51
N ARG P 305 8.32 -23.04 -71.15
CA ARG P 305 9.11 -23.72 -72.17
C ARG P 305 8.93 -23.06 -73.54
N TYR P 306 7.68 -22.76 -73.91
CA TYR P 306 7.36 -22.25 -75.25
C TYR P 306 7.63 -20.74 -75.39
N GLU P 307 6.67 -19.90 -74.98
CA GLU P 307 6.77 -18.46 -75.20
C GLU P 307 7.51 -17.78 -74.05
N GLY P 308 8.70 -18.30 -73.73
CA GLY P 308 9.43 -17.94 -72.49
C GLY P 308 9.78 -16.47 -72.38
N PRO P 309 9.80 -15.93 -71.15
CA PRO P 309 10.02 -14.49 -70.93
C PRO P 309 11.47 -14.02 -71.09
N VAL P 310 12.42 -14.86 -70.69
CA VAL P 310 13.83 -14.53 -70.77
C VAL P 310 14.44 -15.19 -71.99
N GLU P 311 14.65 -14.39 -73.03
CA GLU P 311 15.14 -14.91 -74.30
C GLU P 311 16.59 -15.33 -74.15
N SER P 312 17.38 -14.44 -73.52
CA SER P 312 18.79 -14.68 -73.23
C SER P 312 19.11 -14.52 -71.76
N ALA P 313 20.09 -15.28 -71.28
CA ALA P 313 20.55 -15.23 -69.89
C ALA P 313 21.47 -14.04 -69.72
N THR P 314 21.35 -13.36 -68.57
CA THR P 314 22.20 -12.21 -68.23
C THR P 314 23.67 -12.45 -68.55
N TYR P 315 24.36 -11.34 -68.83
CA TYR P 315 25.71 -11.38 -69.38
C TYR P 315 26.65 -12.35 -68.64
N ARG P 316 27.43 -13.07 -69.44
CA ARG P 316 28.51 -13.92 -68.96
C ARG P 316 29.84 -13.48 -69.58
N PHE P 317 30.93 -13.68 -68.84
CA PHE P 317 32.27 -13.22 -69.22
C PHE P 317 33.32 -14.32 -69.02
N PRO P 318 33.91 -14.87 -70.11
CA PRO P 318 34.94 -15.88 -69.89
C PRO P 318 36.09 -15.26 -69.10
N VAL P 319 36.64 -16.00 -68.13
CA VAL P 319 37.78 -15.49 -67.36
C VAL P 319 39.07 -15.70 -68.14
N GLU P 320 39.23 -16.91 -68.72
CA GLU P 320 40.34 -17.28 -69.60
C GLU P 320 39.77 -17.58 -70.99
N PRO P 321 40.55 -17.34 -72.07
CA PRO P 321 39.90 -17.60 -73.36
C PRO P 321 39.35 -19.04 -73.41
N VAL P 322 38.06 -19.19 -73.73
CA VAL P 322 37.41 -20.51 -73.67
C VAL P 322 36.98 -21.09 -75.02
N ASP P 323 37.55 -22.26 -75.33
CA ASP P 323 37.25 -23.06 -76.54
C ASP P 323 35.90 -23.71 -76.37
N LEU P 324 35.09 -23.63 -77.42
CA LEU P 324 33.80 -24.28 -77.45
C LEU P 324 33.60 -24.95 -78.81
N ASP P 325 33.92 -26.24 -78.87
CA ASP P 325 33.59 -27.10 -80.01
C ASP P 325 34.10 -26.53 -81.34
N GLY P 326 35.35 -26.07 -81.34
CA GLY P 326 35.96 -25.43 -82.50
C GLY P 326 36.02 -23.92 -82.38
N THR P 327 35.03 -23.34 -81.71
CA THR P 327 34.91 -21.87 -81.60
C THR P 327 35.40 -21.34 -80.22
N VAL P 328 36.52 -20.62 -80.26
CA VAL P 328 37.12 -20.00 -79.07
C VAL P 328 36.53 -18.61 -78.80
N ILE P 329 35.93 -18.41 -77.63
CA ILE P 329 35.51 -17.06 -77.21
C ILE P 329 36.66 -16.43 -76.42
N PRO P 330 37.13 -15.22 -76.83
CA PRO P 330 38.23 -14.58 -76.09
C PRO P 330 37.87 -14.29 -74.63
N ALA P 331 38.88 -14.02 -73.81
CA ALA P 331 38.66 -13.68 -72.41
C ALA P 331 38.25 -12.22 -72.27
N GLY P 332 37.04 -12.00 -71.76
CA GLY P 332 36.55 -10.64 -71.46
C GLY P 332 35.23 -10.33 -72.15
N ASP P 333 34.93 -11.11 -73.20
CA ASP P 333 33.78 -10.91 -74.06
C ASP P 333 32.44 -11.17 -73.38
N THR P 334 31.43 -10.45 -73.85
CA THR P 334 30.07 -10.60 -73.42
C THR P 334 29.39 -11.77 -74.15
N VAL P 335 28.89 -12.72 -73.35
CA VAL P 335 28.36 -13.99 -73.84
C VAL P 335 26.90 -14.15 -73.39
N LEU P 336 25.97 -13.99 -74.35
CA LEU P 336 24.55 -14.21 -74.10
C LEU P 336 24.18 -15.66 -74.41
N VAL P 337 23.64 -16.35 -73.41
CA VAL P 337 23.14 -17.71 -73.59
C VAL P 337 21.67 -17.66 -74.00
N VAL P 338 21.40 -17.91 -75.28
CA VAL P 338 20.03 -17.84 -75.84
C VAL P 338 19.13 -18.98 -75.33
N LEU P 339 18.46 -18.71 -74.22
CA LEU P 339 17.62 -19.71 -73.56
C LEU P 339 16.44 -20.09 -74.44
N ALA P 340 15.93 -19.12 -75.21
CA ALA P 340 14.76 -19.33 -76.06
C ALA P 340 14.92 -20.45 -77.12
N ASP P 341 16.06 -20.46 -77.81
CA ASP P 341 16.38 -21.50 -78.79
C ASP P 341 16.67 -22.86 -78.17
N ALA P 342 17.20 -22.88 -76.94
CA ALA P 342 17.45 -24.15 -76.24
C ALA P 342 16.15 -24.93 -76.06
N HIS P 343 15.05 -24.18 -76.12
CA HIS P 343 13.70 -24.74 -76.10
C HIS P 343 13.17 -25.04 -77.50
N ARG P 344 14.01 -24.82 -78.52
CA ARG P 344 13.69 -25.22 -79.89
C ARG P 344 14.58 -26.37 -80.37
N THR P 345 15.52 -26.76 -79.52
CA THR P 345 16.44 -27.88 -79.78
C THR P 345 15.66 -29.20 -79.79
N PRO P 346 15.37 -29.73 -81.01
CA PRO P 346 14.38 -30.79 -81.19
C PRO P 346 14.80 -32.14 -80.62
N GLU P 347 16.09 -32.35 -80.40
CA GLU P 347 16.57 -33.62 -79.83
C GLU P 347 16.22 -33.72 -78.35
N ARG P 348 16.05 -32.56 -77.72
CA ARG P 348 15.77 -32.46 -76.30
C ARG P 348 14.29 -32.16 -76.01
N PHE P 349 13.63 -31.49 -76.95
CA PHE P 349 12.17 -31.31 -76.92
C PHE P 349 11.54 -31.72 -78.26
N PRO P 350 11.08 -32.98 -78.35
CA PRO P 350 10.59 -33.56 -79.62
C PRO P 350 9.42 -32.75 -80.18
N ASP P 351 9.41 -32.54 -81.50
CA ASP P 351 8.45 -31.67 -82.17
C ASP P 351 8.35 -30.32 -81.43
N PRO P 352 9.39 -29.46 -81.57
CA PRO P 352 9.64 -28.29 -80.69
C PRO P 352 8.85 -27.01 -80.97
N HIS P 353 8.30 -26.88 -82.16
CA HIS P 353 7.58 -25.66 -82.55
C HIS P 353 6.20 -25.54 -81.92
N ARG P 354 5.54 -26.68 -81.69
CA ARG P 354 4.13 -26.65 -81.30
C ARG P 354 3.88 -26.74 -79.79
N PHE P 355 3.11 -25.75 -79.31
CA PHE P 355 2.78 -25.54 -77.89
C PHE P 355 1.81 -26.60 -77.35
N ASP P 356 2.28 -27.41 -76.40
CA ASP P 356 1.53 -28.57 -75.92
C ASP P 356 1.45 -28.66 -74.38
N ILE P 357 0.25 -28.53 -73.83
CA ILE P 357 0.07 -28.49 -72.37
C ILE P 357 0.30 -29.84 -71.64
N ARG P 358 0.20 -30.95 -72.38
CA ARG P 358 0.35 -32.29 -71.80
C ARG P 358 1.80 -32.78 -71.72
N ARG P 359 2.70 -32.10 -72.42
CA ARG P 359 4.09 -32.56 -72.60
C ARG P 359 4.95 -32.52 -71.34
N ASP P 360 6.07 -33.24 -71.41
CA ASP P 360 7.08 -33.25 -70.35
C ASP P 360 7.98 -32.02 -70.49
N THR P 361 7.83 -31.08 -69.56
CA THR P 361 8.59 -29.83 -69.58
C THR P 361 9.94 -29.95 -68.87
N ALA P 362 10.09 -31.01 -68.05
CA ALA P 362 11.21 -31.20 -67.12
C ALA P 362 12.60 -30.91 -67.72
N GLY P 363 13.36 -30.09 -67.01
CA GLY P 363 14.74 -29.78 -67.40
C GLY P 363 14.87 -28.66 -68.43
N HIS P 364 13.83 -27.83 -68.52
CA HIS P 364 13.91 -26.61 -69.31
C HIS P 364 14.90 -25.69 -68.62
N LEU P 365 14.89 -24.42 -69.00
CA LEU P 365 15.86 -23.48 -68.45
C LEU P 365 15.24 -22.12 -68.21
N ALA P 366 13.92 -22.01 -68.37
CA ALA P 366 13.25 -20.72 -68.28
C ALA P 366 13.59 -19.99 -66.96
N PHE P 367 14.15 -20.74 -66.01
CA PHE P 367 14.57 -20.21 -64.70
C PHE P 367 16.09 -20.25 -64.47
N GLY P 368 16.84 -20.61 -65.49
CA GLY P 368 18.28 -20.73 -65.37
C GLY P 368 18.64 -22.15 -65.01
N HIS P 369 19.82 -22.30 -64.43
CA HIS P 369 20.34 -23.58 -63.98
C HIS P 369 21.77 -23.37 -63.49
N GLY P 370 22.03 -23.78 -62.25
CA GLY P 370 23.32 -23.57 -61.60
C GLY P 370 23.16 -22.81 -60.30
N ILE P 371 24.25 -22.20 -59.85
CA ILE P 371 24.23 -21.44 -58.60
C ILE P 371 23.38 -20.19 -58.75
N HIS P 372 23.06 -19.85 -60.00
CA HIS P 372 22.31 -18.64 -60.34
C HIS P 372 20.82 -18.91 -60.64
N PHE P 373 20.39 -20.16 -60.48
CA PHE P 373 18.97 -20.57 -60.64
C PHE P 373 18.02 -19.66 -59.86
N CYS P 374 16.90 -19.31 -60.49
CA CYS P 374 15.92 -18.35 -59.94
C CYS P 374 15.41 -18.69 -58.55
N ILE P 375 15.29 -17.63 -57.76
CA ILE P 375 14.94 -17.70 -56.37
C ILE P 375 13.44 -17.44 -56.28
N GLY P 376 12.95 -16.65 -57.24
CA GLY P 376 11.55 -16.26 -57.33
C GLY P 376 10.70 -17.35 -57.93
N ALA P 377 11.38 -18.40 -58.41
CA ALA P 377 10.72 -19.51 -59.04
C ALA P 377 9.40 -19.89 -58.37
N PRO P 378 9.43 -20.30 -57.09
CA PRO P 378 8.18 -20.75 -56.48
C PRO P 378 7.12 -19.65 -56.49
N LEU P 379 7.53 -18.39 -56.23
CA LEU P 379 6.59 -17.28 -56.15
C LEU P 379 5.94 -16.98 -57.51
N ALA P 380 6.81 -16.85 -58.51
CA ALA P 380 6.42 -16.68 -59.90
C ALA P 380 5.39 -17.74 -60.30
N ARG P 381 5.76 -19.02 -60.15
CA ARG P 381 4.81 -20.07 -60.47
C ARG P 381 3.47 -19.79 -59.79
N LEU P 382 3.46 -19.71 -58.47
CA LEU P 382 2.23 -19.41 -57.74
C LEU P 382 1.42 -18.31 -58.42
N GLU P 383 2.07 -17.17 -58.67
CA GLU P 383 1.38 -16.02 -59.26
C GLU P 383 0.75 -16.31 -60.61
N ALA P 384 1.50 -16.98 -61.49
CA ALA P 384 0.98 -17.34 -62.81
C ALA P 384 -0.07 -18.45 -62.73
N ARG P 385 0.08 -19.35 -61.76
CA ARG P 385 -0.88 -20.42 -61.56
C ARG P 385 -2.25 -19.85 -61.18
N ILE P 386 -2.29 -19.09 -60.10
CA ILE P 386 -3.54 -18.50 -59.63
C ILE P 386 -4.19 -17.65 -60.72
N ALA P 387 -3.38 -16.77 -61.33
CA ALA P 387 -3.85 -15.84 -62.33
C ALA P 387 -4.61 -16.53 -63.44
N VAL P 388 -3.97 -17.51 -64.07
CA VAL P 388 -4.55 -18.21 -65.21
C VAL P 388 -5.86 -18.88 -64.84
N ARG P 389 -5.87 -19.59 -63.71
CA ARG P 389 -7.09 -20.27 -63.23
C ARG P 389 -8.28 -19.32 -63.05
N ALA P 390 -8.08 -18.23 -62.29
CA ALA P 390 -9.14 -17.25 -62.04
C ALA P 390 -9.68 -16.63 -63.33
N LEU P 391 -8.82 -16.51 -64.34
CA LEU P 391 -9.27 -15.98 -65.61
C LEU P 391 -10.31 -16.89 -66.23
N LEU P 392 -9.98 -18.18 -66.28
CA LEU P 392 -10.80 -19.18 -66.97
C LEU P 392 -12.19 -19.40 -66.37
N GLU P 393 -12.30 -19.30 -65.05
CA GLU P 393 -13.55 -19.54 -64.36
C GLU P 393 -14.56 -18.39 -64.47
N ARG P 394 -14.05 -17.20 -64.82
CA ARG P 394 -14.83 -15.98 -64.65
C ARG P 394 -15.06 -15.18 -65.95
N CYS P 395 -14.53 -15.71 -67.06
CA CYS P 395 -14.63 -15.03 -68.37
C CYS P 395 -14.98 -16.01 -69.48
N PRO P 396 -16.26 -16.37 -69.62
CA PRO P 396 -16.61 -17.38 -70.65
C PRO P 396 -16.32 -16.88 -72.07
N ASP P 397 -16.07 -17.82 -72.99
CA ASP P 397 -15.77 -17.56 -74.42
C ASP P 397 -14.43 -16.85 -74.72
N LEU P 398 -13.84 -16.24 -73.68
CA LEU P 398 -12.61 -15.46 -73.77
C LEU P 398 -11.62 -15.85 -74.87
N ALA P 399 -11.37 -14.92 -75.78
CA ALA P 399 -10.36 -15.08 -76.82
C ALA P 399 -9.66 -13.73 -77.03
N LEU P 400 -8.94 -13.59 -78.13
CA LEU P 400 -8.29 -12.34 -78.50
C LEU P 400 -9.31 -11.32 -79.00
N ASP P 401 -9.10 -10.04 -78.64
CA ASP P 401 -9.93 -8.93 -79.14
C ASP P 401 -9.36 -8.35 -80.42
N VAL P 402 -8.11 -8.73 -80.74
CA VAL P 402 -7.46 -8.26 -81.97
C VAL P 402 -6.74 -9.41 -82.70
N SER P 403 -6.57 -9.26 -84.01
CA SER P 403 -5.76 -10.17 -84.83
C SER P 403 -4.34 -10.37 -84.25
N PRO P 404 -3.82 -11.62 -84.30
CA PRO P 404 -2.43 -11.88 -83.84
C PRO P 404 -1.38 -10.99 -84.52
N GLY P 405 -1.59 -10.69 -85.80
CA GLY P 405 -0.68 -9.84 -86.59
C GLY P 405 -0.62 -8.37 -86.17
N GLU P 406 -1.65 -7.90 -85.47
CA GLU P 406 -1.71 -6.52 -84.98
C GLU P 406 -0.97 -6.37 -83.65
N LEU P 407 -0.27 -7.43 -83.25
CA LEU P 407 0.49 -7.43 -82.01
C LEU P 407 1.96 -7.11 -82.25
N VAL P 408 2.36 -5.95 -81.75
CA VAL P 408 3.75 -5.52 -81.76
C VAL P 408 4.49 -6.26 -80.64
N TRP P 409 5.54 -6.99 -81.00
CA TRP P 409 6.42 -7.61 -80.02
C TRP P 409 7.52 -6.65 -79.62
N TYR P 410 8.32 -7.02 -78.61
CA TYR P 410 9.44 -6.18 -78.18
C TYR P 410 10.75 -6.61 -78.84
N PRO P 411 11.51 -5.62 -79.37
CA PRO P 411 12.73 -5.82 -80.18
C PRO P 411 13.87 -6.47 -79.39
N ASN P 412 14.18 -5.92 -78.21
CA ASN P 412 15.27 -6.42 -77.37
C ASN P 412 15.26 -7.94 -77.29
N PRO P 413 16.44 -8.56 -77.49
CA PRO P 413 16.56 -10.03 -77.54
C PRO P 413 16.99 -10.70 -76.23
N MET P 414 16.82 -10.01 -75.11
CA MET P 414 17.07 -10.63 -73.83
C MET P 414 15.72 -10.95 -73.18
N ILE P 415 14.72 -10.16 -73.56
CA ILE P 415 13.38 -10.28 -73.02
C ILE P 415 12.38 -10.46 -74.16
N ARG P 416 11.53 -11.48 -74.07
CA ARG P 416 10.49 -11.68 -75.07
C ARG P 416 9.14 -11.26 -74.51
N GLY P 417 8.62 -10.13 -74.98
CA GLY P 417 7.44 -9.51 -74.38
C GLY P 417 6.54 -8.70 -75.30
N LEU P 418 5.34 -8.39 -74.81
CA LEU P 418 4.27 -7.81 -75.63
C LEU P 418 3.98 -6.35 -75.29
N LYS P 419 3.67 -5.57 -76.32
CA LYS P 419 3.26 -4.18 -76.16
C LYS P 419 1.87 -4.07 -75.56
N ALA P 420 1.03 -5.07 -75.82
CA ALA P 420 -0.31 -5.15 -75.26
C ALA P 420 -1.00 -6.45 -75.65
N LEU P 421 -2.16 -6.71 -75.06
CA LEU P 421 -2.96 -7.89 -75.37
C LEU P 421 -4.46 -7.63 -75.15
N PRO P 422 -5.16 -7.10 -76.18
CA PRO P 422 -6.60 -6.86 -76.11
C PRO P 422 -7.41 -8.15 -76.02
N ILE P 423 -8.31 -8.21 -75.04
CA ILE P 423 -9.11 -9.41 -74.76
C ILE P 423 -10.60 -9.07 -74.69
N ARG P 424 -11.44 -10.11 -74.68
CA ARG P 424 -12.89 -9.95 -74.64
C ARG P 424 -13.64 -11.22 -74.20
N TRP P 425 -14.84 -11.03 -73.63
CA TRP P 425 -15.70 -12.11 -73.15
C TRP P 425 -17.19 -11.81 -73.39
N ARG P 426 -18.08 -12.54 -72.72
CA ARG P 426 -19.52 -12.32 -72.85
C ARG P 426 -20.21 -12.35 -71.50
CHA HEM Q . 25.15 -34.63 10.77
CHB HEM Q . 20.50 -33.39 10.34
CHC HEM Q . 20.40 -35.34 5.95
CHD HEM Q . 24.81 -37.23 6.68
C1A HEM Q . 23.92 -34.13 11.03
C2A HEM Q . 23.55 -33.52 12.27
C3A HEM Q . 22.24 -33.15 12.17
C4A HEM Q . 21.77 -33.57 10.86
CMA HEM Q . 21.38 -32.43 13.22
CAA HEM Q . 24.55 -33.32 13.43
CBA HEM Q . 23.99 -34.12 14.59
CGA HEM Q . 24.75 -33.87 15.86
O1A HEM Q . 24.69 -34.79 16.71
O2A HEM Q . 25.41 -32.80 16.03
C1B HEM Q . 20.06 -33.81 9.10
C2B HEM Q . 18.74 -33.60 8.55
C3B HEM Q . 18.73 -34.16 7.32
C4B HEM Q . 20.03 -34.71 7.09
CMB HEM Q . 17.61 -32.85 9.26
CAB HEM Q . 17.60 -34.27 6.26
CBB HEM Q . 16.56 -33.43 6.20
C1C HEM Q . 21.58 -36.01 5.77
C2C HEM Q . 21.90 -36.75 4.60
C3C HEM Q . 23.12 -37.29 4.78
C4C HEM Q . 23.61 -36.89 6.09
CMC HEM Q . 20.97 -36.89 3.38
CAC HEM Q . 23.84 -38.20 3.75
CBC HEM Q . 25.08 -37.96 3.37
C1D HEM Q . 25.32 -36.72 7.84
C2D HEM Q . 26.64 -36.99 8.37
C3D HEM Q . 26.76 -36.16 9.67
C4D HEM Q . 25.48 -35.49 9.77
CMD HEM Q . 27.70 -37.90 7.76
CAD HEM Q . 27.94 -36.04 10.66
CBD HEM Q . 28.76 -34.81 10.32
CGD HEM Q . 30.04 -34.66 11.16
O1D HEM Q . 30.08 -35.31 12.25
O2D HEM Q . 31.00 -33.93 10.75
NA HEM Q . 22.84 -34.15 10.18
NB HEM Q . 20.83 -34.48 8.17
NC HEM Q . 22.64 -36.11 6.66
ND HEM Q . 24.67 -35.82 8.70
FE HEM Q . 22.75 -35.10 8.40
S SO4 R . 26.85 -17.90 17.73
O1 SO4 R . 26.76 -16.54 17.19
O2 SO4 R . 28.20 -18.20 18.25
O3 SO4 R . 25.83 -17.97 18.79
O4 SO4 R . 26.56 -18.94 16.73
CHA HEM S . 12.10 16.06 43.85
CHB HEM S . 7.45 17.42 43.54
CHC HEM S . 7.17 15.86 38.92
CHD HEM S . 11.48 13.77 39.63
C1A HEM S . 10.86 16.54 44.13
C2A HEM S . 10.51 17.08 45.40
C3A HEM S . 9.23 17.46 45.33
C4A HEM S . 8.72 17.18 44.02
CMA HEM S . 8.44 18.10 46.50
CAA HEM S . 11.50 17.15 46.58
CBA HEM S . 11.06 16.18 47.66
CGA HEM S . 11.79 16.59 48.91
O1A HEM S . 11.55 15.93 49.96
O2A HEM S . 12.59 17.58 48.82
C1B HEM S . 6.95 17.19 42.27
C2B HEM S . 5.66 17.60 41.71
C3B HEM S . 5.59 17.16 40.44
C4B HEM S . 6.83 16.45 40.13
CMB HEM S . 4.57 18.42 42.45
CAB HEM S . 4.41 17.36 39.44
CBB HEM S . 3.13 17.25 39.81
C1C HEM S . 8.31 15.12 38.71
C2C HEM S . 8.65 14.34 37.52
C3C HEM S . 9.84 13.77 37.74
C4C HEM S . 10.29 14.19 39.06
CMC HEM S . 7.79 14.18 36.25
CAC HEM S . 10.63 12.80 36.82
CBC HEM S . 11.38 13.21 35.78
C1D HEM S . 12.05 14.17 40.81
C2D HEM S . 13.35 13.75 41.28
C3D HEM S . 13.56 14.46 42.59
C4D HEM S . 12.38 15.24 42.79
CMD HEM S . 14.34 12.78 40.61
CAD HEM S . 14.79 14.35 43.47
CBD HEM S . 15.50 15.68 43.33
CGD HEM S . 16.83 15.53 43.99
O1D HEM S . 16.84 14.88 45.07
O2D HEM S . 17.85 16.02 43.42
NA HEM S . 9.75 16.63 43.31
NB HEM S . 7.63 16.50 41.27
NC HEM S . 9.34 15.00 39.61
ND HEM S . 11.51 15.07 41.72
FE HEM S . 9.55 15.87 41.49
S SO4 T . 27.75 11.43 31.28
O1 SO4 T . 28.10 12.30 30.13
O2 SO4 T . 27.96 12.16 32.55
O3 SO4 T . 26.33 11.02 31.23
O4 SO4 T . 28.56 10.21 31.28
S SO4 U . 14.77 32.52 51.26
O1 SO4 U . 15.96 32.78 52.08
O2 SO4 U . 13.82 31.79 52.11
O3 SO4 U . 14.16 33.81 50.85
O4 SO4 U . 15.12 31.73 50.05
CHA HEM V . 51.44 -50.77 -11.96
CHB HEM V . 55.15 -48.87 -9.55
CHC HEM V . 56.98 -53.30 -8.78
CHD HEM V . 53.54 -55.09 -11.63
C1A HEM V . 52.25 -49.85 -11.35
C2A HEM V . 52.00 -48.42 -11.26
C3A HEM V . 53.04 -47.88 -10.59
C4A HEM V . 53.96 -48.98 -10.23
CMA HEM V . 53.25 -46.39 -10.25
CAA HEM V . 50.77 -47.65 -11.82
CBA HEM V . 51.02 -47.16 -13.24
CGA HEM V . 50.01 -46.10 -13.67
O1A HEM V . 50.32 -45.35 -14.65
O2A HEM V . 48.91 -45.99 -13.05
C1B HEM V . 55.92 -49.91 -9.10
C2B HEM V . 57.02 -49.78 -8.21
C3B HEM V . 57.57 -50.98 -8.00
C4B HEM V . 56.78 -51.93 -8.75
CMB HEM V . 57.44 -48.39 -7.68
CAB HEM V . 58.76 -51.40 -7.08
CBB HEM V . 59.96 -50.84 -7.04
C1C HEM V . 56.22 -54.18 -9.53
C2C HEM V . 56.44 -55.62 -9.72
C3C HEM V . 55.47 -56.07 -10.49
C4C HEM V . 54.62 -54.98 -10.83
CMC HEM V . 57.57 -56.49 -9.14
CAC HEM V . 55.28 -57.51 -11.00
CBC HEM V . 54.35 -58.29 -10.50
C1D HEM V . 52.71 -54.10 -11.99
C2D HEM V . 51.62 -54.34 -12.86
C3D HEM V . 50.94 -52.98 -12.97
C4D HEM V . 51.71 -52.09 -12.15
CMD HEM V . 51.29 -55.73 -13.48
CAD HEM V . 49.68 -52.61 -13.75
CBD HEM V . 48.55 -52.74 -12.72
CGD HEM V . 47.22 -52.24 -13.25
O1D HEM V . 47.16 -51.69 -14.39
O2D HEM V . 46.23 -52.38 -12.49
NA HEM V . 53.42 -50.18 -10.72
NB HEM V . 55.78 -51.25 -9.39
NC HEM V . 55.07 -53.83 -10.21
ND HEM V . 52.73 -52.79 -11.57
FE HEM V . 54.25 -52.02 -10.43
C15 17Q W . 52.99 -48.86 -25.86
N 17Q W . 52.95 -50.18 -25.27
C14 17Q W . 52.47 -51.11 -26.27
C13 17Q W . 54.31 -50.55 -24.92
C12 17Q W . 54.21 -51.68 -23.90
C11 17Q W . 53.73 -51.21 -22.51
C10 17Q W . 54.73 -50.33 -21.76
C9 17Q W . 55.20 -51.02 -20.48
O 17Q W . 56.02 -50.11 -19.72
C8 17Q W . 56.09 -50.33 -18.30
C16 17Q W . 57.54 -50.21 -17.80
C17 17Q W . 57.82 -48.83 -17.22
C18 17Q W . 57.44 -48.80 -15.73
C19 17Q W . 56.37 -47.75 -15.44
C1 17Q W . 55.52 -48.06 -14.21
C7 17Q W . 55.59 -51.69 -17.85
C6 17Q W . 54.36 -51.44 -17.00
C5 17Q W . 54.67 -51.60 -15.51
C4 17Q W . 54.19 -50.45 -14.65
C3 17Q W . 55.02 -50.41 -13.38
C2 17Q W . 56.00 -49.25 -13.40
CHA HEM X . -26.13 1.88 -5.79
CHB HEM X . -22.10 3.27 -3.55
CHC HEM X . -20.48 -1.24 -3.63
CHD HEM X . -24.41 -2.54 -6.15
C1A HEM X . -25.16 2.62 -5.21
C2A HEM X . -25.23 4.04 -5.11
C3A HEM X . -24.13 4.46 -4.47
C4A HEM X . -23.32 3.29 -4.19
CMA HEM X . -23.76 5.92 -4.13
CAA HEM X . -26.44 4.82 -5.65
CBA HEM X . -26.08 5.63 -6.89
CGA HEM X . -27.14 6.71 -7.09
O1A HEM X . -26.94 7.50 -8.04
O2A HEM X . -28.17 6.73 -6.30
C1B HEM X . -21.32 2.18 -3.33
C2B HEM X . -20.09 2.14 -2.55
C3B HEM X . -19.65 0.87 -2.59
C4B HEM X . -20.58 0.10 -3.38
CMB HEM X . -19.44 3.35 -1.84
CAB HEM X . -18.39 0.24 -1.94
CBB HEM X . -17.35 0.97 -1.54
C1C HEM X . -21.42 -2.00 -4.28
C2C HEM X . -21.44 -3.44 -4.42
C3C HEM X . -22.53 -3.78 -5.13
C4C HEM X . -23.25 -2.56 -5.42
CMC HEM X . -20.37 -4.41 -3.85
CAC HEM X . -23.05 -5.18 -5.56
CBC HEM X . -22.24 -6.11 -6.01
C1D HEM X . -25.21 -1.48 -6.36
C2D HEM X . -26.38 -1.50 -7.19
C3D HEM X . -26.95 -0.09 -7.08
C4D HEM X . -26.03 0.60 -6.20
CMD HEM X . -26.95 -2.68 -8.00
CAD HEM X . -28.22 0.46 -7.74
CBD HEM X . -29.30 0.39 -6.70
CGD HEM X . -30.70 0.55 -7.30
O1D HEM X . -30.89 1.20 -8.36
O2D HEM X . -31.67 0.01 -6.67
NA HEM X . -23.99 2.17 -4.65
NB HEM X . -21.59 0.93 -3.80
NC HEM X . -22.57 -1.51 -4.88
ND HEM X . -25.03 -0.24 -5.79
FE HEM X . -23.30 0.37 -4.74
S SO4 Y . -25.75 5.92 6.74
O1 SO4 Y . -24.41 6.28 7.30
O2 SO4 Y . -26.64 6.07 7.93
O3 SO4 Y . -26.28 6.85 5.70
O4 SO4 Y . -25.67 4.51 6.16
CHA HEM Z . 37.41 0.44 20.57
CHB HEM Z . 41.16 2.00 23.13
CHC HEM Z . 42.73 -2.53 23.73
CHD HEM Z . 39.33 -3.99 20.55
C1A HEM Z . 38.30 1.24 21.21
C2A HEM Z . 38.21 2.68 21.26
C3A HEM Z . 39.25 3.11 21.98
C4A HEM Z . 40.01 1.95 22.39
CMA HEM Z . 39.62 4.56 22.33
CAA HEM Z . 37.09 3.55 20.63
CBA HEM Z . 37.56 4.35 19.42
CGA HEM Z . 36.48 5.28 18.91
O1A HEM Z . 36.76 6.00 17.90
O2A HEM Z . 35.36 5.32 19.54
C1B HEM Z . 41.89 0.92 23.52
C2B HEM Z . 43.02 0.98 24.39
C3B HEM Z . 43.46 -0.30 24.55
C4B HEM Z . 42.61 -1.17 23.78
CMB HEM Z . 43.57 2.27 25.00
CAB HEM Z . 44.64 -0.83 25.36
CBB HEM Z . 44.84 -0.31 26.56
C1C HEM Z . 41.93 -3.29 22.92
C2C HEM Z . 42.09 -4.72 22.73
C3C HEM Z . 41.13 -5.09 21.85
C4C HEM Z . 40.36 -3.93 21.46
CMC HEM Z . 43.14 -5.65 23.44
CAC HEM Z . 40.87 -6.50 21.33
CBC HEM Z . 40.42 -7.44 22.18
C1D HEM Z . 38.48 -2.97 20.24
C2D HEM Z . 37.31 -3.05 19.37
C3D HEM Z . 36.72 -1.65 19.41
C4D HEM Z . 37.60 -0.89 20.29
CMD HEM Z . 36.75 -4.26 18.57
CAD HEM Z . 35.48 -1.09 18.69
CBD HEM Z . 34.29 -1.60 19.47
CGD HEM Z . 33.04 -1.01 18.91
O1D HEM Z . 33.10 -0.27 17.88
O2D HEM Z . 31.99 -1.32 19.53
NA HEM Z . 39.40 0.80 21.91
NB HEM Z . 41.65 -0.38 23.17
NC HEM Z . 40.87 -2.85 22.12
ND HEM Z . 38.59 -1.70 20.77
FE HEM Z . 40.11 -1.02 22.02
CHA HEM AA . -24.71 -18.54 39.67
CHB HEM AA . -28.25 -19.69 36.64
CHC HEM AA . -31.34 -18.00 39.94
CHD HEM AA . -27.75 -15.96 42.48
C1A HEM AA . -25.37 -19.02 38.58
C2A HEM AA . -24.74 -19.67 37.44
C3A HEM AA . -25.73 -19.98 36.58
C4A HEM AA . -26.98 -19.54 37.17
CMA HEM AA . -25.58 -20.69 35.20
CAA HEM AA . -23.22 -19.91 37.26
CBA HEM AA . -22.67 -19.20 36.01
CGA HEM AA . -21.17 -19.35 35.80
O1A HEM AA . -20.63 -18.60 34.93
O2A HEM AA . -20.50 -20.21 36.44
C1B HEM AA . -29.42 -19.40 37.29
C2B HEM AA . -30.77 -19.75 36.87
C3B HEM AA . -31.60 -19.28 37.80
C4B HEM AA . -30.83 -18.61 38.82
CMB HEM AA . -31.17 -20.55 35.60
CAB HEM AA . -33.14 -19.40 37.81
CBB HEM AA . -33.85 -19.32 36.67
C1C HEM AA . -30.65 -17.30 40.91
C2C HEM AA . -31.24 -16.60 42.04
C3C HEM AA . -30.26 -16.04 42.72
C4C HEM AA . -29.00 -16.35 42.07
CMC HEM AA . -32.76 -16.51 42.39
CAC HEM AA . -30.42 -15.17 44.00
CBC HEM AA . -30.05 -15.63 45.20
C1D HEM AA . -26.57 -16.48 41.99
C2D HEM AA . -25.23 -16.20 42.50
C3D HEM AA . -24.30 -17.00 41.60
C4D HEM AA . -25.16 -17.70 40.66
CMD HEM AA . -24.76 -15.28 43.67
CAD HEM AA . -22.77 -17.07 41.69
CBD HEM AA . -22.54 -18.19 42.69
CGD HEM AA . -21.06 -18.33 42.96
O1D HEM AA . -20.26 -17.63 42.26
O2D HEM AA . -20.68 -19.11 43.86
NA HEM AA . -26.72 -18.97 38.39
NB HEM AA . -29.50 -18.70 38.49
NC HEM AA . -29.29 -17.13 40.96
ND HEM AA . -26.48 -17.37 40.91
FE HEM AA . -28.00 -18.08 39.67
S SO4 BA . -18.19 -34.92 36.54
O1 SO4 BA . -17.05 -34.05 36.94
O2 SO4 BA . -18.38 -36.08 37.45
O3 SO4 BA . -19.39 -34.05 36.62
O4 SO4 BA . -18.08 -35.45 35.15
CHA HEM CA . 19.92 -1.93 -26.37
CHB HEM CA . 24.23 -3.71 -25.18
CHC HEM CA . 25.82 0.84 -24.42
CHD HEM CA . 21.28 2.37 -24.45
C1A HEM CA . 20.91 -2.85 -26.13
C2A HEM CA . 20.85 -4.31 -26.26
C3A HEM CA . 22.06 -4.78 -25.92
C4A HEM CA . 22.90 -3.65 -25.56
CMA HEM CA . 22.47 -6.28 -25.88
CAA HEM CA . 19.64 -5.19 -26.71
CBA HEM CA . 19.03 -6.01 -25.57
CGA HEM CA . 17.96 -6.99 -26.00
O1A HEM CA . 17.43 -7.71 -25.09
O2A HEM CA . 17.62 -7.07 -27.23
C1B HEM CA . 25.07 -2.64 -24.93
C2B HEM CA . 26.50 -2.70 -24.68
C3B HEM CA . 26.92 -1.44 -24.46
C4B HEM CA . 25.79 -0.54 -24.55
CMB HEM CA . 27.32 -4.00 -24.69
CAB HEM CA . 28.37 -0.97 -24.18
CBB HEM CA . 29.23 -1.69 -23.46
C1C HEM CA . 24.73 1.69 -24.34
C2C HEM CA . 24.73 3.11 -24.09
C3C HEM CA . 23.46 3.51 -24.09
C4C HEM CA . 22.65 2.36 -24.35
CMC HEM CA . 25.94 4.04 -23.83
CAC HEM CA . 22.92 4.94 -23.83
CBC HEM CA . 22.80 5.85 -24.79
C1D HEM CA . 20.51 1.38 -24.97
C2D HEM CA . 19.09 1.50 -25.14
C3D HEM CA . 18.64 0.16 -25.72
C4D HEM CA . 19.85 -0.64 -25.86
CMD HEM CA . 18.23 2.72 -24.78
CAD HEM CA . 17.21 -0.21 -26.12
CBD HEM CA . 17.20 0.02 -27.63
CGD HEM CA . 15.86 -0.35 -28.21
O1D HEM CA . 15.06 -1.09 -27.55
O2D HEM CA . 15.57 0.09 -29.33
NA HEM CA . 22.17 -2.50 -25.71
NB HEM CA . 24.68 -1.30 -24.84
NC HEM CA . 23.44 1.28 -24.53
ND HEM CA . 20.92 0.12 -25.41
FE HEM CA . 22.81 -0.59 -25.16
C15 17Q DA . 10.89 -2.73 -15.16
N 17Q DA . 12.07 -3.47 -15.56
C14 17Q DA . 11.98 -4.79 -14.98
C13 17Q DA . 13.28 -2.81 -15.04
C12 17Q DA . 13.75 -1.76 -16.06
C11 17Q DA . 15.12 -2.10 -16.62
C10 17Q DA . 15.18 -3.57 -17.01
C9 17Q DA . 15.81 -3.80 -18.38
O 17Q DA . 16.99 -4.62 -18.22
C8 17Q DA . 18.27 -3.99 -18.50
C16 17Q DA . 19.37 -4.68 -17.67
C17 17Q DA . 20.81 -4.41 -18.10
C18 17Q DA . 21.13 -5.10 -19.42
C19 17Q DA . 21.99 -4.20 -20.28
C1 17Q DA . 21.49 -4.15 -21.71
C7 17Q DA . 18.28 -2.46 -18.29
C6 17Q DA . 19.31 -1.74 -19.19
C5 17Q DA . 18.73 -1.35 -20.54
C4 17Q DA . 19.78 -0.98 -21.58
C3 17Q DA . 20.14 -2.17 -22.47
C2 17Q DA . 21.54 -2.71 -22.19
CHA HEM EA . -51.01 18.25 18.65
CHB HEM EA . -55.60 19.73 18.23
CHC HEM EA . -55.59 18.32 13.63
CHD HEM EA . -51.41 16.06 14.36
C1A HEM EA . -52.25 18.76 18.95
C2A HEM EA . -52.64 19.30 20.27
C3A HEM EA . -53.91 19.70 20.13
C4A HEM EA . -54.36 19.44 18.76
CMA HEM EA . -54.74 20.33 21.25
CAA HEM EA . -51.75 19.38 21.54
CBA HEM EA . -52.19 18.37 22.62
CGA HEM EA . -51.45 18.49 23.94
O1A HEM EA . -51.78 17.77 24.92
O2A HEM EA . -50.51 19.32 24.01
C1B HEM EA . -55.99 19.52 16.92
C2B HEM EA . -57.25 19.94 16.31
C3B HEM EA . -57.24 19.54 15.04
C4B HEM EA . -55.99 18.87 14.80
CMB HEM EA . -58.38 20.71 17.04
CAB HEM EA . -58.34 19.72 13.98
CBB HEM EA . -59.37 20.55 14.17
C1C HEM EA . -54.47 17.56 13.44
C2C HEM EA . -54.14 16.86 12.22
C3C HEM EA . -52.98 16.24 12.44
C4C HEM EA . -52.56 16.55 13.78
CMC HEM EA . -54.99 16.85 10.91
CAC HEM EA . -52.15 15.34 11.47
CBC HEM EA . -51.45 15.86 10.45
C1D HEM EA . -50.89 16.43 15.59
C2D HEM EA . -49.62 16.01 16.10
C3D HEM EA . -49.48 16.70 17.44
C4D HEM EA . -50.70 17.47 17.58
CMD HEM EA . -48.64 15.04 15.42
CAD HEM EA . -48.31 16.61 18.44
CBD HEM EA . -47.44 17.86 18.37
CGD HEM EA . -46.14 17.71 19.15
O1D HEM EA . -46.20 17.12 20.26
O2D HEM EA . -45.06 18.19 18.69
NA HEM EA . -53.32 18.88 18.06
NB HEM EA . -55.25 18.88 15.95
NC HEM EA . -53.48 17.36 14.37
ND HEM EA . -51.49 17.30 16.48
FE HEM EA . -53.38 18.13 16.18
S SO4 FA . -48.42 34.84 26.04
O1 SO4 FA . -47.23 35.69 25.77
O2 SO4 FA . -48.51 34.49 27.47
O3 SO4 FA . -49.61 35.66 25.67
O4 SO4 FA . -48.27 33.60 25.20
S SO4 GA . -35.18 13.16 5.95
O1 SO4 GA . -34.24 14.29 5.98
O2 SO4 GA . -34.82 12.24 7.05
O3 SO4 GA . -36.58 13.62 6.19
O4 SO4 GA . -35.08 12.42 4.68
CHA HEM HA . 69.39 32.04 -2.20
CHB HEM HA . 65.60 31.20 -5.12
CHC HEM HA . 62.58 33.02 -1.87
CHD HEM HA . 66.46 34.47 0.73
C1A HEM HA . 68.61 31.64 -3.25
C2A HEM HA . 69.12 31.00 -4.43
C3A HEM HA . 68.07 30.76 -5.24
C4A HEM HA . 66.87 31.25 -4.58
CMA HEM HA . 68.12 30.07 -6.63
CAA HEM HA . 70.60 30.65 -4.69
CBA HEM HA . 71.24 31.67 -5.65
CGA HEM HA . 72.55 31.09 -6.12
O1A HEM HA . 73.06 31.54 -7.19
O2A HEM HA . 73.12 30.17 -5.45
C1B HEM HA . 64.44 31.56 -4.51
C2B HEM HA . 63.09 31.29 -4.98
C3B HEM HA . 62.25 31.81 -4.07
C4B HEM HA . 63.03 32.41 -3.01
CMB HEM HA . 62.71 30.55 -6.28
CAB HEM HA . 60.71 31.77 -4.10
CBB HEM HA . 60.00 32.09 -5.18
C1C HEM HA . 63.40 33.55 -0.89
C2C HEM HA . 62.94 34.22 0.32
C3C HEM HA . 64.03 34.61 1.01
C4C HEM HA . 65.20 34.22 0.27
CMC HEM HA . 61.45 34.40 0.68
CAC HEM HA . 64.16 35.38 2.36
CBC HEM HA . 63.65 34.95 3.52
C1D HEM HA . 67.62 34.00 0.22
C2D HEM HA . 68.94 34.24 0.75
C3D HEM HA . 69.86 33.48 -0.18
C4D HEM HA . 68.99 32.84 -1.17
CMD HEM HA . 69.40 35.08 1.98
CAD HEM HA . 71.40 33.39 -0.04
CBD HEM HA . 71.62 32.02 0.59
CGD HEM HA . 73.06 31.83 0.93
O1D HEM HA . 73.91 32.41 0.22
O2D HEM HA . 73.34 31.09 1.90
NA HEM HA . 67.24 31.79 -3.36
NB HEM HA . 64.36 32.24 -3.31
NC HEM HA . 64.80 33.57 -0.87
ND HEM HA . 67.67 33.17 -0.89
FE HEM HA . 66.00 32.68 -2.07
S SO4 IA . 64.60 19.77 -4.51
O1 SO4 IA . 64.19 20.97 -3.66
O2 SO4 IA . 64.92 18.57 -3.70
O3 SO4 IA . 63.41 19.42 -5.35
O4 SO4 IA . 65.85 20.02 -5.31
S SO4 JA . 74.69 14.99 -6.64
O1 SO4 JA . 74.19 15.99 -5.67
O2 SO4 JA . 75.82 14.27 -6.03
O3 SO4 JA . 73.65 13.99 -6.94
O4 SO4 JA . 75.12 15.73 -7.85
CHA HEM KA . -41.20 -31.19 -15.94
CHB HEM KA . -45.67 -29.36 -15.96
CHC HEM KA . -46.07 -30.32 -20.63
CHD HEM KA . -42.09 -33.03 -20.31
C1A HEM KA . -42.38 -30.63 -15.53
C2A HEM KA . -42.68 -30.22 -14.17
C3A HEM KA . -43.92 -29.71 -14.19
C4A HEM KA . -44.43 -29.79 -15.55
CMA HEM KA . -44.66 -29.16 -12.95
CAA HEM KA . -41.77 -30.31 -12.92
CBA HEM KA . -42.10 -31.53 -12.08
CGA HEM KA . -41.54 -31.38 -10.69
O1A HEM KA . -41.93 -32.21 -9.83
O2A HEM KA . -40.72 -30.45 -10.45
C1B HEM KA . -46.18 -29.44 -17.22
C2B HEM KA . -47.47 -28.94 -17.67
C3B HEM KA . -47.58 -29.21 -18.97
C4B HEM KA . -46.36 -29.87 -19.38
CMB HEM KA . -48.53 -28.22 -16.81
CAB HEM KA . -48.77 -28.89 -19.88
CBB HEM KA . -48.97 -27.62 -20.27
C1C HEM KA . -45.02 -31.14 -20.94
C2C HEM KA . -44.72 -31.66 -22.26
C3C HEM KA . -43.60 -32.40 -22.15
C4C HEM KA . -43.19 -32.35 -20.78
CMC HEM KA . -45.55 -31.37 -23.53
CAC HEM KA . -42.83 -33.21 -23.23
CBC HEM KA . -42.37 -32.63 -24.35
C1D HEM KA . -41.44 -32.78 -19.13
C2D HEM KA . -40.16 -33.31 -18.80
C3D HEM KA . -39.86 -32.73 -17.42
C4D HEM KA . -41.01 -31.91 -17.09
CMD HEM KA . -39.28 -34.27 -19.63
CAD HEM KA . -38.58 -33.01 -16.60
CBD HEM KA . -37.83 -31.72 -16.35
CGD HEM KA . -36.49 -32.06 -15.75
O1D HEM KA . -36.36 -32.97 -14.86
O2D HEM KA . -35.51 -31.40 -16.18
NA HEM KA . -43.45 -30.35 -16.34
NB HEM KA . -45.53 -30.01 -18.30
NC HEM KA . -44.07 -31.57 -20.06
ND HEM KA . -41.91 -31.94 -18.12
FE HEM KA . -43.74 -30.92 -18.24
S SO4 LA . -25.82 -35.39 -29.10
O1 SO4 LA . -24.99 -34.33 -28.44
O2 SO4 LA . -25.25 -36.77 -28.94
O3 SO4 LA . -27.14 -35.38 -28.41
O4 SO4 LA . -25.94 -35.11 -30.58
CHA HEM MA . 6.78 49.39 5.86
CHB HEM MA . 11.20 47.97 7.03
CHC HEM MA . 12.54 52.55 7.77
CHD HEM MA . 7.87 53.87 7.44
C1A HEM MA . 7.86 48.59 6.08
C2A HEM MA . 7.90 47.16 5.90
C3A HEM MA . 9.13 46.78 6.24
C4A HEM MA . 9.90 47.96 6.62
CMA HEM MA . 9.62 45.31 6.21
CAA HEM MA . 6.80 46.20 5.40
CBA HEM MA . 5.62 46.11 6.35
CGA HEM MA . 4.80 44.86 6.15
O1A HEM MA . 4.49 44.22 7.17
O2A HEM MA . 4.44 44.50 5.01
C1B HEM MA . 11.95 49.07 7.27
C2B HEM MA . 13.37 49.07 7.50
C3B HEM MA . 13.75 50.33 7.71
C4B HEM MA . 12.58 51.18 7.63
CMB HEM MA . 14.30 47.83 7.50
CAB HEM MA . 15.21 50.81 7.97
CBB HEM MA . 15.95 50.23 8.91
C1C HEM MA . 11.40 53.33 7.75
C2C HEM MA . 11.32 54.76 7.94
C3C HEM MA . 10.02 55.10 7.84
C4C HEM MA . 9.24 53.91 7.58
CMC HEM MA . 12.48 55.73 8.21
CAC HEM MA . 9.43 56.53 8.00
CBC HEM MA . 9.34 57.34 6.94
C1D HEM MA . 7.16 52.78 6.96
C2D HEM MA . 5.75 52.82 6.65
C3D HEM MA . 5.44 51.41 6.15
C4D HEM MA . 6.66 50.69 6.23
CMD HEM MA . 4.76 54.00 6.76
CAD HEM MA . 4.09 50.87 5.67
CBD HEM MA . 3.83 51.51 4.31
CGD HEM MA . 2.57 51.00 3.68
O1D HEM MA . 1.81 50.22 4.34
O2D HEM MA . 2.34 51.37 2.49
NA HEM MA . 9.08 49.05 6.52
NB HEM MA . 11.49 50.37 7.36
NC HEM MA . 10.12 52.85 7.54
ND HEM MA . 7.66 51.50 6.72
FE HEM MA . 9.58 50.96 7.02
CHA HEM NA . -22.27 -3.35 74.64
CHB HEM NA . -17.83 -5.12 74.98
CHC HEM NA . -16.04 -0.84 76.41
CHD HEM NA . -20.48 0.86 76.19
C1A HEM NA . -21.23 -4.20 74.59
C2A HEM NA . -21.29 -5.58 74.20
C3A HEM NA . -20.08 -6.08 74.30
C4A HEM NA . -19.18 -5.02 74.74
CMA HEM NA . -19.74 -7.53 73.98
CAA HEM NA . -22.53 -6.36 73.74
CBA HEM NA . -23.26 -6.98 74.91
CGA HEM NA . -24.28 -7.93 74.37
O1A HEM NA . -24.99 -8.57 75.17
O2A HEM NA . -24.39 -8.05 73.11
C1B HEM NA . -16.99 -4.15 75.48
C2B HEM NA . -15.63 -4.36 75.91
C3B HEM NA . -15.16 -3.17 76.31
C4B HEM NA . -16.19 -2.18 76.13
CMB HEM NA . -14.90 -5.72 75.88
CAB HEM NA . -13.78 -2.79 76.88
CBB HEM NA . -12.68 -3.26 76.31
C1C HEM NA . -17.08 0.04 76.46
C2C HEM NA . -17.03 1.45 76.79
C3C HEM NA . -18.29 1.88 76.73
C4C HEM NA . -19.13 0.77 76.35
CMC HEM NA . -15.83 2.33 77.19
CAC HEM NA . -18.81 3.30 77.01
CBC HEM NA . -18.65 4.27 76.11
C1D HEM NA . -21.34 -0.10 75.76
C2D HEM NA . -22.72 0.17 75.56
C3D HEM NA . -23.31 -1.14 75.07
C4D HEM NA . -22.20 -2.06 75.05
CMD HEM NA . -23.42 1.50 75.78
CAD HEM NA . -24.78 -1.40 74.68
CBD HEM NA . -24.86 -1.00 73.22
CGD HEM NA . -26.20 -1.29 72.55
O1D HEM NA . -27.10 -2.04 73.06
O2D HEM NA . -26.34 -0.74 71.42
NA HEM NA . -19.93 -3.88 74.90
NB HEM NA . -17.29 -2.79 75.61
NC HEM NA . -18.37 -0.35 76.18
ND HEM NA . -21.04 -1.40 75.43
FE HEM NA . -19.12 -2.07 75.49
CHA HEM OA . -17.54 -46.82 -40.82
CHB HEM OA . -13.59 -45.66 -38.25
CHC HEM OA . -12.54 -50.33 -38.04
CHD HEM OA . -15.87 -51.33 -41.36
C1A HEM OA . -16.57 -46.09 -40.16
C2A HEM OA . -16.57 -44.63 -39.99
C3A HEM OA . -15.48 -44.31 -39.28
C4A HEM OA . -14.77 -45.54 -38.96
CMA HEM OA . -15.05 -42.88 -38.86
CAA HEM OA . -17.66 -43.68 -40.59
CBA HEM OA . -17.06 -42.93 -41.77
CGA HEM OA . -17.97 -41.92 -42.43
O1A HEM OA . -17.54 -41.26 -43.41
O2A HEM OA . -19.14 -41.74 -42.01
C1B HEM OA . -12.99 -46.82 -37.88
C2B HEM OA . -11.93 -47.01 -36.89
C3B HEM OA . -11.66 -48.32 -36.85
C4B HEM OA . -12.51 -48.99 -37.80
CMB HEM OA . -11.22 -45.93 -36.05
CAB HEM OA . -10.62 -49.01 -35.96
CBB HEM OA . -9.34 -48.66 -36.12
C1C HEM OA . -13.34 -50.98 -38.94
C2C HEM OA . -13.27 -52.41 -39.21
C3C HEM OA . -14.20 -52.66 -40.13
C4C HEM OA . -14.87 -51.44 -40.46
CMC HEM OA . -12.33 -53.46 -38.57
CAC HEM OA . -14.53 -54.06 -40.74
CBC HEM OA . -15.71 -54.63 -40.53
C1D HEM OA . -16.67 -50.25 -41.49
C2D HEM OA . -17.89 -50.21 -42.29
C3D HEM OA . -18.44 -48.79 -42.10
C4D HEM OA . -17.49 -48.11 -41.24
CMD HEM OA . -18.50 -51.36 -43.09
CAD HEM OA . -19.73 -48.25 -42.76
CBD HEM OA . -20.93 -48.12 -41.82
CGD HEM OA . -22.15 -47.70 -42.64
O1D HEM OA . -22.01 -47.11 -43.74
O2D HEM OA . -23.32 -47.96 -42.21
NA HEM OA . -15.47 -46.60 -39.51
NB HEM OA . -13.32 -48.06 -38.40
NC HEM OA . -14.33 -50.43 -39.72
ND HEM OA . -16.48 -49.00 -40.88
FE HEM OA . -14.93 -48.56 -39.61
CHA HEM PA . -60.62 52.01 -21.82
CHB HEM PA . -56.51 49.61 -21.25
CHC HEM PA . -54.43 53.79 -19.84
CHD HEM PA . -58.67 56.04 -20.02
C1A HEM PA . -59.70 51.01 -21.76
C2A HEM PA . -59.99 49.62 -22.07
C3A HEM PA . -58.86 48.93 -21.92
C4A HEM PA . -57.83 49.87 -21.51
CMA HEM PA . -58.70 47.41 -22.15
CAA HEM PA . -61.38 49.07 -22.50
CBA HEM PA . -62.15 48.50 -21.31
CGA HEM PA . -63.18 47.48 -21.77
O1A HEM PA . -63.75 46.78 -20.89
O2A HEM PA . -63.47 47.37 -22.99
C1B HEM PA . -55.61 50.56 -20.83
C2B HEM PA . -54.20 50.31 -20.61
C3B HEM PA . -53.62 51.45 -20.21
C4B HEM PA . -54.65 52.48 -20.19
CMB HEM PA . -53.52 48.94 -20.81
CAB HEM PA . -52.14 51.67 -19.85
CBB HEM PA . -51.16 51.05 -20.50
C1C HEM PA . -55.39 54.77 -19.81
C2C HEM PA . -55.16 56.19 -19.58
C3C HEM PA . -56.36 56.79 -19.65
C4C HEM PA . -57.34 55.78 -19.91
CMC HEM PA . -53.82 56.90 -19.32
CAC HEM PA . -56.69 58.28 -19.47
CBC HEM PA . -55.79 59.14 -18.98
C1D HEM PA . -59.60 55.18 -20.49
C2D HEM PA . -61.00 55.49 -20.67
C3D HEM PA . -61.60 54.21 -21.24
C4D HEM PA . -60.49 53.29 -21.35
CMD HEM PA . -61.74 56.80 -20.34
CAD HEM PA . -63.06 53.97 -21.63
CBD HEM PA . -63.15 53.97 -23.14
CGD HEM PA . -64.57 54.13 -23.61
O1D HEM PA . -65.52 53.64 -22.95
O2D HEM PA . -64.78 54.77 -24.67
NA HEM PA . -58.38 51.14 -21.44
NB HEM PA . -55.85 51.91 -20.57
NC HEM PA . -56.72 54.56 -20.01
ND HEM PA . -59.33 53.89 -20.91
FE HEM PA . -57.53 52.87 -20.76
CHA HEM QA . 5.12 32.44 -28.43
CHB HEM QA . 1.51 31.26 -31.47
CHC HEM QA . -1.66 33.17 -28.43
CHD HEM QA . 1.95 35.15 -25.95
C1A HEM QA . 4.44 31.92 -29.51
C2A HEM QA . 5.02 31.24 -30.66
C3A HEM QA . 4.01 30.91 -31.50
C4A HEM QA . 2.77 31.38 -30.91
CMA HEM QA . 4.09 30.17 -32.87
CAA HEM QA . 6.52 30.95 -30.82
CBA HEM QA . 7.06 31.68 -32.06
CGA HEM QA . 8.53 31.39 -32.28
O1A HEM QA . 9.24 32.24 -32.89
O2A HEM QA . 9.05 30.33 -31.86
C1B HEM QA . 0.32 31.65 -30.90
C2B HEM QA . -1.01 31.34 -31.38
C3B HEM QA . -1.88 31.86 -30.51
C4B HEM QA . -1.14 32.52 -29.48
CMB HEM QA . -1.32 30.52 -32.65
CAB HEM QA . -3.43 31.84 -30.55
CBB HEM QA . -4.09 31.00 -31.36
C1C HEM QA . -0.94 33.83 -27.47
C2C HEM QA . -1.53 34.52 -26.34
C3C HEM QA . -0.52 35.06 -25.66
C4C HEM QA . 0.71 34.74 -26.35
CMC HEM QA . -3.07 34.57 -26.05
CAC HEM QA . -0.53 35.92 -24.38
CBC HEM QA . -1.50 35.88 -23.48
C1D HEM QA . 3.15 34.65 -26.35
C2D HEM QA . 4.45 35.00 -25.81
C3D HEM QA . 5.44 34.15 -26.60
C4D HEM QA . 4.64 33.36 -27.52
CMD HEM QA . 4.79 36.03 -24.69
CAD HEM QA . 6.97 34.17 -26.40
CBD HEM QA . 7.35 32.85 -25.76
CGD HEM QA . 8.77 32.85 -25.29
O1D HEM QA . 9.68 33.40 -25.96
O2D HEM QA . 8.99 32.24 -24.21
NA HEM QA . 3.07 32.00 -29.71
NB HEM QA . 0.20 32.38 -29.73
NC HEM QA . 0.41 33.98 -27.46
ND HEM QA . 3.30 33.69 -27.34
FE HEM QA . 1.69 33.05 -28.52
S SO4 RA . -2.42 27.91 -8.88
O1 SO4 RA . -1.55 28.86 -8.10
O2 SO4 RA . -2.30 26.54 -8.31
O3 SO4 RA . -3.82 28.42 -8.93
O4 SO4 RA . -2.01 27.84 -10.32
S SO4 SA . 0.65 20.37 -29.11
O1 SO4 SA . 0.00 21.64 -28.65
O2 SO4 SA . 1.52 20.00 -27.99
O3 SO4 SA . -0.33 19.30 -29.55
O4 SO4 SA . 1.54 20.56 -30.29
CHA HEM TA . 17.71 -15.45 -61.53
CHB HEM TA . 14.10 -16.25 -64.70
CHC HEM TA . 10.80 -14.57 -61.64
CHD HEM TA . 14.42 -13.23 -58.72
C1A HEM TA . 17.02 -15.83 -62.66
C2A HEM TA . 17.59 -16.45 -63.83
C3A HEM TA . 16.59 -16.67 -64.70
C4A HEM TA . 15.34 -16.20 -64.10
CMA HEM TA . 16.71 -17.30 -66.11
CAA HEM TA . 19.09 -16.80 -64.04
CBA HEM TA . 19.69 -15.81 -65.02
CGA HEM TA . 21.10 -16.14 -65.46
O1A HEM TA . 21.73 -15.20 -66.03
O2A HEM TA . 21.59 -17.30 -65.26
C1B HEM TA . 12.87 -15.88 -64.19
C2B HEM TA . 11.56 -15.95 -64.83
C3B HEM TA . 10.66 -15.49 -63.97
C4B HEM TA . 11.35 -15.09 -62.78
CMB HEM TA . 11.25 -16.48 -66.24
CAB HEM TA . 9.15 -15.36 -64.22
CBB HEM TA . 8.42 -16.46 -64.17
C1C HEM TA . 11.49 -14.06 -60.57
C2C HEM TA . 10.91 -13.44 -59.39
C3C HEM TA . 11.92 -13.07 -58.59
C4C HEM TA . 13.17 -13.46 -59.23
CMC HEM TA . 9.39 -13.24 -59.14
CAC HEM TA . 11.83 -12.35 -57.22
CBC HEM TA . 11.15 -12.88 -56.20
C1D HEM TA . 15.62 -13.68 -59.19
C2D HEM TA . 16.88 -13.43 -58.55
C3D HEM TA . 17.94 -14.12 -59.41
C4D HEM TA . 17.19 -14.73 -60.49
CMD HEM TA . 17.11 -12.62 -57.27
CAD HEM TA . 19.47 -14.15 -59.14
CBD HEM TA . 19.79 -15.54 -58.61
CGD HEM TA . 21.25 -15.77 -58.33
O1D HEM TA . 22.14 -15.14 -58.97
O2D HEM TA . 21.52 -16.59 -57.43
NA HEM TA . 15.66 -15.68 -62.85
NB HEM TA . 12.70 -15.34 -62.94
NC HEM TA . 12.88 -14.05 -60.43
ND HEM TA . 15.84 -14.45 -60.32
FE HEM TA . 14.28 -14.88 -61.61
#